data_1J7H
#
_entry.id   1J7H
#
_entity_poly.entity_id   1
_entity_poly.type   'polypeptide(L)'
_entity_poly.pdbx_seq_one_letter_code
;MMTQIIHTEKAPAAIGPYVQAVDLGNLVLTSGQIPVNPATGEVPADIVAQARQSLENVKAIIEKAGLTAADIVKTTVFVK
DLNDFAAVNAEYERFFKENNHPNFPARSCVEVARLPKDVGLEIEAIAVRK
;
_entity_poly.pdbx_strand_id   A,B,C
#
# COMPACT_ATOMS: atom_id res chain seq x y z
N MET A 1 24.00 2.95 -12.28
CA MET A 1 22.52 2.81 -12.11
C MET A 1 22.18 1.62 -11.21
N MET A 2 21.12 1.78 -10.42
CA MET A 2 20.69 0.72 -9.51
C MET A 2 19.18 0.53 -9.59
N THR A 3 18.69 -0.56 -8.99
CA THR A 3 17.26 -0.85 -8.97
C THR A 3 16.95 -1.92 -7.93
N GLN A 4 16.17 -1.54 -6.93
CA GLN A 4 15.77 -2.44 -5.86
C GLN A 4 16.96 -3.21 -5.30
N ILE A 5 16.66 -4.22 -4.47
CA ILE A 5 17.70 -5.04 -3.86
C ILE A 5 18.47 -4.27 -2.79
N ILE A 6 18.29 -4.67 -1.54
CA ILE A 6 18.97 -4.03 -0.42
C ILE A 6 19.37 -5.07 0.63
N HIS A 7 20.67 -5.37 0.69
CA HIS A 7 21.19 -6.35 1.64
C HIS A 7 21.60 -5.67 2.95
N THR A 8 21.50 -6.42 4.04
CA THR A 8 21.87 -5.90 5.36
C THR A 8 22.06 -7.04 6.36
N GLU A 9 22.66 -6.71 7.50
CA GLU A 9 22.89 -7.71 8.54
C GLU A 9 22.21 -7.31 9.85
N LYS A 10 20.99 -6.78 9.73
CA LYS A 10 20.22 -6.36 10.90
C LYS A 10 18.76 -6.72 10.75
N ALA A 11 18.20 -6.44 9.58
CA ALA A 11 16.81 -6.72 9.30
C ALA A 11 16.51 -8.22 9.46
N PRO A 12 15.23 -8.61 9.28
CA PRO A 12 14.81 -10.01 9.41
C PRO A 12 15.47 -10.92 8.38
N ALA A 13 16.12 -10.32 7.38
CA ALA A 13 16.79 -11.08 6.33
C ALA A 13 15.80 -11.66 5.34
N ALA A 14 16.24 -11.88 4.11
CA ALA A 14 15.41 -12.44 3.06
C ALA A 14 15.90 -13.81 2.63
N ILE A 15 15.01 -14.79 2.70
CA ILE A 15 15.34 -16.16 2.30
C ILE A 15 14.18 -16.80 1.55
N GLY A 16 13.26 -15.98 1.08
CA GLY A 16 12.11 -16.48 0.35
C GLY A 16 11.91 -15.76 -0.98
N PRO A 17 10.68 -15.37 -1.32
CA PRO A 17 10.38 -14.70 -2.57
C PRO A 17 10.52 -13.18 -2.48
N TYR A 18 11.29 -12.70 -1.50
CA TYR A 18 11.47 -11.26 -1.34
C TYR A 18 12.83 -10.94 -0.71
N VAL A 19 13.31 -9.73 -0.96
CA VAL A 19 14.60 -9.29 -0.43
C VAL A 19 14.38 -8.40 0.80
N GLN A 20 15.43 -8.22 1.59
CA GLN A 20 15.35 -7.38 2.79
C GLN A 20 14.67 -6.04 2.48
N ALA A 21 15.04 -5.47 1.34
CA ALA A 21 14.47 -4.20 0.91
C ALA A 21 14.79 -3.95 -0.55
N VAL A 22 14.36 -2.81 -1.08
CA VAL A 22 14.62 -2.49 -2.48
C VAL A 22 15.05 -1.03 -2.66
N ASP A 23 16.18 -0.86 -3.34
CA ASP A 23 16.73 0.47 -3.60
C ASP A 23 16.60 0.83 -5.09
N LEU A 24 15.54 1.56 -5.42
CA LEU A 24 15.30 1.98 -6.80
C LEU A 24 16.27 3.07 -7.24
N GLY A 25 16.98 3.65 -6.28
CA GLY A 25 17.91 4.72 -6.59
C GLY A 25 17.30 6.08 -6.39
N ASN A 26 17.72 6.76 -5.32
CA ASN A 26 17.18 8.09 -4.98
C ASN A 26 15.88 7.93 -4.18
N LEU A 27 15.09 6.92 -4.54
CA LEU A 27 13.84 6.63 -3.88
C LEU A 27 13.84 5.19 -3.38
N VAL A 28 14.11 5.01 -2.09
CA VAL A 28 14.15 3.68 -1.50
C VAL A 28 12.79 3.25 -0.97
N LEU A 29 12.69 1.97 -0.66
CA LEU A 29 11.45 1.39 -0.13
C LEU A 29 11.76 0.20 0.76
N THR A 30 11.08 0.11 1.91
CA THR A 30 11.29 -0.99 2.84
C THR A 30 10.09 -1.94 2.85
N SER A 31 10.37 -3.23 2.85
CA SER A 31 9.33 -4.25 2.84
C SER A 31 8.61 -4.29 4.20
N GLY A 32 7.53 -5.05 4.26
CA GLY A 32 6.77 -5.15 5.50
C GLY A 32 7.58 -5.80 6.61
N GLN A 33 8.36 -5.00 7.32
CA GLN A 33 9.18 -5.49 8.41
C GLN A 33 8.31 -6.05 9.53
N ILE A 34 8.97 -6.68 10.52
CA ILE A 34 8.26 -7.26 11.65
C ILE A 34 9.17 -7.33 12.88
N PRO A 35 8.59 -7.18 14.09
CA PRO A 35 9.35 -7.22 15.34
C PRO A 35 9.96 -8.60 15.64
N VAL A 36 10.75 -9.10 14.72
CA VAL A 36 11.39 -10.40 14.90
C VAL A 36 12.32 -10.38 16.11
N ASN A 37 11.74 -10.61 17.28
CA ASN A 37 12.47 -10.62 18.54
C ASN A 37 13.89 -11.16 18.38
N PRO A 38 14.91 -10.44 18.87
CA PRO A 38 16.30 -10.88 18.79
C PRO A 38 16.59 -12.09 19.66
N ALA A 39 15.64 -12.43 20.53
CA ALA A 39 15.79 -13.56 21.43
C ALA A 39 14.74 -14.64 21.17
N THR A 40 13.63 -14.26 20.54
CA THR A 40 12.57 -15.21 20.24
C THR A 40 12.41 -15.40 18.73
N GLY A 41 12.81 -14.39 17.97
CA GLY A 41 12.71 -14.45 16.53
C GLY A 41 11.28 -14.55 16.06
N GLU A 42 10.46 -13.58 16.46
CA GLU A 42 9.05 -13.57 16.06
C GLU A 42 8.41 -12.22 16.30
N VAL A 43 8.00 -11.96 17.53
CA VAL A 43 7.36 -10.69 17.89
C VAL A 43 7.12 -10.60 19.39
N PRO A 44 7.89 -9.76 20.09
CA PRO A 44 7.76 -9.57 21.54
C PRO A 44 6.35 -9.15 21.93
N ALA A 45 5.86 -9.67 23.05
CA ALA A 45 4.53 -9.34 23.53
C ALA A 45 4.43 -7.86 23.88
N ASP A 46 5.54 -7.30 24.33
CA ASP A 46 5.60 -5.90 24.71
C ASP A 46 5.38 -5.01 23.50
N ILE A 47 4.13 -4.65 23.27
CA ILE A 47 3.74 -3.80 22.15
C ILE A 47 4.73 -2.66 21.95
N VAL A 48 5.31 -2.17 23.05
CA VAL A 48 6.28 -1.09 22.99
C VAL A 48 7.64 -1.61 22.56
N ALA A 49 8.04 -2.74 23.14
CA ALA A 49 9.33 -3.35 22.81
C ALA A 49 9.35 -3.82 21.36
N GLN A 50 8.30 -4.52 20.96
CA GLN A 50 8.19 -5.01 19.59
C GLN A 50 8.04 -3.86 18.61
N ALA A 51 7.39 -2.79 19.06
CA ALA A 51 7.17 -1.61 18.23
C ALA A 51 8.49 -0.86 18.01
N ARG A 52 9.38 -0.92 19.00
CA ARG A 52 10.66 -0.25 18.92
C ARG A 52 11.63 -1.05 18.04
N GLN A 53 11.63 -2.36 18.21
CA GLN A 53 12.50 -3.24 17.44
C GLN A 53 12.15 -3.17 15.95
N SER A 54 10.86 -3.14 15.66
CA SER A 54 10.40 -3.07 14.28
C SER A 54 10.91 -1.80 13.60
N LEU A 55 10.96 -0.71 14.37
CA LEU A 55 11.44 0.56 13.84
C LEU A 55 12.94 0.51 13.56
N GLU A 56 13.67 -0.21 14.40
CA GLU A 56 15.11 -0.35 14.23
C GLU A 56 15.44 -1.18 13.00
N ASN A 57 14.67 -2.24 12.78
CA ASN A 57 14.87 -3.11 11.63
C ASN A 57 14.64 -2.35 10.33
N VAL A 58 13.55 -1.60 10.28
CA VAL A 58 13.22 -0.82 9.10
C VAL A 58 14.27 0.24 8.83
N LYS A 59 14.82 0.80 9.90
CA LYS A 59 15.85 1.83 9.78
C LYS A 59 17.21 1.21 9.50
N ALA A 60 17.43 0.03 10.06
CA ALA A 60 18.71 -0.68 9.88
C ALA A 60 18.94 -0.97 8.40
N ILE A 61 17.88 -1.32 7.69
CA ILE A 61 17.98 -1.62 6.27
C ILE A 61 18.24 -0.35 5.48
N ILE A 62 17.48 0.70 5.78
CA ILE A 62 17.64 1.97 5.10
C ILE A 62 18.97 2.61 5.45
N GLU A 63 19.44 2.36 6.67
CA GLU A 63 20.71 2.90 7.13
C GLU A 63 21.87 2.18 6.44
N LYS A 64 21.75 0.87 6.31
CA LYS A 64 22.77 0.06 5.66
C LYS A 64 22.87 0.43 4.19
N ALA A 65 21.84 1.08 3.66
CA ALA A 65 21.82 1.50 2.26
C ALA A 65 22.47 2.86 2.10
N GLY A 66 22.31 3.70 3.12
CA GLY A 66 22.89 5.04 3.07
C GLY A 66 21.84 6.13 3.19
N LEU A 67 20.90 5.96 4.12
CA LEU A 67 19.86 6.93 4.33
C LEU A 67 19.44 6.98 5.80
N THR A 68 18.35 7.68 6.08
CA THR A 68 17.85 7.80 7.44
C THR A 68 16.33 7.89 7.45
N ALA A 69 15.73 7.63 8.61
CA ALA A 69 14.29 7.68 8.76
C ALA A 69 13.75 9.06 8.42
N ALA A 70 14.54 10.08 8.73
CA ALA A 70 14.15 11.46 8.46
C ALA A 70 13.81 11.66 6.98
N ASP A 71 14.48 10.91 6.12
CA ASP A 71 14.27 10.99 4.68
C ASP A 71 12.96 10.31 4.27
N ILE A 72 12.46 9.42 5.12
CA ILE A 72 11.23 8.71 4.85
C ILE A 72 10.14 9.65 4.33
N VAL A 73 9.68 9.39 3.11
CA VAL A 73 8.63 10.21 2.50
C VAL A 73 7.25 9.78 2.99
N LYS A 74 7.01 8.48 3.03
CA LYS A 74 5.73 7.94 3.48
C LYS A 74 5.96 6.71 4.35
N THR A 75 4.96 6.36 5.16
CA THR A 75 5.07 5.19 6.04
C THR A 75 3.73 4.49 6.22
N THR A 76 3.79 3.16 6.33
CA THR A 76 2.59 2.36 6.53
C THR A 76 2.84 1.33 7.63
N VAL A 77 1.86 1.15 8.51
CA VAL A 77 2.01 0.20 9.61
C VAL A 77 0.69 -0.47 9.97
N PHE A 78 0.68 -1.80 9.89
CA PHE A 78 -0.51 -2.58 10.21
C PHE A 78 -0.52 -2.93 11.69
N VAL A 79 -1.65 -2.72 12.35
CA VAL A 79 -1.78 -3.00 13.77
C VAL A 79 -2.82 -4.08 14.03
N LYS A 80 -2.61 -4.83 15.10
CA LYS A 80 -3.53 -5.89 15.50
C LYS A 80 -4.46 -5.38 16.60
N ASP A 81 -4.18 -4.16 17.07
CA ASP A 81 -4.98 -3.54 18.11
C ASP A 81 -4.86 -2.03 18.06
N LEU A 82 -5.83 -1.39 17.41
CA LEU A 82 -5.84 0.07 17.28
C LEU A 82 -5.80 0.75 18.64
N ASN A 83 -6.13 -0.01 19.69
CA ASN A 83 -6.12 0.54 21.05
C ASN A 83 -4.69 0.66 21.56
N ASP A 84 -3.79 -0.12 20.97
CA ASP A 84 -2.39 -0.09 21.37
C ASP A 84 -1.64 1.03 20.66
N PHE A 85 -2.20 1.50 19.54
CA PHE A 85 -1.58 2.57 18.76
C PHE A 85 -1.31 3.80 19.63
N ALA A 86 -2.06 3.93 20.73
CA ALA A 86 -1.88 5.05 21.64
C ALA A 86 -0.45 5.13 22.16
N ALA A 87 0.15 3.97 22.39
CA ALA A 87 1.52 3.90 22.89
C ALA A 87 2.52 3.92 21.75
N VAL A 88 2.17 3.29 20.64
CA VAL A 88 3.04 3.24 19.47
C VAL A 88 3.12 4.61 18.80
N ASN A 89 1.99 5.28 18.69
CA ASN A 89 1.94 6.60 18.08
C ASN A 89 2.68 7.63 18.91
N ALA A 90 2.56 7.50 20.23
CA ALA A 90 3.22 8.42 21.15
C ALA A 90 4.74 8.26 21.09
N GLU A 91 5.19 7.02 20.90
CA GLU A 91 6.62 6.74 20.82
C GLU A 91 7.12 6.85 19.39
N TYR A 92 6.22 6.64 18.43
CA TYR A 92 6.57 6.71 17.02
C TYR A 92 6.92 8.13 16.61
N GLU A 93 6.14 9.10 17.09
CA GLU A 93 6.37 10.51 16.77
C GLU A 93 7.46 11.09 17.65
N ARG A 94 7.57 10.59 18.87
CA ARG A 94 8.57 11.09 19.81
C ARG A 94 9.98 10.65 19.41
N PHE A 95 10.10 9.63 18.57
CA PHE A 95 11.40 9.15 18.14
C PHE A 95 11.85 9.86 16.87
N PHE A 96 10.90 10.14 15.98
CA PHE A 96 11.21 10.82 14.73
C PHE A 96 11.90 12.15 15.01
N LYS A 97 11.22 13.00 15.75
CA LYS A 97 11.77 14.30 16.10
C LYS A 97 13.02 14.12 16.95
N GLU A 98 13.07 13.03 17.71
CA GLU A 98 14.23 12.74 18.54
C GLU A 98 15.37 12.21 17.70
N ASN A 99 15.08 11.88 16.44
CA ASN A 99 16.10 11.38 15.52
C ASN A 99 16.37 12.40 14.42
N ASN A 100 15.60 13.48 14.43
CA ASN A 100 15.72 14.56 13.44
C ASN A 100 14.84 14.26 12.23
N HIS A 101 13.67 13.68 12.49
CA HIS A 101 12.73 13.34 11.44
C HIS A 101 11.42 14.13 11.59
N PRO A 102 11.51 15.46 11.69
CA PRO A 102 10.33 16.32 11.85
C PRO A 102 9.54 16.46 10.54
N ASN A 103 10.14 16.04 9.44
CA ASN A 103 9.48 16.12 8.14
C ASN A 103 8.10 15.47 8.17
N PHE A 104 7.96 14.44 9.00
CA PHE A 104 6.70 13.73 9.16
C PHE A 104 6.26 13.08 7.84
N PRO A 105 6.70 11.84 7.59
CA PRO A 105 6.35 11.11 6.37
C PRO A 105 4.87 10.72 6.37
N ALA A 106 4.32 10.52 5.17
CA ALA A 106 2.91 10.14 5.04
C ALA A 106 2.60 8.93 5.93
N ARG A 107 1.33 8.76 6.27
CA ARG A 107 0.92 7.65 7.11
C ARG A 107 -0.15 6.79 6.44
N SER A 108 -0.16 5.51 6.79
CA SER A 108 -1.13 4.57 6.24
C SER A 108 -1.24 3.34 7.13
N CYS A 109 -1.65 3.57 8.38
CA CYS A 109 -1.79 2.49 9.34
C CYS A 109 -3.25 2.09 9.50
N VAL A 110 -3.50 0.79 9.65
CA VAL A 110 -4.85 0.28 9.81
C VAL A 110 -4.86 -1.03 10.59
N GLU A 111 -6.01 -1.35 11.19
CA GLU A 111 -6.14 -2.57 11.97
C GLU A 111 -6.45 -3.76 11.07
N VAL A 112 -5.42 -4.53 10.75
CA VAL A 112 -5.58 -5.70 9.89
C VAL A 112 -6.03 -6.92 10.68
N ALA A 113 -6.61 -7.90 10.00
CA ALA A 113 -7.08 -9.11 10.64
C ALA A 113 -5.93 -9.88 11.27
N ARG A 114 -4.86 -10.07 10.49
CA ARG A 114 -3.69 -10.79 10.97
C ARG A 114 -2.43 -10.31 10.25
N LEU A 115 -1.28 -10.87 10.63
CA LEU A 115 -0.02 -10.49 10.02
C LEU A 115 0.92 -11.69 9.93
N PRO A 116 1.87 -11.66 8.99
CA PRO A 116 2.84 -12.75 8.80
C PRO A 116 3.64 -13.05 10.07
N LYS A 117 3.79 -14.32 10.39
CA LYS A 117 4.54 -14.73 11.58
C LYS A 117 3.75 -14.42 12.85
N ASP A 118 2.45 -14.19 12.69
CA ASP A 118 1.60 -13.88 13.83
C ASP A 118 2.04 -12.59 14.51
N VAL A 119 2.85 -11.79 13.82
CA VAL A 119 3.35 -10.54 14.36
C VAL A 119 2.19 -9.61 14.73
N GLY A 120 2.37 -8.86 15.82
CA GLY A 120 1.33 -7.94 16.25
C GLY A 120 1.43 -6.58 15.58
N LEU A 121 2.31 -6.47 14.59
CA LEU A 121 2.47 -5.21 13.87
C LEU A 121 3.45 -5.37 12.70
N GLU A 122 3.23 -4.59 11.66
CA GLU A 122 4.09 -4.61 10.47
C GLU A 122 4.49 -3.20 10.07
N ILE A 123 5.65 -3.06 9.45
CA ILE A 123 6.12 -1.75 9.03
C ILE A 123 6.60 -1.75 7.58
N GLU A 124 6.14 -0.76 6.83
CA GLU A 124 6.51 -0.62 5.42
C GLU A 124 6.44 0.85 5.02
N ALA A 125 7.60 1.49 4.89
CA ALA A 125 7.66 2.89 4.54
C ALA A 125 8.59 3.15 3.36
N ILE A 126 8.46 4.34 2.77
CA ILE A 126 9.30 4.73 1.64
C ILE A 126 10.26 5.84 2.05
N ALA A 127 11.37 5.96 1.36
CA ALA A 127 12.37 6.98 1.67
C ALA A 127 13.00 7.55 0.41
N VAL A 128 13.43 8.81 0.50
CA VAL A 128 14.05 9.48 -0.63
C VAL A 128 15.45 9.98 -0.26
N ARG A 129 16.18 10.49 -1.25
CA ARG A 129 17.52 11.00 -1.02
C ARG A 129 17.99 11.85 -2.19
N LYS A 130 17.13 12.76 -2.63
CA LYS A 130 17.45 13.66 -3.75
C LYS A 130 18.63 14.56 -3.40
N MET B 1 13.53 22.56 -6.50
CA MET B 1 13.29 21.14 -6.18
C MET B 1 12.44 21.00 -4.91
N MET B 2 11.59 19.98 -4.89
CA MET B 2 10.72 19.73 -3.75
C MET B 2 10.71 18.26 -3.37
N THR B 3 10.15 17.94 -2.21
CA THR B 3 10.07 16.57 -1.73
C THR B 3 9.08 16.45 -0.59
N GLN B 4 8.01 15.69 -0.82
CA GLN B 4 6.98 15.47 0.19
C GLN B 4 6.54 16.78 0.83
N ILE B 5 5.77 16.67 1.91
CA ILE B 5 5.27 17.83 2.63
C ILE B 5 4.20 18.58 1.84
N ILE B 6 2.97 18.52 2.33
CA ILE B 6 1.84 19.20 1.68
C ILE B 6 0.90 19.79 2.72
N HIS B 7 0.93 21.11 2.85
CA HIS B 7 0.07 21.80 3.81
C HIS B 7 -1.24 22.22 3.17
N THR B 8 -2.30 22.29 3.98
CA THR B 8 -3.61 22.67 3.49
C THR B 8 -4.53 23.08 4.65
N GLU B 9 -5.65 23.69 4.32
CA GLU B 9 -6.61 24.12 5.34
C GLU B 9 -7.98 23.48 5.10
N LYS B 10 -7.97 22.21 4.71
CA LYS B 10 -9.20 21.48 4.45
C LYS B 10 -9.13 20.05 4.98
N ALA B 11 -8.01 19.38 4.70
CA ALA B 11 -7.79 18.02 5.13
C ALA B 11 -7.88 17.91 6.66
N PRO B 12 -7.75 16.68 7.20
CA PRO B 12 -7.81 16.44 8.65
C PRO B 12 -6.69 17.14 9.42
N ALA B 13 -5.70 17.64 8.68
CA ALA B 13 -4.56 18.33 9.29
C ALA B 13 -3.59 17.35 9.93
N ALA B 14 -2.33 17.75 10.03
CA ALA B 14 -1.30 16.91 10.62
C ALA B 14 -0.75 17.54 11.89
N ILE B 15 -0.81 16.77 12.98
CA ILE B 15 -0.31 17.23 14.27
C ILE B 15 0.42 16.12 15.02
N GLY B 16 0.78 15.08 14.28
CA GLY B 16 1.47 13.95 14.88
C GLY B 16 2.74 13.59 14.12
N PRO B 17 2.98 12.30 13.88
CA PRO B 17 4.17 11.85 13.16
C PRO B 17 3.98 11.81 11.65
N TYR B 18 3.03 12.57 11.13
CA TYR B 18 2.78 12.60 9.70
C TYR B 18 2.22 13.94 9.24
N VAL B 19 2.42 14.26 7.97
CA VAL B 19 1.93 15.50 7.40
C VAL B 19 0.65 15.27 6.62
N GLN B 20 -0.10 16.33 6.35
CA GLN B 20 -1.35 16.23 5.60
C GLN B 20 -1.17 15.38 4.35
N ALA B 21 -0.05 15.59 3.66
CA ALA B 21 0.27 14.86 2.45
C ALA B 21 1.73 15.05 2.08
N VAL B 22 2.16 14.45 0.98
CA VAL B 22 3.54 14.57 0.55
C VAL B 22 3.66 14.82 -0.95
N ASP B 23 4.39 15.87 -1.29
CA ASP B 23 4.61 16.24 -2.69
C ASP B 23 6.06 15.97 -3.11
N LEU B 24 6.28 14.81 -3.73
CA LEU B 24 7.62 14.43 -4.19
C LEU B 24 8.04 15.23 -5.41
N GLY B 25 7.10 15.93 -6.03
CA GLY B 25 7.40 16.72 -7.21
C GLY B 25 7.07 15.96 -8.48
N ASN B 26 5.99 16.36 -9.15
CA ASN B 26 5.54 15.71 -10.37
C ASN B 26 4.68 14.49 -10.02
N LEU B 27 5.06 13.81 -8.94
CA LEU B 27 4.32 12.63 -8.47
C LEU B 27 3.92 12.84 -7.01
N VAL B 28 2.66 13.21 -6.80
CA VAL B 28 2.16 13.46 -5.45
C VAL B 28 1.57 12.20 -4.83
N LEU B 29 1.33 12.26 -3.52
CA LEU B 29 0.76 11.14 -2.78
C LEU B 29 -0.02 11.64 -1.58
N THR B 30 -1.19 11.06 -1.36
CA THR B 30 -2.05 11.46 -0.25
C THR B 30 -2.07 10.39 0.84
N SER B 31 -1.98 10.83 2.10
CA SER B 31 -1.98 9.91 3.23
C SER B 31 -3.37 9.30 3.44
N GLY B 32 -3.45 8.32 4.33
CA GLY B 32 -4.72 7.68 4.61
C GLY B 32 -5.74 8.64 5.21
N GLN B 33 -6.45 9.36 4.34
CA GLN B 33 -7.45 10.32 4.80
C GLN B 33 -8.59 9.60 5.53
N ILE B 34 -9.49 10.39 6.12
CA ILE B 34 -10.62 9.85 6.84
C ILE B 34 -11.79 10.85 6.86
N PRO B 35 -13.03 10.34 6.86
CA PRO B 35 -14.23 11.19 6.87
C PRO B 35 -14.41 11.97 8.17
N VAL B 36 -13.40 12.77 8.53
CA VAL B 36 -13.47 13.56 9.74
C VAL B 36 -14.61 14.57 9.66
N ASN B 37 -15.79 14.11 10.03
CA ASN B 37 -17.00 14.92 10.01
C ASN B 37 -16.72 16.39 10.37
N PRO B 38 -17.20 17.34 9.55
CA PRO B 38 -16.99 18.76 9.80
C PRO B 38 -17.77 19.26 11.02
N ALA B 39 -18.67 18.41 11.52
CA ALA B 39 -19.49 18.77 12.67
C ALA B 39 -19.22 17.84 13.85
N THR B 40 -18.68 16.66 13.58
CA THR B 40 -18.39 15.70 14.64
C THR B 40 -16.89 15.46 14.77
N GLY B 41 -16.17 15.68 13.67
CA GLY B 41 -14.74 15.49 13.66
C GLY B 41 -14.35 14.05 13.91
N GLU B 42 -14.87 13.14 13.08
CA GLU B 42 -14.55 11.72 13.24
C GLU B 42 -14.92 10.93 11.99
N VAL B 43 -16.20 10.58 11.86
CA VAL B 43 -16.67 9.81 10.71
C VAL B 43 -18.19 9.67 10.73
N PRO B 44 -18.90 10.39 9.84
CA PRO B 44 -20.36 10.32 9.77
C PRO B 44 -20.86 8.90 9.54
N ALA B 45 -21.97 8.56 10.20
CA ALA B 45 -22.55 7.23 10.07
C ALA B 45 -23.01 6.98 8.64
N ASP B 46 -23.43 8.04 7.97
CA ASP B 46 -23.90 7.94 6.59
C ASP B 46 -22.76 7.54 5.66
N ILE B 47 -22.64 6.24 5.47
CA ILE B 47 -21.60 5.67 4.60
C ILE B 47 -21.42 6.50 3.33
N VAL B 48 -22.51 7.08 2.84
CA VAL B 48 -22.46 7.90 1.64
C VAL B 48 -21.92 9.29 1.95
N ALA B 49 -22.39 9.87 3.06
CA ALA B 49 -21.95 11.19 3.48
C ALA B 49 -20.47 11.18 3.85
N GLN B 50 -20.09 10.19 4.66
CA GLN B 50 -18.69 10.05 5.08
C GLN B 50 -17.81 9.69 3.89
N ALA B 51 -18.37 8.96 2.94
CA ALA B 51 -17.63 8.55 1.76
C ALA B 51 -17.38 9.75 0.84
N ARG B 52 -18.31 10.70 0.85
CA ARG B 52 -18.18 11.89 0.03
C ARG B 52 -17.20 12.88 0.64
N GLN B 53 -17.27 13.04 1.96
CA GLN B 53 -16.39 13.96 2.67
C GLN B 53 -14.94 13.49 2.56
N SER B 54 -14.73 12.19 2.67
CA SER B 54 -13.39 11.63 2.58
C SER B 54 -12.77 11.93 1.22
N LEU B 55 -13.60 11.91 0.18
CA LEU B 55 -13.13 12.20 -1.17
C LEU B 55 -12.73 13.67 -1.31
N GLU B 56 -13.48 14.54 -0.64
CA GLU B 56 -13.22 15.97 -0.69
C GLU B 56 -11.92 16.30 0.02
N ASN B 57 -11.68 15.65 1.15
CA ASN B 57 -10.47 15.87 1.93
C ASN B 57 -9.23 15.45 1.13
N VAL B 58 -9.31 14.28 0.51
CA VAL B 58 -8.19 13.77 -0.28
C VAL B 58 -7.92 14.68 -1.48
N LYS B 59 -9.00 15.24 -2.04
CA LYS B 59 -8.88 16.12 -3.20
C LYS B 59 -8.47 17.52 -2.75
N ALA B 60 -8.95 17.93 -1.58
CA ALA B 60 -8.63 19.25 -1.05
C ALA B 60 -7.12 19.42 -0.87
N ILE B 61 -6.46 18.36 -0.42
CA ILE B 61 -5.02 18.39 -0.22
C ILE B 61 -4.29 18.45 -1.55
N ILE B 62 -4.71 17.60 -2.48
CA ILE B 62 -4.10 17.56 -3.81
C ILE B 62 -4.40 18.84 -4.58
N GLU B 63 -5.58 19.41 -4.31
CA GLU B 63 -5.98 20.64 -4.98
C GLU B 63 -5.17 21.82 -4.43
N LYS B 64 -4.98 21.83 -3.12
CA LYS B 64 -4.21 22.90 -2.48
C LYS B 64 -2.76 22.86 -2.94
N ALA B 65 -2.35 21.72 -3.49
CA ALA B 65 -0.98 21.56 -3.97
C ALA B 65 -0.86 22.03 -5.42
N GLY B 66 -1.94 21.85 -6.18
CA GLY B 66 -1.93 22.27 -7.57
C GLY B 66 -2.18 21.12 -8.52
N LEU B 67 -3.16 20.28 -8.19
CA LEU B 67 -3.50 19.13 -9.03
C LEU B 67 -4.99 18.83 -8.94
N THR B 68 -5.38 17.69 -9.50
CA THR B 68 -6.78 17.26 -9.48
C THR B 68 -6.89 15.75 -9.38
N ALA B 69 -8.07 15.27 -9.01
CA ALA B 69 -8.30 13.85 -8.87
C ALA B 69 -8.09 13.13 -10.20
N ALA B 70 -8.41 13.81 -11.29
CA ALA B 70 -8.25 13.25 -12.62
C ALA B 70 -6.82 12.78 -12.85
N ASP B 71 -5.86 13.49 -12.23
CA ASP B 71 -4.45 13.16 -12.38
C ASP B 71 -4.08 11.92 -11.56
N ILE B 72 -4.91 11.59 -10.58
CA ILE B 72 -4.65 10.43 -9.72
C ILE B 72 -4.28 9.20 -10.55
N VAL B 73 -3.08 8.68 -10.31
CA VAL B 73 -2.57 7.51 -11.02
C VAL B 73 -3.13 6.23 -10.40
N LYS B 74 -3.10 6.15 -9.08
CA LYS B 74 -3.59 4.98 -8.36
C LYS B 74 -4.38 5.42 -7.12
N THR B 75 -5.22 4.52 -6.61
CA THR B 75 -6.02 4.83 -5.43
C THR B 75 -6.24 3.60 -4.56
N THR B 76 -6.27 3.81 -3.25
CA THR B 76 -6.49 2.74 -2.29
C THR B 76 -7.51 3.18 -1.24
N VAL B 77 -8.44 2.30 -0.90
CA VAL B 77 -9.46 2.64 0.08
C VAL B 77 -9.86 1.44 0.94
N PHE B 78 -9.70 1.57 2.24
CA PHE B 78 -10.06 0.50 3.17
C PHE B 78 -11.51 0.64 3.61
N VAL B 79 -12.24 -0.46 3.56
CA VAL B 79 -13.65 -0.46 3.94
C VAL B 79 -13.92 -1.34 5.15
N LYS B 80 -14.92 -0.96 5.93
CA LYS B 80 -15.30 -1.73 7.10
C LYS B 80 -16.49 -2.63 6.78
N ASP B 81 -17.01 -2.47 5.56
CA ASP B 81 -18.14 -3.26 5.09
C ASP B 81 -18.17 -3.33 3.57
N LEU B 82 -17.62 -4.41 3.02
CA LEU B 82 -17.59 -4.60 1.58
C LEU B 82 -18.99 -4.53 0.97
N ASN B 83 -20.01 -4.71 1.81
CA ASN B 83 -21.38 -4.67 1.35
C ASN B 83 -21.81 -3.23 1.08
N ASP B 84 -21.12 -2.29 1.70
CA ASP B 84 -21.43 -0.87 1.53
C ASP B 84 -20.75 -0.31 0.30
N PHE B 85 -19.69 -1.00 -0.17
CA PHE B 85 -18.95 -0.57 -1.34
C PHE B 85 -19.87 -0.38 -2.54
N ALA B 86 -21.02 -1.05 -2.53
CA ALA B 86 -21.98 -0.95 -3.62
C ALA B 86 -22.42 0.49 -3.84
N ALA B 87 -22.53 1.24 -2.74
CA ALA B 87 -22.94 2.64 -2.81
C ALA B 87 -21.74 3.56 -3.01
N VAL B 88 -20.62 3.19 -2.41
CA VAL B 88 -19.40 3.98 -2.53
C VAL B 88 -18.81 3.87 -3.92
N ASN B 89 -18.82 2.65 -4.47
CA ASN B 89 -18.28 2.40 -5.79
C ASN B 89 -19.14 3.08 -6.86
N ALA B 90 -20.46 3.07 -6.65
CA ALA B 90 -21.38 3.68 -7.58
C ALA B 90 -21.21 5.19 -7.62
N GLU B 91 -20.92 5.77 -6.46
CA GLU B 91 -20.74 7.22 -6.36
C GLU B 91 -19.28 7.60 -6.60
N TYR B 92 -18.37 6.66 -6.34
CA TYR B 92 -16.94 6.90 -6.52
C TYR B 92 -16.61 7.06 -8.01
N GLU B 93 -17.19 6.21 -8.83
CA GLU B 93 -16.94 6.24 -10.27
C GLU B 93 -17.79 7.32 -10.95
N ARG B 94 -18.97 7.57 -10.39
CA ARG B 94 -19.87 8.57 -10.95
C ARG B 94 -19.37 10.00 -10.72
N PHE B 95 -18.46 10.16 -9.76
CA PHE B 95 -17.92 11.49 -9.46
C PHE B 95 -16.66 11.75 -10.30
N PHE B 96 -15.86 10.72 -10.50
CA PHE B 96 -14.63 10.86 -11.28
C PHE B 96 -14.94 11.41 -12.67
N LYS B 97 -15.78 10.68 -13.39
CA LYS B 97 -16.17 11.10 -14.72
C LYS B 97 -16.93 12.42 -14.66
N GLU B 98 -17.61 12.65 -13.54
CA GLU B 98 -18.36 13.88 -13.35
C GLU B 98 -17.42 15.03 -13.01
N ASN B 99 -16.16 14.69 -12.71
CA ASN B 99 -15.15 15.70 -12.39
C ASN B 99 -14.11 15.77 -13.50
N ASN B 100 -14.22 14.87 -14.47
CA ASN B 100 -13.30 14.80 -15.61
C ASN B 100 -12.13 13.88 -15.28
N HIS B 101 -12.43 12.81 -14.54
CA HIS B 101 -11.41 11.84 -14.14
C HIS B 101 -11.70 10.46 -14.75
N PRO B 102 -11.88 10.40 -16.08
CA PRO B 102 -12.15 9.14 -16.78
C PRO B 102 -10.92 8.26 -16.90
N ASN B 103 -9.75 8.82 -16.60
CA ASN B 103 -8.50 8.07 -16.68
C ASN B 103 -8.59 6.77 -15.87
N PHE B 104 -9.36 6.83 -14.79
CA PHE B 104 -9.55 5.67 -13.92
C PHE B 104 -8.23 5.22 -13.30
N PRO B 105 -7.88 5.78 -12.13
CA PRO B 105 -6.64 5.42 -11.42
C PRO B 105 -6.69 4.00 -10.86
N ALA B 106 -5.53 3.40 -10.66
CA ALA B 106 -5.47 2.04 -10.13
C ALA B 106 -6.30 1.93 -8.84
N ARG B 107 -6.70 0.72 -8.50
CA ARG B 107 -7.50 0.51 -7.30
C ARG B 107 -6.85 -0.49 -6.37
N SER B 108 -7.12 -0.34 -5.08
CA SER B 108 -6.57 -1.22 -4.05
C SER B 108 -7.39 -1.13 -2.77
N CYS B 109 -8.68 -1.46 -2.88
CA CYS B 109 -9.58 -1.41 -1.73
C CYS B 109 -9.80 -2.80 -1.15
N VAL B 110 -9.88 -2.88 0.17
CA VAL B 110 -10.10 -4.15 0.84
C VAL B 110 -10.80 -3.95 2.18
N GLU B 111 -11.45 -5.01 2.67
CA GLU B 111 -12.15 -4.94 3.94
C GLU B 111 -11.20 -5.18 5.11
N VAL B 112 -10.76 -4.09 5.74
CA VAL B 112 -9.84 -4.16 6.86
C VAL B 112 -10.59 -4.42 8.17
N ALA B 113 -9.88 -4.92 9.17
CA ALA B 113 -10.48 -5.20 10.47
C ALA B 113 -10.98 -3.93 11.14
N ARG B 114 -10.13 -2.90 11.15
CA ARG B 114 -10.49 -1.62 11.75
C ARG B 114 -9.72 -0.48 11.08
N LEU B 115 -10.00 0.75 11.51
CA LEU B 115 -9.34 1.92 10.95
C LEU B 115 -9.12 2.98 12.03
N PRO B 116 -8.12 3.86 11.83
CA PRO B 116 -7.81 4.93 12.78
C PRO B 116 -9.00 5.84 13.03
N LYS B 117 -9.24 6.17 14.30
CA LYS B 117 -10.35 7.03 14.68
C LYS B 117 -11.69 6.31 14.54
N ASP B 118 -11.62 4.99 14.46
CA ASP B 118 -12.83 4.17 14.31
C ASP B 118 -13.57 4.51 13.02
N VAL B 119 -12.86 5.18 12.10
CA VAL B 119 -13.45 5.55 10.82
C VAL B 119 -13.95 4.33 10.06
N GLY B 120 -15.07 4.48 9.36
CA GLY B 120 -15.62 3.38 8.60
C GLY B 120 -15.03 3.26 7.20
N LEU B 121 -13.99 4.05 6.93
CA LEU B 121 -13.34 4.02 5.62
C LEU B 121 -12.11 4.92 5.59
N GLU B 122 -11.13 4.54 4.79
CA GLU B 122 -9.90 5.31 4.66
C GLU B 122 -9.56 5.51 3.19
N ILE B 123 -8.88 6.60 2.87
CA ILE B 123 -8.50 6.89 1.49
C ILE B 123 -7.03 7.26 1.36
N GLU B 124 -6.37 6.64 0.39
CA GLU B 124 -4.96 6.89 0.12
C GLU B 124 -4.66 6.62 -1.34
N ALA B 125 -4.48 7.69 -2.12
CA ALA B 125 -4.22 7.56 -3.55
C ALA B 125 -3.00 8.36 -3.98
N ILE B 126 -2.50 8.05 -5.16
CA ILE B 126 -1.34 8.76 -5.72
C ILE B 126 -1.77 9.60 -6.91
N ALA B 127 -1.01 10.65 -7.20
CA ALA B 127 -1.32 11.54 -8.31
C ALA B 127 -0.07 12.01 -9.02
N VAL B 128 -0.21 12.29 -10.32
CA VAL B 128 0.91 12.76 -11.13
C VAL B 128 0.60 14.10 -11.77
N ARG B 129 1.60 14.69 -12.41
CA ARG B 129 1.43 15.98 -13.07
C ARG B 129 2.58 16.26 -14.04
N LYS B 130 2.91 15.27 -14.86
CA LYS B 130 3.98 15.41 -15.84
C LYS B 130 3.66 16.49 -16.85
N MET C 1 6.00 10.34 -24.31
CA MET C 1 5.74 10.28 -22.85
C MET C 1 4.44 9.54 -22.54
N MET C 2 4.41 8.82 -21.43
CA MET C 2 3.24 8.07 -21.03
C MET C 2 2.95 8.25 -19.54
N THR C 3 1.77 7.82 -19.11
CA THR C 3 1.38 7.92 -17.71
C THR C 3 0.18 7.04 -17.42
N GLN C 4 0.38 6.06 -16.56
CA GLN C 4 -0.68 5.13 -16.17
C GLN C 4 -1.43 4.58 -17.39
N ILE C 5 -2.54 3.90 -17.12
CA ILE C 5 -3.36 3.33 -18.18
C ILE C 5 -2.68 2.14 -18.83
N ILE C 6 -3.24 0.95 -18.61
CA ILE C 6 -2.71 -0.28 -19.18
C ILE C 6 -3.84 -1.21 -19.60
N HIS C 7 -4.05 -1.32 -20.91
CA HIS C 7 -5.10 -2.19 -21.44
C HIS C 7 -4.56 -3.58 -21.74
N THR C 8 -5.45 -4.58 -21.64
CA THR C 8 -5.07 -5.96 -21.90
C THR C 8 -6.30 -6.83 -22.12
N GLU C 9 -6.09 -8.04 -22.63
CA GLU C 9 -7.18 -8.97 -22.88
C GLU C 9 -7.00 -10.27 -22.10
N LYS C 10 -6.54 -10.14 -20.86
CA LYS C 10 -6.32 -11.30 -20.00
C LYS C 10 -6.75 -11.02 -18.57
N ALA C 11 -6.36 -9.86 -18.06
CA ALA C 11 -6.71 -9.46 -16.71
C ALA C 11 -8.22 -9.43 -16.50
N PRO C 12 -8.67 -9.12 -15.28
CA PRO C 12 -10.10 -9.05 -14.95
C PRO C 12 -10.83 -7.97 -15.72
N ALA C 13 -10.07 -7.09 -16.38
CA ALA C 13 -10.65 -6.00 -17.16
C ALA C 13 -11.17 -4.88 -16.27
N ALA C 14 -11.21 -3.68 -16.80
CA ALA C 14 -11.68 -2.51 -16.06
C ALA C 14 -12.96 -1.95 -16.67
N ILE C 15 -14.00 -1.85 -15.85
CA ILE C 15 -15.28 -1.32 -16.31
C ILE C 15 -15.90 -0.42 -15.23
N GLY C 16 -15.09 0.00 -14.28
CA GLY C 16 -15.57 0.86 -13.22
C GLY C 16 -14.72 2.10 -13.04
N PRO C 17 -14.37 2.47 -11.80
CA PRO C 17 -13.57 3.65 -11.52
C PRO C 17 -12.06 3.36 -11.55
N TYR C 18 -11.66 2.29 -12.23
CA TYR C 18 -10.24 1.95 -12.30
C TYR C 18 -9.91 1.21 -13.59
N VAL C 19 -8.65 1.29 -14.00
CA VAL C 19 -8.19 0.62 -15.21
C VAL C 19 -7.47 -0.67 -14.87
N GLN C 20 -7.33 -1.56 -15.85
CA GLN C 20 -6.65 -2.84 -15.65
C GLN C 20 -5.34 -2.65 -14.90
N ALA C 21 -4.60 -1.61 -15.27
CA ALA C 21 -3.32 -1.30 -14.64
C ALA C 21 -2.88 0.11 -15.03
N VAL C 22 -1.71 0.52 -14.54
CA VAL C 22 -1.20 1.85 -14.84
C VAL C 22 0.28 1.82 -15.18
N ASP C 23 0.62 2.41 -16.33
CA ASP C 23 1.99 2.48 -16.80
C ASP C 23 2.52 3.92 -16.72
N LEU C 24 3.23 4.22 -15.63
CA LEU C 24 3.78 5.56 -15.43
C LEU C 24 4.98 5.81 -16.35
N GLY C 25 5.49 4.74 -16.95
CA GLY C 25 6.64 4.86 -17.83
C GLY C 25 7.93 4.54 -17.10
N ASN C 26 8.51 3.37 -17.42
CA ASN C 26 9.74 2.91 -16.77
C ASN C 26 9.40 2.22 -15.45
N LEU C 27 8.39 2.76 -14.75
CA LEU C 27 7.95 2.19 -13.49
C LEU C 27 6.46 1.88 -13.56
N VAL C 28 6.15 0.61 -13.77
CA VAL C 28 4.75 0.17 -13.89
C VAL C 28 4.17 -0.22 -12.53
N LEU C 29 2.85 -0.36 -12.50
CA LEU C 29 2.14 -0.75 -11.29
C LEU C 29 0.87 -1.51 -11.63
N THR C 30 0.60 -2.59 -10.90
CA THR C 30 -0.59 -3.39 -11.14
C THR C 30 -1.61 -3.21 -10.02
N SER C 31 -2.88 -3.08 -10.39
CA SER C 31 -3.95 -2.89 -9.42
C SER C 31 -4.20 -4.18 -8.65
N GLY C 32 -5.04 -4.09 -7.61
CA GLY C 32 -5.34 -5.25 -6.80
C GLY C 32 -6.07 -6.32 -7.59
N GLN C 33 -5.31 -7.17 -8.27
CA GLN C 33 -5.90 -8.24 -9.07
C GLN C 33 -6.64 -9.24 -8.20
N ILE C 34 -7.35 -10.17 -8.83
CA ILE C 34 -8.11 -11.19 -8.12
C ILE C 34 -8.27 -12.45 -8.97
N PRO C 35 -8.32 -13.63 -8.32
CA PRO C 35 -8.46 -14.92 -9.02
C PRO C 35 -9.83 -15.07 -9.70
N VAL C 36 -10.16 -14.15 -10.58
CA VAL C 36 -11.43 -14.22 -11.29
C VAL C 36 -11.48 -15.47 -12.16
N ASN C 37 -11.91 -16.56 -11.54
CA ASN C 37 -12.03 -17.86 -12.20
C ASN C 37 -12.46 -17.71 -13.67
N PRO C 38 -11.73 -18.35 -14.60
CA PRO C 38 -12.07 -18.30 -16.02
C PRO C 38 -13.35 -19.04 -16.34
N ALA C 39 -13.87 -19.79 -15.38
CA ALA C 39 -15.08 -20.56 -15.57
C ALA C 39 -16.19 -20.10 -14.61
N THR C 40 -15.81 -19.45 -13.52
CA THR C 40 -16.77 -18.98 -12.53
C THR C 40 -16.78 -17.45 -12.47
N GLY C 41 -15.66 -16.85 -12.84
CA GLY C 41 -15.55 -15.40 -12.82
C GLY C 41 -15.68 -14.84 -11.42
N GLU C 42 -14.82 -15.31 -10.51
CA GLU C 42 -14.86 -14.83 -9.13
C GLU C 42 -13.59 -15.19 -8.37
N VAL C 43 -13.51 -16.42 -7.89
CA VAL C 43 -12.36 -16.88 -7.14
C VAL C 43 -12.46 -18.38 -6.81
N PRO C 44 -11.66 -19.22 -7.51
CA PRO C 44 -11.68 -20.67 -7.27
C PRO C 44 -11.40 -21.03 -5.81
N ALA C 45 -12.09 -22.04 -5.31
CA ALA C 45 -11.91 -22.47 -3.93
C ALA C 45 -10.50 -23.00 -3.71
N ASP C 46 -9.92 -23.58 -4.75
CA ASP C 46 -8.58 -24.13 -4.69
C ASP C 46 -7.56 -23.02 -4.48
N ILE C 47 -7.27 -22.77 -3.20
CA ILE C 47 -6.30 -21.74 -2.82
C ILE C 47 -5.08 -21.74 -3.74
N VAL C 48 -4.71 -22.92 -4.21
CA VAL C 48 -3.55 -23.05 -5.11
C VAL C 48 -3.93 -22.64 -6.52
N ALA C 49 -5.09 -23.10 -6.98
CA ALA C 49 -5.57 -22.78 -8.32
C ALA C 49 -5.85 -21.29 -8.45
N GLN C 50 -6.55 -20.74 -7.47
CA GLN C 50 -6.89 -19.32 -7.46
C GLN C 50 -5.63 -18.48 -7.29
N ALA C 51 -4.68 -19.02 -6.54
CA ALA C 51 -3.42 -18.33 -6.29
C ALA C 51 -2.56 -18.28 -7.55
N ARG C 52 -2.68 -19.30 -8.39
CA ARG C 52 -1.93 -19.38 -9.63
C ARG C 52 -2.54 -18.48 -10.69
N GLN C 53 -3.86 -18.48 -10.77
CA GLN C 53 -4.57 -17.67 -11.75
C GLN C 53 -4.34 -16.19 -11.48
N SER C 54 -4.35 -15.82 -10.21
CA SER C 54 -4.15 -14.42 -9.81
C SER C 54 -2.77 -13.95 -10.25
N LEU C 55 -1.78 -14.84 -10.19
CA LEU C 55 -0.42 -14.50 -10.60
C LEU C 55 -0.34 -14.30 -12.11
N GLU C 56 -1.12 -15.09 -12.84
CA GLU C 56 -1.13 -15.00 -14.30
C GLU C 56 -1.77 -13.70 -14.75
N ASN C 57 -2.84 -13.30 -14.08
CA ASN C 57 -3.55 -12.07 -14.41
C ASN C 57 -2.65 -10.86 -14.18
N VAL C 58 -1.98 -10.84 -13.05
CA VAL C 58 -1.08 -9.74 -12.71
C VAL C 58 0.08 -9.67 -13.70
N LYS C 59 0.54 -10.82 -14.15
CA LYS C 59 1.64 -10.89 -15.11
C LYS C 59 1.14 -10.63 -16.52
N ALA C 60 -0.09 -11.06 -16.81
CA ALA C 60 -0.67 -10.86 -18.13
C ALA C 60 -0.76 -9.37 -18.47
N ILE C 61 -1.09 -8.57 -17.47
CA ILE C 61 -1.20 -7.13 -17.67
C ILE C 61 0.17 -6.52 -17.88
N ILE C 62 1.12 -6.89 -17.03
CA ILE C 62 2.47 -6.38 -17.13
C ILE C 62 3.14 -6.88 -18.40
N GLU C 63 2.78 -8.09 -18.82
CA GLU C 63 3.33 -8.68 -20.03
C GLU C 63 2.78 -7.98 -21.26
N LYS C 64 1.49 -7.70 -21.24
CA LYS C 64 0.83 -7.02 -22.34
C LYS C 64 1.39 -5.61 -22.51
N ALA C 65 2.04 -5.10 -21.45
CA ALA C 65 2.61 -3.76 -21.48
C ALA C 65 4.04 -3.80 -22.03
N GLY C 66 4.73 -4.91 -21.77
CA GLY C 66 6.09 -5.05 -22.25
C GLY C 66 7.09 -5.23 -21.13
N LEU C 67 6.76 -6.08 -20.15
CA LEU C 67 7.63 -6.35 -19.03
C LEU C 67 7.46 -7.78 -18.54
N THR C 68 8.05 -8.08 -17.39
CA THR C 68 7.97 -9.41 -16.80
C THR C 68 7.95 -9.33 -15.28
N ALA C 69 7.52 -10.42 -14.65
CA ALA C 69 7.45 -10.48 -13.20
C ALA C 69 8.84 -10.28 -12.59
N ALA C 70 9.86 -10.76 -13.28
CA ALA C 70 11.23 -10.63 -12.81
C ALA C 70 11.59 -9.18 -12.53
N ASP C 71 11.00 -8.27 -13.31
CA ASP C 71 11.25 -6.84 -13.16
C ASP C 71 10.54 -6.27 -11.94
N ILE C 72 9.52 -6.97 -11.46
CA ILE C 72 8.76 -6.53 -10.29
C ILE C 72 9.68 -6.07 -9.16
N VAL C 73 9.56 -4.81 -8.79
CA VAL C 73 10.36 -4.23 -7.72
C VAL C 73 9.79 -4.59 -6.35
N LYS C 74 8.48 -4.44 -6.20
CA LYS C 74 7.80 -4.75 -4.95
C LYS C 74 6.49 -5.48 -5.22
N THR C 75 5.98 -6.18 -4.20
CA THR C 75 4.74 -6.91 -4.36
C THR C 75 3.93 -6.94 -3.06
N THR C 76 2.61 -6.88 -3.20
CA THR C 76 1.70 -6.90 -2.06
C THR C 76 0.57 -7.89 -2.32
N VAL C 77 0.22 -8.68 -1.32
CA VAL C 77 -0.86 -9.66 -1.48
C VAL C 77 -1.65 -9.85 -0.19
N PHE C 78 -2.96 -9.62 -0.28
CA PHE C 78 -3.84 -9.78 0.87
C PHE C 78 -4.38 -11.20 0.93
N VAL C 79 -4.31 -11.81 2.12
CA VAL C 79 -4.78 -13.17 2.30
C VAL C 79 -5.95 -13.24 3.27
N LYS C 80 -6.82 -14.22 3.05
CA LYS C 80 -7.98 -14.42 3.93
C LYS C 80 -7.66 -15.52 4.94
N ASP C 81 -6.50 -16.14 4.78
CA ASP C 81 -6.07 -17.22 5.68
C ASP C 81 -4.56 -17.35 5.66
N LEU C 82 -3.91 -16.72 6.64
CA LEU C 82 -2.45 -16.76 6.75
C LEU C 82 -1.94 -18.20 6.82
N ASN C 83 -2.84 -19.13 7.16
CA ASN C 83 -2.47 -20.54 7.26
C ASN C 83 -2.32 -21.15 5.87
N ASP C 84 -2.96 -20.53 4.89
CA ASP C 84 -2.89 -21.01 3.51
C ASP C 84 -1.65 -20.48 2.81
N PHE C 85 -1.07 -19.40 3.34
CA PHE C 85 0.12 -18.80 2.76
C PHE C 85 1.24 -19.82 2.62
N ALA C 86 1.19 -20.88 3.42
CA ALA C 86 2.20 -21.93 3.39
C ALA C 86 2.31 -22.54 2.00
N ALA C 87 1.16 -22.67 1.33
CA ALA C 87 1.12 -23.24 -0.01
C ALA C 87 1.34 -22.18 -1.08
N VAL C 88 0.84 -20.97 -0.82
CA VAL C 88 1.00 -19.86 -1.76
C VAL C 88 2.43 -19.36 -1.78
N ASN C 89 3.04 -19.28 -0.61
CA ASN C 89 4.42 -18.81 -0.49
C ASN C 89 5.38 -19.82 -1.12
N ALA C 90 5.08 -21.10 -0.94
CA ALA C 90 5.92 -22.17 -1.48
C ALA C 90 5.87 -22.17 -3.00
N GLU C 91 4.70 -21.87 -3.55
CA GLU C 91 4.52 -21.84 -5.00
C GLU C 91 4.84 -20.46 -5.57
N TYR C 92 4.70 -19.43 -4.73
CA TYR C 92 4.97 -18.06 -5.15
C TYR C 92 6.45 -17.86 -5.43
N GLU C 93 7.28 -18.40 -4.55
CA GLU C 93 8.74 -18.26 -4.69
C GLU C 93 9.28 -19.27 -5.69
N ARG C 94 8.64 -20.42 -5.78
CA ARG C 94 9.07 -21.48 -6.69
C ARG C 94 8.80 -21.13 -8.15
N PHE C 95 7.90 -20.18 -8.37
CA PHE C 95 7.55 -19.77 -9.73
C PHE C 95 8.45 -18.63 -10.19
N PHE C 96 8.77 -17.72 -9.28
CA PHE C 96 9.62 -16.58 -9.60
C PHE C 96 10.94 -17.06 -10.17
N LYS C 97 11.65 -17.85 -9.39
CA LYS C 97 12.93 -18.39 -9.83
C LYS C 97 12.73 -19.29 -11.04
N GLU C 98 11.56 -19.91 -11.14
CA GLU C 98 11.25 -20.77 -12.26
C GLU C 98 10.90 -19.94 -13.49
N ASN C 99 10.71 -18.65 -13.30
CA ASN C 99 10.40 -17.74 -14.39
C ASN C 99 11.57 -16.79 -14.64
N ASN C 100 12.59 -16.88 -13.78
CA ASN C 100 13.78 -16.03 -13.88
C ASN C 100 13.58 -14.75 -13.10
N HIS C 101 12.90 -14.86 -11.97
CA HIS C 101 12.62 -13.72 -11.10
C HIS C 101 13.30 -13.88 -9.74
N PRO C 102 14.61 -14.15 -9.72
CA PRO C 102 15.37 -14.33 -8.48
C PRO C 102 15.62 -13.01 -7.75
N ASN C 103 15.38 -11.90 -8.43
CA ASN C 103 15.58 -10.57 -7.85
C ASN C 103 14.84 -10.46 -6.52
N PHE C 104 13.71 -11.15 -6.41
CA PHE C 104 12.92 -11.13 -5.19
C PHE C 104 12.41 -9.72 -4.88
N PRO C 105 11.23 -9.35 -5.41
CA PRO C 105 10.63 -8.04 -5.17
C PRO C 105 10.16 -7.89 -3.74
N ALA C 106 10.07 -6.65 -3.27
CA ALA C 106 9.62 -6.39 -1.90
C ALA C 106 8.29 -7.09 -1.63
N ARG C 107 8.00 -7.33 -0.36
CA ARG C 107 6.76 -8.02 0.02
C ARG C 107 5.94 -7.18 0.98
N SER C 108 4.62 -7.37 0.92
CA SER C 108 3.70 -6.65 1.78
C SER C 108 2.36 -7.38 1.86
N CYS C 109 2.40 -8.62 2.34
CA CYS C 109 1.20 -9.43 2.46
C CYS C 109 0.69 -9.45 3.90
N VAL C 110 -0.62 -9.43 4.06
CA VAL C 110 -1.24 -9.44 5.38
C VAL C 110 -2.64 -10.07 5.33
N GLU C 111 -3.10 -10.55 6.49
CA GLU C 111 -4.41 -11.17 6.58
C GLU C 111 -5.50 -10.12 6.75
N VAL C 112 -6.16 -9.77 5.65
CA VAL C 112 -7.23 -8.77 5.69
C VAL C 112 -8.55 -9.40 6.09
N ALA C 113 -9.48 -8.57 6.57
CA ALA C 113 -10.79 -9.04 6.99
C ALA C 113 -11.55 -9.63 5.81
N ARG C 114 -11.58 -8.91 4.70
CA ARG C 114 -12.28 -9.37 3.51
C ARG C 114 -11.64 -8.79 2.25
N LEU C 115 -12.16 -9.17 1.09
CA LEU C 115 -11.64 -8.70 -0.18
C LEU C 115 -12.76 -8.51 -1.21
N PRO C 116 -12.56 -7.65 -2.21
CA PRO C 116 -13.56 -7.39 -3.25
C PRO C 116 -13.94 -8.67 -4.00
N LYS C 117 -15.24 -8.85 -4.23
CA LYS C 117 -15.74 -10.02 -4.93
C LYS C 117 -15.64 -11.27 -4.06
N ASP C 118 -15.47 -11.06 -2.76
CA ASP C 118 -15.35 -12.17 -1.82
C ASP C 118 -14.12 -13.03 -2.15
N VAL C 119 -13.21 -12.48 -2.94
CA VAL C 119 -12.00 -13.19 -3.31
C VAL C 119 -11.19 -13.59 -2.07
N GLY C 120 -10.57 -14.77 -2.14
CA GLY C 120 -9.78 -15.24 -1.02
C GLY C 120 -8.35 -14.75 -1.05
N LEU C 121 -8.06 -13.83 -1.97
CA LEU C 121 -6.71 -13.28 -2.09
C LEU C 121 -6.66 -12.17 -3.13
N GLU C 122 -5.77 -11.20 -2.92
CA GLU C 122 -5.60 -10.09 -3.83
C GLU C 122 -4.13 -9.88 -4.15
N ILE C 123 -3.83 -9.36 -5.33
CA ILE C 123 -2.45 -9.12 -5.73
C ILE C 123 -2.24 -7.71 -6.28
N GLU C 124 -1.19 -7.06 -5.80
CA GLU C 124 -0.85 -5.71 -6.23
C GLU C 124 0.65 -5.48 -6.08
N ALA C 125 1.36 -5.50 -7.20
CA ALA C 125 2.81 -5.32 -7.18
C ALA C 125 3.27 -4.24 -8.15
N ILE C 126 4.51 -3.79 -7.97
CA ILE C 126 5.09 -2.77 -8.82
C ILE C 126 6.20 -3.37 -9.68
N ALA C 127 6.46 -2.76 -10.82
CA ALA C 127 7.49 -3.26 -11.71
C ALA C 127 8.27 -2.12 -12.38
N VAL C 128 9.53 -2.38 -12.70
CA VAL C 128 10.38 -1.38 -13.35
C VAL C 128 10.91 -1.89 -14.68
N ARG C 129 11.59 -1.03 -15.42
CA ARG C 129 12.15 -1.39 -16.71
C ARG C 129 13.17 -0.36 -17.18
N LYS C 130 14.07 0.02 -16.27
CA LYS C 130 15.11 1.00 -16.59
C LYS C 130 16.04 0.48 -17.68
N MET A 1 21.77 -5.41 -12.36
CA MET A 1 22.50 -4.66 -11.31
C MET A 1 21.75 -3.40 -10.90
N MET A 2 21.99 -2.93 -9.67
CA MET A 2 21.33 -1.74 -9.16
C MET A 2 19.81 -1.92 -9.13
N THR A 3 19.10 -0.86 -8.78
CA THR A 3 17.63 -0.90 -8.70
C THR A 3 17.18 -1.88 -7.63
N GLN A 4 16.31 -1.41 -6.75
CA GLN A 4 15.77 -2.22 -5.66
C GLN A 4 16.86 -3.06 -4.99
N ILE A 5 16.44 -4.04 -4.20
CA ILE A 5 17.38 -4.92 -3.48
C ILE A 5 18.13 -4.16 -2.39
N ILE A 6 17.90 -4.58 -1.14
CA ILE A 6 18.55 -3.96 0.01
C ILE A 6 18.91 -5.02 1.06
N HIS A 7 20.12 -5.55 0.96
CA HIS A 7 20.58 -6.57 1.90
C HIS A 7 21.52 -5.97 2.94
N THR A 8 21.24 -6.23 4.21
CA THR A 8 22.06 -5.71 5.30
C THR A 8 22.13 -6.71 6.44
N GLU A 9 23.22 -6.65 7.22
CA GLU A 9 23.41 -7.55 8.34
C GLU A 9 23.04 -6.86 9.66
N LYS A 10 22.08 -5.94 9.59
CA LYS A 10 21.64 -5.21 10.78
C LYS A 10 20.17 -5.49 11.06
N ALA A 11 19.37 -5.62 10.01
CA ALA A 11 17.95 -5.88 10.15
C ALA A 11 17.64 -7.36 9.94
N PRO A 12 17.02 -8.02 10.93
CA PRO A 12 16.67 -9.45 10.85
C PRO A 12 15.49 -9.72 9.90
N ALA A 13 15.00 -8.66 9.25
CA ALA A 13 13.88 -8.78 8.32
C ALA A 13 14.09 -9.90 7.31
N ALA A 14 13.13 -10.05 6.40
CA ALA A 14 13.20 -11.08 5.37
C ALA A 14 13.18 -12.47 5.99
N ILE A 15 12.15 -13.24 5.65
CA ILE A 15 12.00 -14.60 6.16
C ILE A 15 11.34 -15.51 5.13
N GLY A 16 11.36 -15.08 3.88
CA GLY A 16 10.76 -15.88 2.81
C GLY A 16 11.46 -15.69 1.49
N PRO A 17 10.73 -15.80 0.37
CA PRO A 17 11.29 -15.64 -0.97
C PRO A 17 11.31 -14.18 -1.44
N TYR A 18 11.51 -13.25 -0.51
CA TYR A 18 11.55 -11.84 -0.86
C TYR A 18 12.78 -11.17 -0.26
N VAL A 19 13.11 -9.98 -0.74
CA VAL A 19 14.26 -9.23 -0.26
C VAL A 19 13.87 -8.32 0.89
N GLN A 20 14.80 -8.11 1.82
CA GLN A 20 14.57 -7.26 2.98
C GLN A 20 13.91 -5.94 2.58
N ALA A 21 14.47 -5.29 1.58
CA ALA A 21 13.94 -4.02 1.08
C ALA A 21 14.38 -3.78 -0.35
N VAL A 22 14.04 -2.61 -0.89
CA VAL A 22 14.41 -2.26 -2.25
C VAL A 22 14.94 -0.84 -2.37
N ASP A 23 16.09 -0.71 -3.00
CA ASP A 23 16.72 0.60 -3.20
C ASP A 23 16.75 0.97 -4.68
N LEU A 24 15.85 1.88 -5.07
CA LEU A 24 15.79 2.32 -6.46
C LEU A 24 16.80 3.43 -6.73
N GLY A 25 17.28 4.06 -5.67
CA GLY A 25 18.25 5.14 -5.82
C GLY A 25 17.82 6.38 -5.07
N ASN A 26 17.42 7.41 -5.80
CA ASN A 26 16.98 8.66 -5.18
C ASN A 26 15.83 8.38 -4.22
N LEU A 27 15.05 7.35 -4.54
CA LEU A 27 13.91 6.96 -3.70
C LEU A 27 14.07 5.51 -3.24
N VAL A 28 13.94 5.30 -1.93
CA VAL A 28 14.07 3.97 -1.35
C VAL A 28 12.71 3.42 -0.94
N LEU A 29 12.71 2.20 -0.40
CA LEU A 29 11.48 1.55 0.04
C LEU A 29 11.78 0.43 1.02
N THR A 30 10.87 0.23 1.98
CA THR A 30 11.04 -0.82 2.98
C THR A 30 9.88 -1.81 2.94
N SER A 31 10.18 -3.08 3.14
CA SER A 31 9.17 -4.12 3.12
C SER A 31 8.40 -4.17 4.44
N GLY A 32 7.27 -4.87 4.44
CA GLY A 32 6.46 -4.99 5.63
C GLY A 32 7.15 -5.80 6.71
N GLN A 33 8.16 -5.20 7.34
CA GLN A 33 8.91 -5.88 8.38
C GLN A 33 8.05 -6.16 9.61
N ILE A 34 8.54 -7.03 10.48
CA ILE A 34 7.82 -7.39 11.70
C ILE A 34 8.80 -7.48 12.86
N PRO A 35 8.29 -7.38 14.11
CA PRO A 35 9.13 -7.47 15.31
C PRO A 35 10.17 -8.57 15.21
N VAL A 36 9.72 -9.74 14.74
CA VAL A 36 10.60 -10.90 14.56
C VAL A 36 11.56 -11.11 15.74
N ASN A 37 11.16 -10.63 16.91
CA ASN A 37 11.97 -10.75 18.12
C ASN A 37 13.35 -10.15 17.92
N PRO A 38 14.05 -9.82 19.03
CA PRO A 38 15.39 -9.25 18.97
C PRO A 38 16.45 -10.31 18.69
N ALA A 39 16.15 -11.55 19.05
CA ALA A 39 17.07 -12.65 18.84
C ALA A 39 16.34 -13.99 18.82
N THR A 40 15.03 -13.94 18.59
CA THR A 40 14.22 -15.16 18.55
C THR A 40 13.70 -15.40 17.13
N GLY A 41 13.54 -14.32 16.38
CA GLY A 41 13.06 -14.44 15.02
C GLY A 41 11.59 -14.80 14.94
N GLU A 42 10.77 -14.14 15.75
CA GLU A 42 9.33 -14.40 15.76
C GLU A 42 8.55 -13.13 16.05
N VAL A 43 8.53 -12.72 17.32
CA VAL A 43 7.82 -11.52 17.74
C VAL A 43 7.78 -11.40 19.27
N PRO A 44 8.19 -10.25 19.83
CA PRO A 44 8.21 -10.03 21.28
C PRO A 44 6.80 -9.75 21.82
N ALA A 45 6.59 -10.09 23.09
CA ALA A 45 5.29 -9.86 23.72
C ALA A 45 5.12 -8.39 24.09
N ASP A 46 6.23 -7.74 24.38
CA ASP A 46 6.23 -6.33 24.75
C ASP A 46 5.85 -5.47 23.56
N ILE A 47 4.56 -5.16 23.47
CA ILE A 47 4.03 -4.33 22.39
C ILE A 47 4.97 -3.16 22.06
N VAL A 48 5.66 -2.65 23.09
CA VAL A 48 6.59 -1.55 22.90
C VAL A 48 7.92 -2.06 22.36
N ALA A 49 8.42 -3.13 22.97
CA ALA A 49 9.68 -3.73 22.55
C ALA A 49 9.61 -4.21 21.10
N GLN A 50 8.44 -4.72 20.73
CA GLN A 50 8.21 -5.21 19.37
C GLN A 50 8.00 -4.05 18.42
N ALA A 51 7.47 -2.95 18.94
CA ALA A 51 7.21 -1.76 18.12
C ALA A 51 8.46 -0.90 17.99
N ARG A 52 9.29 -0.91 19.03
CA ARG A 52 10.53 -0.12 19.01
C ARG A 52 11.62 -0.83 18.22
N GLN A 53 11.70 -2.15 18.36
CA GLN A 53 12.70 -2.94 17.65
C GLN A 53 12.40 -2.99 16.16
N SER A 54 11.12 -2.95 15.82
CA SER A 54 10.70 -3.00 14.43
C SER A 54 11.06 -1.71 13.70
N LEU A 55 11.08 -0.60 14.44
CA LEU A 55 11.41 0.70 13.88
C LEU A 55 12.91 0.81 13.61
N GLU A 56 13.71 0.19 14.48
CA GLU A 56 15.16 0.22 14.34
C GLU A 56 15.60 -0.55 13.11
N ASN A 57 15.09 -1.77 12.96
CA ASN A 57 15.44 -2.63 11.83
C ASN A 57 15.11 -1.93 10.50
N VAL A 58 13.90 -1.39 10.41
CA VAL A 58 13.47 -0.71 9.20
C VAL A 58 14.38 0.47 8.88
N LYS A 59 14.96 1.07 9.92
CA LYS A 59 15.85 2.21 9.75
C LYS A 59 17.24 1.76 9.31
N ALA A 60 17.70 0.65 9.89
CA ALA A 60 19.02 0.11 9.57
C ALA A 60 19.09 -0.29 8.11
N ILE A 61 17.99 -0.81 7.58
CA ILE A 61 17.94 -1.24 6.19
C ILE A 61 17.96 -0.03 5.26
N ILE A 62 17.07 0.92 5.51
CA ILE A 62 16.99 2.13 4.69
C ILE A 62 18.25 2.97 4.84
N GLU A 63 18.97 2.78 5.94
CA GLU A 63 20.20 3.52 6.18
C GLU A 63 21.37 2.86 5.45
N LYS A 64 21.36 1.53 5.44
CA LYS A 64 22.40 0.78 4.76
C LYS A 64 22.23 0.84 3.24
N ALA A 65 21.08 1.34 2.80
CA ALA A 65 20.79 1.46 1.37
C ALA A 65 21.45 2.71 0.81
N GLY A 66 21.60 3.72 1.65
CA GLY A 66 22.22 4.96 1.23
C GLY A 66 21.38 6.18 1.49
N LEU A 67 20.54 6.12 2.53
CA LEU A 67 19.67 7.24 2.87
C LEU A 67 19.46 7.30 4.38
N THR A 68 18.50 8.11 4.80
CA THR A 68 18.19 8.26 6.22
C THR A 68 16.68 8.26 6.45
N ALA A 69 16.27 7.86 7.65
CA ALA A 69 14.86 7.83 7.99
C ALA A 69 14.22 9.20 7.83
N ALA A 70 14.96 10.24 8.20
CA ALA A 70 14.48 11.61 8.07
C ALA A 70 13.96 11.89 6.67
N ASP A 71 14.53 11.20 5.69
CA ASP A 71 14.12 11.37 4.29
C ASP A 71 12.77 10.68 4.04
N ILE A 72 12.43 9.70 4.88
CA ILE A 72 11.17 8.98 4.74
C ILE A 72 10.00 9.94 4.53
N VAL A 73 9.39 9.88 3.36
CA VAL A 73 8.27 10.75 3.02
C VAL A 73 6.94 10.12 3.43
N LYS A 74 6.85 8.80 3.39
CA LYS A 74 5.63 8.09 3.74
C LYS A 74 5.93 6.90 4.66
N THR A 75 4.90 6.40 5.33
CA THR A 75 5.06 5.27 6.24
C THR A 75 3.72 4.55 6.47
N THR A 76 3.79 3.23 6.50
CA THR A 76 2.60 2.41 6.72
C THR A 76 2.80 1.50 7.93
N VAL A 77 1.73 1.21 8.66
CA VAL A 77 1.83 0.35 9.84
C VAL A 77 0.55 -0.43 10.07
N PHE A 78 0.60 -1.73 9.84
CA PHE A 78 -0.55 -2.60 10.03
C PHE A 78 -0.58 -3.13 11.47
N VAL A 79 -1.55 -2.65 12.24
CA VAL A 79 -1.69 -3.06 13.63
C VAL A 79 -2.79 -4.10 13.80
N LYS A 80 -2.58 -5.03 14.72
CA LYS A 80 -3.56 -6.08 14.99
C LYS A 80 -4.60 -5.57 15.99
N ASP A 81 -4.41 -4.33 16.45
CA ASP A 81 -5.33 -3.72 17.40
C ASP A 81 -5.07 -2.22 17.50
N LEU A 82 -6.13 -1.43 17.33
CA LEU A 82 -6.02 0.02 17.40
C LEU A 82 -5.66 0.47 18.82
N ASN A 83 -5.74 -0.44 19.78
CA ASN A 83 -5.41 -0.13 21.16
C ASN A 83 -3.90 -0.14 21.37
N ASP A 84 -3.19 -0.81 20.47
CA ASP A 84 -1.74 -0.90 20.56
C ASP A 84 -1.08 0.25 19.80
N PHE A 85 -1.77 0.76 18.80
CA PHE A 85 -1.25 1.87 17.99
C PHE A 85 -0.93 3.08 18.85
N ALA A 86 -1.67 3.22 19.96
CA ALA A 86 -1.47 4.34 20.87
C ALA A 86 -0.03 4.38 21.39
N ALA A 87 0.57 3.21 21.54
CA ALA A 87 1.94 3.11 22.04
C ALA A 87 2.94 3.23 20.89
N VAL A 88 2.58 2.68 19.73
CA VAL A 88 3.45 2.71 18.56
C VAL A 88 3.49 4.11 17.95
N ASN A 89 2.34 4.77 17.92
CA ASN A 89 2.25 6.12 17.37
C ASN A 89 2.97 7.12 18.25
N ALA A 90 2.90 6.92 19.56
CA ALA A 90 3.55 7.81 20.51
C ALA A 90 5.06 7.63 20.48
N GLU A 91 5.51 6.40 20.23
CA GLU A 91 6.93 6.10 20.18
C GLU A 91 7.50 6.32 18.78
N TYR A 92 6.66 6.13 17.77
CA TYR A 92 7.07 6.31 16.38
C TYR A 92 7.58 7.72 16.14
N GLU A 93 6.86 8.71 16.67
CA GLU A 93 7.24 10.11 16.52
C GLU A 93 8.32 10.50 17.51
N ARG A 94 8.33 9.84 18.66
CA ARG A 94 9.32 10.13 19.70
C ARG A 94 10.74 9.83 19.21
N PHE A 95 10.85 8.81 18.37
CA PHE A 95 12.15 8.43 17.82
C PHE A 95 12.45 9.18 16.53
N PHE A 96 11.41 9.40 15.73
CA PHE A 96 11.54 10.11 14.48
C PHE A 96 12.19 11.47 14.68
N LYS A 97 11.62 12.25 15.58
CA LYS A 97 12.15 13.58 15.88
C LYS A 97 13.45 13.46 16.68
N GLU A 98 13.59 12.36 17.42
CA GLU A 98 14.80 12.13 18.20
C GLU A 98 15.94 11.68 17.29
N ASN A 99 15.62 11.32 16.06
CA ASN A 99 16.63 10.90 15.10
C ASN A 99 16.93 12.04 14.13
N ASN A 100 16.01 13.02 14.10
CA ASN A 100 16.11 14.20 13.23
C ASN A 100 15.18 14.07 12.03
N HIS A 101 14.01 13.45 12.27
CA HIS A 101 13.03 13.25 11.22
C HIS A 101 11.74 14.04 11.50
N PRO A 102 11.85 15.37 11.69
CA PRO A 102 10.70 16.23 11.98
C PRO A 102 9.89 16.58 10.73
N ASN A 103 10.30 16.04 9.58
CA ASN A 103 9.61 16.30 8.32
C ASN A 103 8.19 15.76 8.33
N PHE A 104 7.98 14.69 9.09
CA PHE A 104 6.66 14.06 9.18
C PHE A 104 6.31 13.34 7.87
N PRO A 105 6.29 11.99 7.89
CA PRO A 105 5.99 11.20 6.72
C PRO A 105 4.52 10.78 6.67
N ALA A 106 4.02 10.55 5.46
CA ALA A 106 2.63 10.12 5.28
C ALA A 106 2.32 8.94 6.19
N ARG A 107 1.05 8.66 6.41
CA ARG A 107 0.65 7.56 7.28
C ARG A 107 -0.45 6.72 6.65
N SER A 108 -0.38 5.41 6.87
CA SER A 108 -1.37 4.48 6.35
C SER A 108 -1.50 3.27 7.27
N CYS A 109 -1.95 3.52 8.49
CA CYS A 109 -2.13 2.46 9.47
C CYS A 109 -3.57 1.99 9.53
N VAL A 110 -3.76 0.67 9.54
CA VAL A 110 -5.10 0.09 9.60
C VAL A 110 -5.13 -1.15 10.48
N GLU A 111 -6.18 -1.28 11.28
CA GLU A 111 -6.32 -2.42 12.16
C GLU A 111 -6.56 -3.71 11.37
N VAL A 112 -5.47 -4.31 10.91
CA VAL A 112 -5.57 -5.54 10.13
C VAL A 112 -6.08 -6.69 10.97
N ALA A 113 -6.51 -7.77 10.31
CA ALA A 113 -7.03 -8.95 11.01
C ALA A 113 -5.89 -9.75 11.63
N ARG A 114 -4.77 -9.82 10.91
CA ARG A 114 -3.61 -10.57 11.40
C ARG A 114 -2.35 -10.14 10.65
N LEU A 115 -1.23 -10.78 10.98
CA LEU A 115 0.04 -10.48 10.33
C LEU A 115 0.95 -11.70 10.32
N PRO A 116 1.91 -11.74 9.38
CA PRO A 116 2.85 -12.86 9.27
C PRO A 116 3.60 -13.12 10.57
N LYS A 117 3.74 -14.40 10.92
CA LYS A 117 4.44 -14.79 12.14
C LYS A 117 3.57 -14.52 13.37
N ASP A 118 2.29 -14.28 13.15
CA ASP A 118 1.36 -14.01 14.25
C ASP A 118 1.76 -12.76 15.01
N VAL A 119 2.61 -11.94 14.38
CA VAL A 119 3.06 -10.69 15.01
C VAL A 119 1.88 -9.80 15.38
N GLY A 120 2.17 -8.68 16.03
CA GLY A 120 1.13 -7.76 16.43
C GLY A 120 1.26 -6.41 15.76
N LEU A 121 2.11 -6.32 14.75
CA LEU A 121 2.33 -5.07 14.03
C LEU A 121 3.29 -5.25 12.86
N GLU A 122 3.08 -4.46 11.81
CA GLU A 122 3.92 -4.52 10.62
C GLU A 122 4.46 -3.13 10.31
N ILE A 123 5.53 -3.06 9.52
CA ILE A 123 6.12 -1.77 9.16
C ILE A 123 6.63 -1.74 7.73
N GLU A 124 6.22 -0.72 6.99
CA GLU A 124 6.64 -0.55 5.60
C GLU A 124 6.51 0.92 5.19
N ALA A 125 7.65 1.58 5.02
CA ALA A 125 7.64 3.00 4.65
C ALA A 125 8.48 3.27 3.40
N ILE A 126 8.44 4.52 2.95
CA ILE A 126 9.20 4.93 1.77
C ILE A 126 10.06 6.14 2.10
N ALA A 127 11.12 6.33 1.33
CA ALA A 127 12.04 7.45 1.55
C ALA A 127 12.62 7.97 0.25
N VAL A 128 12.94 9.26 0.22
CA VAL A 128 13.50 9.90 -0.96
C VAL A 128 14.46 11.02 -0.58
N ARG A 129 15.33 11.37 -1.52
CA ARG A 129 16.31 12.43 -1.30
C ARG A 129 16.61 13.16 -2.61
N LYS A 130 15.57 13.74 -3.21
CA LYS A 130 15.73 14.47 -4.46
C LYS A 130 15.40 15.95 -4.27
N MET B 1 14.00 21.33 2.21
CA MET B 1 12.97 22.05 1.41
C MET B 1 12.45 21.18 0.27
N MET B 2 11.22 21.45 -0.16
CA MET B 2 10.60 20.69 -1.24
C MET B 2 10.49 19.21 -0.88
N THR B 3 10.03 18.41 -1.83
CA THR B 3 9.87 16.98 -1.62
C THR B 3 8.83 16.70 -0.54
N GLN B 4 7.87 15.84 -0.87
CA GLN B 4 6.80 15.48 0.06
C GLN B 4 6.23 16.70 0.79
N ILE B 5 5.47 16.46 1.85
CA ILE B 5 4.87 17.53 2.64
C ILE B 5 3.78 18.26 1.85
N ILE B 6 2.55 18.16 2.35
CA ILE B 6 1.41 18.82 1.71
C ILE B 6 0.45 19.37 2.76
N HIS B 7 0.65 20.63 3.14
CA HIS B 7 -0.21 21.26 4.13
C HIS B 7 -1.22 22.19 3.48
N THR B 8 -2.50 22.02 3.82
CA THR B 8 -3.56 22.85 3.27
C THR B 8 -4.64 23.12 4.30
N GLU B 9 -5.34 24.24 4.14
CA GLU B 9 -6.41 24.61 5.06
C GLU B 9 -7.77 24.26 4.48
N LYS B 10 -7.81 23.20 3.68
CA LYS B 10 -9.06 22.75 3.07
C LYS B 10 -9.42 21.35 3.53
N ALA B 11 -8.41 20.50 3.70
CA ALA B 11 -8.62 19.13 4.14
C ALA B 11 -8.36 18.99 5.64
N PRO B 12 -9.35 18.52 6.42
CA PRO B 12 -9.21 18.33 7.86
C PRO B 12 -8.33 17.13 8.23
N ALA B 13 -7.77 16.47 7.21
CA ALA B 13 -6.90 15.31 7.42
C ALA B 13 -5.82 15.59 8.46
N ALA B 14 -4.97 14.60 8.69
CA ALA B 14 -3.89 14.72 9.65
C ALA B 14 -4.43 14.90 11.07
N ILE B 15 -4.11 13.95 11.94
CA ILE B 15 -4.56 14.00 13.32
C ILE B 15 -3.52 13.38 14.26
N GLY B 16 -2.29 13.25 13.78
CA GLY B 16 -1.23 12.68 14.59
C GLY B 16 0.12 13.27 14.25
N PRO B 17 1.20 12.47 14.40
CA PRO B 17 2.57 12.93 14.11
C PRO B 17 2.96 12.73 12.65
N TYR B 18 2.00 12.89 11.74
CA TYR B 18 2.26 12.75 10.32
C TYR B 18 1.72 13.94 9.54
N VAL B 19 2.15 14.07 8.29
CA VAL B 19 1.70 15.16 7.44
C VAL B 19 0.48 14.76 6.63
N GLN B 20 -0.39 15.72 6.35
CA GLN B 20 -1.62 15.46 5.59
C GLN B 20 -1.33 14.63 4.34
N ALA B 21 -0.32 15.04 3.58
CA ALA B 21 0.05 14.33 2.37
C ALA B 21 1.50 14.64 2.01
N VAL B 22 1.94 14.13 0.86
CA VAL B 22 3.32 14.36 0.42
C VAL B 22 3.39 14.70 -1.07
N ASP B 23 4.09 15.80 -1.37
CA ASP B 23 4.24 16.25 -2.75
C ASP B 23 5.70 16.12 -3.19
N LEU B 24 5.99 15.10 -4.00
CA LEU B 24 7.34 14.88 -4.50
C LEU B 24 7.62 15.74 -5.73
N GLY B 25 6.56 16.21 -6.37
CA GLY B 25 6.71 17.03 -7.57
C GLY B 25 5.86 16.52 -8.71
N ASN B 26 6.51 15.95 -9.72
CA ASN B 26 5.80 15.41 -10.87
C ASN B 26 4.78 14.37 -10.41
N LEU B 27 5.10 13.70 -9.31
CA LEU B 27 4.22 12.68 -8.74
C LEU B 27 3.84 13.03 -7.31
N VAL B 28 2.55 13.02 -7.02
CA VAL B 28 2.05 13.35 -5.68
C VAL B 28 1.58 12.09 -4.96
N LEU B 29 1.12 12.28 -3.73
CA LEU B 29 0.64 11.16 -2.91
C LEU B 29 -0.26 11.66 -1.79
N THR B 30 -1.25 10.85 -1.43
CA THR B 30 -2.19 11.22 -0.36
C THR B 30 -2.16 10.18 0.75
N SER B 31 -2.27 10.65 1.99
CA SER B 31 -2.25 9.76 3.16
C SER B 31 -3.62 9.09 3.34
N GLY B 32 -3.65 8.06 4.19
CA GLY B 32 -4.89 7.35 4.45
C GLY B 32 -5.87 8.21 5.22
N GLN B 33 -6.47 9.18 4.53
CA GLN B 33 -7.43 10.08 5.16
C GLN B 33 -8.69 9.34 5.60
N ILE B 34 -9.48 10.00 6.45
CA ILE B 34 -10.72 9.42 6.94
C ILE B 34 -11.82 10.48 6.97
N PRO B 35 -13.09 10.05 6.99
CA PRO B 35 -14.23 10.97 7.03
C PRO B 35 -14.00 12.12 7.99
N VAL B 36 -13.51 11.78 9.19
CA VAL B 36 -13.21 12.78 10.21
C VAL B 36 -14.31 13.83 10.36
N ASN B 37 -15.53 13.45 9.99
CA ASN B 37 -16.66 14.36 10.07
C ASN B 37 -16.42 15.65 9.30
N PRO B 38 -17.49 16.37 8.95
CA PRO B 38 -17.39 17.63 8.21
C PRO B 38 -16.97 18.78 9.11
N ALA B 39 -17.29 18.66 10.40
CA ALA B 39 -16.96 19.69 11.38
C ALA B 39 -16.92 19.12 12.79
N THR B 40 -16.77 17.81 12.89
CA THR B 40 -16.72 17.14 14.18
C THR B 40 -15.34 16.55 14.42
N GLY B 41 -14.65 16.22 13.34
CA GLY B 41 -13.31 15.65 13.45
C GLY B 41 -13.32 14.23 13.99
N GLU B 42 -14.21 13.40 13.46
CA GLU B 42 -14.30 12.01 13.90
C GLU B 42 -14.71 11.11 12.74
N VAL B 43 -16.00 11.13 12.41
CA VAL B 43 -16.53 10.32 11.31
C VAL B 43 -18.06 10.37 11.27
N PRO B 44 -18.65 10.69 10.09
CA PRO B 44 -20.11 10.77 9.95
C PRO B 44 -20.75 9.40 9.86
N ALA B 45 -22.01 9.31 10.28
CA ALA B 45 -22.75 8.05 10.24
C ALA B 45 -23.20 7.73 8.82
N ASP B 46 -23.45 8.78 8.04
CA ASP B 46 -23.89 8.63 6.66
C ASP B 46 -22.77 8.07 5.80
N ILE B 47 -22.78 6.76 5.64
CA ILE B 47 -21.79 6.06 4.84
C ILE B 47 -21.47 6.83 3.55
N VAL B 48 -22.46 7.52 3.02
CA VAL B 48 -22.28 8.31 1.80
C VAL B 48 -21.63 9.65 2.12
N ALA B 49 -22.14 10.31 3.16
CA ALA B 49 -21.61 11.60 3.58
C ALA B 49 -20.15 11.47 4.00
N GLN B 50 -19.82 10.34 4.62
CA GLN B 50 -18.47 10.09 5.07
C GLN B 50 -17.58 9.67 3.91
N ALA B 51 -18.20 9.05 2.91
CA ALA B 51 -17.47 8.61 1.73
C ALA B 51 -17.30 9.73 0.72
N ARG B 52 -18.27 10.64 0.67
CA ARG B 52 -18.23 11.76 -0.26
C ARG B 52 -17.33 12.88 0.27
N GLN B 53 -17.38 13.11 1.57
CA GLN B 53 -16.57 14.15 2.20
C GLN B 53 -15.11 13.75 2.23
N SER B 54 -14.85 12.46 2.32
CA SER B 54 -13.50 11.93 2.36
C SER B 54 -12.82 12.10 1.00
N LEU B 55 -13.61 12.04 -0.06
CA LEU B 55 -13.10 12.18 -1.42
C LEU B 55 -12.75 13.62 -1.72
N GLU B 56 -13.52 14.55 -1.15
CA GLU B 56 -13.28 15.98 -1.38
C GLU B 56 -11.98 16.42 -0.71
N ASN B 57 -11.80 16.05 0.55
CA ASN B 57 -10.61 16.40 1.30
C ASN B 57 -9.35 15.91 0.60
N VAL B 58 -9.36 14.64 0.20
CA VAL B 58 -8.23 14.04 -0.48
C VAL B 58 -7.91 14.79 -1.77
N LYS B 59 -8.93 15.37 -2.39
CA LYS B 59 -8.76 16.11 -3.64
C LYS B 59 -8.23 17.50 -3.37
N ALA B 60 -8.72 18.13 -2.31
CA ALA B 60 -8.28 19.47 -1.95
C ALA B 60 -6.78 19.49 -1.62
N ILE B 61 -6.31 18.42 -0.99
CA ILE B 61 -4.90 18.32 -0.64
C ILE B 61 -4.04 18.14 -1.88
N ILE B 62 -4.41 17.15 -2.70
CA ILE B 62 -3.67 16.87 -3.92
C ILE B 62 -3.77 18.04 -4.91
N GLU B 63 -4.81 18.86 -4.75
CA GLU B 63 -5.00 20.01 -5.62
C GLU B 63 -4.17 21.18 -5.14
N LYS B 64 -4.08 21.33 -3.83
CA LYS B 64 -3.29 22.40 -3.23
C LYS B 64 -1.80 22.11 -3.35
N ALA B 65 -1.46 20.88 -3.73
CA ALA B 65 -0.07 20.48 -3.89
C ALA B 65 0.46 20.94 -5.23
N GLY B 66 -0.42 21.03 -6.21
CA GLY B 66 -0.02 21.49 -7.53
C GLY B 66 -0.42 20.52 -8.63
N LEU B 67 -1.50 19.78 -8.41
CA LEU B 67 -1.97 18.82 -9.40
C LEU B 67 -3.49 18.71 -9.37
N THR B 68 -4.02 17.69 -10.03
CA THR B 68 -5.46 17.47 -10.08
C THR B 68 -5.79 15.99 -9.90
N ALA B 69 -6.99 15.72 -9.39
CA ALA B 69 -7.42 14.35 -9.17
C ALA B 69 -7.38 13.55 -10.46
N ALA B 70 -7.75 14.20 -11.57
CA ALA B 70 -7.75 13.55 -12.87
C ALA B 70 -6.40 12.89 -13.16
N ASP B 71 -5.35 13.46 -12.59
CA ASP B 71 -4.00 12.93 -12.78
C ASP B 71 -3.79 11.67 -11.95
N ILE B 72 -4.60 11.51 -10.90
CA ILE B 72 -4.49 10.33 -10.04
C ILE B 72 -4.43 9.04 -10.87
N VAL B 73 -3.30 8.36 -10.79
CA VAL B 73 -3.10 7.12 -11.54
C VAL B 73 -3.56 5.90 -10.73
N LYS B 74 -3.44 5.98 -9.41
CA LYS B 74 -3.84 4.87 -8.55
C LYS B 74 -4.64 5.38 -7.36
N THR B 75 -5.35 4.46 -6.70
CA THR B 75 -6.17 4.82 -5.55
C THR B 75 -6.45 3.60 -4.66
N THR B 76 -6.40 3.81 -3.36
CA THR B 76 -6.65 2.74 -2.40
C THR B 76 -7.78 3.14 -1.45
N VAL B 77 -8.56 2.17 -1.00
CA VAL B 77 -9.67 2.46 -0.10
C VAL B 77 -9.95 1.29 0.85
N PHE B 78 -9.63 1.49 2.12
CA PHE B 78 -9.85 0.46 3.13
C PHE B 78 -11.24 0.60 3.73
N VAL B 79 -12.11 -0.37 3.42
CA VAL B 79 -13.48 -0.35 3.91
C VAL B 79 -13.66 -1.30 5.08
N LYS B 80 -14.50 -0.91 6.03
CA LYS B 80 -14.78 -1.74 7.20
C LYS B 80 -15.88 -2.75 6.87
N ASP B 81 -16.39 -2.68 5.65
CA ASP B 81 -17.44 -3.58 5.20
C ASP B 81 -17.62 -3.49 3.69
N LEU B 82 -17.57 -4.64 3.02
CA LEU B 82 -17.73 -4.69 1.58
C LEU B 82 -19.14 -4.27 1.16
N ASN B 83 -20.04 -4.19 2.13
CA ASN B 83 -21.41 -3.79 1.86
C ASN B 83 -21.52 -2.28 1.70
N ASP B 84 -20.54 -1.56 2.23
CA ASP B 84 -20.52 -0.10 2.14
C ASP B 84 -19.80 0.36 0.89
N PHE B 85 -18.87 -0.46 0.41
CA PHE B 85 -18.10 -0.14 -0.79
C PHE B 85 -19.02 0.10 -1.98
N ALA B 86 -20.17 -0.56 -1.97
CA ALA B 86 -21.14 -0.41 -3.05
C ALA B 86 -21.55 1.04 -3.24
N ALA B 87 -21.59 1.79 -2.14
CA ALA B 87 -21.98 3.19 -2.18
C ALA B 87 -20.78 4.09 -2.46
N VAL B 88 -19.62 3.70 -1.95
CA VAL B 88 -18.40 4.46 -2.15
C VAL B 88 -17.87 4.30 -3.57
N ASN B 89 -17.97 3.09 -4.10
CA ASN B 89 -17.50 2.80 -5.44
C ASN B 89 -18.40 3.46 -6.49
N ALA B 90 -19.68 3.52 -6.20
CA ALA B 90 -20.64 4.13 -7.12
C ALA B 90 -20.51 5.64 -7.12
N GLU B 91 -20.13 6.21 -5.97
CA GLU B 91 -19.97 7.65 -5.83
C GLU B 91 -18.56 8.08 -6.20
N TYR B 92 -17.59 7.19 -5.96
CA TYR B 92 -16.20 7.48 -6.27
C TYR B 92 -16.01 7.80 -7.75
N GLU B 93 -16.65 7.01 -8.61
CA GLU B 93 -16.57 7.21 -10.05
C GLU B 93 -17.50 8.31 -10.51
N ARG B 94 -18.61 8.49 -9.80
CA ARG B 94 -19.59 9.52 -10.14
C ARG B 94 -18.98 10.91 -10.04
N PHE B 95 -18.07 11.09 -9.09
CA PHE B 95 -17.42 12.38 -8.89
C PHE B 95 -16.16 12.48 -9.76
N PHE B 96 -15.46 11.36 -9.89
CA PHE B 96 -14.23 11.31 -10.68
C PHE B 96 -14.48 11.82 -12.09
N LYS B 97 -15.47 11.22 -12.75
CA LYS B 97 -15.81 11.63 -14.11
C LYS B 97 -16.50 12.99 -14.10
N GLU B 98 -17.16 13.32 -12.98
CA GLU B 98 -17.84 14.59 -12.86
C GLU B 98 -16.84 15.72 -12.61
N ASN B 99 -15.61 15.34 -12.28
CA ASN B 99 -14.55 16.31 -12.04
C ASN B 99 -13.64 16.40 -13.26
N ASN B 100 -13.73 15.38 -14.12
CA ASN B 100 -12.93 15.28 -15.35
C ASN B 100 -11.80 14.27 -15.16
N HIS B 101 -12.08 13.21 -14.42
CA HIS B 101 -11.09 12.16 -14.15
C HIS B 101 -11.52 10.84 -14.77
N PRO B 102 -11.79 10.80 -16.08
CA PRO B 102 -12.21 9.58 -16.78
C PRO B 102 -11.04 8.64 -17.10
N ASN B 103 -9.84 9.02 -16.67
CA ASN B 103 -8.64 8.22 -16.92
C ASN B 103 -8.72 6.86 -16.22
N PHE B 104 -9.41 6.83 -15.09
CA PHE B 104 -9.56 5.62 -14.30
C PHE B 104 -8.25 5.25 -13.62
N PRO B 105 -8.17 5.40 -12.28
CA PRO B 105 -6.97 5.09 -11.52
C PRO B 105 -6.99 3.68 -10.93
N ALA B 106 -5.82 3.12 -10.71
CA ALA B 106 -5.71 1.78 -10.13
C ALA B 106 -6.56 1.69 -8.87
N ARG B 107 -6.85 0.47 -8.43
CA ARG B 107 -7.67 0.28 -7.24
C ARG B 107 -7.07 -0.77 -6.31
N SER B 108 -7.21 -0.54 -5.01
CA SER B 108 -6.69 -1.44 -4.00
C SER B 108 -7.53 -1.36 -2.73
N CYS B 109 -8.80 -1.76 -2.85
CA CYS B 109 -9.72 -1.72 -1.72
C CYS B 109 -9.85 -3.10 -1.08
N VAL B 110 -9.79 -3.13 0.24
CA VAL B 110 -9.90 -4.38 0.99
C VAL B 110 -10.70 -4.20 2.27
N GLU B 111 -11.54 -5.17 2.57
CA GLU B 111 -12.37 -5.13 3.77
C GLU B 111 -11.51 -5.27 5.02
N VAL B 112 -10.95 -4.15 5.48
CA VAL B 112 -10.09 -4.15 6.66
C VAL B 112 -10.90 -4.46 7.92
N ALA B 113 -10.20 -4.81 8.99
CA ALA B 113 -10.86 -5.13 10.25
C ALA B 113 -11.35 -3.87 10.95
N ARG B 114 -10.57 -2.80 10.86
CA ARG B 114 -10.93 -1.53 11.46
C ARG B 114 -10.14 -0.38 10.86
N LEU B 115 -10.35 0.83 11.37
CA LEU B 115 -9.65 2.01 10.87
C LEU B 115 -9.50 3.05 11.97
N PRO B 116 -8.51 3.95 11.85
CA PRO B 116 -8.27 5.00 12.84
C PRO B 116 -9.50 5.86 13.08
N LYS B 117 -9.76 6.18 14.34
CA LYS B 117 -10.92 7.00 14.70
C LYS B 117 -12.21 6.20 14.61
N ASP B 118 -12.09 4.88 14.52
CA ASP B 118 -13.25 4.00 14.43
C ASP B 118 -14.05 4.30 13.16
N VAL B 119 -13.45 5.00 12.22
CA VAL B 119 -14.11 5.35 10.97
C VAL B 119 -14.60 4.10 10.24
N GLY B 120 -15.31 4.30 9.14
CA GLY B 120 -15.82 3.18 8.37
C GLY B 120 -15.22 3.11 6.98
N LEU B 121 -14.16 3.87 6.74
CA LEU B 121 -13.51 3.88 5.44
C LEU B 121 -12.27 4.77 5.44
N GLU B 122 -11.29 4.38 4.63
CA GLU B 122 -10.04 5.15 4.52
C GLU B 122 -9.77 5.49 3.07
N ILE B 123 -8.92 6.48 2.82
CA ILE B 123 -8.61 6.89 1.45
C ILE B 123 -7.14 7.30 1.30
N GLU B 124 -6.50 6.72 0.30
CA GLU B 124 -5.09 7.01 0.01
C GLU B 124 -4.79 6.68 -1.45
N ALA B 125 -4.56 7.71 -2.26
CA ALA B 125 -4.29 7.52 -3.67
C ALA B 125 -3.01 8.23 -4.11
N ILE B 126 -2.63 8.01 -5.37
CA ILE B 126 -1.43 8.61 -5.93
C ILE B 126 -1.77 9.37 -7.21
N ALA B 127 -0.94 10.34 -7.56
CA ALA B 127 -1.17 11.12 -8.77
C ALA B 127 0.14 11.54 -9.43
N VAL B 128 0.11 11.71 -10.75
CA VAL B 128 1.28 12.11 -11.51
C VAL B 128 0.91 12.95 -12.71
N ARG B 129 1.87 13.70 -13.21
CA ARG B 129 1.66 14.57 -14.37
C ARG B 129 2.94 14.69 -15.20
N LYS B 130 3.43 13.55 -15.67
CA LYS B 130 4.65 13.53 -16.49
C LYS B 130 4.35 13.04 -17.90
N MET C 1 -2.58 11.48 -22.79
CA MET C 1 -1.91 10.31 -23.41
C MET C 1 -0.75 9.81 -22.55
N MET C 2 -0.43 8.53 -22.68
CA MET C 2 0.65 7.93 -21.91
C MET C 2 0.37 8.02 -20.41
N THR C 3 1.34 7.60 -19.61
CA THR C 3 1.21 7.62 -18.15
C THR C 3 0.08 6.70 -17.70
N GLN C 4 0.39 5.84 -16.74
CA GLN C 4 -0.58 4.89 -16.20
C GLN C 4 -1.42 4.24 -17.30
N ILE C 5 -2.52 3.60 -16.92
CA ILE C 5 -3.41 2.93 -17.86
C ILE C 5 -2.75 1.70 -18.48
N ILE C 6 -3.32 0.53 -18.21
CA ILE C 6 -2.80 -0.72 -18.75
C ILE C 6 -3.95 -1.67 -19.11
N HIS C 7 -4.40 -1.58 -20.37
CA HIS C 7 -5.49 -2.44 -20.84
C HIS C 7 -4.95 -3.60 -21.67
N THR C 8 -5.38 -4.81 -21.33
CA THR C 8 -4.95 -6.00 -22.04
C THR C 8 -6.07 -7.03 -22.12
N GLU C 9 -6.03 -7.87 -23.14
CA GLU C 9 -7.05 -8.90 -23.33
C GLU C 9 -6.55 -10.26 -22.84
N LYS C 10 -5.68 -10.23 -21.82
CA LYS C 10 -5.13 -11.45 -21.27
C LYS C 10 -5.53 -11.62 -19.80
N ALA C 11 -5.57 -10.50 -19.08
CA ALA C 11 -5.94 -10.52 -17.67
C ALA C 11 -7.40 -10.12 -17.48
N PRO C 12 -8.21 -10.99 -16.84
CA PRO C 12 -9.63 -10.72 -16.60
C PRO C 12 -9.85 -9.66 -15.50
N ALA C 13 -8.77 -9.11 -14.99
CA ALA C 13 -8.84 -8.10 -13.93
C ALA C 13 -9.81 -6.98 -14.29
N ALA C 14 -9.93 -6.00 -13.40
CA ALA C 14 -10.82 -4.87 -13.60
C ALA C 14 -12.28 -5.32 -13.64
N ILE C 15 -13.06 -4.82 -12.69
CA ILE C 15 -14.47 -5.16 -12.61
C ILE C 15 -15.30 -4.00 -12.08
N GLY C 16 -14.73 -2.80 -12.14
CA GLY C 16 -15.42 -1.62 -11.67
C GLY C 16 -15.03 -0.36 -12.43
N PRO C 17 -15.06 0.81 -11.77
CA PRO C 17 -14.70 2.07 -12.41
C PRO C 17 -13.20 2.38 -12.35
N TYR C 18 -12.38 1.33 -12.43
CA TYR C 18 -10.93 1.50 -12.39
C TYR C 18 -10.27 0.76 -13.54
N VAL C 19 -9.01 1.08 -13.80
CA VAL C 19 -8.26 0.44 -14.87
C VAL C 19 -7.51 -0.78 -14.35
N GLN C 20 -7.35 -1.79 -15.21
CA GLN C 20 -6.66 -3.02 -14.84
C GLN C 20 -5.35 -2.74 -14.11
N ALA C 21 -4.55 -1.84 -14.69
CA ALA C 21 -3.27 -1.47 -14.11
C ALA C 21 -2.83 -0.10 -14.61
N VAL C 22 -1.63 0.32 -14.22
CA VAL C 22 -1.11 1.61 -14.64
C VAL C 22 0.35 1.53 -15.08
N ASP C 23 0.63 2.06 -16.26
CA ASP C 23 1.98 2.07 -16.81
C ASP C 23 2.52 3.49 -16.89
N LEU C 24 3.41 3.84 -15.97
CA LEU C 24 4.01 5.17 -15.94
C LEU C 24 5.20 5.25 -16.89
N GLY C 25 5.74 4.10 -17.27
CA GLY C 25 6.88 4.06 -18.16
C GLY C 25 8.01 3.19 -17.61
N ASN C 26 9.08 3.83 -17.19
CA ASN C 26 10.21 3.11 -16.62
C ASN C 26 9.76 2.27 -15.44
N LEU C 27 8.73 2.74 -14.76
CA LEU C 27 8.17 2.05 -13.60
C LEU C 27 6.70 1.74 -13.83
N VAL C 28 6.32 0.47 -13.65
CA VAL C 28 4.94 0.04 -13.83
C VAL C 28 4.26 -0.23 -12.48
N LEU C 29 2.99 -0.61 -12.54
CA LEU C 29 2.23 -0.89 -11.33
C LEU C 29 1.01 -1.77 -11.65
N THR C 30 0.65 -2.63 -10.70
CA THR C 30 -0.50 -3.52 -10.88
C THR C 30 -1.54 -3.28 -9.80
N SER C 31 -2.81 -3.36 -10.18
CA SER C 31 -3.91 -3.16 -9.24
C SER C 31 -4.15 -4.40 -8.39
N GLY C 32 -4.91 -4.25 -7.32
CA GLY C 32 -5.21 -5.37 -6.45
C GLY C 32 -6.10 -6.39 -7.12
N GLN C 33 -5.53 -7.15 -8.05
CA GLN C 33 -6.28 -8.16 -8.78
C GLN C 33 -6.74 -9.28 -7.87
N ILE C 34 -7.68 -10.09 -8.35
CA ILE C 34 -8.22 -11.21 -7.60
C ILE C 34 -8.41 -12.41 -8.50
N PRO C 35 -8.47 -13.62 -7.92
CA PRO C 35 -8.65 -14.86 -8.68
C PRO C 35 -9.68 -14.70 -9.80
N VAL C 36 -10.81 -14.08 -9.45
CA VAL C 36 -11.87 -13.82 -10.41
C VAL C 36 -12.17 -15.03 -11.30
N ASN C 37 -11.86 -16.22 -10.80
CA ASN C 37 -12.08 -17.45 -11.55
C ASN C 37 -11.38 -17.43 -12.90
N PRO C 38 -11.15 -18.61 -13.50
CA PRO C 38 -10.49 -18.71 -14.81
C PRO C 38 -11.45 -18.38 -15.95
N ALA C 39 -12.74 -18.58 -15.71
CA ALA C 39 -13.76 -18.31 -16.71
C ALA C 39 -15.12 -18.08 -16.07
N THR C 40 -15.13 -17.78 -14.78
CA THR C 40 -16.37 -17.54 -14.05
C THR C 40 -16.47 -16.08 -13.64
N GLY C 41 -15.32 -15.44 -13.45
CA GLY C 41 -15.31 -14.04 -13.05
C GLY C 41 -15.74 -13.83 -11.61
N GLU C 42 -15.22 -14.66 -10.71
CA GLU C 42 -15.56 -14.55 -9.29
C GLU C 42 -14.38 -14.92 -8.42
N VAL C 43 -14.13 -16.22 -8.29
CA VAL C 43 -13.02 -16.73 -7.49
C VAL C 43 -13.08 -18.26 -7.36
N PRO C 44 -11.98 -18.97 -7.66
CA PRO C 44 -11.94 -20.43 -7.58
C PRO C 44 -11.80 -20.91 -6.13
N ALA C 45 -12.29 -22.12 -5.87
CA ALA C 45 -12.21 -22.69 -4.53
C ALA C 45 -10.81 -23.21 -4.24
N ASP C 46 -10.12 -23.65 -5.29
CA ASP C 46 -8.78 -24.16 -5.17
C ASP C 46 -7.80 -23.05 -4.81
N ILE C 47 -7.55 -22.91 -3.52
CA ILE C 47 -6.63 -21.91 -3.00
C ILE C 47 -5.39 -21.78 -3.88
N VAL C 48 -4.97 -22.88 -4.47
CA VAL C 48 -3.80 -22.89 -5.35
C VAL C 48 -4.17 -22.38 -6.74
N ALA C 49 -5.28 -22.90 -7.27
CA ALA C 49 -5.74 -22.50 -8.58
C ALA C 49 -6.06 -21.01 -8.62
N GLN C 50 -6.59 -20.50 -7.50
CA GLN C 50 -6.93 -19.09 -7.39
C GLN C 50 -5.68 -18.26 -7.16
N ALA C 51 -4.67 -18.86 -6.54
CA ALA C 51 -3.42 -18.17 -6.25
C ALA C 51 -2.48 -18.21 -7.45
N ARG C 52 -2.56 -19.29 -8.23
CA ARG C 52 -1.71 -19.46 -9.40
C ARG C 52 -2.25 -18.66 -10.59
N GLN C 53 -3.57 -18.65 -10.74
CA GLN C 53 -4.20 -17.92 -11.84
C GLN C 53 -4.11 -16.42 -11.62
N SER C 54 -4.10 -16.00 -10.36
CA SER C 54 -4.01 -14.60 -10.02
C SER C 54 -2.63 -14.05 -10.34
N LEU C 55 -1.62 -14.91 -10.24
CA LEU C 55 -0.24 -14.51 -10.52
C LEU C 55 -0.01 -14.36 -12.02
N GLU C 56 -0.68 -15.20 -12.81
CA GLU C 56 -0.56 -15.15 -14.26
C GLU C 56 -1.15 -13.87 -14.82
N ASN C 57 -2.37 -13.56 -14.40
CA ASN C 57 -3.06 -12.36 -14.87
C ASN C 57 -2.24 -11.10 -14.57
N VAL C 58 -1.77 -11.00 -13.34
CA VAL C 58 -0.98 -9.84 -12.93
C VAL C 58 0.29 -9.71 -13.78
N LYS C 59 0.79 -10.86 -14.25
CA LYS C 59 1.99 -10.86 -15.08
C LYS C 59 1.67 -10.48 -16.52
N ALA C 60 0.54 -10.96 -17.02
CA ALA C 60 0.12 -10.65 -18.38
C ALA C 60 -0.11 -9.16 -18.57
N ILE C 61 -0.62 -8.51 -17.54
CA ILE C 61 -0.88 -7.08 -17.59
C ILE C 61 0.42 -6.29 -17.59
N ILE C 62 1.27 -6.59 -16.62
CA ILE C 62 2.56 -5.91 -16.51
C ILE C 62 3.46 -6.23 -17.70
N GLU C 63 3.19 -7.35 -18.37
CA GLU C 63 3.97 -7.74 -19.54
C GLU C 63 3.46 -7.02 -20.78
N LYS C 64 2.15 -6.86 -20.86
CA LYS C 64 1.53 -6.17 -22.00
C LYS C 64 1.76 -4.66 -21.90
N ALA C 65 2.24 -4.20 -20.74
CA ALA C 65 2.51 -2.79 -20.53
C ALA C 65 3.84 -2.41 -21.14
N GLY C 66 4.77 -3.37 -21.17
CA GLY C 66 6.08 -3.13 -21.75
C GLY C 66 7.21 -3.47 -20.80
N LEU C 67 6.98 -4.43 -19.91
CA LEU C 67 8.00 -4.85 -18.96
C LEU C 67 7.88 -6.34 -18.65
N THR C 68 8.57 -6.78 -17.62
CA THR C 68 8.54 -8.19 -17.22
C THR C 68 8.44 -8.32 -15.70
N ALA C 69 7.87 -9.43 -15.25
CA ALA C 69 7.72 -9.68 -13.82
C ALA C 69 9.06 -9.63 -13.11
N ALA C 70 10.09 -10.16 -13.76
CA ALA C 70 11.44 -10.16 -13.20
C ALA C 70 11.85 -8.77 -12.73
N ASP C 71 11.31 -7.75 -13.40
CA ASP C 71 11.61 -6.37 -13.06
C ASP C 71 10.89 -5.95 -11.78
N ILE C 72 9.81 -6.65 -11.45
CA ILE C 72 9.03 -6.36 -10.25
C ILE C 72 9.93 -6.20 -9.03
N VAL C 73 9.97 -4.99 -8.49
CA VAL C 73 10.81 -4.69 -7.33
C VAL C 73 10.06 -4.95 -6.01
N LYS C 74 8.75 -4.74 -6.03
CA LYS C 74 7.93 -4.95 -4.84
C LYS C 74 6.66 -5.73 -5.17
N THR C 75 6.03 -6.28 -4.14
CA THR C 75 4.80 -7.06 -4.32
C THR C 75 3.99 -7.12 -3.04
N THR C 76 2.68 -7.00 -3.17
CA THR C 76 1.77 -7.07 -2.03
C THR C 76 0.73 -8.16 -2.24
N VAL C 77 0.30 -8.79 -1.15
CA VAL C 77 -0.69 -9.86 -1.25
C VAL C 77 -1.57 -9.94 0.00
N PHE C 78 -2.83 -9.55 -0.16
CA PHE C 78 -3.79 -9.58 0.94
C PHE C 78 -4.48 -10.94 1.01
N VAL C 79 -4.15 -11.70 2.05
CA VAL C 79 -4.74 -13.02 2.23
C VAL C 79 -5.85 -13.01 3.27
N LYS C 80 -6.87 -13.83 3.04
CA LYS C 80 -8.00 -13.92 3.97
C LYS C 80 -7.67 -14.91 5.08
N ASP C 81 -6.50 -15.51 5.00
CA ASP C 81 -6.06 -16.48 6.00
C ASP C 81 -4.57 -16.77 5.84
N LEU C 82 -3.83 -16.63 6.93
CA LEU C 82 -2.38 -16.88 6.92
C LEU C 82 -2.09 -18.35 6.66
N ASN C 83 -3.11 -19.19 6.74
CA ASN C 83 -2.95 -20.62 6.50
C ASN C 83 -2.89 -20.92 5.00
N ASP C 84 -3.42 -19.98 4.20
CA ASP C 84 -3.43 -20.15 2.75
C ASP C 84 -2.16 -19.58 2.13
N PHE C 85 -1.57 -18.59 2.80
CA PHE C 85 -0.35 -17.95 2.32
C PHE C 85 0.76 -18.97 2.12
N ALA C 86 0.73 -20.04 2.92
CA ALA C 86 1.74 -21.08 2.84
C ALA C 86 1.80 -21.69 1.44
N ALA C 87 0.65 -21.73 0.77
CA ALA C 87 0.58 -22.29 -0.58
C ALA C 87 0.89 -21.23 -1.64
N VAL C 88 0.46 -19.99 -1.36
CA VAL C 88 0.69 -18.88 -2.28
C VAL C 88 2.15 -18.45 -2.26
N ASN C 89 2.74 -18.43 -1.08
CA ASN C 89 4.13 -18.03 -0.92
C ASN C 89 5.07 -19.06 -1.54
N ALA C 90 4.71 -20.33 -1.42
CA ALA C 90 5.51 -21.41 -1.96
C ALA C 90 5.42 -21.46 -3.48
N GLU C 91 4.27 -21.08 -4.01
CA GLU C 91 4.06 -21.08 -5.46
C GLU C 91 4.48 -19.75 -6.08
N TYR C 92 4.36 -18.68 -5.30
CA TYR C 92 4.73 -17.35 -5.77
C TYR C 92 6.20 -17.31 -6.20
N GLU C 93 7.06 -17.91 -5.39
CA GLU C 93 8.49 -17.94 -5.68
C GLU C 93 8.83 -19.03 -6.68
N ARG C 94 8.04 -20.10 -6.68
CA ARG C 94 8.25 -21.21 -7.60
C ARG C 94 8.10 -20.77 -9.04
N PHE C 95 7.20 -19.82 -9.28
CA PHE C 95 6.95 -19.32 -10.63
C PHE C 95 7.88 -18.14 -10.93
N PHE C 96 8.14 -17.32 -9.92
CA PHE C 96 9.00 -16.16 -10.07
C PHE C 96 10.36 -16.57 -10.61
N LYS C 97 10.99 -17.52 -9.94
CA LYS C 97 12.29 -18.00 -10.37
C LYS C 97 12.16 -18.85 -11.63
N GLU C 98 11.00 -19.46 -11.82
CA GLU C 98 10.74 -20.27 -12.99
C GLU C 98 10.48 -19.40 -14.21
N ASN C 99 10.25 -18.11 -13.97
CA ASN C 99 10.02 -17.16 -15.05
C ASN C 99 11.27 -16.36 -15.32
N ASN C 100 12.20 -16.38 -14.35
CA ASN C 100 13.48 -15.66 -14.41
C ASN C 100 13.43 -14.41 -13.54
N HIS C 101 12.74 -14.51 -12.42
CA HIS C 101 12.60 -13.39 -11.49
C HIS C 101 13.28 -13.69 -10.15
N PRO C 102 14.57 -14.04 -10.16
CA PRO C 102 15.31 -14.36 -8.93
C PRO C 102 15.77 -13.11 -8.17
N ASN C 103 15.39 -11.94 -8.67
CA ASN C 103 15.76 -10.67 -8.03
C ASN C 103 15.14 -10.54 -6.65
N PHE C 104 13.98 -11.15 -6.46
CA PHE C 104 13.26 -11.10 -5.20
C PHE C 104 12.69 -9.70 -4.96
N PRO C 105 11.36 -9.56 -5.02
CA PRO C 105 10.69 -8.28 -4.83
C PRO C 105 10.19 -8.10 -3.41
N ALA C 106 10.07 -6.85 -2.98
CA ALA C 106 9.59 -6.54 -1.63
C ALA C 106 8.29 -7.29 -1.36
N ARG C 107 7.91 -7.40 -0.09
CA ARG C 107 6.69 -8.11 0.26
C ARG C 107 5.87 -7.33 1.28
N SER C 108 4.54 -7.40 1.13
CA SER C 108 3.63 -6.71 2.03
C SER C 108 2.31 -7.47 2.14
N CYS C 109 2.39 -8.69 2.66
CA CYS C 109 1.21 -9.53 2.81
C CYS C 109 0.64 -9.45 4.22
N VAL C 110 -0.67 -9.30 4.33
CA VAL C 110 -1.33 -9.21 5.62
C VAL C 110 -2.67 -9.93 5.61
N GLU C 111 -2.97 -10.64 6.70
CA GLU C 111 -4.22 -11.37 6.81
C GLU C 111 -5.40 -10.42 6.93
N VAL C 112 -5.89 -9.95 5.78
CA VAL C 112 -7.01 -9.03 5.74
C VAL C 112 -8.30 -9.71 6.22
N ALA C 113 -9.30 -8.89 6.54
CA ALA C 113 -10.57 -9.41 7.01
C ALA C 113 -11.38 -10.00 5.86
N ARG C 114 -11.30 -9.36 4.71
CA ARG C 114 -12.03 -9.83 3.52
C ARG C 114 -11.44 -9.21 2.26
N LEU C 115 -12.05 -9.53 1.11
CA LEU C 115 -11.59 -9.00 -0.16
C LEU C 115 -12.74 -8.90 -1.15
N PRO C 116 -12.61 -8.03 -2.17
CA PRO C 116 -13.65 -7.84 -3.19
C PRO C 116 -14.02 -9.15 -3.88
N LYS C 117 -15.31 -9.36 -4.09
CA LYS C 117 -15.81 -10.57 -4.74
C LYS C 117 -15.75 -11.76 -3.80
N ASP C 118 -15.56 -11.49 -2.51
CA ASP C 118 -15.48 -12.54 -1.51
C ASP C 118 -14.29 -13.47 -1.78
N VAL C 119 -13.36 -13.01 -2.61
CA VAL C 119 -12.18 -13.80 -2.94
C VAL C 119 -11.41 -14.19 -1.69
N GLY C 120 -10.36 -15.00 -1.86
CA GLY C 120 -9.56 -15.43 -0.73
C GLY C 120 -8.13 -14.93 -0.81
N LEU C 121 -7.88 -13.98 -1.71
CA LEU C 121 -6.53 -13.42 -1.86
C LEU C 121 -6.52 -12.31 -2.89
N GLU C 122 -5.63 -11.34 -2.69
CA GLU C 122 -5.49 -10.21 -3.60
C GLU C 122 -4.04 -10.09 -4.05
N ILE C 123 -3.81 -9.38 -5.17
CA ILE C 123 -2.46 -9.21 -5.68
C ILE C 123 -2.24 -7.83 -6.28
N GLU C 124 -1.16 -7.18 -5.84
CA GLU C 124 -0.80 -5.86 -6.32
C GLU C 124 0.69 -5.61 -6.11
N ALA C 125 1.44 -5.58 -7.21
CA ALA C 125 2.89 -5.37 -7.13
C ALA C 125 3.35 -4.23 -8.01
N ILE C 126 4.64 -3.91 -7.92
CA ILE C 126 5.23 -2.84 -8.70
C ILE C 126 6.45 -3.36 -9.47
N ALA C 127 6.79 -2.67 -10.56
CA ALA C 127 7.93 -3.09 -11.38
C ALA C 127 8.64 -1.89 -11.99
N VAL C 128 9.94 -2.04 -12.23
CA VAL C 128 10.73 -0.96 -12.82
C VAL C 128 11.86 -1.52 -13.68
N ARG C 129 12.37 -0.69 -14.57
CA ARG C 129 13.46 -1.09 -15.46
C ARG C 129 14.35 0.10 -15.78
N LYS C 130 14.94 0.69 -14.74
CA LYS C 130 15.81 1.84 -14.92
C LYS C 130 17.24 1.51 -14.48
N MET A 1 21.74 2.44 -14.85
CA MET A 1 22.28 1.53 -13.80
C MET A 1 21.77 1.95 -12.41
N MET A 2 20.60 1.44 -12.04
CA MET A 2 20.02 1.76 -10.74
C MET A 2 19.08 0.65 -10.28
N THR A 3 18.37 0.90 -9.19
CA THR A 3 17.44 -0.08 -8.65
C THR A 3 18.17 -1.35 -8.24
N GLN A 4 18.19 -1.63 -6.93
CA GLN A 4 18.86 -2.82 -6.42
C GLN A 4 18.36 -3.14 -5.01
N ILE A 5 18.04 -4.42 -4.78
CA ILE A 5 17.56 -4.86 -3.47
C ILE A 5 18.54 -4.49 -2.36
N ILE A 6 18.02 -4.31 -1.16
CA ILE A 6 18.85 -3.96 -0.01
C ILE A 6 19.07 -5.17 0.89
N HIS A 7 20.29 -5.30 1.40
CA HIS A 7 20.64 -6.41 2.27
C HIS A 7 21.63 -5.97 3.35
N THR A 8 21.19 -6.05 4.61
CA THR A 8 22.03 -5.66 5.74
C THR A 8 21.98 -6.71 6.84
N GLU A 9 22.91 -6.62 7.78
CA GLU A 9 22.97 -7.56 8.89
C GLU A 9 22.26 -7.00 10.13
N LYS A 10 21.30 -6.11 9.91
CA LYS A 10 20.55 -5.51 11.00
C LYS A 10 19.05 -5.78 10.86
N ALA A 11 18.57 -5.77 9.62
CA ALA A 11 17.17 -6.02 9.34
C ALA A 11 16.80 -7.47 9.66
N PRO A 12 15.49 -7.80 9.62
CA PRO A 12 15.01 -9.16 9.90
C PRO A 12 15.61 -10.22 8.98
N ALA A 13 16.19 -9.77 7.87
CA ALA A 13 16.80 -10.67 6.91
C ALA A 13 15.75 -11.37 6.04
N ALA A 14 16.14 -11.72 4.83
CA ALA A 14 15.24 -12.39 3.89
C ALA A 14 15.57 -13.87 3.79
N ILE A 15 14.61 -14.71 4.11
CA ILE A 15 14.79 -16.15 4.05
C ILE A 15 13.60 -16.82 3.35
N GLY A 16 12.80 -16.02 2.67
CA GLY A 16 11.65 -16.53 1.96
C GLY A 16 11.45 -15.87 0.62
N PRO A 17 10.21 -15.68 0.17
CA PRO A 17 9.91 -15.04 -1.11
C PRO A 17 9.82 -13.52 -1.01
N TYR A 18 10.77 -12.91 -0.31
CA TYR A 18 10.78 -11.46 -0.16
C TYR A 18 12.15 -10.97 0.33
N VAL A 19 12.46 -9.72 0.01
CA VAL A 19 13.74 -9.13 0.40
C VAL A 19 13.54 -8.05 1.45
N GLN A 20 14.65 -7.61 2.05
CA GLN A 20 14.60 -6.56 3.06
C GLN A 20 13.97 -5.30 2.51
N ALA A 21 14.50 -4.82 1.39
CA ALA A 21 14.01 -3.62 0.75
C ALA A 21 14.64 -3.43 -0.62
N VAL A 22 14.30 -2.32 -1.28
CA VAL A 22 14.85 -2.02 -2.60
C VAL A 22 15.11 -0.53 -2.76
N ASP A 23 16.30 -0.21 -3.26
CA ASP A 23 16.69 1.19 -3.46
C ASP A 23 16.59 1.57 -4.94
N LEU A 24 15.56 2.32 -5.29
CA LEU A 24 15.35 2.74 -6.66
C LEU A 24 16.23 3.94 -7.02
N GLY A 25 16.76 4.61 -6.00
CA GLY A 25 17.60 5.77 -6.23
C GLY A 25 17.02 7.03 -5.63
N ASN A 26 16.46 7.88 -6.48
CA ASN A 26 15.84 9.12 -6.02
C ASN A 26 14.81 8.82 -4.92
N LEU A 27 14.22 7.64 -5.01
CA LEU A 27 13.22 7.21 -4.04
C LEU A 27 13.48 5.77 -3.60
N VAL A 28 13.29 5.50 -2.32
CA VAL A 28 13.50 4.16 -1.78
C VAL A 28 12.22 3.59 -1.17
N LEU A 29 12.17 2.28 -1.00
CA LEU A 29 11.00 1.63 -0.44
C LEU A 29 11.42 0.40 0.39
N THR A 30 10.96 0.36 1.63
CA THR A 30 11.27 -0.75 2.52
C THR A 30 10.07 -1.67 2.72
N SER A 31 10.31 -2.97 2.66
CA SER A 31 9.26 -3.97 2.82
C SER A 31 8.57 -3.82 4.17
N GLY A 32 7.58 -4.67 4.42
CA GLY A 32 6.87 -4.62 5.68
C GLY A 32 7.73 -5.06 6.85
N GLN A 33 8.33 -4.11 7.54
CA GLN A 33 9.19 -4.42 8.67
C GLN A 33 8.42 -5.10 9.79
N ILE A 34 9.03 -6.12 10.39
CA ILE A 34 8.40 -6.87 11.46
C ILE A 34 9.45 -7.33 12.47
N PRO A 35 9.01 -7.87 13.62
CA PRO A 35 9.91 -8.35 14.68
C PRO A 35 10.93 -9.38 14.16
N VAL A 36 11.14 -10.44 14.91
CA VAL A 36 12.11 -11.47 14.52
C VAL A 36 13.53 -10.96 14.73
N ASN A 37 13.93 -10.89 15.99
CA ASN A 37 15.26 -10.42 16.37
C ASN A 37 16.32 -10.83 15.36
N PRO A 38 16.95 -9.84 14.68
CA PRO A 38 17.99 -10.11 13.69
C PRO A 38 19.14 -10.93 14.27
N ALA A 39 19.19 -11.04 15.59
CA ALA A 39 20.24 -11.78 16.26
C ALA A 39 19.89 -13.26 16.33
N THR A 40 18.59 -13.58 16.32
CA THR A 40 18.15 -14.97 16.40
C THR A 40 16.72 -15.14 15.93
N GLY A 41 15.89 -14.13 16.18
CA GLY A 41 14.49 -14.20 15.79
C GLY A 41 13.61 -14.65 16.93
N GLU A 42 13.52 -13.82 17.96
CA GLU A 42 12.70 -14.13 19.13
C GLU A 42 11.24 -13.79 18.90
N VAL A 43 10.98 -12.55 18.49
CA VAL A 43 9.63 -12.09 18.24
C VAL A 43 8.83 -11.98 19.54
N PRO A 44 9.14 -10.98 20.37
CA PRO A 44 8.45 -10.77 21.66
C PRO A 44 6.97 -10.48 21.48
N ALA A 45 6.15 -11.03 22.36
CA ALA A 45 4.70 -10.83 22.30
C ALA A 45 4.35 -9.40 22.70
N ASP A 46 5.15 -8.84 23.60
CA ASP A 46 4.93 -7.47 24.07
C ASP A 46 4.88 -6.50 22.91
N ILE A 47 3.66 -6.24 22.45
CA ILE A 47 3.42 -5.33 21.34
C ILE A 47 4.34 -4.11 21.41
N VAL A 48 4.66 -3.67 22.63
CA VAL A 48 5.53 -2.52 22.83
C VAL A 48 6.98 -2.90 22.56
N ALA A 49 7.41 -4.01 23.13
CA ALA A 49 8.78 -4.50 22.95
C ALA A 49 9.04 -4.79 21.47
N GLN A 50 8.20 -5.63 20.88
CA GLN A 50 8.34 -5.98 19.47
C GLN A 50 8.21 -4.74 18.60
N ALA A 51 7.49 -3.73 19.10
CA ALA A 51 7.30 -2.49 18.37
C ALA A 51 8.58 -1.67 18.33
N ARG A 52 9.25 -1.58 19.47
CA ARG A 52 10.50 -0.83 19.56
C ARG A 52 11.57 -1.47 18.68
N GLN A 53 11.76 -2.77 18.83
CA GLN A 53 12.75 -3.50 18.04
C GLN A 53 12.38 -3.44 16.56
N SER A 54 11.08 -3.39 16.29
CA SER A 54 10.59 -3.34 14.92
C SER A 54 10.95 -2.01 14.28
N LEU A 55 10.72 -0.92 15.01
CA LEU A 55 11.02 0.42 14.52
C LEU A 55 12.52 0.60 14.33
N GLU A 56 13.30 -0.15 15.09
CA GLU A 56 14.75 -0.07 15.00
C GLU A 56 15.27 -0.63 13.68
N ASN A 57 14.95 -1.89 13.41
CA ASN A 57 15.38 -2.54 12.18
C ASN A 57 14.94 -1.73 10.95
N VAL A 58 13.83 -1.03 11.08
CA VAL A 58 13.31 -0.20 9.99
C VAL A 58 14.32 0.89 9.64
N LYS A 59 15.00 1.40 10.66
CA LYS A 59 15.99 2.45 10.47
C LYS A 59 17.31 1.87 9.98
N ALA A 60 17.61 0.65 10.41
CA ALA A 60 18.84 -0.01 10.02
C ALA A 60 18.89 -0.24 8.51
N ILE A 61 17.76 -0.57 7.93
CA ILE A 61 17.66 -0.79 6.49
C ILE A 61 17.80 0.52 5.73
N ILE A 62 17.08 1.53 6.19
CA ILE A 62 17.13 2.84 5.55
C ILE A 62 18.48 3.51 5.80
N GLU A 63 19.07 3.23 6.96
CA GLU A 63 20.37 3.80 7.29
C GLU A 63 21.46 3.09 6.52
N LYS A 64 21.31 1.78 6.37
CA LYS A 64 22.29 0.99 5.63
C LYS A 64 22.37 1.48 4.19
N ALA A 65 21.29 2.10 3.72
CA ALA A 65 21.25 2.62 2.36
C ALA A 65 21.74 4.06 2.30
N GLY A 66 21.68 4.74 3.44
CA GLY A 66 22.12 6.12 3.51
C GLY A 66 20.97 7.10 3.45
N LEU A 67 20.11 7.08 4.46
CA LEU A 67 18.95 7.96 4.51
C LEU A 67 18.44 8.12 5.94
N THR A 68 18.07 9.34 6.30
CA THR A 68 17.56 9.62 7.64
C THR A 68 16.03 9.60 7.65
N ALA A 69 15.46 9.13 8.75
CA ALA A 69 14.00 9.05 8.90
C ALA A 69 13.32 10.34 8.44
N ALA A 70 14.02 11.46 8.63
CA ALA A 70 13.48 12.77 8.24
C ALA A 70 13.19 12.83 6.75
N ASP A 71 13.78 11.90 5.98
CA ASP A 71 13.56 11.85 4.54
C ASP A 71 12.35 10.99 4.21
N ILE A 72 11.97 10.10 5.13
CA ILE A 72 10.83 9.21 4.93
C ILE A 72 9.56 10.02 4.72
N VAL A 73 9.05 10.00 3.48
CA VAL A 73 7.84 10.74 3.14
C VAL A 73 6.58 9.98 3.55
N LYS A 74 6.60 8.65 3.41
CA LYS A 74 5.44 7.84 3.76
C LYS A 74 5.84 6.67 4.66
N THR A 75 4.84 5.91 5.12
CA THR A 75 5.09 4.76 5.99
C THR A 75 3.79 4.09 6.42
N THR A 76 3.55 2.89 5.91
CA THR A 76 2.34 2.14 6.26
C THR A 76 2.40 1.67 7.70
N VAL A 77 1.33 1.93 8.45
CA VAL A 77 1.30 1.53 9.86
C VAL A 77 0.22 0.49 10.13
N PHE A 78 0.59 -0.79 10.04
CA PHE A 78 -0.33 -1.88 10.31
C PHE A 78 -0.27 -2.28 11.78
N VAL A 79 -1.41 -2.64 12.35
CA VAL A 79 -1.47 -3.04 13.75
C VAL A 79 -2.39 -4.24 13.96
N LYS A 80 -2.08 -5.04 14.97
CA LYS A 80 -2.88 -6.19 15.30
C LYS A 80 -3.94 -5.82 16.32
N ASP A 81 -3.89 -4.57 16.78
CA ASP A 81 -4.83 -4.05 17.76
C ASP A 81 -4.70 -2.54 17.87
N LEU A 82 -5.69 -1.81 17.37
CA LEU A 82 -5.68 -0.35 17.43
C LEU A 82 -5.58 0.15 18.87
N ASN A 83 -5.89 -0.73 19.83
CA ASN A 83 -5.82 -0.37 21.23
C ASN A 83 -4.37 -0.27 21.69
N ASP A 84 -3.49 -0.99 20.98
CA ASP A 84 -2.08 -0.97 21.31
C ASP A 84 -1.40 0.30 20.79
N PHE A 85 -2.09 1.00 19.88
CA PHE A 85 -1.58 2.23 19.30
C PHE A 85 -1.20 3.24 20.38
N ALA A 86 -1.80 3.10 21.56
CA ALA A 86 -1.53 4.01 22.67
C ALA A 86 -0.05 4.01 23.03
N ALA A 87 0.53 2.82 23.13
CA ALA A 87 1.94 2.69 23.47
C ALA A 87 2.80 2.75 22.21
N VAL A 88 2.28 2.24 21.12
CA VAL A 88 3.00 2.23 19.86
C VAL A 88 3.11 3.64 19.30
N ASN A 89 1.99 4.34 19.25
CA ASN A 89 1.97 5.72 18.76
C ASN A 89 2.81 6.62 19.64
N ALA A 90 2.78 6.34 20.94
CA ALA A 90 3.55 7.13 21.91
C ALA A 90 5.04 7.06 21.60
N GLU A 91 5.51 5.87 21.26
CA GLU A 91 6.93 5.68 20.94
C GLU A 91 7.18 5.94 19.45
N TYR A 92 6.18 5.67 18.63
CA TYR A 92 6.26 5.87 17.20
C TYR A 92 6.58 7.33 16.88
N GLU A 93 5.81 8.24 17.47
CA GLU A 93 6.01 9.66 17.24
C GLU A 93 7.24 10.18 17.98
N ARG A 94 7.60 9.51 19.07
CA ARG A 94 8.76 9.91 19.86
C ARG A 94 10.08 9.59 19.16
N PHE A 95 10.05 8.60 18.27
CA PHE A 95 11.25 8.22 17.53
C PHE A 95 11.52 9.18 16.38
N PHE A 96 10.47 9.57 15.68
CA PHE A 96 10.61 10.49 14.55
C PHE A 96 11.29 11.78 14.99
N LYS A 97 10.79 12.38 16.06
CA LYS A 97 11.38 13.60 16.57
C LYS A 97 12.80 13.34 17.05
N GLU A 98 13.05 12.11 17.50
CA GLU A 98 14.38 11.72 17.95
C GLU A 98 15.24 11.30 16.78
N ASN A 99 14.65 11.28 15.58
CA ASN A 99 15.37 10.90 14.36
C ASN A 99 15.56 12.12 13.46
N ASN A 100 14.94 13.23 13.85
CA ASN A 100 15.00 14.49 13.10
C ASN A 100 13.88 14.56 12.06
N HIS A 101 12.75 13.94 12.37
CA HIS A 101 11.60 13.95 11.48
C HIS A 101 10.34 14.41 12.23
N PRO A 102 10.26 15.70 12.54
CA PRO A 102 9.11 16.27 13.24
C PRO A 102 7.92 16.48 12.32
N ASN A 103 8.15 16.36 11.01
CA ASN A 103 7.09 16.51 10.02
C ASN A 103 6.24 15.25 9.95
N PHE A 104 6.88 14.11 10.12
CA PHE A 104 6.21 12.81 10.07
C PHE A 104 5.77 12.45 8.66
N PRO A 105 5.85 11.15 8.30
CA PRO A 105 5.45 10.67 6.97
C PRO A 105 3.95 10.45 6.88
N ALA A 106 3.45 10.30 5.65
CA ALA A 106 2.03 10.07 5.43
C ALA A 106 1.80 8.68 4.82
N ARG A 107 0.76 8.00 5.30
CA ARG A 107 0.44 6.67 4.81
C ARG A 107 -0.91 6.20 5.32
N SER A 108 -1.17 4.91 5.22
CA SER A 108 -2.43 4.34 5.67
C SER A 108 -2.25 3.46 6.89
N CYS A 109 -2.70 3.96 8.04
CA CYS A 109 -2.61 3.21 9.29
C CYS A 109 -3.92 2.47 9.54
N VAL A 110 -3.82 1.17 9.82
CA VAL A 110 -5.01 0.37 10.06
C VAL A 110 -4.68 -0.88 10.87
N GLU A 111 -5.72 -1.52 11.39
CA GLU A 111 -5.55 -2.74 12.17
C GLU A 111 -5.85 -3.97 11.33
N VAL A 112 -4.79 -4.66 10.89
CA VAL A 112 -4.94 -5.85 10.07
C VAL A 112 -5.42 -7.03 10.91
N ALA A 113 -5.92 -8.07 10.23
CA ALA A 113 -6.42 -9.26 10.91
C ALA A 113 -5.28 -10.16 11.33
N ARG A 114 -4.33 -10.40 10.42
CA ARG A 114 -3.19 -11.24 10.71
C ARG A 114 -1.92 -10.67 10.08
N LEU A 115 -0.77 -11.22 10.47
CA LEU A 115 0.51 -10.76 9.94
C LEU A 115 1.48 -11.92 9.77
N PRO A 116 2.53 -11.73 8.97
CA PRO A 116 3.55 -12.76 8.73
C PRO A 116 4.23 -13.21 10.01
N LYS A 117 4.40 -14.52 10.16
CA LYS A 117 5.04 -15.08 11.35
C LYS A 117 4.17 -14.92 12.58
N ASP A 118 2.89 -14.67 12.36
CA ASP A 118 1.94 -14.47 13.45
C ASP A 118 2.33 -13.26 14.29
N VAL A 119 3.17 -12.40 13.74
CA VAL A 119 3.61 -11.20 14.44
C VAL A 119 2.42 -10.37 14.90
N GLY A 120 2.69 -9.33 15.68
CA GLY A 120 1.62 -8.48 16.18
C GLY A 120 1.71 -7.06 15.64
N LEU A 121 2.52 -6.85 14.60
CA LEU A 121 2.66 -5.54 14.01
C LEU A 121 3.57 -5.56 12.79
N GLU A 122 3.30 -4.67 11.85
CA GLU A 122 4.09 -4.56 10.62
C GLU A 122 4.06 -3.14 10.11
N ILE A 123 5.20 -2.63 9.65
CA ILE A 123 5.27 -1.26 9.15
C ILE A 123 6.24 -1.13 7.99
N GLU A 124 5.84 -0.36 6.98
CA GLU A 124 6.66 -0.11 5.81
C GLU A 124 7.18 1.32 5.84
N ALA A 125 8.36 1.54 5.26
CA ALA A 125 8.94 2.87 5.24
C ALA A 125 9.44 3.27 3.86
N ILE A 126 8.98 4.41 3.38
CA ILE A 126 9.38 4.92 2.08
C ILE A 126 10.17 6.22 2.24
N ALA A 127 11.31 6.30 1.57
CA ALA A 127 12.16 7.48 1.68
C ALA A 127 12.40 8.13 0.31
N VAL A 128 12.65 9.43 0.34
CA VAL A 128 12.92 10.18 -0.88
C VAL A 128 14.25 10.90 -0.81
N ARG A 129 15.18 10.52 -1.69
CA ARG A 129 16.50 11.14 -1.72
C ARG A 129 16.63 12.07 -2.92
N LYS A 130 15.75 13.05 -3.01
CA LYS A 130 15.76 14.01 -4.11
C LYS A 130 15.63 13.31 -5.45
N MET B 1 15.99 20.27 -5.81
CA MET B 1 15.03 20.98 -4.93
C MET B 1 13.59 20.53 -5.21
N MET B 2 13.18 19.45 -4.55
CA MET B 2 11.84 18.92 -4.72
C MET B 2 11.39 18.15 -3.48
N THR B 3 10.25 17.49 -3.59
CA THR B 3 9.71 16.72 -2.47
C THR B 3 9.42 17.62 -1.28
N GLN B 4 8.14 17.75 -0.94
CA GLN B 4 7.73 18.59 0.19
C GLN B 4 6.32 18.24 0.64
N ILE B 5 6.15 18.08 1.96
CA ILE B 5 4.85 17.74 2.52
C ILE B 5 3.78 18.74 2.10
N ILE B 6 2.53 18.28 2.05
CA ILE B 6 1.42 19.13 1.65
C ILE B 6 0.60 19.56 2.87
N HIS B 7 0.18 20.82 2.89
CA HIS B 7 -0.60 21.35 3.99
C HIS B 7 -1.65 22.34 3.49
N THR B 8 -2.92 22.01 3.69
CA THR B 8 -4.01 22.87 3.26
C THR B 8 -5.06 23.01 4.36
N GLU B 9 -5.95 23.99 4.21
CA GLU B 9 -7.00 24.23 5.20
C GLU B 9 -8.30 23.54 4.80
N LYS B 10 -8.18 22.47 4.02
CA LYS B 10 -9.36 21.73 3.57
C LYS B 10 -9.29 20.27 4.02
N ALA B 11 -8.08 19.71 4.01
CA ALA B 11 -7.87 18.33 4.41
C ALA B 11 -8.13 18.15 5.91
N PRO B 12 -8.13 16.89 6.39
CA PRO B 12 -8.37 16.59 7.82
C PRO B 12 -7.35 17.26 8.74
N ALA B 13 -6.24 17.71 8.17
CA ALA B 13 -5.18 18.36 8.94
C ALA B 13 -4.34 17.35 9.71
N ALA B 14 -3.09 17.69 9.94
CA ALA B 14 -2.17 16.82 10.66
C ALA B 14 -1.95 17.32 12.08
N ILE B 15 -2.28 16.47 13.05
CA ILE B 15 -2.12 16.82 14.46
C ILE B 15 -1.46 15.68 15.23
N GLY B 16 -0.86 14.75 14.49
CA GLY B 16 -0.20 13.62 15.11
C GLY B 16 1.09 13.26 14.39
N PRO B 17 1.45 11.96 14.34
CA PRO B 17 2.66 11.52 13.67
C PRO B 17 2.47 11.25 12.19
N TYR B 18 1.78 12.16 11.50
CA TYR B 18 1.55 12.01 10.07
C TYR B 18 1.12 13.34 9.45
N VAL B 19 1.37 13.49 8.15
CA VAL B 19 1.02 14.71 7.44
C VAL B 19 -0.11 14.46 6.44
N GLN B 20 -0.65 15.54 5.90
CA GLN B 20 -1.74 15.44 4.93
C GLN B 20 -1.29 14.63 3.71
N ALA B 21 -0.19 15.04 3.12
CA ALA B 21 0.35 14.35 1.96
C ALA B 21 1.75 14.86 1.61
N VAL B 22 2.31 14.35 0.52
CA VAL B 22 3.64 14.76 0.09
C VAL B 22 3.73 14.85 -1.42
N ASP B 23 4.29 15.95 -1.91
CA ASP B 23 4.43 16.15 -3.36
C ASP B 23 5.87 15.92 -3.79
N LEU B 24 6.11 14.78 -4.44
CA LEU B 24 7.45 14.43 -4.90
C LEU B 24 7.78 15.14 -6.22
N GLY B 25 6.75 15.66 -6.89
CA GLY B 25 6.96 16.34 -8.15
C GLY B 25 6.25 15.65 -9.30
N ASN B 26 7.02 14.94 -10.11
CA ASN B 26 6.45 14.21 -11.25
C ASN B 26 5.32 13.30 -10.77
N LEU B 27 5.44 12.85 -9.53
CA LEU B 27 4.42 11.97 -8.94
C LEU B 27 4.09 12.43 -7.52
N VAL B 28 2.82 12.35 -7.15
CA VAL B 28 2.38 12.76 -5.83
C VAL B 28 1.72 11.60 -5.08
N LEU B 29 1.64 11.71 -3.76
CA LEU B 29 1.04 10.69 -2.94
C LEU B 29 0.32 11.28 -1.74
N THR B 30 -0.95 10.92 -1.57
CA THR B 30 -1.75 11.43 -0.46
C THR B 30 -1.96 10.36 0.60
N SER B 31 -1.82 10.75 1.87
CA SER B 31 -2.00 9.83 2.98
C SER B 31 -3.41 9.23 2.98
N GLY B 32 -3.66 8.36 3.95
CA GLY B 32 -4.97 7.74 4.04
C GLY B 32 -6.05 8.72 4.45
N GLN B 33 -6.75 9.27 3.46
CA GLN B 33 -7.81 10.23 3.72
C GLN B 33 -8.93 9.62 4.55
N ILE B 34 -9.43 10.38 5.51
CA ILE B 34 -10.50 9.93 6.39
C ILE B 34 -11.41 11.10 6.77
N PRO B 35 -12.55 10.80 7.41
CA PRO B 35 -13.52 11.82 7.84
C PRO B 35 -12.88 12.91 8.71
N VAL B 36 -13.55 13.29 9.78
CA VAL B 36 -13.04 14.33 10.67
C VAL B 36 -13.17 15.70 10.02
N ASN B 37 -14.42 16.18 9.96
CA ASN B 37 -14.73 17.47 9.37
C ASN B 37 -13.62 18.50 9.59
N PRO B 38 -12.97 18.96 8.51
CA PRO B 38 -11.89 19.95 8.61
C PRO B 38 -12.35 21.22 9.31
N ALA B 39 -13.65 21.38 9.47
CA ALA B 39 -14.21 22.55 10.14
C ALA B 39 -14.22 22.37 11.65
N THR B 40 -14.29 21.12 12.11
CA THR B 40 -14.31 20.85 13.55
C THR B 40 -13.92 19.41 13.85
N GLY B 41 -14.29 18.50 12.97
CA GLY B 41 -13.98 17.09 13.17
C GLY B 41 -15.16 16.35 13.78
N GLU B 42 -16.24 16.24 13.01
CA GLU B 42 -17.44 15.56 13.47
C GLU B 42 -17.33 14.05 13.28
N VAL B 43 -17.02 13.64 12.06
CA VAL B 43 -16.89 12.22 11.74
C VAL B 43 -18.24 11.52 11.80
N PRO B 44 -19.10 11.77 10.79
CA PRO B 44 -20.44 11.17 10.73
C PRO B 44 -20.38 9.65 10.59
N ALA B 45 -21.29 8.97 11.29
CA ALA B 45 -21.34 7.51 11.24
C ALA B 45 -21.84 7.03 9.89
N ASP B 46 -22.71 7.83 9.28
CA ASP B 46 -23.27 7.51 7.97
C ASP B 46 -22.17 7.25 6.96
N ILE B 47 -21.82 5.99 6.82
CA ILE B 47 -20.78 5.56 5.88
C ILE B 47 -20.85 6.34 4.57
N VAL B 48 -22.07 6.70 4.16
CA VAL B 48 -22.26 7.45 2.94
C VAL B 48 -21.87 8.92 3.13
N ALA B 49 -22.35 9.51 4.22
CA ALA B 49 -22.04 10.89 4.53
C ALA B 49 -20.55 11.09 4.72
N GLN B 50 -19.97 10.30 5.62
CA GLN B 50 -18.54 10.36 5.89
C GLN B 50 -17.75 10.03 4.63
N ALA B 51 -18.35 9.25 3.73
CA ALA B 51 -17.70 8.87 2.49
C ALA B 51 -17.62 10.04 1.53
N ARG B 52 -18.72 10.79 1.42
CA ARG B 52 -18.76 11.95 0.54
C ARG B 52 -17.77 13.01 1.00
N GLN B 53 -17.84 13.36 2.28
CA GLN B 53 -16.94 14.36 2.85
C GLN B 53 -15.49 13.87 2.76
N SER B 54 -15.32 12.55 2.84
CA SER B 54 -13.99 11.95 2.78
C SER B 54 -13.40 12.12 1.38
N LEU B 55 -14.21 11.82 0.37
CA LEU B 55 -13.77 11.94 -1.02
C LEU B 55 -13.50 13.39 -1.38
N GLU B 56 -14.15 14.31 -0.69
CA GLU B 56 -13.97 15.74 -0.94
C GLU B 56 -12.58 16.20 -0.51
N ASN B 57 -12.27 16.00 0.76
CA ASN B 57 -10.97 16.41 1.30
C ASN B 57 -9.83 15.80 0.48
N VAL B 58 -10.08 14.62 -0.08
CA VAL B 58 -9.07 13.94 -0.89
C VAL B 58 -8.71 14.78 -2.10
N LYS B 59 -9.71 15.48 -2.64
CA LYS B 59 -9.51 16.33 -3.81
C LYS B 59 -8.90 17.67 -3.40
N ALA B 60 -9.24 18.13 -2.20
CA ALA B 60 -8.72 19.40 -1.71
C ALA B 60 -7.20 19.36 -1.58
N ILE B 61 -6.68 18.22 -1.14
CA ILE B 61 -5.25 18.06 -0.99
C ILE B 61 -4.56 17.98 -2.34
N ILE B 62 -5.12 17.19 -3.24
CA ILE B 62 -4.56 17.03 -4.57
C ILE B 62 -4.76 18.29 -5.38
N GLU B 63 -5.85 19.01 -5.12
CA GLU B 63 -6.14 20.25 -5.83
C GLU B 63 -5.25 21.37 -5.30
N LYS B 64 -5.03 21.36 -3.99
CA LYS B 64 -4.19 22.36 -3.37
C LYS B 64 -2.77 22.27 -3.93
N ALA B 65 -2.41 21.10 -4.45
CA ALA B 65 -1.09 20.90 -5.03
C ALA B 65 -1.10 21.20 -6.52
N GLY B 66 -2.28 21.16 -7.13
CA GLY B 66 -2.40 21.43 -8.54
C GLY B 66 -2.48 20.17 -9.37
N LEU B 67 -3.54 19.40 -9.19
CA LEU B 67 -3.73 18.16 -9.92
C LEU B 67 -5.19 17.74 -9.94
N THR B 68 -5.65 17.25 -11.08
CA THR B 68 -7.03 16.81 -11.23
C THR B 68 -7.15 15.30 -11.03
N ALA B 69 -8.25 14.87 -10.43
CA ALA B 69 -8.49 13.45 -10.17
C ALA B 69 -8.16 12.60 -11.40
N ALA B 70 -8.38 13.16 -12.58
CA ALA B 70 -8.10 12.45 -13.83
C ALA B 70 -6.64 12.03 -13.92
N ASP B 71 -5.78 12.68 -13.12
CA ASP B 71 -4.36 12.36 -13.12
C ASP B 71 -4.05 11.24 -12.14
N ILE B 72 -4.94 11.04 -11.17
CA ILE B 72 -4.76 9.99 -10.17
C ILE B 72 -4.68 8.62 -10.82
N VAL B 73 -3.49 8.04 -10.81
CA VAL B 73 -3.27 6.73 -11.41
C VAL B 73 -3.71 5.59 -10.49
N LYS B 74 -3.49 5.76 -9.18
CA LYS B 74 -3.86 4.73 -8.21
C LYS B 74 -4.66 5.32 -7.05
N THR B 75 -5.14 4.45 -6.16
CA THR B 75 -5.91 4.90 -5.00
C THR B 75 -6.39 3.72 -4.16
N THR B 76 -5.82 3.58 -2.97
CA THR B 76 -6.18 2.49 -2.06
C THR B 76 -7.60 2.71 -1.52
N VAL B 77 -8.43 1.68 -1.61
CA VAL B 77 -9.81 1.79 -1.13
C VAL B 77 -10.09 0.86 0.04
N PHE B 78 -9.90 1.37 1.25
CA PHE B 78 -10.15 0.60 2.46
C PHE B 78 -11.60 0.82 2.93
N VAL B 79 -12.21 -0.23 3.45
CA VAL B 79 -13.58 -0.14 3.93
C VAL B 79 -13.78 -0.90 5.24
N LYS B 80 -14.73 -0.42 6.05
CA LYS B 80 -15.03 -1.06 7.32
C LYS B 80 -16.14 -2.09 7.12
N ASP B 81 -16.66 -2.15 5.90
CA ASP B 81 -17.73 -3.08 5.55
C ASP B 81 -17.94 -3.11 4.04
N LEU B 82 -17.55 -4.21 3.41
CA LEU B 82 -17.68 -4.36 1.97
C LEU B 82 -19.14 -4.22 1.54
N ASN B 83 -20.06 -4.36 2.49
CA ASN B 83 -21.48 -4.23 2.20
C ASN B 83 -21.85 -2.77 1.96
N ASP B 84 -21.05 -1.87 2.53
CA ASP B 84 -21.28 -0.45 2.36
C ASP B 84 -20.79 0.03 0.99
N PHE B 85 -19.98 -0.79 0.33
CA PHE B 85 -19.44 -0.45 -0.98
C PHE B 85 -20.56 -0.13 -1.97
N ALA B 86 -21.76 -0.62 -1.69
CA ALA B 86 -22.90 -0.38 -2.56
C ALA B 86 -23.16 1.11 -2.73
N ALA B 87 -23.17 1.83 -1.62
CA ALA B 87 -23.40 3.27 -1.64
C ALA B 87 -22.10 4.03 -1.86
N VAL B 88 -21.00 3.49 -1.34
CA VAL B 88 -19.70 4.12 -1.50
C VAL B 88 -19.22 4.02 -2.95
N ASN B 89 -19.29 2.83 -3.51
CA ASN B 89 -18.88 2.61 -4.89
C ASN B 89 -19.76 3.40 -5.84
N ALA B 90 -21.04 3.50 -5.49
CA ALA B 90 -22.01 4.24 -6.30
C ALA B 90 -21.60 5.70 -6.44
N GLU B 91 -21.15 6.29 -5.33
CA GLU B 91 -20.73 7.69 -5.32
C GLU B 91 -19.26 7.80 -5.71
N TYR B 92 -18.48 6.78 -5.35
CA TYR B 92 -17.06 6.73 -5.64
C TYR B 92 -16.82 6.86 -7.14
N GLU B 93 -17.50 6.04 -7.91
CA GLU B 93 -17.37 6.04 -9.37
C GLU B 93 -18.04 7.27 -9.98
N ARG B 94 -19.06 7.78 -9.31
CA ARG B 94 -19.81 8.93 -9.80
C ARG B 94 -19.00 10.22 -9.67
N PHE B 95 -18.05 10.25 -8.74
CA PHE B 95 -17.22 11.43 -8.54
C PHE B 95 -16.11 11.51 -9.59
N PHE B 96 -15.51 10.37 -9.89
CA PHE B 96 -14.43 10.32 -10.87
C PHE B 96 -14.90 10.88 -12.21
N LYS B 97 -16.04 10.39 -12.69
CA LYS B 97 -16.58 10.87 -13.95
C LYS B 97 -16.95 12.35 -13.83
N GLU B 98 -17.29 12.76 -12.62
CA GLU B 98 -17.65 14.15 -12.36
C GLU B 98 -16.39 14.98 -12.11
N ASN B 99 -15.24 14.31 -12.08
CA ASN B 99 -13.96 14.97 -11.86
C ASN B 99 -13.12 14.95 -13.14
N ASN B 100 -13.62 14.23 -14.15
CA ASN B 100 -12.94 14.11 -15.44
C ASN B 100 -11.99 12.91 -15.44
N HIS B 101 -12.34 11.88 -14.67
CA HIS B 101 -11.52 10.67 -14.59
C HIS B 101 -12.37 9.43 -14.85
N PRO B 102 -12.77 9.23 -16.12
CA PRO B 102 -13.58 8.08 -16.50
C PRO B 102 -12.75 6.80 -16.62
N ASN B 103 -11.43 6.95 -16.59
CA ASN B 103 -10.52 5.81 -16.68
C ASN B 103 -10.42 5.10 -15.33
N PHE B 104 -10.48 5.89 -14.26
CA PHE B 104 -10.41 5.38 -12.89
C PHE B 104 -8.99 4.88 -12.56
N PRO B 105 -8.56 5.07 -11.30
CA PRO B 105 -7.23 4.63 -10.86
C PRO B 105 -7.22 3.17 -10.45
N ALA B 106 -6.03 2.61 -10.30
CA ALA B 106 -5.88 1.21 -9.92
C ALA B 106 -5.21 1.09 -8.56
N ARG B 107 -5.71 0.19 -7.72
CA ARG B 107 -5.15 -0.01 -6.39
C ARG B 107 -5.73 -1.27 -5.76
N SER B 108 -5.56 -1.38 -4.44
CA SER B 108 -6.05 -2.54 -3.71
C SER B 108 -7.21 -2.16 -2.78
N CYS B 109 -8.41 -2.58 -3.16
CA CYS B 109 -9.60 -2.31 -2.36
C CYS B 109 -9.89 -3.50 -1.45
N VAL B 110 -10.08 -3.23 -0.17
CA VAL B 110 -10.35 -4.30 0.79
C VAL B 110 -11.05 -3.77 2.03
N GLU B 111 -11.61 -4.69 2.82
CA GLU B 111 -12.30 -4.33 4.04
C GLU B 111 -11.40 -4.54 5.26
N VAL B 112 -10.86 -3.44 5.78
CA VAL B 112 -9.99 -3.50 6.95
C VAL B 112 -10.78 -3.78 8.22
N ALA B 113 -10.07 -4.20 9.26
CA ALA B 113 -10.71 -4.51 10.54
C ALA B 113 -11.01 -3.24 11.32
N ARG B 114 -10.02 -2.35 11.39
CA ARG B 114 -10.17 -1.09 12.11
C ARG B 114 -9.51 0.06 11.36
N LEU B 115 -9.78 1.28 11.78
CA LEU B 115 -9.21 2.45 11.14
C LEU B 115 -8.91 3.55 12.16
N PRO B 116 -8.05 4.52 11.81
CA PRO B 116 -7.68 5.62 12.70
C PRO B 116 -8.88 6.44 13.13
N LYS B 117 -8.95 6.77 14.41
CA LYS B 117 -10.06 7.56 14.96
C LYS B 117 -11.35 6.76 14.95
N ASP B 118 -11.22 5.45 14.85
CA ASP B 118 -12.38 4.56 14.84
C ASP B 118 -13.28 4.87 13.63
N VAL B 119 -12.73 5.56 12.65
CA VAL B 119 -13.47 5.90 11.44
C VAL B 119 -14.06 4.65 10.79
N GLY B 120 -14.88 4.86 9.76
CA GLY B 120 -15.50 3.74 9.07
C GLY B 120 -15.04 3.61 7.63
N LEU B 121 -13.97 4.32 7.27
CA LEU B 121 -13.45 4.27 5.91
C LEU B 121 -12.17 5.09 5.76
N GLU B 122 -11.30 4.64 4.87
CA GLU B 122 -10.04 5.32 4.61
C GLU B 122 -9.61 5.09 3.16
N ILE B 123 -9.12 6.13 2.51
CA ILE B 123 -8.69 6.00 1.11
C ILE B 123 -7.48 6.87 0.81
N GLU B 124 -6.55 6.31 0.04
CA GLU B 124 -5.34 7.02 -0.36
C GLU B 124 -5.42 7.36 -1.84
N ALA B 125 -4.80 8.46 -2.25
CA ALA B 125 -4.82 8.88 -3.63
C ALA B 125 -3.43 9.23 -4.16
N ILE B 126 -3.05 8.60 -5.26
CA ILE B 126 -1.75 8.85 -5.88
C ILE B 126 -1.95 9.49 -7.25
N ALA B 127 -1.21 10.56 -7.51
CA ALA B 127 -1.33 11.28 -8.78
C ALA B 127 -0.01 11.34 -9.52
N VAL B 128 -0.09 11.45 -10.85
CA VAL B 128 1.10 11.52 -11.69
C VAL B 128 1.07 12.78 -12.56
N ARG B 129 2.03 13.67 -12.34
CA ARG B 129 2.11 14.90 -13.11
C ARG B 129 3.26 14.85 -14.11
N LYS B 130 3.23 13.84 -14.98
CA LYS B 130 4.27 13.66 -15.99
C LYS B 130 5.64 13.54 -15.34
N MET C 1 5.60 13.04 -22.32
CA MET C 1 4.61 12.06 -22.85
C MET C 1 4.82 10.68 -22.26
N MET C 2 4.21 10.44 -21.10
CA MET C 2 4.33 9.16 -20.42
C MET C 2 3.11 8.90 -19.54
N THR C 3 3.18 7.83 -18.75
CA THR C 3 2.08 7.46 -17.86
C THR C 3 0.82 7.16 -18.66
N GLN C 4 0.38 5.91 -18.62
CA GLN C 4 -0.82 5.48 -19.33
C GLN C 4 -1.35 4.16 -18.79
N ILE C 5 -2.65 4.10 -18.54
CA ILE C 5 -3.28 2.90 -18.02
C ILE C 5 -2.99 1.69 -18.91
N ILE C 6 -2.99 0.52 -18.31
CA ILE C 6 -2.73 -0.72 -19.04
C ILE C 6 -4.03 -1.49 -19.30
N HIS C 7 -4.15 -2.05 -20.50
CA HIS C 7 -5.33 -2.81 -20.88
C HIS C 7 -4.96 -4.00 -21.76
N THR C 8 -5.22 -5.21 -21.27
CA THR C 8 -4.92 -6.42 -22.01
C THR C 8 -6.10 -7.39 -21.97
N GLU C 9 -6.06 -8.39 -22.83
CA GLU C 9 -7.13 -9.39 -22.89
C GLU C 9 -6.78 -10.63 -22.08
N LYS C 10 -5.93 -10.45 -21.07
CA LYS C 10 -5.51 -11.56 -20.22
C LYS C 10 -5.86 -11.29 -18.76
N ALA C 11 -5.74 -10.03 -18.35
CA ALA C 11 -6.03 -9.63 -16.98
C ALA C 11 -7.53 -9.76 -16.70
N PRO C 12 -7.94 -9.58 -15.43
CA PRO C 12 -9.35 -9.68 -15.02
C PRO C 12 -10.24 -8.68 -15.75
N ALA C 13 -9.63 -7.67 -16.36
CA ALA C 13 -10.37 -6.64 -17.09
C ALA C 13 -11.01 -5.64 -16.14
N ALA C 14 -11.19 -4.42 -16.62
CA ALA C 14 -11.79 -3.36 -15.82
C ALA C 14 -13.22 -3.09 -16.27
N ILE C 15 -14.15 -3.25 -15.34
CA ILE C 15 -15.57 -3.02 -15.62
C ILE C 15 -16.21 -2.19 -14.54
N GLY C 16 -15.38 -1.54 -13.72
CA GLY C 16 -15.88 -0.70 -12.65
C GLY C 16 -15.07 0.56 -12.48
N PRO C 17 -14.90 1.05 -11.25
CA PRO C 17 -14.14 2.27 -10.98
C PRO C 17 -12.65 2.00 -10.79
N TYR C 18 -12.07 1.17 -11.65
CA TYR C 18 -10.66 0.84 -11.55
C TYR C 18 -10.15 0.22 -12.84
N VAL C 19 -8.85 0.36 -13.09
CA VAL C 19 -8.23 -0.17 -14.29
C VAL C 19 -7.30 -1.34 -13.97
N GLN C 20 -6.86 -2.05 -15.00
CA GLN C 20 -5.96 -3.18 -14.83
C GLN C 20 -4.67 -2.75 -14.14
N ALA C 21 -4.03 -1.72 -14.70
CA ALA C 21 -2.80 -1.19 -14.15
C ALA C 21 -2.40 0.10 -14.85
N VAL C 22 -1.25 0.64 -14.47
CA VAL C 22 -0.75 1.88 -15.06
C VAL C 22 0.75 1.85 -15.23
N ASP C 23 1.22 2.23 -16.42
CA ASP C 23 2.64 2.24 -16.73
C ASP C 23 3.18 3.67 -16.69
N LEU C 24 3.91 3.99 -15.63
CA LEU C 24 4.49 5.32 -15.46
C LEU C 24 5.78 5.47 -16.27
N GLY C 25 6.34 4.35 -16.70
CA GLY C 25 7.57 4.39 -17.48
C GLY C 25 8.70 3.68 -16.76
N ASN C 26 9.62 4.46 -16.20
CA ASN C 26 10.75 3.90 -15.47
C ASN C 26 10.27 2.92 -14.42
N LEU C 27 9.07 3.17 -13.90
CA LEU C 27 8.46 2.32 -12.89
C LEU C 27 7.00 2.04 -13.22
N VAL C 28 6.56 0.81 -12.97
CA VAL C 28 5.18 0.43 -13.26
C VAL C 28 4.47 -0.04 -11.99
N LEU C 29 3.14 -0.03 -12.02
CA LEU C 29 2.35 -0.46 -10.87
C LEU C 29 1.08 -1.15 -11.32
N THR C 30 0.84 -2.35 -10.80
CA THR C 30 -0.35 -3.12 -11.14
C THR C 30 -1.35 -3.13 -10.00
N SER C 31 -2.62 -2.94 -10.33
CA SER C 31 -3.68 -2.93 -9.34
C SER C 31 -3.74 -4.25 -8.57
N GLY C 32 -4.67 -4.34 -7.63
CA GLY C 32 -4.82 -5.55 -6.84
C GLY C 32 -5.35 -6.70 -7.66
N GLN C 33 -4.45 -7.53 -8.19
CA GLN C 33 -4.85 -8.67 -9.00
C GLN C 33 -5.71 -9.65 -8.21
N ILE C 34 -6.75 -10.16 -8.85
CA ILE C 34 -7.66 -11.10 -8.22
C ILE C 34 -8.18 -12.10 -9.24
N PRO C 35 -8.88 -13.16 -8.77
CA PRO C 35 -9.43 -14.21 -9.65
C PRO C 35 -10.32 -13.63 -10.75
N VAL C 36 -11.47 -14.26 -11.00
CA VAL C 36 -12.37 -13.81 -12.04
C VAL C 36 -11.82 -14.16 -13.41
N ASN C 37 -11.88 -15.44 -13.75
CA ASN C 37 -11.39 -15.95 -15.02
C ASN C 37 -11.61 -14.96 -16.16
N PRO C 38 -10.51 -14.45 -16.76
CA PRO C 38 -10.60 -13.49 -17.86
C PRO C 38 -11.41 -14.03 -19.03
N ALA C 39 -11.67 -15.34 -19.02
CA ALA C 39 -12.43 -15.99 -20.07
C ALA C 39 -13.93 -15.86 -19.82
N THR C 40 -14.31 -15.74 -18.55
CA THR C 40 -15.73 -15.62 -18.20
C THR C 40 -15.92 -15.04 -16.80
N GLY C 41 -15.00 -15.37 -15.90
CA GLY C 41 -15.11 -14.88 -14.53
C GLY C 41 -15.74 -15.91 -13.62
N GLU C 42 -15.04 -17.02 -13.42
CA GLU C 42 -15.54 -18.10 -12.57
C GLU C 42 -15.26 -17.82 -11.10
N VAL C 43 -14.00 -17.56 -10.79
CA VAL C 43 -13.59 -17.28 -9.42
C VAL C 43 -13.69 -18.53 -8.56
N PRO C 44 -12.78 -19.50 -8.75
CA PRO C 44 -12.76 -20.75 -7.99
C PRO C 44 -12.53 -20.52 -6.50
N ALA C 45 -13.23 -21.28 -5.67
CA ALA C 45 -13.10 -21.17 -4.23
C ALA C 45 -11.76 -21.72 -3.76
N ASP C 46 -11.27 -22.71 -4.47
CA ASP C 46 -9.98 -23.33 -4.15
C ASP C 46 -8.89 -22.29 -4.09
N ILE C 47 -8.64 -21.79 -2.89
CA ILE C 47 -7.61 -20.79 -2.65
C ILE C 47 -6.35 -21.05 -3.48
N VAL C 48 -6.06 -22.33 -3.70
CA VAL C 48 -4.90 -22.72 -4.49
C VAL C 48 -5.16 -22.48 -5.98
N ALA C 49 -6.31 -22.95 -6.45
CA ALA C 49 -6.68 -22.78 -7.85
C ALA C 49 -6.78 -21.30 -8.21
N GLN C 50 -7.58 -20.58 -7.46
CA GLN C 50 -7.76 -19.14 -7.68
C GLN C 50 -6.43 -18.41 -7.51
N ALA C 51 -5.53 -18.99 -6.71
CA ALA C 51 -4.23 -18.39 -6.47
C ALA C 51 -3.33 -18.53 -7.71
N ARG C 52 -3.34 -19.71 -8.30
CA ARG C 52 -2.54 -19.96 -9.49
C ARG C 52 -2.99 -19.07 -10.65
N GLN C 53 -4.29 -19.09 -10.92
CA GLN C 53 -4.86 -18.27 -11.98
C GLN C 53 -4.65 -16.79 -11.69
N SER C 54 -4.63 -16.45 -10.41
CA SER C 54 -4.44 -15.07 -9.98
C SER C 54 -3.02 -14.62 -10.29
N LEU C 55 -2.06 -15.45 -9.95
CA LEU C 55 -0.65 -15.14 -10.19
C LEU C 55 -0.35 -15.06 -11.69
N GLU C 56 -1.15 -15.78 -12.47
CA GLU C 56 -0.96 -15.79 -13.92
C GLU C 56 -1.33 -14.45 -14.53
N ASN C 57 -2.56 -14.01 -14.31
CA ASN C 57 -3.03 -12.73 -14.85
C ASN C 57 -2.11 -11.59 -14.43
N VAL C 58 -1.50 -11.74 -13.25
CA VAL C 58 -0.58 -10.72 -12.76
C VAL C 58 0.61 -10.55 -13.69
N LYS C 59 1.03 -11.67 -14.29
CA LYS C 59 2.16 -11.66 -15.21
C LYS C 59 1.72 -11.18 -16.59
N ALA C 60 0.47 -11.49 -16.94
CA ALA C 60 -0.06 -11.10 -18.25
C ALA C 60 -0.08 -9.58 -18.39
N ILE C 61 -0.41 -8.90 -17.30
CA ILE C 61 -0.47 -7.44 -17.31
C ILE C 61 0.93 -6.85 -17.40
N ILE C 62 1.83 -7.37 -16.58
CA ILE C 62 3.21 -6.90 -16.57
C ILE C 62 3.92 -7.30 -17.85
N GLU C 63 3.55 -8.46 -18.40
CA GLU C 63 4.15 -8.93 -19.63
C GLU C 63 3.62 -8.15 -20.82
N LYS C 64 2.32 -7.84 -20.77
CA LYS C 64 1.68 -7.07 -21.83
C LYS C 64 2.34 -5.71 -21.96
N ALA C 65 2.95 -5.24 -20.87
CA ALA C 65 3.63 -3.95 -20.86
C ALA C 65 5.10 -4.11 -21.25
N GLY C 66 5.63 -5.32 -21.08
CA GLY C 66 7.01 -5.56 -21.43
C GLY C 66 7.92 -5.55 -20.22
N LEU C 67 7.71 -6.50 -19.31
CA LEU C 67 8.52 -6.58 -18.09
C LEU C 67 8.47 -7.98 -17.49
N THR C 68 9.61 -8.46 -17.02
CA THR C 68 9.69 -9.78 -16.42
C THR C 68 9.58 -9.69 -14.90
N ALA C 69 8.95 -10.70 -14.30
CA ALA C 69 8.77 -10.74 -12.85
C ALA C 69 10.05 -10.40 -12.10
N ALA C 70 11.18 -10.77 -12.71
CA ALA C 70 12.49 -10.50 -12.10
C ALA C 70 12.71 -9.01 -11.89
N ASP C 71 11.93 -8.18 -12.57
CA ASP C 71 12.04 -6.73 -12.43
C ASP C 71 11.15 -6.22 -11.30
N ILE C 72 10.13 -7.01 -10.95
CA ILE C 72 9.20 -6.64 -9.89
C ILE C 72 9.95 -6.44 -8.57
N VAL C 73 10.04 -5.19 -8.14
CA VAL C 73 10.74 -4.85 -6.90
C VAL C 73 9.86 -5.09 -5.67
N LYS C 74 8.57 -4.80 -5.79
CA LYS C 74 7.65 -4.98 -4.68
C LYS C 74 6.40 -5.76 -5.10
N THR C 75 5.53 -6.06 -4.13
CA THR C 75 4.30 -6.81 -4.43
C THR C 75 3.51 -7.08 -3.15
N THR C 76 2.36 -6.42 -3.01
CA THR C 76 1.52 -6.59 -1.84
C THR C 76 0.87 -7.98 -1.86
N VAL C 77 0.96 -8.68 -0.74
CA VAL C 77 0.40 -10.03 -0.65
C VAL C 77 -0.73 -10.11 0.37
N PHE C 78 -1.96 -9.90 -0.10
CA PHE C 78 -3.13 -9.98 0.76
C PHE C 78 -3.71 -11.39 0.75
N VAL C 79 -4.20 -11.84 1.90
CA VAL C 79 -4.77 -13.19 2.00
C VAL C 79 -6.03 -13.20 2.85
N LYS C 80 -6.93 -14.12 2.53
CA LYS C 80 -8.17 -14.26 3.28
C LYS C 80 -7.98 -15.26 4.41
N ASP C 81 -6.79 -15.85 4.47
CA ASP C 81 -6.46 -16.82 5.51
C ASP C 81 -4.97 -17.13 5.48
N LEU C 82 -4.25 -16.65 6.49
CA LEU C 82 -2.80 -16.87 6.58
C LEU C 82 -2.48 -18.37 6.60
N ASN C 83 -3.48 -19.19 6.89
CA ASN C 83 -3.29 -20.64 6.93
C ASN C 83 -3.16 -21.19 5.52
N ASP C 84 -3.73 -20.46 4.56
CA ASP C 84 -3.67 -20.87 3.15
C ASP C 84 -2.30 -20.54 2.56
N PHE C 85 -1.54 -19.69 3.24
CA PHE C 85 -0.22 -19.29 2.78
C PHE C 85 0.67 -20.50 2.53
N ALA C 86 0.35 -21.62 3.19
CA ALA C 86 1.14 -22.84 3.04
C ALA C 86 1.19 -23.29 1.58
N ALA C 87 0.04 -23.29 0.93
CA ALA C 87 -0.05 -23.70 -0.47
C ALA C 87 0.22 -22.52 -1.39
N VAL C 88 -0.20 -21.34 -0.96
CA VAL C 88 0.00 -20.12 -1.75
C VAL C 88 1.47 -19.75 -1.80
N ASN C 89 2.11 -19.70 -0.64
CA ASN C 89 3.52 -19.37 -0.54
C ASN C 89 4.36 -20.41 -1.27
N ALA C 90 3.93 -21.67 -1.19
CA ALA C 90 4.63 -22.76 -1.85
C ALA C 90 4.71 -22.54 -3.35
N GLU C 91 3.59 -22.10 -3.93
CA GLU C 91 3.53 -21.84 -5.36
C GLU C 91 3.99 -20.42 -5.68
N TYR C 92 3.74 -19.52 -4.74
CA TYR C 92 4.12 -18.12 -4.89
C TYR C 92 5.63 -17.99 -5.13
N GLU C 93 6.41 -18.62 -4.26
CA GLU C 93 7.86 -18.59 -4.37
C GLU C 93 8.36 -19.45 -5.53
N ARG C 94 7.59 -20.48 -5.88
CA ARG C 94 7.96 -21.39 -6.95
C ARG C 94 7.81 -20.73 -8.32
N PHE C 95 6.93 -19.73 -8.42
CA PHE C 95 6.72 -19.04 -9.69
C PHE C 95 7.83 -18.03 -9.96
N PHE C 96 8.24 -17.31 -8.92
CA PHE C 96 9.29 -16.31 -9.05
C PHE C 96 10.55 -16.93 -9.61
N LYS C 97 10.99 -18.03 -9.02
CA LYS C 97 12.18 -18.72 -9.49
C LYS C 97 11.95 -19.26 -10.89
N GLU C 98 10.70 -19.56 -11.21
CA GLU C 98 10.33 -20.06 -12.53
C GLU C 98 10.10 -18.89 -13.49
N ASN C 99 10.19 -17.67 -12.96
CA ASN C 99 10.02 -16.47 -13.77
C ASN C 99 11.34 -15.72 -13.92
N ASN C 100 12.36 -16.19 -13.20
CA ASN C 100 13.69 -15.59 -13.23
C ASN C 100 13.82 -14.51 -12.16
N HIS C 101 13.10 -14.68 -11.07
CA HIS C 101 13.14 -13.73 -9.96
C HIS C 101 13.44 -14.44 -8.64
N PRO C 102 14.69 -14.89 -8.45
CA PRO C 102 15.08 -15.58 -7.22
C PRO C 102 15.32 -14.61 -6.07
N ASN C 103 15.37 -13.33 -6.38
CA ASN C 103 15.58 -12.29 -5.38
C ASN C 103 14.29 -12.02 -4.61
N PHE C 104 13.18 -12.09 -5.33
CA PHE C 104 11.85 -11.86 -4.75
C PHE C 104 11.64 -10.38 -4.42
N PRO C 105 10.40 -9.88 -4.60
CA PRO C 105 10.06 -8.49 -4.31
C PRO C 105 9.76 -8.28 -2.83
N ALA C 106 9.72 -7.02 -2.42
CA ALA C 106 9.43 -6.68 -1.03
C ALA C 106 8.13 -5.90 -0.93
N ARG C 107 7.32 -6.23 0.08
CA ARG C 107 6.04 -5.56 0.29
C ARG C 107 5.45 -5.94 1.63
N SER C 108 4.15 -5.67 1.78
CA SER C 108 3.46 -5.96 3.04
C SER C 108 2.45 -7.08 2.85
N CYS C 109 2.77 -8.25 3.40
CA CYS C 109 1.89 -9.41 3.33
C CYS C 109 1.03 -9.49 4.58
N VAL C 110 -0.27 -9.63 4.42
CA VAL C 110 -1.17 -9.70 5.56
C VAL C 110 -2.49 -10.37 5.19
N GLU C 111 -3.26 -10.74 6.21
CA GLU C 111 -4.54 -11.39 6.01
C GLU C 111 -5.68 -10.40 6.17
N VAL C 112 -6.23 -9.95 5.04
CA VAL C 112 -7.33 -8.99 5.06
C VAL C 112 -8.63 -9.65 5.50
N ALA C 113 -9.61 -8.83 5.88
CA ALA C 113 -10.90 -9.33 6.33
C ALA C 113 -11.78 -9.72 5.16
N ARG C 114 -11.84 -8.85 4.15
CA ARG C 114 -12.65 -9.11 2.97
C ARG C 114 -11.92 -8.63 1.71
N LEU C 115 -12.43 -9.02 0.55
CA LEU C 115 -11.84 -8.63 -0.72
C LEU C 115 -12.90 -8.40 -1.78
N PRO C 116 -12.55 -7.68 -2.86
CA PRO C 116 -13.48 -7.39 -3.95
C PRO C 116 -14.04 -8.66 -4.60
N LYS C 117 -15.34 -8.66 -4.85
CA LYS C 117 -15.99 -9.81 -5.47
C LYS C 117 -16.03 -11.00 -4.51
N ASP C 118 -15.84 -10.73 -3.23
CA ASP C 118 -15.85 -11.77 -2.21
C ASP C 118 -14.73 -12.78 -2.47
N VAL C 119 -13.75 -12.38 -3.28
CA VAL C 119 -12.62 -13.24 -3.59
C VAL C 119 -11.92 -13.72 -2.32
N GLY C 120 -10.97 -14.63 -2.48
CA GLY C 120 -10.25 -15.15 -1.33
C GLY C 120 -8.78 -14.79 -1.34
N LEU C 121 -8.40 -13.84 -2.19
CA LEU C 121 -7.00 -13.42 -2.27
C LEU C 121 -6.83 -12.26 -3.25
N GLU C 122 -5.85 -11.41 -2.97
CA GLU C 122 -5.55 -10.26 -3.81
C GLU C 122 -4.08 -9.91 -3.71
N ILE C 123 -3.45 -9.60 -4.85
CA ILE C 123 -2.03 -9.27 -4.85
C ILE C 123 -1.70 -8.18 -5.86
N GLU C 124 -0.84 -7.25 -5.47
CA GLU C 124 -0.41 -6.16 -6.34
C GLU C 124 1.04 -6.39 -6.75
N ALA C 125 1.40 -5.93 -7.93
CA ALA C 125 2.76 -6.10 -8.42
C ALA C 125 3.35 -4.80 -8.98
N ILE C 126 4.52 -4.42 -8.46
CA ILE C 126 5.20 -3.22 -8.90
C ILE C 126 6.51 -3.59 -9.59
N ALA C 127 6.75 -3.00 -10.76
CA ALA C 127 7.96 -3.30 -11.52
C ALA C 127 8.78 -2.04 -11.78
N VAL C 128 10.08 -2.23 -11.95
CA VAL C 128 11.00 -1.13 -12.21
C VAL C 128 11.79 -1.37 -13.50
N ARG C 129 11.57 -0.51 -14.49
CA ARG C 129 12.27 -0.63 -15.77
C ARG C 129 13.34 0.44 -15.91
N LYS C 130 14.26 0.48 -14.95
CA LYS C 130 15.35 1.45 -14.96
C LYS C 130 14.80 2.87 -14.97
N MET A 1 22.99 2.84 -14.06
CA MET A 1 22.66 1.72 -13.16
C MET A 1 21.64 2.14 -12.10
N MET A 2 20.36 2.02 -12.42
CA MET A 2 19.29 2.38 -11.50
C MET A 2 18.59 1.14 -10.96
N THR A 3 17.87 1.31 -9.86
CA THR A 3 17.15 0.20 -9.24
C THR A 3 18.12 -0.87 -8.74
N GLN A 4 17.94 -1.29 -7.50
CA GLN A 4 18.80 -2.32 -6.91
C GLN A 4 18.29 -2.74 -5.53
N ILE A 5 18.02 -4.03 -5.39
CA ILE A 5 17.52 -4.57 -4.12
C ILE A 5 18.50 -4.26 -2.98
N ILE A 6 17.97 -4.17 -1.77
CA ILE A 6 18.79 -3.89 -0.60
C ILE A 6 18.84 -5.07 0.36
N HIS A 7 19.90 -5.15 1.15
CA HIS A 7 20.07 -6.24 2.11
C HIS A 7 20.95 -5.79 3.27
N THR A 8 20.44 -5.96 4.49
CA THR A 8 21.17 -5.57 5.69
C THR A 8 21.19 -6.70 6.72
N GLU A 9 22.23 -6.75 7.53
CA GLU A 9 22.37 -7.78 8.55
C GLU A 9 21.90 -7.25 9.91
N LYS A 10 20.96 -6.32 9.90
CA LYS A 10 20.43 -5.74 11.12
C LYS A 10 19.00 -6.20 11.36
N ALA A 11 18.23 -6.30 10.30
CA ALA A 11 16.84 -6.73 10.40
C ALA A 11 16.71 -8.24 10.19
N PRO A 12 16.18 -8.96 11.18
CA PRO A 12 16.00 -10.42 11.08
C PRO A 12 15.06 -10.83 9.95
N ALA A 13 14.36 -9.85 9.40
CA ALA A 13 13.42 -10.11 8.30
C ALA A 13 14.10 -10.82 7.14
N ALA A 14 13.40 -10.90 6.02
CA ALA A 14 13.91 -11.56 4.82
C ALA A 14 14.27 -13.02 5.11
N ILE A 15 15.04 -13.61 4.20
CA ILE A 15 15.45 -15.01 4.34
C ILE A 15 14.35 -15.96 3.89
N GLY A 16 13.37 -15.41 3.16
CA GLY A 16 12.27 -16.21 2.67
C GLY A 16 12.02 -15.99 1.19
N PRO A 17 10.75 -15.89 0.77
CA PRO A 17 10.41 -15.68 -0.64
C PRO A 17 10.44 -14.21 -1.04
N TYR A 18 11.50 -13.51 -0.64
CA TYR A 18 11.64 -12.10 -0.96
C TYR A 18 12.99 -11.56 -0.47
N VAL A 19 13.12 -10.24 -0.50
CA VAL A 19 14.36 -9.59 -0.05
C VAL A 19 14.07 -8.61 1.09
N GLN A 20 15.11 -7.96 1.57
CA GLN A 20 14.97 -7.01 2.67
C GLN A 20 14.25 -5.74 2.22
N ALA A 21 14.75 -5.14 1.15
CA ALA A 21 14.15 -3.93 0.62
C ALA A 21 14.54 -3.71 -0.84
N VAL A 22 14.08 -2.61 -1.42
CA VAL A 22 14.39 -2.29 -2.81
C VAL A 22 14.72 -0.81 -2.98
N ASP A 23 15.80 -0.54 -3.71
CA ASP A 23 16.22 0.84 -3.94
C ASP A 23 16.08 1.21 -5.42
N LEU A 24 14.94 1.80 -5.78
CA LEU A 24 14.68 2.20 -7.15
C LEU A 24 15.68 3.26 -7.60
N GLY A 25 16.31 3.94 -6.64
CA GLY A 25 17.27 4.97 -6.96
C GLY A 25 17.05 6.22 -6.14
N ASN A 26 16.59 7.28 -6.80
CA ASN A 26 16.32 8.54 -6.11
C ASN A 26 15.33 8.32 -4.98
N LEU A 27 14.45 7.34 -5.16
CA LEU A 27 13.44 7.02 -4.17
C LEU A 27 13.61 5.58 -3.68
N VAL A 28 13.67 5.40 -2.37
CA VAL A 28 13.82 4.08 -1.77
C VAL A 28 12.52 3.61 -1.13
N LEU A 29 12.52 2.37 -0.65
CA LEU A 29 11.34 1.82 0.00
C LEU A 29 11.68 0.52 0.74
N THR A 30 11.02 0.29 1.85
CA THR A 30 11.26 -0.91 2.65
C THR A 30 10.09 -1.88 2.56
N SER A 31 10.39 -3.17 2.63
CA SER A 31 9.37 -4.21 2.55
C SER A 31 8.70 -4.41 3.90
N GLY A 32 7.53 -5.05 3.88
CA GLY A 32 6.79 -5.31 5.11
C GLY A 32 7.64 -6.00 6.17
N GLN A 33 8.25 -5.20 7.04
CA GLN A 33 9.10 -5.73 8.10
C GLN A 33 8.27 -6.54 9.10
N ILE A 34 8.92 -7.52 9.73
CA ILE A 34 8.25 -8.36 10.71
C ILE A 34 9.02 -8.37 12.04
N PRO A 35 8.31 -8.22 13.16
CA PRO A 35 8.91 -8.22 14.49
C PRO A 35 9.34 -9.60 14.94
N VAL A 36 10.39 -10.11 14.33
CA VAL A 36 10.91 -11.42 14.68
C VAL A 36 11.88 -11.34 15.83
N ASN A 37 11.33 -11.42 17.03
CA ASN A 37 12.12 -11.35 18.27
C ASN A 37 13.50 -11.97 18.12
N PRO A 38 14.57 -11.22 18.45
CA PRO A 38 15.93 -11.72 18.34
C PRO A 38 16.26 -12.75 19.42
N ALA A 39 15.32 -12.94 20.35
CA ALA A 39 15.50 -13.90 21.43
C ALA A 39 14.62 -15.14 21.25
N THR A 40 13.53 -15.00 20.51
CA THR A 40 12.63 -16.13 20.27
C THR A 40 12.34 -16.32 18.79
N GLY A 41 12.38 -15.22 18.04
CA GLY A 41 12.12 -15.29 16.61
C GLY A 41 10.64 -15.41 16.32
N GLU A 42 9.85 -14.50 16.88
CA GLU A 42 8.41 -14.50 16.66
C GLU A 42 7.84 -13.09 16.66
N VAL A 43 7.75 -12.50 17.85
CA VAL A 43 7.21 -11.15 18.00
C VAL A 43 7.04 -10.79 19.48
N PRO A 44 7.81 -9.79 19.97
CA PRO A 44 7.72 -9.36 21.36
C PRO A 44 6.30 -9.02 21.78
N ALA A 45 5.94 -9.40 23.01
CA ALA A 45 4.59 -9.15 23.52
C ALA A 45 4.39 -7.66 23.76
N ASP A 46 5.47 -6.97 24.11
CA ASP A 46 5.42 -5.55 24.37
C ASP A 46 5.26 -4.76 23.08
N ILE A 47 4.01 -4.43 22.77
CA ILE A 47 3.69 -3.68 21.55
C ILE A 47 4.68 -2.53 21.34
N VAL A 48 5.19 -1.97 22.44
CA VAL A 48 6.15 -0.88 22.38
C VAL A 48 7.52 -1.40 21.99
N ALA A 49 7.98 -2.42 22.72
CA ALA A 49 9.27 -3.03 22.43
C ALA A 49 9.28 -3.64 21.05
N GLN A 50 8.16 -4.22 20.67
CA GLN A 50 8.01 -4.84 19.35
C GLN A 50 8.00 -3.77 18.27
N ALA A 51 7.55 -2.58 18.63
CA ALA A 51 7.49 -1.47 17.69
C ALA A 51 8.86 -0.82 17.53
N ARG A 52 9.62 -0.78 18.63
CA ARG A 52 10.96 -0.18 18.61
C ARG A 52 11.91 -1.04 17.79
N GLN A 53 11.82 -2.35 17.96
CA GLN A 53 12.68 -3.28 17.23
C GLN A 53 12.34 -3.27 15.75
N SER A 54 11.05 -3.21 15.44
CA SER A 54 10.58 -3.19 14.06
C SER A 54 10.93 -1.87 13.39
N LEU A 55 10.84 -0.78 14.16
CA LEU A 55 11.13 0.55 13.64
C LEU A 55 12.63 0.68 13.33
N GLU A 56 13.45 0.12 14.21
CA GLU A 56 14.91 0.18 14.03
C GLU A 56 15.33 -0.63 12.82
N ASN A 57 14.68 -1.78 12.62
CA ASN A 57 14.98 -2.66 11.50
C ASN A 57 14.69 -1.96 10.18
N VAL A 58 13.54 -1.28 10.12
CA VAL A 58 13.15 -0.56 8.92
C VAL A 58 14.17 0.53 8.57
N LYS A 59 14.72 1.15 9.61
CA LYS A 59 15.71 2.20 9.41
C LYS A 59 17.08 1.61 9.12
N ALA A 60 17.36 0.45 9.70
CA ALA A 60 18.63 -0.23 9.49
C ALA A 60 18.83 -0.57 8.02
N ILE A 61 17.76 -0.98 7.37
CA ILE A 61 17.82 -1.33 5.95
C ILE A 61 18.02 -0.09 5.10
N ILE A 62 17.25 0.96 5.40
CA ILE A 62 17.35 2.21 4.67
C ILE A 62 18.69 2.88 4.95
N GLU A 63 19.20 2.69 6.16
CA GLU A 63 20.47 3.28 6.56
C GLU A 63 21.61 2.55 5.87
N LYS A 64 21.50 1.23 5.80
CA LYS A 64 22.52 0.40 5.15
C LYS A 64 22.64 0.79 3.68
N ALA A 65 21.59 1.39 3.15
CA ALA A 65 21.58 1.81 1.74
C ALA A 65 22.16 3.21 1.60
N GLY A 66 22.03 4.01 2.66
CA GLY A 66 22.55 5.36 2.64
C GLY A 66 21.46 6.41 2.72
N LEU A 67 20.53 6.22 3.65
CA LEU A 67 19.43 7.16 3.84
C LEU A 67 18.88 7.08 5.26
N THR A 68 18.59 8.24 5.85
CA THR A 68 18.05 8.30 7.19
C THR A 68 16.52 8.34 7.17
N ALA A 69 15.90 7.97 8.28
CA ALA A 69 14.46 7.97 8.38
C ALA A 69 13.88 9.34 8.07
N ALA A 70 14.62 10.39 8.45
CA ALA A 70 14.19 11.76 8.20
C ALA A 70 13.83 11.95 6.72
N ASP A 71 14.47 11.16 5.86
CA ASP A 71 14.22 11.23 4.43
C ASP A 71 12.87 10.60 4.10
N ILE A 72 12.43 9.67 4.94
CA ILE A 72 11.15 8.98 4.75
C ILE A 72 10.04 9.98 4.46
N VAL A 73 9.44 9.86 3.29
CA VAL A 73 8.35 10.75 2.88
C VAL A 73 6.99 10.18 3.27
N LYS A 74 6.91 8.84 3.29
CA LYS A 74 5.66 8.17 3.64
C LYS A 74 5.95 6.97 4.54
N THR A 75 4.93 6.51 5.26
CA THR A 75 5.09 5.37 6.15
C THR A 75 3.77 4.63 6.36
N THR A 76 3.84 3.31 6.34
CA THR A 76 2.66 2.46 6.54
C THR A 76 2.92 1.45 7.66
N VAL A 77 1.90 1.22 8.47
CA VAL A 77 2.04 0.27 9.58
C VAL A 77 0.74 -0.47 9.85
N PHE A 78 0.76 -1.78 9.65
CA PHE A 78 -0.41 -2.61 9.88
C PHE A 78 -0.44 -3.10 11.33
N VAL A 79 -1.41 -2.61 12.09
CA VAL A 79 -1.56 -2.99 13.49
C VAL A 79 -2.60 -4.10 13.67
N LYS A 80 -2.36 -4.93 14.67
CA LYS A 80 -3.27 -6.02 14.98
C LYS A 80 -4.18 -5.63 16.14
N ASP A 81 -3.92 -4.46 16.71
CA ASP A 81 -4.71 -3.95 17.83
C ASP A 81 -4.66 -2.43 17.87
N LEU A 82 -5.68 -1.79 17.31
CA LEU A 82 -5.76 -0.34 17.29
C LEU A 82 -5.70 0.24 18.70
N ASN A 83 -5.97 -0.59 19.69
CA ASN A 83 -5.94 -0.15 21.08
C ASN A 83 -4.50 -0.03 21.57
N ASP A 84 -3.60 -0.78 20.94
CA ASP A 84 -2.19 -0.74 21.30
C ASP A 84 -1.46 0.37 20.55
N PHE A 85 -2.06 0.83 19.45
CA PHE A 85 -1.47 1.89 18.64
C PHE A 85 -1.21 3.14 19.47
N ALA A 86 -1.93 3.28 20.59
CA ALA A 86 -1.78 4.43 21.47
C ALA A 86 -0.34 4.60 21.92
N ALA A 87 0.33 3.47 22.15
CA ALA A 87 1.72 3.48 22.59
C ALA A 87 2.67 3.62 21.41
N VAL A 88 2.40 2.88 20.35
CA VAL A 88 3.23 2.93 19.15
C VAL A 88 3.15 4.30 18.49
N ASN A 89 1.95 4.89 18.52
CA ASN A 89 1.73 6.20 17.93
C ASN A 89 2.50 7.28 18.70
N ALA A 90 2.46 7.17 20.03
CA ALA A 90 3.15 8.13 20.88
C ALA A 90 4.66 8.05 20.70
N GLU A 91 5.16 6.83 20.51
CA GLU A 91 6.59 6.62 20.32
C GLU A 91 6.99 6.84 18.87
N TYR A 92 6.06 6.55 17.96
CA TYR A 92 6.31 6.71 16.52
C TYR A 92 6.79 8.13 16.21
N GLU A 93 6.12 9.11 16.82
CA GLU A 93 6.48 10.51 16.61
C GLU A 93 7.59 10.95 17.55
N ARG A 94 7.75 10.23 18.65
CA ARG A 94 8.78 10.55 19.65
C ARG A 94 10.16 10.16 19.15
N PHE A 95 10.22 9.24 18.19
CA PHE A 95 11.50 8.81 17.65
C PHE A 95 11.89 9.64 16.43
N PHE A 96 10.89 10.04 15.65
CA PHE A 96 11.13 10.86 14.47
C PHE A 96 11.89 12.12 14.85
N LYS A 97 11.27 12.91 15.71
CA LYS A 97 11.87 14.15 16.17
C LYS A 97 13.15 13.86 16.95
N GLU A 98 13.20 12.70 17.59
CA GLU A 98 14.38 12.32 18.35
C GLU A 98 15.49 11.85 17.43
N ASN A 99 15.16 11.67 16.15
CA ASN A 99 16.13 11.23 15.15
C ASN A 99 16.37 12.34 14.14
N ASN A 100 15.60 13.42 14.25
CA ASN A 100 15.70 14.57 13.35
C ASN A 100 14.81 14.37 12.13
N HIS A 101 13.67 13.71 12.35
CA HIS A 101 12.71 13.43 11.29
C HIS A 101 11.38 14.15 11.56
N PRO A 102 11.43 15.47 11.79
CA PRO A 102 10.22 16.26 12.07
C PRO A 102 9.36 16.49 10.83
N ASN A 103 9.95 16.32 9.66
CA ASN A 103 9.24 16.51 8.40
C ASN A 103 7.86 15.82 8.42
N PHE A 104 7.81 14.68 9.08
CA PHE A 104 6.58 13.90 9.20
C PHE A 104 6.15 13.32 7.85
N PRO A 105 6.33 11.99 7.67
CA PRO A 105 5.96 11.32 6.42
C PRO A 105 4.49 10.92 6.40
N ALA A 106 3.97 10.67 5.21
CA ALA A 106 2.57 10.27 5.06
C ALA A 106 2.28 9.03 5.91
N ARG A 107 1.02 8.86 6.29
CA ARG A 107 0.63 7.72 7.11
C ARG A 107 -0.30 6.78 6.34
N SER A 108 -0.23 5.50 6.69
CA SER A 108 -1.06 4.48 6.05
C SER A 108 -1.16 3.24 6.93
N CYS A 109 -1.58 3.44 8.18
CA CYS A 109 -1.71 2.34 9.12
C CYS A 109 -3.18 1.95 9.30
N VAL A 110 -3.41 0.67 9.53
CA VAL A 110 -4.77 0.16 9.71
C VAL A 110 -4.77 -1.10 10.56
N GLU A 111 -5.91 -1.38 11.20
CA GLU A 111 -6.05 -2.55 12.04
C GLU A 111 -6.27 -3.80 11.20
N VAL A 112 -5.18 -4.52 10.92
CA VAL A 112 -5.25 -5.73 10.13
C VAL A 112 -5.64 -6.94 10.99
N ALA A 113 -6.34 -7.88 10.38
CA ALA A 113 -6.78 -9.08 11.09
C ALA A 113 -5.59 -9.87 11.62
N ARG A 114 -4.58 -10.06 10.77
CA ARG A 114 -3.38 -10.80 11.14
C ARG A 114 -2.20 -10.37 10.29
N LEU A 115 -1.01 -10.83 10.66
CA LEU A 115 0.20 -10.50 9.92
C LEU A 115 1.15 -11.70 9.88
N PRO A 116 2.10 -11.70 8.93
CA PRO A 116 3.07 -12.80 8.79
C PRO A 116 3.69 -13.18 10.13
N LYS A 117 3.82 -14.48 10.36
CA LYS A 117 4.39 -15.00 11.61
C LYS A 117 3.46 -14.74 12.79
N ASP A 118 2.19 -14.46 12.49
CA ASP A 118 1.19 -14.19 13.53
C ASP A 118 1.57 -12.95 14.34
N VAL A 119 2.47 -12.14 13.80
CA VAL A 119 2.91 -10.93 14.48
C VAL A 119 1.75 -9.95 14.65
N GLY A 120 1.86 -9.09 15.65
CA GLY A 120 0.82 -8.12 15.92
C GLY A 120 1.15 -6.74 15.37
N LEU A 121 1.99 -6.70 14.34
CA LEU A 121 2.37 -5.44 13.73
C LEU A 121 3.32 -5.66 12.54
N GLU A 122 3.37 -4.67 11.67
CA GLU A 122 4.22 -4.73 10.48
C GLU A 122 4.62 -3.32 10.05
N ILE A 123 5.81 -3.19 9.48
CA ILE A 123 6.29 -1.89 9.03
C ILE A 123 6.64 -1.89 7.55
N GLU A 124 6.42 -0.76 6.90
CA GLU A 124 6.69 -0.59 5.47
C GLU A 124 6.55 0.87 5.08
N ALA A 125 7.67 1.57 4.97
CA ALA A 125 7.65 2.98 4.61
C ALA A 125 8.52 3.27 3.39
N ILE A 126 8.34 4.46 2.83
CA ILE A 126 9.11 4.88 1.65
C ILE A 126 10.02 6.05 2.01
N ALA A 127 11.11 6.19 1.27
CA ALA A 127 12.06 7.27 1.52
C ALA A 127 12.60 7.86 0.22
N VAL A 128 12.97 9.14 0.26
CA VAL A 128 13.51 9.81 -0.91
C VAL A 128 15.01 10.02 -0.77
N ARG A 129 15.61 10.65 -1.77
CA ARG A 129 17.05 10.90 -1.76
C ARG A 129 17.42 11.97 -2.80
N LYS A 130 16.68 13.06 -2.81
CA LYS A 130 16.92 14.15 -3.76
C LYS A 130 16.61 15.50 -3.12
N MET B 1 15.32 21.29 -6.54
CA MET B 1 14.47 21.17 -5.33
C MET B 1 13.30 20.20 -5.56
N MET B 2 13.54 18.92 -5.30
CA MET B 2 12.52 17.90 -5.48
C MET B 2 12.01 17.40 -4.13
N THR B 3 10.85 16.76 -4.14
CA THR B 3 10.25 16.23 -2.92
C THR B 3 9.91 17.35 -1.95
N GLN B 4 8.69 17.33 -1.42
CA GLN B 4 8.24 18.35 -0.48
C GLN B 4 6.87 18.01 0.08
N ILE B 5 6.78 17.91 1.40
CA ILE B 5 5.53 17.59 2.07
C ILE B 5 4.44 18.61 1.71
N ILE B 6 3.19 18.19 1.76
CA ILE B 6 2.07 19.07 1.45
C ILE B 6 1.21 19.33 2.68
N HIS B 7 0.51 20.45 2.67
CA HIS B 7 -0.36 20.83 3.79
C HIS B 7 -1.48 21.74 3.31
N THR B 8 -2.72 21.36 3.61
CA THR B 8 -3.88 22.15 3.21
C THR B 8 -4.82 22.37 4.39
N GLU B 9 -5.55 23.49 4.35
CA GLU B 9 -6.49 23.82 5.42
C GLU B 9 -7.91 23.43 5.03
N LYS B 10 -8.03 22.37 4.23
CA LYS B 10 -9.33 21.88 3.79
C LYS B 10 -9.65 20.54 4.43
N ALA B 11 -8.64 19.68 4.54
CA ALA B 11 -8.82 18.37 5.14
C ALA B 11 -8.52 18.40 6.63
N PRO B 12 -9.50 18.03 7.49
CA PRO B 12 -9.32 18.03 8.95
C PRO B 12 -8.24 17.04 9.39
N ALA B 13 -7.80 16.18 8.47
CA ALA B 13 -6.77 15.19 8.77
C ALA B 13 -5.51 15.85 9.33
N ALA B 14 -4.45 15.06 9.42
CA ALA B 14 -3.18 15.55 9.95
C ALA B 14 -3.33 16.09 11.36
N ILE B 15 -2.33 16.84 11.81
CA ILE B 15 -2.33 17.42 13.15
C ILE B 15 -1.90 16.39 14.19
N GLY B 16 -1.30 15.31 13.73
CA GLY B 16 -0.84 14.26 14.62
C GLY B 16 0.60 13.87 14.35
N PRO B 17 0.92 12.57 14.39
CA PRO B 17 2.27 12.08 14.12
C PRO B 17 2.57 11.92 12.64
N TYR B 18 2.21 12.92 11.84
CA TYR B 18 2.44 12.87 10.40
C TYR B 18 2.02 14.18 9.74
N VAL B 19 1.97 14.18 8.41
CA VAL B 19 1.58 15.35 7.66
C VAL B 19 0.35 15.05 6.79
N GLN B 20 -0.09 16.06 6.05
CA GLN B 20 -1.27 15.90 5.18
C GLN B 20 -0.96 15.00 4.00
N ALA B 21 0.13 15.32 3.29
CA ALA B 21 0.54 14.54 2.13
C ALA B 21 2.00 14.80 1.78
N VAL B 22 2.46 14.17 0.71
CA VAL B 22 3.85 14.34 0.28
C VAL B 22 3.93 14.48 -1.23
N ASP B 23 4.72 15.46 -1.69
CA ASP B 23 4.88 15.71 -3.11
C ASP B 23 6.32 15.42 -3.55
N LEU B 24 6.56 14.20 -4.01
CA LEU B 24 7.88 13.79 -4.47
C LEU B 24 8.33 14.63 -5.67
N GLY B 25 7.36 15.24 -6.34
CA GLY B 25 7.68 16.06 -7.51
C GLY B 25 6.76 15.75 -8.67
N ASN B 26 7.31 15.13 -9.71
CA ASN B 26 6.52 14.77 -10.88
C ASN B 26 5.34 13.89 -10.49
N LEU B 27 5.54 13.12 -9.41
CA LEU B 27 4.50 12.23 -8.91
C LEU B 27 4.13 12.60 -7.47
N VAL B 28 2.83 12.78 -7.23
CA VAL B 28 2.34 13.12 -5.90
C VAL B 28 1.65 11.93 -5.25
N LEU B 29 1.25 12.10 -3.99
CA LEU B 29 0.57 11.06 -3.25
C LEU B 29 -0.06 11.61 -1.98
N THR B 30 -1.20 11.04 -1.60
CA THR B 30 -1.90 11.48 -0.39
C THR B 30 -1.81 10.42 0.71
N SER B 31 -1.77 10.87 1.96
CA SER B 31 -1.68 9.96 3.09
C SER B 31 -3.05 9.41 3.47
N GLY B 32 -3.05 8.32 4.23
CA GLY B 32 -4.30 7.70 4.63
C GLY B 32 -5.26 8.69 5.29
N GLN B 33 -6.14 9.28 4.49
CA GLN B 33 -7.10 10.25 5.00
C GLN B 33 -8.09 9.59 5.96
N ILE B 34 -8.60 10.38 6.89
CA ILE B 34 -9.56 9.88 7.87
C ILE B 34 -10.83 10.73 7.88
N PRO B 35 -12.01 10.09 7.88
CA PRO B 35 -13.30 10.78 7.89
C PRO B 35 -13.61 11.38 9.26
N VAL B 36 -12.91 12.45 9.59
CA VAL B 36 -13.12 13.13 10.87
C VAL B 36 -14.22 14.16 10.74
N ASN B 37 -15.45 13.71 10.96
CA ASN B 37 -16.64 14.55 10.88
C ASN B 37 -16.34 15.99 11.33
N PRO B 38 -16.67 16.98 10.49
CA PRO B 38 -16.44 18.39 10.83
C PRO B 38 -17.42 18.90 11.88
N ALA B 39 -18.38 18.05 12.25
CA ALA B 39 -19.38 18.42 13.24
C ALA B 39 -19.17 17.67 14.55
N THR B 40 -18.50 16.51 14.49
CA THR B 40 -18.25 15.74 15.70
C THR B 40 -16.77 15.36 15.82
N GLY B 41 -16.10 15.23 14.69
CA GLY B 41 -14.70 14.88 14.69
C GLY B 41 -14.49 13.40 14.95
N GLU B 42 -15.17 12.56 14.17
CA GLU B 42 -15.04 11.11 14.33
C GLU B 42 -15.18 10.39 13.00
N VAL B 43 -16.41 10.32 12.49
CA VAL B 43 -16.69 9.66 11.22
C VAL B 43 -18.19 9.56 10.97
N PRO B 44 -18.70 10.25 9.93
CA PRO B 44 -20.13 10.22 9.59
C PRO B 44 -20.66 8.80 9.45
N ALA B 45 -21.87 8.57 9.95
CA ALA B 45 -22.49 7.25 9.87
C ALA B 45 -22.85 6.90 8.43
N ASP B 46 -23.18 7.92 7.65
CA ASP B 46 -23.54 7.74 6.25
C ASP B 46 -22.31 7.40 5.43
N ILE B 47 -22.12 6.11 5.21
CA ILE B 47 -20.98 5.63 4.43
C ILE B 47 -20.79 6.46 3.16
N VAL B 48 -21.89 6.99 2.63
CA VAL B 48 -21.84 7.81 1.43
C VAL B 48 -21.33 9.20 1.77
N ALA B 49 -21.94 9.82 2.77
CA ALA B 49 -21.54 11.15 3.22
C ALA B 49 -20.11 11.12 3.73
N GLN B 50 -19.76 10.04 4.41
CA GLN B 50 -18.43 9.86 4.96
C GLN B 50 -17.42 9.67 3.83
N ALA B 51 -17.89 9.12 2.72
CA ALA B 51 -17.04 8.87 1.56
C ALA B 51 -16.84 10.15 0.76
N ARG B 52 -17.88 10.97 0.70
CA ARG B 52 -17.82 12.23 -0.04
C ARG B 52 -16.88 13.21 0.63
N GLN B 53 -16.97 13.28 1.96
CA GLN B 53 -16.12 14.18 2.73
C GLN B 53 -14.67 13.73 2.68
N SER B 54 -14.46 12.42 2.74
CA SER B 54 -13.11 11.86 2.69
C SER B 54 -12.52 12.01 1.29
N LEU B 55 -13.35 11.85 0.28
CA LEU B 55 -12.92 11.97 -1.11
C LEU B 55 -12.52 13.41 -1.43
N GLU B 56 -13.30 14.36 -0.92
CA GLU B 56 -13.04 15.77 -1.16
C GLU B 56 -11.74 16.19 -0.47
N ASN B 57 -11.51 15.66 0.72
CA ASN B 57 -10.31 15.98 1.49
C ASN B 57 -9.07 15.51 0.75
N VAL B 58 -9.13 14.31 0.20
CA VAL B 58 -8.00 13.75 -0.55
C VAL B 58 -7.67 14.61 -1.76
N LYS B 59 -8.71 15.16 -2.38
CA LYS B 59 -8.54 16.02 -3.54
C LYS B 59 -8.11 17.41 -3.13
N ALA B 60 -8.59 17.86 -1.98
CA ALA B 60 -8.25 19.18 -1.46
C ALA B 60 -6.74 19.32 -1.25
N ILE B 61 -6.13 18.25 -0.75
CA ILE B 61 -4.69 18.25 -0.50
C ILE B 61 -3.92 18.26 -1.82
N ILE B 62 -4.34 17.39 -2.74
CA ILE B 62 -3.70 17.30 -4.04
C ILE B 62 -3.94 18.56 -4.85
N GLU B 63 -5.11 19.17 -4.64
CA GLU B 63 -5.46 20.39 -5.35
C GLU B 63 -4.65 21.56 -4.79
N LYS B 64 -4.50 21.60 -3.48
CA LYS B 64 -3.74 22.66 -2.83
C LYS B 64 -2.29 22.63 -3.30
N ALA B 65 -1.85 21.47 -3.82
CA ALA B 65 -0.50 21.33 -4.32
C ALA B 65 -0.41 21.74 -5.78
N GLY B 66 -1.53 21.59 -6.50
CA GLY B 66 -1.56 21.94 -7.90
C GLY B 66 -1.80 20.75 -8.80
N LEU B 67 -2.78 19.92 -8.45
CA LEU B 67 -3.09 18.74 -9.24
C LEU B 67 -4.54 18.30 -9.01
N THR B 68 -5.21 17.92 -10.08
CA THR B 68 -6.60 17.47 -9.99
C THR B 68 -6.67 15.95 -9.86
N ALA B 69 -7.79 15.46 -9.36
CA ALA B 69 -7.97 14.02 -9.17
C ALA B 69 -7.80 13.28 -10.49
N ALA B 70 -8.21 13.92 -11.58
CA ALA B 70 -8.07 13.31 -12.91
C ALA B 70 -6.65 12.84 -13.14
N ASP B 71 -5.70 13.50 -12.49
CA ASP B 71 -4.30 13.14 -12.61
C ASP B 71 -4.01 11.86 -11.85
N ILE B 72 -4.81 11.59 -10.82
CA ILE B 72 -4.65 10.39 -10.01
C ILE B 72 -4.50 9.15 -10.88
N VAL B 73 -3.35 8.48 -10.76
CA VAL B 73 -3.08 7.28 -11.53
C VAL B 73 -3.51 6.02 -10.78
N LYS B 74 -3.45 6.08 -9.45
CA LYS B 74 -3.83 4.96 -8.61
C LYS B 74 -4.63 5.43 -7.41
N THR B 75 -5.38 4.52 -6.79
CA THR B 75 -6.19 4.87 -5.63
C THR B 75 -6.41 3.66 -4.73
N THR B 76 -6.31 3.89 -3.43
CA THR B 76 -6.52 2.83 -2.44
C THR B 76 -7.55 3.27 -1.40
N VAL B 77 -8.41 2.35 -0.99
CA VAL B 77 -9.45 2.67 -0.01
C VAL B 77 -9.75 1.49 0.89
N PHE B 78 -9.46 1.65 2.18
CA PHE B 78 -9.70 0.59 3.15
C PHE B 78 -11.11 0.72 3.72
N VAL B 79 -11.96 -0.25 3.40
CA VAL B 79 -13.34 -0.26 3.88
C VAL B 79 -13.52 -1.14 5.09
N LYS B 80 -14.44 -0.75 5.97
CA LYS B 80 -14.73 -1.51 7.17
C LYS B 80 -15.97 -2.38 6.96
N ASP B 81 -16.60 -2.20 5.80
CA ASP B 81 -17.79 -2.96 5.46
C ASP B 81 -17.95 -3.07 3.94
N LEU B 82 -17.50 -4.19 3.39
CA LEU B 82 -17.57 -4.43 1.96
C LEU B 82 -19.01 -4.35 1.46
N ASN B 83 -19.97 -4.45 2.39
CA ASN B 83 -21.38 -4.36 2.03
C ASN B 83 -21.79 -2.92 1.77
N ASP B 84 -21.05 -1.99 2.37
CA ASP B 84 -21.32 -0.57 2.19
C ASP B 84 -20.60 -0.02 0.96
N PHE B 85 -19.57 -0.74 0.51
CA PHE B 85 -18.81 -0.33 -0.66
C PHE B 85 -19.71 -0.16 -1.88
N ALA B 86 -20.87 -0.82 -1.86
CA ALA B 86 -21.81 -0.73 -2.98
C ALA B 86 -22.20 0.72 -3.27
N ALA B 87 -22.29 1.53 -2.21
CA ALA B 87 -22.65 2.93 -2.36
C ALA B 87 -21.42 3.77 -2.68
N VAL B 88 -20.33 3.51 -1.97
CA VAL B 88 -19.09 4.25 -2.20
C VAL B 88 -18.54 3.96 -3.59
N ASN B 89 -18.67 2.72 -4.03
CA ASN B 89 -18.19 2.31 -5.35
C ASN B 89 -18.98 3.00 -6.45
N ALA B 90 -20.29 3.07 -6.26
CA ALA B 90 -21.18 3.71 -7.24
C ALA B 90 -20.89 5.21 -7.35
N GLU B 91 -20.58 5.83 -6.22
CA GLU B 91 -20.29 7.26 -6.19
C GLU B 91 -18.82 7.52 -6.54
N TYR B 92 -17.97 6.57 -6.18
CA TYR B 92 -16.53 6.69 -6.47
C TYR B 92 -16.29 6.98 -7.94
N GLU B 93 -16.99 6.25 -8.79
CA GLU B 93 -16.86 6.42 -10.24
C GLU B 93 -17.76 7.54 -10.75
N ARG B 94 -18.80 7.86 -9.99
CA ARG B 94 -19.73 8.91 -10.38
C ARG B 94 -19.12 10.30 -10.19
N PHE B 95 -18.10 10.39 -9.35
CA PHE B 95 -17.46 11.67 -9.10
C PHE B 95 -16.27 11.86 -10.04
N PHE B 96 -15.59 10.78 -10.37
CA PHE B 96 -14.46 10.84 -11.27
C PHE B 96 -14.86 11.46 -12.59
N LYS B 97 -15.82 10.82 -13.25
CA LYS B 97 -16.32 11.31 -14.52
C LYS B 97 -17.00 12.66 -14.35
N GLU B 98 -17.55 12.90 -13.17
CA GLU B 98 -18.21 14.17 -12.88
C GLU B 98 -17.18 15.26 -12.60
N ASN B 99 -15.92 14.85 -12.46
CA ASN B 99 -14.83 15.79 -12.20
C ASN B 99 -13.88 15.84 -13.39
N ASN B 100 -14.12 14.95 -14.37
CA ASN B 100 -13.29 14.85 -15.57
C ASN B 100 -12.12 13.90 -15.33
N HIS B 101 -12.37 12.87 -14.53
CA HIS B 101 -11.36 11.88 -14.20
C HIS B 101 -11.75 10.49 -14.74
N PRO B 102 -12.07 10.40 -16.04
CA PRO B 102 -12.47 9.13 -16.67
C PRO B 102 -11.30 8.16 -16.86
N ASN B 103 -10.08 8.69 -16.83
CA ASN B 103 -8.88 7.87 -17.02
C ASN B 103 -8.94 6.60 -16.17
N PHE B 104 -9.53 6.71 -14.99
CA PHE B 104 -9.68 5.60 -14.07
C PHE B 104 -8.33 5.14 -13.52
N PRO B 105 -8.03 5.46 -12.24
CA PRO B 105 -6.79 5.08 -11.60
C PRO B 105 -6.82 3.67 -11.02
N ALA B 106 -5.64 3.09 -10.79
CA ALA B 106 -5.56 1.75 -10.23
C ALA B 106 -6.34 1.65 -8.92
N ARG B 107 -6.79 0.45 -8.59
CA ARG B 107 -7.55 0.24 -7.36
C ARG B 107 -6.79 -0.61 -6.36
N SER B 108 -7.05 -0.38 -5.08
CA SER B 108 -6.39 -1.13 -4.02
C SER B 108 -7.20 -1.03 -2.73
N CYS B 109 -8.48 -1.37 -2.80
CA CYS B 109 -9.36 -1.32 -1.64
C CYS B 109 -9.60 -2.72 -1.08
N VAL B 110 -9.75 -2.79 0.25
CA VAL B 110 -9.99 -4.07 0.91
C VAL B 110 -10.76 -3.87 2.22
N GLU B 111 -11.45 -4.92 2.65
CA GLU B 111 -12.23 -4.87 3.87
C GLU B 111 -11.32 -5.00 5.09
N VAL B 112 -10.93 -3.87 5.66
CA VAL B 112 -10.07 -3.85 6.83
C VAL B 112 -10.88 -4.05 8.12
N ALA B 113 -10.26 -4.69 9.11
CA ALA B 113 -10.92 -4.94 10.39
C ALA B 113 -11.32 -3.62 11.06
N ARG B 114 -10.39 -2.68 11.08
CA ARG B 114 -10.64 -1.38 11.69
C ARG B 114 -9.73 -0.32 11.09
N LEU B 115 -9.99 0.95 11.44
CA LEU B 115 -9.19 2.05 10.92
C LEU B 115 -9.01 3.12 12.00
N PRO B 116 -8.00 4.00 11.84
CA PRO B 116 -7.73 5.07 12.80
C PRO B 116 -9.00 5.83 13.19
N LYS B 117 -9.14 6.10 14.48
CA LYS B 117 -10.31 6.82 14.98
C LYS B 117 -11.56 5.96 14.90
N ASP B 118 -11.36 4.66 14.76
CA ASP B 118 -12.48 3.72 14.66
C ASP B 118 -13.35 4.01 13.44
N VAL B 119 -12.79 4.78 12.50
CA VAL B 119 -13.51 5.13 11.28
C VAL B 119 -13.83 3.89 10.46
N GLY B 120 -14.88 3.98 9.65
CA GLY B 120 -15.27 2.85 8.82
C GLY B 120 -14.80 2.99 7.39
N LEU B 121 -13.72 3.74 7.19
CA LEU B 121 -13.17 3.94 5.84
C LEU B 121 -11.92 4.81 5.88
N GLU B 122 -11.10 4.69 4.85
CA GLU B 122 -9.86 5.46 4.73
C GLU B 122 -9.51 5.67 3.27
N ILE B 123 -8.87 6.80 2.96
CA ILE B 123 -8.49 7.09 1.58
C ILE B 123 -6.99 7.34 1.45
N GLU B 124 -6.44 6.94 0.32
CA GLU B 124 -5.01 7.11 0.04
C GLU B 124 -4.72 6.75 -1.42
N ALA B 125 -4.60 7.79 -2.25
CA ALA B 125 -4.33 7.58 -3.67
C ALA B 125 -3.08 8.32 -4.13
N ILE B 126 -2.61 7.98 -5.32
CA ILE B 126 -1.42 8.60 -5.90
C ILE B 126 -1.80 9.40 -7.15
N ALA B 127 -1.01 10.42 -7.46
CA ALA B 127 -1.27 11.25 -8.63
C ALA B 127 0.02 11.63 -9.35
N VAL B 128 -0.09 11.85 -10.66
CA VAL B 128 1.06 12.22 -11.46
C VAL B 128 1.01 13.69 -11.84
N ARG B 129 2.00 14.15 -12.60
CA ARG B 129 2.06 15.55 -13.02
C ARG B 129 3.05 15.73 -14.17
N LYS B 130 2.93 14.87 -15.17
CA LYS B 130 3.81 14.93 -16.33
C LYS B 130 3.07 14.50 -17.60
N MET C 1 6.06 12.28 -23.32
CA MET C 1 4.81 11.55 -23.02
C MET C 1 5.02 10.49 -21.93
N MET C 2 4.86 10.90 -20.67
CA MET C 2 5.04 10.00 -19.55
C MET C 2 3.70 9.65 -18.91
N THR C 3 3.69 8.57 -18.13
CA THR C 3 2.47 8.13 -17.47
C THR C 3 1.41 7.71 -18.48
N GLN C 4 0.83 6.54 -18.28
CA GLN C 4 -0.21 6.04 -19.18
C GLN C 4 -0.82 4.75 -18.64
N ILE C 5 -2.14 4.76 -18.45
CA ILE C 5 -2.86 3.60 -17.95
C ILE C 5 -2.63 2.38 -18.84
N ILE C 6 -2.73 1.20 -18.25
CA ILE C 6 -2.53 -0.04 -19.00
C ILE C 6 -3.82 -0.85 -19.08
N HIS C 7 -3.93 -1.68 -20.11
CA HIS C 7 -5.11 -2.51 -20.31
C HIS C 7 -4.76 -3.77 -21.10
N THR C 8 -5.10 -4.92 -20.55
CA THR C 8 -4.82 -6.19 -21.19
C THR C 8 -6.07 -7.07 -21.25
N GLU C 9 -6.13 -7.94 -22.26
CA GLU C 9 -7.27 -8.84 -22.41
C GLU C 9 -6.95 -10.22 -21.85
N LYS C 10 -6.09 -10.26 -20.84
CA LYS C 10 -5.70 -11.52 -20.21
C LYS C 10 -6.28 -11.63 -18.81
N ALA C 11 -6.28 -10.51 -18.09
CA ALA C 11 -6.82 -10.49 -16.74
C ALA C 11 -8.30 -10.09 -16.73
N PRO C 12 -9.17 -10.95 -16.20
CA PRO C 12 -10.61 -10.67 -16.15
C PRO C 12 -10.94 -9.45 -15.28
N ALA C 13 -9.95 -8.97 -14.54
CA ALA C 13 -10.13 -7.81 -13.68
C ALA C 13 -10.65 -6.60 -14.46
N ALA C 14 -10.63 -5.44 -13.81
CA ALA C 14 -11.09 -4.21 -14.43
C ALA C 14 -12.55 -4.34 -14.88
N ILE C 15 -12.98 -3.42 -15.72
CA ILE C 15 -14.35 -3.40 -16.23
C ILE C 15 -15.31 -2.78 -15.22
N GLY C 16 -14.74 -2.08 -14.25
CA GLY C 16 -15.54 -1.43 -13.23
C GLY C 16 -15.16 0.02 -13.04
N PRO C 17 -15.10 0.51 -11.78
CA PRO C 17 -14.74 1.89 -11.49
C PRO C 17 -13.22 2.11 -11.44
N TYR C 18 -12.52 1.57 -12.42
CA TYR C 18 -11.06 1.71 -12.49
C TYR C 18 -10.50 1.08 -13.76
N VAL C 19 -9.18 0.95 -13.81
CA VAL C 19 -8.52 0.36 -14.96
C VAL C 19 -7.71 -0.87 -14.56
N GLN C 20 -7.05 -1.49 -15.53
CA GLN C 20 -6.26 -2.69 -15.26
C GLN C 20 -5.00 -2.36 -14.48
N ALA C 21 -4.23 -1.39 -14.98
CA ALA C 21 -3.00 -0.98 -14.32
C ALA C 21 -2.57 0.41 -14.77
N VAL C 22 -1.44 0.87 -14.25
CA VAL C 22 -0.92 2.19 -14.61
C VAL C 22 0.58 2.15 -14.83
N ASP C 23 1.02 2.79 -15.92
CA ASP C 23 2.45 2.82 -16.25
C ASP C 23 2.99 4.24 -16.16
N LEU C 24 3.54 4.58 -14.99
CA LEU C 24 4.10 5.91 -14.77
C LEU C 24 5.27 6.17 -15.71
N GLY C 25 5.86 5.10 -16.24
CA GLY C 25 6.98 5.24 -17.14
C GLY C 25 8.10 4.28 -16.80
N ASN C 26 9.20 4.82 -16.29
CA ASN C 26 10.34 4.00 -15.90
C ASN C 26 9.92 2.96 -14.87
N LEU C 27 8.91 3.32 -14.08
CA LEU C 27 8.40 2.43 -13.05
C LEU C 27 6.92 2.11 -13.29
N VAL C 28 6.58 0.83 -13.31
CA VAL C 28 5.21 0.40 -13.52
C VAL C 28 4.58 -0.11 -12.24
N LEU C 29 3.30 -0.43 -12.30
CA LEU C 29 2.57 -0.93 -11.13
C LEU C 29 1.22 -1.53 -11.54
N THR C 30 0.80 -2.56 -10.83
CA THR C 30 -0.47 -3.22 -11.12
C THR C 30 -1.48 -2.94 -10.03
N SER C 31 -2.76 -2.87 -10.41
CA SER C 31 -3.84 -2.60 -9.47
C SER C 31 -4.25 -3.88 -8.75
N GLY C 32 -4.95 -3.72 -7.62
CA GLY C 32 -5.40 -4.86 -6.85
C GLY C 32 -6.16 -5.87 -7.68
N GLN C 33 -5.45 -6.86 -8.21
CA GLN C 33 -6.06 -7.89 -9.03
C GLN C 33 -7.04 -8.74 -8.22
N ILE C 34 -8.05 -9.28 -8.89
CA ILE C 34 -9.05 -10.11 -8.24
C ILE C 34 -9.19 -11.46 -8.94
N PRO C 35 -9.21 -12.55 -8.17
CA PRO C 35 -9.35 -13.90 -8.71
C PRO C 35 -10.75 -14.20 -9.20
N VAL C 36 -11.11 -13.60 -10.32
CA VAL C 36 -12.43 -13.80 -10.90
C VAL C 36 -12.43 -15.01 -11.81
N ASN C 37 -12.70 -16.17 -11.21
CA ASN C 37 -12.74 -17.44 -11.92
C ASN C 37 -13.26 -17.28 -13.35
N PRO C 38 -12.50 -17.77 -14.35
CA PRO C 38 -12.89 -17.68 -15.75
C PRO C 38 -14.03 -18.63 -16.09
N ALA C 39 -14.40 -19.48 -15.12
CA ALA C 39 -15.47 -20.44 -15.32
C ALA C 39 -16.73 -20.06 -14.54
N THR C 40 -16.56 -19.27 -13.47
CA THR C 40 -17.70 -18.86 -12.66
C THR C 40 -17.72 -17.35 -12.45
N GLY C 41 -16.53 -16.75 -12.46
CA GLY C 41 -16.44 -15.31 -12.27
C GLY C 41 -16.60 -14.92 -10.82
N GLU C 42 -15.82 -15.54 -9.95
CA GLU C 42 -15.89 -15.25 -8.53
C GLU C 42 -14.53 -15.40 -7.85
N VAL C 43 -14.10 -16.64 -7.67
CA VAL C 43 -12.81 -16.93 -7.04
C VAL C 43 -12.65 -18.43 -6.78
N PRO C 44 -11.68 -19.08 -7.45
CA PRO C 44 -11.43 -20.52 -7.27
C PRO C 44 -11.25 -20.89 -5.80
N ALA C 45 -11.80 -22.03 -5.42
CA ALA C 45 -11.70 -22.50 -4.04
C ALA C 45 -10.26 -22.92 -3.72
N ASP C 46 -9.56 -23.41 -4.74
CA ASP C 46 -8.18 -23.84 -4.57
C ASP C 46 -7.25 -22.64 -4.43
N ILE C 47 -6.96 -22.31 -3.18
CA ILE C 47 -6.09 -21.19 -2.86
C ILE C 47 -4.86 -21.17 -3.78
N VAL C 48 -4.42 -22.36 -4.20
CA VAL C 48 -3.27 -22.49 -5.08
C VAL C 48 -3.65 -22.12 -6.50
N ALA C 49 -4.72 -22.73 -6.99
CA ALA C 49 -5.21 -22.45 -8.34
C ALA C 49 -5.64 -20.99 -8.45
N GLN C 50 -6.24 -20.48 -7.39
CA GLN C 50 -6.69 -19.10 -7.34
C GLN C 50 -5.49 -18.15 -7.32
N ALA C 51 -4.37 -18.64 -6.77
CA ALA C 51 -3.16 -17.85 -6.69
C ALA C 51 -2.42 -17.85 -8.01
N ARG C 52 -2.47 -18.98 -8.71
CA ARG C 52 -1.79 -19.11 -10.00
C ARG C 52 -2.47 -18.25 -11.05
N GLN C 53 -3.80 -18.25 -11.05
CA GLN C 53 -4.57 -17.46 -12.00
C GLN C 53 -4.39 -15.96 -11.73
N SER C 54 -4.37 -15.60 -10.45
CA SER C 54 -4.21 -14.21 -10.05
C SER C 54 -2.79 -13.73 -10.33
N LEU C 55 -1.83 -14.62 -10.13
CA LEU C 55 -0.42 -14.29 -10.37
C LEU C 55 -0.16 -14.09 -11.85
N GLU C 56 -0.76 -14.94 -12.67
CA GLU C 56 -0.59 -14.84 -14.12
C GLU C 56 -1.22 -13.56 -14.66
N ASN C 57 -2.37 -13.19 -14.11
CA ASN C 57 -3.07 -11.99 -14.52
C ASN C 57 -2.22 -10.75 -14.24
N VAL C 58 -1.61 -10.71 -13.06
CA VAL C 58 -0.77 -9.59 -12.67
C VAL C 58 0.41 -9.44 -13.62
N LYS C 59 0.93 -10.57 -14.08
CA LYS C 59 2.06 -10.57 -15.01
C LYS C 59 1.60 -10.28 -16.42
N ALA C 60 0.38 -10.72 -16.75
CA ALA C 60 -0.18 -10.51 -18.08
C ALA C 60 -0.30 -9.01 -18.38
N ILE C 61 -0.71 -8.26 -17.37
CA ILE C 61 -0.86 -6.81 -17.52
C ILE C 61 0.50 -6.13 -17.68
N ILE C 62 1.43 -6.52 -16.82
CA ILE C 62 2.78 -5.96 -16.86
C ILE C 62 3.50 -6.40 -18.13
N GLU C 63 3.18 -7.61 -18.59
CA GLU C 63 3.79 -8.14 -19.80
C GLU C 63 3.24 -7.43 -21.03
N LYS C 64 1.93 -7.19 -21.01
CA LYS C 64 1.27 -6.50 -22.11
C LYS C 64 1.83 -5.10 -22.28
N ALA C 65 2.44 -4.58 -21.22
CA ALA C 65 3.03 -3.25 -21.24
C ALA C 65 4.47 -3.32 -21.73
N GLY C 66 5.12 -4.46 -21.49
CA GLY C 66 6.50 -4.63 -21.91
C GLY C 66 7.45 -4.78 -20.75
N LEU C 67 7.09 -5.64 -19.80
CA LEU C 67 7.92 -5.88 -18.62
C LEU C 67 7.62 -7.24 -18.01
N THR C 68 8.67 -7.95 -17.62
CA THR C 68 8.52 -9.26 -17.00
C THR C 68 8.47 -9.15 -15.49
N ALA C 69 7.92 -10.19 -14.84
CA ALA C 69 7.81 -10.19 -13.39
C ALA C 69 9.18 -10.03 -12.73
N ALA C 70 10.21 -10.57 -13.37
CA ALA C 70 11.57 -10.46 -12.86
C ALA C 70 11.93 -9.01 -12.56
N ASP C 71 11.30 -8.10 -13.31
CA ASP C 71 11.53 -6.67 -13.11
C ASP C 71 10.86 -6.19 -11.83
N ILE C 72 9.80 -6.89 -11.43
CA ILE C 72 9.07 -6.54 -10.22
C ILE C 72 10.03 -6.31 -9.05
N VAL C 73 10.01 -5.09 -8.51
CA VAL C 73 10.87 -4.74 -7.39
C VAL C 73 10.16 -4.97 -6.06
N LYS C 74 8.84 -4.81 -6.06
CA LYS C 74 8.05 -5.01 -4.85
C LYS C 74 6.77 -5.77 -5.18
N THR C 75 6.16 -6.37 -4.16
CA THR C 75 4.93 -7.12 -4.35
C THR C 75 4.08 -7.16 -3.08
N THR C 76 2.78 -6.99 -3.24
CA THR C 76 1.84 -7.00 -2.13
C THR C 76 0.72 -8.01 -2.39
N VAL C 77 0.31 -8.73 -1.35
CA VAL C 77 -0.75 -9.71 -1.50
C VAL C 77 -1.61 -9.82 -0.25
N PHE C 78 -2.87 -9.46 -0.37
CA PHE C 78 -3.80 -9.51 0.75
C PHE C 78 -4.47 -10.88 0.82
N VAL C 79 -4.14 -11.64 1.86
CA VAL C 79 -4.70 -12.97 2.05
C VAL C 79 -5.88 -12.96 3.00
N LYS C 80 -6.83 -13.86 2.77
CA LYS C 80 -8.01 -13.98 3.62
C LYS C 80 -7.82 -15.12 4.61
N ASP C 81 -6.72 -15.85 4.46
CA ASP C 81 -6.41 -16.97 5.33
C ASP C 81 -4.90 -17.20 5.39
N LEU C 82 -4.26 -16.67 6.43
CA LEU C 82 -2.83 -16.83 6.60
C LEU C 82 -2.43 -18.30 6.65
N ASN C 83 -3.41 -19.17 6.92
CA ASN C 83 -3.14 -20.60 6.98
C ASN C 83 -2.99 -21.18 5.58
N ASP C 84 -3.59 -20.52 4.60
CA ASP C 84 -3.51 -20.96 3.22
C ASP C 84 -2.27 -20.40 2.53
N PHE C 85 -1.71 -19.33 3.11
CA PHE C 85 -0.52 -18.70 2.56
C PHE C 85 0.63 -19.69 2.43
N ALA C 86 0.57 -20.76 3.22
CA ALA C 86 1.61 -21.79 3.19
C ALA C 86 1.80 -22.35 1.79
N ALA C 87 0.70 -22.47 1.06
CA ALA C 87 0.75 -22.99 -0.31
C ALA C 87 1.11 -21.89 -1.29
N VAL C 88 0.48 -20.73 -1.14
CA VAL C 88 0.74 -19.60 -2.02
C VAL C 88 2.17 -19.12 -1.88
N ASN C 89 2.68 -19.14 -0.65
CA ASN C 89 4.04 -18.71 -0.36
C ASN C 89 5.05 -19.65 -1.00
N ALA C 90 4.78 -20.95 -0.91
CA ALA C 90 5.66 -21.96 -1.49
C ALA C 90 5.70 -21.86 -3.01
N GLU C 91 4.56 -21.54 -3.61
CA GLU C 91 4.46 -21.42 -5.05
C GLU C 91 4.89 -20.02 -5.51
N TYR C 92 4.66 -19.03 -4.65
CA TYR C 92 5.01 -17.65 -4.95
C TYR C 92 6.48 -17.54 -5.34
N GLU C 93 7.33 -18.21 -4.58
CA GLU C 93 8.77 -18.20 -4.85
C GLU C 93 9.16 -19.25 -5.88
N ARG C 94 8.32 -20.28 -6.02
CA ARG C 94 8.58 -21.35 -6.97
C ARG C 94 8.35 -20.90 -8.42
N PHE C 95 7.57 -19.83 -8.58
CA PHE C 95 7.28 -19.31 -9.92
C PHE C 95 8.29 -18.24 -10.31
N PHE C 96 8.72 -17.45 -9.32
CA PHE C 96 9.68 -16.39 -9.56
C PHE C 96 10.94 -16.98 -10.19
N LYS C 97 11.57 -17.89 -9.48
CA LYS C 97 12.79 -18.52 -9.97
C LYS C 97 12.48 -19.35 -11.22
N GLU C 98 11.26 -19.84 -11.33
CA GLU C 98 10.86 -20.61 -12.50
C GLU C 98 10.58 -19.70 -13.69
N ASN C 99 10.54 -18.40 -13.43
CA ASN C 99 10.30 -17.42 -14.47
C ASN C 99 11.55 -16.55 -14.69
N ASN C 100 12.54 -16.75 -13.83
CA ASN C 100 13.81 -16.01 -13.90
C ASN C 100 13.70 -14.72 -13.08
N HIS C 101 12.95 -14.79 -11.99
CA HIS C 101 12.74 -13.65 -11.11
C HIS C 101 13.33 -13.93 -9.72
N PRO C 102 14.61 -14.33 -9.65
CA PRO C 102 15.28 -14.62 -8.38
C PRO C 102 15.61 -13.37 -7.57
N ASN C 103 15.62 -12.22 -8.23
CA ASN C 103 15.93 -10.95 -7.57
C ASN C 103 15.16 -10.80 -6.26
N PHE C 104 13.94 -11.32 -6.25
CA PHE C 104 13.07 -11.27 -5.07
C PHE C 104 12.64 -9.84 -4.76
N PRO C 105 11.37 -9.50 -5.04
CA PRO C 105 10.83 -8.16 -4.77
C PRO C 105 10.34 -8.01 -3.35
N ALA C 106 10.21 -6.76 -2.90
CA ALA C 106 9.75 -6.48 -1.55
C ALA C 106 8.39 -7.15 -1.30
N ARG C 107 8.10 -7.43 -0.04
CA ARG C 107 6.84 -8.08 0.31
C ARG C 107 5.94 -7.15 1.12
N SER C 108 4.63 -7.34 0.99
CA SER C 108 3.66 -6.53 1.71
C SER C 108 2.32 -7.25 1.76
N CYS C 109 2.33 -8.48 2.25
CA CYS C 109 1.11 -9.28 2.36
C CYS C 109 0.61 -9.32 3.79
N VAL C 110 -0.71 -9.37 3.96
CA VAL C 110 -1.32 -9.40 5.28
C VAL C 110 -2.68 -10.10 5.24
N GLU C 111 -3.09 -10.65 6.39
CA GLU C 111 -4.37 -11.33 6.49
C GLU C 111 -5.51 -10.33 6.56
N VAL C 112 -6.12 -10.04 5.42
CA VAL C 112 -7.23 -9.09 5.36
C VAL C 112 -8.54 -9.77 5.70
N ALA C 113 -9.45 -9.01 6.31
CA ALA C 113 -10.76 -9.54 6.70
C ALA C 113 -11.53 -10.04 5.48
N ARG C 114 -11.54 -9.22 4.43
CA ARG C 114 -12.24 -9.58 3.20
C ARG C 114 -11.64 -8.86 2.01
N LEU C 115 -12.07 -9.23 0.81
CA LEU C 115 -11.57 -8.62 -0.41
C LEU C 115 -12.69 -8.48 -1.45
N PRO C 116 -12.51 -7.59 -2.44
CA PRO C 116 -13.52 -7.38 -3.48
C PRO C 116 -14.03 -8.69 -4.06
N LYS C 117 -15.34 -8.78 -4.26
CA LYS C 117 -15.97 -9.98 -4.81
C LYS C 117 -15.92 -11.13 -3.80
N ASP C 118 -15.69 -10.79 -2.55
CA ASP C 118 -15.62 -11.78 -1.48
C ASP C 118 -14.48 -12.77 -1.73
N VAL C 119 -13.55 -12.38 -2.61
CA VAL C 119 -12.40 -13.23 -2.93
C VAL C 119 -11.53 -13.46 -1.69
N GLY C 120 -10.80 -14.56 -1.69
CA GLY C 120 -9.94 -14.88 -0.57
C GLY C 120 -8.49 -14.53 -0.83
N LEU C 121 -8.26 -13.56 -1.71
CA LEU C 121 -6.90 -13.14 -2.05
C LEU C 121 -6.92 -11.99 -3.04
N GLU C 122 -5.82 -11.24 -3.09
CA GLU C 122 -5.68 -10.11 -3.99
C GLU C 122 -4.20 -9.87 -4.31
N ILE C 123 -3.93 -9.39 -5.51
CA ILE C 123 -2.55 -9.15 -5.93
C ILE C 123 -2.34 -7.69 -6.34
N GLU C 124 -1.14 -7.18 -6.07
CA GLU C 124 -0.79 -5.81 -6.41
C GLU C 124 0.70 -5.58 -6.19
N ALA C 125 1.48 -5.63 -7.25
CA ALA C 125 2.93 -5.45 -7.15
C ALA C 125 3.42 -4.33 -8.06
N ILE C 126 4.66 -3.90 -7.83
CA ILE C 126 5.27 -2.84 -8.62
C ILE C 126 6.44 -3.39 -9.42
N ALA C 127 6.74 -2.73 -10.54
CA ALA C 127 7.85 -3.17 -11.40
C ALA C 127 8.62 -1.99 -11.96
N VAL C 128 9.90 -2.21 -12.23
CA VAL C 128 10.76 -1.16 -12.77
C VAL C 128 11.04 -1.41 -14.26
N ARG C 129 11.83 -0.52 -14.86
CA ARG C 129 12.17 -0.65 -16.27
C ARG C 129 13.37 0.22 -16.62
N LYS C 130 14.42 0.14 -15.80
CA LYS C 130 15.62 0.92 -16.02
C LYS C 130 16.86 0.15 -15.58
N MET A 1 22.82 0.15 -15.58
CA MET A 1 22.64 -0.64 -14.34
C MET A 1 21.89 0.15 -13.27
N MET A 2 20.64 -0.23 -13.03
CA MET A 2 19.81 0.45 -12.04
C MET A 2 18.97 -0.55 -11.26
N THR A 3 18.43 -0.11 -10.13
CA THR A 3 17.59 -0.97 -9.29
C THR A 3 18.40 -2.14 -8.74
N GLN A 4 18.28 -2.38 -7.44
CA GLN A 4 19.00 -3.46 -6.79
C GLN A 4 18.45 -3.73 -5.38
N ILE A 5 18.29 -5.01 -5.05
CA ILE A 5 17.78 -5.39 -3.74
C ILE A 5 18.66 -4.86 -2.62
N ILE A 6 18.09 -4.76 -1.43
CA ILE A 6 18.82 -4.26 -0.26
C ILE A 6 18.97 -5.35 0.79
N HIS A 7 19.93 -5.17 1.69
CA HIS A 7 20.17 -6.13 2.75
C HIS A 7 20.96 -5.50 3.91
N THR A 8 20.41 -5.57 5.11
CA THR A 8 21.06 -5.02 6.28
C THR A 8 21.17 -6.05 7.40
N GLU A 9 22.00 -5.76 8.39
CA GLU A 9 22.20 -6.66 9.52
C GLU A 9 21.44 -6.18 10.74
N LYS A 10 20.15 -5.90 10.57
CA LYS A 10 19.31 -5.43 11.66
C LYS A 10 17.90 -5.98 11.53
N ALA A 11 17.32 -5.83 10.35
CA ALA A 11 15.97 -6.32 10.09
C ALA A 11 15.91 -7.84 10.14
N PRO A 12 14.71 -8.42 10.07
CA PRO A 12 14.52 -9.87 10.11
C PRO A 12 15.14 -10.57 8.91
N ALA A 13 15.54 -9.80 7.90
CA ALA A 13 16.14 -10.36 6.70
C ALA A 13 15.12 -11.06 5.83
N ALA A 14 15.54 -11.45 4.63
CA ALA A 14 14.66 -12.14 3.68
C ALA A 14 15.47 -12.74 2.54
N ILE A 15 15.35 -14.05 2.36
CA ILE A 15 16.06 -14.76 1.31
C ILE A 15 15.19 -15.83 0.67
N GLY A 16 13.89 -15.74 0.89
CA GLY A 16 12.98 -16.71 0.32
C GLY A 16 12.03 -16.10 -0.69
N PRO A 17 10.76 -15.87 -0.32
CA PRO A 17 9.77 -15.29 -1.21
C PRO A 17 9.82 -13.76 -1.24
N TYR A 18 10.79 -13.18 -0.54
CA TYR A 18 10.94 -11.73 -0.50
C TYR A 18 12.35 -11.32 -0.07
N VAL A 19 12.60 -10.02 -0.06
CA VAL A 19 13.89 -9.49 0.33
C VAL A 19 13.75 -8.35 1.34
N GLN A 20 14.85 -7.97 1.98
CA GLN A 20 14.84 -6.89 2.95
C GLN A 20 14.21 -5.64 2.37
N ALA A 21 14.62 -5.28 1.16
CA ALA A 21 14.10 -4.10 0.49
C ALA A 21 14.67 -3.98 -0.92
N VAL A 22 14.22 -2.97 -1.66
CA VAL A 22 14.68 -2.74 -3.02
C VAL A 22 14.87 -1.26 -3.30
N ASP A 23 16.00 -0.91 -3.91
CA ASP A 23 16.30 0.48 -4.23
C ASP A 23 15.94 0.78 -5.68
N LEU A 24 15.37 1.96 -5.91
CA LEU A 24 14.98 2.35 -7.26
C LEU A 24 15.83 3.53 -7.76
N GLY A 25 16.52 4.19 -6.84
CA GLY A 25 17.34 5.33 -7.21
C GLY A 25 16.61 6.63 -6.98
N ASN A 26 16.98 7.35 -5.92
CA ASN A 26 16.33 8.61 -5.56
C ASN A 26 15.07 8.32 -4.74
N LEU A 27 14.38 7.25 -5.10
CA LEU A 27 13.17 6.83 -4.41
C LEU A 27 13.29 5.37 -3.97
N VAL A 28 13.59 5.17 -2.69
CA VAL A 28 13.75 3.82 -2.16
C VAL A 28 12.46 3.31 -1.54
N LEU A 29 12.43 2.03 -1.20
CA LEU A 29 11.25 1.41 -0.59
C LEU A 29 11.65 0.21 0.27
N THR A 30 10.87 -0.02 1.32
CA THR A 30 11.14 -1.13 2.24
C THR A 30 9.91 -2.02 2.38
N SER A 31 10.16 -3.32 2.61
CA SER A 31 9.08 -4.28 2.78
C SER A 31 8.43 -4.15 4.15
N GLY A 32 7.30 -4.85 4.34
CA GLY A 32 6.61 -4.80 5.61
C GLY A 32 7.38 -5.50 6.71
N GLN A 33 8.39 -4.82 7.22
CA GLN A 33 9.22 -5.38 8.29
C GLN A 33 8.38 -5.85 9.47
N ILE A 34 8.99 -6.67 10.32
CA ILE A 34 8.31 -7.20 11.49
C ILE A 34 9.29 -7.39 12.64
N PRO A 35 8.80 -7.35 13.89
CA PRO A 35 9.63 -7.51 15.08
C PRO A 35 10.02 -8.96 15.36
N VAL A 36 10.51 -9.65 14.34
CA VAL A 36 10.92 -11.03 14.49
C VAL A 36 12.10 -11.13 15.45
N ASN A 37 11.77 -11.22 16.74
CA ASN A 37 12.77 -11.31 17.79
C ASN A 37 13.97 -12.17 17.39
N PRO A 38 15.19 -11.66 17.57
CA PRO A 38 16.40 -12.41 17.24
C PRO A 38 16.68 -13.50 18.25
N ALA A 39 15.90 -13.53 19.32
CA ALA A 39 16.05 -14.52 20.38
C ALA A 39 15.01 -15.63 20.26
N THR A 40 13.84 -15.31 19.70
CA THR A 40 12.78 -16.30 19.55
C THR A 40 12.32 -16.38 18.10
N GLY A 41 12.34 -15.25 17.42
CA GLY A 41 11.93 -15.22 16.03
C GLY A 41 10.43 -15.06 15.86
N GLU A 42 9.89 -13.94 16.34
CA GLU A 42 8.46 -13.68 16.22
C GLU A 42 8.12 -12.23 16.55
N VAL A 43 7.95 -11.92 17.83
CA VAL A 43 7.61 -10.58 18.26
C VAL A 43 7.70 -10.44 19.77
N PRO A 44 8.47 -9.45 20.27
CA PRO A 44 8.63 -9.23 21.72
C PRO A 44 7.29 -9.04 22.42
N ALA A 45 7.18 -9.59 23.62
CA ALA A 45 5.95 -9.48 24.41
C ALA A 45 5.62 -8.02 24.70
N ASP A 46 6.65 -7.21 24.81
CA ASP A 46 6.47 -5.78 25.08
C ASP A 46 5.95 -5.06 23.85
N ILE A 47 4.64 -4.92 23.79
CA ILE A 47 3.97 -4.25 22.68
C ILE A 47 4.72 -2.97 22.26
N VAL A 48 5.32 -2.31 23.23
CA VAL A 48 6.07 -1.08 22.98
C VAL A 48 7.44 -1.40 22.40
N ALA A 49 8.13 -2.36 23.03
CA ALA A 49 9.45 -2.77 22.58
C ALA A 49 9.38 -3.32 21.16
N GLN A 50 8.42 -4.19 20.92
CA GLN A 50 8.25 -4.78 19.60
C GLN A 50 7.86 -3.72 18.57
N ALA A 51 7.19 -2.67 19.06
CA ALA A 51 6.77 -1.57 18.18
C ALA A 51 7.96 -0.68 17.83
N ARG A 52 8.81 -0.42 18.82
CA ARG A 52 9.98 0.43 18.61
C ARG A 52 10.99 -0.27 17.69
N GLN A 53 11.34 -1.49 18.03
CA GLN A 53 12.28 -2.27 17.23
C GLN A 53 11.79 -2.41 15.80
N SER A 54 10.47 -2.38 15.63
CA SER A 54 9.87 -2.50 14.31
C SER A 54 10.30 -1.33 13.41
N LEU A 55 10.32 -0.14 13.98
CA LEU A 55 10.72 1.05 13.23
C LEU A 55 12.23 1.08 13.03
N GLU A 56 12.97 0.51 13.98
CA GLU A 56 14.42 0.48 13.91
C GLU A 56 14.90 -0.36 12.73
N ASN A 57 14.18 -1.44 12.44
CA ASN A 57 14.55 -2.31 11.33
C ASN A 57 14.23 -1.63 9.99
N VAL A 58 13.23 -0.75 10.01
CA VAL A 58 12.84 -0.03 8.80
C VAL A 58 13.93 0.94 8.37
N LYS A 59 14.48 1.69 9.32
CA LYS A 59 15.53 2.65 9.04
C LYS A 59 16.86 1.94 8.82
N ALA A 60 17.04 0.79 9.45
CA ALA A 60 18.27 0.03 9.32
C ALA A 60 18.51 -0.37 7.88
N ILE A 61 17.45 -0.78 7.19
CA ILE A 61 17.55 -1.18 5.80
C ILE A 61 17.76 0.04 4.90
N ILE A 62 17.04 1.11 5.21
CA ILE A 62 17.15 2.35 4.45
C ILE A 62 18.50 3.01 4.68
N GLU A 63 19.02 2.87 5.90
CA GLU A 63 20.31 3.44 6.24
C GLU A 63 21.44 2.66 5.58
N LYS A 64 21.30 1.34 5.58
CA LYS A 64 22.29 0.48 4.96
C LYS A 64 22.38 0.76 3.46
N ALA A 65 21.33 1.34 2.91
CA ALA A 65 21.28 1.65 1.49
C ALA A 65 21.79 3.08 1.24
N GLY A 66 21.62 3.94 2.24
CA GLY A 66 22.06 5.31 2.11
C GLY A 66 20.92 6.31 2.25
N LEU A 67 20.19 6.24 3.36
CA LEU A 67 19.08 7.14 3.58
C LEU A 67 18.53 6.99 5.00
N THR A 68 18.10 8.10 5.59
CA THR A 68 17.55 8.09 6.94
C THR A 68 16.03 8.10 6.90
N ALA A 69 15.41 7.81 8.04
CA ALA A 69 13.95 7.78 8.12
C ALA A 69 13.37 9.17 7.84
N ALA A 70 14.12 10.20 8.18
CA ALA A 70 13.69 11.58 7.95
C ALA A 70 13.28 11.78 6.49
N ASP A 71 13.87 10.98 5.61
CA ASP A 71 13.56 11.06 4.19
C ASP A 71 12.29 10.29 3.85
N ILE A 72 11.96 9.31 4.68
CA ILE A 72 10.76 8.50 4.48
C ILE A 72 9.53 9.38 4.31
N VAL A 73 9.02 9.45 3.09
CA VAL A 73 7.84 10.26 2.78
C VAL A 73 6.56 9.63 3.32
N LYS A 74 6.40 8.32 3.11
CA LYS A 74 5.21 7.61 3.57
C LYS A 74 5.58 6.42 4.44
N THR A 75 4.60 5.90 5.18
CA THR A 75 4.83 4.76 6.07
C THR A 75 3.54 4.01 6.38
N THR A 76 3.32 2.87 5.73
CA THR A 76 2.12 2.07 5.97
C THR A 76 2.20 1.44 7.35
N VAL A 77 1.19 1.68 8.17
CA VAL A 77 1.18 1.13 9.53
C VAL A 77 0.04 0.15 9.75
N PHE A 78 0.38 -1.12 9.89
CA PHE A 78 -0.60 -2.17 10.14
C PHE A 78 -0.50 -2.66 11.57
N VAL A 79 -1.58 -2.51 12.33
CA VAL A 79 -1.61 -2.93 13.73
C VAL A 79 -2.57 -4.09 13.95
N LYS A 80 -2.26 -4.89 14.97
CA LYS A 80 -3.11 -6.01 15.32
C LYS A 80 -4.12 -5.60 16.38
N ASP A 81 -4.06 -4.32 16.76
CA ASP A 81 -4.97 -3.79 17.77
C ASP A 81 -4.83 -2.27 17.86
N LEU A 82 -5.84 -1.55 17.38
CA LEU A 82 -5.83 -0.10 17.39
C LEU A 82 -5.67 0.44 18.81
N ASN A 83 -5.92 -0.41 19.80
CA ASN A 83 -5.78 -0.02 21.19
C ASN A 83 -4.32 0.11 21.57
N ASP A 84 -3.46 -0.56 20.82
CA ASP A 84 -2.03 -0.52 21.07
C ASP A 84 -1.38 0.67 20.37
N PHE A 85 -2.10 1.27 19.41
CA PHE A 85 -1.60 2.40 18.66
C PHE A 85 -1.22 3.56 19.58
N ALA A 86 -1.91 3.64 20.72
CA ALA A 86 -1.64 4.71 21.69
C ALA A 86 -0.18 4.70 22.12
N ALA A 87 0.39 3.51 22.23
CA ALA A 87 1.79 3.38 22.64
C ALA A 87 2.73 3.47 21.45
N VAL A 88 2.24 3.07 20.28
CA VAL A 88 3.05 3.11 19.07
C VAL A 88 3.14 4.52 18.51
N ASN A 89 2.01 5.23 18.53
CA ASN A 89 1.96 6.60 18.02
C ASN A 89 2.77 7.54 18.91
N ALA A 90 2.73 7.29 20.22
CA ALA A 90 3.46 8.11 21.17
C ALA A 90 4.96 7.91 21.06
N GLU A 91 5.38 6.67 20.76
CA GLU A 91 6.79 6.35 20.62
C GLU A 91 7.26 6.58 19.18
N TYR A 92 6.36 6.35 18.22
CA TYR A 92 6.69 6.52 16.82
C TYR A 92 7.08 7.96 16.51
N GLU A 93 6.25 8.90 16.96
CA GLU A 93 6.51 10.31 16.73
C GLU A 93 7.61 10.84 17.65
N ARG A 94 7.85 10.14 18.76
CA ARG A 94 8.87 10.54 19.71
C ARG A 94 10.27 10.18 19.23
N PHE A 95 10.37 9.14 18.41
CA PHE A 95 11.67 8.71 17.90
C PHE A 95 12.03 9.49 16.63
N PHE A 96 11.04 9.76 15.79
CA PHE A 96 11.27 10.51 14.55
C PHE A 96 11.92 11.85 14.87
N LYS A 97 11.27 12.60 15.75
CA LYS A 97 11.78 13.90 16.16
C LYS A 97 13.15 13.74 16.81
N GLU A 98 13.34 12.62 17.49
CA GLU A 98 14.61 12.34 18.16
C GLU A 98 15.63 11.80 17.16
N ASN A 99 15.19 11.59 15.92
CA ASN A 99 16.05 11.09 14.87
C ASN A 99 16.28 12.15 13.81
N ASN A 100 15.58 13.27 13.96
CA ASN A 100 15.66 14.40 13.02
C ASN A 100 14.68 14.18 11.87
N HIS A 101 13.58 13.50 12.19
CA HIS A 101 12.54 13.20 11.22
C HIS A 101 11.22 13.87 11.62
N PRO A 102 11.24 15.20 11.82
CA PRO A 102 10.05 15.95 12.23
C PRO A 102 9.02 16.11 11.10
N ASN A 103 9.41 15.75 9.88
CA ASN A 103 8.51 15.86 8.73
C ASN A 103 7.22 15.09 8.97
N PHE A 104 7.36 13.91 9.56
CA PHE A 104 6.22 13.05 9.85
C PHE A 104 5.65 12.42 8.58
N PRO A 105 6.15 11.24 8.19
CA PRO A 105 5.69 10.54 6.99
C PRO A 105 4.18 10.44 6.92
N ALA A 106 3.66 10.17 5.72
CA ALA A 106 2.23 10.06 5.53
C ALA A 106 1.84 8.73 4.89
N ARG A 107 0.86 8.06 5.47
CA ARG A 107 0.39 6.78 4.95
C ARG A 107 -0.97 6.42 5.53
N SER A 108 -1.36 5.17 5.35
CA SER A 108 -2.64 4.69 5.85
C SER A 108 -2.45 3.69 6.98
N CYS A 109 -2.90 4.07 8.18
CA CYS A 109 -2.79 3.19 9.35
C CYS A 109 -4.09 2.44 9.57
N VAL A 110 -4.00 1.13 9.73
CA VAL A 110 -5.19 0.31 9.94
C VAL A 110 -4.91 -0.90 10.83
N GLU A 111 -5.97 -1.55 11.27
CA GLU A 111 -5.87 -2.72 12.12
C GLU A 111 -6.09 -4.00 11.31
N VAL A 112 -5.01 -4.58 10.81
CA VAL A 112 -5.09 -5.79 10.01
C VAL A 112 -5.65 -6.95 10.83
N ALA A 113 -6.19 -7.96 10.15
CA ALA A 113 -6.75 -9.13 10.82
C ALA A 113 -5.65 -9.97 11.44
N ARG A 114 -4.65 -10.32 10.64
CA ARG A 114 -3.54 -11.13 11.11
C ARG A 114 -2.22 -10.68 10.47
N LEU A 115 -1.13 -11.33 10.85
CA LEU A 115 0.18 -10.98 10.32
C LEU A 115 1.09 -12.20 10.30
N PRO A 116 2.09 -12.22 9.40
CA PRO A 116 3.03 -13.34 9.29
C PRO A 116 3.91 -13.48 10.52
N LYS A 117 4.10 -14.72 10.96
CA LYS A 117 4.92 -15.01 12.14
C LYS A 117 4.16 -14.69 13.44
N ASP A 118 2.85 -14.52 13.32
CA ASP A 118 2.02 -14.20 14.47
C ASP A 118 2.38 -12.84 15.06
N VAL A 119 3.14 -12.05 14.30
CA VAL A 119 3.54 -10.73 14.76
C VAL A 119 2.33 -9.85 15.07
N GLY A 120 2.55 -8.80 15.85
CA GLY A 120 1.46 -7.90 16.20
C GLY A 120 1.59 -6.53 15.57
N LEU A 121 2.36 -6.45 14.48
CA LEU A 121 2.57 -5.19 13.79
C LEU A 121 3.45 -5.36 12.56
N GLU A 122 3.30 -4.46 11.60
CA GLU A 122 4.08 -4.49 10.37
C GLU A 122 4.47 -3.07 9.96
N ILE A 123 5.61 -2.93 9.29
CA ILE A 123 6.06 -1.60 8.87
C ILE A 123 6.59 -1.60 7.44
N GLU A 124 5.96 -0.81 6.59
CA GLU A 124 6.37 -0.68 5.20
C GLU A 124 6.28 0.79 4.79
N ALA A 125 7.42 1.39 4.47
CA ALA A 125 7.45 2.80 4.10
C ALA A 125 8.24 3.07 2.83
N ILE A 126 8.10 4.30 2.34
CA ILE A 126 8.80 4.74 1.13
C ILE A 126 9.75 5.87 1.49
N ALA A 127 10.89 5.94 0.82
CA ALA A 127 11.86 6.98 1.09
C ALA A 127 12.36 7.64 -0.18
N VAL A 128 12.69 8.93 -0.07
CA VAL A 128 13.19 9.69 -1.20
C VAL A 128 14.44 10.48 -0.82
N ARG A 129 15.19 10.92 -1.83
CA ARG A 129 16.41 11.68 -1.59
C ARG A 129 16.77 12.54 -2.80
N LYS A 130 15.92 13.53 -3.08
CA LYS A 130 16.13 14.44 -4.21
C LYS A 130 16.55 13.67 -5.47
N MET B 1 17.07 21.43 -3.53
CA MET B 1 15.86 21.44 -2.66
C MET B 1 14.70 20.69 -3.32
N MET B 2 14.39 19.51 -2.78
CA MET B 2 13.31 18.70 -3.32
C MET B 2 12.52 18.03 -2.18
N THR B 3 11.34 17.54 -2.51
CA THR B 3 10.49 16.88 -1.53
C THR B 3 10.06 17.85 -0.43
N GLN B 4 8.76 17.87 -0.14
CA GLN B 4 8.23 18.76 0.89
C GLN B 4 6.80 18.35 1.28
N ILE B 5 6.53 18.36 2.57
CA ILE B 5 5.21 18.00 3.09
C ILE B 5 4.13 18.90 2.49
N ILE B 6 2.89 18.41 2.51
CA ILE B 6 1.76 19.17 1.99
C ILE B 6 0.78 19.53 3.10
N HIS B 7 -0.06 20.53 2.84
CA HIS B 7 -1.05 20.96 3.81
C HIS B 7 -2.16 21.76 3.14
N THR B 8 -3.41 21.32 3.33
CA THR B 8 -4.57 21.99 2.76
C THR B 8 -5.61 22.30 3.82
N GLU B 9 -6.56 23.17 3.47
CA GLU B 9 -7.62 23.56 4.40
C GLU B 9 -8.93 22.84 4.06
N LYS B 10 -8.85 21.53 3.93
CA LYS B 10 -10.02 20.72 3.60
C LYS B 10 -9.97 19.38 4.32
N ALA B 11 -8.84 18.70 4.19
CA ALA B 11 -8.65 17.40 4.82
C ALA B 11 -8.63 17.52 6.34
N PRO B 12 -8.61 16.38 7.05
CA PRO B 12 -8.59 16.37 8.52
C PRO B 12 -7.31 16.98 9.10
N ALA B 13 -6.32 17.19 8.24
CA ALA B 13 -5.05 17.77 8.65
C ALA B 13 -4.21 16.76 9.44
N ALA B 14 -2.96 17.13 9.71
CA ALA B 14 -2.05 16.27 10.46
C ALA B 14 -0.83 17.05 10.91
N ILE B 15 -0.58 17.06 12.21
CA ILE B 15 0.56 17.76 12.77
C ILE B 15 1.19 16.98 13.92
N GLY B 16 0.88 15.69 13.99
CA GLY B 16 1.42 14.85 15.04
C GLY B 16 2.33 13.77 14.49
N PRO B 17 1.86 12.51 14.44
CA PRO B 17 2.64 11.39 13.93
C PRO B 17 2.59 11.27 12.41
N TYR B 18 1.94 12.23 11.76
CA TYR B 18 1.82 12.20 10.30
C TYR B 18 1.47 13.58 9.75
N VAL B 19 1.41 13.68 8.43
CA VAL B 19 1.08 14.93 7.77
C VAL B 19 0.01 14.73 6.70
N GLN B 20 -0.56 15.84 6.23
CA GLN B 20 -1.60 15.78 5.20
C GLN B 20 -1.13 14.97 4.00
N ALA B 21 0.09 15.24 3.55
CA ALA B 21 0.66 14.53 2.40
C ALA B 21 2.09 14.99 2.15
N VAL B 22 2.74 14.36 1.17
CA VAL B 22 4.11 14.70 0.84
C VAL B 22 4.32 14.69 -0.68
N ASP B 23 4.98 15.72 -1.18
CA ASP B 23 5.26 15.83 -2.61
C ASP B 23 6.66 15.34 -2.94
N LEU B 24 6.79 14.62 -4.05
CA LEU B 24 8.08 14.09 -4.46
C LEU B 24 8.57 14.76 -5.74
N GLY B 25 7.66 15.43 -6.44
CA GLY B 25 8.03 16.08 -7.69
C GLY B 25 7.68 15.22 -8.89
N ASN B 26 6.60 15.57 -9.58
CA ASN B 26 6.13 14.82 -10.74
C ASN B 26 5.25 13.66 -10.27
N LEU B 27 5.62 13.08 -9.13
CA LEU B 27 4.87 11.98 -8.54
C LEU B 27 4.53 12.30 -7.10
N VAL B 28 3.29 12.71 -6.86
CA VAL B 28 2.84 13.06 -5.51
C VAL B 28 2.16 11.89 -4.83
N LEU B 29 1.89 12.04 -3.54
CA LEU B 29 1.24 10.99 -2.76
C LEU B 29 0.48 11.58 -1.58
N THR B 30 -0.62 10.92 -1.21
CA THR B 30 -1.44 11.38 -0.09
C THR B 30 -1.62 10.27 0.95
N SER B 31 -1.74 10.66 2.21
CA SER B 31 -1.91 9.71 3.29
C SER B 31 -3.32 9.13 3.30
N GLY B 32 -3.55 8.10 4.10
CA GLY B 32 -4.85 7.49 4.19
C GLY B 32 -5.86 8.39 4.87
N GLN B 33 -6.35 9.38 4.14
CA GLN B 33 -7.31 10.34 4.68
C GLN B 33 -8.51 9.62 5.28
N ILE B 34 -9.27 10.35 6.10
CA ILE B 34 -10.44 9.81 6.76
C ILE B 34 -11.52 10.88 6.93
N PRO B 35 -12.80 10.47 7.01
CA PRO B 35 -13.92 11.40 7.15
C PRO B 35 -14.08 11.93 8.57
N VAL B 36 -12.98 12.41 9.16
CA VAL B 36 -13.02 12.96 10.50
C VAL B 36 -13.90 14.20 10.54
N ASN B 37 -15.19 13.97 10.74
CA ASN B 37 -16.18 15.04 10.80
C ASN B 37 -15.64 16.28 11.52
N PRO B 38 -15.77 17.47 10.91
CA PRO B 38 -15.32 18.71 11.52
C PRO B 38 -16.24 19.16 12.65
N ALA B 39 -17.36 18.45 12.80
CA ALA B 39 -18.32 18.78 13.84
C ALA B 39 -18.21 17.82 15.04
N THR B 40 -17.75 16.59 14.79
CA THR B 40 -17.60 15.61 15.87
C THR B 40 -16.18 15.06 15.91
N GLY B 41 -15.57 14.93 14.74
CA GLY B 41 -14.22 14.41 14.66
C GLY B 41 -14.17 12.90 14.63
N GLU B 42 -14.75 12.31 13.59
CA GLU B 42 -14.75 10.86 13.46
C GLU B 42 -15.18 10.41 12.07
N VAL B 43 -16.49 10.31 11.85
CA VAL B 43 -17.02 9.89 10.56
C VAL B 43 -18.53 10.08 10.49
N PRO B 44 -19.02 10.81 9.46
CA PRO B 44 -20.46 11.05 9.29
C PRO B 44 -21.27 9.76 9.27
N ALA B 45 -22.45 9.79 9.88
CA ALA B 45 -23.31 8.62 9.93
C ALA B 45 -23.71 8.17 8.52
N ASP B 46 -23.79 9.14 7.62
CA ASP B 46 -24.16 8.86 6.23
C ASP B 46 -23.02 8.19 5.49
N ILE B 47 -23.05 6.87 5.48
CA ILE B 47 -22.03 6.07 4.82
C ILE B 47 -21.64 6.65 3.46
N VAL B 48 -22.61 7.27 2.79
CA VAL B 48 -22.36 7.89 1.49
C VAL B 48 -21.68 9.23 1.66
N ALA B 49 -22.20 10.04 2.57
CA ALA B 49 -21.63 11.36 2.84
C ALA B 49 -20.19 11.24 3.31
N GLN B 50 -19.97 10.34 4.27
CA GLN B 50 -18.64 10.11 4.80
C GLN B 50 -17.71 9.57 3.73
N ALA B 51 -18.29 8.84 2.77
CA ALA B 51 -17.52 8.25 1.68
C ALA B 51 -17.15 9.29 0.63
N ARG B 52 -18.09 10.17 0.32
CA ARG B 52 -17.86 11.23 -0.66
C ARG B 52 -16.84 12.23 -0.15
N GLN B 53 -17.08 12.75 1.05
CA GLN B 53 -16.18 13.72 1.66
C GLN B 53 -14.77 13.15 1.78
N SER B 54 -14.69 11.82 1.90
CA SER B 54 -13.41 11.15 2.01
C SER B 54 -12.56 11.37 0.77
N LEU B 55 -13.19 11.30 -0.40
CA LEU B 55 -12.50 11.51 -1.66
C LEU B 55 -12.21 12.99 -1.89
N GLU B 56 -13.07 13.85 -1.35
CA GLU B 56 -12.90 15.29 -1.50
C GLU B 56 -11.64 15.77 -0.79
N ASN B 57 -11.34 15.16 0.35
CA ASN B 57 -10.15 15.55 1.11
C ASN B 57 -8.89 15.06 0.40
N VAL B 58 -9.01 13.98 -0.35
CA VAL B 58 -7.88 13.41 -1.09
C VAL B 58 -7.44 14.36 -2.20
N LYS B 59 -8.41 14.88 -2.95
CA LYS B 59 -8.11 15.78 -4.05
C LYS B 59 -7.77 17.18 -3.53
N ALA B 60 -8.32 17.53 -2.37
CA ALA B 60 -8.06 18.83 -1.77
C ALA B 60 -6.58 19.02 -1.47
N ILE B 61 -5.95 17.96 -0.98
CA ILE B 61 -4.53 18.01 -0.66
C ILE B 61 -3.69 18.01 -1.94
N ILE B 62 -4.10 17.19 -2.89
CA ILE B 62 -3.41 17.09 -4.17
C ILE B 62 -3.60 18.36 -4.99
N GLU B 63 -4.76 18.98 -4.84
CA GLU B 63 -5.05 20.22 -5.56
C GLU B 63 -4.27 21.38 -4.97
N LYS B 64 -4.22 21.41 -3.64
CA LYS B 64 -3.49 22.46 -2.93
C LYS B 64 -2.00 22.41 -3.29
N ALA B 65 -1.55 21.24 -3.76
CA ALA B 65 -0.16 21.07 -4.15
C ALA B 65 0.04 21.37 -5.62
N GLY B 66 -1.02 21.18 -6.41
CA GLY B 66 -0.95 21.44 -7.83
C GLY B 66 -1.20 20.21 -8.68
N LEU B 67 -2.35 19.57 -8.47
CA LEU B 67 -2.70 18.37 -9.21
C LEU B 67 -4.14 17.94 -8.92
N THR B 68 -4.82 17.43 -9.94
CA THR B 68 -6.20 16.97 -9.79
C THR B 68 -6.25 15.46 -9.61
N ALA B 69 -7.40 14.96 -9.19
CA ALA B 69 -7.58 13.52 -8.99
C ALA B 69 -7.41 12.77 -10.30
N ALA B 70 -7.76 13.41 -11.40
CA ALA B 70 -7.64 12.79 -12.73
C ALA B 70 -6.22 12.26 -12.94
N ASP B 71 -5.26 12.87 -12.27
CA ASP B 71 -3.86 12.46 -12.37
C ASP B 71 -3.58 11.26 -11.47
N ILE B 72 -4.38 11.10 -10.42
CA ILE B 72 -4.21 10.00 -9.49
C ILE B 72 -4.18 8.66 -10.23
N VAL B 73 -3.00 8.05 -10.29
CA VAL B 73 -2.83 6.78 -10.97
C VAL B 73 -3.41 5.62 -10.16
N LYS B 74 -3.13 5.60 -8.86
CA LYS B 74 -3.63 4.54 -8.00
C LYS B 74 -4.41 5.10 -6.81
N THR B 75 -5.19 4.24 -6.14
CA THR B 75 -5.98 4.68 -4.99
C THR B 75 -6.34 3.50 -4.08
N THR B 76 -5.64 3.37 -2.95
CA THR B 76 -5.92 2.30 -2.01
C THR B 76 -7.25 2.56 -1.32
N VAL B 77 -8.15 1.58 -1.39
CA VAL B 77 -9.47 1.75 -0.79
C VAL B 77 -9.71 0.74 0.33
N PHE B 78 -9.76 1.25 1.57
CA PHE B 78 -10.01 0.41 2.72
C PHE B 78 -11.40 0.68 3.27
N VAL B 79 -12.23 -0.36 3.29
CA VAL B 79 -13.60 -0.23 3.78
C VAL B 79 -13.83 -1.03 5.05
N LYS B 80 -14.77 -0.56 5.87
CA LYS B 80 -15.12 -1.25 7.10
C LYS B 80 -16.27 -2.21 6.87
N ASP B 81 -16.72 -2.27 5.61
CA ASP B 81 -17.82 -3.15 5.23
C ASP B 81 -17.98 -3.18 3.71
N LEU B 82 -17.61 -4.31 3.11
CA LEU B 82 -17.71 -4.46 1.66
C LEU B 82 -19.15 -4.25 1.18
N ASN B 83 -20.10 -4.33 2.10
CA ASN B 83 -21.50 -4.13 1.76
C ASN B 83 -21.79 -2.66 1.48
N ASP B 84 -20.94 -1.79 2.01
CA ASP B 84 -21.09 -0.36 1.80
C ASP B 84 -20.41 0.09 0.51
N PHE B 85 -19.54 -0.76 -0.03
CA PHE B 85 -18.83 -0.46 -1.26
C PHE B 85 -19.79 -0.14 -2.40
N ALA B 86 -20.97 -0.74 -2.36
CA ALA B 86 -21.98 -0.53 -3.39
C ALA B 86 -22.32 0.94 -3.54
N ALA B 87 -22.31 1.66 -2.42
CA ALA B 87 -22.61 3.09 -2.43
C ALA B 87 -21.36 3.92 -2.70
N VAL B 88 -20.21 3.39 -2.30
CA VAL B 88 -18.95 4.09 -2.49
C VAL B 88 -18.47 3.97 -3.94
N ASN B 89 -18.61 2.78 -4.51
CA ASN B 89 -18.19 2.54 -5.88
C ASN B 89 -19.07 3.30 -6.87
N ALA B 90 -20.36 3.38 -6.55
CA ALA B 90 -21.31 4.08 -7.39
C ALA B 90 -21.06 5.59 -7.38
N GLU B 91 -20.67 6.11 -6.23
CA GLU B 91 -20.41 7.54 -6.08
C GLU B 91 -18.97 7.87 -6.44
N TYR B 92 -18.07 6.94 -6.15
CA TYR B 92 -16.65 7.13 -6.43
C TYR B 92 -16.41 7.34 -7.92
N GLU B 93 -16.96 6.43 -8.73
CA GLU B 93 -16.80 6.51 -10.18
C GLU B 93 -17.67 7.61 -10.78
N ARG B 94 -18.71 8.01 -10.06
CA ARG B 94 -19.62 9.05 -10.54
C ARG B 94 -19.02 10.44 -10.38
N PHE B 95 -18.13 10.59 -9.39
CA PHE B 95 -17.50 11.88 -9.15
C PHE B 95 -16.27 12.06 -10.04
N PHE B 96 -15.51 10.99 -10.21
CA PHE B 96 -14.32 11.03 -11.05
C PHE B 96 -14.66 11.53 -12.44
N LYS B 97 -15.63 10.88 -13.06
CA LYS B 97 -16.07 11.26 -14.39
C LYS B 97 -16.63 12.68 -14.37
N GLU B 98 -17.21 13.06 -13.25
CA GLU B 98 -17.77 14.40 -13.09
C GLU B 98 -16.68 15.39 -12.72
N ASN B 99 -15.47 14.89 -12.52
CA ASN B 99 -14.33 15.72 -12.18
C ASN B 99 -13.31 15.75 -13.32
N ASN B 100 -13.58 14.93 -14.34
CA ASN B 100 -12.70 14.81 -15.52
C ASN B 100 -11.63 13.77 -15.24
N HIS B 101 -11.98 12.79 -14.41
CA HIS B 101 -11.06 11.72 -14.04
C HIS B 101 -11.58 10.36 -14.53
N PRO B 102 -11.87 10.24 -15.84
CA PRO B 102 -12.40 9.00 -16.42
C PRO B 102 -11.35 7.89 -16.51
N ASN B 103 -10.09 8.22 -16.25
CA ASN B 103 -9.01 7.23 -16.31
C ASN B 103 -9.30 6.06 -15.39
N PHE B 104 -9.82 6.37 -14.20
CA PHE B 104 -10.13 5.36 -13.19
C PHE B 104 -8.86 4.79 -12.58
N PRO B 105 -8.38 5.39 -11.48
CA PRO B 105 -7.16 4.93 -10.79
C PRO B 105 -7.20 3.43 -10.51
N ALA B 106 -6.04 2.86 -10.24
CA ALA B 106 -5.93 1.43 -9.97
C ALA B 106 -5.24 1.17 -8.63
N ARG B 107 -5.85 0.31 -7.82
CA ARG B 107 -5.29 -0.04 -6.51
C ARG B 107 -5.94 -1.30 -5.98
N SER B 108 -5.72 -1.56 -4.70
CA SER B 108 -6.27 -2.73 -4.04
C SER B 108 -7.34 -2.34 -3.02
N CYS B 109 -8.58 -2.74 -3.27
CA CYS B 109 -9.69 -2.45 -2.37
C CYS B 109 -9.95 -3.64 -1.46
N VAL B 110 -10.04 -3.38 -0.16
CA VAL B 110 -10.28 -4.45 0.81
C VAL B 110 -11.07 -3.97 2.02
N GLU B 111 -11.54 -4.92 2.81
CA GLU B 111 -12.32 -4.60 4.01
C GLU B 111 -11.45 -4.74 5.26
N VAL B 112 -10.83 -3.64 5.67
CA VAL B 112 -9.98 -3.64 6.85
C VAL B 112 -10.77 -3.99 8.11
N ALA B 113 -10.07 -4.46 9.13
CA ALA B 113 -10.70 -4.83 10.40
C ALA B 113 -11.20 -3.60 11.14
N ARG B 114 -10.31 -2.63 11.31
CA ARG B 114 -10.67 -1.39 12.02
C ARG B 114 -9.97 -0.20 11.37
N LEU B 115 -10.24 0.99 11.90
CA LEU B 115 -9.64 2.22 11.38
C LEU B 115 -9.49 3.26 12.48
N PRO B 116 -8.52 4.18 12.32
CA PRO B 116 -8.28 5.23 13.31
C PRO B 116 -9.45 6.21 13.42
N LYS B 117 -9.80 6.57 14.65
CA LYS B 117 -10.90 7.50 14.89
C LYS B 117 -12.26 6.81 14.72
N ASP B 118 -12.24 5.49 14.71
CA ASP B 118 -13.46 4.71 14.55
C ASP B 118 -14.10 4.96 13.19
N VAL B 119 -13.34 5.56 12.27
CA VAL B 119 -13.85 5.84 10.94
C VAL B 119 -14.28 4.56 10.23
N GLY B 120 -15.10 4.71 9.20
CA GLY B 120 -15.58 3.55 8.47
C GLY B 120 -15.02 3.49 7.05
N LEU B 121 -13.89 4.15 6.83
CA LEU B 121 -13.26 4.15 5.51
C LEU B 121 -11.97 4.97 5.52
N GLU B 122 -11.07 4.64 4.60
CA GLU B 122 -9.80 5.34 4.47
C GLU B 122 -9.45 5.52 3.00
N ILE B 123 -8.71 6.58 2.69
CA ILE B 123 -8.34 6.84 1.30
C ILE B 123 -6.88 7.27 1.17
N GLU B 124 -6.11 6.48 0.42
CA GLU B 124 -4.70 6.77 0.17
C GLU B 124 -4.39 6.49 -1.29
N ALA B 125 -4.02 7.52 -2.03
CA ALA B 125 -3.73 7.36 -3.45
C ALA B 125 -2.43 8.02 -3.88
N ILE B 126 -2.02 7.70 -5.10
CA ILE B 126 -0.80 8.25 -5.69
C ILE B 126 -1.15 9.09 -6.90
N ALA B 127 -0.41 10.16 -7.14
CA ALA B 127 -0.68 11.03 -8.27
C ALA B 127 0.59 11.35 -9.05
N VAL B 128 0.42 11.54 -10.36
CA VAL B 128 1.54 11.86 -11.24
C VAL B 128 1.20 13.04 -12.15
N ARG B 129 2.22 13.65 -12.73
CA ARG B 129 2.03 14.79 -13.62
C ARG B 129 3.21 14.96 -14.57
N LYS B 130 3.39 13.97 -15.46
CA LYS B 130 4.47 14.01 -16.43
C LYS B 130 5.79 14.42 -15.79
N MET C 1 3.32 13.87 -23.87
CA MET C 1 2.37 12.74 -23.65
C MET C 1 3.00 11.66 -22.78
N MET C 2 2.52 11.55 -21.55
CA MET C 2 3.03 10.54 -20.63
C MET C 2 1.90 9.95 -19.79
N THR C 3 2.18 8.82 -19.15
CA THR C 3 1.19 8.14 -18.31
C THR C 3 0.00 7.68 -19.15
N GLN C 4 -0.39 6.42 -18.97
CA GLN C 4 -1.51 5.86 -19.70
C GLN C 4 -1.97 4.53 -19.09
N ILE C 5 -3.28 4.36 -18.97
CA ILE C 5 -3.85 3.15 -18.40
C ILE C 5 -3.41 1.91 -19.17
N ILE C 6 -3.47 0.76 -18.51
CA ILE C 6 -3.09 -0.50 -19.13
C ILE C 6 -4.28 -1.44 -19.27
N HIS C 7 -4.16 -2.43 -20.16
CA HIS C 7 -5.23 -3.38 -20.39
C HIS C 7 -4.69 -4.65 -21.06
N THR C 8 -4.95 -5.80 -20.43
CA THR C 8 -4.49 -7.07 -20.98
C THR C 8 -5.65 -8.07 -21.07
N GLU C 9 -5.42 -9.15 -21.82
CA GLU C 9 -6.45 -10.17 -21.99
C GLU C 9 -6.15 -11.39 -21.13
N LYS C 10 -5.92 -11.15 -19.84
CA LYS C 10 -5.62 -12.23 -18.90
C LYS C 10 -6.23 -11.93 -17.53
N ALA C 11 -6.00 -10.72 -17.03
CA ALA C 11 -6.51 -10.31 -15.75
C ALA C 11 -8.04 -10.18 -15.78
N PRO C 12 -8.67 -9.95 -14.62
CA PRO C 12 -10.13 -9.81 -14.53
C PRO C 12 -10.65 -8.58 -15.27
N ALA C 13 -9.74 -7.71 -15.67
CA ALA C 13 -10.10 -6.49 -16.40
C ALA C 13 -10.75 -5.47 -15.48
N ALA C 14 -10.96 -4.26 -16.01
CA ALA C 14 -11.58 -3.19 -15.24
C ALA C 14 -11.99 -2.04 -16.16
N ILE C 15 -13.28 -1.70 -16.13
CA ILE C 15 -13.80 -0.62 -16.95
C ILE C 15 -14.84 0.21 -16.20
N GLY C 16 -14.85 0.07 -14.89
CA GLY C 16 -15.80 0.81 -14.07
C GLY C 16 -15.12 1.81 -13.16
N PRO C 17 -15.02 1.50 -11.85
CA PRO C 17 -14.38 2.39 -10.88
C PRO C 17 -12.86 2.23 -10.84
N TYR C 18 -12.31 1.41 -11.74
CA TYR C 18 -10.88 1.19 -11.77
C TYR C 18 -10.45 0.61 -13.12
N VAL C 19 -9.14 0.42 -13.28
CA VAL C 19 -8.58 -0.12 -14.51
C VAL C 19 -7.59 -1.23 -14.23
N GLN C 20 -7.23 -1.99 -15.26
CA GLN C 20 -6.29 -3.10 -15.12
C GLN C 20 -5.00 -2.61 -14.44
N ALA C 21 -4.48 -1.49 -14.92
CA ALA C 21 -3.26 -0.92 -14.37
C ALA C 21 -2.94 0.43 -15.02
N VAL C 22 -1.89 1.07 -14.53
CA VAL C 22 -1.48 2.37 -15.06
C VAL C 22 0.03 2.46 -15.16
N ASP C 23 0.52 2.96 -16.30
CA ASP C 23 1.95 3.10 -16.52
C ASP C 23 2.40 4.53 -16.23
N LEU C 24 3.56 4.67 -15.60
CA LEU C 24 4.09 5.99 -15.26
C LEU C 24 5.35 6.30 -16.05
N GLY C 25 5.95 5.26 -16.64
CA GLY C 25 7.17 5.45 -17.40
C GLY C 25 8.39 5.12 -16.57
N ASN C 26 9.00 3.97 -16.82
CA ASN C 26 10.17 3.51 -16.08
C ASN C 26 9.72 2.82 -14.79
N LEU C 27 8.64 3.33 -14.21
CA LEU C 27 8.08 2.77 -12.99
C LEU C 27 6.59 2.50 -13.18
N VAL C 28 6.26 1.23 -13.41
CA VAL C 28 4.86 0.84 -13.63
C VAL C 28 4.22 0.37 -12.34
N LEU C 29 2.90 0.18 -12.38
CA LEU C 29 2.15 -0.27 -11.22
C LEU C 29 0.89 -1.02 -11.64
N THR C 30 0.49 -1.99 -10.82
CA THR C 30 -0.71 -2.78 -11.12
C THR C 30 -1.68 -2.75 -9.94
N SER C 31 -2.97 -2.84 -10.25
CA SER C 31 -4.01 -2.83 -9.22
C SER C 31 -4.07 -4.15 -8.48
N GLY C 32 -4.84 -4.19 -7.40
CA GLY C 32 -4.98 -5.40 -6.62
C GLY C 32 -5.77 -6.47 -7.35
N GLN C 33 -5.11 -7.12 -8.31
CA GLN C 33 -5.76 -8.16 -9.10
C GLN C 33 -6.40 -9.22 -8.22
N ILE C 34 -7.30 -10.01 -8.81
CA ILE C 34 -8.00 -11.06 -8.09
C ILE C 34 -8.28 -12.24 -9.02
N PRO C 35 -8.42 -13.46 -8.44
CA PRO C 35 -8.68 -14.67 -9.21
C PRO C 35 -10.14 -14.79 -9.66
N VAL C 36 -10.68 -13.73 -10.24
CA VAL C 36 -12.04 -13.75 -10.72
C VAL C 36 -12.20 -14.77 -11.84
N ASN C 37 -12.46 -16.00 -11.44
CA ASN C 37 -12.64 -17.11 -12.38
C ASN C 37 -13.39 -16.68 -13.64
N PRO C 38 -12.85 -17.01 -14.82
CA PRO C 38 -13.49 -16.67 -16.09
C PRO C 38 -14.69 -17.56 -16.37
N ALA C 39 -14.89 -18.57 -15.51
CA ALA C 39 -16.00 -19.49 -15.66
C ALA C 39 -17.12 -19.18 -14.69
N THR C 40 -16.78 -18.60 -13.53
CA THR C 40 -17.80 -18.26 -12.54
C THR C 40 -17.73 -16.78 -12.18
N GLY C 41 -16.52 -16.24 -12.17
CA GLY C 41 -16.34 -14.84 -11.84
C GLY C 41 -16.22 -14.60 -10.35
N GLU C 42 -15.19 -15.17 -9.74
CA GLU C 42 -14.99 -15.00 -8.30
C GLU C 42 -13.61 -15.47 -7.87
N VAL C 43 -13.46 -16.76 -7.60
CA VAL C 43 -12.19 -17.32 -7.18
C VAL C 43 -12.24 -18.85 -7.17
N PRO C 44 -11.28 -19.51 -7.86
CA PRO C 44 -11.22 -20.97 -7.92
C PRO C 44 -11.19 -21.61 -6.53
N ALA C 45 -11.88 -22.73 -6.39
CA ALA C 45 -11.92 -23.43 -5.11
C ALA C 45 -10.53 -23.87 -4.68
N ASP C 46 -9.68 -24.15 -5.66
CA ASP C 46 -8.32 -24.58 -5.40
C ASP C 46 -7.47 -23.41 -4.91
N ILE C 47 -7.38 -23.28 -3.60
CA ILE C 47 -6.62 -22.21 -2.96
C ILE C 47 -5.27 -22.00 -3.66
N VAL C 48 -4.69 -23.08 -4.18
CA VAL C 48 -3.41 -23.02 -4.87
C VAL C 48 -3.60 -22.50 -6.29
N ALA C 49 -4.59 -23.04 -6.98
CA ALA C 49 -4.89 -22.64 -8.35
C ALA C 49 -5.26 -21.16 -8.40
N GLN C 50 -6.15 -20.76 -7.49
CA GLN C 50 -6.58 -19.37 -7.43
C GLN C 50 -5.42 -18.46 -7.04
N ALA C 51 -4.46 -19.01 -6.30
CA ALA C 51 -3.30 -18.26 -5.86
C ALA C 51 -2.30 -18.09 -7.01
N ARG C 52 -2.11 -19.15 -7.78
CA ARG C 52 -1.19 -19.12 -8.92
C ARG C 52 -1.70 -18.19 -10.01
N GLN C 53 -2.95 -18.40 -10.42
CA GLN C 53 -3.56 -17.58 -11.46
C GLN C 53 -3.55 -16.10 -11.05
N SER C 54 -3.58 -15.86 -9.74
CA SER C 54 -3.57 -14.50 -9.22
C SER C 54 -2.29 -13.79 -9.63
N LEU C 55 -1.16 -14.48 -9.55
CA LEU C 55 0.12 -13.91 -9.91
C LEU C 55 0.27 -13.81 -11.43
N GLU C 56 -0.37 -14.73 -12.14
CA GLU C 56 -0.31 -14.74 -13.60
C GLU C 56 -0.99 -13.51 -14.19
N ASN C 57 -2.05 -13.05 -13.56
CA ASN C 57 -2.76 -11.87 -14.03
C ASN C 57 -1.95 -10.61 -13.75
N VAL C 58 -1.12 -10.66 -12.70
CA VAL C 58 -0.29 -9.53 -12.33
C VAL C 58 0.79 -9.27 -13.40
N LYS C 59 1.44 -10.35 -13.82
CA LYS C 59 2.49 -10.24 -14.83
C LYS C 59 1.89 -10.03 -16.23
N ALA C 60 0.68 -10.54 -16.43
CA ALA C 60 0.01 -10.40 -17.71
C ALA C 60 -0.20 -8.93 -18.07
N ILE C 61 -0.58 -8.13 -17.07
CA ILE C 61 -0.80 -6.71 -17.28
C ILE C 61 0.52 -5.98 -17.45
N ILE C 62 1.51 -6.36 -16.65
CA ILE C 62 2.83 -5.74 -16.72
C ILE C 62 3.54 -6.15 -18.00
N GLU C 63 3.27 -7.37 -18.46
CA GLU C 63 3.90 -7.86 -19.69
C GLU C 63 3.26 -7.19 -20.90
N LYS C 64 1.95 -7.04 -20.85
CA LYS C 64 1.22 -6.40 -21.94
C LYS C 64 1.67 -4.95 -22.10
N ALA C 65 2.25 -4.39 -21.04
CA ALA C 65 2.73 -3.01 -21.07
C ALA C 65 4.19 -2.97 -21.49
N GLY C 66 4.92 -4.04 -21.20
CA GLY C 66 6.33 -4.10 -21.56
C GLY C 66 7.23 -4.26 -20.36
N LEU C 67 7.00 -5.30 -19.57
CA LEU C 67 7.80 -5.56 -18.38
C LEU C 67 7.44 -6.91 -17.75
N THR C 68 8.46 -7.58 -17.22
CA THR C 68 8.26 -8.89 -16.59
C THR C 68 8.19 -8.75 -15.07
N ALA C 69 7.72 -9.80 -14.40
CA ALA C 69 7.60 -9.78 -12.96
C ALA C 69 8.97 -9.61 -12.29
N ALA C 70 10.01 -10.12 -12.96
CA ALA C 70 11.37 -10.01 -12.44
C ALA C 70 11.71 -8.56 -12.11
N ASP C 71 11.05 -7.63 -12.79
CA ASP C 71 11.28 -6.21 -12.56
C ASP C 71 10.48 -5.72 -11.36
N ILE C 72 9.39 -6.42 -11.06
CA ILE C 72 8.54 -6.05 -9.93
C ILE C 72 9.36 -5.91 -8.65
N VAL C 73 9.53 -4.67 -8.19
CA VAL C 73 10.30 -4.40 -6.98
C VAL C 73 9.53 -4.79 -5.72
N LYS C 74 8.25 -4.41 -5.66
CA LYS C 74 7.43 -4.71 -4.50
C LYS C 74 6.16 -5.46 -4.90
N THR C 75 5.50 -6.09 -3.93
CA THR C 75 4.28 -6.84 -4.19
C THR C 75 3.42 -7.00 -2.94
N THR C 76 2.35 -6.20 -2.83
CA THR C 76 1.46 -6.28 -1.68
C THR C 76 0.67 -7.59 -1.73
N VAL C 77 0.75 -8.37 -0.67
CA VAL C 77 0.05 -9.65 -0.63
C VAL C 77 -1.02 -9.69 0.46
N PHE C 78 -2.28 -9.71 0.03
CA PHE C 78 -3.40 -9.77 0.96
C PHE C 78 -4.05 -11.16 0.89
N VAL C 79 -4.05 -11.85 2.03
CA VAL C 79 -4.64 -13.19 2.09
C VAL C 79 -5.87 -13.23 2.98
N LYS C 80 -6.76 -14.17 2.68
CA LYS C 80 -7.98 -14.34 3.46
C LYS C 80 -7.75 -15.37 4.55
N ASP C 81 -6.53 -15.90 4.61
CA ASP C 81 -6.16 -16.90 5.60
C ASP C 81 -4.66 -17.16 5.56
N LEU C 82 -3.97 -16.71 6.60
CA LEU C 82 -2.52 -16.89 6.68
C LEU C 82 -2.14 -18.37 6.64
N ASN C 83 -3.12 -19.23 6.88
CA ASN C 83 -2.88 -20.68 6.85
C ASN C 83 -2.70 -21.15 5.41
N ASP C 84 -3.23 -20.38 4.46
CA ASP C 84 -3.12 -20.72 3.06
C ASP C 84 -1.82 -20.20 2.45
N PHE C 85 -1.18 -19.26 3.17
CA PHE C 85 0.08 -18.68 2.70
C PHE C 85 1.14 -19.75 2.46
N ALA C 86 1.05 -20.85 3.21
CA ALA C 86 2.00 -21.95 3.07
C ALA C 86 2.04 -22.46 1.64
N ALA C 87 0.88 -22.48 0.99
CA ALA C 87 0.79 -22.95 -0.39
C ALA C 87 1.08 -21.83 -1.39
N VAL C 88 0.78 -20.60 -0.99
CA VAL C 88 1.01 -19.45 -1.85
C VAL C 88 2.49 -19.06 -1.87
N ASN C 89 3.13 -19.09 -0.70
CA ASN C 89 4.53 -18.74 -0.58
C ASN C 89 5.41 -19.78 -1.27
N ALA C 90 5.01 -21.04 -1.18
CA ALA C 90 5.75 -22.13 -1.80
C ALA C 90 5.67 -22.07 -3.32
N GLU C 91 4.50 -21.66 -3.83
CA GLU C 91 4.29 -21.57 -5.27
C GLU C 91 4.71 -20.20 -5.80
N TYR C 92 4.54 -19.18 -4.97
CA TYR C 92 4.90 -17.82 -5.36
C TYR C 92 6.38 -17.70 -5.66
N GLU C 93 7.20 -18.20 -4.75
CA GLU C 93 8.66 -18.15 -4.93
C GLU C 93 9.13 -19.18 -5.94
N ARG C 94 8.32 -20.21 -6.16
CA ARG C 94 8.68 -21.27 -7.11
C ARG C 94 8.46 -20.84 -8.55
N PHE C 95 7.53 -19.90 -8.77
CA PHE C 95 7.24 -19.43 -10.11
C PHE C 95 8.20 -18.29 -10.49
N PHE C 96 8.49 -17.42 -9.53
CA PHE C 96 9.39 -16.30 -9.77
C PHE C 96 10.72 -16.80 -10.30
N LYS C 97 11.33 -17.72 -9.56
CA LYS C 97 12.59 -18.30 -9.96
C LYS C 97 12.45 -19.02 -11.30
N GLU C 98 11.26 -19.58 -11.53
CA GLU C 98 10.98 -20.27 -12.78
C GLU C 98 10.62 -19.28 -13.89
N ASN C 99 10.54 -18.01 -13.53
CA ASN C 99 10.22 -16.95 -14.48
C ASN C 99 11.42 -16.03 -14.69
N ASN C 100 12.48 -16.27 -13.90
CA ASN C 100 13.70 -15.46 -13.96
C ASN C 100 13.55 -14.26 -13.05
N HIS C 101 12.77 -14.42 -11.99
CA HIS C 101 12.52 -13.36 -11.02
C HIS C 101 13.06 -13.75 -9.64
N PRO C 102 14.35 -14.12 -9.56
CA PRO C 102 14.98 -14.53 -8.29
C PRO C 102 15.21 -13.37 -7.33
N ASN C 103 15.01 -12.14 -7.80
CA ASN C 103 15.20 -10.96 -6.96
C ASN C 103 14.33 -11.03 -5.71
N PHE C 104 13.09 -11.50 -5.89
CA PHE C 104 12.14 -11.62 -4.80
C PHE C 104 11.64 -10.25 -4.35
N PRO C 105 10.53 -9.76 -4.95
CA PRO C 105 9.96 -8.46 -4.60
C PRO C 105 9.78 -8.29 -3.10
N ALA C 106 9.61 -7.04 -2.67
CA ALA C 106 9.44 -6.76 -1.25
C ALA C 106 8.16 -5.94 -1.01
N ARG C 107 7.36 -6.39 -0.04
CA ARG C 107 6.13 -5.70 0.31
C ARG C 107 5.62 -6.16 1.67
N SER C 108 4.38 -5.81 1.97
CA SER C 108 3.77 -6.18 3.24
C SER C 108 2.66 -7.20 3.04
N CYS C 109 2.86 -8.40 3.57
CA CYS C 109 1.87 -9.47 3.46
C CYS C 109 1.01 -9.52 4.73
N VAL C 110 -0.30 -9.56 4.55
CA VAL C 110 -1.21 -9.59 5.70
C VAL C 110 -2.49 -10.35 5.37
N GLU C 111 -3.26 -10.65 6.42
CA GLU C 111 -4.52 -11.36 6.26
C GLU C 111 -5.71 -10.39 6.36
N VAL C 112 -6.15 -9.89 5.21
CA VAL C 112 -7.26 -8.95 5.16
C VAL C 112 -8.55 -9.61 5.67
N ALA C 113 -9.49 -8.77 6.11
CA ALA C 113 -10.76 -9.27 6.62
C ALA C 113 -11.61 -9.86 5.50
N ARG C 114 -11.79 -9.09 4.43
CA ARG C 114 -12.58 -9.54 3.29
C ARG C 114 -11.97 -9.04 1.98
N LEU C 115 -12.59 -9.41 0.87
CA LEU C 115 -12.10 -9.00 -0.45
C LEU C 115 -13.24 -8.90 -1.44
N PRO C 116 -13.09 -8.07 -2.48
CA PRO C 116 -14.12 -7.88 -3.51
C PRO C 116 -14.36 -9.15 -4.32
N LYS C 117 -15.63 -9.46 -4.59
CA LYS C 117 -16.00 -10.65 -5.35
C LYS C 117 -15.88 -11.91 -4.51
N ASP C 118 -15.78 -11.73 -3.19
CA ASP C 118 -15.66 -12.86 -2.27
C ASP C 118 -14.36 -13.62 -2.50
N VAL C 119 -13.43 -13.02 -3.25
CA VAL C 119 -12.15 -13.64 -3.53
C VAL C 119 -11.41 -13.97 -2.24
N GLY C 120 -10.43 -14.87 -2.34
CA GLY C 120 -9.67 -15.25 -1.17
C GLY C 120 -8.22 -14.80 -1.24
N LEU C 121 -7.97 -13.77 -2.05
CA LEU C 121 -6.61 -13.24 -2.20
C LEU C 121 -6.59 -12.06 -3.17
N GLU C 122 -5.59 -11.20 -3.01
CA GLU C 122 -5.43 -10.03 -3.86
C GLU C 122 -3.95 -9.81 -4.16
N ILE C 123 -3.65 -9.22 -5.32
CA ILE C 123 -2.27 -8.99 -5.70
C ILE C 123 -2.07 -7.61 -6.32
N GLU C 124 -1.23 -6.81 -5.67
CA GLU C 124 -0.91 -5.46 -6.14
C GLU C 124 0.58 -5.22 -5.98
N ALA C 125 1.28 -5.03 -7.09
CA ALA C 125 2.73 -4.84 -7.05
C ALA C 125 3.20 -3.66 -7.88
N ILE C 126 4.45 -3.29 -7.68
CA ILE C 126 5.08 -2.20 -8.41
C ILE C 126 6.22 -2.74 -9.26
N ALA C 127 6.44 -2.14 -10.43
CA ALA C 127 7.50 -2.60 -11.32
C ALA C 127 8.34 -1.44 -11.84
N VAL C 128 9.61 -1.72 -12.07
CA VAL C 128 10.54 -0.71 -12.58
C VAL C 128 11.35 -1.26 -13.75
N ARG C 129 11.96 -0.35 -14.52
CA ARG C 129 12.76 -0.75 -15.68
C ARG C 129 13.78 0.34 -16.03
N LYS C 130 14.74 0.56 -15.13
CA LYS C 130 15.77 1.57 -15.34
C LYS C 130 15.19 2.87 -15.89
N MET A 1 21.62 2.02 -15.77
CA MET A 1 20.99 0.92 -14.98
C MET A 1 20.64 1.39 -13.58
N MET A 2 19.38 1.81 -13.39
CA MET A 2 18.92 2.29 -12.09
C MET A 2 18.23 1.16 -11.32
N THR A 3 17.72 1.49 -10.14
CA THR A 3 17.04 0.51 -9.30
C THR A 3 18.00 -0.59 -8.86
N GLN A 4 17.86 -1.04 -7.62
CA GLN A 4 18.72 -2.09 -7.08
C GLN A 4 18.24 -2.54 -5.70
N ILE A 5 18.05 -3.84 -5.55
CA ILE A 5 17.59 -4.41 -4.29
C ILE A 5 18.52 -4.02 -3.15
N ILE A 6 17.98 -4.00 -1.93
CA ILE A 6 18.77 -3.64 -0.75
C ILE A 6 18.98 -4.86 0.14
N HIS A 7 20.02 -4.81 0.96
CA HIS A 7 20.34 -5.91 1.86
C HIS A 7 21.23 -5.42 3.01
N THR A 8 20.90 -5.84 4.22
CA THR A 8 21.66 -5.46 5.41
C THR A 8 21.64 -6.56 6.46
N GLU A 9 22.59 -6.51 7.38
CA GLU A 9 22.67 -7.51 8.44
C GLU A 9 22.01 -7.01 9.73
N LYS A 10 21.12 -6.03 9.59
CA LYS A 10 20.42 -5.46 10.73
C LYS A 10 18.92 -5.71 10.62
N ALA A 11 18.41 -5.65 9.40
CA ALA A 11 16.99 -5.88 9.15
C ALA A 11 16.51 -7.18 9.77
N PRO A 12 15.20 -7.48 9.65
CA PRO A 12 14.61 -8.69 10.21
C PRO A 12 15.10 -9.95 9.51
N ALA A 13 15.84 -9.78 8.42
CA ALA A 13 16.37 -10.91 7.64
C ALA A 13 15.29 -11.55 6.80
N ALA A 14 15.68 -12.07 5.65
CA ALA A 14 14.74 -12.72 4.74
C ALA A 14 14.76 -14.22 4.91
N ILE A 15 13.60 -14.79 5.24
CA ILE A 15 13.47 -16.22 5.44
C ILE A 15 12.46 -16.82 4.46
N GLY A 16 12.14 -16.05 3.42
CA GLY A 16 11.20 -16.50 2.43
C GLY A 16 11.53 -15.99 1.04
N PRO A 17 10.51 -15.76 0.19
CA PRO A 17 10.71 -15.27 -1.17
C PRO A 17 10.74 -13.75 -1.26
N TYR A 18 11.34 -13.10 -0.27
CA TYR A 18 11.43 -11.64 -0.27
C TYR A 18 12.82 -11.17 0.14
N VAL A 19 13.11 -9.90 -0.13
CA VAL A 19 14.40 -9.32 0.21
C VAL A 19 14.26 -8.26 1.29
N GLN A 20 15.39 -7.73 1.75
CA GLN A 20 15.38 -6.70 2.79
C GLN A 20 14.58 -5.49 2.35
N ALA A 21 14.86 -5.01 1.14
CA ALA A 21 14.16 -3.86 0.60
C ALA A 21 14.58 -3.60 -0.85
N VAL A 22 14.00 -2.58 -1.46
CA VAL A 22 14.31 -2.22 -2.84
C VAL A 22 14.53 -0.72 -2.99
N ASP A 23 15.61 -0.35 -3.66
CA ASP A 23 15.93 1.06 -3.87
C ASP A 23 15.77 1.43 -5.35
N LEU A 24 14.85 2.36 -5.62
CA LEU A 24 14.59 2.80 -6.98
C LEU A 24 15.41 4.05 -7.32
N GLY A 25 15.93 4.72 -6.30
CA GLY A 25 16.71 5.92 -6.51
C GLY A 25 16.05 7.13 -5.90
N ASN A 26 15.37 7.92 -6.73
CA ASN A 26 14.67 9.09 -6.25
C ASN A 26 13.62 8.68 -5.22
N LEU A 27 13.13 7.46 -5.36
CA LEU A 27 12.13 6.92 -4.46
C LEU A 27 12.54 5.54 -3.96
N VAL A 28 12.33 5.28 -2.67
CA VAL A 28 12.68 3.99 -2.09
C VAL A 28 11.49 3.38 -1.35
N LEU A 29 11.46 2.06 -1.27
CA LEU A 29 10.37 1.36 -0.59
C LEU A 29 10.92 0.26 0.30
N THR A 30 10.39 0.16 1.52
CA THR A 30 10.84 -0.85 2.47
C THR A 30 9.77 -1.91 2.67
N SER A 31 10.20 -3.18 2.68
CA SER A 31 9.28 -4.30 2.87
C SER A 31 8.63 -4.24 4.25
N GLY A 32 7.36 -4.63 4.32
CA GLY A 32 6.65 -4.62 5.58
C GLY A 32 7.39 -5.36 6.67
N GLN A 33 8.20 -4.65 7.43
CA GLN A 33 8.99 -5.24 8.50
C GLN A 33 8.12 -5.57 9.71
N ILE A 34 8.65 -6.42 10.59
CA ILE A 34 7.94 -6.83 11.79
C ILE A 34 8.91 -7.04 12.94
N PRO A 35 8.41 -7.02 14.19
CA PRO A 35 9.24 -7.21 15.39
C PRO A 35 9.83 -8.61 15.51
N VAL A 36 10.53 -9.06 14.47
CA VAL A 36 11.14 -10.39 14.50
C VAL A 36 12.22 -10.43 15.56
N ASN A 37 11.79 -10.74 16.78
CA ASN A 37 12.69 -10.84 17.93
C ASN A 37 14.05 -11.43 17.55
N PRO A 38 15.15 -10.79 18.00
CA PRO A 38 16.51 -11.27 17.70
C PRO A 38 16.84 -12.56 18.43
N ALA A 39 16.00 -12.91 19.41
CA ALA A 39 16.21 -14.11 20.20
C ALA A 39 15.07 -15.10 20.01
N THR A 40 13.91 -14.63 19.56
CA THR A 40 12.76 -15.49 19.34
C THR A 40 12.38 -15.55 17.88
N GLY A 41 12.79 -14.53 17.13
CA GLY A 41 12.48 -14.48 15.72
C GLY A 41 10.99 -14.53 15.44
N GLU A 42 10.25 -13.59 16.01
CA GLU A 42 8.81 -13.54 15.81
C GLU A 42 8.23 -12.18 16.18
N VAL A 43 8.01 -11.96 17.48
CA VAL A 43 7.43 -10.70 17.95
C VAL A 43 7.39 -10.65 19.48
N PRO A 44 8.26 -9.83 20.11
CA PRO A 44 8.30 -9.70 21.57
C PRO A 44 6.94 -9.35 22.15
N ALA A 45 6.62 -9.95 23.30
CA ALA A 45 5.34 -9.69 23.96
C ALA A 45 5.21 -8.23 24.34
N ASP A 46 6.34 -7.60 24.63
CA ASP A 46 6.37 -6.20 25.01
C ASP A 46 6.04 -5.31 23.83
N ILE A 47 4.75 -5.01 23.69
CA ILE A 47 4.25 -4.17 22.61
C ILE A 47 5.18 -2.98 22.35
N VAL A 48 5.81 -2.49 23.41
CA VAL A 48 6.73 -1.36 23.30
C VAL A 48 8.08 -1.81 22.78
N ALA A 49 8.56 -2.93 23.31
CA ALA A 49 9.85 -3.49 22.91
C ALA A 49 9.79 -4.01 21.48
N GLN A 50 8.65 -4.59 21.12
CA GLN A 50 8.45 -5.12 19.78
C GLN A 50 8.15 -4.00 18.79
N ALA A 51 7.69 -2.86 19.31
CA ALA A 51 7.38 -1.71 18.48
C ALA A 51 8.61 -0.88 18.17
N ARG A 52 9.51 -0.78 19.14
CA ARG A 52 10.74 -0.01 18.95
C ARG A 52 11.75 -0.78 18.11
N GLN A 53 11.74 -2.11 18.25
CA GLN A 53 12.65 -2.96 17.50
C GLN A 53 12.20 -3.07 16.04
N SER A 54 10.89 -2.91 15.82
CA SER A 54 10.34 -3.00 14.47
C SER A 54 10.75 -1.78 13.64
N LEU A 55 10.86 -0.63 14.28
CA LEU A 55 11.24 0.60 13.60
C LEU A 55 12.75 0.63 13.33
N GLU A 56 13.51 0.06 14.26
CA GLU A 56 14.97 0.02 14.13
C GLU A 56 15.39 -0.70 12.86
N ASN A 57 14.86 -1.91 12.68
CA ASN A 57 15.19 -2.70 11.49
C ASN A 57 14.80 -1.97 10.21
N VAL A 58 13.65 -1.30 10.24
CA VAL A 58 13.18 -0.56 9.08
C VAL A 58 14.15 0.56 8.72
N LYS A 59 14.76 1.17 9.74
CA LYS A 59 15.72 2.25 9.52
C LYS A 59 17.08 1.70 9.11
N ALA A 60 17.40 0.50 9.61
CA ALA A 60 18.68 -0.13 9.29
C ALA A 60 18.78 -0.41 7.80
N ILE A 61 17.67 -0.85 7.20
CA ILE A 61 17.64 -1.15 5.79
C ILE A 61 17.77 0.13 4.96
N ILE A 62 17.00 1.14 5.33
CA ILE A 62 17.04 2.42 4.63
C ILE A 62 18.40 3.09 4.78
N GLU A 63 19.05 2.85 5.92
CA GLU A 63 20.36 3.43 6.18
C GLU A 63 21.42 2.71 5.36
N LYS A 64 21.30 1.38 5.31
CA LYS A 64 22.26 0.58 4.55
C LYS A 64 22.19 0.92 3.06
N ALA A 65 21.08 1.52 2.64
CA ALA A 65 20.90 1.91 1.25
C ALA A 65 21.38 3.34 1.01
N GLY A 66 21.43 4.12 2.09
CA GLY A 66 21.87 5.50 1.98
C GLY A 66 20.72 6.48 2.08
N LEU A 67 19.94 6.36 3.14
CA LEU A 67 18.79 7.24 3.35
C LEU A 67 18.43 7.32 4.83
N THR A 68 18.14 8.53 5.30
CA THR A 68 17.77 8.75 6.69
C THR A 68 16.26 8.79 6.85
N ALA A 69 15.79 8.51 8.07
CA ALA A 69 14.36 8.52 8.36
C ALA A 69 13.71 9.81 7.86
N ALA A 70 14.44 10.91 7.99
CA ALA A 70 13.94 12.21 7.55
C ALA A 70 13.59 12.20 6.07
N ASP A 71 14.15 11.26 5.32
CA ASP A 71 13.89 11.14 3.90
C ASP A 71 12.53 10.48 3.65
N ILE A 72 12.10 9.66 4.61
CA ILE A 72 10.82 8.97 4.52
C ILE A 72 9.68 9.96 4.39
N VAL A 73 9.02 9.95 3.23
CA VAL A 73 7.90 10.86 2.98
C VAL A 73 6.59 10.32 3.54
N LYS A 74 6.44 8.99 3.51
CA LYS A 74 5.23 8.36 4.03
C LYS A 74 5.55 7.08 4.80
N THR A 75 4.69 6.74 5.75
CA THR A 75 4.90 5.54 6.55
C THR A 75 3.58 4.82 6.84
N THR A 76 3.59 3.50 6.68
CA THR A 76 2.41 2.68 6.92
C THR A 76 2.65 1.75 8.11
N VAL A 77 1.59 1.41 8.82
CA VAL A 77 1.70 0.53 9.98
C VAL A 77 0.45 -0.33 10.16
N PHE A 78 0.60 -1.64 9.98
CA PHE A 78 -0.50 -2.57 10.13
C PHE A 78 -0.54 -3.12 11.55
N VAL A 79 -1.52 -2.68 12.33
CA VAL A 79 -1.66 -3.12 13.71
C VAL A 79 -2.77 -4.15 13.85
N LYS A 80 -2.58 -5.10 14.77
CA LYS A 80 -3.58 -6.13 15.01
C LYS A 80 -4.60 -5.64 16.03
N ASP A 81 -4.39 -4.42 16.53
CA ASP A 81 -5.28 -3.83 17.51
C ASP A 81 -5.02 -2.33 17.64
N LEU A 82 -6.07 -1.53 17.46
CA LEU A 82 -5.95 -0.08 17.55
C LEU A 82 -5.63 0.35 18.99
N ASN A 83 -5.73 -0.58 19.93
CA ASN A 83 -5.44 -0.29 21.32
C ASN A 83 -3.94 -0.25 21.57
N ASP A 84 -3.19 -0.88 20.67
CA ASP A 84 -1.73 -0.91 20.78
C ASP A 84 -1.09 0.20 19.96
N PHE A 85 -1.91 1.08 19.40
CA PHE A 85 -1.41 2.19 18.59
C PHE A 85 -0.99 3.37 19.46
N ALA A 86 -1.63 3.49 20.63
CA ALA A 86 -1.32 4.58 21.54
C ALA A 86 0.13 4.51 22.04
N ALA A 87 0.63 3.30 22.20
CA ALA A 87 2.00 3.09 22.66
C ALA A 87 2.98 3.20 21.50
N VAL A 88 2.55 2.75 20.32
CA VAL A 88 3.41 2.80 19.14
C VAL A 88 3.46 4.21 18.56
N ASN A 89 2.31 4.85 18.49
CA ASN A 89 2.22 6.21 17.95
C ASN A 89 3.05 7.19 18.78
N ALA A 90 3.13 6.93 20.09
CA ALA A 90 3.89 7.78 21.00
C ALA A 90 5.39 7.58 20.81
N GLU A 91 5.82 6.32 20.80
CA GLU A 91 7.23 6.00 20.64
C GLU A 91 7.67 6.19 19.19
N TYR A 92 6.75 5.99 18.25
CA TYR A 92 7.05 6.13 16.83
C TYR A 92 7.43 7.56 16.49
N GLU A 93 6.76 8.52 17.13
CA GLU A 93 7.03 9.93 16.89
C GLU A 93 8.22 10.42 17.71
N ARG A 94 8.46 9.76 18.86
CA ARG A 94 9.56 10.14 19.73
C ARG A 94 10.91 9.85 19.07
N PHE A 95 10.96 8.79 18.28
CA PHE A 95 12.20 8.42 17.59
C PHE A 95 12.33 9.18 16.28
N PHE A 96 11.20 9.43 15.62
CA PHE A 96 11.19 10.16 14.36
C PHE A 96 11.82 11.52 14.54
N LYS A 97 11.28 12.27 15.49
CA LYS A 97 11.80 13.60 15.78
C LYS A 97 13.26 13.52 16.19
N GLU A 98 13.62 12.42 16.85
CA GLU A 98 15.00 12.19 17.28
C GLU A 98 15.81 11.54 16.15
N ASN A 99 15.14 11.29 15.03
CA ASN A 99 15.80 10.69 13.87
C ASN A 99 16.16 11.77 12.86
N ASN A 100 15.51 12.93 13.00
CA ASN A 100 15.73 14.10 12.12
C ASN A 100 14.56 14.27 11.15
N HIS A 101 13.39 13.77 11.55
CA HIS A 101 12.20 13.87 10.71
C HIS A 101 11.06 14.56 11.47
N PRO A 102 11.24 15.85 11.79
CA PRO A 102 10.22 16.61 12.51
C PRO A 102 9.02 16.98 11.64
N ASN A 103 9.20 16.87 10.32
CA ASN A 103 8.14 17.19 9.38
C ASN A 103 7.00 16.16 9.48
N PHE A 104 7.38 14.92 9.73
CA PHE A 104 6.41 13.82 9.86
C PHE A 104 5.89 13.38 8.48
N PRO A 105 6.10 12.09 8.12
CA PRO A 105 5.65 11.55 6.85
C PRO A 105 4.19 11.14 6.87
N ALA A 106 3.63 10.85 5.70
CA ALA A 106 2.23 10.44 5.60
C ALA A 106 1.98 9.22 6.48
N ARG A 107 0.72 8.99 6.82
CA ARG A 107 0.37 7.85 7.67
C ARG A 107 -0.74 7.01 7.04
N SER A 108 -0.64 5.70 7.21
CA SER A 108 -1.63 4.77 6.69
C SER A 108 -1.72 3.53 7.57
N CYS A 109 -2.20 3.71 8.79
CA CYS A 109 -2.33 2.61 9.73
C CYS A 109 -3.75 2.05 9.73
N VAL A 110 -3.86 0.73 9.78
CA VAL A 110 -5.16 0.07 9.78
C VAL A 110 -5.14 -1.19 10.65
N GLU A 111 -6.23 -1.41 11.39
CA GLU A 111 -6.33 -2.57 12.26
C GLU A 111 -6.52 -3.85 11.42
N VAL A 112 -5.40 -4.44 11.01
CA VAL A 112 -5.43 -5.66 10.21
C VAL A 112 -5.88 -6.85 11.05
N ALA A 113 -6.43 -7.87 10.38
CA ALA A 113 -6.89 -9.07 11.06
C ALA A 113 -5.73 -9.86 11.65
N ARG A 114 -4.68 -10.05 10.84
CA ARG A 114 -3.51 -10.78 11.28
C ARG A 114 -2.28 -10.34 10.50
N LEU A 115 -1.12 -10.90 10.86
CA LEU A 115 0.13 -10.56 10.20
C LEU A 115 1.07 -11.76 10.16
N PRO A 116 2.00 -11.80 9.19
CA PRO A 116 2.95 -12.90 9.06
C PRO A 116 3.77 -13.11 10.33
N LYS A 117 3.94 -14.39 10.71
CA LYS A 117 4.68 -14.74 11.91
C LYS A 117 3.88 -14.45 13.17
N ASP A 118 2.58 -14.23 13.00
CA ASP A 118 1.69 -13.94 14.11
C ASP A 118 2.09 -12.65 14.82
N VAL A 119 2.91 -11.84 14.15
CA VAL A 119 3.36 -10.57 14.72
C VAL A 119 2.18 -9.70 15.12
N GLY A 120 2.36 -8.93 16.19
CA GLY A 120 1.29 -8.06 16.66
C GLY A 120 1.29 -6.71 15.97
N LEU A 121 2.39 -6.38 15.30
CA LEU A 121 2.50 -5.10 14.60
C LEU A 121 3.42 -5.21 13.40
N GLU A 122 3.12 -4.44 12.36
CA GLU A 122 3.91 -4.44 11.14
C GLU A 122 4.41 -3.02 10.85
N ILE A 123 5.52 -2.93 10.11
CA ILE A 123 6.08 -1.62 9.78
C ILE A 123 6.39 -1.50 8.30
N GLU A 124 5.99 -0.37 7.72
CA GLU A 124 6.22 -0.11 6.30
C GLU A 124 6.31 1.39 6.06
N ALA A 125 6.98 1.80 4.98
CA ALA A 125 7.12 3.21 4.67
C ALA A 125 7.86 3.43 3.36
N ILE A 126 7.77 4.65 2.84
CA ILE A 126 8.44 5.01 1.59
C ILE A 126 9.34 6.23 1.81
N ALA A 127 10.49 6.25 1.14
CA ALA A 127 11.42 7.36 1.27
C ALA A 127 11.86 7.89 -0.09
N VAL A 128 12.33 9.14 -0.09
CA VAL A 128 12.79 9.79 -1.32
C VAL A 128 14.27 10.09 -1.25
N ARG A 129 14.92 10.20 -2.41
CA ARG A 129 16.34 10.49 -2.48
C ARG A 129 16.61 11.63 -3.45
N LYS A 130 15.83 12.71 -3.32
CA LYS A 130 15.99 13.87 -4.19
C LYS A 130 15.86 13.48 -5.66
N MET B 1 17.01 19.99 -5.43
CA MET B 1 16.24 19.55 -4.23
C MET B 1 14.79 19.26 -4.58
N MET B 2 14.50 17.98 -4.83
CA MET B 2 13.15 17.56 -5.18
C MET B 2 12.39 17.08 -3.94
N THR B 3 11.16 16.62 -4.15
CA THR B 3 10.34 16.12 -3.05
C THR B 3 10.04 17.23 -2.06
N GLN B 4 8.81 17.24 -1.53
CA GLN B 4 8.41 18.26 -0.56
C GLN B 4 7.03 17.94 0.02
N ILE B 5 6.94 17.91 1.35
CA ILE B 5 5.68 17.62 2.02
C ILE B 5 4.59 18.59 1.59
N ILE B 6 3.34 18.14 1.69
CA ILE B 6 2.20 18.96 1.31
C ILE B 6 1.40 19.39 2.53
N HIS B 7 0.65 20.47 2.39
CA HIS B 7 -0.17 20.99 3.49
C HIS B 7 -1.27 21.90 2.97
N THR B 8 -2.48 21.71 3.48
CA THR B 8 -3.63 22.50 3.07
C THR B 8 -4.61 22.69 4.22
N GLU B 9 -5.46 23.70 4.11
CA GLU B 9 -6.45 23.98 5.14
C GLU B 9 -7.80 23.36 4.78
N LYS B 10 -7.78 22.36 3.92
CA LYS B 10 -9.01 21.69 3.50
C LYS B 10 -8.99 20.22 3.92
N ALA B 11 -7.81 19.61 3.86
CA ALA B 11 -7.64 18.21 4.24
C ALA B 11 -8.22 17.94 5.63
N PRO B 12 -8.17 16.67 6.07
CA PRO B 12 -8.69 16.26 7.38
C PRO B 12 -7.88 16.84 8.54
N ALA B 13 -6.76 17.47 8.22
CA ALA B 13 -5.89 18.08 9.23
C ALA B 13 -5.08 17.01 9.96
N ALA B 14 -3.87 17.38 10.36
CA ALA B 14 -2.99 16.45 11.08
C ALA B 14 -3.07 16.66 12.58
N ILE B 15 -3.46 15.61 13.28
CA ILE B 15 -3.56 15.66 14.74
C ILE B 15 -2.62 14.65 15.40
N GLY B 16 -1.66 14.17 14.63
CA GLY B 16 -0.71 13.21 15.13
C GLY B 16 0.67 13.38 14.51
N PRO B 17 1.44 12.29 14.37
CA PRO B 17 2.77 12.32 13.79
C PRO B 17 2.77 12.16 12.27
N TYR B 18 1.79 12.76 11.60
CA TYR B 18 1.71 12.67 10.15
C TYR B 18 1.36 14.03 9.53
N VAL B 19 1.57 14.15 8.23
CA VAL B 19 1.29 15.40 7.51
C VAL B 19 0.13 15.21 6.54
N GLN B 20 -0.27 16.29 5.90
CA GLN B 20 -1.37 16.24 4.94
C GLN B 20 -1.06 15.27 3.80
N ALA B 21 0.14 15.40 3.23
CA ALA B 21 0.57 14.53 2.14
C ALA B 21 2.01 14.81 1.76
N VAL B 22 2.52 14.07 0.79
CA VAL B 22 3.88 14.24 0.33
C VAL B 22 3.95 14.26 -1.20
N ASP B 23 4.68 15.24 -1.74
CA ASP B 23 4.83 15.37 -3.18
C ASP B 23 6.26 15.05 -3.60
N LEU B 24 6.41 14.02 -4.43
CA LEU B 24 7.73 13.61 -4.92
C LEU B 24 8.04 14.25 -6.26
N GLY B 25 7.01 14.76 -6.94
CA GLY B 25 7.21 15.38 -8.24
C GLY B 25 6.48 14.62 -9.32
N ASN B 26 7.22 13.80 -10.06
CA ASN B 26 6.62 12.98 -11.11
C ASN B 26 5.55 12.09 -10.53
N LEU B 27 5.74 11.72 -9.26
CA LEU B 27 4.80 10.86 -8.55
C LEU B 27 4.42 11.48 -7.21
N VAL B 28 3.14 11.38 -6.86
CA VAL B 28 2.65 11.93 -5.60
C VAL B 28 1.87 10.87 -4.81
N LEU B 29 1.89 11.01 -3.49
CA LEU B 29 1.18 10.07 -2.63
C LEU B 29 0.39 10.81 -1.55
N THR B 30 -0.85 10.39 -1.33
CA THR B 30 -1.70 11.01 -0.33
C THR B 30 -1.91 10.09 0.87
N SER B 31 -1.82 10.67 2.06
CA SER B 31 -2.00 9.91 3.29
C SER B 31 -3.42 9.35 3.40
N GLY B 32 -3.55 8.15 3.93
CA GLY B 32 -4.85 7.54 4.09
C GLY B 32 -5.84 8.44 4.80
N GLN B 33 -6.58 9.22 4.02
CA GLN B 33 -7.56 10.15 4.58
C GLN B 33 -8.81 9.41 5.08
N ILE B 34 -9.59 10.11 5.90
CA ILE B 34 -10.81 9.54 6.46
C ILE B 34 -11.88 10.62 6.62
N PRO B 35 -13.16 10.22 6.73
CA PRO B 35 -14.28 11.15 6.88
C PRO B 35 -14.27 11.90 8.20
N VAL B 36 -13.16 12.57 8.50
CA VAL B 36 -13.07 13.34 9.74
C VAL B 36 -14.05 14.50 9.71
N ASN B 37 -15.27 14.21 10.14
CA ASN B 37 -16.35 15.19 10.18
C ASN B 37 -15.85 16.58 10.57
N PRO B 38 -16.25 17.63 9.83
CA PRO B 38 -15.83 19.00 10.12
C PRO B 38 -16.46 19.54 11.40
N ALA B 39 -17.46 18.83 11.90
CA ALA B 39 -18.16 19.24 13.11
C ALA B 39 -17.99 18.21 14.23
N THR B 40 -17.65 16.98 13.88
CA THR B 40 -17.46 15.93 14.87
C THR B 40 -16.01 15.45 14.89
N GLY B 41 -15.31 15.66 13.79
CA GLY B 41 -13.93 15.25 13.70
C GLY B 41 -13.75 13.76 13.91
N GLU B 42 -14.43 12.97 13.09
CA GLU B 42 -14.33 11.51 13.22
C GLU B 42 -14.83 10.80 11.96
N VAL B 43 -16.14 10.65 11.84
CA VAL B 43 -16.73 9.98 10.69
C VAL B 43 -18.26 10.05 10.73
N PRO B 44 -18.88 10.85 9.84
CA PRO B 44 -20.33 10.98 9.79
C PRO B 44 -21.03 9.63 9.64
N ALA B 45 -22.15 9.48 10.33
CA ALA B 45 -22.93 8.24 10.27
C ALA B 45 -23.40 7.96 8.85
N ASP B 46 -23.66 9.03 8.11
CA ASP B 46 -24.12 8.92 6.74
C ASP B 46 -23.02 8.40 5.83
N ILE B 47 -22.99 7.08 5.69
CA ILE B 47 -22.00 6.40 4.85
C ILE B 47 -21.76 7.17 3.55
N VAL B 48 -22.79 7.81 3.04
CA VAL B 48 -22.69 8.57 1.80
C VAL B 48 -22.06 9.93 2.06
N ALA B 49 -22.48 10.58 3.14
CA ALA B 49 -21.96 11.89 3.51
C ALA B 49 -20.51 11.78 3.96
N GLN B 50 -20.19 10.70 4.64
CA GLN B 50 -18.84 10.46 5.13
C GLN B 50 -17.94 9.95 3.99
N ALA B 51 -18.57 9.41 2.96
CA ALA B 51 -17.83 8.89 1.81
C ALA B 51 -17.48 10.00 0.82
N ARG B 52 -18.40 10.94 0.66
CA ARG B 52 -18.18 12.06 -0.27
C ARG B 52 -17.23 13.08 0.33
N GLN B 53 -17.28 13.23 1.65
CA GLN B 53 -16.41 14.18 2.34
C GLN B 53 -14.99 13.64 2.44
N SER B 54 -14.87 12.32 2.42
CA SER B 54 -13.56 11.67 2.50
C SER B 54 -12.78 11.88 1.21
N LEU B 55 -13.48 11.89 0.08
CA LEU B 55 -12.85 12.07 -1.22
C LEU B 55 -12.49 13.55 -1.45
N GLU B 56 -13.32 14.44 -0.93
CA GLU B 56 -13.10 15.87 -1.08
C GLU B 56 -11.76 16.28 -0.48
N ASN B 57 -11.53 15.89 0.77
CA ASN B 57 -10.28 16.23 1.45
C ASN B 57 -9.08 15.65 0.70
N VAL B 58 -9.23 14.44 0.18
CA VAL B 58 -8.15 13.79 -0.56
C VAL B 58 -7.79 14.59 -1.80
N LYS B 59 -8.80 15.19 -2.42
CA LYS B 59 -8.59 15.99 -3.62
C LYS B 59 -8.06 17.38 -3.26
N ALA B 60 -8.46 17.88 -2.10
CA ALA B 60 -8.01 19.19 -1.64
C ALA B 60 -6.50 19.22 -1.45
N ILE B 61 -5.96 18.13 -0.93
CA ILE B 61 -4.53 18.04 -0.69
C ILE B 61 -3.78 17.94 -2.01
N ILE B 62 -4.26 17.10 -2.91
CA ILE B 62 -3.64 16.91 -4.21
C ILE B 62 -3.74 18.19 -5.04
N GLU B 63 -4.81 18.95 -4.82
CA GLU B 63 -5.01 20.20 -5.55
C GLU B 63 -4.09 21.28 -5.00
N LYS B 64 -3.95 21.32 -3.68
CA LYS B 64 -3.09 22.30 -3.04
C LYS B 64 -1.64 22.08 -3.45
N ALA B 65 -1.33 20.87 -3.93
CA ALA B 65 0.03 20.55 -4.36
C ALA B 65 0.21 20.83 -5.85
N GLY B 66 -0.91 20.88 -6.58
CA GLY B 66 -0.85 21.14 -8.01
C GLY B 66 -1.08 19.88 -8.83
N LEU B 67 -2.19 19.20 -8.56
CA LEU B 67 -2.53 17.98 -9.28
C LEU B 67 -4.04 17.73 -9.23
N THR B 68 -4.60 17.33 -10.37
CA THR B 68 -6.03 17.05 -10.47
C THR B 68 -6.29 15.56 -10.31
N ALA B 69 -7.52 15.21 -9.92
CA ALA B 69 -7.90 13.82 -9.73
C ALA B 69 -7.53 12.98 -10.95
N ALA B 70 -7.68 13.58 -12.13
CA ALA B 70 -7.36 12.90 -13.39
C ALA B 70 -5.90 12.43 -13.40
N ASP B 71 -5.06 13.06 -12.58
CA ASP B 71 -3.66 12.70 -12.50
C ASP B 71 -3.47 11.43 -11.70
N ILE B 72 -4.40 11.16 -10.79
CA ILE B 72 -4.34 9.98 -9.95
C ILE B 72 -4.35 8.71 -10.79
N VAL B 73 -3.25 7.97 -10.76
CA VAL B 73 -3.13 6.74 -11.55
C VAL B 73 -3.74 5.55 -10.81
N LYS B 74 -3.65 5.56 -9.48
CA LYS B 74 -4.20 4.47 -8.68
C LYS B 74 -4.87 5.00 -7.42
N THR B 75 -5.84 4.25 -6.92
CA THR B 75 -6.56 4.66 -5.72
C THR B 75 -6.89 3.46 -4.82
N THR B 76 -6.65 3.63 -3.52
CA THR B 76 -6.91 2.57 -2.56
C THR B 76 -8.03 3.00 -1.60
N VAL B 77 -8.79 2.04 -1.08
CA VAL B 77 -9.87 2.35 -0.17
C VAL B 77 -10.10 1.23 0.84
N PHE B 78 -9.81 1.52 2.10
CA PHE B 78 -9.98 0.54 3.17
C PHE B 78 -11.37 0.68 3.80
N VAL B 79 -12.24 -0.28 3.52
CA VAL B 79 -13.59 -0.27 4.06
C VAL B 79 -13.74 -1.24 5.23
N LYS B 80 -14.59 -0.87 6.18
CA LYS B 80 -14.83 -1.72 7.34
C LYS B 80 -15.94 -2.71 7.04
N ASP B 81 -16.51 -2.60 5.83
CA ASP B 81 -17.58 -3.49 5.40
C ASP B 81 -17.79 -3.40 3.90
N LEU B 82 -17.73 -4.54 3.23
CA LEU B 82 -17.91 -4.59 1.78
C LEU B 82 -19.34 -4.22 1.39
N ASN B 83 -20.23 -4.13 2.37
CA ASN B 83 -21.62 -3.78 2.12
C ASN B 83 -21.76 -2.27 1.91
N ASP B 84 -20.77 -1.52 2.39
CA ASP B 84 -20.78 -0.07 2.26
C ASP B 84 -19.98 0.38 1.03
N PHE B 85 -19.54 -0.59 0.23
CA PHE B 85 -18.78 -0.28 -0.97
C PHE B 85 -19.69 0.05 -2.15
N ALA B 86 -20.89 -0.50 -2.13
CA ALA B 86 -21.86 -0.25 -3.19
C ALA B 86 -22.23 1.22 -3.28
N ALA B 87 -22.29 1.88 -2.13
CA ALA B 87 -22.64 3.29 -2.06
C ALA B 87 -21.42 4.17 -2.35
N VAL B 88 -20.25 3.70 -1.93
CA VAL B 88 -19.02 4.45 -2.14
C VAL B 88 -18.52 4.29 -3.57
N ASN B 89 -18.58 3.07 -4.08
CA ASN B 89 -18.14 2.78 -5.44
C ASN B 89 -18.97 3.55 -6.46
N ALA B 90 -20.25 3.76 -6.15
CA ALA B 90 -21.15 4.48 -7.04
C ALA B 90 -20.85 5.98 -7.03
N GLU B 91 -20.72 6.55 -5.84
CA GLU B 91 -20.45 7.97 -5.71
C GLU B 91 -18.99 8.28 -6.02
N TYR B 92 -18.11 7.32 -5.75
CA TYR B 92 -16.68 7.49 -6.01
C TYR B 92 -16.40 7.67 -7.50
N GLU B 93 -17.15 6.95 -8.32
CA GLU B 93 -16.97 7.03 -9.78
C GLU B 93 -17.75 8.21 -10.35
N ARG B 94 -18.83 8.61 -9.67
CA ARG B 94 -19.65 9.72 -10.13
C ARG B 94 -18.88 11.04 -10.05
N PHE B 95 -18.01 11.16 -9.05
CA PHE B 95 -17.23 12.37 -8.88
C PHE B 95 -15.96 12.31 -9.72
N PHE B 96 -15.40 11.12 -9.85
CA PHE B 96 -14.20 10.92 -10.64
C PHE B 96 -14.41 11.40 -12.06
N LYS B 97 -15.44 10.85 -12.69
CA LYS B 97 -15.78 11.22 -14.06
C LYS B 97 -16.08 12.72 -14.13
N GLU B 98 -16.64 13.25 -13.06
CA GLU B 98 -16.96 14.67 -12.98
C GLU B 98 -15.74 15.46 -12.50
N ASN B 99 -14.65 14.75 -12.21
CA ASN B 99 -13.42 15.38 -11.77
C ASN B 99 -12.45 15.55 -12.94
N ASN B 100 -12.71 14.77 -14.01
CA ASN B 100 -11.90 14.78 -15.23
C ASN B 100 -11.02 13.53 -15.30
N HIS B 101 -11.46 12.46 -14.65
CA HIS B 101 -10.73 11.20 -14.65
C HIS B 101 -11.60 10.06 -15.15
N PRO B 102 -11.99 10.10 -16.43
CA PRO B 102 -12.83 9.05 -17.03
C PRO B 102 -12.06 7.76 -17.28
N ASN B 103 -10.73 7.86 -17.28
CA ASN B 103 -9.88 6.69 -17.51
C ASN B 103 -9.99 5.70 -16.35
N PHE B 104 -10.14 6.24 -15.14
CA PHE B 104 -10.26 5.42 -13.93
C PHE B 104 -8.91 4.86 -13.51
N PRO B 105 -8.45 5.19 -12.28
CA PRO B 105 -7.17 4.71 -11.75
C PRO B 105 -7.27 3.31 -11.16
N ALA B 106 -6.12 2.71 -10.87
CA ALA B 106 -6.11 1.37 -10.30
C ALA B 106 -6.91 1.33 -9.01
N ARG B 107 -7.34 0.14 -8.60
CA ARG B 107 -8.13 -0.02 -7.39
C ARG B 107 -7.52 -1.06 -6.46
N SER B 108 -7.61 -0.79 -5.16
CA SER B 108 -7.09 -1.70 -4.14
C SER B 108 -7.89 -1.58 -2.85
N CYS B 109 -9.15 -1.98 -2.91
CA CYS B 109 -10.04 -1.92 -1.75
C CYS B 109 -10.09 -3.26 -1.03
N VAL B 110 -10.07 -3.20 0.31
CA VAL B 110 -10.12 -4.41 1.12
C VAL B 110 -10.90 -4.18 2.41
N GLU B 111 -11.70 -5.17 2.79
CA GLU B 111 -12.49 -5.07 4.01
C GLU B 111 -11.60 -5.16 5.24
N VAL B 112 -11.08 -4.02 5.67
CA VAL B 112 -10.20 -3.97 6.84
C VAL B 112 -10.99 -4.21 8.12
N ALA B 113 -10.30 -4.68 9.16
CA ALA B 113 -10.92 -4.94 10.44
C ALA B 113 -11.38 -3.65 11.12
N ARG B 114 -10.50 -2.66 11.13
CA ARG B 114 -10.81 -1.37 11.74
C ARG B 114 -9.98 -0.26 11.11
N LEU B 115 -10.23 0.97 11.54
CA LEU B 115 -9.51 2.12 11.02
C LEU B 115 -9.34 3.19 12.09
N PRO B 116 -8.31 4.05 11.95
CA PRO B 116 -8.03 5.11 12.92
C PRO B 116 -9.23 6.03 13.10
N LYS B 117 -9.52 6.38 14.36
CA LYS B 117 -10.64 7.26 14.69
C LYS B 117 -11.97 6.51 14.58
N ASP B 118 -11.89 5.19 14.50
CA ASP B 118 -13.09 4.36 14.39
C ASP B 118 -13.84 4.66 13.10
N VAL B 119 -13.17 5.32 12.16
CA VAL B 119 -13.79 5.66 10.88
C VAL B 119 -14.33 4.41 10.18
N GLY B 120 -15.43 4.58 9.46
CA GLY B 120 -16.02 3.46 8.75
C GLY B 120 -15.43 3.25 7.37
N LEU B 121 -14.70 4.25 6.87
CA LEU B 121 -14.07 4.15 5.56
C LEU B 121 -12.81 4.99 5.49
N GLU B 122 -11.85 4.52 4.71
CA GLU B 122 -10.58 5.22 4.54
C GLU B 122 -10.34 5.53 3.07
N ILE B 123 -9.54 6.56 2.79
CA ILE B 123 -9.25 6.93 1.41
C ILE B 123 -7.76 7.11 1.17
N GLU B 124 -7.28 6.55 0.08
CA GLU B 124 -5.87 6.63 -0.28
C GLU B 124 -5.72 6.52 -1.81
N ALA B 125 -4.62 7.05 -2.34
CA ALA B 125 -4.39 7.00 -3.78
C ALA B 125 -3.06 7.62 -4.16
N ILE B 126 -2.62 7.34 -5.39
CA ILE B 126 -1.36 7.88 -5.88
C ILE B 126 -1.58 8.64 -7.19
N ALA B 127 -0.84 9.72 -7.39
CA ALA B 127 -0.97 10.53 -8.59
C ALA B 127 0.36 10.79 -9.25
N VAL B 128 0.33 11.10 -10.55
CA VAL B 128 1.54 11.39 -11.31
C VAL B 128 1.55 12.83 -11.80
N ARG B 129 2.74 13.37 -12.03
CA ARG B 129 2.89 14.74 -12.51
C ARG B 129 3.80 14.80 -13.72
N LYS B 130 3.56 13.91 -14.69
CA LYS B 130 4.36 13.86 -15.90
C LYS B 130 5.84 13.68 -15.58
N MET C 1 5.18 14.11 -22.16
CA MET C 1 3.97 13.49 -21.57
C MET C 1 4.25 12.06 -21.12
N MET C 2 4.56 11.89 -19.83
CA MET C 2 4.84 10.58 -19.27
C MET C 2 3.60 9.98 -18.63
N THR C 3 3.76 8.80 -18.04
CA THR C 3 2.64 8.11 -17.39
C THR C 3 1.56 7.76 -18.40
N GLN C 4 0.96 6.58 -18.22
CA GLN C 4 -0.09 6.12 -19.13
C GLN C 4 -0.73 4.83 -18.61
N ILE C 5 -2.05 4.84 -18.50
CA ILE C 5 -2.80 3.68 -18.02
C ILE C 5 -2.49 2.45 -18.87
N ILE C 6 -2.64 1.28 -18.27
CA ILE C 6 -2.39 0.03 -18.97
C ILE C 6 -3.68 -0.73 -19.23
N HIS C 7 -3.67 -1.61 -20.23
CA HIS C 7 -4.84 -2.41 -20.58
C HIS C 7 -4.44 -3.64 -21.38
N THR C 8 -5.02 -4.78 -21.00
CA THR C 8 -4.73 -6.04 -21.69
C THR C 8 -5.95 -6.95 -21.69
N GLU C 9 -5.96 -7.92 -22.59
CA GLU C 9 -7.06 -8.86 -22.69
C GLU C 9 -6.76 -10.16 -21.94
N LYS C 10 -5.82 -10.08 -20.99
CA LYS C 10 -5.44 -11.25 -20.20
C LYS C 10 -5.76 -11.03 -18.73
N ALA C 11 -5.60 -9.79 -18.26
CA ALA C 11 -5.87 -9.45 -16.88
C ALA C 11 -7.28 -9.88 -16.46
N PRO C 12 -7.62 -9.65 -15.19
CA PRO C 12 -8.95 -10.03 -14.65
C PRO C 12 -10.08 -9.21 -15.26
N ALA C 13 -9.73 -8.19 -16.04
CA ALA C 13 -10.72 -7.33 -16.69
C ALA C 13 -11.32 -6.36 -15.69
N ALA C 14 -11.69 -5.18 -16.18
CA ALA C 14 -12.27 -4.15 -15.32
C ALA C 14 -13.79 -4.14 -15.44
N ILE C 15 -14.45 -4.35 -14.31
CA ILE C 15 -15.91 -4.36 -14.26
C ILE C 15 -16.44 -3.27 -13.35
N GLY C 16 -15.57 -2.31 -13.03
CA GLY C 16 -15.96 -1.22 -12.16
C GLY C 16 -15.28 0.08 -12.52
N PRO C 17 -15.01 0.95 -11.54
CA PRO C 17 -14.34 2.24 -11.77
C PRO C 17 -12.83 2.14 -11.69
N TYR C 18 -12.26 1.06 -12.21
CA TYR C 18 -10.81 0.88 -12.19
C TYR C 18 -10.30 0.34 -13.52
N VAL C 19 -9.00 0.44 -13.74
CA VAL C 19 -8.39 -0.03 -14.98
C VAL C 19 -7.47 -1.22 -14.71
N GLN C 20 -6.93 -1.80 -15.77
CA GLN C 20 -6.04 -2.95 -15.65
C GLN C 20 -4.83 -2.61 -14.78
N ALA C 21 -4.20 -1.47 -15.08
CA ALA C 21 -3.03 -1.03 -14.33
C ALA C 21 -2.58 0.35 -14.81
N VAL C 22 -1.52 0.87 -14.19
CA VAL C 22 -0.99 2.18 -14.55
C VAL C 22 0.52 2.13 -14.67
N ASP C 23 1.04 2.70 -15.75
CA ASP C 23 2.48 2.74 -15.98
C ASP C 23 3.02 4.16 -15.86
N LEU C 24 3.91 4.37 -14.91
CA LEU C 24 4.50 5.69 -14.68
C LEU C 24 5.82 5.83 -15.44
N GLY C 25 6.39 4.71 -15.85
CA GLY C 25 7.66 4.74 -16.56
C GLY C 25 8.75 4.03 -15.78
N ASN C 26 9.58 4.81 -15.10
CA ASN C 26 10.65 4.24 -14.29
C ASN C 26 10.05 3.31 -13.22
N LEU C 27 8.83 3.64 -12.81
CA LEU C 27 8.12 2.86 -11.82
C LEU C 27 6.71 2.49 -12.31
N VAL C 28 6.29 1.27 -12.03
CA VAL C 28 4.97 0.81 -12.45
C VAL C 28 4.20 0.21 -11.27
N LEU C 29 2.88 0.31 -11.33
CA LEU C 29 2.04 -0.23 -10.27
C LEU C 29 0.87 -1.02 -10.84
N THR C 30 0.60 -2.18 -10.26
CA THR C 30 -0.49 -3.04 -10.72
C THR C 30 -1.64 -3.04 -9.73
N SER C 31 -2.86 -2.94 -10.23
CA SER C 31 -4.05 -2.95 -9.39
C SER C 31 -4.20 -4.28 -8.66
N GLY C 32 -4.66 -4.23 -7.43
CA GLY C 32 -4.85 -5.45 -6.65
C GLY C 32 -5.68 -6.49 -7.39
N GLN C 33 -4.99 -7.37 -8.12
CA GLN C 33 -5.67 -8.41 -8.88
C GLN C 33 -6.19 -9.52 -7.98
N ILE C 34 -7.09 -10.33 -8.52
CA ILE C 34 -7.69 -11.43 -7.78
C ILE C 34 -7.98 -12.60 -8.70
N PRO C 35 -8.14 -13.82 -8.14
CA PRO C 35 -8.40 -15.04 -8.92
C PRO C 35 -9.77 -15.02 -9.59
N VAL C 36 -10.05 -13.99 -10.37
CA VAL C 36 -11.32 -13.91 -11.08
C VAL C 36 -11.43 -15.01 -12.11
N ASN C 37 -11.91 -16.17 -11.64
CA ASN C 37 -12.08 -17.35 -12.48
C ASN C 37 -12.53 -16.98 -13.90
N PRO C 38 -11.89 -17.56 -14.93
CA PRO C 38 -12.23 -17.28 -16.33
C PRO C 38 -13.57 -17.90 -16.71
N ALA C 39 -14.09 -18.77 -15.86
CA ALA C 39 -15.36 -19.44 -16.10
C ALA C 39 -16.41 -19.07 -15.05
N THR C 40 -15.95 -18.61 -13.89
CA THR C 40 -16.86 -18.23 -12.80
C THR C 40 -16.76 -16.74 -12.51
N GLY C 41 -15.64 -16.14 -12.87
CA GLY C 41 -15.45 -14.72 -12.64
C GLY C 41 -15.55 -14.36 -11.17
N GLU C 42 -14.73 -14.99 -10.35
CA GLU C 42 -14.76 -14.72 -8.92
C GLU C 42 -13.48 -15.21 -8.21
N VAL C 43 -13.43 -16.49 -7.92
CA VAL C 43 -12.27 -17.07 -7.24
C VAL C 43 -12.41 -18.60 -7.11
N PRO C 44 -11.61 -19.36 -7.89
CA PRO C 44 -11.65 -20.82 -7.85
C PRO C 44 -11.45 -21.37 -6.44
N ALA C 45 -12.20 -22.42 -6.11
CA ALA C 45 -12.11 -23.04 -4.78
C ALA C 45 -10.70 -23.56 -4.53
N ASP C 46 -10.05 -24.00 -5.60
CA ASP C 46 -8.70 -24.53 -5.51
C ASP C 46 -7.70 -23.43 -5.17
N ILE C 47 -7.47 -23.26 -3.88
CA ILE C 47 -6.54 -22.25 -3.38
C ILE C 47 -5.28 -22.18 -4.24
N VAL C 48 -4.87 -23.33 -4.77
CA VAL C 48 -3.67 -23.40 -5.62
C VAL C 48 -3.99 -22.92 -7.03
N ALA C 49 -5.13 -23.34 -7.55
CA ALA C 49 -5.55 -22.95 -8.90
C ALA C 49 -5.90 -21.47 -8.95
N GLN C 50 -6.51 -20.98 -7.87
CA GLN C 50 -6.89 -19.58 -7.78
C GLN C 50 -5.68 -18.71 -7.45
N ALA C 51 -4.65 -19.33 -6.89
CA ALA C 51 -3.43 -18.62 -6.52
C ALA C 51 -2.49 -18.47 -7.72
N ARG C 52 -2.44 -19.50 -8.57
CA ARG C 52 -1.59 -19.48 -9.74
C ARG C 52 -2.19 -18.61 -10.84
N GLN C 53 -3.51 -18.59 -10.92
CA GLN C 53 -4.22 -17.81 -11.92
C GLN C 53 -4.19 -16.33 -11.55
N SER C 54 -4.09 -16.05 -10.25
CA SER C 54 -4.04 -14.68 -9.77
C SER C 54 -2.72 -14.01 -10.15
N LEU C 55 -1.64 -14.77 -10.13
CA LEU C 55 -0.33 -14.26 -10.47
C LEU C 55 -0.17 -14.10 -11.98
N GLU C 56 -0.79 -14.98 -12.74
CA GLU C 56 -0.73 -14.95 -14.19
C GLU C 56 -1.27 -13.62 -14.73
N ASN C 57 -2.47 -13.27 -14.30
CA ASN C 57 -3.10 -12.03 -14.74
C ASN C 57 -2.25 -10.82 -14.36
N VAL C 58 -1.66 -10.86 -13.17
CA VAL C 58 -0.82 -9.77 -12.71
C VAL C 58 0.39 -9.59 -13.62
N LYS C 59 0.91 -10.71 -14.13
CA LYS C 59 2.07 -10.67 -15.02
C LYS C 59 1.65 -10.28 -16.44
N ALA C 60 0.44 -10.66 -16.81
CA ALA C 60 -0.07 -10.34 -18.15
C ALA C 60 -0.18 -8.84 -18.35
N ILE C 61 -0.60 -8.14 -17.29
CA ILE C 61 -0.73 -6.69 -17.37
C ILE C 61 0.64 -6.03 -17.44
N ILE C 62 1.55 -6.47 -16.58
CA ILE C 62 2.90 -5.91 -16.57
C ILE C 62 3.63 -6.23 -17.86
N GLU C 63 3.31 -7.36 -18.46
CA GLU C 63 3.94 -7.76 -19.72
C GLU C 63 3.38 -6.94 -20.87
N LYS C 64 2.08 -6.72 -20.86
CA LYS C 64 1.43 -5.93 -21.90
C LYS C 64 1.93 -4.50 -21.88
N ALA C 65 2.51 -4.08 -20.75
CA ALA C 65 3.05 -2.73 -20.62
C ALA C 65 4.52 -2.69 -21.00
N GLY C 66 5.18 -3.85 -20.95
CA GLY C 66 6.58 -3.92 -21.30
C GLY C 66 7.47 -4.06 -20.08
N LEU C 67 7.17 -5.06 -19.25
CA LEU C 67 7.95 -5.30 -18.04
C LEU C 67 7.83 -6.76 -17.59
N THR C 68 8.95 -7.34 -17.19
CA THR C 68 8.98 -8.73 -16.75
C THR C 68 8.90 -8.81 -15.23
N ALA C 69 8.45 -9.95 -14.71
CA ALA C 69 8.34 -10.15 -13.27
C ALA C 69 9.63 -9.78 -12.56
N ALA C 70 10.75 -10.06 -13.19
CA ALA C 70 12.06 -9.75 -12.63
C ALA C 70 12.20 -8.26 -12.36
N ASP C 71 11.39 -7.45 -13.04
CA ASP C 71 11.43 -6.00 -12.85
C ASP C 71 10.72 -5.61 -11.56
N ILE C 72 9.76 -6.44 -11.14
CA ILE C 72 9.01 -6.19 -9.92
C ILE C 72 9.94 -6.10 -8.71
N VAL C 73 10.02 -4.92 -8.11
CA VAL C 73 10.88 -4.71 -6.95
C VAL C 73 10.18 -5.13 -5.65
N LYS C 74 8.87 -4.94 -5.60
CA LYS C 74 8.11 -5.30 -4.41
C LYS C 74 6.77 -5.94 -4.78
N THR C 75 6.26 -6.78 -3.90
CA THR C 75 4.99 -7.46 -4.14
C THR C 75 4.16 -7.58 -2.87
N THR C 76 2.87 -7.28 -2.98
CA THR C 76 1.96 -7.35 -1.85
C THR C 76 0.92 -8.44 -2.10
N VAL C 77 0.42 -9.04 -1.02
CA VAL C 77 -0.59 -10.10 -1.15
C VAL C 77 -1.54 -10.11 0.04
N PHE C 78 -2.80 -9.78 -0.20
CA PHE C 78 -3.80 -9.76 0.85
C PHE C 78 -4.53 -11.10 0.91
N VAL C 79 -4.24 -11.87 1.96
CA VAL C 79 -4.85 -13.18 2.14
C VAL C 79 -5.97 -13.13 3.19
N LYS C 80 -7.00 -13.95 2.98
CA LYS C 80 -8.11 -14.01 3.91
C LYS C 80 -7.80 -15.01 5.02
N ASP C 81 -6.65 -15.66 4.92
CA ASP C 81 -6.22 -16.64 5.90
C ASP C 81 -4.74 -16.95 5.75
N LEU C 82 -4.00 -16.81 6.84
CA LEU C 82 -2.57 -17.08 6.84
C LEU C 82 -2.28 -18.56 6.62
N ASN C 83 -3.33 -19.39 6.71
CA ASN C 83 -3.18 -20.83 6.51
C ASN C 83 -3.07 -21.16 5.03
N ASP C 84 -3.54 -20.23 4.19
CA ASP C 84 -3.50 -20.44 2.75
C ASP C 84 -2.26 -19.78 2.14
N PHE C 85 -1.36 -19.28 2.98
CA PHE C 85 -0.15 -18.64 2.52
C PHE C 85 0.95 -19.67 2.24
N ALA C 86 0.89 -20.80 2.94
CA ALA C 86 1.89 -21.85 2.76
C ALA C 86 1.85 -22.41 1.34
N ALA C 87 0.65 -22.47 0.76
CA ALA C 87 0.48 -22.98 -0.59
C ALA C 87 0.79 -21.90 -1.63
N VAL C 88 0.46 -20.65 -1.30
CA VAL C 88 0.71 -19.54 -2.20
C VAL C 88 2.17 -19.12 -2.18
N ASN C 89 2.75 -19.07 -0.99
CA ASN C 89 4.15 -18.68 -0.84
C ASN C 89 5.07 -19.67 -1.56
N ALA C 90 4.66 -20.94 -1.58
CA ALA C 90 5.45 -21.97 -2.23
C ALA C 90 5.37 -21.86 -3.75
N GLU C 91 4.16 -21.73 -4.27
CA GLU C 91 3.94 -21.62 -5.71
C GLU C 91 4.32 -20.22 -6.22
N TYR C 92 4.17 -19.23 -5.35
CA TYR C 92 4.50 -17.85 -5.71
C TYR C 92 5.99 -17.70 -6.01
N GLU C 93 6.82 -18.41 -5.25
CA GLU C 93 8.26 -18.34 -5.43
C GLU C 93 8.73 -19.28 -6.54
N ARG C 94 7.97 -20.35 -6.75
CA ARG C 94 8.30 -21.33 -7.78
C ARG C 94 8.18 -20.73 -9.17
N PHE C 95 7.22 -19.81 -9.35
CA PHE C 95 7.02 -19.17 -10.64
C PHE C 95 7.93 -17.96 -10.79
N PHE C 96 8.18 -17.27 -9.67
CA PHE C 96 9.05 -16.11 -9.68
C PHE C 96 10.43 -16.48 -10.20
N LYS C 97 11.03 -17.47 -9.57
CA LYS C 97 12.35 -17.94 -9.97
C LYS C 97 12.30 -18.42 -11.42
N GLU C 98 11.16 -18.97 -11.81
CA GLU C 98 10.98 -19.46 -13.17
C GLU C 98 10.53 -18.32 -14.09
N ASN C 99 10.36 -17.13 -13.51
CA ASN C 99 9.94 -15.95 -14.26
C ASN C 99 11.15 -15.09 -14.59
N ASN C 100 12.25 -15.33 -13.86
CA ASN C 100 13.51 -14.60 -14.04
C ASN C 100 13.72 -13.60 -12.91
N HIS C 101 13.11 -13.85 -11.76
CA HIS C 101 13.24 -12.96 -10.61
C HIS C 101 13.75 -13.73 -9.39
N PRO C 102 15.00 -14.21 -9.45
CA PRO C 102 15.61 -14.95 -8.35
C PRO C 102 16.00 -14.05 -7.17
N ASN C 103 16.06 -12.75 -7.43
CA ASN C 103 16.42 -11.78 -6.39
C ASN C 103 15.32 -11.69 -5.34
N PHE C 104 14.07 -11.83 -5.79
CA PHE C 104 12.91 -11.76 -4.90
C PHE C 104 12.60 -10.32 -4.48
N PRO C 105 11.39 -9.83 -4.80
CA PRO C 105 10.97 -8.47 -4.45
C PRO C 105 10.47 -8.37 -3.02
N ALA C 106 10.29 -7.14 -2.55
CA ALA C 106 9.80 -6.91 -1.19
C ALA C 106 8.47 -7.63 -0.98
N ARG C 107 8.11 -7.86 0.27
CA ARG C 107 6.86 -8.55 0.59
C ARG C 107 6.03 -7.77 1.60
N SER C 108 4.72 -7.80 1.42
CA SER C 108 3.80 -7.10 2.29
C SER C 108 2.45 -7.83 2.35
N CYS C 109 2.47 -9.03 2.91
CA CYS C 109 1.25 -9.83 3.01
C CYS C 109 0.61 -9.68 4.38
N VAL C 110 -0.73 -9.57 4.40
CA VAL C 110 -1.46 -9.42 5.65
C VAL C 110 -2.81 -10.13 5.59
N GLU C 111 -3.18 -10.78 6.69
CA GLU C 111 -4.45 -11.49 6.76
C GLU C 111 -5.61 -10.51 6.80
N VAL C 112 -6.09 -10.11 5.62
CA VAL C 112 -7.20 -9.17 5.52
C VAL C 112 -8.51 -9.83 5.94
N ALA C 113 -9.47 -9.01 6.36
CA ALA C 113 -10.77 -9.52 6.78
C ALA C 113 -11.54 -10.09 5.59
N ARG C 114 -11.57 -9.33 4.50
CA ARG C 114 -12.27 -9.75 3.29
C ARG C 114 -11.66 -9.12 2.05
N LEU C 115 -12.18 -9.48 0.88
CA LEU C 115 -11.69 -8.95 -0.37
C LEU C 115 -12.81 -8.84 -1.40
N PRO C 116 -12.66 -7.93 -2.38
CA PRO C 116 -13.67 -7.73 -3.43
C PRO C 116 -13.99 -9.02 -4.17
N LYS C 117 -15.28 -9.26 -4.42
CA LYS C 117 -15.73 -10.46 -5.12
C LYS C 117 -15.65 -11.68 -4.22
N ASP C 118 -15.49 -11.45 -2.92
CA ASP C 118 -15.40 -12.54 -1.96
C ASP C 118 -14.19 -13.41 -2.21
N VAL C 119 -13.24 -12.89 -3.01
CA VAL C 119 -12.02 -13.64 -3.34
C VAL C 119 -11.28 -14.06 -2.07
N GLY C 120 -10.64 -15.22 -2.14
CA GLY C 120 -9.91 -15.72 -1.00
C GLY C 120 -8.48 -15.19 -0.93
N LEU C 121 -8.00 -14.63 -2.03
CA LEU C 121 -6.65 -14.09 -2.09
C LEU C 121 -6.57 -12.94 -3.09
N GLU C 122 -5.70 -11.98 -2.78
CA GLU C 122 -5.50 -10.82 -3.64
C GLU C 122 -4.03 -10.72 -4.05
N ILE C 123 -3.78 -10.07 -5.18
CA ILE C 123 -2.41 -9.93 -5.67
C ILE C 123 -2.10 -8.48 -6.05
N GLU C 124 -0.93 -8.01 -5.60
CA GLU C 124 -0.49 -6.65 -5.88
C GLU C 124 1.03 -6.59 -5.87
N ALA C 125 1.59 -5.61 -6.56
CA ALA C 125 3.05 -5.46 -6.62
C ALA C 125 3.47 -4.24 -7.42
N ILE C 126 4.74 -3.85 -7.27
CA ILE C 126 5.28 -2.70 -7.97
C ILE C 126 6.52 -3.10 -8.78
N ALA C 127 6.68 -2.51 -9.95
CA ALA C 127 7.83 -2.83 -10.80
C ALA C 127 8.55 -1.56 -11.26
N VAL C 128 9.81 -1.73 -11.64
CA VAL C 128 10.63 -0.61 -12.11
C VAL C 128 11.02 -0.81 -13.58
N ARG C 129 11.30 0.29 -14.26
CA ARG C 129 11.69 0.25 -15.67
C ARG C 129 12.96 1.07 -15.91
N LYS C 130 13.95 0.86 -15.04
CA LYS C 130 15.22 1.58 -15.17
C LYS C 130 14.99 3.09 -15.15
N MET A 1 15.09 4.53 -11.99
CA MET A 1 16.49 4.54 -12.51
C MET A 1 17.48 4.19 -11.39
N MET A 2 18.50 3.42 -11.75
CA MET A 2 19.52 3.01 -10.78
C MET A 2 18.90 2.20 -9.65
N THR A 3 17.98 1.31 -10.01
CA THR A 3 17.31 0.46 -9.04
C THR A 3 18.20 -0.69 -8.59
N GLN A 4 17.97 -1.17 -7.37
CA GLN A 4 18.76 -2.28 -6.83
C GLN A 4 18.26 -2.68 -5.44
N ILE A 5 18.08 -3.98 -5.23
CA ILE A 5 17.60 -4.50 -3.95
C ILE A 5 18.54 -4.07 -2.82
N ILE A 6 18.00 -4.08 -1.59
CA ILE A 6 18.78 -3.71 -0.42
C ILE A 6 18.99 -4.90 0.50
N HIS A 7 20.11 -4.88 1.24
CA HIS A 7 20.43 -5.95 2.16
C HIS A 7 21.21 -5.42 3.36
N THR A 8 20.81 -5.85 4.55
CA THR A 8 21.47 -5.41 5.78
C THR A 8 21.43 -6.51 6.84
N GLU A 9 22.27 -6.38 7.85
CA GLU A 9 22.33 -7.36 8.93
C GLU A 9 21.74 -6.80 10.22
N LYS A 10 20.79 -5.87 10.07
CA LYS A 10 20.14 -5.26 11.22
C LYS A 10 18.69 -5.72 11.33
N ALA A 11 17.97 -5.63 10.22
CA ALA A 11 16.57 -6.03 10.18
C ALA A 11 16.43 -7.54 10.35
N PRO A 12 15.19 -8.06 10.33
CA PRO A 12 14.93 -9.49 10.49
C PRO A 12 15.59 -10.33 9.40
N ALA A 13 16.02 -9.67 8.33
CA ALA A 13 16.67 -10.34 7.21
C ALA A 13 15.66 -11.14 6.39
N ALA A 14 15.99 -11.34 5.11
CA ALA A 14 15.11 -12.08 4.21
C ALA A 14 15.72 -13.42 3.83
N ILE A 15 14.99 -14.48 4.17
CA ILE A 15 15.44 -15.84 3.87
C ILE A 15 14.32 -16.65 3.22
N GLY A 16 13.29 -15.94 2.76
CA GLY A 16 12.17 -16.60 2.14
C GLY A 16 11.85 -16.03 0.75
N PRO A 17 10.56 -15.84 0.44
CA PRO A 17 10.14 -15.31 -0.87
C PRO A 17 10.17 -13.79 -0.96
N TYR A 18 10.87 -13.14 -0.02
CA TYR A 18 10.94 -11.68 -0.03
C TYR A 18 12.36 -11.18 0.26
N VAL A 19 12.54 -9.87 0.24
CA VAL A 19 13.84 -9.26 0.50
C VAL A 19 13.72 -8.16 1.55
N GLN A 20 14.87 -7.69 2.03
CA GLN A 20 14.89 -6.63 3.04
C GLN A 20 14.20 -5.38 2.52
N ALA A 21 14.67 -4.90 1.37
CA ALA A 21 14.11 -3.71 0.75
C ALA A 21 14.65 -3.53 -0.66
N VAL A 22 14.18 -2.51 -1.35
CA VAL A 22 14.62 -2.24 -2.72
C VAL A 22 14.70 -0.74 -2.98
N ASP A 23 15.82 -0.30 -3.53
CA ASP A 23 16.02 1.11 -3.85
C ASP A 23 15.74 1.36 -5.33
N LEU A 24 14.65 2.08 -5.60
CA LEU A 24 14.26 2.39 -6.97
C LEU A 24 15.17 3.45 -7.59
N GLY A 25 15.98 4.09 -6.75
CA GLY A 25 16.88 5.13 -7.20
C GLY A 25 16.69 6.41 -6.44
N ASN A 26 16.01 7.37 -7.05
CA ASN A 26 15.74 8.65 -6.40
C ASN A 26 15.00 8.42 -5.09
N LEU A 27 14.22 7.35 -5.06
CA LEU A 27 13.45 6.99 -3.86
C LEU A 27 13.66 5.52 -3.51
N VAL A 28 13.23 5.13 -2.32
CA VAL A 28 13.38 3.76 -1.87
C VAL A 28 12.05 3.20 -1.35
N LEU A 29 11.95 1.89 -1.28
CA LEU A 29 10.74 1.23 -0.80
C LEU A 29 11.08 0.08 0.13
N THR A 30 10.56 0.14 1.36
CA THR A 30 10.82 -0.90 2.35
C THR A 30 9.61 -1.83 2.50
N SER A 31 9.87 -3.13 2.59
CA SER A 31 8.81 -4.12 2.73
C SER A 31 8.18 -4.04 4.13
N GLY A 32 7.11 -4.79 4.33
CA GLY A 32 6.43 -4.80 5.61
C GLY A 32 7.33 -5.32 6.72
N GLN A 33 8.17 -4.43 7.25
CA GLN A 33 9.10 -4.80 8.32
C GLN A 33 8.36 -5.39 9.52
N ILE A 34 9.02 -6.32 10.20
CA ILE A 34 8.44 -6.96 11.37
C ILE A 34 9.51 -7.21 12.43
N PRO A 35 9.12 -7.20 13.72
CA PRO A 35 10.05 -7.41 14.83
C PRO A 35 10.30 -8.89 15.10
N VAL A 36 10.65 -9.63 14.05
CA VAL A 36 10.92 -11.05 14.19
C VAL A 36 12.40 -11.32 14.40
N ASN A 37 12.86 -11.18 15.64
CA ASN A 37 14.27 -11.40 15.99
C ASN A 37 14.67 -10.68 17.27
N PRO A 38 14.27 -9.40 17.43
CA PRO A 38 14.61 -8.61 18.63
C PRO A 38 14.48 -9.41 19.92
N ALA A 39 13.64 -10.45 19.88
CA ALA A 39 13.42 -11.29 21.05
C ALA A 39 14.39 -12.46 21.06
N THR A 40 14.80 -12.91 19.87
CA THR A 40 15.74 -14.03 19.72
C THR A 40 15.64 -14.68 18.34
N GLY A 41 14.59 -14.34 17.57
CA GLY A 41 14.42 -14.92 16.26
C GLY A 41 13.00 -15.41 16.04
N GLU A 42 12.04 -14.50 16.17
CA GLU A 42 10.62 -14.86 16.00
C GLU A 42 9.73 -13.64 16.15
N VAL A 43 9.70 -13.09 17.37
CA VAL A 43 8.88 -11.91 17.67
C VAL A 43 8.72 -11.72 19.18
N PRO A 44 9.25 -10.61 19.72
CA PRO A 44 9.16 -10.32 21.16
C PRO A 44 7.71 -10.22 21.64
N ALA A 45 7.49 -10.62 22.88
CA ALA A 45 6.14 -10.57 23.46
C ALA A 45 5.76 -9.15 23.84
N ASP A 46 6.76 -8.36 24.21
CA ASP A 46 6.55 -6.98 24.60
C ASP A 46 6.11 -6.14 23.41
N ILE A 47 4.80 -5.98 23.30
CA ILE A 47 4.20 -5.21 22.22
C ILE A 47 4.99 -3.92 21.93
N VAL A 48 5.58 -3.35 22.98
CA VAL A 48 6.36 -2.13 22.83
C VAL A 48 7.78 -2.44 22.38
N ALA A 49 8.38 -3.48 22.97
CA ALA A 49 9.73 -3.88 22.62
C ALA A 49 9.81 -4.28 21.15
N GLN A 50 8.83 -5.04 20.69
CA GLN A 50 8.78 -5.48 19.31
C GLN A 50 8.38 -4.33 18.40
N ALA A 51 7.58 -3.40 18.94
CA ALA A 51 7.12 -2.25 18.19
C ALA A 51 8.22 -1.20 18.05
N ARG A 52 9.08 -1.09 19.06
CA ARG A 52 10.16 -0.13 19.05
C ARG A 52 11.36 -0.67 18.27
N GLN A 53 11.54 -1.99 18.29
CA GLN A 53 12.65 -2.62 17.58
C GLN A 53 12.37 -2.67 16.07
N SER A 54 11.10 -2.82 15.71
CA SER A 54 10.71 -2.87 14.30
C SER A 54 10.90 -1.51 13.65
N LEU A 55 10.63 -0.45 14.42
CA LEU A 55 10.77 0.91 13.90
C LEU A 55 12.23 1.20 13.54
N GLU A 56 13.15 0.70 14.37
CA GLU A 56 14.57 0.90 14.12
C GLU A 56 15.04 0.04 12.95
N ASN A 57 14.54 -1.18 12.89
CA ASN A 57 14.91 -2.10 11.82
C ASN A 57 14.58 -1.50 10.45
N VAL A 58 13.42 -0.85 10.36
CA VAL A 58 12.99 -0.23 9.12
C VAL A 58 13.99 0.83 8.68
N LYS A 59 14.49 1.60 9.63
CA LYS A 59 15.46 2.65 9.34
C LYS A 59 16.84 2.06 9.09
N ALA A 60 17.14 0.95 9.76
CA ALA A 60 18.42 0.28 9.60
C ALA A 60 18.64 -0.15 8.15
N ILE A 61 17.58 -0.63 7.52
CA ILE A 61 17.65 -1.06 6.14
C ILE A 61 17.84 0.12 5.21
N ILE A 62 17.12 1.21 5.49
CA ILE A 62 17.22 2.41 4.69
C ILE A 62 18.57 3.09 4.88
N GLU A 63 19.09 3.03 6.10
CA GLU A 63 20.38 3.62 6.42
C GLU A 63 21.49 2.81 5.77
N LYS A 64 21.35 1.49 5.82
CA LYS A 64 22.34 0.59 5.23
C LYS A 64 22.38 0.77 3.71
N ALA A 65 21.32 1.36 3.15
CA ALA A 65 21.25 1.58 1.72
C ALA A 65 21.86 2.93 1.35
N GLY A 66 21.71 3.91 2.25
CA GLY A 66 22.26 5.23 2.01
C GLY A 66 21.22 6.31 2.07
N LEU A 67 20.35 6.25 3.09
CA LEU A 67 19.30 7.25 3.26
C LEU A 67 19.08 7.55 4.74
N THR A 68 18.02 8.30 5.02
CA THR A 68 17.70 8.66 6.40
C THR A 68 16.19 8.66 6.61
N ALA A 69 15.78 8.51 7.86
CA ALA A 69 14.36 8.49 8.21
C ALA A 69 13.67 9.78 7.76
N ALA A 70 14.38 10.88 7.86
CA ALA A 70 13.84 12.18 7.46
C ALA A 70 13.40 12.18 6.01
N ASP A 71 14.01 11.31 5.20
CA ASP A 71 13.68 11.21 3.78
C ASP A 71 12.36 10.46 3.59
N ILE A 72 12.01 9.62 4.56
CA ILE A 72 10.77 8.85 4.51
C ILE A 72 9.57 9.76 4.27
N VAL A 73 8.89 9.56 3.15
CA VAL A 73 7.72 10.36 2.81
C VAL A 73 6.43 9.75 3.34
N LYS A 74 6.37 8.42 3.39
CA LYS A 74 5.18 7.74 3.87
C LYS A 74 5.54 6.49 4.67
N THR A 75 4.57 5.97 5.43
CA THR A 75 4.80 4.77 6.24
C THR A 75 3.48 4.13 6.67
N THR A 76 3.21 2.94 6.13
CA THR A 76 1.99 2.22 6.47
C THR A 76 2.24 1.26 7.64
N VAL A 77 1.17 0.84 8.31
CA VAL A 77 1.31 -0.06 9.45
C VAL A 77 0.08 -0.95 9.62
N PHE A 78 0.33 -2.20 10.00
CA PHE A 78 -0.75 -3.16 10.23
C PHE A 78 -0.71 -3.67 11.66
N VAL A 79 -1.62 -3.15 12.49
CA VAL A 79 -1.69 -3.55 13.89
C VAL A 79 -2.79 -4.56 14.14
N LYS A 80 -2.58 -5.40 15.14
CA LYS A 80 -3.57 -6.41 15.51
C LYS A 80 -4.55 -5.83 16.52
N ASP A 81 -4.31 -4.57 16.89
CA ASP A 81 -5.17 -3.89 17.85
C ASP A 81 -4.87 -2.39 17.85
N LEU A 82 -5.91 -1.59 17.62
CA LEU A 82 -5.76 -0.14 17.60
C LEU A 82 -5.44 0.41 18.99
N ASN A 83 -5.58 -0.44 20.01
CA ASN A 83 -5.29 -0.03 21.38
C ASN A 83 -3.80 -0.04 21.65
N ASP A 84 -3.07 -0.82 20.85
CA ASP A 84 -1.62 -0.91 21.00
C ASP A 84 -0.91 0.17 20.18
N PHE A 85 -1.62 0.71 19.19
CA PHE A 85 -1.05 1.74 18.33
C PHE A 85 -0.59 2.95 19.14
N ALA A 86 -1.15 3.10 20.34
CA ALA A 86 -0.79 4.23 21.21
C ALA A 86 0.71 4.26 21.48
N ALA A 87 1.22 3.20 22.08
CA ALA A 87 2.65 3.10 22.38
C ALA A 87 3.48 3.24 21.11
N VAL A 88 3.11 2.49 20.09
CA VAL A 88 3.83 2.55 18.82
C VAL A 88 3.76 3.94 18.20
N ASN A 89 2.61 4.59 18.37
CA ASN A 89 2.41 5.92 17.83
C ASN A 89 3.37 6.92 18.46
N ALA A 90 3.55 6.79 19.77
CA ALA A 90 4.45 7.67 20.50
C ALA A 90 5.91 7.24 20.34
N GLU A 91 6.12 5.98 20.02
CA GLU A 91 7.47 5.44 19.84
C GLU A 91 8.03 5.75 18.46
N TYR A 92 7.19 5.60 17.42
CA TYR A 92 7.64 5.86 16.06
C TYR A 92 7.69 7.36 15.78
N GLU A 93 6.84 8.11 16.46
CA GLU A 93 6.79 9.56 16.28
C GLU A 93 7.91 10.25 17.06
N ARG A 94 8.26 9.67 18.21
CA ARG A 94 9.31 10.23 19.05
C ARG A 94 10.69 10.00 18.43
N PHE A 95 10.83 8.91 17.68
CA PHE A 95 12.11 8.59 17.05
C PHE A 95 12.35 9.51 15.85
N PHE A 96 11.29 9.76 15.07
CA PHE A 96 11.39 10.63 13.90
C PHE A 96 12.01 11.95 14.28
N LYS A 97 11.46 12.57 15.32
CA LYS A 97 11.96 13.84 15.79
C LYS A 97 13.41 13.70 16.26
N GLU A 98 13.75 12.49 16.72
CA GLU A 98 15.11 12.20 17.17
C GLU A 98 15.95 11.67 16.02
N ASN A 99 15.36 11.62 14.83
CA ASN A 99 16.05 11.13 13.64
C ASN A 99 16.12 12.22 12.57
N ASN A 100 15.52 13.38 12.87
CA ASN A 100 15.51 14.52 11.95
C ASN A 100 14.33 14.41 10.97
N HIS A 101 13.26 13.76 11.41
CA HIS A 101 12.07 13.60 10.57
C HIS A 101 10.85 14.21 11.26
N PRO A 102 10.94 15.50 11.66
CA PRO A 102 9.84 16.19 12.33
C PRO A 102 8.66 16.45 11.41
N ASN A 103 8.90 16.41 10.10
CA ASN A 103 7.84 16.64 9.12
C ASN A 103 6.75 15.58 9.27
N PHE A 104 7.18 14.34 9.50
CA PHE A 104 6.26 13.22 9.65
C PHE A 104 5.73 12.75 8.29
N PRO A 105 5.97 11.48 7.94
CA PRO A 105 5.52 10.91 6.66
C PRO A 105 4.08 10.43 6.73
N ALA A 106 3.46 10.25 5.56
CA ALA A 106 2.08 9.77 5.50
C ALA A 106 1.92 8.50 6.31
N ARG A 107 0.67 8.14 6.62
CA ARG A 107 0.42 6.94 7.41
C ARG A 107 -0.88 6.27 7.00
N SER A 108 -0.87 4.94 7.05
CA SER A 108 -2.04 4.15 6.71
C SER A 108 -2.18 2.97 7.67
N CYS A 109 -2.39 3.29 8.95
CA CYS A 109 -2.52 2.27 9.98
C CYS A 109 -3.93 1.67 9.98
N VAL A 110 -3.99 0.34 10.07
CA VAL A 110 -5.27 -0.36 10.09
C VAL A 110 -5.21 -1.61 10.96
N GLU A 111 -6.31 -1.93 11.61
CA GLU A 111 -6.39 -3.10 12.48
C GLU A 111 -6.56 -4.37 11.65
N VAL A 112 -5.46 -4.97 11.24
CA VAL A 112 -5.48 -6.19 10.45
C VAL A 112 -5.91 -7.38 11.29
N ALA A 113 -6.46 -8.40 10.64
CA ALA A 113 -6.91 -9.59 11.33
C ALA A 113 -5.73 -10.43 11.81
N ARG A 114 -4.73 -10.59 10.95
CA ARG A 114 -3.54 -11.36 11.29
C ARG A 114 -2.33 -10.87 10.51
N LEU A 115 -1.16 -11.44 10.83
CA LEU A 115 0.07 -11.05 10.16
C LEU A 115 1.02 -12.25 10.04
N PRO A 116 1.94 -12.20 9.06
CA PRO A 116 2.91 -13.28 8.85
C PRO A 116 3.80 -13.50 10.06
N LYS A 117 4.02 -14.76 10.41
CA LYS A 117 4.86 -15.12 11.55
C LYS A 117 4.13 -14.85 12.88
N ASP A 118 2.82 -14.63 12.79
CA ASP A 118 2.03 -14.36 13.99
C ASP A 118 2.49 -13.08 14.67
N VAL A 119 3.24 -12.24 13.94
CA VAL A 119 3.75 -10.99 14.49
C VAL A 119 2.62 -10.16 15.10
N GLY A 120 3.00 -9.19 15.93
CA GLY A 120 2.01 -8.34 16.56
C GLY A 120 1.77 -7.05 15.81
N LEU A 121 2.76 -6.62 15.05
CA LEU A 121 2.65 -5.39 14.28
C LEU A 121 3.63 -5.38 13.11
N GLU A 122 3.23 -4.71 12.03
CA GLU A 122 4.07 -4.61 10.84
C GLU A 122 4.34 -3.15 10.51
N ILE A 123 5.44 -2.89 9.81
CA ILE A 123 5.79 -1.52 9.46
C ILE A 123 6.42 -1.42 8.07
N GLU A 124 5.77 -0.66 7.19
CA GLU A 124 6.26 -0.45 5.83
C GLU A 124 6.30 1.04 5.53
N ALA A 125 7.25 1.46 4.69
CA ALA A 125 7.36 2.87 4.36
C ALA A 125 8.20 3.12 3.11
N ILE A 126 8.04 4.30 2.54
CA ILE A 126 8.77 4.70 1.36
C ILE A 126 9.64 5.92 1.66
N ALA A 127 10.74 6.06 0.94
CA ALA A 127 11.64 7.19 1.16
C ALA A 127 12.05 7.85 -0.14
N VAL A 128 12.31 9.15 -0.07
CA VAL A 128 12.73 9.93 -1.24
C VAL A 128 14.07 10.60 -0.99
N ARG A 129 14.92 10.60 -2.01
CA ARG A 129 16.24 11.22 -1.90
C ARG A 129 16.57 12.05 -3.13
N LYS A 130 15.65 12.96 -3.49
CA LYS A 130 15.83 13.82 -4.64
C LYS A 130 16.06 13.00 -5.91
N MET B 1 12.64 13.58 -7.02
CA MET B 1 13.22 14.93 -7.23
C MET B 1 12.19 16.01 -6.94
N MET B 2 12.65 17.11 -6.34
CA MET B 2 11.77 18.23 -6.01
C MET B 2 10.66 17.78 -5.06
N THR B 3 11.02 16.97 -4.08
CA THR B 3 10.07 16.47 -3.10
C THR B 3 9.75 17.52 -2.05
N GLN B 4 8.56 17.43 -1.47
CA GLN B 4 8.14 18.38 -0.44
C GLN B 4 6.74 18.03 0.08
N ILE B 5 6.61 18.02 1.41
CA ILE B 5 5.35 17.71 2.05
C ILE B 5 4.24 18.65 1.58
N ILE B 6 2.99 18.20 1.73
CA ILE B 6 1.84 19.00 1.32
C ILE B 6 1.00 19.41 2.52
N HIS B 7 0.34 20.56 2.40
CA HIS B 7 -0.49 21.09 3.48
C HIS B 7 -1.68 21.87 2.92
N THR B 8 -2.86 21.61 3.46
CA THR B 8 -4.07 22.28 3.01
C THR B 8 -5.06 22.44 4.17
N GLU B 9 -6.03 23.34 3.98
CA GLU B 9 -7.04 23.59 5.01
C GLU B 9 -8.39 23.01 4.59
N LYS B 10 -8.36 21.95 3.80
CA LYS B 10 -9.58 21.30 3.33
C LYS B 10 -9.75 19.92 3.98
N ALA B 11 -8.68 19.13 3.92
CA ALA B 11 -8.70 17.79 4.50
C ALA B 11 -8.78 17.85 6.02
N PRO B 12 -8.81 16.69 6.69
CA PRO B 12 -8.88 16.62 8.16
C PRO B 12 -7.70 17.31 8.84
N ALA B 13 -6.66 17.58 8.07
CA ALA B 13 -5.46 18.24 8.59
C ALA B 13 -4.65 17.28 9.46
N ALA B 14 -3.35 17.55 9.54
CA ALA B 14 -2.45 16.71 10.33
C ALA B 14 -1.95 17.45 11.56
N ILE B 15 -2.26 16.89 12.73
CA ILE B 15 -1.84 17.48 13.99
C ILE B 15 -1.23 16.42 14.90
N GLY B 16 -0.86 15.29 14.31
CA GLY B 16 -0.26 14.22 15.07
C GLY B 16 1.06 13.75 14.47
N PRO B 17 1.30 12.43 14.42
CA PRO B 17 2.53 11.86 13.89
C PRO B 17 2.52 11.69 12.36
N TYR B 18 1.59 12.36 11.68
CA TYR B 18 1.51 12.25 10.23
C TYR B 18 1.26 13.61 9.58
N VAL B 19 1.22 13.63 8.25
CA VAL B 19 0.99 14.86 7.49
C VAL B 19 -0.14 14.68 6.48
N GLN B 20 -0.58 15.79 5.89
CA GLN B 20 -1.65 15.74 4.90
C GLN B 20 -1.25 14.88 3.72
N ALA B 21 -0.11 15.21 3.12
CA ALA B 21 0.40 14.46 1.97
C ALA B 21 1.83 14.88 1.66
N VAL B 22 2.41 14.25 0.65
CA VAL B 22 3.78 14.57 0.25
C VAL B 22 3.95 14.45 -1.26
N ASP B 23 4.54 15.47 -1.86
CA ASP B 23 4.78 15.48 -3.30
C ASP B 23 6.22 15.08 -3.60
N LEU B 24 6.38 13.90 -4.19
CA LEU B 24 7.71 13.39 -4.53
C LEU B 24 8.30 14.13 -5.73
N GLY B 25 7.46 14.91 -6.41
CA GLY B 25 7.92 15.65 -7.57
C GLY B 25 7.05 15.36 -8.79
N ASN B 26 7.56 14.54 -9.69
CA ASN B 26 6.81 14.16 -10.88
C ASN B 26 5.48 13.53 -10.49
N LEU B 27 5.46 12.90 -9.33
CA LEU B 27 4.26 12.25 -8.82
C LEU B 27 4.02 12.66 -7.36
N VAL B 28 2.83 12.35 -6.85
CA VAL B 28 2.48 12.68 -5.48
C VAL B 28 1.91 11.48 -4.74
N LEU B 29 1.93 11.54 -3.42
CA LEU B 29 1.42 10.44 -2.60
C LEU B 29 0.58 10.98 -1.44
N THR B 30 -0.67 10.54 -1.37
CA THR B 30 -1.58 10.98 -0.32
C THR B 30 -1.73 9.91 0.75
N SER B 31 -1.73 10.32 2.01
CA SER B 31 -1.87 9.39 3.13
C SER B 31 -3.30 8.86 3.21
N GLY B 32 -3.50 7.89 4.11
CA GLY B 32 -4.82 7.31 4.27
C GLY B 32 -5.85 8.33 4.73
N GLN B 33 -6.38 9.09 3.79
CA GLN B 33 -7.37 10.11 4.10
C GLN B 33 -8.56 9.53 4.84
N ILE B 34 -9.15 10.33 5.73
CA ILE B 34 -10.31 9.91 6.50
C ILE B 34 -11.28 11.07 6.68
N PRO B 35 -12.59 10.76 6.78
CA PRO B 35 -13.62 11.78 6.95
C PRO B 35 -13.80 12.22 8.40
N VAL B 36 -12.69 12.58 9.03
CA VAL B 36 -12.71 13.03 10.42
C VAL B 36 -12.81 14.55 10.51
N ASN B 37 -14.04 15.07 10.39
CA ASN B 37 -14.29 16.51 10.46
C ASN B 37 -15.60 16.89 9.76
N PRO B 38 -15.86 16.36 8.56
CA PRO B 38 -17.09 16.68 7.81
C PRO B 38 -18.33 16.72 8.69
N ALA B 39 -18.27 16.01 9.81
CA ALA B 39 -19.39 15.97 10.74
C ALA B 39 -19.27 17.07 11.79
N THR B 40 -18.03 17.45 12.11
CA THR B 40 -17.75 18.51 13.10
C THR B 40 -16.35 18.39 13.68
N GLY B 41 -15.66 17.27 13.42
CA GLY B 41 -14.33 17.08 13.95
C GLY B 41 -14.16 15.73 14.59
N GLU B 42 -14.40 14.67 13.81
CA GLU B 42 -14.27 13.30 14.32
C GLU B 42 -14.57 12.28 13.23
N VAL B 43 -15.81 12.25 12.76
CA VAL B 43 -16.24 11.32 11.72
C VAL B 43 -17.77 11.25 11.64
N PRO B 44 -18.35 11.67 10.50
CA PRO B 44 -19.80 11.64 10.30
C PRO B 44 -20.37 10.22 10.42
N ALA B 45 -21.59 10.12 10.92
CA ALA B 45 -22.24 8.82 11.06
C ALA B 45 -22.74 8.30 9.73
N ASP B 46 -23.11 9.22 8.85
CA ASP B 46 -23.60 8.87 7.52
C ASP B 46 -22.49 8.26 6.67
N ILE B 47 -22.47 6.94 6.67
CA ILE B 47 -21.47 6.19 5.91
C ILE B 47 -21.23 6.80 4.53
N VAL B 48 -22.28 7.38 3.95
CA VAL B 48 -22.17 8.01 2.64
C VAL B 48 -21.62 9.42 2.75
N ALA B 49 -22.11 10.17 3.74
CA ALA B 49 -21.66 11.54 3.95
C ALA B 49 -20.17 11.58 4.25
N GLN B 50 -19.71 10.66 5.10
CA GLN B 50 -18.31 10.58 5.45
C GLN B 50 -17.51 9.99 4.29
N ALA B 51 -18.15 9.14 3.50
CA ALA B 51 -17.51 8.50 2.36
C ALA B 51 -17.37 9.48 1.19
N ARG B 52 -18.34 10.37 1.04
CA ARG B 52 -18.32 11.34 -0.05
C ARG B 52 -17.44 12.54 0.30
N GLN B 53 -17.36 12.86 1.59
CA GLN B 53 -16.55 13.99 2.05
C GLN B 53 -15.07 13.62 2.04
N SER B 54 -14.77 12.35 2.31
CA SER B 54 -13.39 11.89 2.32
C SER B 54 -12.82 11.87 0.91
N LEU B 55 -13.65 11.54 -0.06
CA LEU B 55 -13.24 11.49 -1.45
C LEU B 55 -12.80 12.87 -1.92
N GLU B 56 -13.54 13.89 -1.49
CA GLU B 56 -13.23 15.27 -1.87
C GLU B 56 -11.98 15.75 -1.15
N ASN B 57 -11.86 15.39 0.12
CA ASN B 57 -10.70 15.79 0.93
C ASN B 57 -9.41 15.31 0.29
N VAL B 58 -9.43 14.08 -0.22
CA VAL B 58 -8.26 13.49 -0.86
C VAL B 58 -7.82 14.34 -2.06
N LYS B 59 -8.81 14.81 -2.82
CA LYS B 59 -8.53 15.63 -3.99
C LYS B 59 -8.16 17.05 -3.58
N ALA B 60 -8.73 17.51 -2.48
CA ALA B 60 -8.46 18.86 -1.98
C ALA B 60 -6.97 19.03 -1.67
N ILE B 61 -6.38 17.99 -1.09
CA ILE B 61 -4.96 18.02 -0.75
C ILE B 61 -4.10 18.01 -2.01
N ILE B 62 -4.50 17.18 -2.98
CA ILE B 62 -3.77 17.08 -4.23
C ILE B 62 -3.93 18.36 -5.05
N GLU B 63 -5.11 18.95 -4.98
CA GLU B 63 -5.38 20.19 -5.71
C GLU B 63 -4.63 21.36 -5.07
N LYS B 64 -4.59 21.36 -3.75
CA LYS B 64 -3.88 22.41 -3.01
C LYS B 64 -2.38 22.33 -3.28
N ALA B 65 -1.93 21.18 -3.77
CA ALA B 65 -0.51 20.97 -4.06
C ALA B 65 -0.21 21.40 -5.50
N GLY B 66 -1.17 21.20 -6.39
CA GLY B 66 -0.99 21.58 -7.77
C GLY B 66 -1.18 20.42 -8.73
N LEU B 67 -2.24 19.64 -8.51
CA LEU B 67 -2.53 18.49 -9.36
C LEU B 67 -4.04 18.34 -9.56
N THR B 68 -4.44 17.22 -10.14
CA THR B 68 -5.85 16.95 -10.39
C THR B 68 -6.15 15.47 -10.19
N ALA B 69 -7.42 15.16 -9.92
CA ALA B 69 -7.84 13.78 -9.71
C ALA B 69 -7.52 12.92 -10.92
N ALA B 70 -7.65 13.50 -12.10
CA ALA B 70 -7.38 12.79 -13.35
C ALA B 70 -5.94 12.25 -13.37
N ASP B 71 -5.06 12.91 -12.62
CA ASP B 71 -3.66 12.49 -12.55
C ASP B 71 -3.49 11.26 -11.66
N ILE B 72 -4.44 11.07 -10.75
CA ILE B 72 -4.40 9.94 -9.83
C ILE B 72 -4.29 8.62 -10.60
N VAL B 73 -3.21 7.90 -10.37
CA VAL B 73 -2.99 6.62 -11.05
C VAL B 73 -3.55 5.45 -10.25
N LYS B 74 -3.53 5.55 -8.93
CA LYS B 74 -4.03 4.47 -8.08
C LYS B 74 -4.73 5.04 -6.84
N THR B 75 -5.51 4.19 -6.17
CA THR B 75 -6.23 4.61 -4.97
C THR B 75 -6.69 3.41 -4.15
N THR B 76 -6.11 3.25 -2.96
CA THR B 76 -6.46 2.14 -2.08
C THR B 76 -7.55 2.58 -1.10
N VAL B 77 -8.26 1.62 -0.52
CA VAL B 77 -9.33 1.94 0.42
C VAL B 77 -9.52 0.84 1.46
N PHE B 78 -9.82 1.25 2.69
CA PHE B 78 -10.03 0.32 3.79
C PHE B 78 -11.43 0.50 4.37
N VAL B 79 -12.34 -0.40 4.01
CA VAL B 79 -13.72 -0.32 4.48
C VAL B 79 -13.97 -1.28 5.63
N LYS B 80 -14.90 -0.91 6.51
CA LYS B 80 -15.27 -1.74 7.64
C LYS B 80 -16.36 -2.72 7.23
N ASP B 81 -16.81 -2.60 5.99
CA ASP B 81 -17.86 -3.47 5.46
C ASP B 81 -17.93 -3.35 3.93
N LEU B 82 -17.81 -4.49 3.26
CA LEU B 82 -17.86 -4.52 1.81
C LEU B 82 -19.26 -4.18 1.29
N ASN B 83 -20.23 -4.15 2.21
CA ASN B 83 -21.61 -3.83 1.83
C ASN B 83 -21.79 -2.33 1.67
N ASP B 84 -20.91 -1.56 2.31
CA ASP B 84 -20.97 -0.10 2.24
C ASP B 84 -20.18 0.41 1.04
N PHE B 85 -19.26 -0.41 0.54
CA PHE B 85 -18.43 -0.03 -0.60
C PHE B 85 -19.29 0.33 -1.81
N ALA B 86 -20.52 -0.17 -1.84
CA ALA B 86 -21.43 0.11 -2.95
C ALA B 86 -21.62 1.61 -3.16
N ALA B 87 -22.12 2.28 -2.13
CA ALA B 87 -22.33 3.72 -2.20
C ALA B 87 -21.04 4.46 -2.51
N VAL B 88 -19.99 4.11 -1.78
CA VAL B 88 -18.69 4.74 -1.97
C VAL B 88 -18.16 4.46 -3.38
N ASN B 89 -18.42 3.25 -3.88
CA ASN B 89 -17.98 2.86 -5.20
C ASN B 89 -18.62 3.74 -6.27
N ALA B 90 -19.90 4.01 -6.09
CA ALA B 90 -20.64 4.84 -7.05
C ALA B 90 -20.36 6.33 -6.80
N GLU B 91 -19.95 6.67 -5.59
CA GLU B 91 -19.67 8.05 -5.24
C GLU B 91 -18.28 8.48 -5.68
N TYR B 92 -17.29 7.61 -5.49
CA TYR B 92 -15.92 7.94 -5.87
C TYR B 92 -15.73 7.80 -7.37
N GLU B 93 -16.50 6.90 -7.98
CA GLU B 93 -16.42 6.67 -9.42
C GLU B 93 -17.16 7.75 -10.19
N ARG B 94 -18.26 8.24 -9.62
CA ARG B 94 -19.06 9.27 -10.25
C ARG B 94 -18.35 10.62 -10.22
N PHE B 95 -17.54 10.84 -9.19
CA PHE B 95 -16.81 12.10 -9.07
C PHE B 95 -15.66 12.15 -10.08
N PHE B 96 -14.96 11.03 -10.22
CA PHE B 96 -13.84 10.96 -11.15
C PHE B 96 -14.26 11.44 -12.53
N LYS B 97 -15.36 10.88 -13.02
CA LYS B 97 -15.88 11.27 -14.32
C LYS B 97 -16.26 12.74 -14.33
N GLU B 98 -16.63 13.26 -13.15
CA GLU B 98 -16.98 14.66 -13.01
C GLU B 98 -15.76 15.49 -12.64
N ASN B 99 -14.59 14.83 -12.58
CA ASN B 99 -13.35 15.49 -12.24
C ASN B 99 -12.34 15.36 -13.39
N ASN B 100 -12.74 14.66 -14.44
CA ASN B 100 -11.89 14.44 -15.62
C ASN B 100 -10.98 13.24 -15.42
N HIS B 101 -11.43 12.28 -14.63
CA HIS B 101 -10.66 11.07 -14.38
C HIS B 101 -11.44 9.83 -14.80
N PRO B 102 -11.92 9.79 -16.05
CA PRO B 102 -12.69 8.67 -16.57
C PRO B 102 -11.86 7.40 -16.73
N ASN B 103 -10.54 7.57 -16.79
CA ASN B 103 -9.64 6.43 -16.94
C ASN B 103 -9.79 5.47 -15.75
N PHE B 104 -9.92 6.06 -14.56
CA PHE B 104 -10.06 5.29 -13.32
C PHE B 104 -8.71 4.74 -12.87
N PRO B 105 -8.26 5.10 -11.65
CA PRO B 105 -6.98 4.63 -11.11
C PRO B 105 -7.10 3.28 -10.45
N ALA B 106 -5.96 2.61 -10.26
CA ALA B 106 -5.95 1.30 -9.63
C ALA B 106 -6.70 1.34 -8.30
N ARG B 107 -7.06 0.17 -7.79
CA ARG B 107 -7.79 0.11 -6.52
C ARG B 107 -7.41 -1.14 -5.71
N SER B 108 -7.39 -0.96 -4.40
CA SER B 108 -7.07 -2.06 -3.49
C SER B 108 -7.96 -1.99 -2.26
N CYS B 109 -9.27 -2.16 -2.48
CA CYS B 109 -10.23 -2.10 -1.39
C CYS B 109 -10.29 -3.41 -0.62
N VAL B 110 -10.30 -3.32 0.70
CA VAL B 110 -10.35 -4.50 1.55
C VAL B 110 -11.14 -4.23 2.83
N GLU B 111 -11.82 -5.25 3.33
CA GLU B 111 -12.61 -5.13 4.54
C GLU B 111 -11.73 -5.21 5.78
N VAL B 112 -11.20 -4.07 6.20
CA VAL B 112 -10.33 -4.01 7.37
C VAL B 112 -11.13 -4.24 8.66
N ALA B 113 -10.44 -4.70 9.70
CA ALA B 113 -11.09 -4.96 10.98
C ALA B 113 -11.44 -3.66 11.69
N ARG B 114 -10.51 -2.71 11.67
CA ARG B 114 -10.73 -1.42 12.32
C ARG B 114 -9.90 -0.33 11.64
N LEU B 115 -10.11 0.91 12.08
CA LEU B 115 -9.39 2.05 11.51
C LEU B 115 -9.15 3.12 12.56
N PRO B 116 -8.11 3.96 12.36
CA PRO B 116 -7.77 5.03 13.30
C PRO B 116 -8.91 6.03 13.47
N LYS B 117 -9.17 6.41 14.72
CA LYS B 117 -10.24 7.36 15.04
C LYS B 117 -11.60 6.70 14.93
N ASP B 118 -11.62 5.37 14.87
CA ASP B 118 -12.87 4.63 14.76
C ASP B 118 -13.62 4.99 13.48
N VAL B 119 -12.89 5.58 12.52
CA VAL B 119 -13.49 5.98 11.25
C VAL B 119 -14.22 4.81 10.60
N GLY B 120 -15.08 5.12 9.63
CA GLY B 120 -15.83 4.08 8.96
C GLY B 120 -15.17 3.63 7.67
N LEU B 121 -14.38 4.52 7.07
CA LEU B 121 -13.70 4.20 5.83
C LEU B 121 -12.47 5.10 5.63
N GLU B 122 -11.46 4.54 4.96
CA GLU B 122 -10.23 5.29 4.69
C GLU B 122 -9.99 5.36 3.18
N ILE B 123 -9.24 6.37 2.75
CA ILE B 123 -8.95 6.54 1.32
C ILE B 123 -7.54 7.06 1.08
N GLU B 124 -6.75 6.27 0.36
CA GLU B 124 -5.38 6.64 0.01
C GLU B 124 -5.18 6.49 -1.48
N ALA B 125 -4.31 7.32 -2.06
CA ALA B 125 -4.07 7.24 -3.50
C ALA B 125 -2.80 7.97 -3.91
N ILE B 126 -2.31 7.63 -5.10
CA ILE B 126 -1.11 8.24 -5.65
C ILE B 126 -1.44 8.98 -6.95
N ALA B 127 -0.67 10.00 -7.26
CA ALA B 127 -0.90 10.78 -8.48
C ALA B 127 0.38 11.02 -9.26
N VAL B 128 0.23 11.13 -10.57
CA VAL B 128 1.37 11.37 -11.46
C VAL B 128 1.16 12.64 -12.27
N ARG B 129 2.22 13.42 -12.44
CA ARG B 129 2.16 14.66 -13.20
C ARG B 129 3.34 14.80 -14.13
N LYS B 130 3.58 13.78 -14.94
CA LYS B 130 4.70 13.78 -15.89
C LYS B 130 6.02 14.01 -15.16
N MET C 1 6.96 10.49 -15.27
CA MET C 1 7.13 10.90 -16.69
C MET C 1 6.71 9.78 -17.64
N MET C 2 6.07 10.16 -18.74
CA MET C 2 5.63 9.18 -19.73
C MET C 2 4.64 8.19 -19.12
N THR C 3 3.74 8.71 -18.30
CA THR C 3 2.74 7.88 -17.64
C THR C 3 1.60 7.52 -18.60
N GLN C 4 0.95 6.38 -18.34
CA GLN C 4 -0.15 5.92 -19.18
C GLN C 4 -0.74 4.63 -18.64
N ILE C 5 -2.06 4.57 -18.55
CA ILE C 5 -2.76 3.39 -18.05
C ILE C 5 -2.42 2.16 -18.88
N ILE C 6 -2.60 0.99 -18.30
CA ILE C 6 -2.31 -0.26 -18.98
C ILE C 6 -3.59 -1.06 -19.24
N HIS C 7 -3.58 -1.86 -20.31
CA HIS C 7 -4.74 -2.67 -20.67
C HIS C 7 -4.30 -3.97 -21.34
N THR C 8 -4.89 -5.07 -20.92
CA THR C 8 -4.56 -6.38 -21.47
C THR C 8 -5.78 -7.30 -21.46
N GLU C 9 -5.71 -8.38 -22.25
CA GLU C 9 -6.80 -9.33 -22.33
C GLU C 9 -6.44 -10.64 -21.62
N LYS C 10 -5.58 -10.54 -20.61
CA LYS C 10 -5.15 -11.71 -19.85
C LYS C 10 -5.72 -11.68 -18.45
N ALA C 11 -5.56 -10.55 -17.78
CA ALA C 11 -6.05 -10.37 -16.42
C ALA C 11 -7.58 -10.35 -16.40
N PRO C 12 -8.18 -10.22 -15.20
CA PRO C 12 -9.63 -10.19 -15.04
C PRO C 12 -10.28 -9.05 -15.82
N ALA C 13 -9.47 -8.09 -16.25
CA ALA C 13 -9.96 -6.94 -17.01
C ALA C 13 -10.72 -5.97 -16.11
N ALA C 14 -10.74 -4.70 -16.51
CA ALA C 14 -11.43 -3.67 -15.75
C ALA C 14 -12.67 -3.18 -16.46
N ILE C 15 -13.82 -3.34 -15.81
CA ILE C 15 -15.08 -2.92 -16.37
C ILE C 15 -15.89 -2.13 -15.36
N GLY C 16 -15.21 -1.68 -14.30
CA GLY C 16 -15.87 -0.91 -13.26
C GLY C 16 -15.17 0.40 -12.98
N PRO C 17 -15.02 0.78 -11.70
CA PRO C 17 -14.38 2.03 -11.31
C PRO C 17 -12.85 1.94 -11.22
N TYR C 18 -12.27 0.89 -11.81
CA TYR C 18 -10.82 0.74 -11.77
C TYR C 18 -10.27 0.30 -13.13
N VAL C 19 -8.95 0.17 -13.21
CA VAL C 19 -8.29 -0.24 -14.44
C VAL C 19 -7.34 -1.41 -14.19
N GLN C 20 -6.84 -2.00 -15.27
CA GLN C 20 -5.91 -3.12 -15.16
C GLN C 20 -4.66 -2.71 -14.40
N ALA C 21 -4.02 -1.66 -14.88
CA ALA C 21 -2.80 -1.14 -14.26
C ALA C 21 -2.42 0.20 -14.86
N VAL C 22 -1.35 0.79 -14.35
CA VAL C 22 -0.89 2.08 -14.85
C VAL C 22 0.63 2.17 -14.83
N ASP C 23 1.22 2.60 -15.95
CA ASP C 23 2.66 2.73 -16.05
C ASP C 23 3.07 4.18 -15.84
N LEU C 24 3.73 4.44 -14.72
CA LEU C 24 4.19 5.79 -14.39
C LEU C 24 5.38 6.21 -15.25
N GLY C 25 5.96 5.25 -15.96
CA GLY C 25 7.10 5.53 -16.80
C GLY C 25 8.27 4.63 -16.48
N ASN C 26 9.26 5.17 -15.76
CA ASN C 26 10.42 4.39 -15.36
C ASN C 26 9.99 3.16 -14.57
N LEU C 27 8.87 3.30 -13.87
CA LEU C 27 8.31 2.22 -13.07
C LEU C 27 6.83 2.03 -13.36
N VAL C 28 6.27 0.92 -12.90
CA VAL C 28 4.86 0.62 -13.12
C VAL C 28 4.16 0.26 -11.81
N LEU C 29 2.84 0.35 -11.80
CA LEU C 29 2.05 0.03 -10.63
C LEU C 29 0.82 -0.79 -11.00
N THR C 30 0.69 -1.97 -10.41
CA THR C 30 -0.43 -2.85 -10.68
C THR C 30 -1.45 -2.81 -9.54
N SER C 31 -2.73 -2.76 -9.90
CA SER C 31 -3.80 -2.72 -8.91
C SER C 31 -3.95 -4.07 -8.20
N GLY C 32 -4.81 -4.10 -7.18
CA GLY C 32 -5.03 -5.33 -6.45
C GLY C 32 -5.61 -6.42 -7.32
N GLN C 33 -4.75 -7.11 -8.06
CA GLN C 33 -5.19 -8.18 -8.95
C GLN C 33 -5.98 -9.24 -8.20
N ILE C 34 -6.94 -9.84 -8.89
CA ILE C 34 -7.78 -10.88 -8.31
C ILE C 34 -8.08 -11.97 -9.34
N PRO C 35 -8.26 -13.22 -8.88
CA PRO C 35 -8.56 -14.35 -9.77
C PRO C 35 -10.03 -14.44 -10.12
N VAL C 36 -10.61 -13.34 -10.58
CA VAL C 36 -12.02 -13.32 -10.96
C VAL C 36 -12.19 -13.57 -12.45
N ASN C 37 -12.18 -14.85 -12.83
CA ASN C 37 -12.35 -15.26 -14.23
C ASN C 37 -11.77 -16.65 -14.50
N PRO C 38 -10.56 -16.94 -13.99
CA PRO C 38 -9.92 -18.24 -14.20
C PRO C 38 -10.88 -19.41 -14.06
N ALA C 39 -11.96 -19.19 -13.31
CA ALA C 39 -12.97 -20.22 -13.11
C ALA C 39 -14.05 -20.16 -14.17
N THR C 40 -14.31 -18.93 -14.67
CA THR C 40 -15.33 -18.70 -15.70
C THR C 40 -15.81 -17.25 -15.72
N GLY C 41 -15.44 -16.47 -14.70
CA GLY C 41 -15.86 -15.09 -14.63
C GLY C 41 -16.41 -14.72 -13.27
N GLU C 42 -15.61 -14.89 -12.24
CA GLU C 42 -16.04 -14.59 -10.87
C GLU C 42 -14.92 -14.84 -9.87
N VAL C 43 -14.52 -16.11 -9.74
CA VAL C 43 -13.46 -16.50 -8.80
C VAL C 43 -13.48 -18.03 -8.56
N PRO C 44 -12.41 -18.73 -8.96
CA PRO C 44 -12.32 -20.18 -8.78
C PRO C 44 -12.38 -20.58 -7.30
N ALA C 45 -12.96 -21.75 -7.03
CA ALA C 45 -13.09 -22.24 -5.67
C ALA C 45 -11.76 -22.77 -5.16
N ASP C 46 -10.96 -23.30 -6.07
CA ASP C 46 -9.65 -23.84 -5.73
C ASP C 46 -8.70 -22.74 -5.29
N ILE C 47 -8.62 -22.57 -3.97
CA ILE C 47 -7.76 -21.56 -3.37
C ILE C 47 -6.40 -21.49 -4.07
N VAL C 48 -5.92 -22.63 -4.56
CA VAL C 48 -4.64 -22.69 -5.25
C VAL C 48 -4.79 -22.29 -6.71
N ALA C 49 -5.84 -22.79 -7.35
CA ALA C 49 -6.11 -22.48 -8.75
C ALA C 49 -6.30 -20.98 -8.94
N GLN C 50 -7.06 -20.36 -8.05
CA GLN C 50 -7.32 -18.93 -8.11
C GLN C 50 -6.08 -18.16 -7.67
N ALA C 51 -5.30 -18.76 -6.79
CA ALA C 51 -4.09 -18.14 -6.27
C ALA C 51 -2.96 -18.19 -7.30
N ARG C 52 -2.93 -19.27 -8.09
CA ARG C 52 -1.89 -19.44 -9.10
C ARG C 52 -2.25 -18.67 -10.38
N GLN C 53 -3.54 -18.53 -10.64
CA GLN C 53 -3.99 -17.82 -11.83
C GLN C 53 -3.87 -16.32 -11.65
N SER C 54 -4.06 -15.86 -10.41
CA SER C 54 -3.95 -14.44 -10.10
C SER C 54 -2.51 -13.97 -10.22
N LEU C 55 -1.58 -14.84 -9.84
CA LEU C 55 -0.16 -14.51 -9.90
C LEU C 55 0.27 -14.28 -11.34
N GLU C 56 -0.26 -15.09 -12.25
CA GLU C 56 0.05 -14.96 -13.67
C GLU C 56 -0.60 -13.73 -14.27
N ASN C 57 -1.84 -13.48 -13.86
CA ASN C 57 -2.58 -12.32 -14.36
C ASN C 57 -1.84 -11.03 -14.05
N VAL C 58 -1.27 -10.95 -12.86
CA VAL C 58 -0.52 -9.77 -12.44
C VAL C 58 0.65 -9.53 -13.39
N LYS C 59 1.32 -10.60 -13.78
CA LYS C 59 2.47 -10.51 -14.68
C LYS C 59 2.01 -10.26 -16.11
N ALA C 60 0.84 -10.81 -16.45
CA ALA C 60 0.29 -10.65 -17.79
C ALA C 60 0.08 -9.18 -18.12
N ILE C 61 -0.41 -8.42 -17.13
CA ILE C 61 -0.65 -7.01 -17.31
C ILE C 61 0.66 -6.24 -17.46
N ILE C 62 1.65 -6.62 -16.65
CA ILE C 62 2.96 -5.97 -16.70
C ILE C 62 3.68 -6.34 -17.99
N GLU C 63 3.50 -7.57 -18.44
CA GLU C 63 4.13 -8.03 -19.67
C GLU C 63 3.49 -7.36 -20.87
N LYS C 64 2.17 -7.23 -20.82
CA LYS C 64 1.43 -6.59 -21.90
C LYS C 64 1.79 -5.12 -22.01
N ALA C 65 2.38 -4.57 -20.94
CA ALA C 65 2.79 -3.18 -20.92
C ALA C 65 4.21 -3.03 -21.46
N GLY C 66 5.05 -4.02 -21.19
CA GLY C 66 6.41 -4.00 -21.65
C GLY C 66 7.42 -4.12 -20.52
N LEU C 67 7.17 -5.07 -19.62
CA LEU C 67 8.06 -5.30 -18.50
C LEU C 67 8.15 -6.78 -18.17
N THR C 68 8.79 -7.10 -17.05
CA THR C 68 8.95 -8.49 -16.62
C THR C 68 8.82 -8.61 -15.11
N ALA C 69 8.48 -9.81 -14.65
CA ALA C 69 8.32 -10.06 -13.22
C ALA C 69 9.60 -9.72 -12.46
N ALA C 70 10.74 -10.02 -13.09
CA ALA C 70 12.03 -9.75 -12.47
C ALA C 70 12.19 -8.28 -12.11
N ASP C 71 11.47 -7.41 -12.82
CA ASP C 71 11.52 -5.99 -12.57
C ASP C 71 10.72 -5.61 -11.33
N ILE C 72 9.74 -6.45 -10.99
CA ILE C 72 8.91 -6.22 -9.81
C ILE C 72 9.76 -6.02 -8.56
N VAL C 73 9.65 -4.84 -7.96
CA VAL C 73 10.42 -4.52 -6.76
C VAL C 73 9.66 -4.90 -5.49
N LYS C 74 8.34 -4.78 -5.52
CA LYS C 74 7.52 -5.10 -4.35
C LYS C 74 6.21 -5.76 -4.75
N THR C 75 5.54 -6.38 -3.80
CA THR C 75 4.26 -7.06 -4.06
C THR C 75 3.49 -7.31 -2.77
N THR C 76 2.36 -6.63 -2.62
CA THR C 76 1.52 -6.79 -1.43
C THR C 76 0.44 -7.85 -1.69
N VAL C 77 -0.13 -8.40 -0.61
CA VAL C 77 -1.15 -9.43 -0.75
C VAL C 77 -2.14 -9.41 0.40
N PHE C 78 -3.40 -9.65 0.10
CA PHE C 78 -4.45 -9.68 1.10
C PHE C 78 -5.14 -11.05 1.12
N VAL C 79 -4.79 -11.87 2.10
CA VAL C 79 -5.36 -13.21 2.21
C VAL C 79 -6.46 -13.27 3.26
N LYS C 80 -7.41 -14.16 3.04
CA LYS C 80 -8.52 -14.34 3.97
C LYS C 80 -8.13 -15.35 5.05
N ASP C 81 -6.93 -15.89 4.93
CA ASP C 81 -6.43 -16.87 5.87
C ASP C 81 -4.93 -17.07 5.69
N LEU C 82 -4.16 -16.88 6.77
CA LEU C 82 -2.72 -17.05 6.72
C LEU C 82 -2.34 -18.51 6.52
N ASN C 83 -3.31 -19.41 6.65
CA ASN C 83 -3.07 -20.83 6.47
C ASN C 83 -3.01 -21.19 4.99
N ASP C 84 -3.64 -20.35 4.17
CA ASP C 84 -3.66 -20.58 2.72
C ASP C 84 -2.45 -19.94 2.05
N PHE C 85 -1.82 -18.98 2.73
CA PHE C 85 -0.66 -18.30 2.20
C PHE C 85 0.46 -19.28 1.88
N ALA C 86 0.43 -20.45 2.51
CA ALA C 86 1.45 -21.47 2.27
C ALA C 86 1.54 -21.83 0.79
N ALA C 87 0.44 -22.32 0.24
CA ALA C 87 0.40 -22.71 -1.17
C ALA C 87 0.75 -21.53 -2.06
N VAL C 88 0.13 -20.39 -1.80
CA VAL C 88 0.38 -19.18 -2.58
C VAL C 88 1.84 -18.75 -2.44
N ASN C 89 2.39 -18.91 -1.24
CA ASN C 89 3.77 -18.52 -0.98
C ASN C 89 4.73 -19.35 -1.84
N ALA C 90 4.44 -20.63 -1.95
CA ALA C 90 5.28 -21.52 -2.75
C ALA C 90 4.96 -21.40 -4.24
N GLU C 91 3.76 -20.94 -4.55
CA GLU C 91 3.35 -20.78 -5.94
C GLU C 91 3.87 -19.47 -6.55
N TYR C 92 3.80 -18.39 -5.79
CA TYR C 92 4.25 -17.10 -6.29
C TYR C 92 5.78 -17.00 -6.25
N GLU C 93 6.38 -17.72 -5.31
CA GLU C 93 7.83 -17.73 -5.16
C GLU C 93 8.48 -18.65 -6.18
N ARG C 94 7.80 -19.74 -6.51
CA ARG C 94 8.31 -20.70 -7.48
C ARG C 94 8.25 -20.15 -8.90
N PHE C 95 7.28 -19.28 -9.16
CA PHE C 95 7.13 -18.68 -10.48
C PHE C 95 8.21 -17.63 -10.72
N PHE C 96 8.48 -16.82 -9.69
CA PHE C 96 9.49 -15.79 -9.79
C PHE C 96 10.81 -16.36 -10.29
N LYS C 97 11.24 -17.43 -9.64
CA LYS C 97 12.47 -18.10 -10.03
C LYS C 97 12.36 -18.63 -11.45
N GLU C 98 11.14 -18.96 -11.85
CA GLU C 98 10.89 -19.45 -13.21
C GLU C 98 10.56 -18.30 -14.14
N ASN C 99 10.61 -17.08 -13.62
CA ASN C 99 10.34 -15.88 -14.41
C ASN C 99 11.56 -14.96 -14.46
N ASN C 100 12.63 -15.36 -13.77
CA ASN C 100 13.86 -14.59 -13.71
C ASN C 100 13.81 -13.54 -12.61
N HIS C 101 13.04 -13.82 -11.56
CA HIS C 101 12.92 -12.90 -10.43
C HIS C 101 13.36 -13.56 -9.14
N PRO C 102 14.57 -14.14 -9.11
CA PRO C 102 15.11 -14.82 -7.93
C PRO C 102 15.40 -13.85 -6.78
N ASN C 103 15.55 -12.57 -7.10
CA ASN C 103 15.83 -11.57 -6.08
C ASN C 103 14.70 -11.50 -5.07
N PHE C 104 13.47 -11.62 -5.57
CA PHE C 104 12.27 -11.57 -4.73
C PHE C 104 11.95 -10.13 -4.31
N PRO C 105 10.75 -9.63 -4.65
CA PRO C 105 10.32 -8.27 -4.32
C PRO C 105 9.74 -8.18 -2.91
N ALA C 106 9.67 -6.97 -2.38
CA ALA C 106 9.13 -6.76 -1.05
C ALA C 106 7.76 -7.40 -0.93
N ARG C 107 7.28 -7.59 0.30
CA ARG C 107 5.98 -8.20 0.51
C ARG C 107 5.27 -7.63 1.74
N SER C 108 3.96 -7.52 1.65
CA SER C 108 3.14 -7.00 2.73
C SER C 108 1.85 -7.81 2.84
N CYS C 109 1.99 -9.10 3.14
CA CYS C 109 0.84 -9.99 3.27
C CYS C 109 0.15 -9.83 4.61
N VAL C 110 -1.18 -9.75 4.58
CA VAL C 110 -1.95 -9.60 5.81
C VAL C 110 -3.29 -10.32 5.70
N GLU C 111 -3.76 -10.87 6.82
CA GLU C 111 -5.03 -11.58 6.85
C GLU C 111 -6.20 -10.61 6.90
N VAL C 112 -6.67 -10.19 5.72
CA VAL C 112 -7.78 -9.25 5.63
C VAL C 112 -9.09 -9.93 6.01
N ALA C 113 -10.05 -9.13 6.46
CA ALA C 113 -11.35 -9.65 6.87
C ALA C 113 -12.17 -10.09 5.65
N ARG C 114 -12.16 -9.28 4.60
CA ARG C 114 -12.89 -9.60 3.38
C ARG C 114 -12.23 -8.96 2.16
N LEU C 115 -12.75 -9.27 0.98
CA LEU C 115 -12.22 -8.73 -0.26
C LEU C 115 -13.32 -8.52 -1.29
N PRO C 116 -13.11 -7.62 -2.26
CA PRO C 116 -14.09 -7.34 -3.30
C PRO C 116 -14.40 -8.57 -4.15
N LYS C 117 -15.69 -8.78 -4.44
CA LYS C 117 -16.12 -9.93 -5.23
C LYS C 117 -16.06 -11.21 -4.42
N ASP C 118 -15.92 -11.09 -3.11
CA ASP C 118 -15.84 -12.24 -2.23
C ASP C 118 -14.63 -13.12 -2.57
N VAL C 119 -13.67 -12.53 -3.29
CA VAL C 119 -12.47 -13.25 -3.69
C VAL C 119 -11.79 -13.89 -2.48
N GLY C 120 -10.90 -14.85 -2.73
CA GLY C 120 -10.21 -15.52 -1.65
C GLY C 120 -8.85 -14.92 -1.37
N LEU C 121 -8.26 -14.27 -2.37
CA LEU C 121 -6.96 -13.64 -2.21
C LEU C 121 -6.73 -12.55 -3.25
N GLU C 122 -5.96 -11.54 -2.86
CA GLU C 122 -5.66 -10.42 -3.76
C GLU C 122 -4.16 -10.30 -3.94
N ILE C 123 -3.74 -9.69 -5.05
CA ILE C 123 -2.31 -9.54 -5.32
C ILE C 123 -2.01 -8.21 -6.02
N GLU C 124 -1.18 -7.39 -5.37
CA GLU C 124 -0.77 -6.11 -5.91
C GLU C 124 0.74 -5.99 -5.87
N ALA C 125 1.32 -5.27 -6.82
CA ALA C 125 2.77 -5.12 -6.85
C ALA C 125 3.22 -3.97 -7.74
N ILE C 126 4.47 -3.54 -7.52
CA ILE C 126 5.05 -2.45 -8.30
C ILE C 126 6.27 -2.96 -9.05
N ALA C 127 6.58 -2.33 -10.19
CA ALA C 127 7.72 -2.74 -10.99
C ALA C 127 8.57 -1.56 -11.42
N VAL C 128 9.87 -1.81 -11.59
CA VAL C 128 10.81 -0.78 -12.00
C VAL C 128 11.53 -1.18 -13.28
N ARG C 129 11.71 -0.23 -14.19
CA ARG C 129 12.38 -0.48 -15.45
C ARG C 129 13.39 0.62 -15.78
N LYS C 130 14.27 0.90 -14.83
CA LYS C 130 15.28 1.94 -15.01
C LYS C 130 14.64 3.27 -15.36
N MET A 1 23.05 3.43 -13.37
CA MET A 1 22.98 2.52 -12.19
C MET A 1 21.70 2.76 -11.40
N MET A 2 20.72 1.87 -11.56
CA MET A 2 19.45 1.98 -10.87
C MET A 2 18.95 0.61 -10.41
N THR A 3 18.05 0.61 -9.44
CA THR A 3 17.49 -0.63 -8.91
C THR A 3 18.58 -1.53 -8.35
N GLN A 4 18.61 -1.67 -7.02
CA GLN A 4 19.61 -2.50 -6.36
C GLN A 4 19.06 -3.05 -5.05
N ILE A 5 19.06 -4.38 -4.92
CA ILE A 5 18.56 -5.03 -3.72
C ILE A 5 19.28 -4.52 -2.47
N ILE A 6 18.55 -4.42 -1.38
CA ILE A 6 19.12 -3.95 -0.12
C ILE A 6 19.24 -5.08 0.89
N HIS A 7 20.31 -5.05 1.68
CA HIS A 7 20.53 -6.08 2.70
C HIS A 7 21.24 -5.48 3.92
N THR A 8 20.85 -5.95 5.09
CA THR A 8 21.45 -5.47 6.34
C THR A 8 21.51 -6.58 7.38
N GLU A 9 22.39 -6.42 8.36
CA GLU A 9 22.56 -7.41 9.41
C GLU A 9 21.78 -7.01 10.67
N LYS A 10 20.71 -6.25 10.49
CA LYS A 10 19.88 -5.81 11.61
C LYS A 10 18.44 -6.27 11.44
N ALA A 11 17.92 -6.14 10.22
CA ALA A 11 16.56 -6.53 9.93
C ALA A 11 16.40 -8.05 10.02
N PRO A 12 15.15 -8.55 9.94
CA PRO A 12 14.86 -9.99 10.01
C PRO A 12 15.48 -10.77 8.85
N ALA A 13 15.93 -10.04 7.82
CA ALA A 13 16.54 -10.66 6.66
C ALA A 13 15.51 -11.40 5.82
N ALA A 14 15.74 -11.43 4.51
CA ALA A 14 14.84 -12.11 3.59
C ALA A 14 15.45 -13.41 3.09
N ILE A 15 14.74 -14.51 3.30
CA ILE A 15 15.20 -15.82 2.87
C ILE A 15 14.09 -16.57 2.14
N GLY A 16 13.08 -15.83 1.72
CA GLY A 16 11.96 -16.43 1.01
C GLY A 16 11.71 -15.77 -0.34
N PRO A 17 10.46 -15.35 -0.61
CA PRO A 17 10.11 -14.72 -1.87
C PRO A 17 10.26 -13.20 -1.86
N TYR A 18 11.12 -12.68 -1.00
CA TYR A 18 11.33 -11.23 -0.92
C TYR A 18 12.73 -10.89 -0.43
N VAL A 19 13.04 -9.60 -0.44
CA VAL A 19 14.34 -9.11 0.00
C VAL A 19 14.18 -8.08 1.11
N GLN A 20 15.30 -7.67 1.70
CA GLN A 20 15.28 -6.68 2.78
C GLN A 20 14.64 -5.38 2.30
N ALA A 21 14.97 -4.99 1.06
CA ALA A 21 14.43 -3.78 0.48
C ALA A 21 15.06 -3.53 -0.89
N VAL A 22 14.58 -2.49 -1.57
CA VAL A 22 15.10 -2.14 -2.89
C VAL A 22 15.20 -0.62 -3.05
N ASP A 23 16.33 -0.17 -3.58
CA ASP A 23 16.55 1.26 -3.78
C ASP A 23 16.72 1.58 -5.27
N LEU A 24 15.73 2.24 -5.85
CA LEU A 24 15.77 2.61 -7.26
C LEU A 24 16.54 3.92 -7.45
N GLY A 25 16.72 4.66 -6.38
CA GLY A 25 17.42 5.93 -6.46
C GLY A 25 16.60 7.08 -5.91
N ASN A 26 16.07 7.91 -6.80
CA ASN A 26 15.24 9.04 -6.39
C ASN A 26 14.09 8.57 -5.49
N LEU A 27 13.66 7.33 -5.73
CA LEU A 27 12.58 6.74 -4.95
C LEU A 27 13.00 5.40 -4.35
N VAL A 28 12.73 5.22 -3.06
CA VAL A 28 13.08 3.98 -2.37
C VAL A 28 11.89 3.45 -1.59
N LEU A 29 11.85 2.13 -1.41
CA LEU A 29 10.77 1.49 -0.68
C LEU A 29 11.28 0.31 0.14
N THR A 30 10.77 0.16 1.35
CA THR A 30 11.18 -0.93 2.23
C THR A 30 10.10 -2.01 2.32
N SER A 31 10.52 -3.27 2.37
CA SER A 31 9.57 -4.38 2.45
C SER A 31 8.89 -4.42 3.82
N GLY A 32 7.71 -5.03 3.86
CA GLY A 32 6.97 -5.13 5.10
C GLY A 32 7.73 -5.87 6.18
N GLN A 33 8.44 -5.13 7.01
CA GLN A 33 9.22 -5.71 8.10
C GLN A 33 8.33 -6.11 9.27
N ILE A 34 8.79 -7.06 10.07
CA ILE A 34 8.04 -7.53 11.22
C ILE A 34 8.94 -7.68 12.45
N PRO A 35 8.40 -7.42 13.65
CA PRO A 35 9.16 -7.53 14.90
C PRO A 35 9.52 -8.97 15.25
N VAL A 36 10.29 -9.61 14.39
CA VAL A 36 10.70 -10.98 14.62
C VAL A 36 11.67 -11.05 15.81
N ASN A 37 11.09 -11.15 17.00
CA ASN A 37 11.84 -11.22 18.25
C ASN A 37 13.22 -11.87 18.06
N PRO A 38 14.30 -11.15 18.39
CA PRO A 38 15.66 -11.68 18.25
C PRO A 38 15.90 -12.90 19.14
N ALA A 39 15.01 -13.11 20.11
CA ALA A 39 15.15 -14.24 21.02
C ALA A 39 13.99 -15.22 20.90
N THR A 40 12.90 -14.80 20.26
CA THR A 40 11.74 -15.66 20.08
C THR A 40 11.53 -16.01 18.61
N GLY A 41 11.93 -15.10 17.73
CA GLY A 41 11.78 -15.32 16.31
C GLY A 41 10.34 -15.23 15.86
N GLU A 42 9.69 -14.12 16.20
CA GLU A 42 8.29 -13.93 15.82
C GLU A 42 7.80 -12.54 16.20
N VAL A 43 7.51 -12.35 17.49
CA VAL A 43 7.04 -11.06 17.98
C VAL A 43 6.91 -11.08 19.50
N PRO A 44 7.60 -10.14 20.19
CA PRO A 44 7.56 -10.05 21.66
C PRO A 44 6.18 -9.64 22.17
N ALA A 45 5.75 -10.25 23.26
CA ALA A 45 4.45 -9.95 23.85
C ALA A 45 4.31 -8.45 24.14
N ASP A 46 5.45 -7.82 24.44
CA ASP A 46 5.48 -6.40 24.74
C ASP A 46 5.14 -5.59 23.50
N ILE A 47 3.87 -5.22 23.40
CA ILE A 47 3.38 -4.42 22.28
C ILE A 47 4.33 -3.27 21.97
N VAL A 48 5.00 -2.77 23.00
CA VAL A 48 5.95 -1.66 22.83
C VAL A 48 7.27 -2.18 22.31
N ALA A 49 7.68 -3.35 22.79
CA ALA A 49 8.94 -3.96 22.36
C ALA A 49 8.89 -4.25 20.87
N GLN A 50 7.86 -4.96 20.44
CA GLN A 50 7.69 -5.29 19.03
C GLN A 50 7.50 -4.01 18.22
N ALA A 51 6.94 -2.99 18.85
CA ALA A 51 6.72 -1.72 18.19
C ALA A 51 8.03 -0.99 17.96
N ARG A 52 8.96 -1.14 18.90
CA ARG A 52 10.26 -0.50 18.80
C ARG A 52 11.19 -1.29 17.89
N GLN A 53 11.14 -2.61 18.02
CA GLN A 53 11.97 -3.48 17.20
C GLN A 53 11.60 -3.37 15.73
N SER A 54 10.30 -3.28 15.46
CA SER A 54 9.81 -3.16 14.09
C SER A 54 10.26 -1.85 13.47
N LEU A 55 10.44 -0.84 14.30
CA LEU A 55 10.88 0.47 13.83
C LEU A 55 12.41 0.50 13.66
N GLU A 56 13.09 -0.45 14.30
CA GLU A 56 14.54 -0.53 14.22
C GLU A 56 14.99 -1.27 12.97
N ASN A 57 14.40 -2.45 12.72
CA ASN A 57 14.75 -3.24 11.55
C ASN A 57 14.44 -2.51 10.26
N VAL A 58 13.37 -1.71 10.27
CA VAL A 58 12.99 -0.96 9.09
C VAL A 58 13.95 0.20 8.85
N LYS A 59 14.34 0.87 9.93
CA LYS A 59 15.27 1.98 9.86
C LYS A 59 16.68 1.49 9.55
N ALA A 60 17.01 0.31 10.06
CA ALA A 60 18.33 -0.27 9.84
C ALA A 60 18.56 -0.52 8.36
N ILE A 61 17.53 -0.97 7.67
CA ILE A 61 17.63 -1.23 6.23
C ILE A 61 17.79 0.07 5.46
N ILE A 62 17.04 1.08 5.86
CA ILE A 62 17.11 2.39 5.20
C ILE A 62 18.47 3.04 5.44
N GLU A 63 18.98 2.89 6.66
CA GLU A 63 20.26 3.46 7.01
C GLU A 63 21.39 2.68 6.35
N LYS A 64 21.22 1.37 6.27
CA LYS A 64 22.21 0.50 5.65
C LYS A 64 22.32 0.81 4.15
N ALA A 65 21.29 1.43 3.60
CA ALA A 65 21.27 1.79 2.19
C ALA A 65 21.82 3.19 1.96
N GLY A 66 21.72 4.02 3.00
CA GLY A 66 22.21 5.38 2.89
C GLY A 66 21.10 6.41 2.88
N LEU A 67 20.16 6.27 3.80
CA LEU A 67 19.03 7.18 3.90
C LEU A 67 18.56 7.33 5.34
N THR A 68 18.29 8.56 5.74
CA THR A 68 17.84 8.85 7.10
C THR A 68 16.33 8.74 7.22
N ALA A 69 15.84 8.63 8.44
CA ALA A 69 14.41 8.53 8.70
C ALA A 69 13.64 9.68 8.06
N ALA A 70 14.30 10.83 7.95
CA ALA A 70 13.69 12.00 7.36
C ALA A 70 13.46 11.81 5.86
N ASP A 71 14.21 10.89 5.26
CA ASP A 71 14.07 10.61 3.84
C ASP A 71 12.74 9.93 3.57
N ILE A 72 12.27 9.17 4.55
CA ILE A 72 10.99 8.47 4.44
C ILE A 72 9.83 9.45 4.39
N VAL A 73 9.21 9.58 3.22
CA VAL A 73 8.09 10.50 3.04
C VAL A 73 6.79 9.91 3.58
N LYS A 74 6.66 8.60 3.50
CA LYS A 74 5.44 7.93 3.99
C LYS A 74 5.79 6.75 4.87
N THR A 75 4.85 6.37 5.74
CA THR A 75 5.07 5.24 6.64
C THR A 75 3.77 4.49 6.91
N THR A 76 3.74 3.22 6.51
CA THR A 76 2.56 2.38 6.71
C THR A 76 2.81 1.39 7.84
N VAL A 77 1.78 1.09 8.61
CA VAL A 77 1.92 0.16 9.73
C VAL A 77 0.60 -0.57 10.03
N PHE A 78 0.64 -1.89 9.95
CA PHE A 78 -0.53 -2.70 10.21
C PHE A 78 -0.51 -3.20 11.66
N VAL A 79 -1.53 -2.81 12.43
CA VAL A 79 -1.62 -3.19 13.83
C VAL A 79 -2.76 -4.18 14.06
N LYS A 80 -2.60 -5.01 15.09
CA LYS A 80 -3.61 -5.98 15.46
C LYS A 80 -4.46 -5.44 16.61
N ASP A 81 -4.04 -4.29 17.13
CA ASP A 81 -4.75 -3.64 18.24
C ASP A 81 -4.58 -2.13 18.15
N LEU A 82 -5.56 -1.47 17.52
CA LEU A 82 -5.52 -0.02 17.37
C LEU A 82 -5.59 0.68 18.72
N ASN A 83 -5.95 -0.06 19.77
CA ASN A 83 -6.03 0.49 21.11
C ASN A 83 -4.63 0.64 21.70
N ASP A 84 -3.72 -0.21 21.24
CA ASP A 84 -2.34 -0.18 21.71
C ASP A 84 -1.49 0.71 20.79
N PHE A 85 -2.01 0.98 19.59
CA PHE A 85 -1.31 1.81 18.63
C PHE A 85 -1.02 3.20 19.20
N ALA A 86 -1.81 3.61 20.18
CA ALA A 86 -1.63 4.92 20.81
C ALA A 86 -0.17 5.15 21.20
N ALA A 87 0.46 4.11 21.76
CA ALA A 87 1.86 4.20 22.17
C ALA A 87 2.78 3.88 21.01
N VAL A 88 2.34 2.99 20.14
CA VAL A 88 3.13 2.60 18.98
C VAL A 88 3.29 3.78 18.02
N ASN A 89 2.15 4.35 17.62
CA ASN A 89 2.15 5.49 16.71
C ASN A 89 2.97 6.64 17.26
N ALA A 90 2.80 6.91 18.55
CA ALA A 90 3.53 7.99 19.21
C ALA A 90 5.03 7.70 19.20
N GLU A 91 5.38 6.43 19.20
CA GLU A 91 6.78 6.01 19.18
C GLU A 91 7.48 6.49 17.91
N TYR A 92 6.75 6.50 16.81
CA TYR A 92 7.30 6.96 15.53
C TYR A 92 7.61 8.44 15.59
N GLU A 93 6.66 9.20 16.11
CA GLU A 93 6.81 10.65 16.23
C GLU A 93 7.90 11.02 17.23
N ARG A 94 8.16 10.12 18.17
CA ARG A 94 9.18 10.36 19.19
C ARG A 94 10.57 10.15 18.63
N PHE A 95 10.73 9.14 17.77
CA PHE A 95 12.02 8.84 17.17
C PHE A 95 12.29 9.74 15.97
N PHE A 96 11.23 10.01 15.19
CA PHE A 96 11.36 10.87 14.01
C PHE A 96 11.99 12.20 14.40
N LYS A 97 11.42 12.83 15.41
CA LYS A 97 11.93 14.10 15.89
C LYS A 97 13.35 13.95 16.40
N GLU A 98 13.66 12.76 16.91
CA GLU A 98 15.00 12.48 17.42
C GLU A 98 15.89 11.92 16.31
N ASN A 99 15.35 11.86 15.09
CA ASN A 99 16.09 11.36 13.95
C ASN A 99 16.28 12.45 12.90
N ASN A 100 15.64 13.61 13.13
CA ASN A 100 15.71 14.75 12.22
C ASN A 100 14.60 14.66 11.16
N HIS A 101 13.51 13.98 11.53
CA HIS A 101 12.36 13.83 10.64
C HIS A 101 11.12 14.44 11.27
N PRO A 102 11.19 15.73 11.66
CA PRO A 102 10.07 16.44 12.29
C PRO A 102 8.93 16.73 11.31
N ASN A 103 9.23 16.68 10.02
CA ASN A 103 8.22 16.93 8.99
C ASN A 103 7.05 15.98 9.13
N PHE A 104 7.35 14.73 9.45
CA PHE A 104 6.33 13.68 9.61
C PHE A 104 5.91 13.13 8.25
N PRO A 105 6.04 11.80 8.05
CA PRO A 105 5.68 11.16 6.79
C PRO A 105 4.21 10.79 6.72
N ALA A 106 3.73 10.53 5.51
CA ALA A 106 2.34 10.15 5.30
C ALA A 106 2.00 8.90 6.13
N ARG A 107 0.80 8.88 6.70
CA ARG A 107 0.38 7.76 7.52
C ARG A 107 -0.56 6.83 6.76
N SER A 108 -0.37 5.53 6.93
CA SER A 108 -1.20 4.53 6.27
C SER A 108 -1.31 3.29 7.16
N CYS A 109 -1.76 3.50 8.39
CA CYS A 109 -1.89 2.41 9.35
C CYS A 109 -3.36 1.99 9.50
N VAL A 110 -3.58 0.73 9.83
CA VAL A 110 -4.93 0.20 10.00
C VAL A 110 -4.93 -1.04 10.89
N GLU A 111 -6.09 -1.37 11.45
CA GLU A 111 -6.21 -2.53 12.32
C GLU A 111 -6.51 -3.78 11.52
N VAL A 112 -5.45 -4.52 11.16
CA VAL A 112 -5.59 -5.74 10.39
C VAL A 112 -6.03 -6.91 11.26
N ALA A 113 -6.36 -8.03 10.63
CA ALA A 113 -6.78 -9.22 11.35
C ALA A 113 -5.59 -10.04 11.82
N ARG A 114 -4.67 -10.31 10.88
CA ARG A 114 -3.47 -11.09 11.20
C ARG A 114 -2.29 -10.60 10.37
N LEU A 115 -1.10 -11.10 10.70
CA LEU A 115 0.11 -10.72 9.98
C LEU A 115 1.06 -11.90 9.83
N PRO A 116 2.00 -11.82 8.87
CA PRO A 116 2.96 -12.91 8.64
C PRO A 116 3.67 -13.33 9.91
N LYS A 117 3.80 -14.64 10.11
CA LYS A 117 4.46 -15.18 11.29
C LYS A 117 3.61 -14.94 12.54
N ASP A 118 2.35 -14.61 12.34
CA ASP A 118 1.44 -14.35 13.45
C ASP A 118 1.90 -13.15 14.27
N VAL A 119 2.79 -12.35 13.69
CA VAL A 119 3.31 -11.17 14.37
C VAL A 119 2.17 -10.28 14.86
N GLY A 120 2.52 -9.27 15.66
CA GLY A 120 1.52 -8.36 16.19
C GLY A 120 1.47 -7.04 15.46
N LEU A 121 2.37 -6.85 14.49
CA LEU A 121 2.42 -5.61 13.73
C LEU A 121 3.46 -5.69 12.63
N GLU A 122 3.20 -4.99 11.52
CA GLU A 122 4.10 -4.96 10.39
C GLU A 122 4.56 -3.53 10.12
N ILE A 123 5.63 -3.38 9.34
CA ILE A 123 6.14 -2.05 9.03
C ILE A 123 6.60 -1.95 7.58
N GLU A 124 6.13 -0.91 6.89
CA GLU A 124 6.49 -0.66 5.50
C GLU A 124 6.37 0.82 5.17
N ALA A 125 7.50 1.42 4.79
CA ALA A 125 7.51 2.85 4.46
C ALA A 125 8.25 3.13 3.16
N ILE A 126 8.01 4.31 2.60
CA ILE A 126 8.65 4.72 1.35
C ILE A 126 9.63 5.87 1.61
N ALA A 127 10.67 5.95 0.80
CA ALA A 127 11.67 6.99 0.95
C ALA A 127 11.91 7.75 -0.35
N VAL A 128 12.42 8.96 -0.22
CA VAL A 128 12.72 9.79 -1.39
C VAL A 128 14.13 10.34 -1.31
N ARG A 129 14.97 9.95 -2.26
CA ARG A 129 16.35 10.41 -2.31
C ARG A 129 16.64 11.15 -3.61
N LYS A 130 16.09 12.36 -3.74
CA LYS A 130 16.29 13.16 -4.93
C LYS A 130 17.77 13.45 -5.14
N MET B 1 14.71 21.58 -6.63
CA MET B 1 13.57 21.68 -5.67
C MET B 1 12.68 20.44 -5.75
N MET B 2 12.82 19.56 -4.76
CA MET B 2 12.03 18.34 -4.72
C MET B 2 11.61 18.02 -3.29
N THR B 3 10.56 17.20 -3.15
CA THR B 3 10.07 16.81 -1.84
C THR B 3 9.62 18.03 -1.03
N GLN B 4 8.32 18.17 -0.85
CA GLN B 4 7.76 19.30 -0.10
C GLN B 4 6.44 18.90 0.55
N ILE B 5 6.38 19.06 1.88
CA ILE B 5 5.18 18.73 2.63
C ILE B 5 3.97 19.48 2.10
N ILE B 6 2.81 18.83 2.12
CA ILE B 6 1.58 19.44 1.64
C ILE B 6 0.63 19.75 2.79
N HIS B 7 -0.08 20.86 2.68
CA HIS B 7 -1.02 21.28 3.72
C HIS B 7 -2.21 22.02 3.11
N THR B 8 -3.39 21.76 3.66
CA THR B 8 -4.61 22.40 3.17
C THR B 8 -5.59 22.67 4.31
N GLU B 9 -6.51 23.59 4.08
CA GLU B 9 -7.50 23.93 5.10
C GLU B 9 -8.84 23.22 4.83
N LYS B 10 -8.76 22.07 4.19
CA LYS B 10 -9.95 21.29 3.88
C LYS B 10 -9.87 19.89 4.49
N ALA B 11 -8.70 19.27 4.35
CA ALA B 11 -8.48 17.94 4.90
C ALA B 11 -8.50 17.96 6.42
N PRO B 12 -8.49 16.77 7.05
CA PRO B 12 -8.51 16.66 8.52
C PRO B 12 -7.26 17.27 9.17
N ALA B 13 -6.26 17.56 8.36
CA ALA B 13 -5.01 18.15 8.86
C ALA B 13 -4.22 17.16 9.69
N ALA B 14 -2.90 17.28 9.63
CA ALA B 14 -2.02 16.40 10.38
C ALA B 14 -1.41 17.12 11.57
N ILE B 15 -1.62 16.55 12.76
CA ILE B 15 -1.09 17.14 13.98
C ILE B 15 -0.40 16.07 14.83
N GLY B 16 -0.08 14.94 14.20
CA GLY B 16 0.58 13.86 14.90
C GLY B 16 1.86 13.43 14.21
N PRO B 17 2.04 12.13 13.94
CA PRO B 17 3.24 11.61 13.29
C PRO B 17 3.16 11.59 11.77
N TYR B 18 2.33 12.45 11.18
CA TYR B 18 2.20 12.49 9.74
C TYR B 18 1.79 13.87 9.25
N VAL B 19 1.77 14.03 7.93
CA VAL B 19 1.39 15.30 7.31
C VAL B 19 0.22 15.11 6.35
N GLN B 20 -0.31 16.22 5.84
CA GLN B 20 -1.43 16.16 4.91
C GLN B 20 -1.06 15.34 3.67
N ALA B 21 0.17 15.53 3.20
CA ALA B 21 0.66 14.82 2.02
C ALA B 21 2.05 15.31 1.63
N VAL B 22 2.64 14.66 0.63
CA VAL B 22 3.96 15.05 0.16
C VAL B 22 4.04 14.96 -1.36
N ASP B 23 4.62 15.99 -1.97
CA ASP B 23 4.76 16.03 -3.43
C ASP B 23 6.23 16.07 -3.84
N LEU B 24 6.71 14.96 -4.39
CA LEU B 24 8.10 14.87 -4.84
C LEU B 24 8.27 15.45 -6.24
N GLY B 25 7.16 15.61 -6.95
CA GLY B 25 7.21 16.15 -8.30
C GLY B 25 6.55 15.24 -9.30
N ASN B 26 7.37 14.55 -10.10
CA ASN B 26 6.85 13.62 -11.10
C ASN B 26 5.92 12.61 -10.45
N LEU B 27 6.19 12.31 -9.19
CA LEU B 27 5.38 11.35 -8.43
C LEU B 27 4.89 11.98 -7.12
N VAL B 28 3.60 11.81 -6.85
CA VAL B 28 3.00 12.35 -5.64
C VAL B 28 2.17 11.28 -4.92
N LEU B 29 2.06 11.42 -3.60
CA LEU B 29 1.30 10.47 -2.80
C LEU B 29 0.59 11.17 -1.66
N THR B 30 -0.65 10.76 -1.38
CA THR B 30 -1.44 11.35 -0.31
C THR B 30 -1.52 10.42 0.89
N SER B 31 -1.46 10.98 2.09
CA SER B 31 -1.53 10.19 3.31
C SER B 31 -2.93 9.62 3.52
N GLY B 32 -3.01 8.53 4.27
CA GLY B 32 -4.28 7.89 4.53
C GLY B 32 -5.27 8.81 5.22
N GLN B 33 -6.10 9.48 4.43
CA GLN B 33 -7.09 10.41 4.98
C GLN B 33 -8.29 9.65 5.53
N ILE B 34 -9.00 10.29 6.46
CA ILE B 34 -10.17 9.68 7.08
C ILE B 34 -11.31 10.69 7.18
N PRO B 35 -12.57 10.20 7.06
CA PRO B 35 -13.76 11.06 7.13
C PRO B 35 -14.00 11.61 8.52
N VAL B 36 -13.06 12.39 9.02
CA VAL B 36 -13.18 12.99 10.34
C VAL B 36 -14.29 14.03 10.35
N ASN B 37 -15.51 13.56 10.58
CA ASN B 37 -16.70 14.40 10.61
C ASN B 37 -16.39 15.83 11.08
N PRO B 38 -16.68 16.84 10.24
CA PRO B 38 -16.42 18.25 10.59
C PRO B 38 -17.22 18.69 11.81
N ALA B 39 -18.23 17.92 12.19
CA ALA B 39 -19.08 18.25 13.33
C ALA B 39 -18.96 17.20 14.44
N THR B 40 -18.42 16.03 14.14
CA THR B 40 -18.27 14.97 15.13
C THR B 40 -16.80 14.71 15.42
N GLY B 41 -15.95 14.92 14.43
CA GLY B 41 -14.53 14.71 14.60
C GLY B 41 -14.17 13.24 14.65
N GLU B 42 -14.62 12.48 13.66
CA GLU B 42 -14.34 11.04 13.63
C GLU B 42 -14.84 10.42 12.33
N VAL B 43 -16.15 10.20 12.25
CA VAL B 43 -16.74 9.60 11.06
C VAL B 43 -18.27 9.59 11.17
N PRO B 44 -18.97 10.20 10.20
CA PRO B 44 -20.43 10.24 10.19
C PRO B 44 -21.04 8.87 9.97
N ALA B 45 -22.13 8.59 10.70
CA ALA B 45 -22.82 7.31 10.58
C ALA B 45 -23.20 7.02 9.14
N ASP B 46 -23.47 8.07 8.39
CA ASP B 46 -23.85 7.96 7.00
C ASP B 46 -22.70 7.44 6.17
N ILE B 47 -22.69 6.12 5.96
CA ILE B 47 -21.65 5.47 5.18
C ILE B 47 -21.35 6.24 3.90
N VAL B 48 -22.37 6.91 3.36
CA VAL B 48 -22.21 7.70 2.14
C VAL B 48 -21.56 9.04 2.46
N ALA B 49 -21.96 9.63 3.58
CA ALA B 49 -21.42 10.91 4.02
C ALA B 49 -19.92 10.80 4.23
N GLN B 50 -19.51 9.83 5.04
CA GLN B 50 -18.10 9.61 5.32
C GLN B 50 -17.37 9.22 4.03
N ALA B 51 -18.10 8.57 3.13
CA ALA B 51 -17.53 8.15 1.85
C ALA B 51 -17.27 9.35 0.96
N ARG B 52 -18.13 10.35 1.04
CA ARG B 52 -17.99 11.56 0.24
C ARG B 52 -16.98 12.51 0.86
N GLN B 53 -17.03 12.63 2.18
CA GLN B 53 -16.10 13.51 2.90
C GLN B 53 -14.67 13.01 2.76
N SER B 54 -14.50 11.70 2.82
CA SER B 54 -13.17 11.10 2.69
C SER B 54 -12.60 11.35 1.30
N LEU B 55 -13.48 11.47 0.32
CA LEU B 55 -13.06 11.72 -1.06
C LEU B 55 -12.80 13.21 -1.28
N GLU B 56 -13.33 14.04 -0.39
CA GLU B 56 -13.16 15.48 -0.50
C GLU B 56 -11.84 15.93 0.12
N ASN B 57 -11.56 15.47 1.34
CA ASN B 57 -10.33 15.83 2.03
C ASN B 57 -9.10 15.34 1.27
N VAL B 58 -9.22 14.20 0.61
CA VAL B 58 -8.12 13.64 -0.16
C VAL B 58 -7.90 14.45 -1.43
N LYS B 59 -8.99 14.83 -2.08
CA LYS B 59 -8.92 15.61 -3.30
C LYS B 59 -8.50 17.04 -3.01
N ALA B 60 -8.92 17.54 -1.86
CA ALA B 60 -8.58 18.90 -1.45
C ALA B 60 -7.07 19.07 -1.32
N ILE B 61 -6.43 18.04 -0.77
CA ILE B 61 -4.97 18.06 -0.60
C ILE B 61 -4.27 18.02 -1.95
N ILE B 62 -4.77 17.18 -2.84
CA ILE B 62 -4.18 17.05 -4.18
C ILE B 62 -4.38 18.33 -4.97
N GLU B 63 -5.55 18.94 -4.82
CA GLU B 63 -5.86 20.17 -5.53
C GLU B 63 -5.07 21.33 -4.94
N LYS B 64 -4.93 21.31 -3.61
CA LYS B 64 -4.19 22.36 -2.91
C LYS B 64 -2.72 22.32 -3.30
N ALA B 65 -2.27 21.18 -3.82
CA ALA B 65 -0.89 21.03 -4.24
C ALA B 65 -0.71 21.38 -5.71
N GLY B 66 -1.79 21.27 -6.47
CA GLY B 66 -1.74 21.58 -7.89
C GLY B 66 -1.85 20.35 -8.76
N LEU B 67 -2.83 19.50 -8.46
CA LEU B 67 -3.05 18.29 -9.22
C LEU B 67 -4.53 17.91 -9.25
N THR B 68 -5.02 17.52 -10.41
CA THR B 68 -6.42 17.14 -10.57
C THR B 68 -6.62 15.66 -10.27
N ALA B 69 -7.87 15.28 -10.04
CA ALA B 69 -8.22 13.89 -9.75
C ALA B 69 -7.69 12.96 -10.83
N ALA B 70 -7.61 13.46 -12.06
CA ALA B 70 -7.13 12.67 -13.18
C ALA B 70 -5.65 12.35 -13.04
N ASP B 71 -4.94 13.16 -12.25
CA ASP B 71 -3.51 12.95 -12.02
C ASP B 71 -3.29 11.69 -11.19
N ILE B 72 -4.26 11.39 -10.33
CA ILE B 72 -4.18 10.21 -9.49
C ILE B 72 -4.27 8.94 -10.33
N VAL B 73 -3.15 8.23 -10.45
CA VAL B 73 -3.10 6.99 -11.23
C VAL B 73 -3.69 5.81 -10.45
N LYS B 74 -3.54 5.82 -9.13
CA LYS B 74 -4.05 4.74 -8.31
C LYS B 74 -4.84 5.29 -7.12
N THR B 75 -5.74 4.47 -6.58
CA THR B 75 -6.56 4.88 -5.45
C THR B 75 -6.86 3.70 -4.53
N THR B 76 -6.39 3.79 -3.29
CA THR B 76 -6.61 2.74 -2.31
C THR B 76 -7.65 3.19 -1.29
N VAL B 77 -8.48 2.26 -0.82
CA VAL B 77 -9.52 2.58 0.14
C VAL B 77 -9.85 1.40 1.04
N PHE B 78 -9.69 1.58 2.35
CA PHE B 78 -9.98 0.54 3.31
C PHE B 78 -11.39 0.71 3.87
N VAL B 79 -12.24 -0.28 3.65
CA VAL B 79 -13.62 -0.23 4.12
C VAL B 79 -13.87 -1.22 5.24
N LYS B 80 -14.83 -0.90 6.10
CA LYS B 80 -15.20 -1.76 7.21
C LYS B 80 -16.43 -2.58 6.84
N ASP B 81 -17.00 -2.26 5.67
CA ASP B 81 -18.18 -2.96 5.18
C ASP B 81 -18.19 -2.98 3.66
N LEU B 82 -17.65 -4.07 3.08
CA LEU B 82 -17.59 -4.22 1.64
C LEU B 82 -19.00 -4.27 1.02
N ASN B 83 -20.00 -4.46 1.86
CA ASN B 83 -21.38 -4.51 1.39
C ASN B 83 -21.88 -3.10 1.11
N ASP B 84 -21.32 -2.13 1.82
CA ASP B 84 -21.69 -0.74 1.64
C ASP B 84 -20.79 -0.06 0.61
N PHE B 85 -19.65 -0.70 0.34
CA PHE B 85 -18.69 -0.17 -0.63
C PHE B 85 -19.33 0.00 -2.00
N ALA B 86 -20.39 -0.77 -2.27
CA ALA B 86 -21.08 -0.69 -3.55
C ALA B 86 -21.39 0.75 -3.93
N ALA B 87 -21.83 1.53 -2.96
CA ALA B 87 -22.16 2.93 -3.18
C ALA B 87 -20.93 3.81 -3.05
N VAL B 88 -20.02 3.42 -2.15
CA VAL B 88 -18.80 4.16 -1.93
C VAL B 88 -17.91 4.10 -3.17
N ASN B 89 -17.62 2.88 -3.62
CA ASN B 89 -16.78 2.67 -4.80
C ASN B 89 -17.36 3.39 -6.01
N ALA B 90 -18.67 3.29 -6.19
CA ALA B 90 -19.34 3.93 -7.30
C ALA B 90 -19.21 5.45 -7.21
N GLU B 91 -19.11 5.95 -5.99
CA GLU B 91 -18.97 7.38 -5.75
C GLU B 91 -17.70 7.92 -6.38
N TYR B 92 -16.65 7.12 -6.37
CA TYR B 92 -15.37 7.52 -6.95
C TYR B 92 -15.51 7.65 -8.45
N GLU B 93 -16.13 6.66 -9.06
CA GLU B 93 -16.32 6.65 -10.51
C GLU B 93 -17.27 7.77 -10.95
N ARG B 94 -18.14 8.19 -10.03
CA ARG B 94 -19.11 9.25 -10.35
C ARG B 94 -18.44 10.62 -10.34
N PHE B 95 -17.51 10.82 -9.40
CA PHE B 95 -16.82 12.10 -9.31
C PHE B 95 -15.66 12.17 -10.30
N PHE B 96 -14.96 11.04 -10.47
CA PHE B 96 -13.84 10.98 -11.40
C PHE B 96 -14.27 11.47 -12.78
N LYS B 97 -15.35 10.91 -13.28
CA LYS B 97 -15.88 11.29 -14.57
C LYS B 97 -16.29 12.76 -14.57
N GLU B 98 -16.70 13.24 -13.40
CA GLU B 98 -17.10 14.63 -13.25
C GLU B 98 -15.90 15.50 -12.87
N ASN B 99 -14.72 14.88 -12.81
CA ASN B 99 -13.50 15.60 -12.47
C ASN B 99 -12.50 15.58 -13.63
N ASN B 100 -12.85 14.83 -14.69
CA ASN B 100 -12.01 14.70 -15.87
C ASN B 100 -11.03 13.53 -15.71
N HIS B 101 -11.42 12.56 -14.87
CA HIS B 101 -10.60 11.38 -14.63
C HIS B 101 -11.35 10.12 -15.06
N PRO B 102 -11.82 10.06 -16.32
CA PRO B 102 -12.56 8.92 -16.85
C PRO B 102 -11.68 7.68 -17.05
N ASN B 103 -10.36 7.89 -17.10
CA ASN B 103 -9.43 6.79 -17.30
C ASN B 103 -9.59 5.74 -16.20
N PHE B 104 -9.81 6.23 -14.98
CA PHE B 104 -9.96 5.35 -13.81
C PHE B 104 -8.60 4.90 -13.29
N PRO B 105 -8.30 5.17 -12.00
CA PRO B 105 -7.03 4.80 -11.38
C PRO B 105 -7.04 3.38 -10.83
N ALA B 106 -5.84 2.84 -10.59
CA ALA B 106 -5.71 1.50 -10.05
C ALA B 106 -6.47 1.38 -8.73
N ARG B 107 -7.13 0.24 -8.53
CA ARG B 107 -7.90 0.02 -7.32
C ARG B 107 -7.14 -0.88 -6.33
N SER B 108 -7.22 -0.51 -5.06
CA SER B 108 -6.55 -1.27 -4.00
C SER B 108 -7.36 -1.17 -2.71
N CYS B 109 -8.63 -1.54 -2.79
CA CYS B 109 -9.52 -1.49 -1.64
C CYS B 109 -9.75 -2.87 -1.05
N VAL B 110 -10.00 -2.92 0.26
CA VAL B 110 -10.25 -4.18 0.95
C VAL B 110 -11.05 -3.96 2.23
N GLU B 111 -11.67 -5.03 2.73
CA GLU B 111 -12.46 -4.97 3.94
C GLU B 111 -11.59 -5.16 5.18
N VAL B 112 -11.14 -4.06 5.77
CA VAL B 112 -10.30 -4.10 6.95
C VAL B 112 -11.13 -4.33 8.21
N ALA B 113 -10.46 -4.58 9.32
CA ALA B 113 -11.13 -4.80 10.59
C ALA B 113 -11.47 -3.48 11.29
N ARG B 114 -10.47 -2.62 11.40
CA ARG B 114 -10.65 -1.32 12.02
C ARG B 114 -9.78 -0.25 11.36
N LEU B 115 -9.99 1.00 11.73
CA LEU B 115 -9.23 2.11 11.16
C LEU B 115 -8.95 3.17 12.21
N PRO B 116 -7.93 4.02 11.97
CA PRO B 116 -7.58 5.10 12.90
C PRO B 116 -8.78 5.94 13.31
N LYS B 117 -8.88 6.24 14.60
CA LYS B 117 -9.99 7.03 15.12
C LYS B 117 -11.30 6.27 15.05
N ASP B 118 -11.20 4.95 14.87
CA ASP B 118 -12.38 4.10 14.78
C ASP B 118 -13.24 4.47 13.57
N VAL B 119 -12.65 5.22 12.65
CA VAL B 119 -13.37 5.64 11.44
C VAL B 119 -13.99 4.45 10.72
N GLY B 120 -14.82 4.73 9.73
CA GLY B 120 -15.47 3.66 8.98
C GLY B 120 -14.82 3.41 7.64
N LEU B 121 -13.82 4.21 7.28
CA LEU B 121 -13.13 4.05 6.01
C LEU B 121 -11.95 5.02 5.89
N GLU B 122 -10.92 4.59 5.18
CA GLU B 122 -9.74 5.41 4.97
C GLU B 122 -9.51 5.68 3.48
N ILE B 123 -8.69 6.66 3.16
CA ILE B 123 -8.42 6.99 1.77
C ILE B 123 -6.95 7.32 1.53
N GLU B 124 -6.36 6.68 0.52
CA GLU B 124 -4.97 6.91 0.17
C GLU B 124 -4.74 6.60 -1.30
N ALA B 125 -4.32 7.61 -2.07
CA ALA B 125 -4.09 7.43 -3.49
C ALA B 125 -2.76 8.04 -3.93
N ILE B 126 -2.28 7.62 -5.10
CA ILE B 126 -1.04 8.12 -5.65
C ILE B 126 -1.29 8.97 -6.90
N ALA B 127 -0.43 9.94 -7.15
CA ALA B 127 -0.58 10.81 -8.30
C ALA B 127 0.69 10.86 -9.14
N VAL B 128 0.52 11.23 -10.41
CA VAL B 128 1.65 11.34 -11.33
C VAL B 128 1.63 12.68 -12.05
N ARG B 129 2.66 13.49 -11.81
CA ARG B 129 2.76 14.81 -12.44
C ARG B 129 4.03 14.92 -13.28
N LYS B 130 4.05 14.20 -14.40
CA LYS B 130 5.19 14.23 -15.29
C LYS B 130 5.50 15.65 -15.78
N MET C 1 6.28 11.48 -23.53
CA MET C 1 5.24 10.42 -23.44
C MET C 1 5.33 9.67 -22.11
N MET C 2 4.41 9.99 -21.21
CA MET C 2 4.38 9.35 -19.89
C MET C 2 2.95 9.08 -19.45
N THR C 3 2.79 8.16 -18.51
CA THR C 3 1.47 7.81 -17.98
C THR C 3 0.57 7.29 -19.11
N GLN C 4 0.29 5.99 -19.07
CA GLN C 4 -0.57 5.37 -20.07
C GLN C 4 -1.29 4.16 -19.50
N ILE C 5 -2.62 4.19 -19.57
CA ILE C 5 -3.43 3.09 -19.05
C ILE C 5 -3.02 1.76 -19.68
N ILE C 6 -3.10 0.70 -18.89
CA ILE C 6 -2.74 -0.63 -19.38
C ILE C 6 -3.97 -1.52 -19.51
N HIS C 7 -3.98 -2.37 -20.53
CA HIS C 7 -5.10 -3.27 -20.77
C HIS C 7 -4.62 -4.58 -21.38
N THR C 8 -5.23 -5.68 -20.96
CA THR C 8 -4.87 -7.00 -21.47
C THR C 8 -6.10 -7.90 -21.55
N GLU C 9 -6.00 -8.95 -22.36
CA GLU C 9 -7.10 -9.89 -22.53
C GLU C 9 -6.87 -11.15 -21.68
N LYS C 10 -6.16 -10.98 -20.58
CA LYS C 10 -5.89 -12.10 -19.68
C LYS C 10 -6.40 -11.80 -18.27
N ALA C 11 -6.15 -10.58 -17.80
CA ALA C 11 -6.58 -10.16 -16.48
C ALA C 11 -8.11 -10.08 -16.40
N PRO C 12 -8.65 -9.87 -15.20
CA PRO C 12 -10.10 -9.76 -15.00
C PRO C 12 -10.71 -8.55 -15.71
N ALA C 13 -9.85 -7.65 -16.18
CA ALA C 13 -10.29 -6.46 -16.89
C ALA C 13 -11.00 -5.49 -15.95
N ALA C 14 -10.86 -4.20 -16.24
CA ALA C 14 -11.49 -3.16 -15.43
C ALA C 14 -12.68 -2.55 -16.15
N ILE C 15 -13.83 -2.60 -15.50
CA ILE C 15 -15.06 -2.05 -16.06
C ILE C 15 -15.77 -1.17 -15.03
N GLY C 16 -15.05 -0.78 -14.00
CA GLY C 16 -15.63 0.05 -12.96
C GLY C 16 -14.84 1.32 -12.74
N PRO C 17 -14.45 1.63 -11.49
CA PRO C 17 -13.70 2.83 -11.16
C PRO C 17 -12.19 2.64 -11.22
N TYR C 18 -11.72 1.67 -11.99
CA TYR C 18 -10.29 1.43 -12.10
C TYR C 18 -9.92 0.82 -13.46
N VAL C 19 -8.62 0.67 -13.68
CA VAL C 19 -8.12 0.10 -14.94
C VAL C 19 -7.24 -1.12 -14.66
N GLN C 20 -6.83 -1.81 -15.72
CA GLN C 20 -5.98 -2.98 -15.58
C GLN C 20 -4.67 -2.61 -14.88
N ALA C 21 -4.14 -1.44 -15.24
CA ALA C 21 -2.89 -0.96 -14.66
C ALA C 21 -2.44 0.33 -15.35
N VAL C 22 -1.36 0.92 -14.84
CA VAL C 22 -0.83 2.15 -15.39
C VAL C 22 0.70 2.12 -15.40
N ASP C 23 1.28 2.53 -16.53
CA ASP C 23 2.73 2.55 -16.67
C ASP C 23 3.23 3.97 -16.91
N LEU C 24 3.89 4.54 -15.90
CA LEU C 24 4.43 5.89 -16.00
C LEU C 24 5.80 5.90 -16.68
N GLY C 25 6.43 4.73 -16.75
CA GLY C 25 7.73 4.61 -17.37
C GLY C 25 8.75 4.00 -16.44
N ASN C 26 9.65 4.82 -15.91
CA ASN C 26 10.67 4.34 -14.98
C ASN C 26 10.02 3.58 -13.82
N LEU C 27 8.80 3.98 -13.49
CA LEU C 27 8.06 3.34 -12.41
C LEU C 27 6.69 2.88 -12.89
N VAL C 28 6.35 1.64 -12.55
CA VAL C 28 5.05 1.07 -12.95
C VAL C 28 4.36 0.43 -11.74
N LEU C 29 3.03 0.40 -11.80
CA LEU C 29 2.25 -0.19 -10.71
C LEU C 29 1.01 -0.89 -11.26
N THR C 30 0.69 -2.04 -10.69
CA THR C 30 -0.47 -2.81 -11.13
C THR C 30 -1.61 -2.71 -10.11
N SER C 31 -2.84 -2.62 -10.60
CA SER C 31 -4.01 -2.50 -9.74
C SER C 31 -4.26 -3.80 -8.98
N GLY C 32 -4.93 -3.69 -7.84
CA GLY C 32 -5.23 -4.87 -7.03
C GLY C 32 -6.05 -5.89 -7.79
N GLN C 33 -5.38 -6.86 -8.40
CA GLN C 33 -6.05 -7.91 -9.15
C GLN C 33 -6.65 -8.97 -8.22
N ILE C 34 -7.66 -9.66 -8.71
CA ILE C 34 -8.31 -10.71 -7.93
C ILE C 34 -8.57 -11.96 -8.76
N PRO C 35 -8.49 -13.15 -8.14
CA PRO C 35 -8.71 -14.42 -8.84
C PRO C 35 -10.15 -14.62 -9.27
N VAL C 36 -10.64 -13.73 -10.12
CA VAL C 36 -12.01 -13.83 -10.61
C VAL C 36 -12.17 -15.05 -11.51
N ASN C 37 -12.45 -16.18 -10.87
CA ASN C 37 -12.62 -17.46 -11.56
C ASN C 37 -13.18 -17.28 -12.98
N PRO C 38 -12.45 -17.75 -13.99
CA PRO C 38 -12.88 -17.64 -15.40
C PRO C 38 -14.19 -18.38 -15.66
N ALA C 39 -14.57 -19.26 -14.74
CA ALA C 39 -15.79 -20.04 -14.89
C ALA C 39 -16.81 -19.72 -13.80
N THR C 40 -16.37 -19.08 -12.72
CA THR C 40 -17.27 -18.73 -11.63
C THR C 40 -17.44 -17.21 -11.52
N GLY C 41 -16.41 -16.47 -11.91
CA GLY C 41 -16.46 -15.03 -11.86
C GLY C 41 -16.39 -14.51 -10.44
N GLU C 42 -15.37 -14.94 -9.69
CA GLU C 42 -15.21 -14.50 -8.31
C GLU C 42 -13.91 -15.02 -7.72
N VAL C 43 -13.90 -16.30 -7.36
CA VAL C 43 -12.71 -16.92 -6.78
C VAL C 43 -12.91 -18.42 -6.58
N PRO C 44 -12.04 -19.26 -7.17
CA PRO C 44 -12.13 -20.71 -7.04
C PRO C 44 -11.86 -21.18 -5.62
N ALA C 45 -12.63 -22.16 -5.16
CA ALA C 45 -12.46 -22.70 -3.82
C ALA C 45 -11.03 -23.17 -3.58
N ASP C 46 -10.39 -23.62 -4.66
CA ASP C 46 -9.01 -24.09 -4.58
C ASP C 46 -8.06 -22.94 -4.27
N ILE C 47 -7.76 -22.80 -2.99
CA ILE C 47 -6.87 -21.76 -2.51
C ILE C 47 -5.62 -21.64 -3.40
N VAL C 48 -5.22 -22.77 -3.98
CA VAL C 48 -4.06 -22.79 -4.86
C VAL C 48 -4.42 -22.29 -6.26
N ALA C 49 -5.63 -22.65 -6.71
CA ALA C 49 -6.12 -22.23 -8.00
C ALA C 49 -6.21 -20.71 -8.07
N GLN C 50 -6.92 -20.14 -7.10
CA GLN C 50 -7.08 -18.70 -7.03
C GLN C 50 -5.73 -18.03 -6.81
N ALA C 51 -4.82 -18.75 -6.15
CA ALA C 51 -3.49 -18.24 -5.87
C ALA C 51 -2.66 -18.18 -7.15
N ARG C 52 -2.87 -19.15 -8.03
CA ARG C 52 -2.14 -19.21 -9.29
C ARG C 52 -2.76 -18.27 -10.32
N GLN C 53 -4.08 -18.23 -10.35
CA GLN C 53 -4.80 -17.36 -11.29
C GLN C 53 -4.52 -15.89 -10.98
N SER C 54 -4.48 -15.56 -9.70
CA SER C 54 -4.22 -14.19 -9.27
C SER C 54 -2.81 -13.76 -9.67
N LEU C 55 -1.90 -14.73 -9.73
CA LEU C 55 -0.53 -14.44 -10.11
C LEU C 55 -0.39 -14.37 -11.64
N GLU C 56 -1.36 -14.92 -12.35
CA GLU C 56 -1.35 -14.93 -13.80
C GLU C 56 -1.90 -13.63 -14.37
N ASN C 57 -3.06 -13.21 -13.87
CA ASN C 57 -3.69 -11.98 -14.35
C ASN C 57 -2.82 -10.76 -14.04
N VAL C 58 -2.09 -10.80 -12.94
CA VAL C 58 -1.21 -9.70 -12.57
C VAL C 58 0.02 -9.66 -13.46
N LYS C 59 0.55 -10.84 -13.75
CA LYS C 59 1.73 -10.96 -14.60
C LYS C 59 1.37 -10.68 -16.06
N ALA C 60 0.15 -11.07 -16.44
CA ALA C 60 -0.32 -10.87 -17.80
C ALA C 60 -0.36 -9.38 -18.13
N ILE C 61 -0.79 -8.58 -17.16
CA ILE C 61 -0.88 -7.12 -17.36
C ILE C 61 0.51 -6.52 -17.48
N ILE C 62 1.43 -6.98 -16.63
CA ILE C 62 2.80 -6.48 -16.65
C ILE C 62 3.50 -6.88 -17.94
N GLU C 63 3.24 -8.11 -18.39
CA GLU C 63 3.85 -8.61 -19.63
C GLU C 63 3.22 -7.92 -20.83
N LYS C 64 1.92 -7.69 -20.76
CA LYS C 64 1.20 -7.03 -21.84
C LYS C 64 1.68 -5.59 -22.01
N ALA C 65 2.30 -5.05 -20.97
CA ALA C 65 2.82 -3.69 -21.01
C ALA C 65 4.26 -3.66 -21.47
N GLY C 66 4.97 -4.77 -21.26
CA GLY C 66 6.36 -4.86 -21.66
C GLY C 66 7.30 -4.89 -20.47
N LEU C 67 7.00 -5.74 -19.50
CA LEU C 67 7.82 -5.86 -18.31
C LEU C 67 7.77 -7.29 -17.76
N THR C 68 8.93 -7.81 -17.38
CA THR C 68 9.02 -9.16 -16.84
C THR C 68 8.82 -9.16 -15.33
N ALA C 69 8.53 -10.34 -14.79
CA ALA C 69 8.30 -10.49 -13.36
C ALA C 69 9.48 -9.94 -12.55
N ALA C 70 10.67 -10.01 -13.13
CA ALA C 70 11.87 -9.52 -12.47
C ALA C 70 11.84 -7.99 -12.34
N ASP C 71 11.05 -7.34 -13.17
CA ASP C 71 10.93 -5.88 -13.13
C ASP C 71 10.21 -5.46 -11.86
N ILE C 72 9.30 -6.32 -11.39
CA ILE C 72 8.54 -6.05 -10.17
C ILE C 72 9.45 -6.05 -8.96
N VAL C 73 9.69 -4.86 -8.39
CA VAL C 73 10.55 -4.72 -7.23
C VAL C 73 9.83 -5.11 -5.94
N LYS C 74 8.53 -4.87 -5.89
CA LYS C 74 7.74 -5.21 -4.71
C LYS C 74 6.47 -5.96 -5.08
N THR C 75 5.94 -6.72 -4.13
CA THR C 75 4.73 -7.49 -4.37
C THR C 75 3.88 -7.60 -3.12
N THR C 76 2.66 -7.05 -3.19
CA THR C 76 1.74 -7.09 -2.06
C THR C 76 0.63 -8.11 -2.32
N VAL C 77 0.18 -8.78 -1.26
CA VAL C 77 -0.86 -9.78 -1.40
C VAL C 77 -1.70 -9.90 -0.14
N PHE C 78 -3.00 -9.68 -0.26
CA PHE C 78 -3.92 -9.78 0.87
C PHE C 78 -4.57 -11.15 0.90
N VAL C 79 -4.33 -11.90 1.98
CA VAL C 79 -4.89 -13.23 2.11
C VAL C 79 -5.96 -13.29 3.19
N LYS C 80 -6.89 -14.22 3.03
CA LYS C 80 -7.97 -14.41 3.99
C LYS C 80 -7.62 -15.56 4.93
N ASP C 81 -6.51 -16.24 4.62
CA ASP C 81 -6.05 -17.36 5.42
C ASP C 81 -4.53 -17.47 5.36
N LEU C 82 -3.86 -16.87 6.34
CA LEU C 82 -2.41 -16.88 6.39
C LEU C 82 -1.87 -18.31 6.57
N ASN C 83 -2.77 -19.23 6.94
CA ASN C 83 -2.37 -20.62 7.13
C ASN C 83 -2.22 -21.30 5.77
N ASP C 84 -2.96 -20.81 4.78
CA ASP C 84 -2.89 -21.35 3.44
C ASP C 84 -1.85 -20.61 2.61
N PHE C 85 -1.47 -19.42 3.07
CA PHE C 85 -0.49 -18.61 2.38
C PHE C 85 0.83 -19.35 2.21
N ALA C 86 1.08 -20.32 3.08
CA ALA C 86 2.31 -21.11 3.01
C ALA C 86 2.57 -21.62 1.59
N ALA C 87 1.52 -22.08 0.93
CA ALA C 87 1.64 -22.58 -0.43
C ALA C 87 1.52 -21.45 -1.43
N VAL C 88 0.70 -20.46 -1.10
CA VAL C 88 0.52 -19.31 -1.98
C VAL C 88 1.80 -18.50 -2.10
N ASN C 89 2.35 -18.11 -0.95
CA ASN C 89 3.59 -17.34 -0.92
C ASN C 89 4.71 -18.07 -1.64
N ALA C 90 4.81 -19.37 -1.39
CA ALA C 90 5.85 -20.19 -2.01
C ALA C 90 5.66 -20.24 -3.52
N GLU C 91 4.42 -20.10 -3.96
CA GLU C 91 4.09 -20.13 -5.38
C GLU C 91 4.76 -18.96 -6.11
N TYR C 92 4.86 -17.82 -5.43
CA TYR C 92 5.49 -16.65 -6.02
C TYR C 92 6.98 -16.89 -6.23
N GLU C 93 7.61 -17.44 -5.20
CA GLU C 93 9.04 -17.74 -5.25
C GLU C 93 9.35 -18.84 -6.26
N ARG C 94 8.36 -19.68 -6.52
CA ARG C 94 8.54 -20.78 -7.47
C ARG C 94 8.49 -20.28 -8.91
N PHE C 95 7.60 -19.33 -9.17
CA PHE C 95 7.46 -18.78 -10.52
C PHE C 95 8.51 -17.70 -10.78
N PHE C 96 8.80 -16.90 -9.76
CA PHE C 96 9.80 -15.83 -9.89
C PHE C 96 11.11 -16.41 -10.40
N LYS C 97 11.59 -17.45 -9.74
CA LYS C 97 12.82 -18.10 -10.13
C LYS C 97 12.69 -18.68 -11.53
N GLU C 98 11.48 -19.06 -11.89
CA GLU C 98 11.22 -19.61 -13.22
C GLU C 98 10.85 -18.50 -14.21
N ASN C 99 10.90 -17.26 -13.73
CA ASN C 99 10.59 -16.11 -14.56
C ASN C 99 11.80 -15.21 -14.73
N ASN C 100 12.88 -15.53 -14.01
CA ASN C 100 14.13 -14.75 -14.04
C ASN C 100 14.10 -13.65 -12.99
N HIS C 101 13.32 -13.85 -11.94
CA HIS C 101 13.20 -12.89 -10.85
C HIS C 101 13.65 -13.51 -9.54
N PRO C 102 14.89 -14.05 -9.50
CA PRO C 102 15.45 -14.68 -8.30
C PRO C 102 15.78 -13.68 -7.20
N ASN C 103 15.91 -12.41 -7.58
CA ASN C 103 16.22 -11.36 -6.61
C ASN C 103 15.19 -11.32 -5.49
N PHE C 104 13.93 -11.52 -5.86
CA PHE C 104 12.81 -11.49 -4.90
C PHE C 104 12.41 -10.05 -4.60
N PRO C 105 11.12 -9.71 -4.82
CA PRO C 105 10.61 -8.36 -4.57
C PRO C 105 10.15 -8.15 -3.14
N ALA C 106 10.02 -6.89 -2.74
CA ALA C 106 9.58 -6.57 -1.39
C ALA C 106 8.23 -7.23 -1.10
N ARG C 107 8.07 -7.72 0.12
CA ARG C 107 6.82 -8.38 0.52
C ARG C 107 5.95 -7.47 1.36
N SER C 108 4.65 -7.49 1.08
CA SER C 108 3.69 -6.68 1.81
C SER C 108 2.34 -7.40 1.89
N CYS C 109 2.37 -8.63 2.40
CA CYS C 109 1.17 -9.44 2.53
C CYS C 109 0.66 -9.45 3.96
N VAL C 110 -0.65 -9.62 4.12
CA VAL C 110 -1.26 -9.66 5.44
C VAL C 110 -2.61 -10.39 5.40
N GLU C 111 -3.06 -10.84 6.56
CA GLU C 111 -4.34 -11.55 6.66
C GLU C 111 -5.50 -10.58 6.82
N VAL C 112 -6.12 -10.21 5.71
CA VAL C 112 -7.24 -9.28 5.73
C VAL C 112 -8.53 -9.99 6.12
N ALA C 113 -9.58 -9.20 6.34
CA ALA C 113 -10.88 -9.75 6.73
C ALA C 113 -11.67 -10.18 5.50
N ARG C 114 -11.78 -9.28 4.52
CA ARG C 114 -12.51 -9.57 3.30
C ARG C 114 -11.85 -8.88 2.11
N LEU C 115 -12.32 -9.21 0.91
CA LEU C 115 -11.77 -8.62 -0.31
C LEU C 115 -12.87 -8.39 -1.34
N PRO C 116 -12.63 -7.50 -2.33
CA PRO C 116 -13.60 -7.20 -3.37
C PRO C 116 -14.14 -8.46 -4.04
N LYS C 117 -15.46 -8.50 -4.25
CA LYS C 117 -16.09 -9.64 -4.88
C LYS C 117 -16.07 -10.86 -3.95
N ASP C 118 -15.80 -10.62 -2.68
CA ASP C 118 -15.73 -11.70 -1.70
C ASP C 118 -14.61 -12.69 -2.03
N VAL C 119 -13.69 -12.27 -2.90
CA VAL C 119 -12.57 -13.11 -3.30
C VAL C 119 -11.82 -13.64 -2.08
N GLY C 120 -10.91 -14.58 -2.32
CA GLY C 120 -10.13 -15.15 -1.24
C GLY C 120 -8.73 -14.58 -1.14
N LEU C 121 -8.37 -13.71 -2.07
CA LEU C 121 -7.04 -13.10 -2.07
C LEU C 121 -6.91 -12.05 -3.19
N GLU C 122 -6.11 -11.03 -2.93
CA GLU C 122 -5.88 -9.97 -3.90
C GLU C 122 -4.41 -9.89 -4.27
N ILE C 123 -4.10 -9.21 -5.37
CA ILE C 123 -2.72 -9.08 -5.81
C ILE C 123 -2.41 -7.68 -6.33
N GLU C 124 -1.33 -7.10 -5.83
CA GLU C 124 -0.90 -5.77 -6.24
C GLU C 124 0.60 -5.61 -6.05
N ALA C 125 1.32 -5.36 -7.15
CA ALA C 125 2.77 -5.22 -7.09
C ALA C 125 3.25 -4.00 -7.87
N ILE C 126 4.47 -3.57 -7.58
CA ILE C 126 5.07 -2.42 -8.26
C ILE C 126 6.23 -2.87 -9.14
N ALA C 127 6.47 -2.14 -10.22
CA ALA C 127 7.55 -2.48 -11.14
C ALA C 127 8.47 -1.29 -11.39
N VAL C 128 9.69 -1.59 -11.82
CA VAL C 128 10.67 -0.55 -12.12
C VAL C 128 11.30 -0.77 -13.49
N ARG C 129 11.07 0.17 -14.40
CA ARG C 129 11.61 0.06 -15.75
C ARG C 129 12.52 1.25 -16.07
N LYS C 130 13.69 1.27 -15.43
CA LYS C 130 14.66 2.35 -15.64
C LYS C 130 15.06 2.44 -17.11
N MET A 1 24.50 -4.77 -9.54
CA MET A 1 23.20 -5.07 -8.91
C MET A 1 22.46 -3.78 -8.56
N MET A 2 21.99 -3.07 -9.58
CA MET A 2 21.27 -1.82 -9.37
C MET A 2 19.76 -2.07 -9.34
N THR A 3 19.00 -1.01 -9.07
CA THR A 3 17.54 -1.11 -9.00
C THR A 3 17.12 -2.07 -7.90
N GLN A 4 16.45 -1.55 -6.89
CA GLN A 4 15.97 -2.36 -5.78
C GLN A 4 17.14 -2.98 -5.02
N ILE A 5 16.81 -3.98 -4.18
CA ILE A 5 17.82 -4.67 -3.37
C ILE A 5 18.38 -3.78 -2.27
N ILE A 6 18.18 -4.19 -1.02
CA ILE A 6 18.68 -3.45 0.14
C ILE A 6 18.91 -4.40 1.31
N HIS A 7 19.98 -5.18 1.24
CA HIS A 7 20.32 -6.12 2.29
C HIS A 7 21.12 -5.44 3.41
N THR A 8 20.88 -5.88 4.64
CA THR A 8 21.58 -5.33 5.80
C THR A 8 21.75 -6.38 6.89
N GLU A 9 22.78 -6.20 7.71
CA GLU A 9 23.06 -7.14 8.80
C GLU A 9 22.49 -6.61 10.12
N LYS A 10 21.34 -5.95 10.04
CA LYS A 10 20.70 -5.40 11.24
C LYS A 10 19.30 -5.98 11.42
N ALA A 11 18.59 -6.17 10.31
CA ALA A 11 17.24 -6.71 10.35
C ALA A 11 17.24 -8.22 10.19
N PRO A 12 16.91 -8.97 11.26
CA PRO A 12 16.88 -10.44 11.22
C PRO A 12 15.88 -10.98 10.21
N ALA A 13 14.97 -10.11 9.78
CA ALA A 13 13.94 -10.49 8.80
C ALA A 13 14.58 -11.03 7.52
N ALA A 14 13.76 -11.17 6.48
CA ALA A 14 14.23 -11.67 5.20
C ALA A 14 14.70 -13.12 5.30
N ILE A 15 15.42 -13.57 4.28
CA ILE A 15 15.93 -14.94 4.23
C ILE A 15 14.84 -15.92 3.79
N GLY A 16 13.79 -15.38 3.20
CA GLY A 16 12.70 -16.20 2.74
C GLY A 16 12.40 -15.99 1.26
N PRO A 17 11.11 -15.84 0.89
CA PRO A 17 10.71 -15.64 -0.50
C PRO A 17 10.70 -14.17 -0.91
N TYR A 18 11.55 -13.37 -0.27
CA TYR A 18 11.62 -11.94 -0.59
C TYR A 18 12.91 -11.33 -0.08
N VAL A 19 13.11 -10.05 -0.36
CA VAL A 19 14.31 -9.33 0.08
C VAL A 19 14.01 -8.39 1.24
N GLN A 20 15.05 -7.97 1.94
CA GLN A 20 14.89 -7.05 3.07
C GLN A 20 14.16 -5.79 2.63
N ALA A 21 14.68 -5.16 1.58
CA ALA A 21 14.10 -3.95 1.03
C ALA A 21 14.54 -3.76 -0.42
N VAL A 22 14.21 -2.62 -1.01
CA VAL A 22 14.58 -2.36 -2.39
C VAL A 22 14.89 -0.88 -2.62
N ASP A 23 16.03 -0.62 -3.24
CA ASP A 23 16.47 0.74 -3.54
C ASP A 23 16.37 1.05 -5.02
N LEU A 24 15.34 1.79 -5.41
CA LEU A 24 15.15 2.16 -6.81
C LEU A 24 16.25 3.11 -7.30
N GLY A 25 17.01 3.65 -6.35
CA GLY A 25 18.07 4.59 -6.69
C GLY A 25 17.80 5.96 -6.14
N ASN A 26 17.18 6.81 -6.95
CA ASN A 26 16.83 8.16 -6.53
C ASN A 26 15.88 8.09 -5.34
N LEU A 27 15.11 7.01 -5.29
CA LEU A 27 14.14 6.78 -4.22
C LEU A 27 14.25 5.35 -3.69
N VAL A 28 14.14 5.20 -2.38
CA VAL A 28 14.24 3.88 -1.75
C VAL A 28 12.87 3.38 -1.32
N LEU A 29 12.84 2.19 -0.72
CA LEU A 29 11.59 1.60 -0.26
C LEU A 29 11.86 0.43 0.68
N THR A 30 11.11 0.35 1.77
CA THR A 30 11.27 -0.71 2.75
C THR A 30 10.10 -1.68 2.70
N SER A 31 10.40 -2.98 2.73
CA SER A 31 9.36 -4.01 2.67
C SER A 31 8.73 -4.23 4.05
N GLY A 32 7.73 -5.10 4.09
CA GLY A 32 7.05 -5.40 5.34
C GLY A 32 7.97 -5.97 6.38
N GLN A 33 8.49 -5.12 7.25
CA GLN A 33 9.40 -5.54 8.31
C GLN A 33 8.69 -6.46 9.31
N ILE A 34 9.45 -7.35 9.92
CA ILE A 34 8.90 -8.29 10.90
C ILE A 34 9.72 -8.26 12.19
N PRO A 35 9.08 -7.95 13.35
CA PRO A 35 9.77 -7.89 14.64
C PRO A 35 10.26 -9.25 15.13
N VAL A 36 11.10 -9.91 14.34
CA VAL A 36 11.62 -11.22 14.72
C VAL A 36 12.59 -11.08 15.89
N ASN A 37 12.04 -11.08 17.09
CA ASN A 37 12.82 -10.95 18.31
C ASN A 37 14.08 -11.82 18.28
N PRO A 38 15.25 -11.23 18.58
CA PRO A 38 16.51 -11.99 18.60
C PRO A 38 16.56 -12.95 19.77
N ALA A 39 15.60 -12.84 20.68
CA ALA A 39 15.53 -13.68 21.86
C ALA A 39 14.56 -14.85 21.65
N THR A 40 13.49 -14.62 20.89
CA THR A 40 12.52 -15.67 20.65
C THR A 40 12.44 -16.01 19.16
N GLY A 41 12.76 -15.03 18.32
CA GLY A 41 12.72 -15.24 16.89
C GLY A 41 11.33 -15.20 16.31
N GLU A 42 10.65 -14.06 16.48
CA GLU A 42 9.29 -13.92 15.95
C GLU A 42 8.71 -12.55 16.27
N VAL A 43 8.28 -12.35 17.51
CA VAL A 43 7.70 -11.08 17.92
C VAL A 43 7.72 -10.94 19.45
N PRO A 44 8.43 -9.92 19.97
CA PRO A 44 8.53 -9.67 21.41
C PRO A 44 7.16 -9.49 22.05
N ALA A 45 7.00 -10.04 23.26
CA ALA A 45 5.73 -9.93 23.98
C ALA A 45 5.42 -8.48 24.33
N ASP A 46 6.48 -7.71 24.54
CA ASP A 46 6.34 -6.30 24.88
C ASP A 46 5.92 -5.49 23.67
N ILE A 47 4.61 -5.31 23.52
CA ILE A 47 4.04 -4.55 22.42
C ILE A 47 4.85 -3.27 22.16
N VAL A 48 5.42 -2.71 23.22
CA VAL A 48 6.23 -1.50 23.10
C VAL A 48 7.63 -1.83 22.61
N ALA A 49 8.20 -2.90 23.15
CA ALA A 49 9.54 -3.34 22.77
C ALA A 49 9.55 -3.80 21.32
N GLN A 50 8.55 -4.59 20.96
CA GLN A 50 8.43 -5.10 19.59
C GLN A 50 8.14 -3.97 18.62
N ALA A 51 7.49 -2.92 19.13
CA ALA A 51 7.14 -1.77 18.31
C ALA A 51 8.37 -0.94 17.97
N ARG A 52 9.26 -0.77 18.95
CA ARG A 52 10.48 0.00 18.76
C ARG A 52 11.51 -0.82 17.98
N GLN A 53 11.50 -2.13 18.18
CA GLN A 53 12.43 -3.01 17.50
C GLN A 53 12.11 -3.08 16.01
N SER A 54 10.83 -3.17 15.69
CA SER A 54 10.39 -3.25 14.30
C SER A 54 10.75 -1.97 13.54
N LEU A 55 10.62 -0.83 14.22
CA LEU A 55 10.94 0.45 13.61
C LEU A 55 12.45 0.60 13.39
N GLU A 56 13.23 0.15 14.37
CA GLU A 56 14.68 0.23 14.28
C GLU A 56 15.19 -0.54 13.07
N ASN A 57 14.64 -1.74 12.86
CA ASN A 57 15.04 -2.57 11.74
C ASN A 57 14.76 -1.88 10.41
N VAL A 58 13.65 -1.15 10.36
CA VAL A 58 13.27 -0.42 9.16
C VAL A 58 14.30 0.64 8.82
N LYS A 59 14.71 1.40 9.83
CA LYS A 59 15.69 2.46 9.63
C LYS A 59 17.08 1.86 9.40
N ALA A 60 17.35 0.72 10.01
CA ALA A 60 18.64 0.05 9.86
C ALA A 60 18.89 -0.31 8.41
N ILE A 61 17.84 -0.76 7.72
CA ILE A 61 17.96 -1.13 6.31
C ILE A 61 18.18 0.09 5.44
N ILE A 62 17.46 1.17 5.75
CA ILE A 62 17.59 2.41 5.00
C ILE A 62 18.94 3.06 5.26
N GLU A 63 19.43 2.92 6.49
CA GLU A 63 20.71 3.48 6.88
C GLU A 63 21.84 2.74 6.20
N LYS A 64 21.73 1.41 6.17
CA LYS A 64 22.74 0.58 5.53
C LYS A 64 22.75 0.80 4.02
N ALA A 65 21.68 1.41 3.50
CA ALA A 65 21.57 1.68 2.08
C ALA A 65 22.21 3.02 1.74
N GLY A 66 22.12 3.97 2.68
CA GLY A 66 22.69 5.28 2.47
C GLY A 66 21.68 6.41 2.65
N LEU A 67 20.84 6.29 3.66
CA LEU A 67 19.82 7.29 3.94
C LEU A 67 19.50 7.36 5.42
N THR A 68 18.56 8.22 5.77
CA THR A 68 18.15 8.38 7.16
C THR A 68 16.65 8.52 7.28
N ALA A 69 16.13 8.36 8.48
CA ALA A 69 14.69 8.48 8.72
C ALA A 69 14.14 9.79 8.17
N ALA A 70 14.96 10.84 8.25
CA ALA A 70 14.57 12.15 7.75
C ALA A 70 14.28 12.11 6.26
N ASP A 71 14.84 11.12 5.57
CA ASP A 71 14.63 10.97 4.14
C ASP A 71 13.29 10.28 3.85
N ILE A 72 12.75 9.62 4.86
CA ILE A 72 11.48 8.93 4.72
C ILE A 72 10.38 9.88 4.30
N VAL A 73 9.72 9.57 3.19
CA VAL A 73 8.64 10.41 2.68
C VAL A 73 7.29 9.93 3.20
N LYS A 74 7.19 8.64 3.50
CA LYS A 74 5.95 8.06 4.00
C LYS A 74 6.24 6.87 4.91
N THR A 75 5.25 6.44 5.68
CA THR A 75 5.43 5.31 6.59
C THR A 75 4.10 4.64 6.92
N THR A 76 3.94 3.40 6.47
CA THR A 76 2.71 2.64 6.73
C THR A 76 2.93 1.67 7.89
N VAL A 77 1.86 1.34 8.59
CA VAL A 77 1.96 0.43 9.73
C VAL A 77 0.66 -0.34 9.96
N PHE A 78 0.77 -1.66 10.02
CA PHE A 78 -0.38 -2.51 10.26
C PHE A 78 -0.37 -3.05 11.69
N VAL A 79 -1.37 -2.65 12.47
CA VAL A 79 -1.46 -3.08 13.86
C VAL A 79 -2.56 -4.12 14.05
N LYS A 80 -2.34 -5.01 15.01
CA LYS A 80 -3.30 -6.06 15.31
C LYS A 80 -4.41 -5.50 16.21
N ASP A 81 -4.24 -4.25 16.63
CA ASP A 81 -5.21 -3.59 17.49
C ASP A 81 -4.99 -2.08 17.50
N LEU A 82 -6.07 -1.33 17.36
CA LEU A 82 -5.99 0.13 17.35
C LEU A 82 -5.66 0.67 18.74
N ASN A 83 -5.67 -0.20 19.74
CA ASN A 83 -5.37 0.21 21.11
C ASN A 83 -3.87 0.11 21.38
N ASP A 84 -3.18 -0.73 20.62
CA ASP A 84 -1.74 -0.91 20.78
C ASP A 84 -0.98 0.26 20.19
N PHE A 85 -1.61 0.99 19.27
CA PHE A 85 -0.98 2.14 18.63
C PHE A 85 -0.64 3.22 19.65
N ALA A 86 -1.26 3.17 20.83
CA ALA A 86 -1.01 4.15 21.87
C ALA A 86 0.48 4.25 22.19
N ALA A 87 1.15 3.10 22.23
CA ALA A 87 2.59 3.07 22.52
C ALA A 87 3.39 3.22 21.24
N VAL A 88 2.82 2.80 20.12
CA VAL A 88 3.50 2.90 18.84
C VAL A 88 3.53 4.33 18.35
N ASN A 89 2.39 5.01 18.41
CA ASN A 89 2.29 6.40 17.98
C ASN A 89 3.16 7.28 18.87
N ALA A 90 3.15 7.00 20.16
CA ALA A 90 3.94 7.78 21.11
C ALA A 90 5.42 7.72 20.76
N GLU A 91 5.88 6.55 20.35
CA GLU A 91 7.29 6.37 19.97
C GLU A 91 7.49 6.70 18.50
N TYR A 92 6.44 6.51 17.71
CA TYR A 92 6.48 6.79 16.28
C TYR A 92 6.97 8.21 16.02
N GLU A 93 6.44 9.16 16.77
CA GLU A 93 6.82 10.56 16.62
C GLU A 93 8.05 10.88 17.46
N ARG A 94 8.26 10.11 18.52
CA ARG A 94 9.40 10.32 19.40
C ARG A 94 10.71 9.87 18.75
N PHE A 95 10.61 9.00 17.74
CA PHE A 95 11.80 8.51 17.04
C PHE A 95 12.11 9.40 15.84
N PHE A 96 11.06 9.93 15.22
CA PHE A 96 11.24 10.80 14.06
C PHE A 96 12.13 11.97 14.41
N LYS A 97 11.71 12.72 15.41
CA LYS A 97 12.48 13.88 15.86
C LYS A 97 13.82 13.43 16.42
N GLU A 98 13.84 12.23 16.99
CA GLU A 98 15.07 11.68 17.54
C GLU A 98 15.95 11.12 16.42
N ASN A 99 15.39 11.06 15.22
CA ASN A 99 16.11 10.58 14.05
C ASN A 99 16.41 11.73 13.09
N ASN A 100 15.88 12.91 13.42
CA ASN A 100 16.06 14.11 12.60
C ASN A 100 15.04 14.16 11.47
N HIS A 101 13.82 13.74 11.78
CA HIS A 101 12.72 13.74 10.82
C HIS A 101 11.49 14.41 11.42
N PRO A 102 11.54 15.73 11.64
CA PRO A 102 10.43 16.48 12.22
C PRO A 102 9.37 16.87 11.19
N ASN A 103 9.73 16.81 9.90
CA ASN A 103 8.80 17.15 8.84
C ASN A 103 7.57 16.26 8.88
N PHE A 104 7.78 15.00 9.23
CA PHE A 104 6.72 14.01 9.33
C PHE A 104 6.30 13.48 7.96
N PRO A 105 6.54 12.18 7.69
CA PRO A 105 6.20 11.55 6.42
C PRO A 105 4.76 11.03 6.41
N ALA A 106 4.25 10.75 5.21
CA ALA A 106 2.89 10.24 5.09
C ALA A 106 2.76 8.93 5.86
N ARG A 107 1.55 8.38 5.91
CA ARG A 107 1.34 7.14 6.64
C ARG A 107 -0.07 6.58 6.43
N SER A 108 -0.23 5.31 6.77
CA SER A 108 -1.51 4.64 6.63
C SER A 108 -1.64 3.55 7.69
N CYS A 109 -2.05 3.94 8.89
CA CYS A 109 -2.20 2.99 9.99
C CYS A 109 -3.59 2.38 10.02
N VAL A 110 -3.65 1.06 9.96
CA VAL A 110 -4.94 0.35 9.99
C VAL A 110 -4.85 -0.93 10.79
N GLU A 111 -5.96 -1.31 11.41
CA GLU A 111 -6.00 -2.53 12.21
C GLU A 111 -6.22 -3.75 11.33
N VAL A 112 -5.13 -4.44 11.00
CA VAL A 112 -5.20 -5.62 10.15
C VAL A 112 -5.66 -6.84 10.95
N ALA A 113 -6.14 -7.86 10.24
CA ALA A 113 -6.62 -9.07 10.88
C ALA A 113 -5.46 -9.86 11.48
N ARG A 114 -4.38 -10.01 10.71
CA ARG A 114 -3.20 -10.74 11.17
C ARG A 114 -1.95 -10.30 10.41
N LEU A 115 -0.81 -10.85 10.79
CA LEU A 115 0.46 -10.52 10.14
C LEU A 115 1.36 -11.74 10.08
N PRO A 116 2.37 -11.71 9.18
CA PRO A 116 3.32 -12.82 9.03
C PRO A 116 3.92 -13.25 10.36
N LYS A 117 3.99 -14.56 10.58
CA LYS A 117 4.56 -15.11 11.81
C LYS A 117 3.61 -14.89 12.99
N ASP A 118 2.37 -14.54 12.69
CA ASP A 118 1.37 -14.29 13.73
C ASP A 118 1.74 -13.07 14.57
N VAL A 119 2.69 -12.27 14.09
CA VAL A 119 3.13 -11.09 14.81
C VAL A 119 1.96 -10.14 15.06
N GLY A 120 2.21 -9.11 15.86
CA GLY A 120 1.17 -8.14 16.17
C GLY A 120 1.46 -6.78 15.60
N LEU A 121 2.30 -6.72 14.57
CA LEU A 121 2.65 -5.46 13.95
C LEU A 121 3.57 -5.67 12.74
N GLU A 122 3.56 -4.70 11.84
CA GLU A 122 4.38 -4.76 10.63
C GLU A 122 4.77 -3.34 10.20
N ILE A 123 5.86 -3.22 9.45
CA ILE A 123 6.32 -1.91 9.00
C ILE A 123 6.67 -1.91 7.52
N GLU A 124 6.25 -0.86 6.83
CA GLU A 124 6.53 -0.70 5.40
C GLU A 124 6.46 0.78 5.04
N ALA A 125 7.63 1.37 4.81
CA ALA A 125 7.69 2.79 4.49
C ALA A 125 8.51 3.07 3.23
N ILE A 126 8.53 4.34 2.84
CA ILE A 126 9.27 4.77 1.67
C ILE A 126 10.22 5.90 2.03
N ALA A 127 11.25 6.10 1.22
CA ALA A 127 12.22 7.15 1.48
C ALA A 127 12.81 7.70 0.19
N VAL A 128 13.17 8.97 0.21
CA VAL A 128 13.75 9.62 -0.96
C VAL A 128 15.28 9.65 -0.87
N ARG A 129 15.93 9.75 -2.03
CA ARG A 129 17.38 9.79 -2.07
C ARG A 129 17.87 10.57 -3.29
N LYS A 130 17.35 11.79 -3.44
CA LYS A 130 17.73 12.64 -4.56
C LYS A 130 17.37 11.98 -5.89
N MET B 1 11.38 24.12 1.22
CA MET B 1 10.69 22.91 1.70
C MET B 1 10.20 22.05 0.53
N MET B 2 11.15 21.43 -0.17
CA MET B 2 10.81 20.58 -1.31
C MET B 2 10.70 19.12 -0.89
N THR B 3 10.31 18.27 -1.82
CA THR B 3 10.15 16.84 -1.55
C THR B 3 9.10 16.61 -0.47
N GLN B 4 8.01 15.96 -0.86
CA GLN B 4 6.93 15.66 0.06
C GLN B 4 6.28 16.95 0.59
N ILE B 5 5.48 16.81 1.65
CA ILE B 5 4.80 17.94 2.26
C ILE B 5 3.68 18.48 1.36
N ILE B 6 2.45 18.41 1.87
CA ILE B 6 1.29 18.90 1.15
C ILE B 6 0.18 19.34 2.11
N HIS B 7 0.38 20.49 2.75
CA HIS B 7 -0.58 21.01 3.71
C HIS B 7 -1.69 21.80 3.00
N THR B 8 -2.91 21.71 3.54
CA THR B 8 -4.05 22.41 2.96
C THR B 8 -5.06 22.78 4.04
N GLU B 9 -5.82 23.84 3.79
CA GLU B 9 -6.83 24.30 4.75
C GLU B 9 -8.21 23.78 4.36
N LYS B 10 -8.25 22.56 3.84
CA LYS B 10 -9.52 21.94 3.44
C LYS B 10 -9.75 20.64 4.19
N ALA B 11 -8.69 19.87 4.40
CA ALA B 11 -8.78 18.61 5.10
C ALA B 11 -8.53 18.77 6.60
N PRO B 12 -9.58 18.60 7.44
CA PRO B 12 -9.44 18.74 8.89
C PRO B 12 -8.46 17.73 9.48
N ALA B 13 -8.14 16.70 8.71
CA ALA B 13 -7.22 15.66 9.16
C ALA B 13 -5.87 16.26 9.55
N ALA B 14 -4.89 15.39 9.72
CA ALA B 14 -3.54 15.81 10.09
C ALA B 14 -3.52 16.45 11.49
N ILE B 15 -2.43 17.15 11.79
CA ILE B 15 -2.26 17.81 13.08
C ILE B 15 -1.84 16.81 14.15
N GLY B 16 -1.35 15.65 13.72
CA GLY B 16 -0.91 14.62 14.64
C GLY B 16 0.52 14.20 14.38
N PRO B 17 0.80 12.88 14.37
CA PRO B 17 2.15 12.36 14.14
C PRO B 17 2.46 12.15 12.66
N TYR B 18 1.83 12.94 11.79
CA TYR B 18 2.07 12.83 10.36
C TYR B 18 1.59 14.09 9.62
N VAL B 19 1.81 14.11 8.31
CA VAL B 19 1.41 15.25 7.49
C VAL B 19 0.19 14.93 6.65
N GLN B 20 -0.48 15.97 6.15
CA GLN B 20 -1.67 15.78 5.32
C GLN B 20 -1.36 14.89 4.13
N ALA B 21 -0.31 15.25 3.41
CA ALA B 21 0.12 14.49 2.24
C ALA B 21 1.59 14.80 1.92
N VAL B 22 2.07 14.29 0.79
CA VAL B 22 3.45 14.53 0.41
C VAL B 22 3.61 14.65 -1.11
N ASP B 23 4.29 15.71 -1.53
CA ASP B 23 4.52 15.96 -2.95
C ASP B 23 5.98 15.72 -3.32
N LEU B 24 6.25 14.58 -3.96
CA LEU B 24 7.61 14.25 -4.38
C LEU B 24 8.10 15.19 -5.48
N GLY B 25 7.17 15.95 -6.06
CA GLY B 25 7.53 16.88 -7.13
C GLY B 25 6.88 16.48 -8.43
N ASN B 26 7.59 15.71 -9.24
CA ASN B 26 7.05 15.24 -10.50
C ASN B 26 5.81 14.39 -10.26
N LEU B 27 5.79 13.75 -9.09
CA LEU B 27 4.66 12.90 -8.70
C LEU B 27 4.24 13.22 -7.27
N VAL B 28 2.93 13.23 -7.02
CA VAL B 28 2.40 13.52 -5.70
C VAL B 28 1.91 12.25 -5.01
N LEU B 29 1.38 12.40 -3.79
CA LEU B 29 0.88 11.27 -3.03
C LEU B 29 0.03 11.75 -1.85
N THR B 30 -1.10 11.09 -1.63
CA THR B 30 -1.99 11.44 -0.54
C THR B 30 -1.95 10.39 0.57
N SER B 31 -1.88 10.83 1.81
CA SER B 31 -1.83 9.93 2.95
C SER B 31 -3.22 9.42 3.32
N GLY B 32 -3.28 8.54 4.32
CA GLY B 32 -4.55 7.99 4.75
C GLY B 32 -5.49 9.05 5.27
N GLN B 33 -6.37 9.53 4.40
CA GLN B 33 -7.34 10.56 4.77
C GLN B 33 -8.33 10.03 5.80
N ILE B 34 -8.84 10.93 6.64
CA ILE B 34 -9.79 10.56 7.68
C ILE B 34 -11.03 11.48 7.63
N PRO B 35 -12.23 10.90 7.46
CA PRO B 35 -13.48 11.67 7.39
C PRO B 35 -13.86 12.34 8.71
N VAL B 36 -12.97 13.19 9.21
CA VAL B 36 -13.23 13.90 10.45
C VAL B 36 -14.33 14.92 10.27
N ASN B 37 -15.57 14.46 10.40
CA ASN B 37 -16.74 15.32 10.24
C ASN B 37 -16.57 16.66 10.95
N PRO B 38 -16.83 17.78 10.24
CA PRO B 38 -16.72 19.11 10.84
C PRO B 38 -17.83 19.36 11.85
N ALA B 39 -18.80 18.46 11.90
CA ALA B 39 -19.93 18.58 12.81
C ALA B 39 -19.72 17.75 14.07
N THR B 40 -19.05 16.60 13.93
CA THR B 40 -18.80 15.73 15.08
C THR B 40 -17.30 15.59 15.35
N GLY B 41 -16.51 15.72 14.29
CA GLY B 41 -15.08 15.62 14.43
C GLY B 41 -14.59 14.18 14.52
N GLU B 42 -14.87 13.39 13.48
CA GLU B 42 -14.45 11.99 13.48
C GLU B 42 -14.88 11.28 12.20
N VAL B 43 -16.16 10.93 12.13
CA VAL B 43 -16.69 10.22 10.97
C VAL B 43 -18.22 10.35 10.90
N PRO B 44 -18.75 10.96 9.83
CA PRO B 44 -20.20 11.13 9.66
C PRO B 44 -20.94 9.81 9.68
N ALA B 45 -22.11 9.79 10.31
CA ALA B 45 -22.92 8.58 10.39
C ALA B 45 -23.38 8.13 9.00
N ASP B 46 -23.57 9.10 8.13
CA ASP B 46 -24.00 8.83 6.76
C ASP B 46 -22.87 8.23 5.95
N ILE B 47 -22.83 6.91 5.92
CA ILE B 47 -21.82 6.17 5.16
C ILE B 47 -21.58 6.80 3.80
N VAL B 48 -22.64 7.39 3.23
CA VAL B 48 -22.54 8.03 1.93
C VAL B 48 -21.94 9.43 2.06
N ALA B 49 -22.37 10.16 3.08
CA ALA B 49 -21.88 11.51 3.32
C ALA B 49 -20.41 11.47 3.71
N GLN B 50 -20.06 10.54 4.59
CA GLN B 50 -18.69 10.38 5.04
C GLN B 50 -17.81 9.89 3.90
N ALA B 51 -18.42 9.17 2.96
CA ALA B 51 -17.69 8.62 1.81
C ALA B 51 -17.33 9.73 0.83
N ARG B 52 -18.25 10.66 0.61
CA ARG B 52 -18.03 11.77 -0.30
C ARG B 52 -17.13 12.83 0.34
N GLN B 53 -17.25 12.98 1.66
CA GLN B 53 -16.46 13.96 2.38
C GLN B 53 -14.99 13.54 2.42
N SER B 54 -14.75 12.24 2.63
CA SER B 54 -13.39 11.72 2.68
C SER B 54 -12.69 11.89 1.33
N LEU B 55 -13.44 11.67 0.26
CA LEU B 55 -12.90 11.80 -1.09
C LEU B 55 -12.59 13.26 -1.42
N GLU B 56 -13.48 14.16 -1.01
CA GLU B 56 -13.31 15.58 -1.26
C GLU B 56 -12.01 16.08 -0.62
N ASN B 57 -11.77 15.66 0.61
CA ASN B 57 -10.57 16.06 1.34
C ASN B 57 -9.32 15.61 0.61
N VAL B 58 -9.38 14.42 0.01
CA VAL B 58 -8.25 13.87 -0.73
C VAL B 58 -7.91 14.75 -1.93
N LYS B 59 -8.94 15.15 -2.67
CA LYS B 59 -8.75 16.00 -3.85
C LYS B 59 -8.38 17.42 -3.43
N ALA B 60 -8.90 17.85 -2.29
CA ALA B 60 -8.63 19.19 -1.79
C ALA B 60 -7.14 19.38 -1.54
N ILE B 61 -6.50 18.34 -1.02
CA ILE B 61 -5.07 18.39 -0.73
C ILE B 61 -4.26 18.40 -2.02
N ILE B 62 -4.69 17.60 -2.98
CA ILE B 62 -4.01 17.52 -4.27
C ILE B 62 -4.22 18.80 -5.06
N GLU B 63 -5.40 19.39 -4.91
CA GLU B 63 -5.73 20.62 -5.61
C GLU B 63 -4.93 21.78 -5.04
N LYS B 64 -4.82 21.82 -3.72
CA LYS B 64 -4.07 22.87 -3.05
C LYS B 64 -2.58 22.74 -3.34
N ALA B 65 -2.18 21.57 -3.85
CA ALA B 65 -0.78 21.33 -4.19
C ALA B 65 -0.49 21.78 -5.61
N GLY B 66 -1.48 21.64 -6.49
CA GLY B 66 -1.32 22.05 -7.87
C GLY B 66 -1.63 20.93 -8.85
N LEU B 67 -2.70 20.18 -8.58
CA LEU B 67 -3.10 19.09 -9.44
C LEU B 67 -4.61 18.87 -9.38
N THR B 68 -5.08 17.86 -10.10
CA THR B 68 -6.51 17.55 -10.14
C THR B 68 -6.72 16.04 -10.08
N ALA B 69 -7.95 15.63 -9.80
CA ALA B 69 -8.29 14.21 -9.73
C ALA B 69 -7.87 13.48 -10.99
N ALA B 70 -7.96 14.17 -12.12
CA ALA B 70 -7.57 13.59 -13.40
C ALA B 70 -6.10 13.21 -13.42
N ASP B 71 -5.32 13.83 -12.53
CA ASP B 71 -3.89 13.54 -12.44
C ASP B 71 -3.65 12.27 -11.62
N ILE B 72 -4.66 11.87 -10.83
CA ILE B 72 -4.56 10.69 -10.00
C ILE B 72 -4.27 9.45 -10.84
N VAL B 73 -3.20 8.76 -10.51
CA VAL B 73 -2.80 7.56 -11.24
C VAL B 73 -3.37 6.31 -10.57
N LYS B 74 -3.61 6.38 -9.26
CA LYS B 74 -4.15 5.25 -8.52
C LYS B 74 -4.97 5.75 -7.33
N THR B 75 -5.78 4.87 -6.75
CA THR B 75 -6.61 5.25 -5.60
C THR B 75 -6.98 4.03 -4.75
N THR B 76 -6.47 3.98 -3.53
CA THR B 76 -6.76 2.87 -2.62
C THR B 76 -7.84 3.28 -1.62
N VAL B 77 -8.60 2.31 -1.13
CA VAL B 77 -9.67 2.60 -0.17
C VAL B 77 -9.93 1.42 0.75
N PHE B 78 -9.91 1.69 2.05
CA PHE B 78 -10.16 0.66 3.05
C PHE B 78 -11.55 0.84 3.65
N VAL B 79 -12.43 -0.14 3.42
CA VAL B 79 -13.79 -0.09 3.92
C VAL B 79 -13.99 -1.03 5.11
N LYS B 80 -14.88 -0.64 6.01
CA LYS B 80 -15.18 -1.46 7.18
C LYS B 80 -16.18 -2.55 6.80
N ASP B 81 -16.66 -2.50 5.56
CA ASP B 81 -17.62 -3.47 5.06
C ASP B 81 -17.71 -3.42 3.54
N LEU B 82 -17.68 -4.59 2.91
CA LEU B 82 -17.76 -4.68 1.45
C LEU B 82 -19.16 -4.30 0.96
N ASN B 83 -20.10 -4.15 1.88
CA ASN B 83 -21.48 -3.80 1.51
C ASN B 83 -21.64 -2.28 1.44
N ASP B 84 -20.78 -1.56 2.15
CA ASP B 84 -20.84 -0.10 2.17
C ASP B 84 -20.28 0.48 0.87
N PHE B 85 -19.45 -0.30 0.18
CA PHE B 85 -18.84 0.15 -1.06
C PHE B 85 -19.90 0.44 -2.12
N ALA B 86 -21.11 -0.09 -1.92
CA ALA B 86 -22.19 0.13 -2.87
C ALA B 86 -22.41 1.61 -3.13
N ALA B 87 -22.34 2.41 -2.08
CA ALA B 87 -22.54 3.85 -2.19
C ALA B 87 -21.22 4.55 -2.51
N VAL B 88 -20.11 3.95 -2.09
CA VAL B 88 -18.80 4.51 -2.33
C VAL B 88 -18.39 4.34 -3.80
N ASN B 89 -18.57 3.14 -4.31
CA ASN B 89 -18.24 2.86 -5.70
C ASN B 89 -19.11 3.67 -6.64
N ALA B 90 -20.38 3.79 -6.29
CA ALA B 90 -21.33 4.56 -7.11
C ALA B 90 -20.88 6.00 -7.26
N GLU B 91 -20.37 6.57 -6.17
CA GLU B 91 -19.89 7.95 -6.17
C GLU B 91 -18.43 8.01 -6.60
N TYR B 92 -17.70 6.93 -6.32
CA TYR B 92 -16.29 6.82 -6.68
C TYR B 92 -16.07 7.12 -8.16
N GLU B 93 -16.93 6.54 -9.00
CA GLU B 93 -16.83 6.75 -10.44
C GLU B 93 -17.60 7.99 -10.87
N ARG B 94 -18.60 8.37 -10.07
CA ARG B 94 -19.41 9.54 -10.38
C ARG B 94 -18.65 10.84 -10.13
N PHE B 95 -17.60 10.77 -9.30
CA PHE B 95 -16.80 11.94 -9.00
C PHE B 95 -15.64 12.07 -9.97
N PHE B 96 -15.11 10.93 -10.40
CA PHE B 96 -13.99 10.91 -11.33
C PHE B 96 -14.36 11.68 -12.59
N LYS B 97 -15.43 11.25 -13.24
CA LYS B 97 -15.89 11.91 -14.45
C LYS B 97 -16.33 13.33 -14.15
N GLU B 98 -16.83 13.53 -12.93
CA GLU B 98 -17.27 14.86 -12.50
C GLU B 98 -16.06 15.71 -12.11
N ASN B 99 -14.89 15.07 -12.05
CA ASN B 99 -13.65 15.77 -11.71
C ASN B 99 -12.75 15.85 -12.94
N ASN B 100 -13.17 15.21 -14.03
CA ASN B 100 -12.42 15.19 -15.28
C ASN B 100 -11.37 14.09 -15.27
N HIS B 101 -11.74 12.95 -14.69
CA HIS B 101 -10.84 11.80 -14.61
C HIS B 101 -11.56 10.54 -15.08
N PRO B 102 -11.85 10.45 -16.40
CA PRO B 102 -12.55 9.32 -16.98
C PRO B 102 -11.61 8.14 -17.29
N ASN B 103 -10.31 8.41 -17.33
CA ASN B 103 -9.33 7.37 -17.62
C ASN B 103 -9.40 6.26 -16.59
N PHE B 104 -9.66 6.64 -15.34
CA PHE B 104 -9.77 5.70 -14.23
C PHE B 104 -8.39 5.26 -13.73
N PRO B 105 -8.04 5.63 -12.48
CA PRO B 105 -6.75 5.26 -11.88
C PRO B 105 -6.81 3.91 -11.19
N ALA B 106 -5.63 3.34 -10.91
CA ALA B 106 -5.57 2.05 -10.25
C ALA B 106 -6.27 2.13 -8.90
N ARG B 107 -6.37 1.00 -8.20
CA ARG B 107 -7.02 0.99 -6.91
C ARG B 107 -6.88 -0.36 -6.20
N SER B 108 -7.14 -0.35 -4.91
CA SER B 108 -7.07 -1.55 -4.09
C SER B 108 -8.07 -1.47 -2.94
N CYS B 109 -9.31 -1.83 -3.21
CA CYS B 109 -10.36 -1.79 -2.20
C CYS B 109 -10.44 -3.11 -1.43
N VAL B 110 -10.31 -3.02 -0.11
CA VAL B 110 -10.37 -4.20 0.74
C VAL B 110 -11.08 -3.91 2.05
N GLU B 111 -11.75 -4.92 2.60
CA GLU B 111 -12.46 -4.78 3.86
C GLU B 111 -11.51 -4.91 5.04
N VAL B 112 -11.07 -3.77 5.56
CA VAL B 112 -10.14 -3.75 6.70
C VAL B 112 -10.89 -4.01 8.00
N ALA B 113 -10.13 -4.42 9.02
CA ALA B 113 -10.71 -4.70 10.33
C ALA B 113 -11.18 -3.42 11.01
N ARG B 114 -10.34 -2.39 10.97
CA ARG B 114 -10.67 -1.12 11.59
C ARG B 114 -9.87 0.02 10.95
N LEU B 115 -10.13 1.24 11.38
CA LEU B 115 -9.43 2.41 10.86
C LEU B 115 -9.22 3.46 11.95
N PRO B 116 -8.28 4.39 11.75
CA PRO B 116 -7.98 5.44 12.72
C PRO B 116 -9.24 6.19 13.16
N LYS B 117 -9.36 6.43 14.45
CA LYS B 117 -10.52 7.13 15.00
C LYS B 117 -11.77 6.26 14.97
N ASP B 118 -11.57 4.96 14.76
CA ASP B 118 -12.68 4.01 14.70
C ASP B 118 -13.59 4.30 13.50
N VAL B 119 -13.10 5.12 12.57
CA VAL B 119 -13.87 5.46 11.38
C VAL B 119 -14.26 4.21 10.59
N GLY B 120 -15.12 4.39 9.60
CA GLY B 120 -15.56 3.28 8.79
C GLY B 120 -15.06 3.36 7.36
N LEU B 121 -13.99 4.12 7.14
CA LEU B 121 -13.42 4.27 5.82
C LEU B 121 -12.15 5.11 5.86
N GLU B 122 -11.31 4.93 4.84
CA GLU B 122 -10.05 5.65 4.73
C GLU B 122 -9.69 5.85 3.26
N ILE B 123 -8.88 6.86 2.97
CA ILE B 123 -8.48 7.13 1.59
C ILE B 123 -6.98 7.38 1.46
N GLU B 124 -6.39 6.79 0.43
CA GLU B 124 -4.96 6.93 0.17
C GLU B 124 -4.70 6.67 -1.32
N ALA B 125 -4.43 7.74 -2.06
CA ALA B 125 -4.20 7.63 -3.48
C ALA B 125 -2.91 8.31 -3.93
N ILE B 126 -2.59 8.15 -5.21
CA ILE B 126 -1.40 8.75 -5.79
C ILE B 126 -1.78 9.59 -7.01
N ALA B 127 -0.92 10.53 -7.37
CA ALA B 127 -1.17 11.40 -8.51
C ALA B 127 0.12 11.82 -9.19
N VAL B 128 0.05 12.03 -10.50
CA VAL B 128 1.21 12.44 -11.27
C VAL B 128 1.22 13.96 -11.47
N ARG B 129 2.41 14.51 -11.71
CA ARG B 129 2.55 15.94 -11.92
C ARG B 129 3.74 16.24 -12.83
N LYS B 130 3.79 15.58 -13.98
CA LYS B 130 4.87 15.77 -14.94
C LYS B 130 6.21 15.39 -14.32
N MET C 1 -2.01 8.50 -25.25
CA MET C 1 -2.45 7.99 -23.93
C MET C 1 -1.27 7.54 -23.07
N MET C 2 -0.47 8.49 -22.62
CA MET C 2 0.69 8.20 -21.80
C MET C 2 0.35 8.29 -20.32
N THR C 3 1.31 7.93 -19.47
CA THR C 3 1.11 7.98 -18.02
C THR C 3 -0.01 7.04 -17.61
N GLN C 4 0.35 6.01 -16.84
CA GLN C 4 -0.62 5.03 -16.36
C GLN C 4 -1.27 4.28 -17.52
N ILE C 5 -2.36 3.58 -17.23
CA ILE C 5 -3.09 2.81 -18.23
C ILE C 5 -2.29 1.58 -18.67
N ILE C 6 -2.88 0.40 -18.43
CA ILE C 6 -2.26 -0.87 -18.80
C ILE C 6 -3.32 -1.94 -19.04
N HIS C 7 -4.01 -1.84 -20.17
CA HIS C 7 -5.06 -2.80 -20.51
C HIS C 7 -4.47 -4.04 -21.18
N THR C 8 -5.08 -5.19 -20.92
CA THR C 8 -4.61 -6.45 -21.50
C THR C 8 -5.78 -7.42 -21.69
N GLU C 9 -5.64 -8.32 -22.65
CA GLU C 9 -6.69 -9.31 -22.93
C GLU C 9 -6.37 -10.64 -22.25
N LYS C 10 -5.78 -10.57 -21.07
CA LYS C 10 -5.42 -11.76 -20.32
C LYS C 10 -6.10 -11.79 -18.95
N ALA C 11 -6.20 -10.63 -18.33
CA ALA C 11 -6.83 -10.52 -17.03
C ALA C 11 -8.31 -10.17 -17.15
N PRO C 12 -9.20 -11.12 -16.80
CA PRO C 12 -10.65 -10.91 -16.88
C PRO C 12 -11.13 -9.77 -15.98
N ALA C 13 -10.28 -9.39 -15.04
CA ALA C 13 -10.60 -8.31 -14.11
C ALA C 13 -10.93 -7.03 -14.85
N ALA C 14 -10.99 -5.92 -14.11
CA ALA C 14 -11.30 -4.62 -14.69
C ALA C 14 -12.72 -4.58 -15.25
N ILE C 15 -12.99 -3.57 -16.06
CA ILE C 15 -14.31 -3.38 -16.67
C ILE C 15 -15.29 -2.77 -15.68
N GLY C 16 -14.76 -2.17 -14.63
CA GLY C 16 -15.59 -1.54 -13.62
C GLY C 16 -15.21 -0.09 -13.39
N PRO C 17 -15.11 0.36 -12.13
CA PRO C 17 -14.76 1.73 -11.79
C PRO C 17 -13.25 1.95 -11.69
N TYR C 18 -12.48 1.18 -12.45
CA TYR C 18 -11.03 1.32 -12.43
C TYR C 18 -10.40 0.64 -13.66
N VAL C 19 -9.08 0.76 -13.77
CA VAL C 19 -8.35 0.17 -14.89
C VAL C 19 -7.57 -1.07 -14.45
N GLN C 20 -7.18 -1.89 -15.42
CA GLN C 20 -6.42 -3.10 -15.13
C GLN C 20 -5.16 -2.77 -14.34
N ALA C 21 -4.38 -1.84 -14.87
CA ALA C 21 -3.16 -1.41 -14.23
C ALA C 21 -2.76 -0.02 -14.73
N VAL C 22 -1.58 0.45 -14.35
CA VAL C 22 -1.12 1.76 -14.78
C VAL C 22 0.38 1.79 -15.00
N ASP C 23 0.80 2.32 -16.15
CA ASP C 23 2.21 2.41 -16.51
C ASP C 23 2.69 3.87 -16.47
N LEU C 24 3.41 4.22 -15.41
CA LEU C 24 3.93 5.58 -15.27
C LEU C 24 4.99 5.87 -16.32
N GLY C 25 5.47 4.83 -16.99
CA GLY C 25 6.50 4.99 -18.00
C GLY C 25 7.78 4.30 -17.59
N ASN C 26 8.68 5.05 -16.96
CA ASN C 26 9.93 4.48 -16.49
C ASN C 26 9.66 3.38 -15.48
N LEU C 27 8.54 3.51 -14.79
CA LEU C 27 8.12 2.53 -13.79
C LEU C 27 6.65 2.17 -13.98
N VAL C 28 6.32 0.88 -13.80
CA VAL C 28 4.96 0.41 -13.95
C VAL C 28 4.31 0.13 -12.60
N LEU C 29 3.06 -0.32 -12.63
CA LEU C 29 2.33 -0.63 -11.40
C LEU C 29 1.08 -1.45 -11.71
N THR C 30 0.83 -2.47 -10.90
CA THR C 30 -0.34 -3.32 -11.09
C THR C 30 -1.37 -3.08 -9.98
N SER C 31 -2.63 -2.99 -10.38
CA SER C 31 -3.72 -2.76 -9.42
C SER C 31 -4.13 -4.05 -8.73
N GLY C 32 -5.07 -3.94 -7.80
CA GLY C 32 -5.54 -5.11 -7.08
C GLY C 32 -6.18 -6.14 -7.99
N GLN C 33 -5.39 -7.13 -8.39
CA GLN C 33 -5.87 -8.19 -9.27
C GLN C 33 -6.93 -9.03 -8.57
N ILE C 34 -7.84 -9.60 -9.36
CA ILE C 34 -8.91 -10.43 -8.83
C ILE C 34 -8.99 -11.76 -9.57
N PRO C 35 -8.85 -12.90 -8.86
CA PRO C 35 -8.88 -14.23 -9.47
C PRO C 35 -10.26 -14.61 -10.02
N VAL C 36 -10.77 -13.80 -10.95
CA VAL C 36 -12.06 -14.07 -11.56
C VAL C 36 -11.99 -15.30 -12.45
N ASN C 37 -12.17 -16.46 -11.83
CA ASN C 37 -12.12 -17.74 -12.54
C ASN C 37 -12.90 -17.68 -13.85
N PRO C 38 -12.28 -18.12 -14.96
CA PRO C 38 -12.94 -18.13 -16.26
C PRO C 38 -14.03 -19.20 -16.33
N ALA C 39 -14.07 -20.06 -15.30
CA ALA C 39 -15.06 -21.12 -15.24
C ALA C 39 -16.25 -20.74 -14.37
N THR C 40 -16.01 -19.94 -13.34
CA THR C 40 -17.09 -19.52 -12.44
C THR C 40 -17.27 -18.00 -12.48
N GLY C 41 -16.18 -17.29 -12.76
CA GLY C 41 -16.22 -15.85 -12.82
C GLY C 41 -16.20 -15.20 -11.46
N GLU C 42 -15.14 -15.44 -10.70
CA GLU C 42 -15.03 -14.85 -9.36
C GLU C 42 -13.75 -15.29 -8.66
N VAL C 43 -13.72 -16.51 -8.16
CA VAL C 43 -12.55 -17.03 -7.47
C VAL C 43 -12.58 -18.55 -7.40
N PRO C 44 -11.58 -19.23 -8.00
CA PRO C 44 -11.50 -20.69 -7.99
C PRO C 44 -11.48 -21.26 -6.58
N ALA C 45 -12.18 -22.37 -6.39
CA ALA C 45 -12.24 -23.03 -5.08
C ALA C 45 -10.86 -23.51 -4.66
N ASP C 46 -10.05 -23.88 -5.64
CA ASP C 46 -8.70 -24.37 -5.39
C ASP C 46 -7.78 -23.23 -4.97
N ILE C 47 -7.68 -23.03 -3.67
CA ILE C 47 -6.82 -21.98 -3.11
C ILE C 47 -5.49 -21.91 -3.83
N VAL C 48 -5.01 -23.06 -4.31
CA VAL C 48 -3.75 -23.12 -5.03
C VAL C 48 -3.93 -22.69 -6.48
N ALA C 49 -5.02 -23.15 -7.10
CA ALA C 49 -5.31 -22.81 -8.48
C ALA C 49 -5.61 -21.32 -8.61
N GLN C 50 -6.41 -20.81 -7.68
CA GLN C 50 -6.76 -19.40 -7.67
C GLN C 50 -5.55 -18.54 -7.35
N ALA C 51 -4.61 -19.12 -6.61
CA ALA C 51 -3.39 -18.41 -6.23
C ALA C 51 -2.46 -18.24 -7.43
N ARG C 52 -2.36 -19.29 -8.24
CA ARG C 52 -1.50 -19.25 -9.42
C ARG C 52 -2.16 -18.45 -10.54
N GLN C 53 -3.49 -18.50 -10.60
CA GLN C 53 -4.23 -17.77 -11.62
C GLN C 53 -4.16 -16.27 -11.39
N SER C 54 -4.27 -15.87 -10.12
CA SER C 54 -4.20 -14.46 -9.77
C SER C 54 -2.84 -13.87 -10.09
N LEU C 55 -1.80 -14.66 -9.85
CA LEU C 55 -0.43 -14.22 -10.12
C LEU C 55 -0.18 -14.10 -11.62
N GLU C 56 -0.70 -15.07 -12.37
CA GLU C 56 -0.53 -15.08 -13.83
C GLU C 56 -1.13 -13.82 -14.44
N ASN C 57 -2.32 -13.45 -13.98
CA ASN C 57 -3.00 -12.26 -14.49
C ASN C 57 -2.16 -11.01 -14.24
N VAL C 58 -1.50 -10.97 -13.08
CA VAL C 58 -0.66 -9.84 -12.72
C VAL C 58 0.49 -9.68 -13.70
N LYS C 59 1.16 -10.79 -14.01
CA LYS C 59 2.28 -10.78 -14.94
C LYS C 59 1.79 -10.55 -16.37
N ALA C 60 0.60 -11.06 -16.67
CA ALA C 60 0.03 -10.91 -18.01
C ALA C 60 -0.15 -9.43 -18.36
N ILE C 61 -0.56 -8.64 -17.37
CA ILE C 61 -0.76 -7.21 -17.58
C ILE C 61 0.57 -6.50 -17.76
N ILE C 62 1.56 -6.90 -16.96
CA ILE C 62 2.89 -6.30 -17.04
C ILE C 62 3.58 -6.72 -18.33
N GLU C 63 3.32 -7.95 -18.76
CA GLU C 63 3.92 -8.47 -19.98
C GLU C 63 3.32 -7.77 -21.20
N LYS C 64 2.02 -7.57 -21.18
CA LYS C 64 1.32 -6.91 -22.28
C LYS C 64 1.72 -5.43 -22.34
N ALA C 65 2.33 -4.93 -21.27
CA ALA C 65 2.77 -3.55 -21.21
C ALA C 65 4.18 -3.41 -21.77
N GLY C 66 4.99 -4.44 -21.56
CA GLY C 66 6.36 -4.42 -22.06
C GLY C 66 7.38 -4.67 -20.97
N LEU C 67 7.09 -5.62 -20.08
CA LEU C 67 8.00 -5.95 -18.99
C LEU C 67 7.86 -7.42 -18.60
N THR C 68 8.61 -7.81 -17.58
CA THR C 68 8.58 -9.19 -17.10
C THR C 68 8.61 -9.23 -15.57
N ALA C 69 8.27 -10.38 -15.01
CA ALA C 69 8.27 -10.54 -13.56
C ALA C 69 9.60 -10.12 -12.96
N ALA C 70 10.68 -10.37 -13.69
CA ALA C 70 12.02 -10.01 -13.24
C ALA C 70 12.15 -8.51 -13.03
N ASP C 71 11.28 -7.74 -13.69
CA ASP C 71 11.29 -6.29 -13.57
C ASP C 71 10.57 -5.85 -12.30
N ILE C 72 9.75 -6.74 -11.75
CA ILE C 72 9.00 -6.45 -10.54
C ILE C 72 9.93 -6.08 -9.40
N VAL C 73 9.72 -4.90 -8.82
CA VAL C 73 10.54 -4.43 -7.71
C VAL C 73 9.93 -4.80 -6.36
N LYS C 74 8.60 -4.94 -6.34
CA LYS C 74 7.90 -5.30 -5.12
C LYS C 74 6.63 -6.09 -5.45
N THR C 75 6.05 -6.74 -4.44
CA THR C 75 4.83 -7.52 -4.66
C THR C 75 4.04 -7.70 -3.36
N THR C 76 2.85 -7.09 -3.30
CA THR C 76 2.00 -7.19 -2.13
C THR C 76 0.92 -8.24 -2.35
N VAL C 77 0.43 -8.84 -1.26
CA VAL C 77 -0.61 -9.86 -1.38
C VAL C 77 -1.47 -9.93 -0.12
N PHE C 78 -2.78 -9.84 -0.32
CA PHE C 78 -3.73 -9.91 0.79
C PHE C 78 -4.43 -11.26 0.82
N VAL C 79 -4.18 -12.02 1.88
CA VAL C 79 -4.78 -13.35 2.02
C VAL C 79 -5.90 -13.35 3.04
N LYS C 80 -6.89 -14.21 2.82
CA LYS C 80 -8.02 -14.34 3.72
C LYS C 80 -7.64 -15.22 4.91
N ASP C 81 -6.43 -15.78 4.86
CA ASP C 81 -5.94 -16.65 5.92
C ASP C 81 -4.44 -16.84 5.79
N LEU C 82 -3.73 -16.73 6.92
CA LEU C 82 -2.28 -16.90 6.93
C LEU C 82 -1.89 -18.36 6.71
N ASN C 83 -2.88 -19.25 6.73
CA ASN C 83 -2.62 -20.67 6.52
C ASN C 83 -2.65 -21.03 5.03
N ASP C 84 -3.36 -20.21 4.26
CA ASP C 84 -3.47 -20.44 2.82
C ASP C 84 -2.18 -20.04 2.10
N PHE C 85 -1.39 -19.17 2.73
CA PHE C 85 -0.14 -18.71 2.14
C PHE C 85 0.82 -19.87 1.93
N ALA C 86 0.59 -20.99 2.60
CA ALA C 86 1.46 -22.16 2.48
C ALA C 86 1.61 -22.57 1.02
N ALA C 87 0.51 -22.52 0.28
CA ALA C 87 0.52 -22.89 -1.13
C ALA C 87 0.88 -21.69 -2.00
N VAL C 88 0.56 -20.50 -1.51
CA VAL C 88 0.86 -19.27 -2.26
C VAL C 88 2.34 -18.96 -2.22
N ASN C 89 2.93 -19.03 -1.03
CA ASN C 89 4.35 -18.76 -0.86
C ASN C 89 5.18 -19.79 -1.62
N ALA C 90 4.74 -21.04 -1.56
CA ALA C 90 5.45 -22.13 -2.24
C ALA C 90 5.52 -21.87 -3.74
N GLU C 91 4.44 -21.35 -4.31
CA GLU C 91 4.39 -21.04 -5.73
C GLU C 91 4.91 -19.62 -5.99
N TYR C 92 4.76 -18.75 -5.00
CA TYR C 92 5.20 -17.37 -5.08
C TYR C 92 6.67 -17.30 -5.49
N GLU C 93 7.49 -18.13 -4.86
CA GLU C 93 8.91 -18.17 -5.16
C GLU C 93 9.21 -19.11 -6.32
N ARG C 94 8.33 -20.09 -6.53
CA ARG C 94 8.50 -21.05 -7.61
C ARG C 94 8.21 -20.42 -8.97
N PHE C 95 7.47 -19.32 -8.98
CA PHE C 95 7.13 -18.65 -10.23
C PHE C 95 8.17 -17.58 -10.55
N PHE C 96 8.71 -16.95 -9.51
CA PHE C 96 9.72 -15.92 -9.68
C PHE C 96 10.89 -16.46 -10.47
N LYS C 97 11.50 -17.51 -9.95
CA LYS C 97 12.64 -18.13 -10.62
C LYS C 97 12.21 -18.71 -11.96
N GLU C 98 10.94 -19.15 -12.02
CA GLU C 98 10.41 -19.70 -13.26
C GLU C 98 10.05 -18.58 -14.23
N ASN C 99 10.10 -17.34 -13.73
CA ASN C 99 9.80 -16.17 -14.56
C ASN C 99 11.07 -15.37 -14.82
N ASN C 100 12.17 -15.79 -14.20
CA ASN C 100 13.47 -15.13 -14.34
C ASN C 100 13.59 -13.97 -13.38
N HIS C 101 13.07 -14.16 -12.16
CA HIS C 101 13.12 -13.13 -11.13
C HIS C 101 13.63 -13.73 -9.82
N PRO C 102 14.92 -14.11 -9.77
CA PRO C 102 15.52 -14.70 -8.60
C PRO C 102 15.97 -13.67 -7.56
N ASN C 103 16.09 -12.41 -7.99
CA ASN C 103 16.50 -11.34 -7.10
C ASN C 103 15.53 -11.21 -5.92
N PHE C 104 14.25 -11.41 -6.20
CA PHE C 104 13.19 -11.33 -5.21
C PHE C 104 12.81 -9.88 -4.90
N PRO C 105 11.57 -9.49 -5.24
CA PRO C 105 11.07 -8.13 -5.00
C PRO C 105 10.47 -7.97 -3.62
N ALA C 106 10.31 -6.72 -3.17
CA ALA C 106 9.73 -6.46 -1.87
C ALA C 106 8.34 -7.06 -1.78
N ARG C 107 7.71 -6.98 -0.62
CA ARG C 107 6.38 -7.54 -0.46
C ARG C 107 5.77 -7.19 0.90
N SER C 108 4.46 -7.35 0.99
CA SER C 108 3.72 -7.08 2.22
C SER C 108 2.51 -7.99 2.32
N CYS C 109 2.72 -9.20 2.82
CA CYS C 109 1.64 -10.18 2.95
C CYS C 109 0.96 -10.04 4.31
N VAL C 110 -0.35 -9.83 4.28
CA VAL C 110 -1.14 -9.69 5.50
C VAL C 110 -2.51 -10.34 5.37
N GLU C 111 -3.04 -10.83 6.49
CA GLU C 111 -4.35 -11.47 6.49
C GLU C 111 -5.46 -10.43 6.57
N VAL C 112 -6.02 -10.09 5.41
CA VAL C 112 -7.09 -9.11 5.34
C VAL C 112 -8.43 -9.72 5.76
N ALA C 113 -9.38 -8.86 6.12
CA ALA C 113 -10.69 -9.31 6.54
C ALA C 113 -11.47 -9.88 5.37
N ARG C 114 -11.45 -9.18 4.24
CA ARG C 114 -12.15 -9.63 3.04
C ARG C 114 -11.55 -9.01 1.79
N LEU C 115 -12.07 -9.39 0.64
CA LEU C 115 -11.57 -8.88 -0.64
C LEU C 115 -12.71 -8.73 -1.64
N PRO C 116 -12.51 -7.90 -2.69
CA PRO C 116 -13.52 -7.69 -3.72
C PRO C 116 -14.08 -8.99 -4.29
N LYS C 117 -15.39 -9.05 -4.44
CA LYS C 117 -16.05 -10.25 -4.96
C LYS C 117 -16.04 -11.38 -3.94
N ASP C 118 -15.74 -11.04 -2.69
CA ASP C 118 -15.69 -12.03 -1.63
C ASP C 118 -14.57 -13.04 -1.86
N VAL C 119 -13.65 -12.72 -2.77
CA VAL C 119 -12.54 -13.60 -3.08
C VAL C 119 -11.71 -13.90 -1.83
N GLY C 120 -10.77 -14.83 -1.95
CA GLY C 120 -9.93 -15.19 -0.83
C GLY C 120 -8.48 -14.80 -1.06
N LEU C 121 -8.25 -13.84 -1.95
CA LEU C 121 -6.90 -13.39 -2.25
C LEU C 121 -6.91 -12.22 -3.23
N GLU C 122 -5.84 -11.45 -3.20
CA GLU C 122 -5.69 -10.29 -4.09
C GLU C 122 -4.23 -10.05 -4.40
N ILE C 123 -3.95 -9.38 -5.51
CA ILE C 123 -2.56 -9.12 -5.90
C ILE C 123 -2.36 -7.67 -6.34
N GLU C 124 -1.27 -7.08 -5.88
CA GLU C 124 -0.92 -5.70 -6.22
C GLU C 124 0.59 -5.52 -6.08
N ALA C 125 1.27 -5.42 -7.20
CA ALA C 125 2.72 -5.27 -7.19
C ALA C 125 3.20 -4.10 -8.05
N ILE C 126 4.50 -3.86 -8.00
CA ILE C 126 5.12 -2.79 -8.78
C ILE C 126 6.25 -3.34 -9.62
N ALA C 127 6.61 -2.63 -10.68
CA ALA C 127 7.68 -3.07 -11.56
C ALA C 127 8.41 -1.88 -12.19
N VAL C 128 9.70 -2.07 -12.45
CA VAL C 128 10.52 -1.02 -13.04
C VAL C 128 10.62 -1.19 -14.56
N ARG C 129 10.90 -0.11 -15.26
CA ARG C 129 11.03 -0.15 -16.71
C ARG C 129 11.99 0.94 -17.20
N LYS C 130 13.18 0.98 -16.61
CA LYS C 130 14.18 1.97 -16.98
C LYS C 130 13.67 3.38 -16.74
N MET A 1 23.61 1.57 -10.65
CA MET A 1 22.47 1.64 -11.61
C MET A 1 21.15 1.76 -10.88
N MET A 2 20.08 2.03 -11.63
CA MET A 2 18.75 2.18 -11.05
C MET A 2 18.31 0.88 -10.37
N THR A 3 17.59 1.02 -9.26
CA THR A 3 17.11 -0.14 -8.52
C THR A 3 18.28 -0.98 -8.01
N GLN A 4 18.43 -1.03 -6.69
CA GLN A 4 19.51 -1.80 -6.07
C GLN A 4 18.98 -2.67 -4.94
N ILE A 5 19.06 -3.98 -5.13
CA ILE A 5 18.59 -4.92 -4.13
C ILE A 5 19.21 -4.65 -2.77
N ILE A 6 18.38 -4.63 -1.73
CA ILE A 6 18.85 -4.37 -0.37
C ILE A 6 19.02 -5.67 0.41
N HIS A 7 20.06 -5.72 1.25
CA HIS A 7 20.34 -6.90 2.04
C HIS A 7 21.37 -6.59 3.13
N THR A 8 20.92 -6.51 4.36
CA THR A 8 21.81 -6.22 5.48
C THR A 8 21.71 -7.29 6.57
N GLU A 9 22.62 -7.25 7.52
CA GLU A 9 22.63 -8.22 8.61
C GLU A 9 22.01 -7.63 9.87
N LYS A 10 21.06 -6.71 9.68
CA LYS A 10 20.38 -6.07 10.80
C LYS A 10 18.88 -6.37 10.77
N ALA A 11 18.30 -6.34 9.58
CA ALA A 11 16.88 -6.61 9.40
C ALA A 11 16.58 -8.09 9.61
N PRO A 12 15.28 -8.46 9.53
CA PRO A 12 14.84 -9.85 9.71
C PRO A 12 15.36 -10.78 8.62
N ALA A 13 15.92 -10.19 7.56
CA ALA A 13 16.46 -10.97 6.45
C ALA A 13 15.34 -11.68 5.69
N ALA A 14 15.56 -11.90 4.40
CA ALA A 14 14.57 -12.57 3.56
C ALA A 14 15.10 -13.92 3.08
N ILE A 15 14.36 -14.97 3.39
CA ILE A 15 14.72 -16.32 2.98
C ILE A 15 13.61 -16.97 2.17
N GLY A 16 12.69 -16.14 1.68
CA GLY A 16 11.59 -16.63 0.89
C GLY A 16 11.47 -15.94 -0.45
N PRO A 17 10.26 -15.47 -0.83
CA PRO A 17 10.04 -14.80 -2.10
C PRO A 17 10.23 -13.29 -2.03
N TYR A 18 10.95 -12.81 -1.02
CA TYR A 18 11.18 -11.38 -0.88
C TYR A 18 12.60 -11.08 -0.43
N VAL A 19 12.91 -9.79 -0.29
CA VAL A 19 14.25 -9.36 0.14
C VAL A 19 14.14 -8.30 1.22
N GLN A 20 15.29 -7.80 1.68
CA GLN A 20 15.32 -6.78 2.73
C GLN A 20 14.57 -5.54 2.29
N ALA A 21 14.88 -5.06 1.08
CA ALA A 21 14.24 -3.87 0.54
C ALA A 21 14.74 -3.59 -0.88
N VAL A 22 14.33 -2.45 -1.42
CA VAL A 22 14.75 -2.07 -2.77
C VAL A 22 15.02 -0.57 -2.85
N ASP A 23 16.15 -0.21 -3.46
CA ASP A 23 16.51 1.19 -3.60
C ASP A 23 16.52 1.60 -5.07
N LEU A 24 15.56 2.42 -5.45
CA LEU A 24 15.45 2.89 -6.84
C LEU A 24 16.40 4.05 -7.10
N GLY A 25 16.93 4.64 -6.03
CA GLY A 25 17.84 5.75 -6.18
C GLY A 25 17.33 6.99 -5.46
N ASN A 26 16.74 7.90 -6.21
CA ASN A 26 16.17 9.12 -5.62
C ASN A 26 15.15 8.75 -4.57
N LEU A 27 14.50 7.61 -4.77
CA LEU A 27 13.48 7.12 -3.84
C LEU A 27 13.75 5.65 -3.47
N VAL A 28 13.50 5.31 -2.22
CA VAL A 28 13.73 3.95 -1.73
C VAL A 28 12.47 3.38 -1.08
N LEU A 29 12.25 2.09 -1.27
CA LEU A 29 11.09 1.42 -0.69
C LEU A 29 11.51 0.34 0.30
N THR A 30 10.70 0.15 1.34
CA THR A 30 11.00 -0.86 2.35
C THR A 30 9.83 -1.84 2.50
N SER A 31 10.14 -3.05 2.98
CA SER A 31 9.13 -4.08 3.17
C SER A 31 8.55 -4.03 4.58
N GLY A 32 7.45 -4.73 4.80
CA GLY A 32 6.82 -4.76 6.10
C GLY A 32 7.71 -5.40 7.15
N GLN A 33 8.46 -4.57 7.87
CA GLN A 33 9.36 -5.05 8.90
C GLN A 33 8.60 -5.83 9.97
N ILE A 34 9.28 -6.80 10.59
CA ILE A 34 8.67 -7.63 11.62
C ILE A 34 9.60 -7.76 12.83
N PRO A 35 9.06 -7.61 14.05
CA PRO A 35 9.84 -7.72 15.29
C PRO A 35 10.35 -9.13 15.56
N VAL A 36 11.07 -9.69 14.60
CA VAL A 36 11.61 -11.03 14.74
C VAL A 36 12.60 -11.08 15.90
N ASN A 37 12.07 -11.31 17.09
CA ASN A 37 12.86 -11.38 18.31
C ASN A 37 14.21 -12.08 18.08
N PRO A 38 15.32 -11.45 18.50
CA PRO A 38 16.65 -12.03 18.34
C PRO A 38 16.84 -13.26 19.23
N ALA A 39 15.91 -13.47 20.15
CA ALA A 39 15.99 -14.58 21.08
C ALA A 39 15.04 -15.72 20.69
N THR A 40 13.91 -15.38 20.07
CA THR A 40 12.94 -16.39 19.67
C THR A 40 12.66 -16.33 18.16
N GLY A 41 12.85 -15.16 17.58
CA GLY A 41 12.62 -14.99 16.16
C GLY A 41 11.14 -15.03 15.82
N GLU A 42 10.36 -14.13 16.40
CA GLU A 42 8.93 -14.10 16.15
C GLU A 42 8.35 -12.70 16.38
N VAL A 43 8.23 -12.32 17.64
CA VAL A 43 7.69 -11.02 18.00
C VAL A 43 7.55 -10.88 19.52
N PRO A 44 8.28 -9.93 20.14
CA PRO A 44 8.22 -9.71 21.59
C PRO A 44 6.78 -9.55 22.09
N ALA A 45 6.49 -10.14 23.25
CA ALA A 45 5.16 -10.05 23.83
C ALA A 45 4.76 -8.61 24.08
N ASP A 46 5.76 -7.77 24.37
CA ASP A 46 5.52 -6.36 24.64
C ASP A 46 5.23 -5.61 23.36
N ILE A 47 3.96 -5.46 23.06
CA ILE A 47 3.51 -4.75 21.86
C ILE A 47 4.31 -3.47 21.63
N VAL A 48 4.74 -2.84 22.73
CA VAL A 48 5.51 -1.61 22.64
C VAL A 48 6.97 -1.92 22.32
N ALA A 49 7.52 -2.91 23.02
CA ALA A 49 8.91 -3.32 22.81
C ALA A 49 9.10 -3.84 21.39
N GLN A 50 8.20 -4.73 20.98
CA GLN A 50 8.26 -5.31 19.64
C GLN A 50 8.12 -4.22 18.58
N ALA A 51 7.40 -3.16 18.93
CA ALA A 51 7.18 -2.04 18.02
C ALA A 51 8.44 -1.19 17.91
N ARG A 52 9.12 -1.00 19.03
CA ARG A 52 10.34 -0.20 19.05
C ARG A 52 11.42 -0.84 18.19
N GLN A 53 11.63 -2.13 18.37
CA GLN A 53 12.63 -2.87 17.61
C GLN A 53 12.27 -2.89 16.13
N SER A 54 10.97 -2.94 15.84
CA SER A 54 10.49 -2.96 14.46
C SER A 54 10.80 -1.65 13.77
N LEU A 55 10.81 -0.56 14.54
CA LEU A 55 11.10 0.76 14.00
C LEU A 55 12.56 0.87 13.58
N GLU A 56 13.46 0.49 14.48
CA GLU A 56 14.89 0.54 14.20
C GLU A 56 15.24 -0.29 12.98
N ASN A 57 14.62 -1.47 12.88
CA ASN A 57 14.87 -2.36 11.75
C ASN A 57 14.61 -1.66 10.43
N VAL A 58 13.58 -0.83 10.40
CA VAL A 58 13.23 -0.07 9.21
C VAL A 58 14.33 0.92 8.86
N LYS A 59 15.08 1.34 9.87
CA LYS A 59 16.17 2.29 9.67
C LYS A 59 17.44 1.57 9.22
N ALA A 60 17.68 0.40 9.80
CA ALA A 60 18.87 -0.38 9.46
C ALA A 60 18.90 -0.71 7.97
N ILE A 61 17.74 -1.03 7.42
CA ILE A 61 17.64 -1.37 6.01
C ILE A 61 17.89 -0.13 5.15
N ILE A 62 17.15 0.94 5.42
CA ILE A 62 17.30 2.18 4.68
C ILE A 62 18.68 2.78 4.90
N GLU A 63 19.26 2.50 6.07
CA GLU A 63 20.58 3.02 6.40
C GLU A 63 21.65 2.24 5.65
N LYS A 64 21.50 0.93 5.61
CA LYS A 64 22.45 0.07 4.92
C LYS A 64 22.40 0.31 3.41
N ALA A 65 21.32 0.96 2.96
CA ALA A 65 21.16 1.24 1.54
C ALA A 65 21.80 2.59 1.19
N GLY A 66 21.85 3.49 2.17
CA GLY A 66 22.45 4.79 1.95
C GLY A 66 21.44 5.92 2.09
N LEU A 67 20.61 5.84 3.13
CA LEU A 67 19.61 6.86 3.37
C LEU A 67 19.32 6.99 4.87
N THR A 68 18.25 7.69 5.20
CA THR A 68 17.85 7.90 6.58
C THR A 68 16.34 8.04 6.69
N ALA A 69 15.81 7.72 7.87
CA ALA A 69 14.36 7.83 8.10
C ALA A 69 13.87 9.25 7.86
N ALA A 70 14.70 10.22 8.22
CA ALA A 70 14.36 11.63 8.05
C ALA A 70 13.90 11.91 6.62
N ASP A 71 14.36 11.09 5.68
CA ASP A 71 14.00 11.24 4.28
C ASP A 71 12.64 10.61 3.96
N ILE A 72 12.25 9.63 4.79
CA ILE A 72 10.97 8.93 4.61
C ILE A 72 9.84 9.92 4.30
N VAL A 73 9.23 9.73 3.14
CA VAL A 73 8.13 10.60 2.70
C VAL A 73 6.77 10.06 3.17
N LYS A 74 6.61 8.74 3.14
CA LYS A 74 5.35 8.12 3.55
C LYS A 74 5.62 6.88 4.40
N THR A 75 4.65 6.52 5.25
CA THR A 75 4.79 5.34 6.10
C THR A 75 3.46 4.61 6.27
N THR A 76 3.55 3.31 6.50
CA THR A 76 2.37 2.47 6.70
C THR A 76 2.56 1.57 7.91
N VAL A 77 1.48 1.35 8.66
CA VAL A 77 1.56 0.51 9.85
C VAL A 77 0.30 -0.32 10.04
N PHE A 78 0.41 -1.62 9.77
CA PHE A 78 -0.72 -2.53 9.91
C PHE A 78 -0.79 -3.06 11.35
N VAL A 79 -1.75 -2.56 12.11
CA VAL A 79 -1.92 -2.98 13.50
C VAL A 79 -3.07 -3.96 13.65
N LYS A 80 -2.98 -4.81 14.66
CA LYS A 80 -4.02 -5.78 14.94
C LYS A 80 -4.96 -5.24 16.01
N ASP A 81 -4.64 -4.05 16.52
CA ASP A 81 -5.46 -3.41 17.54
C ASP A 81 -5.29 -1.89 17.48
N LEU A 82 -6.36 -1.19 17.12
CA LEU A 82 -6.33 0.27 17.03
C LEU A 82 -6.11 0.89 18.40
N ASN A 83 -6.26 0.09 19.45
CA ASN A 83 -6.07 0.58 20.81
C ASN A 83 -4.59 0.60 21.19
N ASP A 84 -3.80 -0.22 20.49
CA ASP A 84 -2.37 -0.29 20.76
C ASP A 84 -1.62 0.85 20.08
N PHE A 85 -2.22 1.40 19.02
CA PHE A 85 -1.61 2.49 18.28
C PHE A 85 -1.29 3.68 19.19
N ALA A 86 -2.01 3.77 20.31
CA ALA A 86 -1.80 4.86 21.26
C ALA A 86 -0.37 4.88 21.76
N ALA A 87 0.21 3.70 21.96
CA ALA A 87 1.58 3.58 22.44
C ALA A 87 2.57 3.64 21.29
N VAL A 88 2.22 3.01 20.17
CA VAL A 88 3.09 2.98 19.00
C VAL A 88 3.16 4.37 18.35
N ASN A 89 2.04 5.09 18.37
CA ASN A 89 1.98 6.42 17.78
C ASN A 89 2.81 7.41 18.59
N ALA A 90 2.68 7.32 19.92
CA ALA A 90 3.42 8.21 20.81
C ALA A 90 4.91 7.94 20.75
N GLU A 91 5.27 6.67 20.52
CA GLU A 91 6.67 6.27 20.44
C GLU A 91 7.21 6.46 19.02
N TYR A 92 6.32 6.46 18.04
CA TYR A 92 6.71 6.62 16.65
C TYR A 92 7.02 8.08 16.31
N GLU A 93 6.40 9.00 17.04
CA GLU A 93 6.61 10.43 16.80
C GLU A 93 7.76 10.98 17.62
N ARG A 94 7.88 10.53 18.88
CA ARG A 94 8.93 11.01 19.76
C ARG A 94 10.31 10.56 19.29
N PHE A 95 10.36 9.49 18.51
CA PHE A 95 11.63 8.97 18.01
C PHE A 95 11.97 9.60 16.66
N PHE A 96 10.94 9.89 15.88
CA PHE A 96 11.13 10.50 14.57
C PHE A 96 11.82 11.84 14.71
N LYS A 97 11.20 12.74 15.47
CA LYS A 97 11.76 14.06 15.69
C LYS A 97 13.08 13.94 16.45
N GLU A 98 13.21 12.89 17.24
CA GLU A 98 14.43 12.66 17.99
C GLU A 98 15.52 12.08 17.10
N ASN A 99 15.13 11.69 15.88
CA ASN A 99 16.07 11.13 14.92
C ASN A 99 16.27 12.10 13.76
N ASN A 100 15.47 13.18 13.76
CA ASN A 100 15.52 14.21 12.71
C ASN A 100 14.49 13.93 11.63
N HIS A 101 13.32 13.44 12.04
CA HIS A 101 12.24 13.14 11.12
C HIS A 101 11.01 14.00 11.42
N PRO A 102 11.19 15.32 11.52
CA PRO A 102 10.09 16.25 11.82
C PRO A 102 9.12 16.41 10.64
N ASN A 103 9.60 16.10 9.43
CA ASN A 103 8.78 16.21 8.24
C ASN A 103 7.48 15.43 8.41
N PHE A 104 7.55 14.34 9.15
CA PHE A 104 6.38 13.50 9.41
C PHE A 104 5.82 12.93 8.11
N PRO A 105 6.38 11.82 7.62
CA PRO A 105 5.92 11.18 6.38
C PRO A 105 4.45 10.79 6.45
N ALA A 106 3.83 10.61 5.29
CA ALA A 106 2.42 10.24 5.23
C ALA A 106 2.15 9.03 6.13
N ARG A 107 0.87 8.72 6.33
CA ARG A 107 0.49 7.60 7.18
C ARG A 107 -0.57 6.73 6.51
N SER A 108 -0.50 5.44 6.77
CA SER A 108 -1.46 4.48 6.21
C SER A 108 -1.61 3.28 7.13
N CYS A 109 -2.02 3.53 8.36
CA CYS A 109 -2.19 2.47 9.35
C CYS A 109 -3.65 2.02 9.41
N VAL A 110 -3.85 0.72 9.59
CA VAL A 110 -5.20 0.16 9.67
C VAL A 110 -5.23 -1.05 10.61
N GLU A 111 -6.40 -1.31 11.18
CA GLU A 111 -6.58 -2.43 12.08
C GLU A 111 -6.76 -3.73 11.32
N VAL A 112 -5.66 -4.34 10.90
CA VAL A 112 -5.70 -5.59 10.16
C VAL A 112 -6.13 -6.76 11.06
N ALA A 113 -6.58 -7.83 10.43
CA ALA A 113 -7.00 -9.02 11.18
C ALA A 113 -5.83 -9.70 11.87
N ARG A 114 -4.79 -10.00 11.09
CA ARG A 114 -3.61 -10.66 11.64
C ARG A 114 -2.36 -10.30 10.83
N LEU A 115 -1.23 -10.86 11.22
CA LEU A 115 0.03 -10.59 10.54
C LEU A 115 1.00 -11.76 10.70
N PRO A 116 2.00 -11.88 9.82
CA PRO A 116 2.98 -12.96 9.88
C PRO A 116 3.63 -13.09 11.25
N LYS A 117 3.84 -14.32 11.69
CA LYS A 117 4.44 -14.59 13.00
C LYS A 117 3.53 -14.15 14.14
N ASP A 118 2.27 -13.87 13.82
CA ASP A 118 1.30 -13.44 14.82
C ASP A 118 1.79 -12.17 15.54
N VAL A 119 2.72 -11.46 14.90
CA VAL A 119 3.26 -10.23 15.47
C VAL A 119 2.15 -9.27 15.85
N GLY A 120 1.26 -9.08 14.91
CA GLY A 120 0.17 -8.17 15.11
C GLY A 120 0.53 -6.76 14.66
N LEU A 121 1.80 -6.56 14.31
CA LEU A 121 2.27 -5.26 13.86
C LEU A 121 3.25 -5.40 12.70
N GLU A 122 3.23 -4.43 11.81
CA GLU A 122 4.11 -4.41 10.64
C GLU A 122 4.45 -2.98 10.28
N ILE A 123 5.62 -2.77 9.67
CA ILE A 123 6.03 -1.44 9.28
C ILE A 123 6.67 -1.40 7.89
N GLU A 124 6.15 -0.52 7.04
CA GLU A 124 6.66 -0.34 5.69
C GLU A 124 6.52 1.12 5.29
N ALA A 125 7.58 1.69 4.73
CA ALA A 125 7.56 3.09 4.34
C ALA A 125 8.45 3.38 3.15
N ILE A 126 8.18 4.49 2.47
CA ILE A 126 8.95 4.91 1.32
C ILE A 126 9.85 6.09 1.70
N ALA A 127 10.96 6.24 0.99
CA ALA A 127 11.89 7.32 1.28
C ALA A 127 12.40 7.99 0.01
N VAL A 128 12.76 9.26 0.13
CA VAL A 128 13.28 10.02 -1.00
C VAL A 128 14.69 10.52 -0.72
N ARG A 129 15.28 11.20 -1.71
CA ARG A 129 16.64 11.72 -1.56
C ARG A 129 16.97 12.70 -2.68
N LYS A 130 16.18 13.77 -2.77
CA LYS A 130 16.41 14.78 -3.80
C LYS A 130 15.83 16.13 -3.37
N MET B 1 12.07 22.38 -5.02
CA MET B 1 12.94 21.18 -4.99
C MET B 1 12.11 19.90 -4.91
N MET B 2 12.78 18.75 -5.10
CA MET B 2 12.10 17.47 -5.05
C MET B 2 11.47 17.24 -3.68
N THR B 3 10.31 16.58 -3.67
CA THR B 3 9.61 16.30 -2.42
C THR B 3 9.23 17.59 -1.71
N GLN B 4 7.93 17.85 -1.61
CA GLN B 4 7.44 19.05 -0.95
C GLN B 4 6.33 18.72 0.04
N ILE B 5 6.60 18.94 1.33
CA ILE B 5 5.63 18.66 2.38
C ILE B 5 4.29 19.34 2.10
N ILE B 6 3.20 18.59 2.23
CA ILE B 6 1.87 19.12 1.99
C ILE B 6 1.19 19.52 3.29
N HIS B 7 0.42 20.61 3.26
CA HIS B 7 -0.28 21.09 4.44
C HIS B 7 -1.30 22.15 4.06
N THR B 8 -2.58 21.79 4.10
CA THR B 8 -3.65 22.72 3.76
C THR B 8 -4.66 22.82 4.89
N GLU B 9 -5.56 23.79 4.79
CA GLU B 9 -6.59 23.99 5.81
C GLU B 9 -7.92 23.39 5.37
N LYS B 10 -7.85 22.34 4.56
CA LYS B 10 -9.05 21.67 4.06
C LYS B 10 -9.10 20.23 4.54
N ALA B 11 -7.95 19.57 4.52
CA ALA B 11 -7.86 18.18 4.94
C ALA B 11 -8.00 18.06 6.46
N PRO B 12 -7.99 16.81 6.97
CA PRO B 12 -8.12 16.55 8.42
C PRO B 12 -6.94 17.09 9.22
N ALA B 13 -5.88 17.51 8.52
CA ALA B 13 -4.69 18.05 9.17
C ALA B 13 -3.97 16.97 9.97
N ALA B 14 -2.66 17.11 10.10
CA ALA B 14 -1.86 16.16 10.84
C ALA B 14 -1.25 16.79 12.09
N ILE B 15 -1.55 16.20 13.23
CA ILE B 15 -1.04 16.69 14.51
C ILE B 15 -0.28 15.60 15.24
N GLY B 16 0.11 14.57 14.50
CA GLY B 16 0.84 13.46 15.09
C GLY B 16 2.13 13.17 14.34
N PRO B 17 2.40 11.89 14.01
CA PRO B 17 3.62 11.49 13.30
C PRO B 17 3.47 11.52 11.79
N TYR B 18 2.48 12.25 11.28
CA TYR B 18 2.27 12.31 9.84
C TYR B 18 1.90 13.74 9.39
N VAL B 19 1.72 13.90 8.09
CA VAL B 19 1.35 15.19 7.52
C VAL B 19 0.21 15.05 6.53
N GLN B 20 -0.21 16.17 5.93
CA GLN B 20 -1.31 16.15 4.97
C GLN B 20 -0.99 15.23 3.80
N ALA B 21 0.20 15.39 3.24
CA ALA B 21 0.63 14.57 2.11
C ALA B 21 2.05 14.92 1.69
N VAL B 22 2.50 14.35 0.57
CA VAL B 22 3.85 14.61 0.07
C VAL B 22 3.86 14.69 -1.45
N ASP B 23 4.50 15.72 -1.98
CA ASP B 23 4.59 15.92 -3.42
C ASP B 23 6.03 15.76 -3.90
N LEU B 24 6.29 14.68 -4.62
CA LEU B 24 7.63 14.41 -5.14
C LEU B 24 7.89 15.21 -6.42
N GLY B 25 6.83 15.74 -7.02
CA GLY B 25 6.96 16.50 -8.25
C GLY B 25 6.14 15.90 -9.36
N ASN B 26 6.78 15.14 -10.23
CA ASN B 26 6.08 14.49 -11.33
C ASN B 26 4.99 13.58 -10.79
N LEU B 27 5.22 13.07 -9.59
CA LEU B 27 4.26 12.19 -8.93
C LEU B 27 4.00 12.65 -7.49
N VAL B 28 2.75 12.55 -7.06
CA VAL B 28 2.37 12.97 -5.71
C VAL B 28 1.68 11.84 -4.96
N LEU B 29 1.93 11.76 -3.66
CA LEU B 29 1.31 10.73 -2.82
C LEU B 29 0.42 11.35 -1.74
N THR B 30 -0.65 10.65 -1.40
CA THR B 30 -1.58 11.14 -0.38
C THR B 30 -1.75 10.11 0.74
N SER B 31 -2.12 10.59 1.92
CA SER B 31 -2.31 9.72 3.07
C SER B 31 -3.76 9.26 3.18
N GLY B 32 -4.00 8.25 4.01
CA GLY B 32 -5.34 7.74 4.19
C GLY B 32 -6.28 8.77 4.78
N GLN B 33 -7.00 9.47 3.91
CA GLN B 33 -7.94 10.49 4.35
C GLN B 33 -9.01 9.92 5.28
N ILE B 34 -9.49 10.75 6.20
CA ILE B 34 -10.51 10.32 7.15
C ILE B 34 -11.64 11.34 7.24
N PRO B 35 -12.91 10.88 7.23
CA PRO B 35 -14.08 11.77 7.32
C PRO B 35 -14.21 12.45 8.68
N VAL B 36 -13.17 13.16 9.08
CA VAL B 36 -13.19 13.85 10.36
C VAL B 36 -14.26 14.94 10.36
N ASN B 37 -15.47 14.52 10.72
CA ASN B 37 -16.63 15.41 10.77
C ASN B 37 -16.26 16.80 11.28
N PRO B 38 -16.64 17.87 10.55
CA PRO B 38 -16.34 19.23 10.97
C PRO B 38 -17.14 19.65 12.21
N ALA B 39 -18.11 18.81 12.59
CA ALA B 39 -18.94 19.09 13.74
C ALA B 39 -18.54 18.25 14.95
N THR B 40 -18.03 17.04 14.70
CA THR B 40 -17.62 16.17 15.81
C THR B 40 -16.16 15.77 15.70
N GLY B 41 -15.64 15.78 14.47
CA GLY B 41 -14.25 15.42 14.25
C GLY B 41 -14.01 13.94 14.45
N GLU B 42 -14.71 13.10 13.68
CA GLU B 42 -14.55 11.66 13.80
C GLU B 42 -14.91 10.95 12.50
N VAL B 43 -16.21 10.88 12.21
CA VAL B 43 -16.69 10.23 11.00
C VAL B 43 -18.22 10.19 10.97
N PRO B 44 -18.85 10.85 9.97
CA PRO B 44 -20.31 10.88 9.85
C PRO B 44 -20.92 9.47 9.89
N ALA B 45 -22.05 9.35 10.57
CA ALA B 45 -22.73 8.06 10.68
C ALA B 45 -23.11 7.52 9.31
N ASP B 46 -23.39 8.42 8.39
CA ASP B 46 -23.76 8.06 7.03
C ASP B 46 -22.56 7.60 6.23
N ILE B 47 -22.36 6.29 6.22
CA ILE B 47 -21.25 5.67 5.51
C ILE B 47 -21.05 6.30 4.13
N VAL B 48 -22.15 6.74 3.51
CA VAL B 48 -22.09 7.37 2.20
C VAL B 48 -21.65 8.82 2.32
N ALA B 49 -22.23 9.52 3.27
CA ALA B 49 -21.90 10.93 3.49
C ALA B 49 -20.45 11.07 3.91
N GLN B 50 -20.03 10.25 4.88
CA GLN B 50 -18.66 10.28 5.36
C GLN B 50 -17.69 9.92 4.24
N ALA B 51 -18.17 9.12 3.30
CA ALA B 51 -17.34 8.70 2.17
C ALA B 51 -17.20 9.84 1.16
N ARG B 52 -18.28 10.57 0.94
CA ARG B 52 -18.27 11.68 0.00
C ARG B 52 -17.29 12.76 0.45
N GLN B 53 -17.38 13.14 1.72
CA GLN B 53 -16.50 14.15 2.28
C GLN B 53 -15.06 13.69 2.25
N SER B 54 -14.85 12.39 2.46
CA SER B 54 -13.52 11.81 2.45
C SER B 54 -12.88 11.91 1.07
N LEU B 55 -13.73 11.85 0.05
CA LEU B 55 -13.25 11.93 -1.33
C LEU B 55 -12.75 13.33 -1.65
N GLU B 56 -13.56 14.34 -1.33
CA GLU B 56 -13.19 15.73 -1.58
C GLU B 56 -11.90 16.09 -0.87
N ASN B 57 -11.75 15.61 0.37
CA ASN B 57 -10.55 15.87 1.16
C ASN B 57 -9.31 15.42 0.42
N VAL B 58 -9.40 14.29 -0.29
CA VAL B 58 -8.29 13.77 -1.05
C VAL B 58 -7.93 14.71 -2.19
N LYS B 59 -8.91 15.49 -2.64
CA LYS B 59 -8.70 16.43 -3.73
C LYS B 59 -8.12 17.74 -3.21
N ALA B 60 -8.60 18.17 -2.05
CA ALA B 60 -8.13 19.41 -1.44
C ALA B 60 -6.63 19.37 -1.19
N ILE B 61 -6.14 18.21 -0.77
CA ILE B 61 -4.72 18.05 -0.50
C ILE B 61 -3.92 18.08 -1.80
N ILE B 62 -4.31 17.25 -2.75
CA ILE B 62 -3.65 17.19 -4.04
C ILE B 62 -3.82 18.50 -4.80
N GLU B 63 -4.92 19.20 -4.53
CA GLU B 63 -5.18 20.47 -5.18
C GLU B 63 -4.32 21.57 -4.59
N LYS B 64 -4.20 21.57 -3.27
CA LYS B 64 -3.39 22.56 -2.57
C LYS B 64 -1.92 22.36 -2.88
N ALA B 65 -1.58 21.19 -3.42
CA ALA B 65 -0.20 20.88 -3.77
C ALA B 65 0.12 21.34 -5.19
N GLY B 66 -0.91 21.35 -6.03
CA GLY B 66 -0.74 21.77 -7.41
C GLY B 66 -1.04 20.65 -8.40
N LEU B 67 -2.11 19.93 -8.16
CA LEU B 67 -2.50 18.83 -9.04
C LEU B 67 -4.01 18.64 -9.05
N THR B 68 -4.45 17.52 -9.59
CA THR B 68 -5.88 17.21 -9.67
C THR B 68 -6.10 15.70 -9.63
N ALA B 69 -7.28 15.29 -9.17
CA ALA B 69 -7.62 13.89 -9.09
C ALA B 69 -7.50 13.21 -10.45
N ALA B 70 -7.88 13.94 -11.50
CA ALA B 70 -7.81 13.42 -12.86
C ALA B 70 -6.45 12.82 -13.16
N ASP B 71 -5.42 13.31 -12.46
CA ASP B 71 -4.06 12.83 -12.65
C ASP B 71 -3.81 11.54 -11.86
N ILE B 72 -4.59 11.32 -10.81
CA ILE B 72 -4.45 10.12 -9.97
C ILE B 72 -4.27 8.87 -10.82
N VAL B 73 -3.15 8.19 -10.63
CA VAL B 73 -2.86 6.97 -11.38
C VAL B 73 -3.38 5.72 -10.66
N LYS B 74 -3.27 5.72 -9.34
CA LYS B 74 -3.74 4.58 -8.54
C LYS B 74 -4.47 5.05 -7.29
N THR B 75 -5.35 4.20 -6.77
CA THR B 75 -6.12 4.54 -5.57
C THR B 75 -6.33 3.32 -4.68
N THR B 76 -6.47 3.58 -3.39
CA THR B 76 -6.68 2.52 -2.40
C THR B 76 -7.81 2.90 -1.46
N VAL B 77 -8.63 1.93 -1.07
CA VAL B 77 -9.76 2.19 -0.18
C VAL B 77 -9.97 1.05 0.81
N PHE B 78 -9.60 1.29 2.06
CA PHE B 78 -9.77 0.29 3.11
C PHE B 78 -11.16 0.39 3.74
N VAL B 79 -12.02 -0.56 3.40
CA VAL B 79 -13.38 -0.57 3.92
C VAL B 79 -13.55 -1.59 5.04
N LYS B 80 -14.50 -1.32 5.92
CA LYS B 80 -14.79 -2.22 7.03
C LYS B 80 -15.94 -3.13 6.67
N ASP B 81 -16.50 -2.92 5.48
CA ASP B 81 -17.62 -3.72 5.00
C ASP B 81 -17.66 -3.72 3.48
N LEU B 82 -17.42 -4.90 2.89
CA LEU B 82 -17.43 -5.04 1.44
C LEU B 82 -18.83 -4.78 0.87
N ASN B 83 -19.82 -4.76 1.74
CA ASN B 83 -21.20 -4.52 1.32
C ASN B 83 -21.47 -3.03 1.15
N ASP B 84 -20.67 -2.21 1.83
CA ASP B 84 -20.83 -0.76 1.75
C ASP B 84 -20.17 -0.21 0.48
N PHE B 85 -19.20 -0.94 -0.06
CA PHE B 85 -18.50 -0.52 -1.26
C PHE B 85 -19.47 -0.27 -2.41
N ALA B 86 -20.63 -0.91 -2.35
CA ALA B 86 -21.64 -0.75 -3.39
C ALA B 86 -22.04 0.71 -3.56
N ALA B 87 -22.11 1.43 -2.44
CA ALA B 87 -22.49 2.83 -2.46
C ALA B 87 -21.28 3.72 -2.71
N VAL B 88 -20.14 3.36 -2.11
CA VAL B 88 -18.92 4.12 -2.27
C VAL B 88 -18.35 3.99 -3.68
N ASN B 89 -18.50 2.80 -4.26
CA ASN B 89 -18.02 2.55 -5.60
C ASN B 89 -18.84 3.31 -6.64
N ALA B 90 -20.15 3.30 -6.46
CA ALA B 90 -21.06 4.00 -7.37
C ALA B 90 -20.87 5.51 -7.28
N GLU B 91 -20.53 5.99 -6.09
CA GLU B 91 -20.32 7.41 -5.87
C GLU B 91 -18.89 7.82 -6.20
N TYR B 92 -17.98 6.86 -6.16
CA TYR B 92 -16.57 7.11 -6.45
C TYR B 92 -16.32 7.22 -7.95
N GLU B 93 -17.15 6.56 -8.74
CA GLU B 93 -16.99 6.57 -10.19
C GLU B 93 -17.78 7.72 -10.84
N ARG B 94 -18.97 7.97 -10.33
CA ARG B 94 -19.82 9.04 -10.88
C ARG B 94 -19.22 10.42 -10.63
N PHE B 95 -18.36 10.54 -9.63
CA PHE B 95 -17.74 11.82 -9.31
C PHE B 95 -16.41 11.97 -10.05
N PHE B 96 -15.73 10.85 -10.25
CA PHE B 96 -14.46 10.87 -10.96
C PHE B 96 -14.64 11.41 -12.37
N LYS B 97 -15.50 10.74 -13.13
CA LYS B 97 -15.77 11.15 -14.49
C LYS B 97 -16.42 12.54 -14.50
N GLU B 98 -17.14 12.85 -13.42
CA GLU B 98 -17.79 14.15 -13.29
C GLU B 98 -16.77 15.22 -12.91
N ASN B 99 -15.56 14.80 -12.55
CA ASN B 99 -14.51 15.71 -12.18
C ASN B 99 -13.39 15.69 -13.23
N ASN B 100 -13.53 14.79 -14.20
CA ASN B 100 -12.56 14.63 -15.28
C ASN B 100 -11.53 13.56 -14.95
N HIS B 101 -11.99 12.49 -14.29
CA HIS B 101 -11.12 11.38 -13.92
C HIS B 101 -11.57 10.09 -14.60
N PRO B 102 -11.74 10.12 -15.94
CA PRO B 102 -12.18 8.93 -16.70
C PRO B 102 -11.08 7.88 -16.81
N ASN B 103 -9.83 8.29 -16.63
CA ASN B 103 -8.71 7.37 -16.71
C ASN B 103 -8.90 6.19 -15.77
N PHE B 104 -9.57 6.44 -14.65
CA PHE B 104 -9.85 5.40 -13.66
C PHE B 104 -8.55 4.81 -13.11
N PRO B 105 -7.95 5.46 -12.10
CA PRO B 105 -6.71 4.99 -11.49
C PRO B 105 -6.85 3.59 -10.92
N ALA B 106 -5.73 2.90 -10.73
CA ALA B 106 -5.74 1.55 -10.19
C ALA B 106 -6.57 1.48 -8.92
N ARG B 107 -6.83 0.27 -8.44
CA ARG B 107 -7.63 0.09 -7.24
C ARG B 107 -6.98 -0.91 -6.28
N SER B 108 -7.15 -0.67 -4.98
CA SER B 108 -6.59 -1.54 -3.96
C SER B 108 -7.43 -1.48 -2.70
N CYS B 109 -8.71 -1.83 -2.83
CA CYS B 109 -9.62 -1.80 -1.69
C CYS B 109 -9.75 -3.19 -1.07
N VAL B 110 -9.86 -3.22 0.25
CA VAL B 110 -9.99 -4.47 0.99
C VAL B 110 -10.85 -4.30 2.24
N GLU B 111 -11.49 -5.39 2.66
CA GLU B 111 -12.34 -5.36 3.85
C GLU B 111 -11.50 -5.46 5.12
N VAL B 112 -10.97 -4.31 5.56
CA VAL B 112 -10.16 -4.27 6.77
C VAL B 112 -11.00 -4.48 8.02
N ALA B 113 -10.35 -4.86 9.12
CA ALA B 113 -11.05 -5.09 10.38
C ALA B 113 -11.60 -3.79 10.95
N ARG B 114 -10.75 -2.78 11.09
CA ARG B 114 -11.17 -1.49 11.63
C ARG B 114 -10.30 -0.37 11.07
N LEU B 115 -10.58 0.86 11.51
CA LEU B 115 -9.83 2.02 11.06
C LEU B 115 -9.85 3.12 12.12
N PRO B 116 -8.89 4.05 12.06
CA PRO B 116 -8.81 5.17 13.01
C PRO B 116 -10.14 5.92 13.13
N LYS B 117 -10.49 6.30 14.36
CA LYS B 117 -11.72 7.03 14.62
C LYS B 117 -12.95 6.16 14.36
N ASP B 118 -12.74 4.86 14.22
CA ASP B 118 -13.84 3.93 13.97
C ASP B 118 -14.59 4.31 12.68
N VAL B 119 -13.94 5.11 11.84
CA VAL B 119 -14.55 5.54 10.59
C VAL B 119 -15.06 4.37 9.79
N GLY B 120 -14.20 3.39 9.65
CA GLY B 120 -14.53 2.21 8.88
C GLY B 120 -14.14 2.38 7.42
N LEU B 121 -13.72 3.59 7.05
CA LEU B 121 -13.33 3.86 5.68
C LEU B 121 -12.10 4.77 5.63
N GLU B 122 -11.27 4.55 4.63
CA GLU B 122 -10.07 5.34 4.44
C GLU B 122 -9.76 5.49 2.95
N ILE B 123 -9.09 6.58 2.57
CA ILE B 123 -8.76 6.80 1.17
C ILE B 123 -7.34 7.32 0.99
N GLU B 124 -6.59 6.64 0.13
CA GLU B 124 -5.22 7.02 -0.19
C GLU B 124 -4.92 6.69 -1.64
N ALA B 125 -4.34 7.63 -2.37
CA ALA B 125 -4.04 7.41 -3.77
C ALA B 125 -2.81 8.18 -4.24
N ILE B 126 -2.23 7.73 -5.34
CA ILE B 126 -1.05 8.36 -5.92
C ILE B 126 -1.45 9.13 -7.17
N ALA B 127 -0.68 10.16 -7.50
CA ALA B 127 -0.98 10.98 -8.66
C ALA B 127 0.29 11.31 -9.45
N VAL B 128 0.10 11.54 -10.75
CA VAL B 128 1.22 11.87 -11.63
C VAL B 128 1.01 13.23 -12.28
N ARG B 129 1.98 13.67 -13.08
CA ARG B 129 1.89 14.96 -13.75
C ARG B 129 2.97 15.09 -14.83
N LYS B 130 2.94 14.18 -15.80
CA LYS B 130 3.91 14.20 -16.89
C LYS B 130 3.35 13.51 -18.13
N MET C 1 4.31 8.93 -23.99
CA MET C 1 4.40 9.94 -22.91
C MET C 1 4.36 9.29 -21.54
N MET C 2 4.66 10.07 -20.50
CA MET C 2 4.65 9.57 -19.13
C MET C 2 3.26 9.06 -18.75
N THR C 3 3.22 7.99 -17.96
CA THR C 3 1.96 7.42 -17.52
C THR C 3 1.13 6.94 -18.71
N GLN C 4 0.94 5.63 -18.80
CA GLN C 4 0.18 5.04 -19.89
C GLN C 4 -0.86 4.04 -19.36
N ILE C 5 -2.14 4.38 -19.55
CA ILE C 5 -3.22 3.52 -19.08
C ILE C 5 -3.07 2.10 -19.60
N ILE C 6 -3.22 1.13 -18.72
CA ILE C 6 -3.09 -0.29 -19.10
C ILE C 6 -4.47 -0.91 -19.32
N HIS C 7 -4.55 -1.80 -20.30
CA HIS C 7 -5.79 -2.49 -20.62
C HIS C 7 -5.56 -3.65 -21.58
N THR C 8 -5.65 -4.86 -21.05
CA THR C 8 -5.43 -6.06 -21.86
C THR C 8 -6.63 -7.00 -21.76
N GLU C 9 -6.65 -8.02 -22.62
CA GLU C 9 -7.73 -8.99 -22.63
C GLU C 9 -7.33 -10.27 -21.89
N LYS C 10 -6.47 -10.12 -20.91
CA LYS C 10 -6.01 -11.26 -20.12
C LYS C 10 -6.39 -11.10 -18.65
N ALA C 11 -6.26 -9.88 -18.14
CA ALA C 11 -6.60 -9.59 -16.76
C ALA C 11 -8.11 -9.61 -16.54
N PRO C 12 -8.55 -9.41 -15.28
CA PRO C 12 -9.98 -9.40 -14.94
C PRO C 12 -10.73 -8.24 -15.57
N ALA C 13 -9.99 -7.31 -16.15
CA ALA C 13 -10.60 -6.14 -16.80
C ALA C 13 -11.28 -5.24 -15.79
N ALA C 14 -11.34 -3.95 -16.09
CA ALA C 14 -11.97 -2.98 -15.20
C ALA C 14 -13.21 -2.37 -15.84
N ILE C 15 -14.34 -2.53 -15.16
CA ILE C 15 -15.60 -1.99 -15.64
C ILE C 15 -16.22 -1.04 -14.62
N GLY C 16 -15.40 -0.58 -13.68
CA GLY C 16 -15.86 0.31 -12.65
C GLY C 16 -15.03 1.58 -12.56
N PRO C 17 -14.61 1.98 -11.35
CA PRO C 17 -13.80 3.17 -11.15
C PRO C 17 -12.29 2.92 -11.22
N TYR C 18 -11.90 1.82 -11.85
CA TYR C 18 -10.48 1.50 -11.98
C TYR C 18 -10.14 0.93 -13.35
N VAL C 19 -8.86 0.64 -13.56
CA VAL C 19 -8.40 0.08 -14.83
C VAL C 19 -7.48 -1.12 -14.59
N GLN C 20 -6.98 -1.70 -15.67
CA GLN C 20 -6.08 -2.86 -15.58
C GLN C 20 -4.84 -2.51 -14.77
N ALA C 21 -4.21 -1.39 -15.11
CA ALA C 21 -3.01 -0.95 -14.42
C ALA C 21 -2.52 0.39 -14.96
N VAL C 22 -1.35 0.83 -14.52
CA VAL C 22 -0.78 2.09 -14.97
C VAL C 22 0.73 1.98 -15.13
N ASP C 23 1.22 2.46 -16.26
CA ASP C 23 2.65 2.43 -16.54
C ASP C 23 3.23 3.83 -16.60
N LEU C 24 4.03 4.18 -15.60
CA LEU C 24 4.65 5.50 -15.54
C LEU C 24 5.90 5.58 -16.42
N GLY C 25 6.39 4.41 -16.85
CA GLY C 25 7.57 4.37 -17.69
C GLY C 25 8.67 3.55 -17.05
N ASN C 26 9.63 4.22 -16.43
CA ASN C 26 10.73 3.53 -15.76
C ASN C 26 10.17 2.59 -14.70
N LEU C 27 9.01 2.97 -14.15
CA LEU C 27 8.35 2.17 -13.13
C LEU C 27 6.89 1.95 -13.48
N VAL C 28 6.39 0.75 -13.19
CA VAL C 28 5.00 0.43 -13.48
C VAL C 28 4.27 -0.08 -12.24
N LEU C 29 2.99 0.27 -12.12
CA LEU C 29 2.19 -0.15 -10.97
C LEU C 29 1.03 -1.04 -11.42
N THR C 30 0.66 -1.99 -10.57
CA THR C 30 -0.44 -2.90 -10.88
C THR C 30 -1.50 -2.86 -9.78
N SER C 31 -2.73 -3.22 -10.15
CA SER C 31 -3.84 -3.22 -9.20
C SER C 31 -4.00 -4.59 -8.56
N GLY C 32 -4.79 -4.66 -7.49
CA GLY C 32 -5.01 -5.91 -6.80
C GLY C 32 -5.72 -6.93 -7.68
N GLN C 33 -4.93 -7.79 -8.33
CA GLN C 33 -5.49 -8.81 -9.21
C GLN C 33 -6.44 -9.73 -8.45
N ILE C 34 -7.43 -10.26 -9.17
CA ILE C 34 -8.40 -11.16 -8.57
C ILE C 34 -8.62 -12.40 -9.44
N PRO C 35 -8.66 -13.60 -8.82
CA PRO C 35 -8.86 -14.86 -9.55
C PRO C 35 -10.27 -14.98 -10.14
N VAL C 36 -10.66 -14.01 -10.94
CA VAL C 36 -11.98 -14.03 -11.56
C VAL C 36 -12.10 -15.22 -12.50
N ASN C 37 -12.50 -16.35 -11.92
CA ASN C 37 -12.67 -17.60 -12.66
C ASN C 37 -13.25 -17.37 -14.06
N PRO C 38 -12.61 -17.91 -15.10
CA PRO C 38 -13.09 -17.76 -16.48
C PRO C 38 -14.39 -18.53 -16.72
N ALA C 39 -14.77 -19.36 -15.75
CA ALA C 39 -15.99 -20.15 -15.86
C ALA C 39 -17.12 -19.58 -15.01
N THR C 40 -16.78 -18.93 -13.90
CA THR C 40 -17.79 -18.36 -13.02
C THR C 40 -17.57 -16.86 -12.81
N GLY C 41 -16.32 -16.43 -12.95
CA GLY C 41 -16.01 -15.03 -12.77
C GLY C 41 -16.10 -14.60 -11.33
N GLU C 42 -15.33 -15.24 -10.46
CA GLU C 42 -15.35 -14.90 -9.04
C GLU C 42 -14.02 -15.26 -8.36
N VAL C 43 -13.82 -16.55 -8.15
CA VAL C 43 -12.60 -17.03 -7.50
C VAL C 43 -12.65 -18.55 -7.28
N PRO C 44 -11.73 -19.31 -7.90
CA PRO C 44 -11.70 -20.77 -7.75
C PRO C 44 -11.69 -21.19 -6.30
N ALA C 45 -12.43 -22.26 -5.99
CA ALA C 45 -12.49 -22.77 -4.62
C ALA C 45 -11.12 -23.17 -4.11
N ASP C 46 -10.27 -23.61 -5.03
CA ASP C 46 -8.92 -24.03 -4.69
C ASP C 46 -8.03 -22.83 -4.42
N ILE C 47 -7.92 -22.47 -3.15
CA ILE C 47 -7.11 -21.34 -2.72
C ILE C 47 -5.77 -21.31 -3.43
N VAL C 48 -5.24 -22.49 -3.76
CA VAL C 48 -3.96 -22.60 -4.46
C VAL C 48 -4.14 -22.33 -5.95
N ALA C 49 -5.17 -22.93 -6.52
CA ALA C 49 -5.46 -22.75 -7.95
C ALA C 49 -5.80 -21.31 -8.24
N GLN C 50 -6.69 -20.73 -7.43
CA GLN C 50 -7.10 -19.35 -7.59
C GLN C 50 -5.90 -18.42 -7.43
N ALA C 51 -4.94 -18.85 -6.62
CA ALA C 51 -3.74 -18.06 -6.38
C ALA C 51 -2.80 -18.12 -7.57
N ARG C 52 -2.69 -19.30 -8.18
CA ARG C 52 -1.82 -19.48 -9.34
C ARG C 52 -2.28 -18.61 -10.50
N GLN C 53 -3.57 -18.66 -10.79
CA GLN C 53 -4.15 -17.87 -11.88
C GLN C 53 -4.02 -16.38 -11.59
N SER C 54 -4.12 -16.02 -10.33
CA SER C 54 -4.01 -14.62 -9.92
C SER C 54 -2.59 -14.10 -10.16
N LEU C 55 -1.62 -14.99 -10.06
CA LEU C 55 -0.22 -14.63 -10.28
C LEU C 55 0.03 -14.31 -11.75
N GLU C 56 -0.40 -15.21 -12.63
CA GLU C 56 -0.21 -15.03 -14.06
C GLU C 56 -0.88 -13.74 -14.53
N ASN C 57 -2.07 -13.46 -14.01
CA ASN C 57 -2.81 -12.26 -14.37
C ASN C 57 -1.95 -11.01 -14.12
N VAL C 58 -1.20 -11.03 -13.04
CA VAL C 58 -0.33 -9.91 -12.69
C VAL C 58 0.77 -9.74 -13.74
N LYS C 59 1.11 -10.83 -14.41
CA LYS C 59 2.15 -10.80 -15.43
C LYS C 59 1.57 -10.35 -16.77
N ALA C 60 0.36 -10.81 -17.07
CA ALA C 60 -0.30 -10.45 -18.32
C ALA C 60 -0.45 -8.94 -18.45
N ILE C 61 -0.78 -8.29 -17.35
CA ILE C 61 -0.94 -6.84 -17.35
C ILE C 61 0.39 -6.13 -17.55
N ILE C 62 1.37 -6.50 -16.73
CA ILE C 62 2.70 -5.91 -16.82
C ILE C 62 3.35 -6.28 -18.15
N GLU C 63 2.98 -7.44 -18.68
CA GLU C 63 3.54 -7.91 -19.94
C GLU C 63 2.93 -7.14 -21.11
N LYS C 64 1.62 -6.94 -21.04
CA LYS C 64 0.91 -6.21 -22.08
C LYS C 64 1.32 -4.73 -22.09
N ALA C 65 1.95 -4.30 -21.00
CA ALA C 65 2.40 -2.92 -20.88
C ALA C 65 3.80 -2.76 -21.46
N GLY C 66 4.58 -3.84 -21.40
CA GLY C 66 5.94 -3.80 -21.91
C GLY C 66 6.98 -4.02 -20.82
N LEU C 67 6.73 -4.99 -19.95
CA LEU C 67 7.64 -5.29 -18.86
C LEU C 67 7.57 -6.77 -18.50
N THR C 68 8.16 -7.12 -17.36
CA THR C 68 8.17 -8.49 -16.87
C THR C 68 8.21 -8.54 -15.36
N ALA C 69 7.72 -9.62 -14.78
CA ALA C 69 7.70 -9.78 -13.33
C ALA C 69 9.11 -9.68 -12.76
N ALA C 70 10.09 -10.21 -13.50
CA ALA C 70 11.48 -10.17 -13.07
C ALA C 70 11.90 -8.76 -12.65
N ASP C 71 11.23 -7.77 -13.22
CA ASP C 71 11.52 -6.37 -12.92
C ASP C 71 10.84 -5.91 -11.63
N ILE C 72 9.76 -6.59 -11.26
CA ILE C 72 9.01 -6.26 -10.05
C ILE C 72 9.95 -6.00 -8.87
N VAL C 73 9.87 -4.79 -8.32
CA VAL C 73 10.71 -4.41 -7.19
C VAL C 73 10.03 -4.73 -5.85
N LYS C 74 8.72 -4.53 -5.78
CA LYS C 74 7.98 -4.81 -4.56
C LYS C 74 6.66 -5.51 -4.87
N THR C 75 6.13 -6.24 -3.89
CA THR C 75 4.89 -6.96 -4.07
C THR C 75 4.05 -6.96 -2.79
N THR C 76 2.74 -7.05 -2.95
CA THR C 76 1.81 -7.07 -1.83
C THR C 76 0.78 -8.18 -2.02
N VAL C 77 0.40 -8.84 -0.93
CA VAL C 77 -0.57 -9.92 -1.00
C VAL C 77 -1.49 -9.95 0.20
N PHE C 78 -2.74 -9.51 0.00
CA PHE C 78 -3.72 -9.50 1.06
C PHE C 78 -4.44 -10.84 1.16
N VAL C 79 -4.10 -11.61 2.19
CA VAL C 79 -4.69 -12.93 2.39
C VAL C 79 -5.76 -12.90 3.49
N LYS C 80 -6.71 -13.81 3.38
CA LYS C 80 -7.78 -13.91 4.37
C LYS C 80 -7.43 -14.98 5.40
N ASP C 81 -6.28 -15.63 5.19
CA ASP C 81 -5.82 -16.68 6.08
C ASP C 81 -4.30 -16.82 6.02
N LEU C 82 -3.64 -16.48 7.10
CA LEU C 82 -2.19 -16.57 7.18
C LEU C 82 -1.71 -18.01 7.06
N ASN C 83 -2.65 -18.95 7.21
CA ASN C 83 -2.32 -20.37 7.12
C ASN C 83 -2.26 -20.82 5.67
N ASP C 84 -2.93 -20.09 4.79
CA ASP C 84 -2.95 -20.42 3.37
C ASP C 84 -1.68 -19.92 2.67
N PHE C 85 -1.05 -18.91 3.25
CA PHE C 85 0.17 -18.34 2.69
C PHE C 85 1.24 -19.40 2.50
N ALA C 86 1.15 -20.49 3.27
CA ALA C 86 2.13 -21.57 3.18
C ALA C 86 2.17 -22.15 1.78
N ALA C 87 1.01 -22.23 1.14
CA ALA C 87 0.91 -22.77 -0.22
C ALA C 87 1.18 -21.70 -1.26
N VAL C 88 0.68 -20.49 -1.00
CA VAL C 88 0.86 -19.37 -1.92
C VAL C 88 2.31 -18.90 -1.93
N ASN C 89 2.94 -18.94 -0.77
CA ASN C 89 4.33 -18.52 -0.65
C ASN C 89 5.26 -19.49 -1.36
N ALA C 90 5.01 -20.78 -1.18
CA ALA C 90 5.82 -21.81 -1.82
C ALA C 90 5.66 -21.80 -3.33
N GLU C 91 4.46 -21.45 -3.78
CA GLU C 91 4.16 -21.40 -5.21
C GLU C 91 4.55 -20.05 -5.80
N TYR C 92 4.62 -19.03 -4.95
CA TYR C 92 4.97 -17.68 -5.39
C TYR C 92 6.48 -17.54 -5.62
N GLU C 93 7.26 -18.34 -4.90
CA GLU C 93 8.72 -18.29 -5.02
C GLU C 93 9.24 -19.24 -6.09
N ARG C 94 8.65 -20.42 -6.17
CA ARG C 94 9.08 -21.42 -7.15
C ARG C 94 8.77 -20.97 -8.58
N PHE C 95 7.82 -20.07 -8.75
CA PHE C 95 7.45 -19.58 -10.08
C PHE C 95 8.26 -18.34 -10.43
N PHE C 96 8.59 -17.54 -9.41
CA PHE C 96 9.36 -16.33 -9.62
C PHE C 96 10.72 -16.67 -10.21
N LYS C 97 11.46 -17.49 -9.49
CA LYS C 97 12.78 -17.90 -9.95
C LYS C 97 12.66 -18.71 -11.24
N GLU C 98 11.52 -19.37 -11.40
CA GLU C 98 11.28 -20.16 -12.60
C GLU C 98 10.90 -19.27 -13.77
N ASN C 99 10.63 -17.99 -13.47
CA ASN C 99 10.26 -17.02 -14.49
C ASN C 99 11.38 -16.00 -14.67
N ASN C 100 12.40 -16.08 -13.80
CA ASN C 100 13.54 -15.17 -13.83
C ASN C 100 13.34 -14.02 -12.87
N HIS C 101 12.72 -14.30 -11.72
CA HIS C 101 12.48 -13.28 -10.70
C HIS C 101 13.21 -13.62 -9.40
N PRO C 102 14.53 -13.88 -9.48
CA PRO C 102 15.33 -14.23 -8.30
C PRO C 102 15.56 -13.03 -7.39
N ASN C 103 15.44 -11.83 -7.94
CA ASN C 103 15.64 -10.60 -7.17
C ASN C 103 14.77 -10.61 -5.92
N PHE C 104 13.60 -11.22 -6.03
CA PHE C 104 12.66 -11.31 -4.92
C PHE C 104 12.23 -9.92 -4.46
N PRO C 105 11.22 -9.33 -5.12
CA PRO C 105 10.72 -8.00 -4.76
C PRO C 105 10.23 -7.94 -3.33
N ALA C 106 10.15 -6.73 -2.77
CA ALA C 106 9.69 -6.55 -1.40
C ALA C 106 8.38 -7.29 -1.17
N ARG C 107 7.96 -7.38 0.09
CA ARG C 107 6.73 -8.06 0.43
C ARG C 107 5.88 -7.23 1.39
N SER C 108 4.56 -7.34 1.26
CA SER C 108 3.63 -6.61 2.10
C SER C 108 2.32 -7.37 2.22
N CYS C 109 2.39 -8.61 2.70
CA CYS C 109 1.20 -9.44 2.85
C CYS C 109 0.66 -9.36 4.28
N VAL C 110 -0.67 -9.38 4.39
CA VAL C 110 -1.32 -9.31 5.70
C VAL C 110 -2.63 -10.09 5.70
N GLU C 111 -3.03 -10.56 6.87
CA GLU C 111 -4.27 -11.33 7.01
C GLU C 111 -5.48 -10.39 7.06
N VAL C 112 -5.96 -9.98 5.90
CA VAL C 112 -7.11 -9.10 5.82
C VAL C 112 -8.39 -9.82 6.20
N ALA C 113 -9.42 -9.05 6.55
CA ALA C 113 -10.71 -9.62 6.93
C ALA C 113 -11.39 -10.30 5.75
N ARG C 114 -11.53 -9.55 4.66
CA ARG C 114 -12.18 -10.08 3.46
C ARG C 114 -11.64 -9.40 2.20
N LEU C 115 -12.18 -9.79 1.05
CA LEU C 115 -11.75 -9.22 -0.22
C LEU C 115 -12.87 -9.30 -1.26
N PRO C 116 -12.81 -8.47 -2.30
CA PRO C 116 -13.83 -8.46 -3.36
C PRO C 116 -14.07 -9.84 -3.94
N LYS C 117 -15.35 -10.15 -4.20
CA LYS C 117 -15.73 -11.44 -4.76
C LYS C 117 -15.48 -12.58 -3.77
N ASP C 118 -15.26 -12.22 -2.51
CA ASP C 118 -15.00 -13.21 -1.47
C ASP C 118 -13.80 -14.09 -1.81
N VAL C 119 -12.97 -13.61 -2.73
CA VAL C 119 -11.79 -14.34 -3.15
C VAL C 119 -10.95 -14.77 -1.97
N GLY C 120 -10.70 -13.81 -1.11
CA GLY C 120 -9.88 -14.05 0.05
C GLY C 120 -8.42 -13.79 -0.24
N LEU C 121 -8.10 -13.54 -1.51
CA LEU C 121 -6.72 -13.28 -1.92
C LEU C 121 -6.67 -12.17 -2.96
N GLU C 122 -5.60 -11.39 -2.91
CA GLU C 122 -5.38 -10.29 -3.84
C GLU C 122 -3.89 -10.11 -4.10
N ILE C 123 -3.55 -9.60 -5.28
CA ILE C 123 -2.14 -9.40 -5.61
C ILE C 123 -1.90 -8.06 -6.31
N GLU C 124 -0.96 -7.30 -5.79
CA GLU C 124 -0.59 -6.00 -6.34
C GLU C 124 0.89 -5.76 -6.13
N ALA C 125 1.60 -5.35 -7.18
CA ALA C 125 3.03 -5.12 -7.06
C ALA C 125 3.52 -4.02 -8.00
N ILE C 126 4.68 -3.46 -7.68
CA ILE C 126 5.30 -2.41 -8.47
C ILE C 126 6.46 -2.98 -9.27
N ALA C 127 6.77 -2.36 -10.40
CA ALA C 127 7.86 -2.83 -11.25
C ALA C 127 8.70 -1.68 -11.76
N VAL C 128 9.97 -1.96 -12.03
CA VAL C 128 10.90 -0.96 -12.55
C VAL C 128 11.45 -1.37 -13.91
N ARG C 129 12.28 -0.52 -14.50
CA ARG C 129 12.87 -0.80 -15.80
C ARG C 129 14.00 0.17 -16.12
N LYS C 130 15.02 0.19 -15.27
CA LYS C 130 16.15 1.08 -15.47
C LYS C 130 17.41 0.52 -14.78
N MET A 1 21.38 0.72 -14.50
CA MET A 1 19.94 0.85 -14.17
C MET A 1 19.75 1.16 -12.69
N MET A 2 18.67 1.88 -12.37
CA MET A 2 18.37 2.25 -10.99
C MET A 2 17.52 1.18 -10.32
N THR A 3 18.17 0.19 -9.74
CA THR A 3 17.47 -0.90 -9.06
C THR A 3 18.46 -1.84 -8.38
N GLN A 4 18.37 -1.95 -7.06
CA GLN A 4 19.26 -2.82 -6.30
C GLN A 4 18.65 -3.18 -4.95
N ILE A 5 18.42 -4.48 -4.75
CA ILE A 5 17.84 -4.97 -3.50
C ILE A 5 18.69 -4.57 -2.30
N ILE A 6 18.04 -4.16 -1.22
CA ILE A 6 18.74 -3.75 -0.02
C ILE A 6 18.84 -4.91 0.97
N HIS A 7 20.01 -5.04 1.59
CA HIS A 7 20.23 -6.11 2.56
C HIS A 7 21.26 -5.69 3.61
N THR A 8 20.98 -6.00 4.87
CA THR A 8 21.88 -5.65 5.96
C THR A 8 21.90 -6.74 7.02
N GLU A 9 22.92 -6.71 7.87
CA GLU A 9 23.05 -7.70 8.94
C GLU A 9 22.55 -7.15 10.27
N LYS A 10 21.62 -6.19 10.19
CA LYS A 10 21.05 -5.58 11.38
C LYS A 10 19.55 -5.83 11.46
N ALA A 11 18.88 -5.75 10.32
CA ALA A 11 17.44 -5.97 10.25
C ALA A 11 17.12 -7.45 10.10
N PRO A 12 16.38 -8.03 11.06
CA PRO A 12 16.01 -9.45 11.02
C PRO A 12 15.06 -9.78 9.86
N ALA A 13 14.55 -8.74 9.21
CA ALA A 13 13.62 -8.92 8.09
C ALA A 13 14.20 -9.86 7.04
N ALA A 14 13.37 -10.21 6.06
CA ALA A 14 13.79 -11.11 4.99
C ALA A 14 14.13 -12.50 5.55
N ILE A 15 13.55 -13.53 4.92
CA ILE A 15 13.79 -14.91 5.35
C ILE A 15 13.01 -15.87 4.47
N GLY A 16 11.83 -15.44 4.09
CA GLY A 16 10.97 -16.25 3.24
C GLY A 16 11.22 -16.01 1.77
N PRO A 17 10.17 -16.07 0.93
CA PRO A 17 10.29 -15.85 -0.51
C PRO A 17 10.27 -14.37 -0.90
N TYR A 18 11.21 -13.60 -0.35
CA TYR A 18 11.29 -12.18 -0.65
C TYR A 18 12.60 -11.59 -0.13
N VAL A 19 12.76 -10.28 -0.29
CA VAL A 19 13.96 -9.58 0.15
C VAL A 19 13.65 -8.63 1.29
N GLN A 20 14.68 -7.92 1.75
CA GLN A 20 14.53 -6.98 2.84
C GLN A 20 13.95 -5.65 2.34
N ALA A 21 14.56 -5.11 1.30
CA ALA A 21 14.11 -3.84 0.73
C ALA A 21 14.55 -3.70 -0.72
N VAL A 22 14.18 -2.58 -1.33
CA VAL A 22 14.53 -2.32 -2.73
C VAL A 22 14.94 -0.86 -2.93
N ASP A 23 15.86 -0.63 -3.85
CA ASP A 23 16.32 0.72 -4.14
C ASP A 23 16.13 1.06 -5.61
N LEU A 24 15.01 1.70 -5.92
CA LEU A 24 14.71 2.09 -7.30
C LEU A 24 15.63 3.20 -7.77
N GLY A 25 16.27 3.89 -6.83
CA GLY A 25 17.17 4.98 -7.18
C GLY A 25 16.76 6.28 -6.52
N ASN A 26 16.19 7.19 -7.31
CA ASN A 26 15.74 8.48 -6.79
C ASN A 26 14.84 8.28 -5.57
N LEU A 27 14.13 7.16 -5.55
CA LEU A 27 13.22 6.83 -4.45
C LEU A 27 13.35 5.37 -4.06
N VAL A 28 13.44 5.11 -2.76
CA VAL A 28 13.57 3.75 -2.25
C VAL A 28 12.33 3.34 -1.47
N LEU A 29 12.27 2.06 -1.11
CA LEU A 29 11.14 1.52 -0.36
C LEU A 29 11.60 0.44 0.61
N THR A 30 10.74 0.09 1.55
CA THR A 30 11.07 -0.93 2.55
C THR A 30 9.96 -1.98 2.63
N SER A 31 10.36 -3.24 2.69
CA SER A 31 9.40 -4.34 2.78
C SER A 31 8.71 -4.36 4.14
N GLY A 32 7.50 -4.93 4.16
CA GLY A 32 6.76 -5.00 5.40
C GLY A 32 7.53 -5.67 6.52
N GLN A 33 8.21 -4.86 7.33
CA GLN A 33 8.99 -5.38 8.45
C GLN A 33 8.09 -5.98 9.52
N ILE A 34 8.71 -6.60 10.52
CA ILE A 34 7.96 -7.23 11.60
C ILE A 34 8.83 -7.42 12.86
N PRO A 35 8.20 -7.43 14.03
CA PRO A 35 8.89 -7.61 15.32
C PRO A 35 9.47 -9.00 15.46
N VAL A 36 10.55 -9.26 14.75
CA VAL A 36 11.21 -10.55 14.83
C VAL A 36 12.28 -10.56 15.91
N ASN A 37 11.85 -10.89 17.12
CA ASN A 37 12.73 -10.94 18.28
C ASN A 37 14.13 -11.43 17.92
N PRO A 38 15.19 -10.69 18.32
CA PRO A 38 16.57 -11.08 18.04
C PRO A 38 17.02 -12.28 18.88
N ALA A 39 16.17 -12.68 19.82
CA ALA A 39 16.47 -13.80 20.70
C ALA A 39 15.64 -15.03 20.35
N THR A 40 14.49 -14.81 19.69
CA THR A 40 13.62 -15.92 19.31
C THR A 40 13.19 -15.79 17.86
N GLY A 41 12.91 -14.57 17.44
CA GLY A 41 12.49 -14.33 16.07
C GLY A 41 10.99 -14.50 15.90
N GLU A 42 10.22 -13.74 16.67
CA GLU A 42 8.76 -13.83 16.58
C GLU A 42 8.11 -12.48 16.80
N VAL A 43 8.16 -12.01 18.05
CA VAL A 43 7.56 -10.72 18.42
C VAL A 43 7.61 -10.51 19.92
N PRO A 44 8.41 -9.54 20.41
CA PRO A 44 8.52 -9.25 21.84
C PRO A 44 7.16 -8.96 22.48
N ALA A 45 6.97 -9.46 23.69
CA ALA A 45 5.72 -9.24 24.41
C ALA A 45 5.49 -7.76 24.69
N ASP A 46 6.59 -7.04 24.86
CA ASP A 46 6.52 -5.61 25.13
C ASP A 46 6.20 -4.84 23.87
N ILE A 47 4.92 -4.55 23.69
CA ILE A 47 4.43 -3.81 22.54
C ILE A 47 5.32 -2.60 22.24
N VAL A 48 5.91 -2.04 23.28
CA VAL A 48 6.78 -0.87 23.14
C VAL A 48 8.19 -1.31 22.73
N ALA A 49 8.64 -2.43 23.28
CA ALA A 49 9.95 -2.97 22.95
C ALA A 49 9.98 -3.48 21.53
N GLN A 50 8.90 -4.13 21.12
CA GLN A 50 8.79 -4.66 19.77
C GLN A 50 8.52 -3.53 18.78
N ALA A 51 8.00 -2.42 19.29
CA ALA A 51 7.70 -1.26 18.46
C ALA A 51 8.96 -0.45 18.17
N ARG A 52 9.80 -0.28 19.18
CA ARG A 52 11.04 0.47 19.02
C ARG A 52 12.07 -0.34 18.24
N GLN A 53 12.05 -1.66 18.43
CA GLN A 53 12.98 -2.54 17.74
C GLN A 53 12.58 -2.68 16.27
N SER A 54 11.29 -2.60 16.01
CA SER A 54 10.78 -2.71 14.65
C SER A 54 11.21 -1.52 13.80
N LEU A 55 11.37 -0.37 14.45
CA LEU A 55 11.79 0.85 13.76
C LEU A 55 13.29 0.84 13.52
N GLU A 56 14.02 0.20 14.42
CA GLU A 56 15.48 0.13 14.32
C GLU A 56 15.89 -0.64 13.07
N ASN A 57 15.41 -1.87 12.94
CA ASN A 57 15.73 -2.70 11.79
C ASN A 57 15.36 -2.00 10.49
N VAL A 58 14.19 -1.40 10.45
CA VAL A 58 13.72 -0.69 9.27
C VAL A 58 14.68 0.44 8.91
N LYS A 59 15.32 1.01 9.92
CA LYS A 59 16.28 2.09 9.72
C LYS A 59 17.62 1.55 9.26
N ALA A 60 18.02 0.41 9.81
CA ALA A 60 19.28 -0.21 9.46
C ALA A 60 19.32 -0.56 7.97
N ILE A 61 18.18 -1.00 7.45
CA ILE A 61 18.07 -1.38 6.05
C ILE A 61 18.23 -0.15 5.15
N ILE A 62 17.46 0.88 5.45
CA ILE A 62 17.52 2.12 4.67
C ILE A 62 18.89 2.77 4.80
N GLU A 63 19.51 2.60 5.97
CA GLU A 63 20.84 3.14 6.20
C GLU A 63 21.89 2.36 5.44
N LYS A 64 21.73 1.04 5.44
CA LYS A 64 22.66 0.16 4.73
C LYS A 64 22.64 0.45 3.24
N ALA A 65 21.56 1.07 2.77
CA ALA A 65 21.42 1.41 1.37
C ALA A 65 21.99 2.81 1.08
N GLY A 66 22.00 3.64 2.11
CA GLY A 66 22.52 4.99 1.96
C GLY A 66 21.45 6.05 2.15
N LEU A 67 20.67 5.91 3.22
CA LEU A 67 19.61 6.86 3.52
C LEU A 67 19.27 6.85 5.01
N THR A 68 18.20 7.55 5.36
CA THR A 68 17.76 7.62 6.75
C THR A 68 16.24 7.61 6.85
N ALA A 69 15.73 7.69 8.07
CA ALA A 69 14.30 7.70 8.28
C ALA A 69 13.72 9.09 8.01
N ALA A 70 14.57 10.11 8.13
CA ALA A 70 14.16 11.48 7.88
C ALA A 70 13.65 11.66 6.46
N ASP A 71 14.29 10.95 5.52
CA ASP A 71 13.91 11.02 4.11
C ASP A 71 12.57 10.33 3.87
N ILE A 72 12.24 9.36 4.72
CA ILE A 72 10.98 8.63 4.59
C ILE A 72 9.82 9.59 4.38
N VAL A 73 9.19 9.50 3.21
CA VAL A 73 8.06 10.36 2.87
C VAL A 73 6.73 9.74 3.27
N LYS A 74 6.69 8.41 3.35
CA LYS A 74 5.46 7.70 3.72
C LYS A 74 5.77 6.56 4.67
N THR A 75 4.73 6.04 5.33
CA THR A 75 4.90 4.95 6.27
C THR A 75 3.56 4.28 6.59
N THR A 76 3.52 2.96 6.42
CA THR A 76 2.33 2.18 6.69
C THR A 76 2.54 1.32 7.93
N VAL A 77 1.48 1.14 8.72
CA VAL A 77 1.60 0.34 9.94
C VAL A 77 0.35 -0.50 10.19
N PHE A 78 0.49 -1.81 10.01
CA PHE A 78 -0.61 -2.73 10.22
C PHE A 78 -0.61 -3.24 11.66
N VAL A 79 -1.55 -2.76 12.46
CA VAL A 79 -1.64 -3.16 13.85
C VAL A 79 -2.75 -4.18 14.08
N LYS A 80 -2.54 -5.03 15.07
CA LYS A 80 -3.53 -6.05 15.42
C LYS A 80 -4.45 -5.52 16.51
N ASP A 81 -4.14 -4.33 17.02
CA ASP A 81 -4.93 -3.69 18.05
C ASP A 81 -4.74 -2.18 18.02
N LEU A 82 -5.80 -1.47 17.65
CA LEU A 82 -5.76 -0.01 17.57
C LEU A 82 -5.47 0.60 18.94
N ASN A 83 -5.60 -0.20 20.00
CA ASN A 83 -5.33 0.28 21.35
C ASN A 83 -3.83 0.33 21.62
N ASP A 84 -3.06 -0.41 20.82
CA ASP A 84 -1.61 -0.44 20.99
C ASP A 84 -0.93 0.64 20.15
N PHE A 85 -1.73 1.52 19.54
CA PHE A 85 -1.19 2.59 18.70
C PHE A 85 -0.75 3.78 19.55
N ALA A 86 -1.38 3.94 20.72
CA ALA A 86 -1.05 5.04 21.62
C ALA A 86 0.42 4.98 22.04
N ALA A 87 0.92 3.76 22.22
CA ALA A 87 2.31 3.57 22.63
C ALA A 87 3.26 3.66 21.43
N VAL A 88 2.80 3.15 20.29
CA VAL A 88 3.60 3.17 19.07
C VAL A 88 3.62 4.57 18.46
N ASN A 89 2.54 5.31 18.65
CA ASN A 89 2.44 6.66 18.12
C ASN A 89 3.43 7.59 18.79
N ALA A 90 3.46 7.56 20.12
CA ALA A 90 4.36 8.40 20.90
C ALA A 90 5.81 8.01 20.65
N GLU A 91 6.06 6.71 20.55
CA GLU A 91 7.42 6.21 20.33
C GLU A 91 7.85 6.41 18.88
N TYR A 92 6.87 6.51 17.98
CA TYR A 92 7.14 6.70 16.56
C TYR A 92 7.43 8.16 16.23
N GLU A 93 6.77 9.06 16.96
CA GLU A 93 6.96 10.50 16.73
C GLU A 93 8.09 11.07 17.59
N ARG A 94 8.32 10.47 18.75
CA ARG A 94 9.36 10.93 19.65
C ARG A 94 10.75 10.51 19.16
N PHE A 95 10.81 9.48 18.32
CA PHE A 95 12.09 9.01 17.79
C PHE A 95 12.41 9.69 16.47
N PHE A 96 11.38 10.00 15.69
CA PHE A 96 11.56 10.66 14.41
C PHE A 96 12.25 11.99 14.61
N LYS A 97 11.63 12.85 15.40
CA LYS A 97 12.20 14.17 15.67
C LYS A 97 13.53 14.02 16.40
N GLU A 98 13.65 12.96 17.19
CA GLU A 98 14.89 12.71 17.91
C GLU A 98 15.97 12.19 16.96
N ASN A 99 15.56 11.83 15.75
CA ASN A 99 16.48 11.34 14.73
C ASN A 99 16.61 12.36 13.60
N ASN A 100 15.80 13.42 13.67
CA ASN A 100 15.80 14.48 12.67
C ASN A 100 14.81 14.16 11.55
N HIS A 101 13.70 13.53 11.92
CA HIS A 101 12.67 13.17 10.95
C HIS A 101 11.37 13.93 11.22
N PRO A 102 11.43 15.26 11.31
CA PRO A 102 10.25 16.11 11.57
C PRO A 102 9.34 16.22 10.34
N ASN A 103 9.86 15.84 9.18
CA ASN A 103 9.09 15.91 7.93
C ASN A 103 7.74 15.22 8.08
N PHE A 104 7.70 14.17 8.90
CA PHE A 104 6.48 13.41 9.13
C PHE A 104 5.96 12.80 7.84
N PRO A 105 6.29 11.51 7.58
CA PRO A 105 5.84 10.82 6.38
C PRO A 105 4.36 10.47 6.42
N ALA A 106 3.76 10.24 5.26
CA ALA A 106 2.35 9.89 5.18
C ALA A 106 2.06 8.66 6.03
N ARG A 107 0.86 8.60 6.59
CA ARG A 107 0.49 7.47 7.44
C ARG A 107 -0.63 6.65 6.80
N SER A 108 -0.55 5.33 6.98
CA SER A 108 -1.55 4.42 6.43
C SER A 108 -1.68 3.19 7.33
N CYS A 109 -2.11 3.41 8.56
CA CYS A 109 -2.27 2.32 9.52
C CYS A 109 -3.71 1.81 9.53
N VAL A 110 -3.85 0.51 9.74
CA VAL A 110 -5.18 -0.11 9.78
C VAL A 110 -5.17 -1.37 10.64
N GLU A 111 -6.19 -1.52 11.48
CA GLU A 111 -6.29 -2.68 12.35
C GLU A 111 -6.48 -3.97 11.53
N VAL A 112 -5.37 -4.61 11.20
CA VAL A 112 -5.42 -5.84 10.43
C VAL A 112 -5.85 -7.03 11.28
N ALA A 113 -6.23 -8.12 10.61
CA ALA A 113 -6.67 -9.32 11.31
C ALA A 113 -5.49 -10.18 11.74
N ARG A 114 -4.54 -10.35 10.82
CA ARG A 114 -3.35 -11.15 11.10
C ARG A 114 -2.22 -10.78 10.15
N LEU A 115 -0.99 -11.08 10.55
CA LEU A 115 0.19 -10.78 9.74
C LEU A 115 1.20 -11.92 9.83
N PRO A 116 2.24 -11.90 8.96
CA PRO A 116 3.27 -12.93 8.95
C PRO A 116 3.86 -13.18 10.34
N LYS A 117 4.03 -14.46 10.68
CA LYS A 117 4.58 -14.84 11.98
C LYS A 117 3.61 -14.50 13.11
N ASP A 118 2.37 -14.20 12.75
CA ASP A 118 1.35 -13.86 13.74
C ASP A 118 1.79 -12.66 14.58
N VAL A 119 2.73 -11.89 14.06
CA VAL A 119 3.24 -10.71 14.75
C VAL A 119 2.10 -9.79 15.17
N GLY A 120 2.29 -9.07 16.28
CA GLY A 120 1.27 -8.16 16.75
C GLY A 120 1.29 -6.83 16.03
N LEU A 121 2.38 -6.55 15.31
CA LEU A 121 2.51 -5.29 14.59
C LEU A 121 3.42 -5.46 13.38
N GLU A 122 3.15 -4.70 12.33
CA GLU A 122 3.94 -4.75 11.11
C GLU A 122 4.36 -3.34 10.69
N ILE A 123 5.53 -3.22 10.10
CA ILE A 123 6.03 -1.91 9.68
C ILE A 123 6.29 -1.87 8.17
N GLU A 124 6.13 -0.68 7.59
CA GLU A 124 6.35 -0.47 6.17
C GLU A 124 6.43 1.02 5.88
N ALA A 125 7.24 1.40 4.88
CA ALA A 125 7.38 2.81 4.54
C ALA A 125 8.22 3.01 3.28
N ILE A 126 8.13 4.22 2.72
CA ILE A 126 8.88 4.57 1.53
C ILE A 126 9.86 5.70 1.82
N ALA A 127 10.96 5.75 1.08
CA ALA A 127 11.97 6.79 1.29
C ALA A 127 12.37 7.44 -0.03
N VAL A 128 12.70 8.73 0.04
CA VAL A 128 13.12 9.48 -1.14
C VAL A 128 14.61 9.80 -1.08
N ARG A 129 15.22 9.94 -2.26
CA ARG A 129 16.65 10.26 -2.34
C ARG A 129 17.06 10.51 -3.79
N LYS A 130 16.65 11.68 -4.31
CA LYS A 130 16.97 12.05 -5.68
C LYS A 130 18.41 12.57 -5.78
N MET B 1 15.74 20.08 -4.11
CA MET B 1 15.31 18.65 -4.05
C MET B 1 13.80 18.53 -4.25
N MET B 2 13.38 17.41 -4.81
CA MET B 2 11.96 17.16 -5.06
C MET B 2 11.31 16.48 -3.86
N THR B 3 10.83 17.29 -2.92
CA THR B 3 10.18 16.77 -1.72
C THR B 3 9.64 17.91 -0.87
N GLN B 4 8.32 17.93 -0.68
CA GLN B 4 7.67 18.96 0.12
C GLN B 4 6.31 18.49 0.64
N ILE B 5 6.19 18.43 1.95
CA ILE B 5 4.94 17.98 2.58
C ILE B 5 3.77 18.87 2.15
N ILE B 6 2.64 18.25 1.88
CA ILE B 6 1.45 18.98 1.47
C ILE B 6 0.54 19.28 2.65
N HIS B 7 0.00 20.49 2.69
CA HIS B 7 -0.88 20.91 3.77
C HIS B 7 -1.89 21.95 3.28
N THR B 8 -3.14 21.80 3.69
CA THR B 8 -4.20 22.72 3.29
C THR B 8 -5.19 22.94 4.45
N GLU B 9 -5.97 24.00 4.34
CA GLU B 9 -6.96 24.33 5.37
C GLU B 9 -8.35 23.84 4.94
N LYS B 10 -8.39 22.81 4.11
CA LYS B 10 -9.66 22.26 3.63
C LYS B 10 -9.81 20.81 4.08
N ALA B 11 -8.71 20.06 4.00
CA ALA B 11 -8.73 18.65 4.39
C ALA B 11 -8.50 18.50 5.89
N PRO B 12 -9.46 17.89 6.61
CA PRO B 12 -9.35 17.69 8.06
C PRO B 12 -8.24 16.72 8.44
N ALA B 13 -7.69 16.03 7.43
CA ALA B 13 -6.62 15.07 7.65
C ALA B 13 -5.48 15.68 8.47
N ALA B 14 -4.53 14.84 8.85
CA ALA B 14 -3.39 15.27 9.64
C ALA B 14 -3.82 15.81 11.00
N ILE B 15 -3.18 15.33 12.05
CA ILE B 15 -3.49 15.75 13.41
C ILE B 15 -2.60 15.03 14.41
N GLY B 16 -2.32 13.79 14.12
CA GLY B 16 -1.48 12.98 14.97
C GLY B 16 0.00 13.09 14.62
N PRO B 17 0.77 12.00 14.76
CA PRO B 17 2.19 12.00 14.45
C PRO B 17 2.48 11.78 12.96
N TYR B 18 1.94 12.66 12.11
CA TYR B 18 2.15 12.55 10.68
C TYR B 18 1.68 13.80 9.96
N VAL B 19 1.77 13.80 8.63
CA VAL B 19 1.36 14.94 7.83
C VAL B 19 0.13 14.61 6.98
N GLN B 20 -0.30 15.57 6.18
CA GLN B 20 -1.46 15.38 5.32
C GLN B 20 -1.09 14.62 4.06
N ALA B 21 -0.05 15.09 3.38
CA ALA B 21 0.41 14.45 2.15
C ALA B 21 1.88 14.77 1.87
N VAL B 22 2.40 14.24 0.78
CA VAL B 22 3.78 14.46 0.40
C VAL B 22 3.92 14.66 -1.10
N ASP B 23 4.88 15.49 -1.50
CA ASP B 23 5.12 15.78 -2.91
C ASP B 23 6.55 15.44 -3.31
N LEU B 24 6.75 14.23 -3.83
CA LEU B 24 8.08 13.79 -4.25
C LEU B 24 8.54 14.54 -5.50
N GLY B 25 7.60 15.16 -6.20
CA GLY B 25 7.93 15.89 -7.40
C GLY B 25 7.17 15.39 -8.61
N ASN B 26 7.86 14.66 -9.48
CA ASN B 26 7.23 14.11 -10.67
C ASN B 26 5.98 13.32 -10.31
N LEU B 27 5.98 12.75 -9.10
CA LEU B 27 4.85 11.97 -8.62
C LEU B 27 4.56 12.30 -7.16
N VAL B 28 3.28 12.50 -6.84
CA VAL B 28 2.87 12.82 -5.48
C VAL B 28 2.04 11.70 -4.88
N LEU B 29 1.76 11.82 -3.59
CA LEU B 29 0.97 10.82 -2.88
C LEU B 29 0.09 11.47 -1.81
N THR B 30 -0.87 10.72 -1.30
CA THR B 30 -1.78 11.23 -0.27
C THR B 30 -1.87 10.26 0.90
N SER B 31 -1.81 10.80 2.11
CA SER B 31 -1.89 9.99 3.32
C SER B 31 -3.29 9.40 3.49
N GLY B 32 -3.37 8.28 4.19
CA GLY B 32 -4.65 7.62 4.42
C GLY B 32 -5.66 8.55 5.06
N GLN B 33 -6.48 9.19 4.23
CA GLN B 33 -7.50 10.11 4.71
C GLN B 33 -8.59 9.36 5.48
N ILE B 34 -9.51 10.11 6.09
CA ILE B 34 -10.60 9.51 6.85
C ILE B 34 -11.76 10.47 7.01
N PRO B 35 -12.99 9.94 7.16
CA PRO B 35 -14.20 10.75 7.33
C PRO B 35 -14.22 11.48 8.65
N VAL B 36 -13.44 12.54 8.74
CA VAL B 36 -13.38 13.33 9.95
C VAL B 36 -14.38 14.47 9.89
N ASN B 37 -15.59 14.17 10.34
CA ASN B 37 -16.69 15.14 10.35
C ASN B 37 -16.21 16.56 10.66
N PRO B 38 -16.59 17.54 9.84
CA PRO B 38 -16.20 18.94 10.04
C PRO B 38 -16.92 19.57 11.22
N ALA B 39 -17.90 18.84 11.77
CA ALA B 39 -18.67 19.34 12.90
C ALA B 39 -18.29 18.61 14.20
N THR B 40 -17.73 17.41 14.07
CA THR B 40 -17.34 16.65 15.25
C THR B 40 -15.93 16.09 15.10
N GLY B 41 -15.60 15.65 13.88
CA GLY B 41 -14.29 15.11 13.62
C GLY B 41 -14.20 13.63 13.96
N GLU B 42 -15.07 12.83 13.34
CA GLU B 42 -15.07 11.41 13.59
C GLU B 42 -15.43 10.62 12.33
N VAL B 43 -16.69 10.70 11.93
CA VAL B 43 -17.18 10.00 10.75
C VAL B 43 -18.70 10.13 10.61
N PRO B 44 -19.18 10.85 9.59
CA PRO B 44 -20.62 11.04 9.37
C PRO B 44 -21.37 9.70 9.28
N ALA B 45 -22.55 9.66 9.86
CA ALA B 45 -23.37 8.45 9.84
C ALA B 45 -23.76 8.07 8.41
N ASP B 46 -23.90 9.09 7.57
CA ASP B 46 -24.27 8.89 6.18
C ASP B 46 -23.08 8.39 5.37
N ILE B 47 -23.01 7.07 5.24
CA ILE B 47 -21.94 6.43 4.49
C ILE B 47 -21.66 7.15 3.17
N VAL B 48 -22.71 7.74 2.60
CA VAL B 48 -22.58 8.47 1.34
C VAL B 48 -22.05 9.88 1.59
N ALA B 49 -22.49 10.49 2.69
CA ALA B 49 -22.05 11.83 3.04
C ALA B 49 -20.59 11.81 3.47
N GLN B 50 -20.21 10.77 4.21
CA GLN B 50 -18.83 10.63 4.67
C GLN B 50 -17.94 10.16 3.53
N ALA B 51 -18.56 9.56 2.51
CA ALA B 51 -17.83 9.07 1.35
C ALA B 51 -17.51 10.20 0.38
N ARG B 52 -18.47 11.09 0.17
CA ARG B 52 -18.28 12.22 -0.73
C ARG B 52 -17.38 13.28 -0.09
N GLN B 53 -17.48 13.43 1.22
CA GLN B 53 -16.68 14.40 1.95
C GLN B 53 -15.24 13.92 2.06
N SER B 54 -15.07 12.60 2.11
CA SER B 54 -13.73 12.01 2.21
C SER B 54 -12.94 12.25 0.92
N LEU B 55 -13.65 12.32 -0.19
CA LEU B 55 -13.02 12.54 -1.49
C LEU B 55 -12.68 14.01 -1.68
N GLU B 56 -13.50 14.88 -1.08
CA GLU B 56 -13.29 16.32 -1.19
C GLU B 56 -11.96 16.73 -0.55
N ASN B 57 -11.79 16.38 0.72
CA ASN B 57 -10.57 16.71 1.45
C ASN B 57 -9.34 16.17 0.71
N VAL B 58 -9.43 14.93 0.26
CA VAL B 58 -8.31 14.31 -0.46
C VAL B 58 -7.97 15.11 -1.71
N LYS B 59 -8.98 15.74 -2.30
CA LYS B 59 -8.78 16.54 -3.49
C LYS B 59 -8.19 17.91 -3.14
N ALA B 60 -8.65 18.47 -2.04
CA ALA B 60 -8.18 19.78 -1.59
C ALA B 60 -6.67 19.74 -1.31
N ILE B 61 -6.21 18.62 -0.77
CA ILE B 61 -4.78 18.46 -0.47
C ILE B 61 -3.97 18.41 -1.75
N ILE B 62 -4.37 17.56 -2.67
CA ILE B 62 -3.66 17.42 -3.95
C ILE B 62 -3.75 18.71 -4.74
N GLU B 63 -4.85 19.43 -4.58
CA GLU B 63 -5.05 20.70 -5.28
C GLU B 63 -4.18 21.78 -4.66
N LYS B 64 -4.09 21.77 -3.33
CA LYS B 64 -3.28 22.75 -2.61
C LYS B 64 -1.81 22.58 -2.98
N ALA B 65 -1.46 21.41 -3.49
CA ALA B 65 -0.08 21.13 -3.89
C ALA B 65 0.15 21.51 -5.34
N GLY B 66 -0.92 21.50 -6.13
CA GLY B 66 -0.82 21.84 -7.53
C GLY B 66 -1.15 20.68 -8.44
N LEU B 67 -2.26 20.01 -8.16
CA LEU B 67 -2.68 18.86 -8.96
C LEU B 67 -4.17 18.63 -8.83
N THR B 68 -4.65 17.51 -9.37
CA THR B 68 -6.06 17.17 -9.32
C THR B 68 -6.25 15.68 -9.13
N ALA B 69 -7.51 15.25 -9.08
CA ALA B 69 -7.81 13.84 -8.91
C ALA B 69 -7.66 13.09 -10.23
N ALA B 70 -7.79 13.83 -11.34
CA ALA B 70 -7.65 13.24 -12.66
C ALA B 70 -6.28 12.62 -12.85
N ASP B 71 -5.26 13.26 -12.28
CA ASP B 71 -3.89 12.78 -12.38
C ASP B 71 -3.69 11.52 -11.56
N ILE B 72 -4.50 11.36 -10.51
CA ILE B 72 -4.41 10.19 -9.63
C ILE B 72 -4.33 8.91 -10.47
N VAL B 73 -3.20 8.21 -10.35
CA VAL B 73 -2.99 6.98 -11.10
C VAL B 73 -3.44 5.75 -10.30
N LYS B 74 -3.44 5.87 -8.97
CA LYS B 74 -3.84 4.77 -8.11
C LYS B 74 -4.70 5.26 -6.95
N THR B 75 -5.39 4.35 -6.29
CA THR B 75 -6.25 4.70 -5.17
C THR B 75 -6.61 3.48 -4.32
N THR B 76 -6.36 3.57 -3.03
CA THR B 76 -6.67 2.50 -2.10
C THR B 76 -7.84 2.90 -1.21
N VAL B 77 -8.69 1.94 -0.85
CA VAL B 77 -9.84 2.23 -0.02
C VAL B 77 -10.12 1.11 0.98
N PHE B 78 -9.84 1.38 2.25
CA PHE B 78 -10.07 0.40 3.31
C PHE B 78 -11.46 0.58 3.89
N VAL B 79 -12.35 -0.36 3.57
CA VAL B 79 -13.72 -0.31 4.06
C VAL B 79 -13.96 -1.27 5.21
N LYS B 80 -14.89 -0.89 6.09
CA LYS B 80 -15.23 -1.72 7.23
C LYS B 80 -16.41 -2.62 6.87
N ASP B 81 -16.96 -2.40 5.68
CA ASP B 81 -18.10 -3.18 5.21
C ASP B 81 -18.14 -3.18 3.68
N LEU B 82 -17.89 -4.34 3.08
CA LEU B 82 -17.90 -4.47 1.63
C LEU B 82 -19.28 -4.14 1.06
N ASN B 83 -20.29 -4.10 1.92
CA ASN B 83 -21.65 -3.79 1.49
C ASN B 83 -21.83 -2.29 1.29
N ASP B 84 -20.94 -1.50 1.87
CA ASP B 84 -21.00 -0.05 1.75
C ASP B 84 -20.18 0.44 0.55
N PHE B 85 -19.69 -0.50 -0.26
CA PHE B 85 -18.88 -0.16 -1.43
C PHE B 85 -19.78 0.21 -2.61
N ALA B 86 -20.98 -0.34 -2.64
CA ALA B 86 -21.93 -0.07 -3.72
C ALA B 86 -22.25 1.42 -3.81
N ALA B 87 -22.33 2.08 -2.65
CA ALA B 87 -22.62 3.49 -2.60
C ALA B 87 -21.37 4.33 -2.87
N VAL B 88 -20.24 3.86 -2.37
CA VAL B 88 -18.97 4.55 -2.55
C VAL B 88 -18.44 4.37 -3.98
N ASN B 89 -18.75 3.23 -4.58
CA ASN B 89 -18.31 2.93 -5.93
C ASN B 89 -18.98 3.86 -6.93
N ALA B 90 -20.30 3.98 -6.83
CA ALA B 90 -21.06 4.85 -7.72
C ALA B 90 -20.70 6.32 -7.53
N GLU B 91 -20.50 6.71 -6.27
CA GLU B 91 -20.16 8.08 -5.95
C GLU B 91 -18.70 8.38 -6.28
N TYR B 92 -17.88 7.33 -6.31
CA TYR B 92 -16.45 7.48 -6.61
C TYR B 92 -16.20 7.58 -8.11
N GLU B 93 -17.03 6.87 -8.89
CA GLU B 93 -16.88 6.86 -10.34
C GLU B 93 -17.68 7.98 -10.99
N ARG B 94 -18.79 8.37 -10.36
CA ARG B 94 -19.64 9.42 -10.90
C ARG B 94 -19.05 10.80 -10.68
N PHE B 95 -18.14 10.92 -9.71
CA PHE B 95 -17.51 12.20 -9.43
C PHE B 95 -16.21 12.35 -10.22
N PHE B 96 -15.52 11.24 -10.43
CA PHE B 96 -14.27 11.24 -11.18
C PHE B 96 -14.51 11.79 -12.58
N LYS B 97 -15.38 11.13 -13.31
CA LYS B 97 -15.71 11.56 -14.66
C LYS B 97 -16.33 12.95 -14.64
N GLU B 98 -17.04 13.26 -13.57
CA GLU B 98 -17.67 14.56 -13.43
C GLU B 98 -16.62 15.62 -13.10
N ASN B 99 -15.41 15.16 -12.76
CA ASN B 99 -14.31 16.06 -12.43
C ASN B 99 -13.25 16.00 -13.52
N ASN B 100 -13.43 15.06 -14.46
CA ASN B 100 -12.50 14.87 -15.58
C ASN B 100 -11.42 13.86 -15.20
N HIS B 101 -11.82 12.84 -14.43
CA HIS B 101 -10.91 11.79 -13.99
C HIS B 101 -11.31 10.43 -14.59
N PRO B 102 -11.47 10.35 -15.92
CA PRO B 102 -11.86 9.11 -16.59
C PRO B 102 -10.71 8.11 -16.66
N ASN B 103 -9.49 8.58 -16.41
CA ASN B 103 -8.31 7.72 -16.45
C ASN B 103 -8.51 6.48 -15.60
N PHE B 104 -9.25 6.62 -14.51
CA PHE B 104 -9.52 5.51 -13.61
C PHE B 104 -8.23 4.97 -12.99
N PRO B 105 -7.87 5.41 -11.78
CA PRO B 105 -6.66 4.97 -11.11
C PRO B 105 -6.78 3.54 -10.58
N ALA B 106 -5.64 2.90 -10.34
CA ALA B 106 -5.63 1.53 -9.83
C ALA B 106 -6.43 1.45 -8.53
N ARG B 107 -7.06 0.30 -8.30
CA ARG B 107 -7.86 0.12 -7.10
C ARG B 107 -7.24 -0.93 -6.18
N SER B 108 -7.34 -0.68 -4.87
CA SER B 108 -6.81 -1.61 -3.88
C SER B 108 -7.63 -1.54 -2.60
N CYS B 109 -8.90 -1.90 -2.70
CA CYS B 109 -9.79 -1.86 -1.55
C CYS B 109 -9.87 -3.23 -0.86
N VAL B 110 -10.00 -3.21 0.46
CA VAL B 110 -10.09 -4.45 1.23
C VAL B 110 -10.87 -4.23 2.53
N GLU B 111 -11.76 -5.17 2.84
CA GLU B 111 -12.56 -5.08 4.05
C GLU B 111 -11.69 -5.17 5.30
N VAL B 112 -11.25 -4.02 5.80
CA VAL B 112 -10.38 -3.98 6.98
C VAL B 112 -11.20 -4.23 8.25
N ALA B 113 -10.49 -4.52 9.33
CA ALA B 113 -11.14 -4.77 10.62
C ALA B 113 -11.43 -3.47 11.35
N ARG B 114 -10.44 -2.58 11.37
CA ARG B 114 -10.59 -1.28 12.03
C ARG B 114 -9.60 -0.27 11.48
N LEU B 115 -9.89 1.01 11.66
CA LEU B 115 -9.02 2.08 11.17
C LEU B 115 -8.97 3.22 12.19
N PRO B 116 -8.05 4.18 12.00
CA PRO B 116 -7.90 5.32 12.90
C PRO B 116 -9.24 6.03 13.16
N LYS B 117 -9.48 6.37 14.42
CA LYS B 117 -10.71 7.05 14.81
C LYS B 117 -11.92 6.14 14.65
N ASP B 118 -11.67 4.84 14.47
CA ASP B 118 -12.75 3.87 14.31
C ASP B 118 -13.62 4.23 13.12
N VAL B 119 -13.09 5.04 12.21
CA VAL B 119 -13.83 5.46 11.01
C VAL B 119 -14.36 4.26 10.25
N GLY B 120 -15.50 4.44 9.59
CA GLY B 120 -16.11 3.37 8.83
C GLY B 120 -15.47 3.18 7.46
N LEU B 121 -14.71 4.18 7.01
CA LEU B 121 -14.05 4.11 5.72
C LEU B 121 -12.78 4.95 5.72
N GLU B 122 -11.80 4.50 4.93
CA GLU B 122 -10.53 5.21 4.81
C GLU B 122 -10.17 5.43 3.35
N ILE B 123 -9.51 6.55 3.06
CA ILE B 123 -9.14 6.86 1.68
C ILE B 123 -7.63 7.00 1.53
N GLU B 124 -7.14 6.67 0.33
CA GLU B 124 -5.72 6.75 0.02
C GLU B 124 -5.51 6.65 -1.48
N ALA B 125 -4.49 7.32 -2.01
CA ALA B 125 -4.23 7.28 -3.44
C ALA B 125 -2.94 8.00 -3.80
N ILE B 126 -2.47 7.74 -5.02
CA ILE B 126 -1.24 8.36 -5.52
C ILE B 126 -1.55 9.21 -6.75
N ALA B 127 -0.73 10.24 -6.96
CA ALA B 127 -0.94 11.14 -8.10
C ALA B 127 0.36 11.37 -8.87
N VAL B 128 0.22 11.56 -10.18
CA VAL B 128 1.38 11.80 -11.04
C VAL B 128 1.40 13.25 -11.54
N ARG B 129 2.60 13.75 -11.80
CA ARG B 129 2.76 15.12 -12.29
C ARG B 129 4.22 15.39 -12.68
N LYS B 130 4.63 14.82 -13.80
CA LYS B 130 5.99 15.00 -14.30
C LYS B 130 6.15 16.35 -14.98
N MET C 1 3.88 12.96 -22.02
CA MET C 1 3.88 12.69 -20.55
C MET C 1 3.99 11.21 -20.26
N MET C 2 4.59 10.88 -19.12
CA MET C 2 4.76 9.49 -18.72
C MET C 2 3.57 9.00 -17.91
N THR C 3 2.55 8.50 -18.60
CA THR C 3 1.34 8.01 -17.95
C THR C 3 0.40 7.39 -18.96
N GLN C 4 0.11 6.10 -18.82
CA GLN C 4 -0.78 5.39 -19.72
C GLN C 4 -1.36 4.14 -19.06
N ILE C 5 -2.68 4.11 -18.92
CA ILE C 5 -3.35 2.98 -18.30
C ILE C 5 -3.05 1.68 -19.06
N ILE C 6 -2.82 0.60 -18.32
CA ILE C 6 -2.53 -0.68 -18.93
C ILE C 6 -3.78 -1.53 -19.05
N HIS C 7 -3.93 -2.20 -20.19
CA HIS C 7 -5.08 -3.05 -20.44
C HIS C 7 -4.73 -4.20 -21.37
N THR C 8 -5.21 -5.40 -21.05
CA THR C 8 -4.94 -6.58 -21.86
C THR C 8 -6.15 -7.50 -21.90
N GLU C 9 -6.17 -8.41 -22.87
CA GLU C 9 -7.27 -9.35 -23.02
C GLU C 9 -6.91 -10.70 -22.40
N LYS C 10 -6.03 -10.68 -21.41
CA LYS C 10 -5.60 -11.90 -20.73
C LYS C 10 -5.96 -11.85 -19.25
N ALA C 11 -5.78 -10.69 -18.64
CA ALA C 11 -6.08 -10.51 -17.23
C ALA C 11 -7.56 -10.17 -17.03
N PRO C 12 -8.30 -11.00 -16.28
CA PRO C 12 -9.73 -10.76 -16.01
C PRO C 12 -9.97 -9.51 -15.16
N ALA C 13 -8.89 -8.96 -14.60
CA ALA C 13 -8.99 -7.77 -13.76
C ALA C 13 -9.76 -6.65 -14.46
N ALA C 14 -10.03 -5.59 -13.72
CA ALA C 14 -10.77 -4.45 -14.25
C ALA C 14 -12.18 -4.85 -14.67
N ILE C 15 -13.15 -4.07 -14.20
CA ILE C 15 -14.56 -4.34 -14.52
C ILE C 15 -15.45 -3.30 -13.87
N GLY C 16 -15.07 -2.90 -12.68
CA GLY C 16 -15.83 -1.91 -11.93
C GLY C 16 -15.38 -0.49 -12.24
N PRO C 17 -15.40 0.41 -11.24
CA PRO C 17 -14.99 1.80 -11.43
C PRO C 17 -13.49 2.00 -11.32
N TYR C 18 -12.73 1.30 -12.17
CA TYR C 18 -11.28 1.43 -12.16
C TYR C 18 -10.67 0.76 -13.38
N VAL C 19 -9.34 0.76 -13.46
CA VAL C 19 -8.64 0.15 -14.58
C VAL C 19 -7.85 -1.07 -14.15
N GLN C 20 -7.14 -1.69 -15.09
CA GLN C 20 -6.34 -2.87 -14.80
C GLN C 20 -5.01 -2.50 -14.16
N ALA C 21 -4.30 -1.58 -14.79
CA ALA C 21 -3.00 -1.14 -14.28
C ALA C 21 -2.66 0.26 -14.78
N VAL C 22 -1.50 0.76 -14.37
CA VAL C 22 -1.04 2.08 -14.77
C VAL C 22 0.45 2.07 -15.08
N ASP C 23 0.86 2.91 -16.04
CA ASP C 23 2.26 3.00 -16.42
C ASP C 23 2.77 4.43 -16.29
N LEU C 24 3.37 4.74 -15.13
CA LEU C 24 3.90 6.07 -14.88
C LEU C 24 5.13 6.35 -15.74
N GLY C 25 5.73 5.30 -16.28
CA GLY C 25 6.91 5.47 -17.11
C GLY C 25 8.09 4.67 -16.58
N ASN C 26 9.05 5.38 -15.99
CA ASN C 26 10.23 4.74 -15.43
C ASN C 26 9.83 3.61 -14.48
N LEU C 27 8.67 3.77 -13.85
CA LEU C 27 8.16 2.78 -12.92
C LEU C 27 6.67 2.55 -13.13
N VAL C 28 6.26 1.28 -13.16
CA VAL C 28 4.85 0.94 -13.36
C VAL C 28 4.26 0.29 -12.12
N LEU C 29 2.95 0.09 -12.12
CA LEU C 29 2.26 -0.52 -11.00
C LEU C 29 1.10 -1.39 -11.49
N THR C 30 0.57 -2.23 -10.60
CA THR C 30 -0.53 -3.10 -10.94
C THR C 30 -1.65 -3.00 -9.91
N SER C 31 -2.89 -2.92 -10.40
CA SER C 31 -4.05 -2.82 -9.51
C SER C 31 -4.27 -4.13 -8.75
N GLY C 32 -4.91 -4.02 -7.59
CA GLY C 32 -5.18 -5.19 -6.78
C GLY C 32 -5.94 -6.26 -7.54
N GLN C 33 -5.21 -7.20 -8.12
CA GLN C 33 -5.82 -8.29 -8.88
C GLN C 33 -6.60 -9.22 -7.98
N ILE C 34 -7.32 -10.18 -8.57
CA ILE C 34 -8.12 -11.13 -7.81
C ILE C 34 -8.41 -12.39 -8.63
N PRO C 35 -8.61 -13.52 -7.94
CA PRO C 35 -8.91 -14.80 -8.58
C PRO C 35 -10.27 -14.81 -9.24
N VAL C 36 -10.37 -14.15 -10.37
CA VAL C 36 -11.62 -14.09 -11.11
C VAL C 36 -11.70 -15.22 -12.12
N ASN C 37 -12.22 -16.36 -11.65
CA ASN C 37 -12.36 -17.56 -12.47
C ASN C 37 -12.72 -17.22 -13.92
N PRO C 38 -11.98 -17.76 -14.90
CA PRO C 38 -12.25 -17.52 -16.32
C PRO C 38 -13.51 -18.23 -16.79
N ALA C 39 -14.09 -19.07 -15.93
CA ALA C 39 -15.28 -19.81 -16.27
C ALA C 39 -16.50 -19.26 -15.54
N THR C 40 -16.27 -18.57 -14.42
CA THR C 40 -17.37 -18.00 -13.63
C THR C 40 -17.09 -16.55 -13.27
N GLY C 41 -15.84 -16.28 -12.93
CA GLY C 41 -15.45 -14.93 -12.56
C GLY C 41 -15.68 -14.64 -11.10
N GLU C 42 -15.08 -15.46 -10.23
CA GLU C 42 -15.24 -15.28 -8.79
C GLU C 42 -13.96 -15.65 -8.04
N VAL C 43 -13.65 -16.93 -8.00
CA VAL C 43 -12.46 -17.42 -7.30
C VAL C 43 -12.45 -18.95 -7.26
N PRO C 44 -11.50 -19.60 -7.97
CA PRO C 44 -11.39 -21.05 -8.00
C PRO C 44 -11.26 -21.65 -6.60
N ALA C 45 -11.92 -22.78 -6.37
CA ALA C 45 -11.88 -23.44 -5.08
C ALA C 45 -10.46 -23.88 -4.75
N ASP C 46 -9.70 -24.21 -5.78
CA ASP C 46 -8.32 -24.65 -5.61
C ASP C 46 -7.42 -23.48 -5.30
N ILE C 47 -7.19 -23.27 -4.01
CA ILE C 47 -6.33 -22.20 -3.53
C ILE C 47 -5.05 -22.09 -4.35
N VAL C 48 -4.58 -23.24 -4.84
CA VAL C 48 -3.37 -23.29 -5.65
C VAL C 48 -3.66 -22.91 -7.10
N ALA C 49 -4.82 -23.33 -7.59
CA ALA C 49 -5.23 -23.02 -8.96
C ALA C 49 -5.56 -21.54 -9.09
N GLN C 50 -6.21 -20.99 -8.07
CA GLN C 50 -6.57 -19.58 -8.06
C GLN C 50 -5.33 -18.73 -7.76
N ALA C 51 -4.33 -19.35 -7.15
CA ALA C 51 -3.10 -18.65 -6.81
C ALA C 51 -2.17 -18.53 -8.02
N ARG C 52 -2.09 -19.61 -8.80
CA ARG C 52 -1.24 -19.62 -9.99
C ARG C 52 -1.88 -18.80 -11.11
N GLN C 53 -3.20 -18.83 -11.18
CA GLN C 53 -3.93 -18.08 -12.20
C GLN C 53 -3.91 -16.59 -11.89
N SER C 54 -3.88 -16.26 -10.60
CA SER C 54 -3.85 -14.87 -10.17
C SER C 54 -2.53 -14.22 -10.56
N LEU C 55 -1.47 -15.00 -10.61
CA LEU C 55 -0.15 -14.50 -10.96
C LEU C 55 -0.02 -14.35 -12.48
N GLU C 56 -0.72 -15.22 -13.21
CA GLU C 56 -0.69 -15.18 -14.67
C GLU C 56 -1.26 -13.87 -15.20
N ASN C 57 -2.49 -13.57 -14.81
CA ASN C 57 -3.15 -12.34 -15.25
C ASN C 57 -2.31 -11.11 -14.91
N VAL C 58 -1.79 -11.08 -13.68
CA VAL C 58 -0.96 -9.97 -13.24
C VAL C 58 0.26 -9.82 -14.14
N LYS C 59 0.74 -10.93 -14.68
CA LYS C 59 1.91 -10.92 -15.55
C LYS C 59 1.51 -10.47 -16.96
N ALA C 60 0.34 -10.90 -17.41
CA ALA C 60 -0.14 -10.55 -18.73
C ALA C 60 -0.32 -9.04 -18.86
N ILE C 61 -0.75 -8.41 -17.78
CA ILE C 61 -0.94 -6.96 -17.77
C ILE C 61 0.38 -6.23 -17.89
N ILE C 62 1.33 -6.60 -17.03
CA ILE C 62 2.65 -5.98 -17.04
C ILE C 62 3.36 -6.27 -18.36
N GLU C 63 3.09 -7.43 -18.93
CA GLU C 63 3.70 -7.82 -20.20
C GLU C 63 3.07 -7.04 -21.35
N LYS C 64 1.75 -6.87 -21.28
CA LYS C 64 1.03 -6.12 -22.30
C LYS C 64 1.51 -4.67 -22.34
N ALA C 65 2.10 -4.22 -21.24
CA ALA C 65 2.60 -2.86 -21.15
C ALA C 65 4.04 -2.78 -21.63
N GLY C 66 4.76 -3.89 -21.53
CA GLY C 66 6.15 -3.93 -21.96
C GLY C 66 7.10 -4.18 -20.81
N LEU C 67 6.79 -5.19 -19.99
CA LEU C 67 7.63 -5.52 -18.84
C LEU C 67 7.40 -6.97 -18.43
N THR C 68 7.98 -7.34 -17.30
CA THR C 68 7.86 -8.70 -16.78
C THR C 68 7.75 -8.71 -15.26
N ALA C 69 7.64 -9.89 -14.68
CA ALA C 69 7.53 -10.03 -13.24
C ALA C 69 8.90 -9.87 -12.59
N ALA C 70 9.95 -10.17 -13.36
CA ALA C 70 11.32 -10.06 -12.85
C ALA C 70 11.63 -8.63 -12.42
N ASP C 71 11.09 -7.66 -13.16
CA ASP C 71 11.30 -6.25 -12.85
C ASP C 71 10.56 -5.85 -11.58
N ILE C 72 9.48 -6.56 -11.27
CA ILE C 72 8.69 -6.27 -10.07
C ILE C 72 9.59 -6.09 -8.86
N VAL C 73 9.59 -4.89 -8.30
CA VAL C 73 10.42 -4.58 -7.14
C VAL C 73 9.66 -4.82 -5.83
N LYS C 74 8.34 -4.73 -5.88
CA LYS C 74 7.52 -4.94 -4.69
C LYS C 74 6.28 -5.77 -5.02
N THR C 75 5.64 -6.30 -3.99
CA THR C 75 4.44 -7.11 -4.19
C THR C 75 3.66 -7.27 -2.89
N THR C 76 2.37 -6.94 -2.95
CA THR C 76 1.48 -7.05 -1.79
C THR C 76 0.50 -8.20 -2.01
N VAL C 77 0.16 -8.90 -0.93
CA VAL C 77 -0.77 -10.02 -1.02
C VAL C 77 -1.71 -10.09 0.17
N PHE C 78 -2.98 -9.76 -0.08
CA PHE C 78 -3.99 -9.79 0.98
C PHE C 78 -4.67 -11.15 1.01
N VAL C 79 -4.35 -11.95 2.03
CA VAL C 79 -4.92 -13.28 2.17
C VAL C 79 -6.03 -13.31 3.21
N LYS C 80 -6.98 -14.21 3.00
CA LYS C 80 -8.10 -14.38 3.92
C LYS C 80 -7.77 -15.46 4.95
N ASP C 81 -6.62 -16.12 4.74
CA ASP C 81 -6.17 -17.18 5.63
C ASP C 81 -4.66 -17.33 5.56
N LEU C 82 -3.98 -16.98 6.64
CA LEU C 82 -2.53 -17.08 6.71
C LEU C 82 -2.06 -18.52 6.53
N ASN C 83 -2.98 -19.46 6.67
CA ASN C 83 -2.66 -20.87 6.52
C ASN C 83 -2.55 -21.25 5.04
N ASP C 84 -3.12 -20.43 4.17
CA ASP C 84 -3.08 -20.67 2.73
C ASP C 84 -1.87 -20.00 2.08
N PHE C 85 -0.98 -19.45 2.91
CA PHE C 85 0.21 -18.79 2.41
C PHE C 85 1.32 -19.79 2.11
N ALA C 86 1.30 -20.92 2.81
CA ALA C 86 2.30 -21.96 2.60
C ALA C 86 2.29 -22.46 1.17
N ALA C 87 1.11 -22.54 0.58
CA ALA C 87 0.96 -23.02 -0.79
C ALA C 87 1.25 -21.89 -1.79
N VAL C 88 0.85 -20.68 -1.43
CA VAL C 88 1.07 -19.53 -2.29
C VAL C 88 2.53 -19.08 -2.25
N ASN C 89 3.17 -19.28 -1.10
CA ASN C 89 4.57 -18.90 -0.93
C ASN C 89 5.47 -19.74 -1.82
N ALA C 90 5.28 -21.06 -1.77
CA ALA C 90 6.08 -21.98 -2.57
C ALA C 90 5.82 -21.79 -4.06
N GLU C 91 4.56 -21.56 -4.41
CA GLU C 91 4.18 -21.36 -5.81
C GLU C 91 4.58 -19.97 -6.30
N TYR C 92 4.72 -19.03 -5.37
CA TYR C 92 5.10 -17.66 -5.70
C TYR C 92 6.61 -17.53 -5.90
N GLU C 93 7.37 -18.31 -5.15
CA GLU C 93 8.83 -18.26 -5.24
C GLU C 93 9.37 -19.24 -6.28
N ARG C 94 8.65 -20.34 -6.48
CA ARG C 94 9.06 -21.35 -7.45
C ARG C 94 8.80 -20.91 -8.89
N PHE C 95 7.88 -19.96 -9.06
CA PHE C 95 7.56 -19.47 -10.39
C PHE C 95 8.41 -18.26 -10.74
N PHE C 96 8.73 -17.45 -9.74
CA PHE C 96 9.56 -16.27 -9.95
C PHE C 96 10.90 -16.66 -10.53
N LYS C 97 11.62 -17.50 -9.81
CA LYS C 97 12.92 -17.97 -10.26
C LYS C 97 12.78 -18.75 -11.56
N GLU C 98 11.65 -19.43 -11.72
CA GLU C 98 11.39 -20.20 -12.93
C GLU C 98 11.06 -19.26 -14.09
N ASN C 99 10.82 -17.99 -13.77
CA ASN C 99 10.51 -16.99 -14.78
C ASN C 99 11.66 -15.99 -14.91
N ASN C 100 12.65 -16.13 -14.02
CA ASN C 100 13.82 -15.25 -14.00
C ASN C 100 13.58 -14.05 -13.11
N HIS C 101 12.84 -14.27 -12.01
CA HIS C 101 12.53 -13.20 -11.06
C HIS C 101 13.17 -13.48 -9.71
N PRO C 102 14.49 -13.72 -9.67
CA PRO C 102 15.21 -14.00 -8.43
C PRO C 102 15.42 -12.75 -7.57
N ASN C 103 15.21 -11.58 -8.19
CA ASN C 103 15.38 -10.31 -7.48
C ASN C 103 14.59 -10.29 -6.17
N PHE C 104 13.44 -10.97 -6.17
CA PHE C 104 12.60 -11.04 -4.99
C PHE C 104 12.10 -9.65 -4.59
N PRO C 105 10.89 -9.26 -5.01
CA PRO C 105 10.32 -7.96 -4.69
C PRO C 105 9.87 -7.87 -3.23
N ALA C 106 9.75 -6.65 -2.72
CA ALA C 106 9.31 -6.45 -1.35
C ALA C 106 7.98 -7.13 -1.10
N ARG C 107 7.77 -7.61 0.12
CA ARG C 107 6.53 -8.28 0.46
C ARG C 107 5.72 -7.49 1.48
N SER C 108 4.40 -7.51 1.31
CA SER C 108 3.49 -6.81 2.21
C SER C 108 2.16 -7.55 2.30
N CYS C 109 2.20 -8.77 2.81
CA CYS C 109 1.00 -9.58 2.95
C CYS C 109 0.40 -9.44 4.34
N VAL C 110 -0.93 -9.48 4.41
CA VAL C 110 -1.64 -9.37 5.68
C VAL C 110 -2.99 -10.07 5.63
N GLU C 111 -3.30 -10.83 6.67
CA GLU C 111 -4.56 -11.55 6.75
C GLU C 111 -5.73 -10.59 6.80
N VAL C 112 -6.28 -10.25 5.63
CA VAL C 112 -7.40 -9.33 5.55
C VAL C 112 -8.71 -10.02 5.95
N ALA C 113 -9.73 -9.21 6.22
CA ALA C 113 -11.04 -9.73 6.62
C ALA C 113 -11.86 -10.12 5.40
N ARG C 114 -11.87 -9.26 4.39
CA ARG C 114 -12.61 -9.50 3.17
C ARG C 114 -12.06 -8.67 2.01
N LEU C 115 -12.34 -9.10 0.79
CA LEU C 115 -11.87 -8.40 -0.40
C LEU C 115 -12.94 -8.42 -1.49
N PRO C 116 -12.76 -7.63 -2.56
CA PRO C 116 -13.72 -7.56 -3.67
C PRO C 116 -14.10 -8.94 -4.19
N LYS C 117 -15.38 -9.13 -4.43
CA LYS C 117 -15.89 -10.41 -4.94
C LYS C 117 -15.75 -11.52 -3.89
N ASP C 118 -15.49 -11.12 -2.65
CA ASP C 118 -15.33 -12.08 -1.57
C ASP C 118 -14.21 -13.08 -1.87
N VAL C 119 -13.33 -12.71 -2.80
CA VAL C 119 -12.21 -13.57 -3.18
C VAL C 119 -11.41 -14.02 -1.96
N GLY C 120 -10.83 -15.21 -2.05
CA GLY C 120 -10.05 -15.72 -0.94
C GLY C 120 -8.64 -15.18 -0.91
N LEU C 121 -8.21 -14.57 -2.01
CA LEU C 121 -6.87 -14.00 -2.10
C LEU C 121 -6.83 -12.84 -3.08
N GLU C 122 -5.96 -11.88 -2.81
CA GLU C 122 -5.81 -10.71 -3.67
C GLU C 122 -4.34 -10.50 -4.00
N ILE C 123 -4.07 -9.99 -5.20
CA ILE C 123 -2.70 -9.75 -5.63
C ILE C 123 -2.45 -8.28 -5.95
N GLU C 124 -1.22 -7.84 -5.76
CA GLU C 124 -0.82 -6.47 -6.02
C GLU C 124 0.70 -6.36 -6.03
N ALA C 125 1.25 -5.46 -6.84
CA ALA C 125 2.70 -5.31 -6.91
C ALA C 125 3.10 -4.14 -7.79
N ILE C 126 4.36 -3.72 -7.66
CA ILE C 126 4.90 -2.62 -8.44
C ILE C 126 6.05 -3.10 -9.32
N ALA C 127 6.26 -2.45 -10.45
CA ALA C 127 7.32 -2.83 -11.37
C ALA C 127 8.16 -1.63 -11.80
N VAL C 128 9.44 -1.87 -12.04
CA VAL C 128 10.36 -0.81 -12.46
C VAL C 128 10.77 -1.00 -13.92
N ARG C 129 11.08 0.10 -14.58
CA ARG C 129 11.50 0.07 -15.98
C ARG C 129 11.96 1.44 -16.45
N LYS C 130 13.15 1.85 -15.99
CA LYS C 130 13.71 3.14 -16.36
C LYS C 130 14.32 3.09 -17.76
N MET A 1 23.33 2.07 -14.29
CA MET A 1 22.95 1.11 -13.22
C MET A 1 21.96 1.74 -12.25
N MET A 2 20.78 1.13 -12.14
CA MET A 2 19.74 1.62 -11.24
C MET A 2 19.08 0.48 -10.49
N THR A 3 18.32 0.81 -9.45
CA THR A 3 17.63 -0.19 -8.65
C THR A 3 18.63 -1.15 -8.01
N GLN A 4 18.91 -0.94 -6.74
CA GLN A 4 19.85 -1.78 -6.01
C GLN A 4 19.15 -2.49 -4.85
N ILE A 5 18.99 -3.81 -4.97
CA ILE A 5 18.35 -4.61 -3.93
C ILE A 5 19.03 -4.40 -2.58
N ILE A 6 18.23 -4.12 -1.56
CA ILE A 6 18.76 -3.91 -0.22
C ILE A 6 18.80 -5.20 0.59
N HIS A 7 19.75 -5.27 1.52
CA HIS A 7 19.90 -6.46 2.36
C HIS A 7 20.99 -6.25 3.40
N THR A 8 20.58 -6.11 4.65
CA THR A 8 21.53 -5.90 5.74
C THR A 8 21.37 -6.96 6.82
N GLU A 9 22.30 -6.99 7.77
CA GLU A 9 22.26 -7.96 8.86
C GLU A 9 21.67 -7.33 10.12
N LYS A 10 20.91 -6.26 9.94
CA LYS A 10 20.29 -5.56 11.06
C LYS A 10 18.79 -5.85 11.11
N ALA A 11 18.18 -5.92 9.94
CA ALA A 11 16.75 -6.19 9.83
C ALA A 11 16.49 -7.65 9.48
N PRO A 12 15.64 -8.34 10.27
CA PRO A 12 15.32 -9.76 10.02
C PRO A 12 14.43 -9.95 8.79
N ALA A 13 14.05 -8.86 8.14
CA ALA A 13 13.19 -8.91 6.96
C ALA A 13 13.68 -9.97 5.97
N ALA A 14 12.86 -10.24 4.96
CA ALA A 14 13.20 -11.23 3.94
C ALA A 14 13.34 -12.61 4.55
N ILE A 15 12.53 -13.55 4.09
CA ILE A 15 12.55 -14.92 4.60
C ILE A 15 12.02 -15.91 3.57
N GLY A 16 11.92 -15.49 2.32
CA GLY A 16 11.43 -16.37 1.28
C GLY A 16 11.27 -15.68 -0.07
N PRO A 17 10.04 -15.54 -0.58
CA PRO A 17 9.78 -14.89 -1.87
C PRO A 17 9.77 -13.37 -1.79
N TYR A 18 10.81 -12.80 -1.19
CA TYR A 18 10.92 -11.35 -1.06
C TYR A 18 12.23 -10.96 -0.37
N VAL A 19 12.67 -9.74 -0.61
CA VAL A 19 13.90 -9.23 -0.02
C VAL A 19 13.62 -8.23 1.09
N GLN A 20 14.67 -7.62 1.61
CA GLN A 20 14.54 -6.64 2.68
C GLN A 20 13.98 -5.33 2.15
N ALA A 21 14.50 -4.89 1.00
CA ALA A 21 14.06 -3.65 0.38
C ALA A 21 14.76 -3.43 -0.95
N VAL A 22 14.39 -2.34 -1.62
CA VAL A 22 14.97 -2.00 -2.93
C VAL A 22 15.25 -0.50 -3.02
N ASP A 23 16.45 -0.16 -3.50
CA ASP A 23 16.84 1.23 -3.65
C ASP A 23 16.78 1.66 -5.11
N LEU A 24 15.73 2.39 -5.47
CA LEU A 24 15.56 2.87 -6.83
C LEU A 24 16.39 4.12 -7.09
N GLY A 25 16.82 4.78 -6.01
CA GLY A 25 17.61 5.98 -6.15
C GLY A 25 16.96 7.17 -5.48
N ASN A 26 16.36 8.05 -6.28
CA ASN A 26 15.68 9.22 -5.77
C ASN A 26 14.58 8.80 -4.79
N LEU A 27 14.03 7.61 -5.01
CA LEU A 27 12.98 7.09 -4.16
C LEU A 27 13.27 5.64 -3.76
N VAL A 28 13.32 5.39 -2.46
CA VAL A 28 13.59 4.05 -1.94
C VAL A 28 12.33 3.45 -1.31
N LEU A 29 12.18 2.13 -1.44
CA LEU A 29 11.03 1.45 -0.88
C LEU A 29 11.47 0.31 0.04
N THR A 30 10.76 0.16 1.16
CA THR A 30 11.07 -0.89 2.13
C THR A 30 9.95 -1.92 2.19
N SER A 31 10.26 -3.10 2.73
CA SER A 31 9.28 -4.17 2.84
C SER A 31 8.63 -4.17 4.21
N GLY A 32 7.52 -4.89 4.34
CA GLY A 32 6.81 -4.97 5.61
C GLY A 32 7.69 -5.51 6.73
N GLN A 33 8.31 -4.60 7.47
CA GLN A 33 9.18 -4.99 8.57
C GLN A 33 8.41 -5.71 9.67
N ILE A 34 9.07 -6.67 10.31
CA ILE A 34 8.44 -7.44 11.38
C ILE A 34 9.40 -7.55 12.58
N PRO A 35 8.86 -7.49 13.81
CA PRO A 35 9.66 -7.59 15.04
C PRO A 35 10.18 -8.99 15.31
N VAL A 36 10.88 -9.56 14.34
CA VAL A 36 11.44 -10.90 14.51
C VAL A 36 12.44 -10.92 15.66
N ASN A 37 11.90 -11.11 16.86
CA ASN A 37 12.70 -11.16 18.08
C ASN A 37 14.07 -11.81 17.86
N PRO A 38 15.16 -11.11 18.21
CA PRO A 38 16.51 -11.64 18.05
C PRO A 38 16.80 -12.76 19.05
N ALA A 39 15.88 -12.95 19.99
CA ALA A 39 16.04 -13.97 21.02
C ALA A 39 15.23 -15.23 20.69
N THR A 40 14.13 -15.07 19.94
CA THR A 40 13.31 -16.21 19.58
C THR A 40 13.04 -16.26 18.08
N GLY A 41 12.99 -15.09 17.46
CA GLY A 41 12.75 -15.01 16.03
C GLY A 41 11.28 -15.10 15.69
N GLU A 42 10.50 -14.11 16.16
CA GLU A 42 9.07 -14.08 15.88
C GLU A 42 8.49 -12.69 16.11
N VAL A 43 8.21 -12.36 17.36
CA VAL A 43 7.64 -11.07 17.71
C VAL A 43 7.47 -10.92 19.22
N PRO A 44 8.28 -10.04 19.85
CA PRO A 44 8.20 -9.81 21.31
C PRO A 44 6.79 -9.48 21.77
N ALA A 45 6.41 -10.02 22.92
CA ALA A 45 5.09 -9.78 23.48
C ALA A 45 4.94 -8.34 23.96
N ASP A 46 6.05 -7.77 24.41
CA ASP A 46 6.08 -6.39 24.89
C ASP A 46 5.78 -5.43 23.76
N ILE A 47 4.52 -5.10 23.62
CA ILE A 47 4.06 -4.17 22.58
C ILE A 47 5.04 -3.01 22.41
N VAL A 48 5.68 -2.61 23.51
CA VAL A 48 6.65 -1.52 23.48
C VAL A 48 7.96 -1.97 22.86
N ALA A 49 8.54 -3.02 23.44
CA ALA A 49 9.79 -3.57 22.95
C ALA A 49 9.63 -4.11 21.53
N GLN A 50 8.42 -4.55 21.23
CA GLN A 50 8.11 -5.09 19.91
C GLN A 50 7.87 -3.96 18.91
N ALA A 51 7.39 -2.83 19.41
CA ALA A 51 7.11 -1.68 18.56
C ALA A 51 8.38 -0.90 18.22
N ARG A 52 9.32 -0.86 19.17
CA ARG A 52 10.57 -0.15 18.95
C ARG A 52 11.53 -0.95 18.08
N GLN A 53 11.41 -2.28 18.14
CA GLN A 53 12.26 -3.16 17.36
C GLN A 53 11.95 -3.03 15.88
N SER A 54 10.66 -3.10 15.54
CA SER A 54 10.23 -2.98 14.15
C SER A 54 10.67 -1.65 13.56
N LEU A 55 10.65 -0.61 14.37
CA LEU A 55 11.03 0.72 13.93
C LEU A 55 12.51 0.76 13.53
N GLU A 56 13.37 0.34 14.45
CA GLU A 56 14.81 0.33 14.20
C GLU A 56 15.15 -0.56 13.00
N ASN A 57 14.34 -1.60 12.80
CA ASN A 57 14.56 -2.51 11.68
C ASN A 57 14.28 -1.82 10.35
N VAL A 58 13.32 -0.91 10.35
CA VAL A 58 12.96 -0.18 9.15
C VAL A 58 14.06 0.80 8.76
N LYS A 59 14.51 1.59 9.72
CA LYS A 59 15.57 2.57 9.48
C LYS A 59 16.91 1.88 9.27
N ALA A 60 17.09 0.72 9.90
CA ALA A 60 18.33 -0.03 9.78
C ALA A 60 18.58 -0.42 8.33
N ILE A 61 17.52 -0.84 7.64
CA ILE A 61 17.63 -1.24 6.24
C ILE A 61 17.83 -0.01 5.36
N ILE A 62 17.08 1.04 5.65
CA ILE A 62 17.18 2.28 4.89
C ILE A 62 18.52 2.97 5.14
N GLU A 63 19.06 2.80 6.35
CA GLU A 63 20.34 3.40 6.70
C GLU A 63 21.48 2.64 6.03
N LYS A 64 21.37 1.32 6.00
CA LYS A 64 22.39 0.49 5.38
C LYS A 64 22.45 0.74 3.89
N ALA A 65 21.37 1.32 3.34
CA ALA A 65 21.31 1.61 1.92
C ALA A 65 21.84 3.02 1.63
N GLY A 66 21.74 3.89 2.63
CA GLY A 66 22.21 5.25 2.47
C GLY A 66 21.10 6.28 2.60
N LEU A 67 20.21 6.06 3.57
CA LEU A 67 19.09 6.97 3.79
C LEU A 67 18.61 6.87 5.23
N THR A 68 18.13 7.99 5.76
CA THR A 68 17.63 8.03 7.14
C THR A 68 16.11 7.99 7.17
N ALA A 69 15.54 8.03 8.36
CA ALA A 69 14.09 8.02 8.50
C ALA A 69 13.51 9.40 8.21
N ALA A 70 14.34 10.43 8.37
CA ALA A 70 13.92 11.80 8.11
C ALA A 70 13.52 12.00 6.66
N ASP A 71 14.21 11.29 5.76
CA ASP A 71 13.93 11.38 4.33
C ASP A 71 12.64 10.63 3.98
N ILE A 72 12.25 9.69 4.84
CA ILE A 72 11.05 8.91 4.62
C ILE A 72 9.85 9.82 4.39
N VAL A 73 9.22 9.66 3.23
CA VAL A 73 8.06 10.47 2.86
C VAL A 73 6.75 9.85 3.33
N LYS A 74 6.68 8.52 3.35
CA LYS A 74 5.47 7.83 3.78
C LYS A 74 5.80 6.77 4.83
N THR A 75 4.77 6.27 5.51
CA THR A 75 4.96 5.24 6.53
C THR A 75 3.65 4.53 6.86
N THR A 76 3.53 3.29 6.39
CA THR A 76 2.33 2.50 6.66
C THR A 76 2.52 1.65 7.91
N VAL A 77 1.42 1.28 8.55
CA VAL A 77 1.51 0.48 9.78
C VAL A 77 0.28 -0.41 9.96
N PHE A 78 0.44 -1.69 9.67
CA PHE A 78 -0.65 -2.65 9.82
C PHE A 78 -0.64 -3.25 11.23
N VAL A 79 -1.50 -2.73 12.09
CA VAL A 79 -1.58 -3.21 13.47
C VAL A 79 -2.72 -4.20 13.65
N LYS A 80 -2.52 -5.15 14.55
CA LYS A 80 -3.54 -6.15 14.84
C LYS A 80 -4.59 -5.58 15.79
N ASP A 81 -4.37 -4.34 16.23
CA ASP A 81 -5.30 -3.67 17.13
C ASP A 81 -5.07 -2.16 17.10
N LEU A 82 -6.16 -1.40 17.18
CA LEU A 82 -6.08 0.06 17.17
C LEU A 82 -5.78 0.61 18.56
N ASN A 83 -5.59 -0.28 19.53
CA ASN A 83 -5.29 0.11 20.89
C ASN A 83 -3.80 0.03 21.17
N ASP A 84 -3.11 -0.83 20.41
CA ASP A 84 -1.67 -1.00 20.58
C ASP A 84 -0.90 0.18 20.00
N PHE A 85 -1.50 0.85 19.02
CA PHE A 85 -0.87 2.00 18.38
C PHE A 85 -0.57 3.11 19.39
N ALA A 86 -1.24 3.07 20.54
CA ALA A 86 -1.04 4.08 21.57
C ALA A 86 0.43 4.19 21.96
N ALA A 87 1.01 3.09 22.40
CA ALA A 87 2.41 3.07 22.80
C ALA A 87 3.33 3.25 21.61
N VAL A 88 2.90 2.76 20.45
CA VAL A 88 3.69 2.87 19.23
C VAL A 88 3.73 4.31 18.74
N ASN A 89 2.58 4.99 18.82
CA ASN A 89 2.48 6.38 18.38
C ASN A 89 3.35 7.28 19.24
N ALA A 90 3.25 7.10 20.55
CA ALA A 90 4.02 7.90 21.50
C ALA A 90 5.52 7.71 21.28
N GLU A 91 5.91 6.50 20.91
CA GLU A 91 7.33 6.19 20.67
C GLU A 91 7.71 6.39 19.20
N TYR A 92 6.71 6.46 18.33
CA TYR A 92 6.95 6.64 16.90
C TYR A 92 7.21 8.11 16.56
N GLU A 93 6.49 9.00 17.22
CA GLU A 93 6.64 10.44 16.98
C GLU A 93 7.74 11.03 17.84
N ARG A 94 7.96 10.43 19.01
CA ARG A 94 8.99 10.91 19.94
C ARG A 94 10.39 10.57 19.45
N PHE A 95 10.51 9.56 18.59
CA PHE A 95 11.81 9.15 18.07
C PHE A 95 12.12 9.88 16.76
N PHE A 96 11.09 10.13 15.96
CA PHE A 96 11.28 10.83 14.69
C PHE A 96 11.93 12.18 14.93
N LYS A 97 11.28 12.99 15.74
CA LYS A 97 11.80 14.31 16.07
C LYS A 97 13.12 14.19 16.82
N GLU A 98 13.26 13.10 17.57
CA GLU A 98 14.48 12.85 18.33
C GLU A 98 15.59 12.35 17.40
N ASN A 99 15.22 12.04 16.16
CA ASN A 99 16.17 11.57 15.16
C ASN A 99 16.40 12.64 14.10
N ASN A 100 15.59 13.69 14.16
CA ASN A 100 15.65 14.79 13.21
C ASN A 100 14.76 14.48 12.01
N HIS A 101 13.66 13.78 12.29
CA HIS A 101 12.70 13.40 11.27
C HIS A 101 11.34 14.05 11.54
N PRO A 102 11.30 15.39 11.67
CA PRO A 102 10.05 16.12 11.93
C PRO A 102 9.18 16.24 10.69
N ASN A 103 9.73 15.90 9.52
CA ASN A 103 8.98 15.97 8.27
C ASN A 103 7.61 15.33 8.41
N PHE A 104 7.55 14.23 9.16
CA PHE A 104 6.31 13.51 9.40
C PHE A 104 5.75 12.92 8.10
N PRO A 105 6.25 11.74 7.70
CA PRO A 105 5.79 11.06 6.47
C PRO A 105 4.33 10.66 6.56
N ALA A 106 3.68 10.50 5.40
CA ALA A 106 2.28 10.11 5.36
C ALA A 106 2.06 8.84 6.18
N ARG A 107 0.81 8.56 6.52
CA ARG A 107 0.48 7.38 7.30
C ARG A 107 -0.69 6.62 6.72
N SER A 108 -0.62 5.29 6.80
CA SER A 108 -1.68 4.42 6.30
C SER A 108 -1.84 3.21 7.23
N CYS A 109 -2.26 3.48 8.45
CA CYS A 109 -2.44 2.43 9.45
C CYS A 109 -3.86 1.87 9.42
N VAL A 110 -3.96 0.56 9.56
CA VAL A 110 -5.26 -0.11 9.56
C VAL A 110 -5.24 -1.36 10.43
N GLU A 111 -6.25 -1.50 11.29
CA GLU A 111 -6.34 -2.65 12.18
C GLU A 111 -6.50 -3.94 11.37
N VAL A 112 -5.38 -4.52 10.97
CA VAL A 112 -5.39 -5.76 10.20
C VAL A 112 -5.78 -6.94 11.08
N ALA A 113 -6.21 -8.03 10.44
CA ALA A 113 -6.61 -9.23 11.17
C ALA A 113 -5.39 -10.01 11.66
N ARG A 114 -4.41 -10.19 10.77
CA ARG A 114 -3.20 -10.92 11.12
C ARG A 114 -2.03 -10.46 10.26
N LEU A 115 -0.82 -10.86 10.65
CA LEU A 115 0.38 -10.49 9.91
C LEU A 115 1.38 -11.65 9.89
N PRO A 116 2.33 -11.62 8.94
CA PRO A 116 3.35 -12.67 8.81
C PRO A 116 4.01 -13.01 10.15
N LYS A 117 4.16 -14.30 10.42
CA LYS A 117 4.77 -14.75 11.66
C LYS A 117 3.93 -14.38 12.87
N ASP A 118 2.66 -14.03 12.61
CA ASP A 118 1.75 -13.64 13.68
C ASP A 118 2.26 -12.39 14.41
N VAL A 119 3.18 -11.67 13.77
CA VAL A 119 3.74 -10.45 14.35
C VAL A 119 2.65 -9.49 14.77
N GLY A 120 2.65 -9.12 16.05
CA GLY A 120 1.65 -8.20 16.56
C GLY A 120 1.60 -6.89 15.80
N LEU A 121 2.69 -6.56 15.10
CA LEU A 121 2.75 -5.33 14.33
C LEU A 121 3.71 -5.45 13.16
N GLU A 122 3.38 -4.73 12.08
CA GLU A 122 4.20 -4.72 10.87
C GLU A 122 4.26 -3.30 10.32
N ILE A 123 5.33 -2.96 9.63
CA ILE A 123 5.46 -1.61 9.08
C ILE A 123 6.29 -1.57 7.80
N GLU A 124 5.83 -0.76 6.86
CA GLU A 124 6.50 -0.57 5.58
C GLU A 124 6.46 0.92 5.21
N ALA A 125 7.53 1.43 4.61
CA ALA A 125 7.57 2.84 4.25
C ALA A 125 8.41 3.11 3.01
N ILE A 126 8.35 4.35 2.55
CA ILE A 126 9.12 4.80 1.39
C ILE A 126 9.97 6.01 1.74
N ALA A 127 11.06 6.20 1.02
CA ALA A 127 11.95 7.32 1.28
C ALA A 127 12.38 8.02 -0.01
N VAL A 128 12.69 9.31 0.10
CA VAL A 128 13.13 10.09 -1.04
C VAL A 128 14.56 10.57 -0.87
N ARG A 129 15.17 11.01 -1.96
CA ARG A 129 16.54 11.49 -1.93
C ARG A 129 16.88 12.29 -3.19
N LYS A 130 16.20 13.42 -3.36
CA LYS A 130 16.43 14.27 -4.53
C LYS A 130 17.85 14.82 -4.53
N MET B 1 15.56 21.88 -5.66
CA MET B 1 14.53 21.70 -4.60
C MET B 1 13.46 20.71 -5.05
N MET B 2 13.32 19.62 -4.30
CA MET B 2 12.34 18.59 -4.61
C MET B 2 11.61 18.12 -3.36
N THR B 3 10.51 17.40 -3.54
CA THR B 3 9.73 16.89 -2.42
C THR B 3 9.22 18.04 -1.56
N GLN B 4 7.95 18.38 -1.73
CA GLN B 4 7.34 19.46 -0.96
C GLN B 4 6.19 18.94 -0.11
N ILE B 5 6.38 18.93 1.20
CA ILE B 5 5.36 18.46 2.13
C ILE B 5 4.03 19.20 1.92
N ILE B 6 2.95 18.44 1.79
CA ILE B 6 1.64 19.04 1.58
C ILE B 6 0.92 19.30 2.91
N HIS B 7 0.06 20.30 2.92
CA HIS B 7 -0.69 20.65 4.12
C HIS B 7 -1.67 21.79 3.83
N THR B 8 -2.96 21.46 3.81
CA THR B 8 -4.00 22.44 3.55
C THR B 8 -5.02 22.48 4.69
N GLU B 9 -5.89 23.48 4.65
CA GLU B 9 -6.93 23.63 5.68
C GLU B 9 -8.26 23.06 5.19
N LYS B 10 -8.20 22.16 4.21
CA LYS B 10 -9.40 21.55 3.66
C LYS B 10 -9.53 20.10 4.13
N ALA B 11 -8.39 19.41 4.20
CA ALA B 11 -8.36 18.02 4.64
C ALA B 11 -7.93 17.92 6.10
N PRO B 12 -8.72 17.21 6.92
CA PRO B 12 -8.41 17.03 8.35
C PRO B 12 -7.23 16.09 8.59
N ALA B 13 -6.68 15.54 7.51
CA ALA B 13 -5.55 14.62 7.61
C ALA B 13 -4.46 15.16 8.54
N ALA B 14 -3.50 14.30 8.85
CA ALA B 14 -2.40 14.68 9.74
C ALA B 14 -2.92 15.03 11.13
N ILE B 15 -2.45 14.29 12.12
CA ILE B 15 -2.86 14.52 13.50
C ILE B 15 -1.81 14.03 14.50
N GLY B 16 -0.60 13.79 14.02
CA GLY B 16 0.46 13.33 14.89
C GLY B 16 1.75 13.00 14.16
N PRO B 17 2.17 11.72 14.14
CA PRO B 17 3.40 11.31 13.47
C PRO B 17 3.22 11.13 11.96
N TYR B 18 2.66 12.14 11.30
CA TYR B 18 2.44 12.08 9.86
C TYR B 18 1.81 13.38 9.36
N VAL B 19 2.01 13.66 8.08
CA VAL B 19 1.47 14.87 7.46
C VAL B 19 0.29 14.55 6.56
N GLN B 20 -0.21 15.56 5.86
CA GLN B 20 -1.35 15.38 4.96
C GLN B 20 -0.93 14.64 3.70
N ALA B 21 0.22 15.02 3.14
CA ALA B 21 0.73 14.39 1.94
C ALA B 21 2.10 14.95 1.56
N VAL B 22 2.68 14.41 0.49
CA VAL B 22 3.98 14.86 0.02
C VAL B 22 4.02 14.94 -1.50
N ASP B 23 4.54 16.06 -2.01
CA ASP B 23 4.64 16.27 -3.45
C ASP B 23 6.06 16.05 -3.95
N LEU B 24 6.30 14.89 -4.56
CA LEU B 24 7.63 14.57 -5.08
C LEU B 24 7.86 15.22 -6.43
N GLY B 25 6.78 15.64 -7.09
CA GLY B 25 6.89 16.27 -8.38
C GLY B 25 6.11 15.52 -9.44
N ASN B 26 6.82 14.77 -10.28
CA ASN B 26 6.18 13.99 -11.33
C ASN B 26 5.17 13.03 -10.73
N LEU B 27 5.43 12.61 -9.50
CA LEU B 27 4.54 11.70 -8.80
C LEU B 27 4.25 12.18 -7.38
N VAL B 28 2.97 12.36 -7.08
CA VAL B 28 2.55 12.83 -5.76
C VAL B 28 1.88 11.70 -4.98
N LEU B 29 2.08 11.70 -3.66
CA LEU B 29 1.49 10.68 -2.80
C LEU B 29 0.66 11.31 -1.68
N THR B 30 -0.49 10.73 -1.39
CA THR B 30 -1.36 11.22 -0.34
C THR B 30 -1.44 10.24 0.83
N SER B 31 -1.88 10.73 1.98
CA SER B 31 -2.00 9.89 3.17
C SER B 31 -3.41 9.34 3.33
N GLY B 32 -3.56 8.34 4.19
CA GLY B 32 -4.85 7.74 4.42
C GLY B 32 -5.88 8.75 4.89
N GLN B 33 -6.64 9.30 3.97
CA GLN B 33 -7.65 10.30 4.29
C GLN B 33 -8.76 9.69 5.16
N ILE B 34 -9.30 10.50 6.06
CA ILE B 34 -10.36 10.06 6.95
C ILE B 34 -11.48 11.10 7.02
N PRO B 35 -12.75 10.64 7.08
CA PRO B 35 -13.92 11.53 7.13
C PRO B 35 -14.07 12.24 8.48
N VAL B 36 -13.03 12.94 8.91
CA VAL B 36 -13.09 13.67 10.17
C VAL B 36 -14.17 14.73 10.13
N ASN B 37 -15.38 14.32 10.45
CA ASN B 37 -16.55 15.20 10.44
C ASN B 37 -16.20 16.61 10.91
N PRO B 38 -16.52 17.63 10.10
CA PRO B 38 -16.25 19.03 10.44
C PRO B 38 -17.16 19.51 11.56
N ALA B 39 -18.15 18.70 11.92
CA ALA B 39 -19.10 19.04 12.96
C ALA B 39 -18.74 18.38 14.29
N THR B 40 -18.08 17.22 14.23
CA THR B 40 -17.71 16.51 15.46
C THR B 40 -16.22 16.15 15.46
N GLY B 41 -15.68 15.92 14.27
CA GLY B 41 -14.28 15.58 14.16
C GLY B 41 -14.02 14.10 14.41
N GLU B 42 -14.59 13.25 13.55
CA GLU B 42 -14.41 11.81 13.69
C GLU B 42 -14.75 11.08 12.40
N VAL B 43 -16.03 10.84 12.18
CA VAL B 43 -16.49 10.14 10.98
C VAL B 43 -18.02 10.06 10.93
N PRO B 44 -18.65 10.79 9.99
CA PRO B 44 -20.11 10.78 9.85
C PRO B 44 -20.68 9.38 9.73
N ALA B 45 -21.83 9.15 10.37
CA ALA B 45 -22.48 7.84 10.34
C ALA B 45 -23.05 7.56 8.95
N ASP B 46 -23.47 8.62 8.28
CA ASP B 46 -24.02 8.51 6.94
C ASP B 46 -22.97 8.01 5.96
N ILE B 47 -22.92 6.71 5.78
CA ILE B 47 -21.98 6.07 4.87
C ILE B 47 -21.82 6.88 3.57
N VAL B 48 -22.89 7.54 3.16
CA VAL B 48 -22.87 8.36 1.95
C VAL B 48 -22.15 9.67 2.21
N ALA B 49 -22.63 10.43 3.19
CA ALA B 49 -22.03 11.70 3.56
C ALA B 49 -20.60 11.51 4.04
N GLN B 50 -20.34 10.35 4.61
CA GLN B 50 -19.00 10.02 5.12
C GLN B 50 -18.09 9.57 3.98
N ALA B 51 -18.69 9.01 2.94
CA ALA B 51 -17.93 8.53 1.78
C ALA B 51 -17.56 9.68 0.85
N ARG B 52 -18.45 10.66 0.74
CA ARG B 52 -18.20 11.81 -0.13
C ARG B 52 -17.22 12.79 0.52
N GLN B 53 -17.21 12.83 1.84
CA GLN B 53 -16.32 13.72 2.57
C GLN B 53 -14.87 13.29 2.42
N SER B 54 -14.62 12.00 2.61
CA SER B 54 -13.27 11.47 2.48
C SER B 54 -12.71 11.70 1.08
N LEU B 55 -13.60 11.62 0.08
CA LEU B 55 -13.21 11.82 -1.30
C LEU B 55 -12.72 13.24 -1.53
N GLU B 56 -13.56 14.22 -1.18
CA GLU B 56 -13.22 15.62 -1.35
C GLU B 56 -11.96 15.97 -0.58
N ASN B 57 -11.74 15.29 0.54
CA ASN B 57 -10.56 15.53 1.37
C ASN B 57 -9.30 15.08 0.65
N VAL B 58 -9.41 14.01 -0.14
CA VAL B 58 -8.27 13.49 -0.89
C VAL B 58 -7.87 14.45 -2.00
N LYS B 59 -8.85 14.86 -2.79
CA LYS B 59 -8.60 15.79 -3.90
C LYS B 59 -8.27 17.18 -3.39
N ALA B 60 -8.82 17.53 -2.23
CA ALA B 60 -8.57 18.84 -1.64
C ALA B 60 -7.08 19.03 -1.36
N ILE B 61 -6.44 17.99 -0.85
CA ILE B 61 -5.02 18.04 -0.55
C ILE B 61 -4.20 18.05 -1.83
N ILE B 62 -4.60 17.20 -2.77
CA ILE B 62 -3.92 17.10 -4.05
C ILE B 62 -4.12 18.35 -4.88
N GLU B 63 -5.28 19.00 -4.70
CA GLU B 63 -5.59 20.22 -5.44
C GLU B 63 -4.80 21.39 -4.86
N LYS B 64 -4.70 21.44 -3.54
CA LYS B 64 -3.97 22.50 -2.86
C LYS B 64 -2.49 22.42 -3.21
N ALA B 65 -2.05 21.26 -3.68
CA ALA B 65 -0.65 21.06 -4.05
C ALA B 65 -0.42 21.40 -5.52
N GLY B 66 -1.47 21.27 -6.32
CA GLY B 66 -1.37 21.57 -7.73
C GLY B 66 -1.63 20.35 -8.61
N LEU B 67 -2.64 19.56 -8.23
CA LEU B 67 -2.99 18.37 -8.99
C LEU B 67 -4.45 18.00 -8.76
N THR B 68 -5.08 17.44 -9.77
CA THR B 68 -6.48 17.03 -9.68
C THR B 68 -6.59 15.54 -9.47
N ALA B 69 -7.82 15.05 -9.37
CA ALA B 69 -8.06 13.62 -9.17
C ALA B 69 -7.89 12.86 -10.49
N ALA B 70 -8.05 13.58 -11.60
CA ALA B 70 -7.92 12.98 -12.92
C ALA B 70 -6.50 12.46 -13.15
N ASP B 71 -5.53 13.16 -12.57
CA ASP B 71 -4.12 12.77 -12.71
C ASP B 71 -3.81 11.56 -11.84
N ILE B 72 -4.63 11.35 -10.81
CA ILE B 72 -4.46 10.22 -9.90
C ILE B 72 -4.35 8.91 -10.68
N VAL B 73 -3.23 8.23 -10.51
CA VAL B 73 -3.00 6.95 -11.20
C VAL B 73 -3.51 5.76 -10.40
N LYS B 74 -3.46 5.85 -9.07
CA LYS B 74 -3.92 4.76 -8.22
C LYS B 74 -4.86 5.29 -7.14
N THR B 75 -5.58 4.38 -6.48
CA THR B 75 -6.52 4.76 -5.44
C THR B 75 -6.90 3.57 -4.56
N THR B 76 -6.35 3.55 -3.34
CA THR B 76 -6.65 2.47 -2.39
C THR B 76 -7.83 2.86 -1.52
N VAL B 77 -8.53 1.85 -0.98
CA VAL B 77 -9.69 2.12 -0.13
C VAL B 77 -9.89 1.02 0.91
N PHE B 78 -9.51 1.31 2.15
CA PHE B 78 -9.68 0.34 3.23
C PHE B 78 -11.03 0.53 3.90
N VAL B 79 -12.00 -0.33 3.54
CA VAL B 79 -13.33 -0.25 4.10
C VAL B 79 -13.52 -1.25 5.22
N LYS B 80 -14.36 -0.87 6.20
CA LYS B 80 -14.65 -1.75 7.32
C LYS B 80 -15.70 -2.79 6.92
N ASP B 81 -16.19 -2.68 5.69
CA ASP B 81 -17.20 -3.60 5.19
C ASP B 81 -17.25 -3.56 3.67
N LEU B 82 -17.45 -4.71 3.05
CA LEU B 82 -17.52 -4.81 1.59
C LEU B 82 -18.92 -4.46 1.08
N ASN B 83 -19.82 -4.11 2.00
CA ASN B 83 -21.18 -3.76 1.65
C ASN B 83 -21.36 -2.25 1.57
N ASP B 84 -20.50 -1.52 2.29
CA ASP B 84 -20.56 -0.07 2.31
C ASP B 84 -20.02 0.52 1.01
N PHE B 85 -19.11 -0.22 0.37
CA PHE B 85 -18.51 0.22 -0.88
C PHE B 85 -19.56 0.45 -1.96
N ALA B 86 -20.75 -0.11 -1.78
CA ALA B 86 -21.83 0.06 -2.75
C ALA B 86 -22.12 1.52 -3.02
N ALA B 87 -22.45 2.26 -1.97
CA ALA B 87 -22.76 3.68 -2.09
C ALA B 87 -21.51 4.48 -2.45
N VAL B 88 -20.36 4.02 -1.97
CA VAL B 88 -19.11 4.70 -2.25
C VAL B 88 -18.70 4.53 -3.70
N ASN B 89 -18.89 3.33 -4.23
CA ASN B 89 -18.55 3.04 -5.62
C ASN B 89 -19.41 3.87 -6.56
N ALA B 90 -20.71 3.87 -6.31
CA ALA B 90 -21.65 4.62 -7.14
C ALA B 90 -21.33 6.11 -7.14
N GLU B 91 -20.86 6.62 -6.01
CA GLU B 91 -20.51 8.03 -5.88
C GLU B 91 -19.04 8.28 -6.21
N TYR B 92 -18.23 7.21 -6.22
CA TYR B 92 -16.80 7.33 -6.50
C TYR B 92 -16.54 7.40 -8.00
N GLU B 93 -17.30 6.62 -8.76
CA GLU B 93 -17.15 6.59 -10.21
C GLU B 93 -17.97 7.68 -10.89
N ARG B 94 -19.07 8.05 -10.26
CA ARG B 94 -19.96 9.08 -10.81
C ARG B 94 -19.36 10.47 -10.66
N PHE B 95 -18.43 10.64 -9.73
CA PHE B 95 -17.80 11.93 -9.50
C PHE B 95 -16.53 12.07 -10.33
N PHE B 96 -15.81 10.96 -10.50
CA PHE B 96 -14.58 10.98 -11.28
C PHE B 96 -14.86 11.48 -12.69
N LYS B 97 -15.76 10.80 -13.37
CA LYS B 97 -16.13 11.19 -14.73
C LYS B 97 -16.80 12.56 -14.72
N GLU B 98 -17.45 12.88 -13.61
CA GLU B 98 -18.12 14.18 -13.47
C GLU B 98 -17.09 15.26 -13.17
N ASN B 99 -15.86 14.84 -12.88
CA ASN B 99 -14.77 15.77 -12.57
C ASN B 99 -13.77 15.79 -13.72
N ASN B 100 -13.94 14.87 -14.67
CA ASN B 100 -13.06 14.74 -15.82
C ASN B 100 -11.92 13.79 -15.47
N HIS B 101 -12.22 12.80 -14.64
CA HIS B 101 -11.24 11.83 -14.19
C HIS B 101 -11.64 10.43 -14.66
N PRO B 102 -11.85 10.24 -15.97
CA PRO B 102 -12.24 8.95 -16.54
C PRO B 102 -11.07 7.97 -16.61
N ASN B 103 -9.85 8.47 -16.41
CA ASN B 103 -8.66 7.63 -16.46
C ASN B 103 -8.85 6.35 -15.65
N PHE B 104 -9.53 6.48 -14.52
CA PHE B 104 -9.80 5.35 -13.64
C PHE B 104 -8.51 4.78 -13.07
N PRO B 105 -8.00 5.37 -11.97
CA PRO B 105 -6.77 4.89 -11.31
C PRO B 105 -6.93 3.50 -10.73
N ALA B 106 -5.82 2.80 -10.56
CA ALA B 106 -5.85 1.45 -10.01
C ALA B 106 -6.58 1.44 -8.68
N ARG B 107 -6.99 0.25 -8.24
CA ARG B 107 -7.72 0.13 -6.97
C ARG B 107 -7.17 -0.99 -6.11
N SER B 108 -7.17 -0.77 -4.81
CA SER B 108 -6.68 -1.75 -3.84
C SER B 108 -7.54 -1.70 -2.59
N CYS B 109 -8.81 -2.06 -2.73
CA CYS B 109 -9.74 -2.04 -1.61
C CYS B 109 -9.76 -3.38 -0.90
N VAL B 110 -9.85 -3.33 0.43
CA VAL B 110 -9.89 -4.54 1.24
C VAL B 110 -10.67 -4.31 2.53
N GLU B 111 -11.58 -5.23 2.83
CA GLU B 111 -12.40 -5.12 4.04
C GLU B 111 -11.53 -5.19 5.29
N VAL B 112 -11.01 -4.04 5.71
CA VAL B 112 -10.16 -3.97 6.89
C VAL B 112 -10.98 -4.15 8.17
N ALA B 113 -10.30 -4.50 9.26
CA ALA B 113 -10.97 -4.70 10.54
C ALA B 113 -11.32 -3.38 11.20
N ARG B 114 -10.37 -2.45 11.21
CA ARG B 114 -10.59 -1.14 11.80
C ARG B 114 -9.68 -0.09 11.15
N LEU B 115 -9.96 1.17 11.43
CA LEU B 115 -9.17 2.27 10.88
C LEU B 115 -9.00 3.39 11.90
N PRO B 116 -8.01 4.26 11.71
CA PRO B 116 -7.74 5.37 12.63
C PRO B 116 -9.01 6.16 12.96
N LYS B 117 -9.18 6.49 14.24
CA LYS B 117 -10.35 7.24 14.69
C LYS B 117 -11.63 6.44 14.49
N ASP B 118 -11.48 5.14 14.27
CA ASP B 118 -12.64 4.27 14.06
C ASP B 118 -13.41 4.68 12.80
N VAL B 119 -12.75 5.46 11.94
CA VAL B 119 -13.37 5.92 10.70
C VAL B 119 -13.93 4.75 9.90
N GLY B 120 -15.22 4.81 9.61
CA GLY B 120 -15.87 3.75 8.84
C GLY B 120 -15.19 3.50 7.51
N LEU B 121 -14.46 4.48 7.01
CA LEU B 121 -13.78 4.35 5.74
C LEU B 121 -12.52 5.23 5.67
N GLU B 122 -11.53 4.74 4.95
CA GLU B 122 -10.27 5.46 4.78
C GLU B 122 -9.80 5.32 3.34
N ILE B 123 -9.06 6.30 2.83
CA ILE B 123 -8.60 6.23 1.44
C ILE B 123 -7.27 6.95 1.23
N GLU B 124 -6.41 6.32 0.43
CA GLU B 124 -5.11 6.88 0.09
C GLU B 124 -4.84 6.64 -1.39
N ALA B 125 -4.19 7.60 -2.06
CA ALA B 125 -3.92 7.45 -3.48
C ALA B 125 -2.66 8.16 -3.93
N ILE B 126 -2.28 7.92 -5.18
CA ILE B 126 -1.10 8.55 -5.76
C ILE B 126 -1.47 9.28 -7.05
N ALA B 127 -0.69 10.29 -7.41
CA ALA B 127 -0.97 11.06 -8.62
C ALA B 127 0.30 11.31 -9.43
N VAL B 128 0.13 11.47 -10.75
CA VAL B 128 1.25 11.73 -11.64
C VAL B 128 1.14 13.10 -12.27
N ARG B 129 2.25 13.58 -12.84
CA ARG B 129 2.27 14.89 -13.48
C ARG B 129 3.49 15.04 -14.37
N LYS B 130 3.56 14.23 -15.43
CA LYS B 130 4.67 14.26 -16.36
C LYS B 130 4.74 15.61 -17.08
N MET C 1 5.48 12.40 -23.70
CA MET C 1 4.36 11.47 -23.35
C MET C 1 4.77 10.50 -22.25
N MET C 2 4.07 10.54 -21.13
CA MET C 2 4.36 9.67 -20.00
C MET C 2 3.08 9.09 -19.40
N THR C 3 3.22 8.08 -18.56
CA THR C 3 2.07 7.46 -17.93
C THR C 3 1.11 6.88 -18.96
N GLN C 4 1.18 5.56 -19.15
CA GLN C 4 0.33 4.90 -20.12
C GLN C 4 -0.59 3.87 -19.43
N ILE C 5 -1.88 4.18 -19.40
CA ILE C 5 -2.86 3.29 -18.77
C ILE C 5 -2.78 1.88 -19.36
N ILE C 6 -2.69 0.89 -18.48
CA ILE C 6 -2.61 -0.51 -18.91
C ILE C 6 -3.99 -1.13 -19.03
N HIS C 7 -4.11 -2.11 -19.92
CA HIS C 7 -5.38 -2.80 -20.14
C HIS C 7 -5.22 -3.93 -21.15
N THR C 8 -5.28 -5.17 -20.67
CA THR C 8 -5.14 -6.33 -21.53
C THR C 8 -6.35 -7.26 -21.40
N GLU C 9 -6.43 -8.24 -22.29
CA GLU C 9 -7.53 -9.20 -22.27
C GLU C 9 -7.11 -10.50 -21.57
N LYS C 10 -6.09 -10.41 -20.72
CA LYS C 10 -5.60 -11.56 -19.99
C LYS C 10 -6.00 -11.48 -18.51
N ALA C 11 -5.95 -10.27 -17.96
CA ALA C 11 -6.30 -10.05 -16.57
C ALA C 11 -7.73 -9.50 -16.44
N PRO C 12 -8.57 -10.13 -15.61
CA PRO C 12 -9.95 -9.70 -15.40
C PRO C 12 -10.06 -8.40 -14.60
N ALA C 13 -8.91 -7.87 -14.17
CA ALA C 13 -8.88 -6.65 -13.39
C ALA C 13 -9.76 -5.56 -14.01
N ALA C 14 -9.96 -4.47 -13.27
CA ALA C 14 -10.79 -3.37 -13.73
C ALA C 14 -12.23 -3.82 -13.95
N ILE C 15 -13.15 -3.20 -13.23
CA ILE C 15 -14.57 -3.53 -13.34
C ILE C 15 -15.46 -2.35 -12.93
N GLY C 16 -14.89 -1.16 -12.87
CA GLY C 16 -15.66 0.00 -12.49
C GLY C 16 -14.82 1.26 -12.37
N PRO C 17 -14.70 1.82 -11.15
CA PRO C 17 -13.92 3.05 -10.92
C PRO C 17 -12.41 2.78 -10.79
N TYR C 18 -11.86 2.05 -11.75
CA TYR C 18 -10.44 1.75 -11.75
C TYR C 18 -10.05 0.93 -12.98
N VAL C 19 -8.78 0.99 -13.34
CA VAL C 19 -8.27 0.27 -14.50
C VAL C 19 -7.43 -0.94 -14.07
N GLN C 20 -6.82 -1.60 -15.06
CA GLN C 20 -6.00 -2.77 -14.80
C GLN C 20 -4.67 -2.37 -14.17
N ALA C 21 -4.06 -1.31 -14.71
CA ALA C 21 -2.78 -0.82 -14.20
C ALA C 21 -2.35 0.44 -14.95
N VAL C 22 -1.22 1.00 -14.53
CA VAL C 22 -0.69 2.20 -15.17
C VAL C 22 0.83 2.11 -15.34
N ASP C 23 1.30 2.47 -16.53
CA ASP C 23 2.73 2.43 -16.82
C ASP C 23 3.33 3.83 -16.81
N LEU C 24 4.02 4.16 -15.72
CA LEU C 24 4.65 5.47 -15.58
C LEU C 24 5.98 5.53 -16.34
N GLY C 25 6.53 4.36 -16.66
CA GLY C 25 7.78 4.29 -17.38
C GLY C 25 8.84 3.54 -16.59
N ASN C 26 9.76 4.26 -15.99
CA ASN C 26 10.82 3.64 -15.19
C ASN C 26 10.21 2.80 -14.09
N LEU C 27 9.03 3.19 -13.64
CA LEU C 27 8.32 2.47 -12.58
C LEU C 27 6.87 2.23 -12.96
N VAL C 28 6.47 0.95 -12.96
CA VAL C 28 5.09 0.59 -13.30
C VAL C 28 4.34 0.11 -12.06
N LEU C 29 3.04 0.41 -12.01
CA LEU C 29 2.22 0.00 -10.88
C LEU C 29 1.01 -0.80 -11.35
N THR C 30 0.68 -1.85 -10.60
CA THR C 30 -0.46 -2.70 -10.94
C THR C 30 -1.56 -2.58 -9.90
N SER C 31 -2.77 -3.00 -10.25
CA SER C 31 -3.91 -2.93 -9.34
C SER C 31 -4.12 -4.26 -8.62
N GLY C 32 -4.92 -4.22 -7.56
CA GLY C 32 -5.19 -5.43 -6.80
C GLY C 32 -5.81 -6.52 -7.66
N GLN C 33 -4.96 -7.40 -8.17
CA GLN C 33 -5.42 -8.51 -9.01
C GLN C 33 -6.32 -9.46 -8.24
N ILE C 34 -7.30 -10.03 -8.92
CA ILE C 34 -8.24 -10.96 -8.31
C ILE C 34 -8.44 -12.19 -9.20
N PRO C 35 -8.56 -13.38 -8.60
CA PRO C 35 -8.76 -14.64 -9.34
C PRO C 35 -10.14 -14.77 -9.94
N VAL C 36 -10.56 -13.78 -10.74
CA VAL C 36 -11.86 -13.83 -11.38
C VAL C 36 -11.96 -15.03 -12.31
N ASN C 37 -12.33 -16.16 -11.74
CA ASN C 37 -12.47 -17.41 -12.48
C ASN C 37 -12.99 -17.19 -13.90
N PRO C 38 -12.28 -17.69 -14.92
CA PRO C 38 -12.70 -17.54 -16.30
C PRO C 38 -13.90 -18.42 -16.62
N ALA C 39 -14.28 -19.28 -15.67
CA ALA C 39 -15.40 -20.18 -15.85
C ALA C 39 -16.65 -19.66 -15.14
N THR C 40 -16.48 -18.88 -14.08
CA THR C 40 -17.63 -18.34 -13.35
C THR C 40 -17.50 -16.82 -13.16
N GLY C 41 -16.27 -16.34 -13.06
CA GLY C 41 -16.04 -14.93 -12.89
C GLY C 41 -16.17 -14.49 -11.44
N GLU C 42 -15.30 -15.02 -10.58
CA GLU C 42 -15.33 -14.67 -9.17
C GLU C 42 -14.01 -15.03 -8.48
N VAL C 43 -13.86 -16.29 -8.10
CA VAL C 43 -12.65 -16.75 -7.43
C VAL C 43 -12.70 -18.26 -7.18
N PRO C 44 -11.85 -19.05 -7.89
CA PRO C 44 -11.81 -20.50 -7.72
C PRO C 44 -11.63 -20.92 -6.27
N ALA C 45 -12.33 -21.98 -5.87
CA ALA C 45 -12.24 -22.49 -4.51
C ALA C 45 -10.89 -23.11 -4.25
N ASP C 46 -10.31 -23.69 -5.29
CA ASP C 46 -9.01 -24.33 -5.19
C ASP C 46 -7.93 -23.31 -4.89
N ILE C 47 -7.66 -23.13 -3.61
CA ILE C 47 -6.64 -22.19 -3.14
C ILE C 47 -5.41 -22.22 -4.05
N VAL C 48 -5.10 -23.39 -4.59
CA VAL C 48 -3.96 -23.54 -5.49
C VAL C 48 -4.26 -22.96 -6.86
N ALA C 49 -5.33 -23.44 -7.47
CA ALA C 49 -5.73 -22.96 -8.80
C ALA C 49 -6.10 -21.49 -8.74
N GLN C 50 -6.58 -21.05 -7.58
CA GLN C 50 -6.97 -19.67 -7.38
C GLN C 50 -5.75 -18.79 -7.11
N ALA C 51 -4.71 -19.40 -6.53
CA ALA C 51 -3.50 -18.68 -6.22
C ALA C 51 -2.61 -18.51 -7.44
N ARG C 52 -2.62 -19.50 -8.32
CA ARG C 52 -1.80 -19.45 -9.53
C ARG C 52 -2.44 -18.54 -10.59
N GLN C 53 -3.77 -18.44 -10.55
CA GLN C 53 -4.49 -17.61 -11.50
C GLN C 53 -4.21 -16.13 -11.26
N SER C 54 -4.31 -15.72 -10.00
CA SER C 54 -4.06 -14.33 -9.63
C SER C 54 -2.63 -13.92 -10.01
N LEU C 55 -1.70 -14.86 -9.87
CA LEU C 55 -0.30 -14.60 -10.19
C LEU C 55 -0.12 -14.29 -11.68
N GLU C 56 -0.60 -15.20 -12.52
CA GLU C 56 -0.50 -15.03 -13.97
C GLU C 56 -1.20 -13.76 -14.42
N ASN C 57 -2.26 -13.39 -13.70
CA ASN C 57 -3.02 -12.19 -14.03
C ASN C 57 -2.19 -10.94 -13.77
N VAL C 58 -1.35 -10.99 -12.75
CA VAL C 58 -0.49 -9.86 -12.41
C VAL C 58 0.59 -9.66 -13.46
N LYS C 59 1.28 -10.73 -13.81
CA LYS C 59 2.34 -10.66 -14.80
C LYS C 59 1.78 -10.45 -16.20
N ALA C 60 0.56 -10.96 -16.42
CA ALA C 60 -0.10 -10.81 -17.71
C ALA C 60 -0.29 -9.34 -18.06
N ILE C 61 -0.69 -8.56 -17.06
CA ILE C 61 -0.90 -7.13 -17.27
C ILE C 61 0.43 -6.41 -17.44
N ILE C 62 1.40 -6.77 -16.60
CA ILE C 62 2.72 -6.18 -16.65
C ILE C 62 3.45 -6.58 -17.93
N GLU C 63 3.17 -7.78 -18.42
CA GLU C 63 3.80 -8.27 -19.63
C GLU C 63 3.20 -7.59 -20.85
N LYS C 64 1.89 -7.41 -20.83
CA LYS C 64 1.20 -6.76 -21.93
C LYS C 64 1.64 -5.30 -22.05
N ALA C 65 2.20 -4.76 -20.97
CA ALA C 65 2.67 -3.38 -20.97
C ALA C 65 4.13 -3.30 -21.41
N GLY C 66 4.87 -4.39 -21.20
CA GLY C 66 6.27 -4.41 -21.59
C GLY C 66 7.20 -4.59 -20.40
N LEU C 67 6.82 -5.47 -19.49
CA LEU C 67 7.61 -5.74 -18.30
C LEU C 67 7.31 -7.13 -17.75
N THR C 68 8.33 -7.76 -17.18
CA THR C 68 8.18 -9.10 -16.61
C THR C 68 8.04 -9.04 -15.10
N ALA C 69 7.91 -10.19 -14.46
CA ALA C 69 7.78 -10.24 -13.01
C ALA C 69 9.15 -10.09 -12.36
N ALA C 70 10.21 -10.41 -13.11
CA ALA C 70 11.56 -10.30 -12.60
C ALA C 70 11.92 -8.84 -12.28
N ASP C 71 11.36 -7.92 -13.05
CA ASP C 71 11.61 -6.50 -12.83
C ASP C 71 10.82 -5.98 -11.62
N ILE C 72 9.77 -6.70 -11.25
CA ILE C 72 8.94 -6.33 -10.12
C ILE C 72 9.79 -6.12 -8.87
N VAL C 73 9.73 -4.92 -8.31
CA VAL C 73 10.52 -4.58 -7.12
C VAL C 73 9.76 -4.90 -5.83
N LYS C 74 8.44 -4.76 -5.86
CA LYS C 74 7.62 -5.04 -4.68
C LYS C 74 6.46 -5.97 -5.02
N THR C 75 5.82 -6.52 -4.00
CA THR C 75 4.69 -7.43 -4.21
C THR C 75 3.87 -7.60 -2.94
N THR C 76 2.69 -6.98 -2.92
CA THR C 76 1.79 -7.08 -1.77
C THR C 76 0.82 -8.23 -1.96
N VAL C 77 0.30 -8.77 -0.86
CA VAL C 77 -0.63 -9.89 -0.93
C VAL C 77 -1.60 -9.90 0.23
N PHE C 78 -2.84 -9.47 -0.02
CA PHE C 78 -3.88 -9.44 1.00
C PHE C 78 -4.64 -10.76 1.02
N VAL C 79 -4.28 -11.63 1.96
CA VAL C 79 -4.92 -12.94 2.08
C VAL C 79 -5.99 -12.94 3.15
N LYS C 80 -7.03 -13.74 2.93
CA LYS C 80 -8.12 -13.85 3.89
C LYS C 80 -7.72 -14.78 5.04
N ASP C 81 -6.53 -15.37 4.92
CA ASP C 81 -6.04 -16.29 5.94
C ASP C 81 -4.53 -16.45 5.81
N LEU C 82 -3.86 -16.55 6.96
CA LEU C 82 -2.40 -16.70 6.99
C LEU C 82 -2.00 -18.17 6.79
N ASN C 83 -2.99 -19.04 6.60
CA ASN C 83 -2.74 -20.46 6.41
C ASN C 83 -2.77 -20.81 4.92
N ASP C 84 -3.47 -20.01 4.13
CA ASP C 84 -3.58 -20.24 2.70
C ASP C 84 -2.29 -19.85 1.98
N PHE C 85 -1.55 -18.91 2.57
CA PHE C 85 -0.29 -18.46 1.99
C PHE C 85 0.71 -19.59 1.83
N ALA C 86 0.48 -20.69 2.55
CA ALA C 86 1.38 -21.85 2.48
C ALA C 86 1.54 -22.33 1.04
N ALA C 87 0.43 -22.68 0.41
CA ALA C 87 0.44 -23.16 -0.97
C ALA C 87 0.83 -22.05 -1.93
N VAL C 88 0.44 -20.82 -1.60
CA VAL C 88 0.76 -19.67 -2.44
C VAL C 88 2.25 -19.34 -2.40
N ASN C 89 2.84 -19.43 -1.21
CA ASN C 89 4.26 -19.15 -1.04
C ASN C 89 5.09 -20.16 -1.80
N ALA C 90 4.76 -21.44 -1.64
CA ALA C 90 5.49 -22.51 -2.31
C ALA C 90 5.43 -22.36 -3.82
N GLU C 91 4.29 -21.88 -4.32
CA GLU C 91 4.10 -21.70 -5.75
C GLU C 91 4.49 -20.29 -6.20
N TYR C 92 4.61 -19.38 -5.24
CA TYR C 92 4.97 -17.99 -5.55
C TYR C 92 6.47 -17.84 -5.73
N GLU C 93 7.24 -18.55 -4.91
CA GLU C 93 8.70 -18.48 -4.98
C GLU C 93 9.26 -19.48 -5.99
N ARG C 94 8.54 -20.57 -6.19
CA ARG C 94 8.97 -21.61 -7.12
C ARG C 94 8.77 -21.18 -8.57
N PHE C 95 7.89 -20.21 -8.80
CA PHE C 95 7.62 -19.73 -10.15
C PHE C 95 8.51 -18.54 -10.49
N PHE C 96 8.80 -17.70 -9.49
CA PHE C 96 9.65 -16.54 -9.69
C PHE C 96 11.00 -16.97 -10.23
N LYS C 97 11.67 -17.83 -9.49
CA LYS C 97 12.97 -18.34 -9.90
C LYS C 97 12.84 -19.15 -11.18
N GLU C 98 11.68 -19.78 -11.36
CA GLU C 98 11.42 -20.57 -12.55
C GLU C 98 11.11 -19.67 -13.74
N ASN C 99 10.92 -18.38 -13.45
CA ASN C 99 10.63 -17.40 -14.49
C ASN C 99 11.83 -16.48 -14.70
N ASN C 100 12.82 -16.61 -13.81
CA ASN C 100 14.02 -15.79 -13.85
C ASN C 100 13.81 -14.52 -13.04
N HIS C 101 13.01 -14.65 -11.98
CA HIS C 101 12.70 -13.53 -11.11
C HIS C 101 13.22 -13.78 -9.69
N PRO C 102 14.53 -14.07 -9.55
CA PRO C 102 15.15 -14.33 -8.25
C PRO C 102 15.36 -13.07 -7.43
N ASN C 103 15.19 -11.91 -8.07
CA ASN C 103 15.38 -10.63 -7.39
C ASN C 103 14.63 -10.60 -6.06
N PHE C 104 13.45 -11.22 -6.03
CA PHE C 104 12.63 -11.30 -4.84
C PHE C 104 12.17 -9.90 -4.39
N PRO C 105 11.08 -9.41 -4.98
CA PRO C 105 10.53 -8.08 -4.64
C PRO C 105 10.02 -8.03 -3.21
N ALA C 106 9.97 -6.83 -2.64
CA ALA C 106 9.49 -6.66 -1.27
C ALA C 106 8.12 -7.30 -1.10
N ARG C 107 7.73 -7.54 0.16
CA ARG C 107 6.44 -8.16 0.42
C ARG C 107 5.68 -7.41 1.52
N SER C 108 4.36 -7.35 1.37
CA SER C 108 3.49 -6.69 2.33
C SER C 108 2.18 -7.46 2.45
N CYS C 109 2.27 -8.69 2.96
CA CYS C 109 1.10 -9.53 3.11
C CYS C 109 0.46 -9.36 4.49
N VAL C 110 -0.87 -9.35 4.51
CA VAL C 110 -1.61 -9.19 5.76
C VAL C 110 -2.95 -9.90 5.69
N GLU C 111 -3.26 -10.67 6.73
CA GLU C 111 -4.51 -11.41 6.79
C GLU C 111 -5.70 -10.45 6.82
N VAL C 112 -6.16 -10.06 5.63
CA VAL C 112 -7.29 -9.14 5.51
C VAL C 112 -8.60 -9.84 5.86
N ALA C 113 -9.62 -9.06 6.18
CA ALA C 113 -10.92 -9.60 6.54
C ALA C 113 -11.68 -10.07 5.29
N ARG C 114 -11.68 -9.24 4.26
CA ARG C 114 -12.37 -9.57 3.01
C ARG C 114 -11.73 -8.85 1.83
N LEU C 115 -12.10 -9.25 0.63
CA LEU C 115 -11.57 -8.65 -0.59
C LEU C 115 -12.65 -8.54 -1.66
N PRO C 116 -12.44 -7.68 -2.67
CA PRO C 116 -13.40 -7.49 -3.76
C PRO C 116 -13.86 -8.82 -4.36
N LYS C 117 -15.17 -8.94 -4.60
CA LYS C 117 -15.73 -10.16 -5.17
C LYS C 117 -15.56 -11.35 -4.22
N ASP C 118 -15.26 -11.05 -2.96
CA ASP C 118 -15.07 -12.10 -1.97
C ASP C 118 -13.89 -13.00 -2.35
N VAL C 119 -13.04 -12.50 -3.24
CA VAL C 119 -11.87 -13.27 -3.69
C VAL C 119 -11.03 -13.73 -2.50
N GLY C 120 -10.83 -15.04 -2.40
CA GLY C 120 -10.05 -15.60 -1.32
C GLY C 120 -8.66 -14.99 -1.22
N LEU C 121 -8.18 -14.42 -2.32
CA LEU C 121 -6.86 -13.80 -2.34
C LEU C 121 -6.77 -12.68 -3.36
N GLU C 122 -5.97 -11.68 -3.04
CA GLU C 122 -5.76 -10.53 -3.91
C GLU C 122 -4.28 -10.15 -3.89
N ILE C 123 -3.78 -9.57 -4.99
CA ILE C 123 -2.37 -9.20 -5.05
C ILE C 123 -2.12 -7.98 -5.94
N GLU C 124 -1.24 -7.11 -5.47
CA GLU C 124 -0.85 -5.90 -6.20
C GLU C 124 0.66 -5.71 -6.06
N ALA C 125 1.30 -5.23 -7.13
CA ALA C 125 2.75 -5.05 -7.09
C ALA C 125 3.22 -3.90 -7.97
N ILE C 126 4.50 -3.58 -7.85
CA ILE C 126 5.12 -2.52 -8.64
C ILE C 126 6.34 -3.06 -9.37
N ALA C 127 6.69 -2.44 -10.49
CA ALA C 127 7.82 -2.89 -11.28
C ALA C 127 8.70 -1.72 -11.73
N VAL C 128 9.98 -1.99 -11.95
CA VAL C 128 10.93 -0.98 -12.39
C VAL C 128 11.48 -1.29 -13.77
N ARG C 129 12.07 -0.29 -14.40
CA ARG C 129 12.64 -0.47 -15.74
C ARG C 129 13.60 0.67 -16.08
N LYS C 130 14.70 0.75 -15.34
CA LYS C 130 15.70 1.80 -15.56
C LYS C 130 16.33 1.65 -16.94
N MET A 1 22.82 2.34 -12.67
CA MET A 1 21.47 1.76 -12.86
C MET A 1 20.49 2.30 -11.82
N MET A 2 19.21 1.94 -11.96
CA MET A 2 18.18 2.38 -11.03
C MET A 2 17.46 1.19 -10.41
N THR A 3 18.23 0.29 -9.80
CA THR A 3 17.67 -0.88 -9.15
C THR A 3 18.76 -1.72 -8.49
N GLN A 4 18.49 -2.16 -7.27
CA GLN A 4 19.45 -2.98 -6.53
C GLN A 4 18.83 -3.50 -5.24
N ILE A 5 18.98 -4.80 -5.00
CA ILE A 5 18.45 -5.42 -3.81
C ILE A 5 19.01 -4.79 -2.55
N ILE A 6 18.26 -4.88 -1.44
CA ILE A 6 18.69 -4.31 -0.18
C ILE A 6 18.78 -5.39 0.91
N HIS A 7 19.88 -5.36 1.65
CA HIS A 7 20.10 -6.34 2.72
C HIS A 7 20.99 -5.76 3.81
N THR A 8 20.78 -6.20 5.05
CA THR A 8 21.57 -5.71 6.17
C THR A 8 21.67 -6.78 7.25
N GLU A 9 22.61 -6.58 8.19
CA GLU A 9 22.80 -7.52 9.28
C GLU A 9 22.09 -7.06 10.54
N LYS A 10 21.04 -6.27 10.37
CA LYS A 10 20.25 -5.77 11.49
C LYS A 10 18.87 -6.42 11.53
N ALA A 11 18.19 -6.39 10.40
CA ALA A 11 16.86 -6.98 10.29
C ALA A 11 16.95 -8.48 10.03
N PRO A 12 16.50 -9.31 10.99
CA PRO A 12 16.53 -10.77 10.85
C PRO A 12 15.60 -11.28 9.75
N ALA A 13 14.73 -10.40 9.27
CA ALA A 13 13.78 -10.75 8.22
C ALA A 13 14.50 -11.08 6.92
N ALA A 14 13.74 -11.21 5.84
CA ALA A 14 14.30 -11.52 4.53
C ALA A 14 14.98 -12.87 4.54
N ILE A 15 15.71 -13.16 3.46
CA ILE A 15 16.43 -14.44 3.32
C ILE A 15 15.47 -15.56 2.94
N GLY A 16 14.29 -15.19 2.45
CA GLY A 16 13.31 -16.17 2.06
C GLY A 16 12.74 -15.89 0.68
N PRO A 17 11.41 -15.84 0.53
CA PRO A 17 10.76 -15.58 -0.75
C PRO A 17 10.57 -14.09 -1.03
N TYR A 18 11.52 -13.28 -0.57
CA TYR A 18 11.45 -11.84 -0.78
C TYR A 18 12.70 -11.14 -0.24
N VAL A 19 12.99 -9.95 -0.78
CA VAL A 19 14.15 -9.19 -0.36
C VAL A 19 13.79 -8.22 0.77
N GLN A 20 14.77 -7.90 1.60
CA GLN A 20 14.56 -6.98 2.71
C GLN A 20 14.03 -5.64 2.21
N ALA A 21 14.52 -5.24 1.04
CA ALA A 21 14.10 -3.98 0.44
C ALA A 21 14.75 -3.79 -0.94
N VAL A 22 14.19 -2.88 -1.73
CA VAL A 22 14.72 -2.60 -3.06
C VAL A 22 14.95 -1.11 -3.25
N ASP A 23 16.09 -0.77 -3.86
CA ASP A 23 16.44 0.63 -4.08
C ASP A 23 16.38 0.97 -5.57
N LEU A 24 15.53 1.93 -5.92
CA LEU A 24 15.37 2.36 -7.30
C LEU A 24 16.34 3.50 -7.63
N GLY A 25 16.81 4.19 -6.59
CA GLY A 25 17.72 5.30 -6.79
C GLY A 25 17.32 6.51 -5.97
N ASN A 26 16.83 7.54 -6.65
CA ASN A 26 16.37 8.74 -5.97
C ASN A 26 15.24 8.41 -5.01
N LEU A 27 14.48 7.37 -5.34
CA LEU A 27 13.36 6.93 -4.52
C LEU A 27 13.49 5.45 -4.20
N VAL A 28 13.66 5.15 -2.90
CA VAL A 28 13.78 3.76 -2.46
C VAL A 28 12.51 3.28 -1.78
N LEU A 29 12.49 2.01 -1.40
CA LEU A 29 11.32 1.43 -0.73
C LEU A 29 11.75 0.29 0.19
N THR A 30 10.87 -0.07 1.13
CA THR A 30 11.15 -1.13 2.08
C THR A 30 10.05 -2.18 2.06
N SER A 31 10.37 -3.38 2.53
CA SER A 31 9.41 -4.49 2.57
C SER A 31 8.73 -4.58 3.93
N GLY A 32 7.67 -5.37 4.01
CA GLY A 32 6.95 -5.54 5.25
C GLY A 32 7.82 -6.14 6.35
N GLN A 33 8.40 -5.28 7.17
CA GLN A 33 9.27 -5.73 8.25
C GLN A 33 8.46 -6.33 9.39
N ILE A 34 9.14 -7.04 10.29
CA ILE A 34 8.49 -7.67 11.43
C ILE A 34 9.44 -7.75 12.62
N PRO A 35 8.91 -7.57 13.85
CA PRO A 35 9.71 -7.61 15.08
C PRO A 35 10.10 -9.02 15.48
N VAL A 36 10.82 -9.71 14.60
CA VAL A 36 11.25 -11.07 14.89
C VAL A 36 12.23 -11.08 16.05
N ASN A 37 11.68 -11.10 17.25
CA ASN A 37 12.47 -11.11 18.49
C ASN A 37 13.69 -12.02 18.38
N PRO A 38 14.86 -11.55 18.84
CA PRO A 38 16.09 -12.33 18.81
C PRO A 38 16.10 -13.41 19.89
N ALA A 39 15.09 -13.38 20.76
CA ALA A 39 14.98 -14.34 21.84
C ALA A 39 13.84 -15.33 21.60
N THR A 40 12.82 -14.89 20.87
CA THR A 40 11.68 -15.76 20.58
C THR A 40 11.57 -16.02 19.08
N GLY A 41 12.04 -15.07 18.28
CA GLY A 41 11.99 -15.21 16.84
C GLY A 41 10.60 -15.02 16.28
N GLU A 42 10.00 -13.86 16.57
CA GLU A 42 8.66 -13.57 16.07
C GLU A 42 8.22 -12.16 16.43
N VAL A 43 7.79 -11.96 17.67
CA VAL A 43 7.34 -10.64 18.11
C VAL A 43 7.38 -10.54 19.64
N PRO A 44 8.11 -9.53 20.18
CA PRO A 44 8.21 -9.33 21.62
C PRO A 44 6.85 -9.11 22.27
N ALA A 45 6.72 -9.51 23.53
CA ALA A 45 5.48 -9.36 24.26
C ALA A 45 5.19 -7.89 24.55
N ASP A 46 6.25 -7.12 24.72
CA ASP A 46 6.14 -5.70 25.00
C ASP A 46 5.66 -4.94 23.77
N ILE A 47 4.36 -4.69 23.74
CA ILE A 47 3.74 -3.96 22.64
C ILE A 47 4.58 -2.77 22.18
N VAL A 48 5.29 -2.16 23.13
CA VAL A 48 6.14 -1.01 22.83
C VAL A 48 7.47 -1.47 22.25
N ALA A 49 8.10 -2.43 22.92
CA ALA A 49 9.38 -2.96 22.48
C ALA A 49 9.27 -3.57 21.09
N GLN A 50 8.17 -4.29 20.86
CA GLN A 50 7.93 -4.92 19.57
C GLN A 50 7.63 -3.87 18.51
N ALA A 51 7.03 -2.76 18.93
CA ALA A 51 6.69 -1.69 18.02
C ALA A 51 7.93 -0.94 17.55
N ARG A 52 8.89 -0.77 18.46
CA ARG A 52 10.13 -0.08 18.15
C ARG A 52 11.09 -0.99 17.39
N GLN A 53 11.08 -2.27 17.73
CA GLN A 53 11.95 -3.24 17.08
C GLN A 53 11.68 -3.29 15.58
N SER A 54 10.42 -3.14 15.20
CA SER A 54 10.02 -3.15 13.80
C SER A 54 10.44 -1.85 13.11
N LEU A 55 10.43 -0.76 13.86
CA LEU A 55 10.79 0.55 13.32
C LEU A 55 12.29 0.63 13.08
N GLU A 56 13.07 0.01 13.97
CA GLU A 56 14.52 0.02 13.86
C GLU A 56 14.97 -0.81 12.66
N ASN A 57 14.37 -1.98 12.49
CA ASN A 57 14.71 -2.86 11.38
C ASN A 57 14.49 -2.17 10.04
N VAL A 58 13.34 -1.53 9.91
CA VAL A 58 13.00 -0.82 8.68
C VAL A 58 14.01 0.29 8.39
N LYS A 59 14.56 0.87 9.46
CA LYS A 59 15.54 1.94 9.31
C LYS A 59 16.93 1.38 9.03
N ALA A 60 17.21 0.20 9.57
CA ALA A 60 18.49 -0.45 9.37
C ALA A 60 18.68 -0.87 7.92
N ILE A 61 17.59 -1.30 7.29
CA ILE A 61 17.64 -1.73 5.90
C ILE A 61 17.87 -0.54 4.98
N ILE A 62 17.15 0.54 5.21
CA ILE A 62 17.28 1.75 4.41
C ILE A 62 18.67 2.36 4.60
N GLU A 63 19.19 2.25 5.81
CA GLU A 63 20.51 2.78 6.12
C GLU A 63 21.59 1.97 5.40
N LYS A 64 21.44 0.65 5.43
CA LYS A 64 22.38 -0.24 4.78
C LYS A 64 22.43 0.04 3.28
N ALA A 65 21.37 0.66 2.77
CA ALA A 65 21.29 0.99 1.35
C ALA A 65 21.91 2.36 1.08
N GLY A 66 21.85 3.23 2.09
CA GLY A 66 22.41 4.57 1.96
C GLY A 66 21.36 5.65 2.06
N LEU A 67 20.59 5.64 3.14
CA LEU A 67 19.55 6.63 3.35
C LEU A 67 19.13 6.67 4.81
N THR A 68 18.54 7.78 5.22
CA THR A 68 18.10 7.96 6.61
C THR A 68 16.58 8.09 6.68
N ALA A 69 16.02 7.78 7.84
CA ALA A 69 14.58 7.87 8.04
C ALA A 69 14.07 9.28 7.77
N ALA A 70 14.88 10.29 8.12
CA ALA A 70 14.52 11.67 7.92
C ALA A 70 14.06 11.93 6.47
N ASP A 71 14.55 11.11 5.55
CA ASP A 71 14.20 11.25 4.14
C ASP A 71 12.90 10.51 3.82
N ILE A 72 12.51 9.59 4.69
CA ILE A 72 11.28 8.82 4.50
C ILE A 72 10.09 9.75 4.32
N VAL A 73 9.46 9.68 3.16
CA VAL A 73 8.32 10.52 2.83
C VAL A 73 7.01 9.89 3.29
N LYS A 74 6.92 8.57 3.23
CA LYS A 74 5.71 7.87 3.65
C LYS A 74 6.03 6.78 4.65
N THR A 75 4.99 6.21 5.27
CA THR A 75 5.18 5.14 6.24
C THR A 75 3.85 4.48 6.62
N THR A 76 3.70 3.22 6.24
CA THR A 76 2.49 2.47 6.55
C THR A 76 2.72 1.57 7.75
N VAL A 77 1.66 1.29 8.50
CA VAL A 77 1.77 0.44 9.69
C VAL A 77 0.52 -0.40 9.91
N PHE A 78 0.73 -1.71 10.08
CA PHE A 78 -0.38 -2.63 10.33
C PHE A 78 -0.36 -3.09 11.78
N VAL A 79 -1.51 -2.99 12.43
CA VAL A 79 -1.63 -3.39 13.83
C VAL A 79 -2.71 -4.43 14.04
N LYS A 80 -2.51 -5.29 15.03
CA LYS A 80 -3.48 -6.33 15.36
C LYS A 80 -4.50 -5.78 16.35
N ASP A 81 -4.27 -4.54 16.79
CA ASP A 81 -5.16 -3.89 17.74
C ASP A 81 -4.96 -2.38 17.69
N LEU A 82 -5.99 -1.66 17.28
CA LEU A 82 -5.93 -0.21 17.19
C LEU A 82 -5.79 0.42 18.59
N ASN A 83 -5.99 -0.38 19.62
CA ASN A 83 -5.88 0.10 20.99
C ASN A 83 -4.42 0.17 21.43
N ASP A 84 -3.55 -0.55 20.72
CA ASP A 84 -2.13 -0.58 21.03
C ASP A 84 -1.40 0.57 20.34
N PHE A 85 -2.01 1.12 19.30
CA PHE A 85 -1.42 2.22 18.55
C PHE A 85 -1.13 3.41 19.45
N ALA A 86 -1.80 3.48 20.60
CA ALA A 86 -1.61 4.57 21.54
C ALA A 86 -0.14 4.73 21.92
N ALA A 87 0.55 3.61 22.07
CA ALA A 87 1.96 3.62 22.43
C ALA A 87 2.83 3.70 21.18
N VAL A 88 2.33 3.16 20.08
CA VAL A 88 3.07 3.17 18.82
C VAL A 88 3.09 4.58 18.22
N ASN A 89 1.94 5.23 18.23
CA ASN A 89 1.83 6.58 17.69
C ASN A 89 2.65 7.56 18.52
N ALA A 90 2.57 7.41 19.84
CA ALA A 90 3.32 8.28 20.75
C ALA A 90 4.82 8.17 20.50
N GLU A 91 5.27 6.98 20.14
CA GLU A 91 6.68 6.74 19.86
C GLU A 91 6.99 6.98 18.38
N TYR A 92 5.97 6.78 17.54
CA TYR A 92 6.09 6.98 16.10
C TYR A 92 6.64 8.37 15.78
N GLU A 93 6.03 9.37 16.39
CA GLU A 93 6.43 10.76 16.18
C GLU A 93 7.58 11.16 17.10
N ARG A 94 7.67 10.51 18.25
CA ARG A 94 8.72 10.81 19.22
C ARG A 94 10.08 10.28 18.76
N PHE A 95 10.07 9.32 17.84
CA PHE A 95 11.31 8.73 17.33
C PHE A 95 11.80 9.50 16.11
N PHE A 96 10.87 9.90 15.26
CA PHE A 96 11.22 10.65 14.06
C PHE A 96 12.02 11.89 14.40
N LYS A 97 11.44 12.74 15.21
CA LYS A 97 12.10 13.98 15.63
C LYS A 97 13.33 13.66 16.46
N GLU A 98 13.32 12.53 17.15
CA GLU A 98 14.45 12.14 17.97
C GLU A 98 15.61 11.68 17.11
N ASN A 99 15.34 11.45 15.83
CA ASN A 99 16.37 11.02 14.89
C ASN A 99 16.67 12.13 13.89
N ASN A 100 15.80 13.16 13.88
CA ASN A 100 15.92 14.31 12.97
C ASN A 100 14.99 14.17 11.78
N HIS A 101 13.83 13.55 12.02
CA HIS A 101 12.83 13.34 10.96
C HIS A 101 11.55 14.12 11.29
N PRO A 102 11.67 15.45 11.48
CA PRO A 102 10.52 16.30 11.81
C PRO A 102 9.53 16.45 10.66
N ASN A 103 9.95 16.08 9.45
CA ASN A 103 9.07 16.18 8.29
C ASN A 103 7.75 15.46 8.53
N PHE A 104 7.85 14.28 9.13
CA PHE A 104 6.68 13.46 9.45
C PHE A 104 6.08 12.86 8.17
N PRO A 105 6.61 11.73 7.71
CA PRO A 105 6.13 11.05 6.49
C PRO A 105 4.66 10.66 6.60
N ALA A 106 4.01 10.51 5.45
CA ALA A 106 2.60 10.12 5.43
C ALA A 106 2.38 8.87 6.27
N ARG A 107 1.15 8.65 6.71
CA ARG A 107 0.85 7.49 7.54
C ARG A 107 -0.42 6.78 7.08
N SER A 108 -0.39 5.46 7.13
CA SER A 108 -1.53 4.64 6.74
C SER A 108 -1.72 3.50 7.73
N CYS A 109 -2.08 3.86 8.97
CA CYS A 109 -2.28 2.88 10.02
C CYS A 109 -3.66 2.22 9.90
N VAL A 110 -3.67 0.88 9.95
CA VAL A 110 -4.91 0.13 9.85
C VAL A 110 -4.83 -1.16 10.66
N GLU A 111 -5.94 -1.55 11.25
CA GLU A 111 -5.99 -2.76 12.05
C GLU A 111 -6.30 -3.98 11.18
N VAL A 112 -5.25 -4.66 10.75
CA VAL A 112 -5.40 -5.84 9.90
C VAL A 112 -5.92 -7.03 10.70
N ALA A 113 -6.48 -8.01 9.99
CA ALA A 113 -7.02 -9.20 10.64
C ALA A 113 -5.89 -10.08 11.18
N ARG A 114 -4.78 -10.15 10.43
CA ARG A 114 -3.65 -10.97 10.84
C ARG A 114 -2.38 -10.53 10.11
N LEU A 115 -1.24 -11.01 10.58
CA LEU A 115 0.05 -10.66 9.98
C LEU A 115 0.99 -11.86 10.02
N PRO A 116 1.98 -11.90 9.11
CA PRO A 116 2.95 -13.00 9.04
C PRO A 116 3.67 -13.20 10.37
N LYS A 117 3.81 -14.46 10.78
CA LYS A 117 4.47 -14.79 12.04
C LYS A 117 3.64 -14.36 13.23
N ASP A 118 2.34 -14.16 13.00
CA ASP A 118 1.41 -13.73 14.05
C ASP A 118 1.99 -12.55 14.84
N VAL A 119 2.86 -11.79 14.19
CA VAL A 119 3.48 -10.63 14.83
C VAL A 119 2.42 -9.67 15.36
N GLY A 120 2.88 -8.64 16.06
CA GLY A 120 1.97 -7.66 16.62
C GLY A 120 1.81 -6.44 15.73
N LEU A 121 2.73 -6.27 14.77
CA LEU A 121 2.68 -5.14 13.86
C LEU A 121 3.72 -5.29 12.75
N GLU A 122 3.39 -4.75 11.58
CA GLU A 122 4.28 -4.80 10.43
C GLU A 122 4.72 -3.39 10.03
N ILE A 123 5.73 -3.30 9.17
CA ILE A 123 6.21 -2.00 8.73
C ILE A 123 6.62 -2.00 7.26
N GLU A 124 6.13 -0.98 6.54
CA GLU A 124 6.43 -0.82 5.11
C GLU A 124 6.33 0.66 4.76
N ALA A 125 7.44 1.24 4.31
CA ALA A 125 7.45 2.67 3.98
C ALA A 125 8.26 2.97 2.74
N ILE A 126 8.24 4.24 2.34
CA ILE A 126 8.98 4.72 1.18
C ILE A 126 9.97 5.79 1.60
N ALA A 127 11.04 5.94 0.82
CA ALA A 127 12.07 6.93 1.13
C ALA A 127 12.57 7.64 -0.12
N VAL A 128 13.01 8.89 0.05
CA VAL A 128 13.52 9.68 -1.07
C VAL A 128 14.92 10.19 -0.78
N ARG A 129 15.85 9.93 -1.69
CA ARG A 129 17.24 10.37 -1.53
C ARG A 129 17.47 11.69 -2.25
N LYS A 130 16.53 12.61 -2.10
CA LYS A 130 16.64 13.92 -2.74
C LYS A 130 16.72 13.79 -4.26
N MET B 1 13.96 21.37 -5.81
CA MET B 1 14.08 20.09 -5.08
C MET B 1 12.96 19.13 -5.44
N MET B 2 13.03 17.90 -4.93
CA MET B 2 12.01 16.90 -5.21
C MET B 2 11.41 16.37 -3.90
N THR B 3 10.91 17.28 -3.08
CA THR B 3 10.31 16.91 -1.80
C THR B 3 9.78 18.13 -1.07
N GLN B 4 8.56 18.01 -0.53
CA GLN B 4 7.94 19.11 0.19
C GLN B 4 6.65 18.66 0.86
N ILE B 5 6.50 18.98 2.15
CA ILE B 5 5.31 18.60 2.89
C ILE B 5 4.05 19.19 2.25
N ILE B 6 2.91 18.54 2.51
CA ILE B 6 1.65 19.00 1.96
C ILE B 6 0.64 19.30 3.07
N HIS B 7 -0.02 20.44 2.96
CA HIS B 7 -1.02 20.84 3.95
C HIS B 7 -2.07 21.75 3.32
N THR B 8 -3.29 21.68 3.86
CA THR B 8 -4.39 22.49 3.35
C THR B 8 -5.39 22.80 4.45
N GLU B 9 -6.28 23.77 4.19
CA GLU B 9 -7.29 24.15 5.16
C GLU B 9 -8.62 23.48 4.86
N LYS B 10 -8.57 22.33 4.19
CA LYS B 10 -9.78 21.59 3.84
C LYS B 10 -9.88 20.30 4.64
N ALA B 11 -8.79 19.53 4.63
CA ALA B 11 -8.74 18.28 5.37
C ALA B 11 -8.39 18.52 6.83
N PRO B 12 -9.32 18.24 7.76
CA PRO B 12 -9.09 18.43 9.20
C PRO B 12 -8.02 17.48 9.75
N ALA B 13 -7.67 16.47 8.97
CA ALA B 13 -6.67 15.49 9.37
C ALA B 13 -5.30 16.15 9.54
N ALA B 14 -4.27 15.32 9.70
CA ALA B 14 -2.92 15.81 9.88
C ALA B 14 -2.79 16.65 11.14
N ILE B 15 -1.65 17.32 11.29
CA ILE B 15 -1.39 18.16 12.46
C ILE B 15 -1.01 17.32 13.67
N GLY B 16 -0.63 16.07 13.42
CA GLY B 16 -0.24 15.17 14.49
C GLY B 16 1.07 14.47 14.20
N PRO B 17 1.13 13.13 14.30
CA PRO B 17 2.34 12.36 14.06
C PRO B 17 2.53 11.99 12.59
N TYR B 18 2.09 12.88 11.69
CA TYR B 18 2.20 12.62 10.25
C TYR B 18 1.71 13.83 9.45
N VAL B 19 2.19 13.93 8.21
CA VAL B 19 1.80 15.04 7.34
C VAL B 19 0.60 14.66 6.48
N GLN B 20 -0.17 15.66 6.09
CA GLN B 20 -1.36 15.43 5.25
C GLN B 20 -0.97 14.71 3.97
N ALA B 21 0.20 15.06 3.44
CA ALA B 21 0.71 14.45 2.21
C ALA B 21 2.10 14.97 1.88
N VAL B 22 2.80 14.26 1.00
CA VAL B 22 4.15 14.65 0.59
C VAL B 22 4.25 14.69 -0.93
N ASP B 23 4.90 15.74 -1.43
CA ASP B 23 5.07 15.90 -2.88
C ASP B 23 6.53 15.69 -3.29
N LEU B 24 6.76 14.72 -4.16
CA LEU B 24 8.10 14.41 -4.65
C LEU B 24 8.42 15.20 -5.91
N GLY B 25 7.38 15.67 -6.59
CA GLY B 25 7.56 16.43 -7.81
C GLY B 25 6.64 15.94 -8.91
N ASN B 26 7.22 15.29 -9.92
CA ASN B 26 6.43 14.76 -11.03
C ASN B 26 5.42 13.74 -10.50
N LEU B 27 5.77 13.09 -9.40
CA LEU B 27 4.90 12.09 -8.79
C LEU B 27 4.67 12.41 -7.31
N VAL B 28 3.43 12.71 -6.96
CA VAL B 28 3.08 13.03 -5.57
C VAL B 28 2.34 11.88 -4.91
N LEU B 29 2.05 12.03 -3.62
CA LEU B 29 1.34 11.00 -2.86
C LEU B 29 0.52 11.61 -1.74
N THR B 30 -0.44 10.85 -1.24
CA THR B 30 -1.30 11.33 -0.16
C THR B 30 -1.29 10.36 1.02
N SER B 31 -1.66 10.86 2.20
CA SER B 31 -1.70 10.04 3.41
C SER B 31 -3.09 9.47 3.65
N GLY B 32 -3.19 8.52 4.57
CA GLY B 32 -4.47 7.92 4.89
C GLY B 32 -5.46 8.92 5.43
N GLN B 33 -6.29 9.47 4.56
CA GLN B 33 -7.28 10.46 4.95
C GLN B 33 -8.43 9.81 5.71
N ILE B 34 -9.24 10.63 6.37
CA ILE B 34 -10.38 10.15 7.13
C ILE B 34 -11.51 11.18 7.16
N PRO B 35 -12.77 10.72 7.10
CA PRO B 35 -13.94 11.61 7.12
C PRO B 35 -14.22 12.19 8.49
N VAL B 36 -13.26 12.91 9.04
CA VAL B 36 -13.43 13.54 10.35
C VAL B 36 -14.52 14.59 10.30
N ASN B 37 -15.76 14.13 10.45
CA ASN B 37 -16.94 15.00 10.43
C ASN B 37 -16.70 16.31 11.18
N PRO B 38 -17.10 17.45 10.59
CA PRO B 38 -16.94 18.75 11.22
C PRO B 38 -17.96 18.97 12.34
N ALA B 39 -18.89 18.03 12.48
CA ALA B 39 -19.92 18.12 13.51
C ALA B 39 -19.69 17.08 14.61
N THR B 40 -19.06 15.97 14.27
CA THR B 40 -18.80 14.91 15.24
C THR B 40 -17.29 14.73 15.43
N GLY B 41 -16.53 15.01 14.39
CA GLY B 41 -15.08 14.87 14.47
C GLY B 41 -14.63 13.44 14.41
N GLU B 42 -15.03 12.73 13.35
CA GLU B 42 -14.64 11.33 13.20
C GLU B 42 -15.11 10.76 11.86
N VAL B 43 -16.39 10.40 11.78
CA VAL B 43 -16.94 9.84 10.56
C VAL B 43 -18.47 9.98 10.52
N PRO B 44 -19.01 10.62 9.47
CA PRO B 44 -20.46 10.81 9.33
C PRO B 44 -21.21 9.48 9.31
N ALA B 45 -22.45 9.50 9.79
CA ALA B 45 -23.27 8.29 9.83
C ALA B 45 -23.66 7.87 8.43
N ASP B 46 -23.80 8.85 7.54
CA ASP B 46 -24.19 8.59 6.16
C ASP B 46 -23.04 7.94 5.40
N ILE B 47 -23.11 6.63 5.30
CA ILE B 47 -22.10 5.83 4.61
C ILE B 47 -21.67 6.50 3.30
N VAL B 48 -22.59 7.19 2.66
CA VAL B 48 -22.31 7.89 1.41
C VAL B 48 -21.62 9.22 1.66
N ALA B 49 -22.18 10.00 2.58
CA ALA B 49 -21.62 11.30 2.92
C ALA B 49 -20.21 11.15 3.47
N GLN B 50 -20.01 10.13 4.30
CA GLN B 50 -18.70 9.87 4.88
C GLN B 50 -17.73 9.37 3.83
N ALA B 51 -18.26 8.68 2.82
CA ALA B 51 -17.44 8.15 1.74
C ALA B 51 -16.94 9.26 0.83
N ARG B 52 -17.79 10.25 0.60
CA ARG B 52 -17.44 11.38 -0.26
C ARG B 52 -16.55 12.38 0.49
N GLN B 53 -16.83 12.55 1.78
CA GLN B 53 -16.07 13.48 2.60
C GLN B 53 -14.59 13.11 2.61
N SER B 54 -14.31 11.81 2.58
CA SER B 54 -12.92 11.32 2.58
C SER B 54 -12.29 11.52 1.21
N LEU B 55 -13.11 11.44 0.18
CA LEU B 55 -12.62 11.61 -1.19
C LEU B 55 -12.29 13.08 -1.47
N GLU B 56 -13.08 13.97 -0.91
CA GLU B 56 -12.88 15.41 -1.09
C GLU B 56 -11.60 15.87 -0.39
N ASN B 57 -11.41 15.40 0.84
CA ASN B 57 -10.24 15.76 1.61
C ASN B 57 -8.96 15.36 0.89
N VAL B 58 -8.93 14.13 0.38
CA VAL B 58 -7.77 13.63 -0.33
C VAL B 58 -7.49 14.48 -1.57
N LYS B 59 -8.54 15.02 -2.16
CA LYS B 59 -8.40 15.86 -3.35
C LYS B 59 -7.99 17.28 -2.97
N ALA B 60 -8.45 17.73 -1.81
CA ALA B 60 -8.12 19.08 -1.34
C ALA B 60 -6.64 19.20 -1.02
N ILE B 61 -6.05 18.12 -0.49
CA ILE B 61 -4.64 18.12 -0.14
C ILE B 61 -3.78 18.14 -1.40
N ILE B 62 -4.14 17.31 -2.37
CA ILE B 62 -3.41 17.25 -3.63
C ILE B 62 -3.53 18.56 -4.39
N GLU B 63 -4.70 19.18 -4.29
CA GLU B 63 -4.95 20.46 -4.96
C GLU B 63 -4.12 21.56 -4.33
N LYS B 64 -4.07 21.56 -3.00
CA LYS B 64 -3.30 22.56 -2.27
C LYS B 64 -1.82 22.46 -2.64
N ALA B 65 -1.42 21.30 -3.15
CA ALA B 65 -0.04 21.09 -3.55
C ALA B 65 0.18 21.51 -4.99
N GLY B 66 -0.89 21.42 -5.79
CA GLY B 66 -0.79 21.81 -7.19
C GLY B 66 -1.03 20.64 -8.13
N LEU B 67 -2.16 19.97 -7.96
CA LEU B 67 -2.50 18.84 -8.80
C LEU B 67 -3.99 18.52 -8.71
N THR B 68 -4.50 17.84 -9.72
CA THR B 68 -5.92 17.48 -9.76
C THR B 68 -6.11 15.97 -9.71
N ALA B 69 -7.28 15.54 -9.27
CA ALA B 69 -7.59 14.11 -9.17
C ALA B 69 -7.44 13.43 -10.52
N ALA B 70 -7.80 14.13 -11.59
CA ALA B 70 -7.70 13.60 -12.94
C ALA B 70 -6.33 13.01 -13.21
N ASP B 71 -5.32 13.52 -12.51
CA ASP B 71 -3.94 13.05 -12.68
C ASP B 71 -3.67 11.83 -11.81
N ILE B 72 -4.50 11.62 -10.80
CA ILE B 72 -4.34 10.48 -9.90
C ILE B 72 -4.30 9.18 -10.69
N VAL B 73 -3.17 8.48 -10.60
CA VAL B 73 -2.98 7.22 -11.31
C VAL B 73 -3.48 6.02 -10.51
N LYS B 74 -3.35 6.10 -9.19
CA LYS B 74 -3.79 5.00 -8.32
C LYS B 74 -4.70 5.53 -7.22
N THR B 75 -5.35 4.61 -6.49
CA THR B 75 -6.24 4.99 -5.41
C THR B 75 -6.66 3.79 -4.58
N THR B 76 -6.21 3.76 -3.32
CA THR B 76 -6.55 2.67 -2.41
C THR B 76 -7.68 3.09 -1.48
N VAL B 77 -8.47 2.12 -1.04
CA VAL B 77 -9.60 2.43 -0.14
C VAL B 77 -9.84 1.31 0.86
N PHE B 78 -9.92 1.67 2.13
CA PHE B 78 -10.17 0.71 3.20
C PHE B 78 -11.59 0.88 3.73
N VAL B 79 -12.33 -0.22 3.81
CA VAL B 79 -13.70 -0.18 4.29
C VAL B 79 -13.91 -1.12 5.48
N LYS B 80 -14.83 -0.74 6.36
CA LYS B 80 -15.16 -1.56 7.52
C LYS B 80 -16.24 -2.55 7.16
N ASP B 81 -16.75 -2.44 5.93
CA ASP B 81 -17.80 -3.33 5.45
C ASP B 81 -17.84 -3.31 3.92
N LEU B 82 -17.55 -4.45 3.31
CA LEU B 82 -17.55 -4.56 1.85
C LEU B 82 -18.97 -4.41 1.30
N ASN B 83 -19.96 -4.42 2.18
CA ASN B 83 -21.35 -4.27 1.77
C ASN B 83 -21.69 -2.80 1.55
N ASP B 84 -20.88 -1.92 2.12
CA ASP B 84 -21.10 -0.48 1.98
C ASP B 84 -20.43 0.07 0.72
N PHE B 85 -19.47 -0.69 0.18
CA PHE B 85 -18.75 -0.27 -1.02
C PHE B 85 -19.72 -0.06 -2.18
N ALA B 86 -20.91 -0.65 -2.10
CA ALA B 86 -21.91 -0.53 -3.16
C ALA B 86 -22.18 0.94 -3.47
N ALA B 87 -22.23 1.77 -2.43
CA ALA B 87 -22.48 3.19 -2.60
C ALA B 87 -21.19 3.95 -2.85
N VAL B 88 -20.10 3.43 -2.32
CA VAL B 88 -18.79 4.07 -2.49
C VAL B 88 -18.28 3.88 -3.91
N ASN B 89 -18.42 2.67 -4.43
CA ASN B 89 -17.97 2.36 -5.79
C ASN B 89 -18.81 3.12 -6.81
N ALA B 90 -20.12 3.16 -6.57
CA ALA B 90 -21.03 3.87 -7.46
C ALA B 90 -20.67 5.34 -7.56
N GLU B 91 -20.20 5.90 -6.45
CA GLU B 91 -19.81 7.31 -6.41
C GLU B 91 -18.34 7.47 -6.77
N TYR B 92 -17.56 6.43 -6.50
CA TYR B 92 -16.13 6.42 -6.78
C TYR B 92 -15.87 6.76 -8.24
N GLU B 93 -16.59 6.09 -9.13
CA GLU B 93 -16.42 6.31 -10.57
C GLU B 93 -17.29 7.47 -11.05
N ARG B 94 -18.40 7.72 -10.37
CA ARG B 94 -19.31 8.79 -10.74
C ARG B 94 -18.72 10.17 -10.40
N PHE B 95 -17.75 10.20 -9.49
CA PHE B 95 -17.12 11.46 -9.11
C PHE B 95 -15.92 11.77 -9.99
N PHE B 96 -15.17 10.73 -10.32
CA PHE B 96 -13.98 10.90 -11.16
C PHE B 96 -14.35 11.57 -12.47
N LYS B 97 -15.26 10.95 -13.22
CA LYS B 97 -15.70 11.49 -14.49
C LYS B 97 -16.42 12.81 -14.29
N GLU B 98 -17.05 12.98 -13.13
CA GLU B 98 -17.76 14.21 -12.83
C GLU B 98 -16.79 15.36 -12.57
N ASN B 99 -15.52 15.02 -12.37
CA ASN B 99 -14.50 16.02 -12.14
C ASN B 99 -13.55 16.10 -13.32
N ASN B 100 -13.66 15.13 -14.23
CA ASN B 100 -12.83 15.03 -15.44
C ASN B 100 -11.68 14.04 -15.24
N HIS B 101 -11.96 12.99 -14.48
CA HIS B 101 -10.97 11.95 -14.21
C HIS B 101 -11.42 10.61 -14.80
N PRO B 102 -11.69 10.58 -16.12
CA PRO B 102 -12.15 9.37 -16.80
C PRO B 102 -11.07 8.29 -16.90
N ASN B 103 -9.82 8.66 -16.65
CA ASN B 103 -8.72 7.69 -16.71
C ASN B 103 -9.01 6.49 -15.82
N PHE B 104 -9.52 6.77 -14.62
CA PHE B 104 -9.86 5.73 -13.65
C PHE B 104 -8.59 5.11 -13.06
N PRO B 105 -8.02 5.75 -12.02
CA PRO B 105 -6.80 5.26 -11.36
C PRO B 105 -6.98 3.86 -10.78
N ALA B 106 -5.87 3.14 -10.62
CA ALA B 106 -5.91 1.80 -10.07
C ALA B 106 -6.69 1.79 -8.76
N ARG B 107 -7.19 0.62 -8.36
CA ARG B 107 -7.96 0.53 -7.12
C ARG B 107 -7.53 -0.68 -6.29
N SER B 108 -7.50 -0.49 -4.98
CA SER B 108 -7.13 -1.55 -4.06
C SER B 108 -8.07 -1.53 -2.85
N CYS B 109 -9.34 -1.84 -3.09
CA CYS B 109 -10.34 -1.86 -2.03
C CYS B 109 -10.26 -3.14 -1.22
N VAL B 110 -10.24 -2.99 0.11
CA VAL B 110 -10.17 -4.14 0.99
C VAL B 110 -10.89 -3.85 2.31
N GLU B 111 -11.54 -4.87 2.86
CA GLU B 111 -12.26 -4.73 4.12
C GLU B 111 -11.33 -4.95 5.30
N VAL B 112 -10.78 -3.86 5.83
CA VAL B 112 -9.87 -3.94 6.97
C VAL B 112 -10.63 -4.26 8.26
N ALA B 113 -9.90 -4.74 9.25
CA ALA B 113 -10.51 -5.09 10.53
C ALA B 113 -10.90 -3.83 11.30
N ARG B 114 -10.08 -2.79 11.20
CA ARG B 114 -10.36 -1.53 11.89
C ARG B 114 -9.58 -0.39 11.25
N LEU B 115 -9.95 0.84 11.62
CA LEU B 115 -9.28 2.03 11.10
C LEU B 115 -9.18 3.11 12.17
N PRO B 116 -8.20 4.02 12.04
CA PRO B 116 -8.00 5.11 13.00
C PRO B 116 -9.26 5.95 13.19
N LYS B 117 -9.58 6.26 14.44
CA LYS B 117 -10.77 7.05 14.76
C LYS B 117 -12.04 6.25 14.49
N ASP B 118 -11.91 4.93 14.45
CA ASP B 118 -13.04 4.04 14.19
C ASP B 118 -13.86 4.53 13.01
N VAL B 119 -13.21 5.26 12.09
CA VAL B 119 -13.88 5.78 10.91
C VAL B 119 -14.55 4.66 10.11
N GLY B 120 -15.28 5.05 9.08
CA GLY B 120 -15.95 4.07 8.25
C GLY B 120 -15.16 3.71 7.01
N LEU B 121 -14.16 4.53 6.68
CA LEU B 121 -13.33 4.29 5.51
C LEU B 121 -12.14 5.25 5.46
N GLU B 122 -11.04 4.78 4.91
CA GLU B 122 -9.83 5.59 4.78
C GLU B 122 -9.50 5.82 3.32
N ILE B 123 -8.58 6.75 3.05
CA ILE B 123 -8.19 7.04 1.67
C ILE B 123 -6.70 7.33 1.54
N GLU B 124 -6.08 6.68 0.56
CA GLU B 124 -4.66 6.85 0.28
C GLU B 124 -4.40 6.55 -1.19
N ALA B 125 -3.93 7.55 -1.94
CA ALA B 125 -3.68 7.37 -3.36
C ALA B 125 -2.41 8.05 -3.84
N ILE B 126 -2.10 7.84 -5.11
CA ILE B 126 -0.93 8.44 -5.73
C ILE B 126 -1.34 9.33 -6.90
N ALA B 127 -0.51 10.31 -7.22
CA ALA B 127 -0.81 11.24 -8.31
C ALA B 127 0.42 11.56 -9.15
N VAL B 128 0.20 11.86 -10.42
CA VAL B 128 1.30 12.19 -11.33
C VAL B 128 1.07 13.54 -12.00
N ARG B 129 2.06 14.42 -11.90
CA ARG B 129 1.96 15.75 -12.49
C ARG B 129 2.61 15.78 -13.87
N LYS B 130 2.35 14.75 -14.66
CA LYS B 130 2.89 14.65 -16.01
C LYS B 130 4.42 14.64 -15.98
N MET C 1 5.32 10.90 -23.21
CA MET C 1 4.69 11.23 -21.91
C MET C 1 5.03 10.20 -20.85
N MET C 2 4.61 10.47 -19.61
CA MET C 2 4.87 9.56 -18.50
C MET C 2 3.58 9.12 -17.83
N THR C 3 2.66 8.58 -18.62
CA THR C 3 1.38 8.12 -18.10
C THR C 3 0.53 7.48 -19.21
N GLN C 4 -0.07 6.34 -18.91
CA GLN C 4 -0.90 5.64 -19.88
C GLN C 4 -1.62 4.46 -19.24
N ILE C 5 -2.92 4.37 -19.46
CA ILE C 5 -3.73 3.29 -18.90
C ILE C 5 -3.21 1.93 -19.35
N ILE C 6 -3.48 0.90 -18.56
CA ILE C 6 -3.04 -0.45 -18.88
C ILE C 6 -4.24 -1.41 -18.99
N HIS C 7 -4.23 -2.21 -20.04
CA HIS C 7 -5.32 -3.16 -20.27
C HIS C 7 -4.82 -4.37 -21.07
N THR C 8 -5.42 -5.53 -20.81
CA THR C 8 -5.03 -6.75 -21.50
C THR C 8 -6.21 -7.71 -21.63
N GLU C 9 -6.07 -8.72 -22.48
CA GLU C 9 -7.13 -9.71 -22.69
C GLU C 9 -6.87 -10.96 -21.87
N LYS C 10 -6.13 -10.82 -20.78
CA LYS C 10 -5.81 -11.94 -19.91
C LYS C 10 -6.53 -11.83 -18.57
N ALA C 11 -6.42 -10.66 -17.94
CA ALA C 11 -7.06 -10.42 -16.67
C ALA C 11 -8.52 -9.99 -16.87
N PRO C 12 -9.48 -10.82 -16.43
CA PRO C 12 -10.91 -10.51 -16.57
C PRO C 12 -11.34 -9.30 -15.74
N ALA C 13 -10.46 -8.88 -14.83
CA ALA C 13 -10.75 -7.74 -13.97
C ALA C 13 -10.87 -6.45 -14.79
N ALA C 14 -10.92 -5.32 -14.09
CA ALA C 14 -11.03 -4.02 -14.75
C ALA C 14 -12.33 -3.91 -15.52
N ILE C 15 -12.45 -2.86 -16.33
CA ILE C 15 -13.64 -2.62 -17.13
C ILE C 15 -14.78 -2.06 -16.27
N GLY C 16 -14.43 -1.54 -15.11
CA GLY C 16 -15.41 -0.96 -14.21
C GLY C 16 -15.00 0.40 -13.70
N PRO C 17 -15.02 0.62 -12.37
CA PRO C 17 -14.64 1.91 -11.78
C PRO C 17 -13.15 2.02 -11.51
N TYR C 18 -12.33 1.41 -12.37
CA TYR C 18 -10.88 1.46 -12.22
C TYR C 18 -10.18 0.77 -13.39
N VAL C 19 -8.93 1.14 -13.62
CA VAL C 19 -8.15 0.57 -14.70
C VAL C 19 -7.35 -0.64 -14.22
N GLN C 20 -7.06 -1.57 -15.14
CA GLN C 20 -6.30 -2.76 -14.80
C GLN C 20 -4.95 -2.38 -14.20
N ALA C 21 -4.37 -1.30 -14.72
CA ALA C 21 -3.08 -0.83 -14.26
C ALA C 21 -2.68 0.47 -14.95
N VAL C 22 -1.73 1.18 -14.38
CA VAL C 22 -1.25 2.45 -14.95
C VAL C 22 0.26 2.44 -15.10
N ASP C 23 0.74 2.93 -16.24
CA ASP C 23 2.18 2.98 -16.51
C ASP C 23 2.69 4.41 -16.50
N LEU C 24 3.64 4.69 -15.61
CA LEU C 24 4.22 6.02 -15.50
C LEU C 24 5.45 6.16 -16.40
N GLY C 25 6.04 5.02 -16.77
CA GLY C 25 7.21 5.03 -17.61
C GLY C 25 8.28 4.10 -17.08
N ASN C 26 9.35 4.68 -16.55
CA ASN C 26 10.45 3.89 -15.98
C ASN C 26 9.93 3.04 -14.83
N LEU C 27 8.89 3.55 -14.16
CA LEU C 27 8.29 2.85 -13.03
C LEU C 27 6.79 2.69 -13.24
N VAL C 28 6.33 1.45 -13.37
CA VAL C 28 4.92 1.16 -13.56
C VAL C 28 4.28 0.61 -12.28
N LEU C 29 2.98 0.39 -12.33
CA LEU C 29 2.24 -0.14 -11.18
C LEU C 29 1.03 -0.95 -11.62
N THR C 30 0.51 -1.78 -10.72
CA THR C 30 -0.65 -2.61 -11.03
C THR C 30 -1.76 -2.40 -10.00
N SER C 31 -2.98 -2.75 -10.39
CA SER C 31 -4.13 -2.60 -9.51
C SER C 31 -4.42 -3.90 -8.76
N GLY C 32 -5.28 -3.82 -7.75
CA GLY C 32 -5.64 -5.00 -6.98
C GLY C 32 -6.30 -6.06 -7.83
N GLN C 33 -5.52 -7.00 -8.31
CA GLN C 33 -6.04 -8.08 -9.15
C GLN C 33 -6.83 -9.09 -8.32
N ILE C 34 -7.59 -9.94 -9.01
CA ILE C 34 -8.38 -10.96 -8.34
C ILE C 34 -8.55 -12.20 -9.22
N PRO C 35 -8.54 -13.39 -8.62
CA PRO C 35 -8.69 -14.65 -9.36
C PRO C 35 -10.12 -14.92 -9.82
N VAL C 36 -10.66 -14.01 -10.62
CA VAL C 36 -12.01 -14.16 -11.13
C VAL C 36 -12.10 -15.38 -12.05
N ASN C 37 -12.29 -16.53 -11.43
CA ASN C 37 -12.39 -17.80 -12.16
C ASN C 37 -13.22 -17.66 -13.44
N PRO C 38 -12.73 -18.24 -14.55
CA PRO C 38 -13.44 -18.19 -15.83
C PRO C 38 -14.64 -19.15 -15.86
N ALA C 39 -14.77 -19.94 -14.80
CA ALA C 39 -15.86 -20.90 -14.70
C ALA C 39 -16.87 -20.48 -13.64
N THR C 40 -16.41 -19.75 -12.63
CA THR C 40 -17.30 -19.29 -11.57
C THR C 40 -17.40 -17.77 -11.55
N GLY C 41 -16.32 -17.12 -12.00
CA GLY C 41 -16.30 -15.67 -12.03
C GLY C 41 -16.11 -15.06 -10.65
N GLU C 42 -15.03 -15.44 -9.97
CA GLU C 42 -14.77 -14.90 -8.63
C GLU C 42 -13.43 -15.40 -8.09
N VAL C 43 -13.41 -16.62 -7.59
CA VAL C 43 -12.19 -17.20 -7.03
C VAL C 43 -12.25 -18.72 -7.00
N PRO C 44 -11.28 -19.41 -7.63
CA PRO C 44 -11.24 -20.88 -7.66
C PRO C 44 -11.19 -21.47 -6.25
N ALA C 45 -11.74 -22.67 -6.09
CA ALA C 45 -11.74 -23.34 -4.80
C ALA C 45 -10.34 -23.77 -4.41
N ASP C 46 -9.53 -24.08 -5.41
CA ASP C 46 -8.16 -24.53 -5.20
C ASP C 46 -7.29 -23.37 -4.73
N ILE C 47 -7.12 -23.30 -3.42
CA ILE C 47 -6.30 -22.25 -2.80
C ILE C 47 -5.02 -21.98 -3.59
N VAL C 48 -4.49 -23.04 -4.21
CA VAL C 48 -3.26 -22.91 -5.00
C VAL C 48 -3.57 -22.36 -6.39
N ALA C 49 -4.56 -22.96 -7.05
CA ALA C 49 -4.96 -22.53 -8.38
C ALA C 49 -5.41 -21.07 -8.36
N GLN C 50 -6.15 -20.70 -7.33
CA GLN C 50 -6.64 -19.33 -7.18
C GLN C 50 -5.50 -18.38 -6.88
N ALA C 51 -4.48 -18.90 -6.18
CA ALA C 51 -3.32 -18.09 -5.82
C ALA C 51 -2.46 -17.79 -7.04
N ARG C 52 -2.34 -18.76 -7.94
CA ARG C 52 -1.54 -18.60 -9.14
C ARG C 52 -2.29 -17.80 -10.19
N GLN C 53 -3.61 -18.00 -10.26
CA GLN C 53 -4.45 -17.29 -11.21
C GLN C 53 -4.33 -15.79 -11.04
N SER C 54 -4.21 -15.36 -9.78
CA SER C 54 -4.09 -13.94 -9.47
C SER C 54 -2.70 -13.42 -9.82
N LEU C 55 -1.70 -14.29 -9.69
CA LEU C 55 -0.33 -13.93 -10.00
C LEU C 55 -0.13 -13.79 -11.51
N GLU C 56 -0.80 -14.64 -12.28
CA GLU C 56 -0.69 -14.62 -13.72
C GLU C 56 -1.34 -13.37 -14.30
N ASN C 57 -2.52 -13.03 -13.79
CA ASN C 57 -3.24 -11.85 -14.24
C ASN C 57 -2.42 -10.59 -14.03
N VAL C 58 -1.82 -10.46 -12.86
CA VAL C 58 -1.00 -9.30 -12.54
C VAL C 58 0.18 -9.19 -13.48
N LYS C 59 0.67 -10.35 -13.94
CA LYS C 59 1.81 -10.39 -14.85
C LYS C 59 1.38 -10.12 -16.28
N ALA C 60 0.16 -10.55 -16.61
CA ALA C 60 -0.39 -10.35 -17.94
C ALA C 60 -0.63 -8.87 -18.23
N ILE C 61 -1.04 -8.14 -17.20
CA ILE C 61 -1.29 -6.71 -17.36
C ILE C 61 0.01 -5.94 -17.56
N ILE C 62 1.01 -6.27 -16.74
CA ILE C 62 2.32 -5.62 -16.85
C ILE C 62 2.97 -5.95 -18.17
N GLU C 63 2.77 -7.18 -18.64
CA GLU C 63 3.33 -7.62 -19.90
C GLU C 63 2.68 -6.89 -21.07
N LYS C 64 1.36 -6.74 -21.00
CA LYS C 64 0.62 -6.05 -22.03
C LYS C 64 1.08 -4.59 -22.14
N ALA C 65 1.69 -4.10 -21.07
CA ALA C 65 2.19 -2.73 -21.04
C ALA C 65 3.61 -2.66 -21.57
N GLY C 66 4.35 -3.76 -21.41
CA GLY C 66 5.71 -3.81 -21.89
C GLY C 66 6.71 -3.98 -20.75
N LEU C 67 6.52 -5.01 -19.94
CA LEU C 67 7.41 -5.27 -18.82
C LEU C 67 7.24 -6.71 -18.33
N THR C 68 8.27 -7.21 -17.65
CA THR C 68 8.25 -8.57 -17.12
C THR C 68 8.29 -8.57 -15.60
N ALA C 69 7.80 -9.66 -15.00
CA ALA C 69 7.77 -9.79 -13.55
C ALA C 69 9.18 -9.66 -12.97
N ALA C 70 10.17 -10.16 -13.68
CA ALA C 70 11.56 -10.11 -13.24
C ALA C 70 11.95 -8.68 -12.85
N ASP C 71 11.28 -7.69 -13.43
CA ASP C 71 11.56 -6.30 -13.14
C ASP C 71 10.79 -5.81 -11.91
N ILE C 72 9.75 -6.56 -11.54
CA ILE C 72 8.94 -6.20 -10.38
C ILE C 72 9.82 -6.06 -9.14
N VAL C 73 9.84 -4.86 -8.58
CA VAL C 73 10.65 -4.57 -7.39
C VAL C 73 9.90 -4.88 -6.10
N LYS C 74 8.58 -4.66 -6.12
CA LYS C 74 7.77 -4.92 -4.93
C LYS C 74 6.57 -5.81 -5.27
N THR C 75 5.87 -6.29 -4.25
CA THR C 75 4.71 -7.14 -4.46
C THR C 75 3.93 -7.35 -3.16
N THR C 76 2.72 -6.82 -3.12
CA THR C 76 1.87 -6.97 -1.94
C THR C 76 0.84 -8.08 -2.17
N VAL C 77 0.40 -8.72 -1.10
CA VAL C 77 -0.58 -9.80 -1.21
C VAL C 77 -1.52 -9.84 -0.01
N PHE C 78 -2.81 -9.88 -0.30
CA PHE C 78 -3.82 -9.94 0.75
C PHE C 78 -4.46 -11.33 0.78
N VAL C 79 -4.51 -11.93 1.97
CA VAL C 79 -5.08 -13.27 2.12
C VAL C 79 -6.21 -13.28 3.14
N LYS C 80 -7.17 -14.18 2.94
CA LYS C 80 -8.28 -14.32 3.85
C LYS C 80 -7.93 -15.32 4.95
N ASP C 81 -6.75 -15.91 4.82
CA ASP C 81 -6.27 -16.89 5.80
C ASP C 81 -4.76 -17.04 5.69
N LEU C 82 -4.06 -16.65 6.76
CA LEU C 82 -2.60 -16.74 6.78
C LEU C 82 -2.14 -18.20 6.76
N ASN C 83 -3.08 -19.12 6.95
CA ASN C 83 -2.75 -20.54 6.94
C ASN C 83 -2.65 -21.07 5.51
N ASP C 84 -3.23 -20.32 4.57
CA ASP C 84 -3.20 -20.71 3.17
C ASP C 84 -1.94 -20.20 2.48
N PHE C 85 -1.30 -19.20 3.08
CA PHE C 85 -0.09 -18.62 2.52
C PHE C 85 1.01 -19.68 2.35
N ALA C 86 0.88 -20.78 3.08
CA ALA C 86 1.87 -21.85 3.02
C ALA C 86 2.07 -22.32 1.58
N ALA C 87 0.98 -22.40 0.83
CA ALA C 87 1.04 -22.83 -0.56
C ALA C 87 1.32 -21.65 -1.49
N VAL C 88 0.89 -20.47 -1.08
CA VAL C 88 1.10 -19.26 -1.87
C VAL C 88 2.55 -18.84 -1.83
N ASN C 89 3.14 -18.85 -0.64
CA ASN C 89 4.54 -18.47 -0.46
C ASN C 89 5.46 -19.46 -1.18
N ALA C 90 5.14 -20.75 -1.05
CA ALA C 90 5.93 -21.79 -1.68
C ALA C 90 5.95 -21.62 -3.20
N GLU C 91 4.84 -21.14 -3.75
CA GLU C 91 4.73 -20.92 -5.18
C GLU C 91 5.16 -19.51 -5.54
N TYR C 92 5.01 -18.59 -4.58
CA TYR C 92 5.38 -17.19 -4.77
C TYR C 92 6.83 -17.07 -5.22
N GLU C 93 7.72 -17.77 -4.52
CA GLU C 93 9.15 -17.74 -4.84
C GLU C 93 9.50 -18.76 -5.91
N ARG C 94 8.72 -19.83 -5.99
CA ARG C 94 8.96 -20.88 -6.97
C ARG C 94 8.58 -20.44 -8.37
N PHE C 95 7.73 -19.42 -8.47
CA PHE C 95 7.30 -18.92 -9.78
C PHE C 95 8.24 -17.83 -10.28
N PHE C 96 8.69 -16.98 -9.36
CA PHE C 96 9.59 -15.89 -9.72
C PHE C 96 10.82 -16.42 -10.42
N LYS C 97 11.54 -17.29 -9.73
CA LYS C 97 12.75 -17.88 -10.29
C LYS C 97 12.42 -18.74 -11.50
N GLU C 98 11.22 -19.29 -11.53
CA GLU C 98 10.80 -20.13 -12.64
C GLU C 98 10.51 -19.28 -13.88
N ASN C 99 10.43 -17.98 -13.68
CA ASN C 99 10.18 -17.05 -14.78
C ASN C 99 11.41 -16.20 -15.05
N ASN C 100 12.38 -16.27 -14.13
CA ASN C 100 13.65 -15.51 -14.20
C ASN C 100 13.58 -14.25 -13.34
N HIS C 101 12.87 -14.35 -12.22
CA HIS C 101 12.74 -13.23 -11.29
C HIS C 101 13.39 -13.57 -9.95
N PRO C 102 14.68 -13.92 -9.96
CA PRO C 102 15.42 -14.28 -8.74
C PRO C 102 15.64 -13.11 -7.80
N ASN C 103 15.45 -11.89 -8.30
CA ASN C 103 15.64 -10.70 -7.48
C ASN C 103 14.81 -10.79 -6.20
N PHE C 104 13.57 -11.24 -6.35
CA PHE C 104 12.65 -11.38 -5.22
C PHE C 104 12.18 -10.01 -4.73
N PRO C 105 11.14 -9.44 -5.37
CA PRO C 105 10.59 -8.14 -4.99
C PRO C 105 10.09 -8.12 -3.55
N ALA C 106 10.05 -6.92 -2.96
CA ALA C 106 9.58 -6.77 -1.59
C ALA C 106 8.23 -7.44 -1.42
N ARG C 107 7.88 -7.78 -0.18
CA ARG C 107 6.61 -8.45 0.08
C ARG C 107 5.89 -7.83 1.28
N SER C 108 4.57 -7.73 1.16
CA SER C 108 3.74 -7.18 2.21
C SER C 108 2.48 -8.01 2.38
N CYS C 109 2.66 -9.26 2.82
CA CYS C 109 1.54 -10.18 3.01
C CYS C 109 0.82 -9.89 4.32
N VAL C 110 -0.50 -9.80 4.24
CA VAL C 110 -1.32 -9.53 5.43
C VAL C 110 -2.69 -10.18 5.30
N GLU C 111 -3.22 -10.65 6.43
CA GLU C 111 -4.53 -11.30 6.44
C GLU C 111 -5.64 -10.26 6.61
N VAL C 112 -6.19 -9.81 5.49
CA VAL C 112 -7.27 -8.81 5.52
C VAL C 112 -8.58 -9.43 5.99
N ALA C 113 -9.49 -8.58 6.45
CA ALA C 113 -10.79 -9.05 6.93
C ALA C 113 -11.66 -9.53 5.78
N ARG C 114 -11.56 -8.86 4.64
CA ARG C 114 -12.34 -9.23 3.47
C ARG C 114 -11.74 -8.63 2.20
N LEU C 115 -12.20 -9.12 1.05
CA LEU C 115 -11.72 -8.64 -0.24
C LEU C 115 -12.85 -8.59 -1.26
N PRO C 116 -12.71 -7.74 -2.29
CA PRO C 116 -13.73 -7.61 -3.34
C PRO C 116 -14.05 -8.94 -4.01
N LYS C 117 -15.33 -9.20 -4.21
CA LYS C 117 -15.78 -10.45 -4.82
C LYS C 117 -15.55 -11.63 -3.90
N ASP C 118 -15.41 -11.35 -2.60
CA ASP C 118 -15.17 -12.37 -1.60
C ASP C 118 -14.07 -13.34 -2.04
N VAL C 119 -13.17 -12.85 -2.89
CA VAL C 119 -12.08 -13.66 -3.40
C VAL C 119 -11.25 -14.23 -2.25
N GLY C 120 -10.28 -15.09 -2.60
CA GLY C 120 -9.44 -15.69 -1.59
C GLY C 120 -8.13 -14.95 -1.40
N LEU C 121 -7.80 -14.09 -2.35
CA LEU C 121 -6.57 -13.31 -2.28
C LEU C 121 -6.51 -12.25 -3.37
N GLU C 122 -5.85 -11.14 -3.07
CA GLU C 122 -5.70 -10.05 -4.03
C GLU C 122 -4.24 -9.84 -4.38
N ILE C 123 -3.98 -9.06 -5.43
CA ILE C 123 -2.61 -8.81 -5.85
C ILE C 123 -2.39 -7.37 -6.32
N GLU C 124 -1.34 -6.75 -5.81
CA GLU C 124 -0.99 -5.38 -6.16
C GLU C 124 0.52 -5.19 -5.98
N ALA C 125 1.23 -4.89 -7.07
CA ALA C 125 2.67 -4.73 -6.99
C ALA C 125 3.18 -3.58 -7.85
N ILE C 126 4.49 -3.33 -7.76
CA ILE C 126 5.14 -2.28 -8.53
C ILE C 126 6.21 -2.89 -9.43
N ALA C 127 6.52 -2.20 -10.52
CA ALA C 127 7.52 -2.68 -11.47
C ALA C 127 8.41 -1.55 -11.98
N VAL C 128 9.66 -1.89 -12.32
CA VAL C 128 10.60 -0.90 -12.83
C VAL C 128 11.17 -1.34 -14.17
N ARG C 129 11.07 -0.46 -15.17
CA ARG C 129 11.57 -0.75 -16.51
C ARG C 129 12.98 -0.20 -16.70
N LYS C 130 13.82 -0.40 -15.68
CA LYS C 130 15.21 0.06 -15.74
C LYS C 130 15.26 1.58 -15.89
N MET A 1 24.00 2.95 -12.28
CA MET A 1 22.52 2.81 -12.11
C MET A 1 22.18 1.62 -11.21
N MET A 2 21.12 1.78 -10.42
CA MET A 2 20.69 0.72 -9.51
C MET A 2 19.18 0.53 -9.59
N THR A 3 18.69 -0.56 -8.99
CA THR A 3 17.26 -0.85 -8.97
C THR A 3 16.95 -1.92 -7.93
N GLN A 4 16.17 -1.54 -6.93
CA GLN A 4 15.77 -2.44 -5.86
C GLN A 4 16.96 -3.21 -5.30
N ILE A 5 16.66 -4.22 -4.47
CA ILE A 5 17.70 -5.04 -3.86
C ILE A 5 18.47 -4.27 -2.79
N ILE A 6 18.29 -4.67 -1.54
CA ILE A 6 18.97 -4.03 -0.42
C ILE A 6 19.37 -5.07 0.63
N HIS A 7 20.67 -5.37 0.69
CA HIS A 7 21.19 -6.35 1.64
C HIS A 7 21.60 -5.67 2.95
N THR A 8 21.50 -6.42 4.04
CA THR A 8 21.87 -5.90 5.36
C THR A 8 22.06 -7.04 6.36
N GLU A 9 22.66 -6.71 7.50
CA GLU A 9 22.89 -7.71 8.54
C GLU A 9 22.21 -7.31 9.85
N LYS A 10 20.99 -6.78 9.73
CA LYS A 10 20.22 -6.36 10.90
C LYS A 10 18.76 -6.72 10.75
N ALA A 11 18.20 -6.44 9.58
CA ALA A 11 16.81 -6.72 9.30
C ALA A 11 16.51 -8.22 9.46
N PRO A 12 15.23 -8.61 9.28
CA PRO A 12 14.81 -10.01 9.41
C PRO A 12 15.47 -10.92 8.38
N ALA A 13 16.12 -10.32 7.38
CA ALA A 13 16.79 -11.08 6.33
C ALA A 13 15.80 -11.66 5.34
N ALA A 14 16.24 -11.88 4.11
CA ALA A 14 15.41 -12.44 3.06
C ALA A 14 15.90 -13.81 2.63
N ILE A 15 15.01 -14.79 2.70
CA ILE A 15 15.34 -16.16 2.30
C ILE A 15 14.18 -16.80 1.55
N GLY A 16 13.26 -15.98 1.08
CA GLY A 16 12.11 -16.48 0.35
C GLY A 16 11.91 -15.76 -0.98
N PRO A 17 10.68 -15.37 -1.32
CA PRO A 17 10.38 -14.70 -2.57
C PRO A 17 10.52 -13.18 -2.48
N TYR A 18 11.29 -12.70 -1.50
CA TYR A 18 11.47 -11.26 -1.34
C TYR A 18 12.83 -10.94 -0.71
N VAL A 19 13.31 -9.73 -0.96
CA VAL A 19 14.60 -9.29 -0.43
C VAL A 19 14.38 -8.40 0.80
N GLN A 20 15.43 -8.22 1.59
CA GLN A 20 15.35 -7.38 2.79
C GLN A 20 14.67 -6.04 2.48
N ALA A 21 15.04 -5.47 1.34
CA ALA A 21 14.47 -4.20 0.91
C ALA A 21 14.79 -3.95 -0.55
N VAL A 22 14.36 -2.81 -1.08
CA VAL A 22 14.62 -2.49 -2.48
C VAL A 22 15.05 -1.03 -2.66
N ASP A 23 16.18 -0.86 -3.34
CA ASP A 23 16.73 0.47 -3.60
C ASP A 23 16.60 0.83 -5.09
N LEU A 24 15.54 1.56 -5.42
CA LEU A 24 15.30 1.98 -6.80
C LEU A 24 16.27 3.07 -7.24
N GLY A 25 16.98 3.65 -6.28
CA GLY A 25 17.91 4.72 -6.59
C GLY A 25 17.30 6.08 -6.39
N ASN A 26 17.72 6.76 -5.32
CA ASN A 26 17.18 8.09 -4.98
C ASN A 26 15.88 7.93 -4.18
N LEU A 27 15.09 6.92 -4.54
CA LEU A 27 13.84 6.63 -3.88
C LEU A 27 13.84 5.19 -3.38
N VAL A 28 14.11 5.01 -2.09
CA VAL A 28 14.15 3.68 -1.50
C VAL A 28 12.79 3.25 -0.97
N LEU A 29 12.69 1.97 -0.66
CA LEU A 29 11.45 1.39 -0.13
C LEU A 29 11.76 0.20 0.76
N THR A 30 11.08 0.11 1.91
CA THR A 30 11.29 -0.99 2.84
C THR A 30 10.09 -1.94 2.85
N SER A 31 10.37 -3.23 2.85
CA SER A 31 9.33 -4.25 2.84
C SER A 31 8.61 -4.29 4.20
N GLY A 32 7.53 -5.05 4.26
CA GLY A 32 6.77 -5.15 5.50
C GLY A 32 7.58 -5.80 6.61
N GLN A 33 8.36 -5.00 7.32
CA GLN A 33 9.18 -5.49 8.41
C GLN A 33 8.31 -6.05 9.53
N ILE A 34 8.97 -6.68 10.52
CA ILE A 34 8.26 -7.26 11.65
C ILE A 34 9.17 -7.33 12.88
N PRO A 35 8.59 -7.18 14.09
CA PRO A 35 9.35 -7.22 15.34
C PRO A 35 9.96 -8.60 15.64
N VAL A 36 10.75 -9.10 14.72
CA VAL A 36 11.39 -10.40 14.90
C VAL A 36 12.32 -10.38 16.11
N ASN A 37 11.74 -10.61 17.28
CA ASN A 37 12.47 -10.62 18.54
C ASN A 37 13.89 -11.16 18.38
N PRO A 38 14.91 -10.44 18.87
CA PRO A 38 16.30 -10.88 18.79
C PRO A 38 16.59 -12.09 19.66
N ALA A 39 15.64 -12.43 20.53
CA ALA A 39 15.79 -13.56 21.43
C ALA A 39 14.74 -14.64 21.17
N THR A 40 13.63 -14.26 20.54
CA THR A 40 12.57 -15.21 20.24
C THR A 40 12.41 -15.40 18.73
N GLY A 41 12.81 -14.39 17.97
CA GLY A 41 12.71 -14.45 16.53
C GLY A 41 11.28 -14.55 16.06
N GLU A 42 10.46 -13.58 16.46
CA GLU A 42 9.05 -13.57 16.06
C GLU A 42 8.41 -12.22 16.30
N VAL A 43 8.00 -11.96 17.53
CA VAL A 43 7.36 -10.69 17.89
C VAL A 43 7.12 -10.60 19.39
N PRO A 44 7.89 -9.76 20.09
CA PRO A 44 7.76 -9.57 21.54
C PRO A 44 6.35 -9.15 21.93
N ALA A 45 5.86 -9.67 23.05
CA ALA A 45 4.53 -9.34 23.53
C ALA A 45 4.43 -7.86 23.88
N ASP A 46 5.54 -7.30 24.33
CA ASP A 46 5.60 -5.90 24.71
C ASP A 46 5.38 -5.01 23.50
N ILE A 47 4.13 -4.65 23.27
CA ILE A 47 3.74 -3.80 22.15
C ILE A 47 4.73 -2.66 21.95
N VAL A 48 5.31 -2.17 23.05
CA VAL A 48 6.28 -1.09 22.99
C VAL A 48 7.64 -1.61 22.56
N ALA A 49 8.04 -2.74 23.14
CA ALA A 49 9.33 -3.35 22.81
C ALA A 49 9.35 -3.82 21.36
N GLN A 50 8.30 -4.52 20.96
CA GLN A 50 8.19 -5.01 19.59
C GLN A 50 8.04 -3.86 18.61
N ALA A 51 7.39 -2.79 19.06
CA ALA A 51 7.17 -1.61 18.23
C ALA A 51 8.49 -0.86 18.01
N ARG A 52 9.38 -0.92 19.00
CA ARG A 52 10.66 -0.25 18.92
C ARG A 52 11.63 -1.05 18.04
N GLN A 53 11.63 -2.36 18.21
CA GLN A 53 12.50 -3.24 17.44
C GLN A 53 12.15 -3.17 15.95
N SER A 54 10.86 -3.14 15.66
CA SER A 54 10.40 -3.07 14.28
C SER A 54 10.91 -1.80 13.60
N LEU A 55 10.96 -0.71 14.37
CA LEU A 55 11.44 0.56 13.84
C LEU A 55 12.94 0.51 13.56
N GLU A 56 13.67 -0.21 14.40
CA GLU A 56 15.11 -0.35 14.23
C GLU A 56 15.44 -1.18 13.00
N ASN A 57 14.67 -2.24 12.78
CA ASN A 57 14.87 -3.11 11.63
C ASN A 57 14.64 -2.35 10.33
N VAL A 58 13.55 -1.60 10.28
CA VAL A 58 13.22 -0.82 9.10
C VAL A 58 14.27 0.24 8.83
N LYS A 59 14.82 0.80 9.90
CA LYS A 59 15.85 1.83 9.78
C LYS A 59 17.21 1.21 9.50
N ALA A 60 17.43 0.03 10.06
CA ALA A 60 18.71 -0.68 9.88
C ALA A 60 18.94 -0.97 8.40
N ILE A 61 17.88 -1.32 7.69
CA ILE A 61 17.98 -1.62 6.27
C ILE A 61 18.24 -0.35 5.48
N ILE A 62 17.48 0.70 5.78
CA ILE A 62 17.64 1.97 5.10
C ILE A 62 18.97 2.61 5.45
N GLU A 63 19.44 2.36 6.67
CA GLU A 63 20.71 2.90 7.13
C GLU A 63 21.87 2.18 6.44
N LYS A 64 21.75 0.87 6.31
CA LYS A 64 22.77 0.06 5.66
C LYS A 64 22.87 0.43 4.19
N ALA A 65 21.84 1.08 3.66
CA ALA A 65 21.82 1.50 2.26
C ALA A 65 22.47 2.86 2.10
N GLY A 66 22.31 3.70 3.12
CA GLY A 66 22.89 5.04 3.07
C GLY A 66 21.84 6.13 3.19
N LEU A 67 20.90 5.96 4.12
CA LEU A 67 19.86 6.93 4.33
C LEU A 67 19.44 6.98 5.80
N THR A 68 18.35 7.68 6.08
CA THR A 68 17.85 7.80 7.44
C THR A 68 16.33 7.89 7.45
N ALA A 69 15.73 7.63 8.61
CA ALA A 69 14.29 7.68 8.76
C ALA A 69 13.75 9.06 8.42
N ALA A 70 14.54 10.08 8.73
CA ALA A 70 14.15 11.46 8.46
C ALA A 70 13.81 11.66 6.98
N ASP A 71 14.48 10.91 6.12
CA ASP A 71 14.27 10.99 4.68
C ASP A 71 12.96 10.31 4.27
N ILE A 72 12.46 9.42 5.12
CA ILE A 72 11.23 8.71 4.85
C ILE A 72 10.14 9.65 4.33
N VAL A 73 9.68 9.39 3.11
CA VAL A 73 8.63 10.21 2.50
C VAL A 73 7.25 9.78 2.99
N LYS A 74 7.01 8.48 3.03
CA LYS A 74 5.73 7.94 3.48
C LYS A 74 5.96 6.71 4.35
N THR A 75 4.96 6.36 5.16
CA THR A 75 5.07 5.19 6.04
C THR A 75 3.73 4.49 6.22
N THR A 76 3.79 3.16 6.33
CA THR A 76 2.59 2.36 6.53
C THR A 76 2.84 1.33 7.63
N VAL A 77 1.86 1.15 8.51
CA VAL A 77 2.01 0.20 9.61
C VAL A 77 0.69 -0.47 9.97
N PHE A 78 0.68 -1.80 9.89
CA PHE A 78 -0.51 -2.58 10.21
C PHE A 78 -0.52 -2.93 11.69
N VAL A 79 -1.65 -2.72 12.35
CA VAL A 79 -1.78 -3.00 13.77
C VAL A 79 -2.82 -4.08 14.03
N LYS A 80 -2.61 -4.83 15.10
CA LYS A 80 -3.53 -5.89 15.50
C LYS A 80 -4.46 -5.38 16.60
N ASP A 81 -4.18 -4.16 17.07
CA ASP A 81 -4.98 -3.54 18.11
C ASP A 81 -4.86 -2.03 18.06
N LEU A 82 -5.83 -1.39 17.41
CA LEU A 82 -5.84 0.07 17.28
C LEU A 82 -5.80 0.75 18.64
N ASN A 83 -6.13 -0.01 19.69
CA ASN A 83 -6.12 0.54 21.05
C ASN A 83 -4.69 0.66 21.56
N ASP A 84 -3.79 -0.12 20.97
CA ASP A 84 -2.39 -0.09 21.37
C ASP A 84 -1.64 1.03 20.66
N PHE A 85 -2.20 1.50 19.54
CA PHE A 85 -1.58 2.57 18.76
C PHE A 85 -1.31 3.80 19.63
N ALA A 86 -2.06 3.93 20.73
CA ALA A 86 -1.88 5.05 21.64
C ALA A 86 -0.45 5.13 22.16
N ALA A 87 0.15 3.97 22.39
CA ALA A 87 1.52 3.90 22.89
C ALA A 87 2.52 3.92 21.75
N VAL A 88 2.17 3.29 20.64
CA VAL A 88 3.04 3.24 19.47
C VAL A 88 3.12 4.61 18.80
N ASN A 89 1.99 5.28 18.69
CA ASN A 89 1.94 6.60 18.08
C ASN A 89 2.68 7.63 18.91
N ALA A 90 2.56 7.50 20.23
CA ALA A 90 3.22 8.42 21.15
C ALA A 90 4.74 8.26 21.09
N GLU A 91 5.19 7.02 20.90
CA GLU A 91 6.62 6.74 20.82
C GLU A 91 7.12 6.85 19.39
N TYR A 92 6.22 6.64 18.43
CA TYR A 92 6.57 6.71 17.02
C TYR A 92 6.92 8.13 16.61
N GLU A 93 6.14 9.10 17.09
CA GLU A 93 6.37 10.51 16.77
C GLU A 93 7.46 11.09 17.65
N ARG A 94 7.57 10.59 18.87
CA ARG A 94 8.57 11.09 19.81
C ARG A 94 9.98 10.65 19.41
N PHE A 95 10.10 9.63 18.57
CA PHE A 95 11.40 9.15 18.14
C PHE A 95 11.85 9.86 16.87
N PHE A 96 10.90 10.14 15.98
CA PHE A 96 11.21 10.82 14.73
C PHE A 96 11.90 12.15 15.01
N LYS A 97 11.22 13.00 15.75
CA LYS A 97 11.77 14.30 16.10
C LYS A 97 13.02 14.12 16.95
N GLU A 98 13.07 13.03 17.71
CA GLU A 98 14.23 12.74 18.54
C GLU A 98 15.37 12.21 17.70
N ASN A 99 15.08 11.88 16.44
CA ASN A 99 16.10 11.38 15.52
C ASN A 99 16.37 12.40 14.42
N ASN A 100 15.60 13.48 14.43
CA ASN A 100 15.72 14.56 13.44
C ASN A 100 14.84 14.26 12.23
N HIS A 101 13.67 13.68 12.49
CA HIS A 101 12.73 13.34 11.44
C HIS A 101 11.42 14.13 11.59
N PRO A 102 11.51 15.46 11.69
CA PRO A 102 10.33 16.32 11.85
C PRO A 102 9.54 16.46 10.54
N ASN A 103 10.14 16.04 9.44
CA ASN A 103 9.48 16.12 8.14
C ASN A 103 8.10 15.47 8.17
N PHE A 104 7.96 14.44 9.00
CA PHE A 104 6.70 13.73 9.16
C PHE A 104 6.26 13.08 7.84
N PRO A 105 6.70 11.84 7.59
CA PRO A 105 6.35 11.11 6.37
C PRO A 105 4.87 10.72 6.37
N ALA A 106 4.32 10.52 5.17
CA ALA A 106 2.91 10.14 5.04
C ALA A 106 2.60 8.93 5.93
N ARG A 107 1.33 8.76 6.27
CA ARG A 107 0.92 7.65 7.11
C ARG A 107 -0.15 6.79 6.44
N SER A 108 -0.16 5.51 6.79
CA SER A 108 -1.13 4.57 6.24
C SER A 108 -1.24 3.34 7.13
N CYS A 109 -1.65 3.57 8.38
CA CYS A 109 -1.79 2.49 9.34
C CYS A 109 -3.25 2.09 9.50
N VAL A 110 -3.50 0.79 9.65
CA VAL A 110 -4.85 0.28 9.81
C VAL A 110 -4.86 -1.03 10.59
N GLU A 111 -6.01 -1.35 11.19
CA GLU A 111 -6.14 -2.57 11.97
C GLU A 111 -6.45 -3.76 11.07
N VAL A 112 -5.42 -4.53 10.75
CA VAL A 112 -5.58 -5.70 9.89
C VAL A 112 -6.03 -6.92 10.68
N ALA A 113 -6.61 -7.90 10.00
CA ALA A 113 -7.08 -9.11 10.64
C ALA A 113 -5.93 -9.88 11.27
N ARG A 114 -4.86 -10.07 10.49
CA ARG A 114 -3.69 -10.79 10.97
C ARG A 114 -2.43 -10.31 10.25
N LEU A 115 -1.28 -10.87 10.63
CA LEU A 115 -0.02 -10.49 10.02
C LEU A 115 0.92 -11.69 9.93
N PRO A 116 1.87 -11.66 8.99
CA PRO A 116 2.84 -12.75 8.80
C PRO A 116 3.64 -13.05 10.07
N LYS A 117 3.79 -14.32 10.39
CA LYS A 117 4.54 -14.73 11.58
C LYS A 117 3.75 -14.42 12.85
N ASP A 118 2.45 -14.19 12.69
CA ASP A 118 1.60 -13.88 13.83
C ASP A 118 2.04 -12.59 14.51
N VAL A 119 2.85 -11.79 13.82
CA VAL A 119 3.35 -10.54 14.36
C VAL A 119 2.19 -9.61 14.73
N GLY A 120 2.37 -8.86 15.82
CA GLY A 120 1.33 -7.94 16.25
C GLY A 120 1.43 -6.58 15.58
N LEU A 121 2.31 -6.47 14.59
CA LEU A 121 2.47 -5.21 13.87
C LEU A 121 3.45 -5.37 12.70
N GLU A 122 3.23 -4.59 11.66
CA GLU A 122 4.09 -4.61 10.47
C GLU A 122 4.49 -3.20 10.07
N ILE A 123 5.65 -3.06 9.45
CA ILE A 123 6.12 -1.75 9.03
C ILE A 123 6.60 -1.75 7.58
N GLU A 124 6.14 -0.76 6.83
CA GLU A 124 6.51 -0.62 5.42
C GLU A 124 6.44 0.85 5.02
N ALA A 125 7.60 1.49 4.89
CA ALA A 125 7.66 2.89 4.54
C ALA A 125 8.59 3.15 3.36
N ILE A 126 8.46 4.34 2.77
CA ILE A 126 9.30 4.73 1.64
C ILE A 126 10.26 5.84 2.05
N ALA A 127 11.37 5.96 1.36
CA ALA A 127 12.37 6.98 1.67
C ALA A 127 13.00 7.55 0.41
N VAL A 128 13.43 8.81 0.50
CA VAL A 128 14.05 9.48 -0.63
C VAL A 128 15.45 9.98 -0.26
N ARG A 129 16.18 10.49 -1.25
CA ARG A 129 17.52 11.00 -1.02
C ARG A 129 17.99 11.85 -2.19
N LYS A 130 17.13 12.76 -2.63
CA LYS A 130 17.45 13.66 -3.75
C LYS A 130 18.63 14.56 -3.40
N MET B 1 13.53 22.56 -6.50
CA MET B 1 13.29 21.14 -6.18
C MET B 1 12.44 21.00 -4.91
N MET B 2 11.59 19.98 -4.89
CA MET B 2 10.72 19.73 -3.75
C MET B 2 10.71 18.26 -3.37
N THR B 3 10.15 17.94 -2.21
CA THR B 3 10.07 16.57 -1.73
C THR B 3 9.08 16.45 -0.59
N GLN B 4 8.01 15.69 -0.82
CA GLN B 4 6.98 15.47 0.19
C GLN B 4 6.54 16.78 0.83
N ILE B 5 5.77 16.67 1.91
CA ILE B 5 5.27 17.83 2.63
C ILE B 5 4.20 18.58 1.84
N ILE B 6 2.97 18.52 2.33
CA ILE B 6 1.84 19.20 1.68
C ILE B 6 0.90 19.79 2.72
N HIS B 7 0.93 21.11 2.85
CA HIS B 7 0.07 21.80 3.81
C HIS B 7 -1.24 22.22 3.17
N THR B 8 -2.30 22.29 3.98
CA THR B 8 -3.61 22.67 3.49
C THR B 8 -4.53 23.08 4.65
N GLU B 9 -5.65 23.69 4.32
CA GLU B 9 -6.61 24.12 5.34
C GLU B 9 -7.98 23.48 5.10
N LYS B 10 -7.97 22.21 4.71
CA LYS B 10 -9.20 21.48 4.45
C LYS B 10 -9.13 20.05 4.98
N ALA B 11 -8.01 19.38 4.70
CA ALA B 11 -7.79 18.02 5.13
C ALA B 11 -7.88 17.91 6.66
N PRO B 12 -7.75 16.68 7.20
CA PRO B 12 -7.81 16.44 8.65
C PRO B 12 -6.69 17.14 9.42
N ALA B 13 -5.70 17.64 8.68
CA ALA B 13 -4.56 18.33 9.29
C ALA B 13 -3.59 17.35 9.93
N ALA B 14 -2.33 17.75 10.03
CA ALA B 14 -1.30 16.91 10.62
C ALA B 14 -0.75 17.54 11.89
N ILE B 15 -0.81 16.77 12.98
CA ILE B 15 -0.31 17.23 14.27
C ILE B 15 0.42 16.12 15.02
N GLY B 16 0.78 15.08 14.28
CA GLY B 16 1.47 13.95 14.88
C GLY B 16 2.74 13.59 14.12
N PRO B 17 2.98 12.30 13.88
CA PRO B 17 4.17 11.85 13.16
C PRO B 17 3.98 11.81 11.65
N TYR B 18 3.03 12.57 11.13
CA TYR B 18 2.78 12.60 9.70
C TYR B 18 2.22 13.94 9.24
N VAL B 19 2.42 14.26 7.97
CA VAL B 19 1.93 15.50 7.40
C VAL B 19 0.65 15.27 6.62
N GLN B 20 -0.10 16.33 6.35
CA GLN B 20 -1.35 16.23 5.60
C GLN B 20 -1.17 15.38 4.35
N ALA B 21 -0.05 15.59 3.66
CA ALA B 21 0.27 14.86 2.45
C ALA B 21 1.73 15.05 2.08
N VAL B 22 2.16 14.45 0.98
CA VAL B 22 3.54 14.57 0.55
C VAL B 22 3.66 14.82 -0.95
N ASP B 23 4.39 15.87 -1.29
CA ASP B 23 4.61 16.24 -2.69
C ASP B 23 6.06 15.97 -3.11
N LEU B 24 6.28 14.81 -3.73
CA LEU B 24 7.62 14.43 -4.19
C LEU B 24 8.04 15.23 -5.41
N GLY B 25 7.10 15.93 -6.03
CA GLY B 25 7.40 16.72 -7.21
C GLY B 25 7.07 15.96 -8.48
N ASN B 26 5.99 16.36 -9.15
CA ASN B 26 5.54 15.71 -10.37
C ASN B 26 4.68 14.49 -10.02
N LEU B 27 5.06 13.81 -8.94
CA LEU B 27 4.32 12.63 -8.47
C LEU B 27 3.92 12.84 -7.01
N VAL B 28 2.66 13.21 -6.80
CA VAL B 28 2.16 13.46 -5.45
C VAL B 28 1.57 12.20 -4.83
N LEU B 29 1.33 12.26 -3.52
CA LEU B 29 0.76 11.14 -2.78
C LEU B 29 -0.02 11.64 -1.58
N THR B 30 -1.19 11.06 -1.36
CA THR B 30 -2.05 11.46 -0.25
C THR B 30 -2.07 10.39 0.84
N SER B 31 -1.98 10.83 2.10
CA SER B 31 -1.98 9.91 3.23
C SER B 31 -3.37 9.30 3.44
N GLY B 32 -3.45 8.32 4.33
CA GLY B 32 -4.72 7.68 4.61
C GLY B 32 -5.74 8.64 5.21
N GLN B 33 -6.45 9.36 4.34
CA GLN B 33 -7.45 10.32 4.80
C GLN B 33 -8.59 9.60 5.53
N ILE B 34 -9.49 10.39 6.12
CA ILE B 34 -10.62 9.85 6.84
C ILE B 34 -11.79 10.85 6.86
N PRO B 35 -13.03 10.34 6.86
CA PRO B 35 -14.23 11.19 6.87
C PRO B 35 -14.41 11.97 8.17
N VAL B 36 -13.40 12.77 8.53
CA VAL B 36 -13.47 13.56 9.74
C VAL B 36 -14.61 14.57 9.66
N ASN B 37 -15.79 14.11 10.03
CA ASN B 37 -17.00 14.92 10.01
C ASN B 37 -16.72 16.39 10.37
N PRO B 38 -17.20 17.34 9.55
CA PRO B 38 -16.99 18.76 9.80
C PRO B 38 -17.77 19.26 11.02
N ALA B 39 -18.67 18.41 11.52
CA ALA B 39 -19.49 18.77 12.67
C ALA B 39 -19.22 17.84 13.85
N THR B 40 -18.68 16.66 13.58
CA THR B 40 -18.39 15.70 14.64
C THR B 40 -16.89 15.46 14.77
N GLY B 41 -16.17 15.68 13.67
CA GLY B 41 -14.74 15.49 13.66
C GLY B 41 -14.35 14.05 13.91
N GLU B 42 -14.87 13.14 13.08
CA GLU B 42 -14.55 11.72 13.24
C GLU B 42 -14.92 10.93 11.99
N VAL B 43 -16.20 10.58 11.86
CA VAL B 43 -16.67 9.81 10.71
C VAL B 43 -18.19 9.67 10.73
N PRO B 44 -18.90 10.39 9.84
CA PRO B 44 -20.36 10.32 9.77
C PRO B 44 -20.86 8.90 9.54
N ALA B 45 -21.97 8.56 10.20
CA ALA B 45 -22.55 7.23 10.07
C ALA B 45 -23.01 6.98 8.64
N ASP B 46 -23.43 8.04 7.97
CA ASP B 46 -23.90 7.94 6.59
C ASP B 46 -22.76 7.54 5.66
N ILE B 47 -22.64 6.24 5.47
CA ILE B 47 -21.60 5.67 4.60
C ILE B 47 -21.42 6.50 3.33
N VAL B 48 -22.51 7.08 2.84
CA VAL B 48 -22.46 7.90 1.64
C VAL B 48 -21.92 9.29 1.95
N ALA B 49 -22.39 9.87 3.06
CA ALA B 49 -21.95 11.19 3.48
C ALA B 49 -20.47 11.18 3.85
N GLN B 50 -20.09 10.19 4.66
CA GLN B 50 -18.69 10.05 5.08
C GLN B 50 -17.81 9.69 3.89
N ALA B 51 -18.37 8.96 2.94
CA ALA B 51 -17.63 8.55 1.76
C ALA B 51 -17.38 9.75 0.84
N ARG B 52 -18.31 10.70 0.85
CA ARG B 52 -18.18 11.89 0.03
C ARG B 52 -17.20 12.88 0.64
N GLN B 53 -17.27 13.04 1.96
CA GLN B 53 -16.39 13.96 2.67
C GLN B 53 -14.94 13.49 2.56
N SER B 54 -14.73 12.19 2.67
CA SER B 54 -13.39 11.63 2.58
C SER B 54 -12.77 11.93 1.22
N LEU B 55 -13.60 11.91 0.18
CA LEU B 55 -13.13 12.20 -1.17
C LEU B 55 -12.73 13.67 -1.31
N GLU B 56 -13.48 14.54 -0.64
CA GLU B 56 -13.22 15.97 -0.69
C GLU B 56 -11.92 16.30 0.02
N ASN B 57 -11.68 15.65 1.15
CA ASN B 57 -10.47 15.87 1.93
C ASN B 57 -9.23 15.45 1.13
N VAL B 58 -9.31 14.28 0.51
CA VAL B 58 -8.19 13.77 -0.28
C VAL B 58 -7.92 14.68 -1.48
N LYS B 59 -9.00 15.24 -2.04
CA LYS B 59 -8.88 16.12 -3.20
C LYS B 59 -8.47 17.52 -2.75
N ALA B 60 -8.95 17.93 -1.58
CA ALA B 60 -8.63 19.25 -1.05
C ALA B 60 -7.12 19.42 -0.87
N ILE B 61 -6.46 18.36 -0.42
CA ILE B 61 -5.02 18.39 -0.22
C ILE B 61 -4.29 18.45 -1.55
N ILE B 62 -4.71 17.60 -2.48
CA ILE B 62 -4.10 17.56 -3.81
C ILE B 62 -4.40 18.84 -4.58
N GLU B 63 -5.58 19.41 -4.31
CA GLU B 63 -5.98 20.64 -4.98
C GLU B 63 -5.17 21.82 -4.43
N LYS B 64 -4.98 21.83 -3.12
CA LYS B 64 -4.21 22.90 -2.48
C LYS B 64 -2.76 22.86 -2.94
N ALA B 65 -2.35 21.72 -3.49
CA ALA B 65 -0.98 21.56 -3.97
C ALA B 65 -0.86 22.03 -5.42
N GLY B 66 -1.94 21.85 -6.18
CA GLY B 66 -1.93 22.27 -7.57
C GLY B 66 -2.18 21.12 -8.52
N LEU B 67 -3.16 20.28 -8.19
CA LEU B 67 -3.50 19.13 -9.03
C LEU B 67 -4.99 18.83 -8.94
N THR B 68 -5.38 17.69 -9.50
CA THR B 68 -6.78 17.26 -9.48
C THR B 68 -6.89 15.75 -9.38
N ALA B 69 -8.07 15.27 -9.01
CA ALA B 69 -8.30 13.85 -8.87
C ALA B 69 -8.09 13.13 -10.20
N ALA B 70 -8.41 13.81 -11.29
CA ALA B 70 -8.25 13.25 -12.62
C ALA B 70 -6.82 12.78 -12.85
N ASP B 71 -5.86 13.49 -12.23
CA ASP B 71 -4.45 13.16 -12.38
C ASP B 71 -4.08 11.92 -11.56
N ILE B 72 -4.91 11.59 -10.58
CA ILE B 72 -4.65 10.43 -9.72
C ILE B 72 -4.28 9.20 -10.55
N VAL B 73 -3.08 8.68 -10.31
CA VAL B 73 -2.57 7.51 -11.02
C VAL B 73 -3.13 6.23 -10.40
N LYS B 74 -3.10 6.15 -9.08
CA LYS B 74 -3.59 4.98 -8.36
C LYS B 74 -4.38 5.42 -7.12
N THR B 75 -5.22 4.52 -6.61
CA THR B 75 -6.02 4.83 -5.43
C THR B 75 -6.24 3.60 -4.56
N THR B 76 -6.27 3.81 -3.25
CA THR B 76 -6.49 2.74 -2.29
C THR B 76 -7.51 3.18 -1.24
N VAL B 77 -8.44 2.30 -0.90
CA VAL B 77 -9.46 2.64 0.08
C VAL B 77 -9.86 1.44 0.94
N PHE B 78 -9.70 1.57 2.24
CA PHE B 78 -10.06 0.50 3.17
C PHE B 78 -11.51 0.64 3.61
N VAL B 79 -12.24 -0.46 3.56
CA VAL B 79 -13.65 -0.46 3.94
C VAL B 79 -13.92 -1.34 5.15
N LYS B 80 -14.92 -0.96 5.93
CA LYS B 80 -15.30 -1.73 7.10
C LYS B 80 -16.49 -2.63 6.78
N ASP B 81 -17.01 -2.47 5.56
CA ASP B 81 -18.14 -3.26 5.09
C ASP B 81 -18.17 -3.33 3.57
N LEU B 82 -17.62 -4.41 3.02
CA LEU B 82 -17.59 -4.60 1.58
C LEU B 82 -18.99 -4.53 0.97
N ASN B 83 -20.01 -4.71 1.81
CA ASN B 83 -21.38 -4.67 1.35
C ASN B 83 -21.81 -3.23 1.08
N ASP B 84 -21.12 -2.29 1.70
CA ASP B 84 -21.43 -0.87 1.53
C ASP B 84 -20.75 -0.31 0.30
N PHE B 85 -19.69 -1.00 -0.17
CA PHE B 85 -18.95 -0.57 -1.34
C PHE B 85 -19.87 -0.38 -2.54
N ALA B 86 -21.02 -1.05 -2.53
CA ALA B 86 -21.98 -0.95 -3.62
C ALA B 86 -22.42 0.49 -3.84
N ALA B 87 -22.53 1.24 -2.74
CA ALA B 87 -22.94 2.64 -2.81
C ALA B 87 -21.74 3.56 -3.01
N VAL B 88 -20.62 3.19 -2.41
CA VAL B 88 -19.40 3.98 -2.53
C VAL B 88 -18.81 3.87 -3.92
N ASN B 89 -18.82 2.65 -4.47
CA ASN B 89 -18.28 2.40 -5.79
C ASN B 89 -19.14 3.08 -6.86
N ALA B 90 -20.46 3.07 -6.65
CA ALA B 90 -21.38 3.68 -7.58
C ALA B 90 -21.21 5.19 -7.62
N GLU B 91 -20.92 5.77 -6.46
CA GLU B 91 -20.74 7.22 -6.36
C GLU B 91 -19.28 7.60 -6.60
N TYR B 92 -18.37 6.66 -6.34
CA TYR B 92 -16.94 6.90 -6.52
C TYR B 92 -16.61 7.06 -8.01
N GLU B 93 -17.19 6.21 -8.83
CA GLU B 93 -16.94 6.24 -10.27
C GLU B 93 -17.79 7.32 -10.95
N ARG B 94 -18.97 7.57 -10.39
CA ARG B 94 -19.87 8.57 -10.95
C ARG B 94 -19.37 10.00 -10.72
N PHE B 95 -18.46 10.16 -9.76
CA PHE B 95 -17.92 11.49 -9.46
C PHE B 95 -16.66 11.75 -10.30
N PHE B 96 -15.86 10.72 -10.50
CA PHE B 96 -14.63 10.86 -11.28
C PHE B 96 -14.94 11.41 -12.67
N LYS B 97 -15.78 10.68 -13.39
CA LYS B 97 -16.17 11.10 -14.72
C LYS B 97 -16.93 12.42 -14.66
N GLU B 98 -17.61 12.65 -13.54
CA GLU B 98 -18.36 13.88 -13.35
C GLU B 98 -17.42 15.03 -13.01
N ASN B 99 -16.16 14.69 -12.71
CA ASN B 99 -15.15 15.70 -12.39
C ASN B 99 -14.11 15.77 -13.50
N ASN B 100 -14.22 14.87 -14.47
CA ASN B 100 -13.30 14.80 -15.61
C ASN B 100 -12.13 13.88 -15.28
N HIS B 101 -12.43 12.81 -14.54
CA HIS B 101 -11.41 11.84 -14.14
C HIS B 101 -11.70 10.46 -14.75
N PRO B 102 -11.88 10.40 -16.08
CA PRO B 102 -12.15 9.14 -16.78
C PRO B 102 -10.92 8.26 -16.90
N ASN B 103 -9.75 8.82 -16.60
CA ASN B 103 -8.50 8.07 -16.68
C ASN B 103 -8.59 6.77 -15.87
N PHE B 104 -9.36 6.83 -14.79
CA PHE B 104 -9.55 5.67 -13.92
C PHE B 104 -8.23 5.22 -13.30
N PRO B 105 -7.88 5.78 -12.13
CA PRO B 105 -6.64 5.42 -11.42
C PRO B 105 -6.69 4.00 -10.86
N ALA B 106 -5.53 3.40 -10.66
CA ALA B 106 -5.47 2.04 -10.13
C ALA B 106 -6.30 1.93 -8.84
N ARG B 107 -6.70 0.72 -8.50
CA ARG B 107 -7.50 0.51 -7.30
C ARG B 107 -6.85 -0.49 -6.37
N SER B 108 -7.12 -0.34 -5.08
CA SER B 108 -6.57 -1.22 -4.05
C SER B 108 -7.39 -1.13 -2.77
N CYS B 109 -8.68 -1.46 -2.88
CA CYS B 109 -9.58 -1.41 -1.73
C CYS B 109 -9.80 -2.80 -1.15
N VAL B 110 -9.88 -2.88 0.17
CA VAL B 110 -10.10 -4.15 0.84
C VAL B 110 -10.80 -3.95 2.18
N GLU B 111 -11.45 -5.01 2.67
CA GLU B 111 -12.15 -4.94 3.94
C GLU B 111 -11.20 -5.18 5.11
N VAL B 112 -10.76 -4.09 5.74
CA VAL B 112 -9.84 -4.16 6.86
C VAL B 112 -10.59 -4.42 8.17
N ALA B 113 -9.88 -4.92 9.17
CA ALA B 113 -10.48 -5.20 10.47
C ALA B 113 -10.98 -3.93 11.14
N ARG B 114 -10.13 -2.90 11.15
CA ARG B 114 -10.49 -1.62 11.75
C ARG B 114 -9.72 -0.48 11.08
N LEU B 115 -10.00 0.75 11.51
CA LEU B 115 -9.34 1.92 10.95
C LEU B 115 -9.12 2.98 12.03
N PRO B 116 -8.12 3.86 11.83
CA PRO B 116 -7.81 4.93 12.78
C PRO B 116 -9.00 5.84 13.03
N LYS B 117 -9.24 6.17 14.30
CA LYS B 117 -10.35 7.03 14.68
C LYS B 117 -11.69 6.31 14.54
N ASP B 118 -11.62 4.99 14.46
CA ASP B 118 -12.83 4.17 14.31
C ASP B 118 -13.57 4.51 13.02
N VAL B 119 -12.86 5.18 12.10
CA VAL B 119 -13.45 5.55 10.82
C VAL B 119 -13.95 4.33 10.06
N GLY B 120 -15.07 4.48 9.36
CA GLY B 120 -15.62 3.38 8.60
C GLY B 120 -15.03 3.26 7.20
N LEU B 121 -13.99 4.05 6.93
CA LEU B 121 -13.34 4.02 5.62
C LEU B 121 -12.11 4.92 5.59
N GLU B 122 -11.13 4.54 4.79
CA GLU B 122 -9.90 5.31 4.66
C GLU B 122 -9.56 5.51 3.19
N ILE B 123 -8.88 6.60 2.87
CA ILE B 123 -8.50 6.89 1.49
C ILE B 123 -7.03 7.26 1.36
N GLU B 124 -6.37 6.64 0.39
CA GLU B 124 -4.96 6.89 0.12
C GLU B 124 -4.66 6.62 -1.34
N ALA B 125 -4.48 7.69 -2.12
CA ALA B 125 -4.22 7.56 -3.55
C ALA B 125 -3.00 8.36 -3.98
N ILE B 126 -2.50 8.05 -5.16
CA ILE B 126 -1.34 8.76 -5.72
C ILE B 126 -1.77 9.60 -6.91
N ALA B 127 -1.01 10.65 -7.20
CA ALA B 127 -1.32 11.54 -8.31
C ALA B 127 -0.07 12.01 -9.02
N VAL B 128 -0.21 12.29 -10.32
CA VAL B 128 0.91 12.76 -11.13
C VAL B 128 0.60 14.10 -11.77
N ARG B 129 1.60 14.69 -12.41
CA ARG B 129 1.43 15.98 -13.07
C ARG B 129 2.58 16.26 -14.04
N LYS B 130 2.91 15.27 -14.86
CA LYS B 130 3.98 15.41 -15.84
C LYS B 130 3.66 16.49 -16.85
N MET C 1 6.00 10.34 -24.31
CA MET C 1 5.74 10.28 -22.85
C MET C 1 4.44 9.54 -22.54
N MET C 2 4.41 8.82 -21.43
CA MET C 2 3.24 8.07 -21.03
C MET C 2 2.95 8.25 -19.54
N THR C 3 1.77 7.82 -19.11
CA THR C 3 1.38 7.92 -17.71
C THR C 3 0.18 7.04 -17.42
N GLN C 4 0.38 6.06 -16.56
CA GLN C 4 -0.68 5.13 -16.17
C GLN C 4 -1.43 4.58 -17.39
N ILE C 5 -2.54 3.90 -17.12
CA ILE C 5 -3.36 3.33 -18.18
C ILE C 5 -2.68 2.14 -18.83
N ILE C 6 -3.24 0.95 -18.61
CA ILE C 6 -2.71 -0.28 -19.18
C ILE C 6 -3.84 -1.21 -19.60
N HIS C 7 -4.05 -1.32 -20.91
CA HIS C 7 -5.10 -2.19 -21.44
C HIS C 7 -4.56 -3.58 -21.74
N THR C 8 -5.45 -4.58 -21.64
CA THR C 8 -5.07 -5.96 -21.90
C THR C 8 -6.30 -6.83 -22.12
N GLU C 9 -6.09 -8.04 -22.63
CA GLU C 9 -7.18 -8.97 -22.88
C GLU C 9 -7.00 -10.27 -22.10
N LYS C 10 -6.54 -10.14 -20.86
CA LYS C 10 -6.32 -11.30 -20.00
C LYS C 10 -6.75 -11.02 -18.57
N ALA C 11 -6.36 -9.86 -18.06
CA ALA C 11 -6.71 -9.46 -16.71
C ALA C 11 -8.22 -9.43 -16.50
N PRO C 12 -8.67 -9.12 -15.28
CA PRO C 12 -10.10 -9.05 -14.95
C PRO C 12 -10.83 -7.97 -15.72
N ALA C 13 -10.07 -7.09 -16.38
CA ALA C 13 -10.65 -6.00 -17.16
C ALA C 13 -11.17 -4.88 -16.27
N ALA C 14 -11.21 -3.68 -16.80
CA ALA C 14 -11.68 -2.51 -16.06
C ALA C 14 -12.96 -1.95 -16.67
N ILE C 15 -14.00 -1.85 -15.85
CA ILE C 15 -15.28 -1.32 -16.31
C ILE C 15 -15.90 -0.42 -15.23
N GLY C 16 -15.09 0.00 -14.28
CA GLY C 16 -15.57 0.86 -13.22
C GLY C 16 -14.72 2.10 -13.04
N PRO C 17 -14.37 2.47 -11.80
CA PRO C 17 -13.57 3.65 -11.52
C PRO C 17 -12.06 3.36 -11.55
N TYR C 18 -11.66 2.29 -12.23
CA TYR C 18 -10.24 1.95 -12.30
C TYR C 18 -9.91 1.21 -13.59
N VAL C 19 -8.65 1.29 -14.00
CA VAL C 19 -8.19 0.62 -15.21
C VAL C 19 -7.47 -0.67 -14.87
N GLN C 20 -7.33 -1.56 -15.85
CA GLN C 20 -6.65 -2.84 -15.65
C GLN C 20 -5.34 -2.65 -14.90
N ALA C 21 -4.60 -1.61 -15.27
CA ALA C 21 -3.32 -1.30 -14.64
C ALA C 21 -2.88 0.11 -15.03
N VAL C 22 -1.71 0.52 -14.54
CA VAL C 22 -1.20 1.85 -14.84
C VAL C 22 0.28 1.82 -15.18
N ASP C 23 0.62 2.41 -16.33
CA ASP C 23 1.99 2.48 -16.80
C ASP C 23 2.52 3.92 -16.72
N LEU C 24 3.23 4.22 -15.63
CA LEU C 24 3.78 5.56 -15.43
C LEU C 24 4.98 5.81 -16.35
N GLY C 25 5.49 4.74 -16.95
CA GLY C 25 6.64 4.86 -17.83
C GLY C 25 7.93 4.54 -17.10
N ASN C 26 8.51 3.37 -17.42
CA ASN C 26 9.74 2.91 -16.77
C ASN C 26 9.40 2.22 -15.45
N LEU C 27 8.39 2.76 -14.75
CA LEU C 27 7.95 2.19 -13.49
C LEU C 27 6.46 1.88 -13.56
N VAL C 28 6.15 0.61 -13.77
CA VAL C 28 4.75 0.17 -13.89
C VAL C 28 4.17 -0.22 -12.53
N LEU C 29 2.85 -0.36 -12.50
CA LEU C 29 2.14 -0.75 -11.29
C LEU C 29 0.87 -1.51 -11.63
N THR C 30 0.60 -2.59 -10.90
CA THR C 30 -0.59 -3.39 -11.14
C THR C 30 -1.61 -3.21 -10.02
N SER C 31 -2.88 -3.08 -10.39
CA SER C 31 -3.95 -2.89 -9.42
C SER C 31 -4.20 -4.18 -8.65
N GLY C 32 -5.04 -4.09 -7.61
CA GLY C 32 -5.34 -5.25 -6.80
C GLY C 32 -6.07 -6.32 -7.59
N GLN C 33 -5.31 -7.17 -8.27
CA GLN C 33 -5.90 -8.24 -9.07
C GLN C 33 -6.64 -9.24 -8.20
N ILE C 34 -7.35 -10.17 -8.83
CA ILE C 34 -8.11 -11.19 -8.12
C ILE C 34 -8.27 -12.45 -8.97
N PRO C 35 -8.32 -13.63 -8.32
CA PRO C 35 -8.46 -14.92 -9.02
C PRO C 35 -9.83 -15.07 -9.70
N VAL C 36 -10.16 -14.15 -10.58
CA VAL C 36 -11.43 -14.22 -11.29
C VAL C 36 -11.48 -15.47 -12.16
N ASN C 37 -11.91 -16.56 -11.54
CA ASN C 37 -12.03 -17.86 -12.20
C ASN C 37 -12.46 -17.71 -13.67
N PRO C 38 -11.73 -18.35 -14.60
CA PRO C 38 -12.07 -18.30 -16.02
C PRO C 38 -13.35 -19.04 -16.34
N ALA C 39 -13.87 -19.79 -15.38
CA ALA C 39 -15.08 -20.56 -15.57
C ALA C 39 -16.19 -20.10 -14.61
N THR C 40 -15.81 -19.45 -13.52
CA THR C 40 -16.77 -18.98 -12.53
C THR C 40 -16.78 -17.45 -12.47
N GLY C 41 -15.66 -16.85 -12.84
CA GLY C 41 -15.55 -15.40 -12.82
C GLY C 41 -15.68 -14.84 -11.42
N GLU C 42 -14.82 -15.31 -10.51
CA GLU C 42 -14.86 -14.83 -9.13
C GLU C 42 -13.59 -15.19 -8.37
N VAL C 43 -13.51 -16.42 -7.89
CA VAL C 43 -12.36 -16.88 -7.14
C VAL C 43 -12.46 -18.38 -6.81
N PRO C 44 -11.66 -19.22 -7.51
CA PRO C 44 -11.68 -20.67 -7.27
C PRO C 44 -11.40 -21.03 -5.81
N ALA C 45 -12.09 -22.04 -5.31
CA ALA C 45 -11.91 -22.47 -3.93
C ALA C 45 -10.50 -23.00 -3.71
N ASP C 46 -9.92 -23.58 -4.75
CA ASP C 46 -8.58 -24.13 -4.69
C ASP C 46 -7.56 -23.02 -4.48
N ILE C 47 -7.27 -22.77 -3.20
CA ILE C 47 -6.30 -21.74 -2.82
C ILE C 47 -5.08 -21.74 -3.74
N VAL C 48 -4.71 -22.92 -4.21
CA VAL C 48 -3.55 -23.05 -5.11
C VAL C 48 -3.93 -22.64 -6.52
N ALA C 49 -5.09 -23.10 -6.98
CA ALA C 49 -5.57 -22.78 -8.32
C ALA C 49 -5.85 -21.29 -8.45
N GLN C 50 -6.55 -20.74 -7.47
CA GLN C 50 -6.89 -19.32 -7.46
C GLN C 50 -5.63 -18.48 -7.29
N ALA C 51 -4.68 -19.02 -6.54
CA ALA C 51 -3.42 -18.33 -6.29
C ALA C 51 -2.56 -18.28 -7.55
N ARG C 52 -2.68 -19.30 -8.39
CA ARG C 52 -1.93 -19.38 -9.63
C ARG C 52 -2.54 -18.48 -10.69
N GLN C 53 -3.86 -18.48 -10.77
CA GLN C 53 -4.57 -17.67 -11.75
C GLN C 53 -4.34 -16.19 -11.48
N SER C 54 -4.35 -15.82 -10.21
CA SER C 54 -4.15 -14.42 -9.81
C SER C 54 -2.77 -13.95 -10.25
N LEU C 55 -1.78 -14.84 -10.19
CA LEU C 55 -0.42 -14.50 -10.60
C LEU C 55 -0.34 -14.30 -12.11
N GLU C 56 -1.12 -15.09 -12.84
CA GLU C 56 -1.13 -15.00 -14.30
C GLU C 56 -1.77 -13.70 -14.75
N ASN C 57 -2.84 -13.30 -14.08
CA ASN C 57 -3.55 -12.07 -14.41
C ASN C 57 -2.65 -10.86 -14.18
N VAL C 58 -1.98 -10.84 -13.05
CA VAL C 58 -1.08 -9.74 -12.71
C VAL C 58 0.08 -9.67 -13.70
N LYS C 59 0.54 -10.82 -14.15
CA LYS C 59 1.64 -10.89 -15.11
C LYS C 59 1.14 -10.63 -16.52
N ALA C 60 -0.09 -11.06 -16.81
CA ALA C 60 -0.67 -10.86 -18.13
C ALA C 60 -0.76 -9.37 -18.47
N ILE C 61 -1.09 -8.57 -17.47
CA ILE C 61 -1.20 -7.13 -17.67
C ILE C 61 0.17 -6.52 -17.88
N ILE C 62 1.12 -6.89 -17.03
CA ILE C 62 2.47 -6.38 -17.13
C ILE C 62 3.14 -6.88 -18.40
N GLU C 63 2.78 -8.09 -18.82
CA GLU C 63 3.33 -8.68 -20.03
C GLU C 63 2.78 -7.98 -21.26
N LYS C 64 1.49 -7.70 -21.24
CA LYS C 64 0.83 -7.02 -22.34
C LYS C 64 1.39 -5.61 -22.51
N ALA C 65 2.04 -5.10 -21.45
CA ALA C 65 2.61 -3.76 -21.48
C ALA C 65 4.04 -3.80 -22.03
N GLY C 66 4.73 -4.91 -21.77
CA GLY C 66 6.09 -5.05 -22.25
C GLY C 66 7.09 -5.23 -21.13
N LEU C 67 6.76 -6.08 -20.15
CA LEU C 67 7.63 -6.35 -19.03
C LEU C 67 7.46 -7.78 -18.54
N THR C 68 8.05 -8.08 -17.39
CA THR C 68 7.97 -9.41 -16.80
C THR C 68 7.95 -9.33 -15.28
N ALA C 69 7.52 -10.42 -14.65
CA ALA C 69 7.45 -10.48 -13.20
C ALA C 69 8.84 -10.28 -12.59
N ALA C 70 9.86 -10.76 -13.28
CA ALA C 70 11.23 -10.63 -12.81
C ALA C 70 11.59 -9.18 -12.53
N ASP C 71 11.00 -8.27 -13.31
CA ASP C 71 11.25 -6.84 -13.16
C ASP C 71 10.54 -6.27 -11.94
N ILE C 72 9.52 -6.97 -11.46
CA ILE C 72 8.76 -6.53 -10.29
C ILE C 72 9.68 -6.07 -9.16
N VAL C 73 9.56 -4.81 -8.79
CA VAL C 73 10.36 -4.23 -7.72
C VAL C 73 9.79 -4.59 -6.35
N LYS C 74 8.48 -4.44 -6.20
CA LYS C 74 7.80 -4.75 -4.95
C LYS C 74 6.49 -5.48 -5.22
N THR C 75 5.98 -6.18 -4.20
CA THR C 75 4.74 -6.91 -4.36
C THR C 75 3.93 -6.94 -3.06
N THR C 76 2.61 -6.88 -3.20
CA THR C 76 1.70 -6.90 -2.06
C THR C 76 0.57 -7.89 -2.32
N VAL C 77 0.22 -8.68 -1.32
CA VAL C 77 -0.86 -9.66 -1.48
C VAL C 77 -1.65 -9.85 -0.19
N PHE C 78 -2.96 -9.62 -0.28
CA PHE C 78 -3.84 -9.78 0.87
C PHE C 78 -4.38 -11.20 0.93
N VAL C 79 -4.31 -11.81 2.12
CA VAL C 79 -4.78 -13.17 2.30
C VAL C 79 -5.95 -13.24 3.27
N LYS C 80 -6.82 -14.22 3.05
CA LYS C 80 -7.98 -14.42 3.93
C LYS C 80 -7.66 -15.52 4.94
N ASP C 81 -6.50 -16.14 4.78
CA ASP C 81 -6.07 -17.22 5.68
C ASP C 81 -4.56 -17.35 5.66
N LEU C 82 -3.91 -16.72 6.64
CA LEU C 82 -2.45 -16.76 6.75
C LEU C 82 -1.94 -18.20 6.82
N ASN C 83 -2.84 -19.13 7.16
CA ASN C 83 -2.47 -20.54 7.26
C ASN C 83 -2.32 -21.15 5.87
N ASP C 84 -2.96 -20.53 4.89
CA ASP C 84 -2.89 -21.01 3.51
C ASP C 84 -1.65 -20.48 2.81
N PHE C 85 -1.07 -19.40 3.34
CA PHE C 85 0.12 -18.80 2.76
C PHE C 85 1.24 -19.82 2.62
N ALA C 86 1.19 -20.88 3.42
CA ALA C 86 2.20 -21.93 3.39
C ALA C 86 2.31 -22.54 2.00
N ALA C 87 1.16 -22.67 1.33
CA ALA C 87 1.12 -23.24 -0.01
C ALA C 87 1.34 -22.18 -1.08
N VAL C 88 0.84 -20.97 -0.82
CA VAL C 88 1.00 -19.86 -1.76
C VAL C 88 2.43 -19.36 -1.78
N ASN C 89 3.04 -19.28 -0.61
CA ASN C 89 4.42 -18.81 -0.49
C ASN C 89 5.38 -19.82 -1.12
N ALA C 90 5.08 -21.10 -0.94
CA ALA C 90 5.92 -22.17 -1.48
C ALA C 90 5.87 -22.17 -3.00
N GLU C 91 4.70 -21.87 -3.55
CA GLU C 91 4.52 -21.84 -5.00
C GLU C 91 4.84 -20.46 -5.57
N TYR C 92 4.70 -19.43 -4.73
CA TYR C 92 4.97 -18.06 -5.15
C TYR C 92 6.45 -17.86 -5.43
N GLU C 93 7.28 -18.40 -4.55
CA GLU C 93 8.74 -18.26 -4.69
C GLU C 93 9.28 -19.27 -5.69
N ARG C 94 8.64 -20.42 -5.78
CA ARG C 94 9.07 -21.48 -6.69
C ARG C 94 8.80 -21.13 -8.15
N PHE C 95 7.90 -20.18 -8.37
CA PHE C 95 7.55 -19.77 -9.73
C PHE C 95 8.45 -18.63 -10.19
N PHE C 96 8.77 -17.72 -9.28
CA PHE C 96 9.62 -16.58 -9.60
C PHE C 96 10.94 -17.06 -10.17
N LYS C 97 11.65 -17.85 -9.39
CA LYS C 97 12.93 -18.39 -9.83
C LYS C 97 12.73 -19.29 -11.04
N GLU C 98 11.56 -19.91 -11.14
CA GLU C 98 11.25 -20.77 -12.26
C GLU C 98 10.90 -19.94 -13.49
N ASN C 99 10.71 -18.65 -13.30
CA ASN C 99 10.40 -17.74 -14.39
C ASN C 99 11.57 -16.79 -14.64
N ASN C 100 12.59 -16.88 -13.78
CA ASN C 100 13.78 -16.03 -13.88
C ASN C 100 13.58 -14.75 -13.10
N HIS C 101 12.90 -14.86 -11.97
CA HIS C 101 12.62 -13.72 -11.10
C HIS C 101 13.30 -13.88 -9.74
N PRO C 102 14.61 -14.15 -9.72
CA PRO C 102 15.37 -14.33 -8.48
C PRO C 102 15.62 -13.01 -7.75
N ASN C 103 15.38 -11.90 -8.43
CA ASN C 103 15.58 -10.57 -7.85
C ASN C 103 14.84 -10.46 -6.52
N PHE C 104 13.71 -11.15 -6.41
CA PHE C 104 12.92 -11.13 -5.19
C PHE C 104 12.41 -9.72 -4.88
N PRO C 105 11.23 -9.35 -5.41
CA PRO C 105 10.63 -8.04 -5.17
C PRO C 105 10.16 -7.89 -3.74
N ALA C 106 10.07 -6.65 -3.27
CA ALA C 106 9.62 -6.39 -1.90
C ALA C 106 8.29 -7.09 -1.63
N ARG C 107 8.00 -7.33 -0.36
CA ARG C 107 6.76 -8.02 0.02
C ARG C 107 5.94 -7.18 0.98
N SER C 108 4.62 -7.37 0.92
CA SER C 108 3.70 -6.65 1.78
C SER C 108 2.36 -7.38 1.86
N CYS C 109 2.40 -8.62 2.34
CA CYS C 109 1.20 -9.43 2.46
C CYS C 109 0.69 -9.45 3.90
N VAL C 110 -0.62 -9.43 4.06
CA VAL C 110 -1.24 -9.44 5.38
C VAL C 110 -2.64 -10.07 5.33
N GLU C 111 -3.10 -10.55 6.49
CA GLU C 111 -4.41 -11.17 6.58
C GLU C 111 -5.50 -10.12 6.75
N VAL C 112 -6.16 -9.77 5.65
CA VAL C 112 -7.23 -8.77 5.69
C VAL C 112 -8.55 -9.40 6.09
N ALA C 113 -9.48 -8.57 6.57
CA ALA C 113 -10.79 -9.04 6.99
C ALA C 113 -11.55 -9.63 5.81
N ARG C 114 -11.58 -8.91 4.70
CA ARG C 114 -12.28 -9.37 3.51
C ARG C 114 -11.64 -8.79 2.25
N LEU C 115 -12.16 -9.17 1.09
CA LEU C 115 -11.64 -8.70 -0.18
C LEU C 115 -12.76 -8.51 -1.21
N PRO C 116 -12.56 -7.65 -2.21
CA PRO C 116 -13.56 -7.39 -3.25
C PRO C 116 -13.94 -8.67 -4.00
N LYS C 117 -15.24 -8.85 -4.23
CA LYS C 117 -15.74 -10.02 -4.93
C LYS C 117 -15.64 -11.27 -4.06
N ASP C 118 -15.47 -11.06 -2.76
CA ASP C 118 -15.35 -12.17 -1.82
C ASP C 118 -14.12 -13.03 -2.15
N VAL C 119 -13.21 -12.48 -2.94
CA VAL C 119 -12.00 -13.19 -3.31
C VAL C 119 -11.19 -13.59 -2.07
N GLY C 120 -10.57 -14.77 -2.14
CA GLY C 120 -9.78 -15.24 -1.02
C GLY C 120 -8.35 -14.75 -1.05
N LEU C 121 -8.06 -13.83 -1.97
CA LEU C 121 -6.71 -13.28 -2.09
C LEU C 121 -6.66 -12.17 -3.13
N GLU C 122 -5.77 -11.20 -2.92
CA GLU C 122 -5.60 -10.09 -3.83
C GLU C 122 -4.13 -9.88 -4.15
N ILE C 123 -3.83 -9.36 -5.33
CA ILE C 123 -2.45 -9.12 -5.73
C ILE C 123 -2.24 -7.71 -6.28
N GLU C 124 -1.19 -7.06 -5.80
CA GLU C 124 -0.85 -5.71 -6.23
C GLU C 124 0.65 -5.48 -6.08
N ALA C 125 1.36 -5.50 -7.20
CA ALA C 125 2.81 -5.32 -7.18
C ALA C 125 3.27 -4.24 -8.15
N ILE C 126 4.51 -3.79 -7.97
CA ILE C 126 5.09 -2.77 -8.82
C ILE C 126 6.20 -3.37 -9.68
N ALA C 127 6.46 -2.76 -10.82
CA ALA C 127 7.49 -3.26 -11.71
C ALA C 127 8.27 -2.12 -12.38
N VAL C 128 9.53 -2.38 -12.70
CA VAL C 128 10.38 -1.38 -13.35
C VAL C 128 10.91 -1.89 -14.68
N ARG C 129 11.59 -1.03 -15.42
CA ARG C 129 12.15 -1.39 -16.71
C ARG C 129 13.17 -0.36 -17.18
N LYS C 130 14.07 0.02 -16.27
CA LYS C 130 15.11 1.00 -16.59
C LYS C 130 16.04 0.48 -17.68
N MET A 1 21.74 2.44 -14.85
CA MET A 1 22.28 1.53 -13.80
C MET A 1 21.77 1.95 -12.41
N MET A 2 20.60 1.44 -12.04
CA MET A 2 20.02 1.76 -10.74
C MET A 2 19.08 0.65 -10.28
N THR A 3 18.37 0.90 -9.19
CA THR A 3 17.44 -0.08 -8.65
C THR A 3 18.17 -1.35 -8.24
N GLN A 4 18.19 -1.63 -6.93
CA GLN A 4 18.86 -2.82 -6.42
C GLN A 4 18.36 -3.14 -5.01
N ILE A 5 18.04 -4.42 -4.78
CA ILE A 5 17.56 -4.86 -3.47
C ILE A 5 18.54 -4.49 -2.36
N ILE A 6 18.02 -4.31 -1.16
CA ILE A 6 18.85 -3.96 -0.01
C ILE A 6 19.07 -5.17 0.89
N HIS A 7 20.29 -5.30 1.40
CA HIS A 7 20.64 -6.41 2.27
C HIS A 7 21.63 -5.97 3.35
N THR A 8 21.19 -6.05 4.61
CA THR A 8 22.03 -5.66 5.74
C THR A 8 21.98 -6.71 6.84
N GLU A 9 22.91 -6.62 7.78
CA GLU A 9 22.97 -7.56 8.89
C GLU A 9 22.26 -7.00 10.13
N LYS A 10 21.30 -6.11 9.91
CA LYS A 10 20.55 -5.51 11.00
C LYS A 10 19.05 -5.78 10.86
N ALA A 11 18.57 -5.77 9.62
CA ALA A 11 17.17 -6.02 9.34
C ALA A 11 16.80 -7.47 9.66
N PRO A 12 15.49 -7.80 9.62
CA PRO A 12 15.01 -9.16 9.90
C PRO A 12 15.61 -10.22 8.98
N ALA A 13 16.19 -9.77 7.87
CA ALA A 13 16.80 -10.67 6.91
C ALA A 13 15.75 -11.37 6.04
N ALA A 14 16.14 -11.72 4.83
CA ALA A 14 15.24 -12.39 3.89
C ALA A 14 15.57 -13.87 3.79
N ILE A 15 14.61 -14.71 4.11
CA ILE A 15 14.79 -16.15 4.05
C ILE A 15 13.60 -16.82 3.35
N GLY A 16 12.80 -16.02 2.67
CA GLY A 16 11.65 -16.53 1.96
C GLY A 16 11.45 -15.87 0.62
N PRO A 17 10.21 -15.68 0.17
CA PRO A 17 9.91 -15.04 -1.11
C PRO A 17 9.82 -13.52 -1.01
N TYR A 18 10.77 -12.91 -0.31
CA TYR A 18 10.78 -11.46 -0.16
C TYR A 18 12.15 -10.97 0.33
N VAL A 19 12.46 -9.72 0.01
CA VAL A 19 13.74 -9.13 0.40
C VAL A 19 13.54 -8.05 1.45
N GLN A 20 14.65 -7.61 2.05
CA GLN A 20 14.60 -6.56 3.06
C GLN A 20 13.97 -5.30 2.51
N ALA A 21 14.50 -4.82 1.39
CA ALA A 21 14.01 -3.62 0.75
C ALA A 21 14.64 -3.43 -0.62
N VAL A 22 14.30 -2.32 -1.28
CA VAL A 22 14.85 -2.02 -2.60
C VAL A 22 15.11 -0.53 -2.76
N ASP A 23 16.30 -0.21 -3.26
CA ASP A 23 16.69 1.19 -3.46
C ASP A 23 16.59 1.57 -4.94
N LEU A 24 15.56 2.32 -5.29
CA LEU A 24 15.35 2.74 -6.66
C LEU A 24 16.23 3.94 -7.02
N GLY A 25 16.76 4.61 -6.00
CA GLY A 25 17.60 5.77 -6.23
C GLY A 25 17.02 7.03 -5.63
N ASN A 26 16.46 7.88 -6.48
CA ASN A 26 15.84 9.12 -6.02
C ASN A 26 14.81 8.82 -4.92
N LEU A 27 14.22 7.64 -5.01
CA LEU A 27 13.22 7.21 -4.04
C LEU A 27 13.48 5.77 -3.60
N VAL A 28 13.29 5.50 -2.32
CA VAL A 28 13.50 4.16 -1.78
C VAL A 28 12.22 3.59 -1.17
N LEU A 29 12.17 2.28 -1.00
CA LEU A 29 11.00 1.63 -0.44
C LEU A 29 11.42 0.40 0.39
N THR A 30 10.96 0.36 1.63
CA THR A 30 11.27 -0.75 2.52
C THR A 30 10.07 -1.67 2.72
N SER A 31 10.31 -2.97 2.66
CA SER A 31 9.26 -3.97 2.82
C SER A 31 8.57 -3.82 4.17
N GLY A 32 7.58 -4.67 4.42
CA GLY A 32 6.87 -4.62 5.68
C GLY A 32 7.73 -5.06 6.85
N GLN A 33 8.33 -4.11 7.54
CA GLN A 33 9.19 -4.42 8.67
C GLN A 33 8.42 -5.10 9.79
N ILE A 34 9.03 -6.12 10.39
CA ILE A 34 8.40 -6.87 11.46
C ILE A 34 9.45 -7.33 12.47
N PRO A 35 9.01 -7.87 13.62
CA PRO A 35 9.91 -8.35 14.68
C PRO A 35 10.93 -9.38 14.16
N VAL A 36 11.14 -10.44 14.91
CA VAL A 36 12.11 -11.47 14.52
C VAL A 36 13.53 -10.96 14.73
N ASN A 37 13.93 -10.89 15.99
CA ASN A 37 15.26 -10.42 16.37
C ASN A 37 16.32 -10.83 15.36
N PRO A 38 16.95 -9.84 14.68
CA PRO A 38 17.99 -10.11 13.69
C PRO A 38 19.14 -10.93 14.27
N ALA A 39 19.19 -11.04 15.59
CA ALA A 39 20.24 -11.78 16.26
C ALA A 39 19.89 -13.26 16.33
N THR A 40 18.59 -13.58 16.32
CA THR A 40 18.15 -14.97 16.40
C THR A 40 16.72 -15.14 15.93
N GLY A 41 15.89 -14.13 16.18
CA GLY A 41 14.49 -14.20 15.79
C GLY A 41 13.61 -14.65 16.93
N GLU A 42 13.52 -13.82 17.96
CA GLU A 42 12.70 -14.13 19.13
C GLU A 42 11.24 -13.79 18.90
N VAL A 43 10.98 -12.55 18.49
CA VAL A 43 9.63 -12.09 18.24
C VAL A 43 8.83 -11.98 19.54
N PRO A 44 9.14 -10.98 20.37
CA PRO A 44 8.45 -10.77 21.66
C PRO A 44 6.97 -10.48 21.48
N ALA A 45 6.15 -11.03 22.36
CA ALA A 45 4.70 -10.83 22.30
C ALA A 45 4.35 -9.40 22.70
N ASP A 46 5.15 -8.84 23.60
CA ASP A 46 4.93 -7.47 24.07
C ASP A 46 4.88 -6.50 22.91
N ILE A 47 3.66 -6.24 22.45
CA ILE A 47 3.42 -5.33 21.34
C ILE A 47 4.34 -4.11 21.41
N VAL A 48 4.66 -3.67 22.63
CA VAL A 48 5.53 -2.52 22.83
C VAL A 48 6.98 -2.90 22.56
N ALA A 49 7.41 -4.01 23.13
CA ALA A 49 8.78 -4.50 22.95
C ALA A 49 9.04 -4.79 21.47
N GLN A 50 8.20 -5.63 20.88
CA GLN A 50 8.34 -5.98 19.47
C GLN A 50 8.21 -4.74 18.60
N ALA A 51 7.49 -3.73 19.10
CA ALA A 51 7.30 -2.49 18.37
C ALA A 51 8.58 -1.67 18.33
N ARG A 52 9.25 -1.58 19.47
CA ARG A 52 10.50 -0.83 19.56
C ARG A 52 11.57 -1.47 18.68
N GLN A 53 11.76 -2.77 18.83
CA GLN A 53 12.75 -3.50 18.04
C GLN A 53 12.38 -3.44 16.56
N SER A 54 11.08 -3.39 16.29
CA SER A 54 10.59 -3.34 14.92
C SER A 54 10.95 -2.01 14.28
N LEU A 55 10.72 -0.92 15.01
CA LEU A 55 11.02 0.42 14.52
C LEU A 55 12.52 0.60 14.33
N GLU A 56 13.30 -0.15 15.09
CA GLU A 56 14.75 -0.07 15.00
C GLU A 56 15.27 -0.63 13.68
N ASN A 57 14.95 -1.89 13.41
CA ASN A 57 15.38 -2.54 12.18
C ASN A 57 14.94 -1.73 10.95
N VAL A 58 13.83 -1.03 11.08
CA VAL A 58 13.31 -0.20 9.99
C VAL A 58 14.32 0.89 9.64
N LYS A 59 15.00 1.40 10.66
CA LYS A 59 15.99 2.45 10.47
C LYS A 59 17.31 1.87 9.98
N ALA A 60 17.61 0.65 10.41
CA ALA A 60 18.84 -0.01 10.02
C ALA A 60 18.89 -0.24 8.51
N ILE A 61 17.76 -0.57 7.93
CA ILE A 61 17.66 -0.79 6.49
C ILE A 61 17.80 0.52 5.73
N ILE A 62 17.08 1.53 6.19
CA ILE A 62 17.13 2.84 5.55
C ILE A 62 18.48 3.51 5.80
N GLU A 63 19.07 3.23 6.96
CA GLU A 63 20.37 3.80 7.29
C GLU A 63 21.46 3.09 6.52
N LYS A 64 21.31 1.78 6.37
CA LYS A 64 22.29 0.99 5.63
C LYS A 64 22.37 1.48 4.19
N ALA A 65 21.29 2.10 3.72
CA ALA A 65 21.25 2.62 2.36
C ALA A 65 21.74 4.06 2.30
N GLY A 66 21.68 4.74 3.44
CA GLY A 66 22.12 6.12 3.51
C GLY A 66 20.97 7.10 3.45
N LEU A 67 20.11 7.08 4.46
CA LEU A 67 18.95 7.96 4.51
C LEU A 67 18.44 8.12 5.94
N THR A 68 18.07 9.34 6.30
CA THR A 68 17.56 9.62 7.64
C THR A 68 16.03 9.60 7.65
N ALA A 69 15.46 9.13 8.75
CA ALA A 69 14.00 9.05 8.90
C ALA A 69 13.32 10.34 8.44
N ALA A 70 14.02 11.46 8.63
CA ALA A 70 13.48 12.77 8.24
C ALA A 70 13.19 12.83 6.75
N ASP A 71 13.78 11.90 5.98
CA ASP A 71 13.56 11.85 4.54
C ASP A 71 12.35 10.99 4.21
N ILE A 72 11.97 10.10 5.13
CA ILE A 72 10.83 9.21 4.93
C ILE A 72 9.56 10.02 4.72
N VAL A 73 9.05 10.00 3.48
CA VAL A 73 7.84 10.74 3.14
C VAL A 73 6.58 9.98 3.55
N LYS A 74 6.60 8.65 3.41
CA LYS A 74 5.44 7.84 3.76
C LYS A 74 5.84 6.67 4.66
N THR A 75 4.84 5.91 5.12
CA THR A 75 5.09 4.76 5.99
C THR A 75 3.79 4.09 6.42
N THR A 76 3.55 2.89 5.91
CA THR A 76 2.34 2.14 6.26
C THR A 76 2.40 1.67 7.70
N VAL A 77 1.33 1.93 8.45
CA VAL A 77 1.30 1.53 9.86
C VAL A 77 0.22 0.49 10.13
N PHE A 78 0.59 -0.79 10.04
CA PHE A 78 -0.33 -1.88 10.31
C PHE A 78 -0.27 -2.28 11.78
N VAL A 79 -1.41 -2.64 12.35
CA VAL A 79 -1.47 -3.04 13.75
C VAL A 79 -2.39 -4.24 13.96
N LYS A 80 -2.08 -5.04 14.97
CA LYS A 80 -2.88 -6.19 15.30
C LYS A 80 -3.94 -5.82 16.32
N ASP A 81 -3.89 -4.57 16.78
CA ASP A 81 -4.83 -4.05 17.76
C ASP A 81 -4.70 -2.54 17.87
N LEU A 82 -5.69 -1.81 17.37
CA LEU A 82 -5.68 -0.35 17.43
C LEU A 82 -5.58 0.15 18.87
N ASN A 83 -5.89 -0.73 19.83
CA ASN A 83 -5.82 -0.37 21.23
C ASN A 83 -4.37 -0.27 21.69
N ASP A 84 -3.49 -0.99 20.98
CA ASP A 84 -2.08 -0.97 21.31
C ASP A 84 -1.40 0.30 20.79
N PHE A 85 -2.09 1.00 19.88
CA PHE A 85 -1.58 2.23 19.30
C PHE A 85 -1.20 3.24 20.38
N ALA A 86 -1.80 3.10 21.56
CA ALA A 86 -1.53 4.01 22.67
C ALA A 86 -0.05 4.01 23.03
N ALA A 87 0.53 2.82 23.13
CA ALA A 87 1.94 2.69 23.47
C ALA A 87 2.80 2.75 22.21
N VAL A 88 2.28 2.24 21.12
CA VAL A 88 3.00 2.23 19.86
C VAL A 88 3.11 3.64 19.30
N ASN A 89 1.99 4.34 19.25
CA ASN A 89 1.97 5.72 18.76
C ASN A 89 2.81 6.62 19.64
N ALA A 90 2.78 6.34 20.94
CA ALA A 90 3.55 7.13 21.91
C ALA A 90 5.04 7.06 21.60
N GLU A 91 5.51 5.87 21.26
CA GLU A 91 6.93 5.68 20.94
C GLU A 91 7.18 5.94 19.45
N TYR A 92 6.18 5.67 18.63
CA TYR A 92 6.26 5.87 17.20
C TYR A 92 6.58 7.33 16.88
N GLU A 93 5.81 8.24 17.47
CA GLU A 93 6.01 9.66 17.24
C GLU A 93 7.24 10.18 17.98
N ARG A 94 7.60 9.51 19.07
CA ARG A 94 8.76 9.91 19.86
C ARG A 94 10.08 9.59 19.16
N PHE A 95 10.05 8.60 18.27
CA PHE A 95 11.25 8.22 17.53
C PHE A 95 11.52 9.18 16.38
N PHE A 96 10.47 9.57 15.68
CA PHE A 96 10.61 10.49 14.55
C PHE A 96 11.29 11.78 14.99
N LYS A 97 10.79 12.38 16.06
CA LYS A 97 11.38 13.60 16.57
C LYS A 97 12.80 13.34 17.05
N GLU A 98 13.05 12.11 17.50
CA GLU A 98 14.38 11.72 17.95
C GLU A 98 15.24 11.30 16.78
N ASN A 99 14.65 11.28 15.58
CA ASN A 99 15.37 10.90 14.36
C ASN A 99 15.56 12.12 13.46
N ASN A 100 14.94 13.23 13.85
CA ASN A 100 15.00 14.49 13.10
C ASN A 100 13.88 14.56 12.06
N HIS A 101 12.75 13.94 12.37
CA HIS A 101 11.60 13.95 11.48
C HIS A 101 10.34 14.41 12.23
N PRO A 102 10.26 15.70 12.54
CA PRO A 102 9.11 16.27 13.24
C PRO A 102 7.92 16.48 12.32
N ASN A 103 8.15 16.36 11.01
CA ASN A 103 7.09 16.51 10.02
C ASN A 103 6.24 15.25 9.95
N PHE A 104 6.88 14.11 10.12
CA PHE A 104 6.21 12.81 10.07
C PHE A 104 5.77 12.45 8.66
N PRO A 105 5.85 11.15 8.30
CA PRO A 105 5.45 10.67 6.97
C PRO A 105 3.95 10.45 6.88
N ALA A 106 3.45 10.30 5.65
CA ALA A 106 2.03 10.07 5.43
C ALA A 106 1.80 8.68 4.82
N ARG A 107 0.76 8.00 5.30
CA ARG A 107 0.44 6.67 4.81
C ARG A 107 -0.91 6.20 5.32
N SER A 108 -1.17 4.91 5.22
CA SER A 108 -2.43 4.34 5.67
C SER A 108 -2.25 3.46 6.89
N CYS A 109 -2.70 3.96 8.04
CA CYS A 109 -2.61 3.21 9.29
C CYS A 109 -3.92 2.47 9.54
N VAL A 110 -3.82 1.17 9.82
CA VAL A 110 -5.01 0.37 10.06
C VAL A 110 -4.68 -0.88 10.87
N GLU A 111 -5.72 -1.52 11.39
CA GLU A 111 -5.55 -2.74 12.17
C GLU A 111 -5.85 -3.97 11.33
N VAL A 112 -4.79 -4.66 10.89
CA VAL A 112 -4.94 -5.85 10.07
C VAL A 112 -5.42 -7.03 10.91
N ALA A 113 -5.92 -8.07 10.23
CA ALA A 113 -6.42 -9.26 10.91
C ALA A 113 -5.28 -10.16 11.33
N ARG A 114 -4.33 -10.40 10.42
CA ARG A 114 -3.19 -11.24 10.71
C ARG A 114 -1.92 -10.67 10.08
N LEU A 115 -0.77 -11.22 10.47
CA LEU A 115 0.51 -10.76 9.94
C LEU A 115 1.48 -11.92 9.77
N PRO A 116 2.53 -11.73 8.97
CA PRO A 116 3.55 -12.76 8.73
C PRO A 116 4.23 -13.21 10.01
N LYS A 117 4.40 -14.52 10.16
CA LYS A 117 5.04 -15.08 11.35
C LYS A 117 4.17 -14.92 12.58
N ASP A 118 2.89 -14.67 12.36
CA ASP A 118 1.94 -14.47 13.45
C ASP A 118 2.33 -13.26 14.29
N VAL A 119 3.17 -12.40 13.74
CA VAL A 119 3.61 -11.20 14.44
C VAL A 119 2.42 -10.37 14.90
N GLY A 120 2.69 -9.33 15.68
CA GLY A 120 1.62 -8.48 16.18
C GLY A 120 1.71 -7.06 15.64
N LEU A 121 2.52 -6.85 14.60
CA LEU A 121 2.66 -5.54 14.01
C LEU A 121 3.57 -5.56 12.79
N GLU A 122 3.30 -4.67 11.85
CA GLU A 122 4.09 -4.56 10.62
C GLU A 122 4.06 -3.14 10.11
N ILE A 123 5.20 -2.63 9.65
CA ILE A 123 5.27 -1.26 9.15
C ILE A 123 6.24 -1.13 7.99
N GLU A 124 5.84 -0.36 6.98
CA GLU A 124 6.66 -0.11 5.81
C GLU A 124 7.18 1.32 5.84
N ALA A 125 8.36 1.54 5.26
CA ALA A 125 8.94 2.87 5.24
C ALA A 125 9.44 3.27 3.86
N ILE A 126 8.98 4.41 3.38
CA ILE A 126 9.38 4.92 2.08
C ILE A 126 10.17 6.22 2.24
N ALA A 127 11.31 6.30 1.57
CA ALA A 127 12.16 7.48 1.68
C ALA A 127 12.40 8.13 0.31
N VAL A 128 12.65 9.43 0.34
CA VAL A 128 12.92 10.18 -0.88
C VAL A 128 14.25 10.90 -0.81
N ARG A 129 15.18 10.52 -1.69
CA ARG A 129 16.50 11.14 -1.72
C ARG A 129 16.63 12.07 -2.92
N LYS A 130 15.75 13.05 -3.01
CA LYS A 130 15.76 14.01 -4.11
C LYS A 130 15.63 13.31 -5.45
N MET B 1 15.99 20.27 -5.81
CA MET B 1 15.03 20.98 -4.93
C MET B 1 13.59 20.53 -5.21
N MET B 2 13.18 19.45 -4.55
CA MET B 2 11.84 18.92 -4.72
C MET B 2 11.39 18.15 -3.48
N THR B 3 10.25 17.49 -3.59
CA THR B 3 9.71 16.72 -2.47
C THR B 3 9.42 17.62 -1.28
N GLN B 4 8.14 17.75 -0.94
CA GLN B 4 7.73 18.59 0.19
C GLN B 4 6.32 18.24 0.64
N ILE B 5 6.15 18.08 1.96
CA ILE B 5 4.85 17.74 2.52
C ILE B 5 3.78 18.74 2.10
N ILE B 6 2.53 18.28 2.05
CA ILE B 6 1.42 19.13 1.65
C ILE B 6 0.60 19.56 2.87
N HIS B 7 0.18 20.82 2.89
CA HIS B 7 -0.60 21.35 3.99
C HIS B 7 -1.65 22.34 3.49
N THR B 8 -2.92 22.01 3.69
CA THR B 8 -4.01 22.87 3.26
C THR B 8 -5.06 23.01 4.36
N GLU B 9 -5.95 23.99 4.21
CA GLU B 9 -7.00 24.23 5.20
C GLU B 9 -8.30 23.54 4.80
N LYS B 10 -8.18 22.47 4.02
CA LYS B 10 -9.36 21.73 3.57
C LYS B 10 -9.29 20.27 4.02
N ALA B 11 -8.08 19.71 4.01
CA ALA B 11 -7.87 18.33 4.41
C ALA B 11 -8.13 18.15 5.91
N PRO B 12 -8.13 16.89 6.39
CA PRO B 12 -8.37 16.59 7.82
C PRO B 12 -7.35 17.26 8.74
N ALA B 13 -6.24 17.71 8.17
CA ALA B 13 -5.18 18.36 8.94
C ALA B 13 -4.34 17.35 9.71
N ALA B 14 -3.09 17.69 9.94
CA ALA B 14 -2.17 16.82 10.66
C ALA B 14 -1.95 17.32 12.08
N ILE B 15 -2.28 16.47 13.05
CA ILE B 15 -2.12 16.82 14.46
C ILE B 15 -1.46 15.68 15.23
N GLY B 16 -0.86 14.75 14.49
CA GLY B 16 -0.20 13.62 15.11
C GLY B 16 1.09 13.26 14.39
N PRO B 17 1.45 11.96 14.34
CA PRO B 17 2.66 11.52 13.67
C PRO B 17 2.47 11.25 12.19
N TYR B 18 1.78 12.16 11.50
CA TYR B 18 1.55 12.01 10.07
C TYR B 18 1.12 13.34 9.45
N VAL B 19 1.37 13.49 8.15
CA VAL B 19 1.02 14.71 7.44
C VAL B 19 -0.11 14.46 6.44
N GLN B 20 -0.65 15.54 5.90
CA GLN B 20 -1.74 15.44 4.93
C GLN B 20 -1.29 14.63 3.71
N ALA B 21 -0.19 15.04 3.12
CA ALA B 21 0.35 14.35 1.96
C ALA B 21 1.75 14.86 1.61
N VAL B 22 2.31 14.35 0.52
CA VAL B 22 3.64 14.76 0.09
C VAL B 22 3.73 14.85 -1.42
N ASP B 23 4.29 15.95 -1.91
CA ASP B 23 4.43 16.15 -3.36
C ASP B 23 5.87 15.92 -3.79
N LEU B 24 6.11 14.78 -4.44
CA LEU B 24 7.45 14.43 -4.90
C LEU B 24 7.78 15.14 -6.22
N GLY B 25 6.75 15.66 -6.89
CA GLY B 25 6.96 16.34 -8.15
C GLY B 25 6.25 15.65 -9.30
N ASN B 26 7.02 14.94 -10.11
CA ASN B 26 6.45 14.21 -11.25
C ASN B 26 5.32 13.30 -10.77
N LEU B 27 5.44 12.85 -9.53
CA LEU B 27 4.42 11.97 -8.94
C LEU B 27 4.09 12.43 -7.52
N VAL B 28 2.82 12.35 -7.15
CA VAL B 28 2.38 12.76 -5.83
C VAL B 28 1.72 11.60 -5.08
N LEU B 29 1.64 11.71 -3.76
CA LEU B 29 1.04 10.69 -2.94
C LEU B 29 0.32 11.28 -1.74
N THR B 30 -0.95 10.92 -1.57
CA THR B 30 -1.75 11.43 -0.46
C THR B 30 -1.96 10.36 0.60
N SER B 31 -1.82 10.75 1.87
CA SER B 31 -2.00 9.83 2.98
C SER B 31 -3.41 9.23 2.98
N GLY B 32 -3.66 8.36 3.95
CA GLY B 32 -4.97 7.74 4.04
C GLY B 32 -6.05 8.72 4.45
N GLN B 33 -6.75 9.27 3.46
CA GLN B 33 -7.81 10.23 3.72
C GLN B 33 -8.93 9.62 4.55
N ILE B 34 -9.43 10.38 5.51
CA ILE B 34 -10.50 9.93 6.39
C ILE B 34 -11.41 11.10 6.77
N PRO B 35 -12.55 10.80 7.41
CA PRO B 35 -13.52 11.82 7.84
C PRO B 35 -12.88 12.91 8.71
N VAL B 36 -13.55 13.29 9.78
CA VAL B 36 -13.04 14.33 10.67
C VAL B 36 -13.17 15.70 10.02
N ASN B 37 -14.42 16.18 9.96
CA ASN B 37 -14.73 17.47 9.37
C ASN B 37 -13.62 18.50 9.59
N PRO B 38 -12.97 18.96 8.51
CA PRO B 38 -11.89 19.95 8.61
C PRO B 38 -12.35 21.22 9.31
N ALA B 39 -13.65 21.38 9.47
CA ALA B 39 -14.21 22.55 10.14
C ALA B 39 -14.22 22.37 11.65
N THR B 40 -14.29 21.12 12.11
CA THR B 40 -14.31 20.85 13.55
C THR B 40 -13.92 19.41 13.85
N GLY B 41 -14.29 18.50 12.97
CA GLY B 41 -13.98 17.09 13.17
C GLY B 41 -15.16 16.35 13.78
N GLU B 42 -16.24 16.24 13.01
CA GLU B 42 -17.44 15.56 13.47
C GLU B 42 -17.33 14.05 13.28
N VAL B 43 -17.02 13.64 12.06
CA VAL B 43 -16.89 12.22 11.74
C VAL B 43 -18.24 11.52 11.80
N PRO B 44 -19.10 11.77 10.79
CA PRO B 44 -20.44 11.17 10.73
C PRO B 44 -20.38 9.65 10.59
N ALA B 45 -21.29 8.97 11.29
CA ALA B 45 -21.34 7.51 11.24
C ALA B 45 -21.84 7.03 9.89
N ASP B 46 -22.71 7.83 9.28
CA ASP B 46 -23.27 7.51 7.97
C ASP B 46 -22.17 7.25 6.96
N ILE B 47 -21.82 5.99 6.82
CA ILE B 47 -20.78 5.56 5.88
C ILE B 47 -20.85 6.34 4.57
N VAL B 48 -22.07 6.70 4.16
CA VAL B 48 -22.26 7.45 2.94
C VAL B 48 -21.87 8.92 3.13
N ALA B 49 -22.35 9.51 4.22
CA ALA B 49 -22.04 10.89 4.53
C ALA B 49 -20.55 11.09 4.72
N GLN B 50 -19.97 10.30 5.62
CA GLN B 50 -18.54 10.36 5.89
C GLN B 50 -17.75 10.03 4.63
N ALA B 51 -18.35 9.25 3.73
CA ALA B 51 -17.70 8.87 2.49
C ALA B 51 -17.62 10.04 1.53
N ARG B 52 -18.72 10.79 1.42
CA ARG B 52 -18.76 11.95 0.54
C ARG B 52 -17.77 13.01 1.00
N GLN B 53 -17.84 13.36 2.28
CA GLN B 53 -16.94 14.36 2.85
C GLN B 53 -15.49 13.87 2.76
N SER B 54 -15.32 12.55 2.84
CA SER B 54 -13.99 11.95 2.78
C SER B 54 -13.40 12.12 1.38
N LEU B 55 -14.21 11.82 0.37
CA LEU B 55 -13.77 11.94 -1.02
C LEU B 55 -13.50 13.39 -1.38
N GLU B 56 -14.15 14.31 -0.69
CA GLU B 56 -13.97 15.74 -0.94
C GLU B 56 -12.58 16.20 -0.51
N ASN B 57 -12.27 16.00 0.76
CA ASN B 57 -10.97 16.41 1.30
C ASN B 57 -9.83 15.80 0.48
N VAL B 58 -10.08 14.62 -0.08
CA VAL B 58 -9.07 13.94 -0.89
C VAL B 58 -8.71 14.78 -2.10
N LYS B 59 -9.71 15.48 -2.64
CA LYS B 59 -9.51 16.33 -3.81
C LYS B 59 -8.90 17.67 -3.40
N ALA B 60 -9.24 18.13 -2.20
CA ALA B 60 -8.72 19.40 -1.71
C ALA B 60 -7.20 19.36 -1.58
N ILE B 61 -6.68 18.22 -1.14
CA ILE B 61 -5.25 18.06 -0.99
C ILE B 61 -4.56 17.98 -2.34
N ILE B 62 -5.12 17.19 -3.24
CA ILE B 62 -4.56 17.03 -4.57
C ILE B 62 -4.76 18.29 -5.38
N GLU B 63 -5.85 19.01 -5.12
CA GLU B 63 -6.14 20.25 -5.83
C GLU B 63 -5.25 21.37 -5.30
N LYS B 64 -5.03 21.36 -3.99
CA LYS B 64 -4.19 22.36 -3.37
C LYS B 64 -2.77 22.27 -3.93
N ALA B 65 -2.41 21.10 -4.45
CA ALA B 65 -1.09 20.90 -5.03
C ALA B 65 -1.10 21.20 -6.52
N GLY B 66 -2.28 21.16 -7.13
CA GLY B 66 -2.40 21.43 -8.54
C GLY B 66 -2.48 20.17 -9.37
N LEU B 67 -3.54 19.40 -9.19
CA LEU B 67 -3.73 18.16 -9.92
C LEU B 67 -5.19 17.74 -9.94
N THR B 68 -5.65 17.25 -11.08
CA THR B 68 -7.03 16.81 -11.23
C THR B 68 -7.15 15.30 -11.03
N ALA B 69 -8.25 14.87 -10.43
CA ALA B 69 -8.49 13.45 -10.17
C ALA B 69 -8.16 12.60 -11.40
N ALA B 70 -8.38 13.16 -12.58
CA ALA B 70 -8.10 12.45 -13.83
C ALA B 70 -6.64 12.03 -13.92
N ASP B 71 -5.78 12.68 -13.12
CA ASP B 71 -4.36 12.36 -13.12
C ASP B 71 -4.05 11.24 -12.14
N ILE B 72 -4.94 11.04 -11.17
CA ILE B 72 -4.76 9.99 -10.17
C ILE B 72 -4.68 8.62 -10.82
N VAL B 73 -3.49 8.04 -10.81
CA VAL B 73 -3.27 6.73 -11.41
C VAL B 73 -3.71 5.59 -10.49
N LYS B 74 -3.49 5.76 -9.18
CA LYS B 74 -3.86 4.73 -8.21
C LYS B 74 -4.66 5.32 -7.05
N THR B 75 -5.14 4.45 -6.16
CA THR B 75 -5.91 4.90 -5.00
C THR B 75 -6.39 3.72 -4.16
N THR B 76 -5.82 3.58 -2.97
CA THR B 76 -6.18 2.49 -2.06
C THR B 76 -7.60 2.71 -1.52
N VAL B 77 -8.43 1.68 -1.61
CA VAL B 77 -9.81 1.79 -1.13
C VAL B 77 -10.09 0.86 0.04
N PHE B 78 -9.90 1.37 1.25
CA PHE B 78 -10.15 0.60 2.46
C PHE B 78 -11.60 0.82 2.93
N VAL B 79 -12.21 -0.23 3.45
CA VAL B 79 -13.58 -0.14 3.93
C VAL B 79 -13.78 -0.90 5.24
N LYS B 80 -14.73 -0.42 6.05
CA LYS B 80 -15.03 -1.06 7.32
C LYS B 80 -16.14 -2.09 7.12
N ASP B 81 -16.66 -2.15 5.90
CA ASP B 81 -17.73 -3.08 5.55
C ASP B 81 -17.94 -3.11 4.04
N LEU B 82 -17.55 -4.21 3.41
CA LEU B 82 -17.68 -4.36 1.97
C LEU B 82 -19.14 -4.22 1.54
N ASN B 83 -20.06 -4.36 2.49
CA ASN B 83 -21.48 -4.23 2.20
C ASN B 83 -21.85 -2.77 1.96
N ASP B 84 -21.05 -1.87 2.53
CA ASP B 84 -21.28 -0.45 2.36
C ASP B 84 -20.79 0.03 0.99
N PHE B 85 -19.98 -0.79 0.33
CA PHE B 85 -19.44 -0.45 -0.98
C PHE B 85 -20.56 -0.13 -1.97
N ALA B 86 -21.76 -0.62 -1.69
CA ALA B 86 -22.90 -0.38 -2.56
C ALA B 86 -23.16 1.11 -2.73
N ALA B 87 -23.17 1.83 -1.62
CA ALA B 87 -23.40 3.27 -1.64
C ALA B 87 -22.10 4.03 -1.86
N VAL B 88 -21.00 3.49 -1.34
CA VAL B 88 -19.70 4.12 -1.50
C VAL B 88 -19.22 4.02 -2.95
N ASN B 89 -19.29 2.83 -3.51
CA ASN B 89 -18.88 2.61 -4.89
C ASN B 89 -19.76 3.40 -5.84
N ALA B 90 -21.04 3.50 -5.49
CA ALA B 90 -22.01 4.24 -6.30
C ALA B 90 -21.60 5.70 -6.44
N GLU B 91 -21.15 6.29 -5.33
CA GLU B 91 -20.73 7.69 -5.32
C GLU B 91 -19.26 7.80 -5.71
N TYR B 92 -18.48 6.78 -5.35
CA TYR B 92 -17.06 6.73 -5.64
C TYR B 92 -16.82 6.86 -7.14
N GLU B 93 -17.50 6.04 -7.91
CA GLU B 93 -17.37 6.04 -9.37
C GLU B 93 -18.04 7.27 -9.98
N ARG B 94 -19.06 7.78 -9.31
CA ARG B 94 -19.81 8.93 -9.80
C ARG B 94 -19.00 10.22 -9.67
N PHE B 95 -18.05 10.25 -8.74
CA PHE B 95 -17.22 11.43 -8.54
C PHE B 95 -16.11 11.51 -9.59
N PHE B 96 -15.51 10.37 -9.89
CA PHE B 96 -14.43 10.32 -10.87
C PHE B 96 -14.90 10.88 -12.21
N LYS B 97 -16.04 10.39 -12.69
CA LYS B 97 -16.58 10.87 -13.95
C LYS B 97 -16.95 12.35 -13.83
N GLU B 98 -17.29 12.76 -12.62
CA GLU B 98 -17.65 14.15 -12.36
C GLU B 98 -16.39 14.98 -12.11
N ASN B 99 -15.24 14.31 -12.08
CA ASN B 99 -13.96 14.97 -11.86
C ASN B 99 -13.12 14.95 -13.14
N ASN B 100 -13.62 14.23 -14.15
CA ASN B 100 -12.94 14.11 -15.44
C ASN B 100 -11.99 12.91 -15.44
N HIS B 101 -12.34 11.88 -14.67
CA HIS B 101 -11.52 10.67 -14.59
C HIS B 101 -12.37 9.43 -14.85
N PRO B 102 -12.77 9.23 -16.12
CA PRO B 102 -13.58 8.08 -16.50
C PRO B 102 -12.75 6.80 -16.62
N ASN B 103 -11.43 6.95 -16.59
CA ASN B 103 -10.52 5.81 -16.68
C ASN B 103 -10.42 5.10 -15.33
N PHE B 104 -10.48 5.89 -14.26
CA PHE B 104 -10.41 5.38 -12.89
C PHE B 104 -8.99 4.88 -12.56
N PRO B 105 -8.56 5.07 -11.30
CA PRO B 105 -7.23 4.63 -10.86
C PRO B 105 -7.22 3.17 -10.45
N ALA B 106 -6.03 2.61 -10.30
CA ALA B 106 -5.88 1.21 -9.92
C ALA B 106 -5.21 1.09 -8.56
N ARG B 107 -5.71 0.19 -7.72
CA ARG B 107 -5.15 -0.01 -6.39
C ARG B 107 -5.73 -1.27 -5.76
N SER B 108 -5.56 -1.38 -4.44
CA SER B 108 -6.05 -2.54 -3.71
C SER B 108 -7.21 -2.16 -2.78
N CYS B 109 -8.41 -2.58 -3.16
CA CYS B 109 -9.60 -2.31 -2.36
C CYS B 109 -9.89 -3.50 -1.45
N VAL B 110 -10.08 -3.23 -0.17
CA VAL B 110 -10.35 -4.30 0.79
C VAL B 110 -11.05 -3.77 2.03
N GLU B 111 -11.61 -4.69 2.82
CA GLU B 111 -12.30 -4.33 4.04
C GLU B 111 -11.40 -4.54 5.26
N VAL B 112 -10.86 -3.44 5.78
CA VAL B 112 -9.99 -3.50 6.95
C VAL B 112 -10.78 -3.78 8.22
N ALA B 113 -10.07 -4.20 9.26
CA ALA B 113 -10.71 -4.51 10.54
C ALA B 113 -11.01 -3.24 11.32
N ARG B 114 -10.02 -2.35 11.39
CA ARG B 114 -10.17 -1.09 12.11
C ARG B 114 -9.51 0.06 11.36
N LEU B 115 -9.78 1.28 11.78
CA LEU B 115 -9.21 2.45 11.14
C LEU B 115 -8.91 3.55 12.16
N PRO B 116 -8.05 4.52 11.81
CA PRO B 116 -7.68 5.62 12.70
C PRO B 116 -8.88 6.44 13.13
N LYS B 117 -8.95 6.77 14.41
CA LYS B 117 -10.06 7.56 14.96
C LYS B 117 -11.35 6.76 14.95
N ASP B 118 -11.22 5.45 14.85
CA ASP B 118 -12.38 4.56 14.84
C ASP B 118 -13.28 4.87 13.63
N VAL B 119 -12.73 5.56 12.65
CA VAL B 119 -13.47 5.90 11.44
C VAL B 119 -14.06 4.65 10.79
N GLY B 120 -14.88 4.86 9.76
CA GLY B 120 -15.50 3.74 9.07
C GLY B 120 -15.04 3.61 7.63
N LEU B 121 -13.97 4.32 7.27
CA LEU B 121 -13.45 4.27 5.91
C LEU B 121 -12.17 5.09 5.76
N GLU B 122 -11.30 4.64 4.87
CA GLU B 122 -10.04 5.32 4.61
C GLU B 122 -9.61 5.09 3.16
N ILE B 123 -9.12 6.13 2.51
CA ILE B 123 -8.69 6.00 1.11
C ILE B 123 -7.48 6.87 0.81
N GLU B 124 -6.55 6.31 0.04
CA GLU B 124 -5.34 7.02 -0.36
C GLU B 124 -5.42 7.36 -1.84
N ALA B 125 -4.80 8.46 -2.25
CA ALA B 125 -4.82 8.88 -3.63
C ALA B 125 -3.43 9.23 -4.16
N ILE B 126 -3.05 8.60 -5.26
CA ILE B 126 -1.75 8.85 -5.88
C ILE B 126 -1.95 9.49 -7.25
N ALA B 127 -1.21 10.56 -7.51
CA ALA B 127 -1.33 11.28 -8.78
C ALA B 127 -0.01 11.34 -9.52
N VAL B 128 -0.09 11.45 -10.85
CA VAL B 128 1.10 11.52 -11.69
C VAL B 128 1.07 12.78 -12.56
N ARG B 129 2.03 13.67 -12.34
CA ARG B 129 2.11 14.90 -13.11
C ARG B 129 3.26 14.85 -14.11
N LYS B 130 3.23 13.84 -14.98
CA LYS B 130 4.27 13.66 -15.99
C LYS B 130 5.64 13.54 -15.34
N MET C 1 5.60 13.04 -22.32
CA MET C 1 4.61 12.06 -22.85
C MET C 1 4.82 10.68 -22.26
N MET C 2 4.21 10.44 -21.10
CA MET C 2 4.33 9.16 -20.42
C MET C 2 3.11 8.90 -19.54
N THR C 3 3.18 7.83 -18.75
CA THR C 3 2.08 7.46 -17.86
C THR C 3 0.82 7.16 -18.66
N GLN C 4 0.38 5.91 -18.62
CA GLN C 4 -0.82 5.48 -19.33
C GLN C 4 -1.35 4.16 -18.79
N ILE C 5 -2.65 4.10 -18.54
CA ILE C 5 -3.28 2.90 -18.02
C ILE C 5 -2.99 1.69 -18.91
N ILE C 6 -2.99 0.52 -18.31
CA ILE C 6 -2.73 -0.72 -19.04
C ILE C 6 -4.03 -1.49 -19.30
N HIS C 7 -4.15 -2.05 -20.50
CA HIS C 7 -5.33 -2.81 -20.88
C HIS C 7 -4.96 -4.00 -21.76
N THR C 8 -5.22 -5.21 -21.27
CA THR C 8 -4.92 -6.42 -22.01
C THR C 8 -6.10 -7.39 -21.97
N GLU C 9 -6.06 -8.39 -22.83
CA GLU C 9 -7.13 -9.39 -22.89
C GLU C 9 -6.78 -10.63 -22.08
N LYS C 10 -5.93 -10.45 -21.07
CA LYS C 10 -5.51 -11.56 -20.22
C LYS C 10 -5.86 -11.29 -18.76
N ALA C 11 -5.74 -10.03 -18.35
CA ALA C 11 -6.03 -9.63 -16.98
C ALA C 11 -7.53 -9.76 -16.70
N PRO C 12 -7.94 -9.58 -15.43
CA PRO C 12 -9.35 -9.68 -15.02
C PRO C 12 -10.24 -8.68 -15.75
N ALA C 13 -9.63 -7.67 -16.36
CA ALA C 13 -10.37 -6.64 -17.09
C ALA C 13 -11.01 -5.64 -16.14
N ALA C 14 -11.19 -4.42 -16.62
CA ALA C 14 -11.79 -3.36 -15.82
C ALA C 14 -13.22 -3.09 -16.27
N ILE C 15 -14.15 -3.25 -15.34
CA ILE C 15 -15.57 -3.02 -15.62
C ILE C 15 -16.21 -2.19 -14.54
N GLY C 16 -15.38 -1.54 -13.72
CA GLY C 16 -15.88 -0.70 -12.65
C GLY C 16 -15.07 0.56 -12.48
N PRO C 17 -14.90 1.05 -11.25
CA PRO C 17 -14.14 2.27 -10.98
C PRO C 17 -12.65 2.00 -10.79
N TYR C 18 -12.07 1.17 -11.65
CA TYR C 18 -10.66 0.84 -11.55
C TYR C 18 -10.15 0.22 -12.84
N VAL C 19 -8.85 0.36 -13.09
CA VAL C 19 -8.23 -0.17 -14.29
C VAL C 19 -7.30 -1.34 -13.97
N GLN C 20 -6.86 -2.05 -15.00
CA GLN C 20 -5.96 -3.18 -14.83
C GLN C 20 -4.67 -2.75 -14.14
N ALA C 21 -4.03 -1.72 -14.70
CA ALA C 21 -2.80 -1.19 -14.15
C ALA C 21 -2.40 0.10 -14.85
N VAL C 22 -1.25 0.64 -14.47
CA VAL C 22 -0.75 1.88 -15.06
C VAL C 22 0.75 1.85 -15.23
N ASP C 23 1.22 2.23 -16.42
CA ASP C 23 2.64 2.24 -16.73
C ASP C 23 3.18 3.67 -16.69
N LEU C 24 3.91 3.99 -15.63
CA LEU C 24 4.49 5.32 -15.46
C LEU C 24 5.78 5.47 -16.27
N GLY C 25 6.34 4.35 -16.70
CA GLY C 25 7.57 4.39 -17.48
C GLY C 25 8.70 3.68 -16.76
N ASN C 26 9.62 4.46 -16.20
CA ASN C 26 10.75 3.90 -15.47
C ASN C 26 10.27 2.92 -14.42
N LEU C 27 9.07 3.17 -13.90
CA LEU C 27 8.46 2.32 -12.89
C LEU C 27 7.00 2.04 -13.22
N VAL C 28 6.56 0.81 -12.97
CA VAL C 28 5.18 0.43 -13.26
C VAL C 28 4.47 -0.04 -11.99
N LEU C 29 3.14 -0.03 -12.02
CA LEU C 29 2.35 -0.46 -10.87
C LEU C 29 1.08 -1.15 -11.32
N THR C 30 0.84 -2.35 -10.80
CA THR C 30 -0.35 -3.12 -11.14
C THR C 30 -1.35 -3.13 -10.00
N SER C 31 -2.62 -2.94 -10.33
CA SER C 31 -3.68 -2.93 -9.34
C SER C 31 -3.74 -4.25 -8.57
N GLY C 32 -4.67 -4.34 -7.63
CA GLY C 32 -4.82 -5.55 -6.84
C GLY C 32 -5.35 -6.70 -7.66
N GLN C 33 -4.45 -7.53 -8.19
CA GLN C 33 -4.85 -8.67 -9.00
C GLN C 33 -5.71 -9.65 -8.21
N ILE C 34 -6.75 -10.16 -8.85
CA ILE C 34 -7.66 -11.10 -8.22
C ILE C 34 -8.18 -12.10 -9.24
N PRO C 35 -8.88 -13.16 -8.77
CA PRO C 35 -9.43 -14.21 -9.65
C PRO C 35 -10.32 -13.63 -10.75
N VAL C 36 -11.47 -14.26 -11.00
CA VAL C 36 -12.37 -13.81 -12.04
C VAL C 36 -11.82 -14.16 -13.41
N ASN C 37 -11.88 -15.44 -13.75
CA ASN C 37 -11.39 -15.95 -15.02
C ASN C 37 -11.61 -14.96 -16.16
N PRO C 38 -10.51 -14.45 -16.76
CA PRO C 38 -10.60 -13.49 -17.86
C PRO C 38 -11.41 -14.03 -19.03
N ALA C 39 -11.67 -15.34 -19.02
CA ALA C 39 -12.43 -15.99 -20.07
C ALA C 39 -13.93 -15.86 -19.82
N THR C 40 -14.31 -15.74 -18.55
CA THR C 40 -15.73 -15.62 -18.20
C THR C 40 -15.92 -15.04 -16.80
N GLY C 41 -15.00 -15.37 -15.90
CA GLY C 41 -15.11 -14.88 -14.53
C GLY C 41 -15.74 -15.91 -13.62
N GLU C 42 -15.04 -17.02 -13.42
CA GLU C 42 -15.54 -18.10 -12.57
C GLU C 42 -15.26 -17.82 -11.10
N VAL C 43 -14.00 -17.56 -10.79
CA VAL C 43 -13.59 -17.28 -9.42
C VAL C 43 -13.69 -18.53 -8.56
N PRO C 44 -12.78 -19.50 -8.75
CA PRO C 44 -12.76 -20.75 -7.99
C PRO C 44 -12.53 -20.52 -6.50
N ALA C 45 -13.23 -21.28 -5.67
CA ALA C 45 -13.10 -21.17 -4.23
C ALA C 45 -11.76 -21.72 -3.76
N ASP C 46 -11.27 -22.71 -4.47
CA ASP C 46 -9.98 -23.33 -4.15
C ASP C 46 -8.89 -22.29 -4.09
N ILE C 47 -8.64 -21.79 -2.89
CA ILE C 47 -7.61 -20.79 -2.65
C ILE C 47 -6.35 -21.05 -3.48
N VAL C 48 -6.06 -22.33 -3.70
CA VAL C 48 -4.90 -22.72 -4.49
C VAL C 48 -5.16 -22.48 -5.98
N ALA C 49 -6.31 -22.95 -6.45
CA ALA C 49 -6.68 -22.78 -7.85
C ALA C 49 -6.78 -21.30 -8.21
N GLN C 50 -7.58 -20.58 -7.46
CA GLN C 50 -7.76 -19.14 -7.68
C GLN C 50 -6.43 -18.41 -7.51
N ALA C 51 -5.53 -18.99 -6.71
CA ALA C 51 -4.23 -18.39 -6.47
C ALA C 51 -3.33 -18.53 -7.71
N ARG C 52 -3.34 -19.71 -8.30
CA ARG C 52 -2.54 -19.96 -9.49
C ARG C 52 -2.99 -19.07 -10.65
N GLN C 53 -4.29 -19.09 -10.92
CA GLN C 53 -4.86 -18.27 -11.98
C GLN C 53 -4.65 -16.79 -11.69
N SER C 54 -4.63 -16.45 -10.41
CA SER C 54 -4.44 -15.07 -9.98
C SER C 54 -3.02 -14.62 -10.29
N LEU C 55 -2.06 -15.45 -9.95
CA LEU C 55 -0.65 -15.14 -10.19
C LEU C 55 -0.35 -15.06 -11.69
N GLU C 56 -1.15 -15.78 -12.47
CA GLU C 56 -0.96 -15.79 -13.92
C GLU C 56 -1.33 -14.45 -14.53
N ASN C 57 -2.56 -14.01 -14.31
CA ASN C 57 -3.03 -12.73 -14.85
C ASN C 57 -2.11 -11.59 -14.43
N VAL C 58 -1.50 -11.74 -13.25
CA VAL C 58 -0.58 -10.72 -12.76
C VAL C 58 0.61 -10.55 -13.69
N LYS C 59 1.03 -11.67 -14.29
CA LYS C 59 2.16 -11.66 -15.21
C LYS C 59 1.72 -11.18 -16.59
N ALA C 60 0.47 -11.49 -16.94
CA ALA C 60 -0.06 -11.10 -18.25
C ALA C 60 -0.08 -9.58 -18.39
N ILE C 61 -0.41 -8.90 -17.30
CA ILE C 61 -0.47 -7.44 -17.31
C ILE C 61 0.93 -6.85 -17.40
N ILE C 62 1.83 -7.37 -16.58
CA ILE C 62 3.21 -6.90 -16.57
C ILE C 62 3.92 -7.30 -17.85
N GLU C 63 3.55 -8.46 -18.40
CA GLU C 63 4.15 -8.93 -19.63
C GLU C 63 3.62 -8.15 -20.82
N LYS C 64 2.32 -7.84 -20.77
CA LYS C 64 1.68 -7.07 -21.83
C LYS C 64 2.34 -5.71 -21.96
N ALA C 65 2.95 -5.24 -20.87
CA ALA C 65 3.63 -3.95 -20.86
C ALA C 65 5.10 -4.11 -21.25
N GLY C 66 5.63 -5.32 -21.08
CA GLY C 66 7.01 -5.56 -21.43
C GLY C 66 7.92 -5.55 -20.22
N LEU C 67 7.71 -6.50 -19.31
CA LEU C 67 8.52 -6.58 -18.09
C LEU C 67 8.47 -7.98 -17.49
N THR C 68 9.61 -8.46 -17.02
CA THR C 68 9.69 -9.78 -16.42
C THR C 68 9.58 -9.69 -14.90
N ALA C 69 8.95 -10.70 -14.30
CA ALA C 69 8.77 -10.74 -12.85
C ALA C 69 10.05 -10.40 -12.10
N ALA C 70 11.18 -10.77 -12.71
CA ALA C 70 12.49 -10.50 -12.10
C ALA C 70 12.71 -9.01 -11.89
N ASP C 71 11.93 -8.18 -12.57
CA ASP C 71 12.04 -6.73 -12.43
C ASP C 71 11.15 -6.22 -11.30
N ILE C 72 10.13 -7.01 -10.95
CA ILE C 72 9.20 -6.64 -9.89
C ILE C 72 9.95 -6.44 -8.57
N VAL C 73 10.04 -5.19 -8.14
CA VAL C 73 10.74 -4.85 -6.90
C VAL C 73 9.86 -5.09 -5.67
N LYS C 74 8.57 -4.80 -5.79
CA LYS C 74 7.65 -4.98 -4.68
C LYS C 74 6.40 -5.76 -5.10
N THR C 75 5.53 -6.06 -4.13
CA THR C 75 4.30 -6.81 -4.43
C THR C 75 3.51 -7.08 -3.15
N THR C 76 2.36 -6.42 -3.01
CA THR C 76 1.52 -6.59 -1.84
C THR C 76 0.87 -7.98 -1.86
N VAL C 77 0.96 -8.68 -0.74
CA VAL C 77 0.40 -10.03 -0.65
C VAL C 77 -0.73 -10.11 0.37
N PHE C 78 -1.96 -9.90 -0.10
CA PHE C 78 -3.13 -9.98 0.76
C PHE C 78 -3.71 -11.39 0.75
N VAL C 79 -4.20 -11.84 1.90
CA VAL C 79 -4.77 -13.19 2.00
C VAL C 79 -6.03 -13.20 2.85
N LYS C 80 -6.93 -14.12 2.53
CA LYS C 80 -8.17 -14.26 3.28
C LYS C 80 -7.98 -15.26 4.41
N ASP C 81 -6.79 -15.85 4.47
CA ASP C 81 -6.46 -16.82 5.51
C ASP C 81 -4.97 -17.13 5.48
N LEU C 82 -4.25 -16.65 6.49
CA LEU C 82 -2.80 -16.87 6.58
C LEU C 82 -2.48 -18.37 6.60
N ASN C 83 -3.48 -19.19 6.89
CA ASN C 83 -3.29 -20.64 6.93
C ASN C 83 -3.16 -21.19 5.52
N ASP C 84 -3.73 -20.46 4.56
CA ASP C 84 -3.67 -20.87 3.15
C ASP C 84 -2.30 -20.54 2.56
N PHE C 85 -1.54 -19.69 3.24
CA PHE C 85 -0.22 -19.29 2.78
C PHE C 85 0.67 -20.50 2.53
N ALA C 86 0.35 -21.62 3.19
CA ALA C 86 1.14 -22.84 3.04
C ALA C 86 1.19 -23.29 1.58
N ALA C 87 0.04 -23.29 0.93
CA ALA C 87 -0.05 -23.70 -0.47
C ALA C 87 0.22 -22.52 -1.39
N VAL C 88 -0.20 -21.34 -0.96
CA VAL C 88 0.00 -20.12 -1.75
C VAL C 88 1.47 -19.75 -1.80
N ASN C 89 2.11 -19.70 -0.64
CA ASN C 89 3.52 -19.37 -0.54
C ASN C 89 4.36 -20.41 -1.27
N ALA C 90 3.93 -21.67 -1.19
CA ALA C 90 4.63 -22.76 -1.85
C ALA C 90 4.71 -22.54 -3.35
N GLU C 91 3.59 -22.10 -3.93
CA GLU C 91 3.53 -21.84 -5.36
C GLU C 91 3.99 -20.42 -5.68
N TYR C 92 3.74 -19.52 -4.74
CA TYR C 92 4.12 -18.12 -4.89
C TYR C 92 5.63 -17.99 -5.13
N GLU C 93 6.41 -18.62 -4.26
CA GLU C 93 7.86 -18.59 -4.37
C GLU C 93 8.36 -19.45 -5.53
N ARG C 94 7.59 -20.48 -5.88
CA ARG C 94 7.96 -21.39 -6.95
C ARG C 94 7.81 -20.73 -8.32
N PHE C 95 6.93 -19.73 -8.42
CA PHE C 95 6.72 -19.04 -9.69
C PHE C 95 7.83 -18.03 -9.96
N PHE C 96 8.24 -17.31 -8.92
CA PHE C 96 9.29 -16.31 -9.05
C PHE C 96 10.55 -16.93 -9.61
N LYS C 97 10.99 -18.03 -9.02
CA LYS C 97 12.18 -18.72 -9.49
C LYS C 97 11.95 -19.26 -10.89
N GLU C 98 10.70 -19.56 -11.21
CA GLU C 98 10.33 -20.06 -12.53
C GLU C 98 10.10 -18.89 -13.49
N ASN C 99 10.19 -17.67 -12.96
CA ASN C 99 10.02 -16.47 -13.77
C ASN C 99 11.34 -15.72 -13.92
N ASN C 100 12.36 -16.19 -13.20
CA ASN C 100 13.69 -15.59 -13.23
C ASN C 100 13.82 -14.51 -12.16
N HIS C 101 13.10 -14.68 -11.07
CA HIS C 101 13.14 -13.73 -9.96
C HIS C 101 13.44 -14.44 -8.64
N PRO C 102 14.69 -14.89 -8.45
CA PRO C 102 15.08 -15.58 -7.22
C PRO C 102 15.32 -14.61 -6.07
N ASN C 103 15.37 -13.33 -6.38
CA ASN C 103 15.58 -12.29 -5.38
C ASN C 103 14.29 -12.02 -4.61
N PHE C 104 13.18 -12.09 -5.33
CA PHE C 104 11.85 -11.86 -4.75
C PHE C 104 11.64 -10.38 -4.42
N PRO C 105 10.40 -9.88 -4.60
CA PRO C 105 10.06 -8.49 -4.31
C PRO C 105 9.76 -8.28 -2.83
N ALA C 106 9.72 -7.02 -2.42
CA ALA C 106 9.43 -6.68 -1.03
C ALA C 106 8.13 -5.90 -0.93
N ARG C 107 7.32 -6.23 0.08
CA ARG C 107 6.04 -5.56 0.29
C ARG C 107 5.45 -5.94 1.63
N SER C 108 4.15 -5.67 1.78
CA SER C 108 3.46 -5.96 3.04
C SER C 108 2.45 -7.08 2.85
N CYS C 109 2.77 -8.25 3.40
CA CYS C 109 1.89 -9.41 3.33
C CYS C 109 1.03 -9.49 4.58
N VAL C 110 -0.27 -9.63 4.42
CA VAL C 110 -1.17 -9.70 5.56
C VAL C 110 -2.49 -10.37 5.19
N GLU C 111 -3.26 -10.74 6.21
CA GLU C 111 -4.54 -11.39 6.01
C GLU C 111 -5.68 -10.40 6.17
N VAL C 112 -6.23 -9.95 5.04
CA VAL C 112 -7.33 -8.99 5.06
C VAL C 112 -8.63 -9.65 5.50
N ALA C 113 -9.61 -8.83 5.88
CA ALA C 113 -10.90 -9.33 6.33
C ALA C 113 -11.78 -9.72 5.16
N ARG C 114 -11.84 -8.85 4.15
CA ARG C 114 -12.65 -9.11 2.97
C ARG C 114 -11.92 -8.63 1.71
N LEU C 115 -12.43 -9.02 0.55
CA LEU C 115 -11.84 -8.63 -0.72
C LEU C 115 -12.90 -8.40 -1.78
N PRO C 116 -12.55 -7.68 -2.86
CA PRO C 116 -13.48 -7.39 -3.95
C PRO C 116 -14.04 -8.66 -4.60
N LYS C 117 -15.34 -8.66 -4.85
CA LYS C 117 -15.99 -9.81 -5.47
C LYS C 117 -16.03 -11.00 -4.51
N ASP C 118 -15.84 -10.73 -3.23
CA ASP C 118 -15.85 -11.77 -2.21
C ASP C 118 -14.73 -12.78 -2.47
N VAL C 119 -13.75 -12.38 -3.28
CA VAL C 119 -12.62 -13.24 -3.59
C VAL C 119 -11.92 -13.72 -2.32
N GLY C 120 -10.97 -14.63 -2.48
CA GLY C 120 -10.25 -15.15 -1.33
C GLY C 120 -8.78 -14.79 -1.34
N LEU C 121 -8.40 -13.84 -2.19
CA LEU C 121 -7.00 -13.42 -2.27
C LEU C 121 -6.83 -12.26 -3.25
N GLU C 122 -5.85 -11.41 -2.97
CA GLU C 122 -5.55 -10.26 -3.81
C GLU C 122 -4.08 -9.91 -3.71
N ILE C 123 -3.45 -9.60 -4.85
CA ILE C 123 -2.03 -9.27 -4.85
C ILE C 123 -1.70 -8.18 -5.86
N GLU C 124 -0.84 -7.25 -5.47
CA GLU C 124 -0.41 -6.16 -6.34
C GLU C 124 1.04 -6.39 -6.75
N ALA C 125 1.40 -5.93 -7.93
CA ALA C 125 2.76 -6.10 -8.42
C ALA C 125 3.35 -4.80 -8.98
N ILE C 126 4.52 -4.42 -8.46
CA ILE C 126 5.20 -3.22 -8.90
C ILE C 126 6.51 -3.59 -9.59
N ALA C 127 6.75 -3.00 -10.76
CA ALA C 127 7.96 -3.30 -11.52
C ALA C 127 8.78 -2.04 -11.78
N VAL C 128 10.08 -2.23 -11.95
CA VAL C 128 11.00 -1.13 -12.21
C VAL C 128 11.79 -1.37 -13.50
N ARG C 129 11.57 -0.51 -14.49
CA ARG C 129 12.27 -0.63 -15.77
C ARG C 129 13.34 0.44 -15.91
N LYS C 130 14.26 0.48 -14.95
CA LYS C 130 15.35 1.45 -14.96
C LYS C 130 14.80 2.87 -14.97
N MET A 1 22.06 0.80 -15.11
CA MET A 1 20.77 0.21 -14.66
C MET A 1 20.40 0.70 -13.27
N MET A 2 19.11 0.98 -13.06
CA MET A 2 18.63 1.45 -11.77
C MET A 2 18.08 0.29 -10.95
N THR A 3 17.42 0.63 -9.83
CA THR A 3 16.85 -0.39 -8.95
C THR A 3 17.93 -1.29 -8.38
N GLN A 4 18.23 -1.10 -7.09
CA GLN A 4 19.26 -1.89 -6.42
C GLN A 4 18.64 -2.68 -5.26
N ILE A 5 18.53 -3.99 -5.44
CA ILE A 5 17.97 -4.86 -4.41
C ILE A 5 18.69 -4.69 -3.09
N ILE A 6 17.94 -4.40 -2.02
CA ILE A 6 18.51 -4.21 -0.70
C ILE A 6 18.72 -5.55 0.01
N HIS A 7 19.86 -5.69 0.66
CA HIS A 7 20.18 -6.93 1.38
C HIS A 7 21.20 -6.66 2.49
N THR A 8 20.71 -6.39 3.69
CA THR A 8 21.58 -6.13 4.83
C THR A 8 21.43 -7.21 5.89
N GLU A 9 22.38 -7.26 6.81
CA GLU A 9 22.36 -8.25 7.89
C GLU A 9 21.80 -7.64 9.17
N LYS A 10 20.93 -6.66 9.02
CA LYS A 10 20.31 -6.00 10.17
C LYS A 10 18.82 -6.28 10.23
N ALA A 11 18.17 -6.22 9.07
CA ALA A 11 16.74 -6.47 8.97
C ALA A 11 16.43 -7.95 9.17
N PRO A 12 15.13 -8.31 9.15
CA PRO A 12 14.69 -9.71 9.34
C PRO A 12 15.31 -10.67 8.33
N ALA A 13 15.89 -10.11 7.27
CA ALA A 13 16.52 -10.91 6.22
C ALA A 13 15.47 -11.51 5.29
N ALA A 14 15.91 -11.97 4.12
CA ALA A 14 15.01 -12.56 3.14
C ALA A 14 15.35 -14.03 2.88
N ILE A 15 14.36 -14.89 3.06
CA ILE A 15 14.53 -16.32 2.84
C ILE A 15 13.28 -16.95 2.25
N GLY A 16 12.41 -16.11 1.69
CA GLY A 16 11.17 -16.58 1.11
C GLY A 16 10.83 -15.87 -0.18
N PRO A 17 9.55 -15.50 -0.38
CA PRO A 17 9.10 -14.82 -1.59
C PRO A 17 9.21 -13.30 -1.50
N TYR A 18 10.20 -12.80 -0.77
CA TYR A 18 10.40 -11.36 -0.63
C TYR A 18 11.85 -11.01 -0.38
N VAL A 19 12.12 -9.72 -0.20
CA VAL A 19 13.48 -9.25 0.06
C VAL A 19 13.50 -8.20 1.17
N GLN A 20 14.69 -7.71 1.48
CA GLN A 20 14.85 -6.70 2.52
C GLN A 20 14.25 -5.37 2.10
N ALA A 21 14.59 -4.92 0.90
CA ALA A 21 14.08 -3.66 0.37
C ALA A 21 14.53 -3.45 -1.07
N VAL A 22 14.17 -2.30 -1.63
CA VAL A 22 14.53 -1.98 -3.00
C VAL A 22 14.96 -0.52 -3.13
N ASP A 23 15.98 -0.28 -3.95
CA ASP A 23 16.49 1.07 -4.16
C ASP A 23 16.32 1.50 -5.61
N LEU A 24 15.20 2.14 -5.92
CA LEU A 24 14.91 2.60 -7.27
C LEU A 24 15.89 3.71 -7.67
N GLY A 25 16.50 4.36 -6.69
CA GLY A 25 17.43 5.43 -6.96
C GLY A 25 17.16 6.64 -6.09
N ASN A 26 16.65 7.71 -6.72
CA ASN A 26 16.34 8.93 -5.99
C ASN A 26 15.34 8.64 -4.87
N LEU A 27 14.50 7.63 -5.10
CA LEU A 27 13.49 7.24 -4.12
C LEU A 27 13.63 5.75 -3.78
N VAL A 28 13.79 5.44 -2.49
CA VAL A 28 13.92 4.08 -2.04
C VAL A 28 12.65 3.58 -1.36
N LEU A 29 12.60 2.30 -1.07
CA LEU A 29 11.44 1.69 -0.43
C LEU A 29 11.86 0.59 0.55
N THR A 30 10.94 0.19 1.42
CA THR A 30 11.22 -0.85 2.39
C THR A 30 10.05 -1.81 2.53
N SER A 31 10.34 -3.09 2.73
CA SER A 31 9.31 -4.11 2.88
C SER A 31 8.60 -3.98 4.22
N GLY A 32 7.63 -4.85 4.46
CA GLY A 32 6.90 -4.83 5.71
C GLY A 32 7.70 -5.39 6.87
N GLN A 33 8.37 -4.51 7.61
CA GLN A 33 9.18 -4.93 8.75
C GLN A 33 8.30 -5.50 9.86
N ILE A 34 8.94 -6.19 10.80
CA ILE A 34 8.23 -6.79 11.92
C ILE A 34 9.17 -7.07 13.10
N PRO A 35 8.60 -7.18 14.31
CA PRO A 35 9.38 -7.44 15.53
C PRO A 35 10.17 -8.74 15.46
N VAL A 36 9.85 -9.60 14.50
CA VAL A 36 10.54 -10.87 14.33
C VAL A 36 12.06 -10.68 14.32
N ASN A 37 12.66 -10.72 15.49
CA ASN A 37 14.10 -10.56 15.65
C ASN A 37 14.87 -11.33 14.58
N PRO A 38 15.62 -10.63 13.71
CA PRO A 38 16.40 -11.27 12.65
C PRO A 38 17.42 -12.28 13.21
N ALA A 39 17.65 -12.21 14.52
CA ALA A 39 18.59 -13.10 15.17
C ALA A 39 17.93 -14.42 15.56
N THR A 40 16.62 -14.38 15.79
CA THR A 40 15.89 -15.59 16.18
C THR A 40 14.40 -15.48 15.89
N GLY A 41 13.87 -14.28 16.00
CA GLY A 41 12.45 -14.07 15.76
C GLY A 41 11.66 -14.17 17.05
N GLU A 42 11.88 -13.22 17.95
CA GLU A 42 11.20 -13.21 19.24
C GLU A 42 9.77 -12.71 19.09
N VAL A 43 9.65 -11.44 18.72
CA VAL A 43 8.33 -10.81 18.55
C VAL A 43 7.64 -10.62 19.90
N PRO A 44 8.24 -9.83 20.80
CA PRO A 44 7.68 -9.56 22.13
C PRO A 44 6.23 -9.06 22.06
N ALA A 45 5.47 -9.31 23.11
CA ALA A 45 4.08 -8.88 23.17
C ALA A 45 3.99 -7.39 23.44
N ASP A 46 4.98 -6.87 24.17
CA ASP A 46 5.03 -5.45 24.51
C ASP A 46 4.96 -4.59 23.26
N ILE A 47 3.76 -4.15 22.94
CA ILE A 47 3.49 -3.32 21.78
C ILE A 47 4.60 -2.27 21.57
N VAL A 48 5.16 -1.80 22.68
CA VAL A 48 6.22 -0.79 22.62
C VAL A 48 7.56 -1.44 22.30
N ALA A 49 7.87 -2.52 23.00
CA ALA A 49 9.12 -3.25 22.78
C ALA A 49 9.19 -3.80 21.36
N GLN A 50 8.11 -4.45 20.94
CA GLN A 50 8.05 -5.02 19.60
C GLN A 50 8.05 -3.91 18.55
N ALA A 51 7.44 -2.78 18.89
CA ALA A 51 7.37 -1.65 17.99
C ALA A 51 8.74 -0.97 17.85
N ARG A 52 9.49 -0.94 18.95
CA ARG A 52 10.82 -0.33 18.95
C ARG A 52 11.77 -1.13 18.08
N GLN A 53 11.74 -2.45 18.24
CA GLN A 53 12.61 -3.33 17.46
C GLN A 53 12.22 -3.31 15.99
N SER A 54 10.91 -3.28 15.73
CA SER A 54 10.41 -3.25 14.36
C SER A 54 10.71 -1.92 13.70
N LEU A 55 10.73 -0.85 14.51
CA LEU A 55 11.01 0.48 14.00
C LEU A 55 12.48 0.62 13.61
N GLU A 56 13.36 0.12 14.48
CA GLU A 56 14.80 0.18 14.22
C GLU A 56 15.15 -0.56 12.94
N ASN A 57 14.54 -1.74 12.76
CA ASN A 57 14.79 -2.55 11.58
C ASN A 57 14.46 -1.79 10.31
N VAL A 58 13.38 -1.01 10.36
CA VAL A 58 12.95 -0.22 9.21
C VAL A 58 14.02 0.78 8.81
N LYS A 59 14.68 1.36 9.81
CA LYS A 59 15.75 2.33 9.56
C LYS A 59 17.05 1.64 9.22
N ALA A 60 17.25 0.44 9.76
CA ALA A 60 18.46 -0.33 9.50
C ALA A 60 18.62 -0.60 8.01
N ILE A 61 17.51 -0.93 7.36
CA ILE A 61 17.53 -1.22 5.93
C ILE A 61 17.74 0.06 5.13
N ILE A 62 17.08 1.12 5.54
CA ILE A 62 17.20 2.41 4.88
C ILE A 62 18.60 3.00 5.09
N GLU A 63 19.17 2.72 6.26
CA GLU A 63 20.50 3.20 6.58
C GLU A 63 21.55 2.46 5.76
N LYS A 64 21.37 1.15 5.65
CA LYS A 64 22.29 0.33 4.89
C LYS A 64 22.30 0.76 3.42
N ALA A 65 21.23 1.43 3.00
CA ALA A 65 21.12 1.91 1.63
C ALA A 65 21.73 3.31 1.49
N GLY A 66 21.68 4.07 2.58
CA GLY A 66 22.23 5.41 2.56
C GLY A 66 21.17 6.48 2.79
N LEU A 67 20.41 6.33 3.86
CA LEU A 67 19.35 7.29 4.19
C LEU A 67 18.95 7.16 5.65
N THR A 68 17.90 7.88 6.03
CA THR A 68 17.39 7.86 7.40
C THR A 68 15.87 7.89 7.42
N ALA A 69 15.29 7.57 8.57
CA ALA A 69 13.84 7.57 8.71
C ALA A 69 13.27 8.96 8.43
N ALA A 70 14.04 9.99 8.76
CA ALA A 70 13.61 11.37 8.53
C ALA A 70 13.27 11.61 7.07
N ASP A 71 13.88 10.82 6.19
CA ASP A 71 13.65 10.95 4.75
C ASP A 71 12.38 10.20 4.33
N ILE A 72 11.98 9.22 5.14
CA ILE A 72 10.79 8.43 4.85
C ILE A 72 9.57 9.33 4.62
N VAL A 73 9.11 9.37 3.38
CA VAL A 73 7.96 10.19 3.02
C VAL A 73 6.64 9.54 3.43
N LYS A 74 6.50 8.24 3.13
CA LYS A 74 5.27 7.51 3.46
C LYS A 74 5.56 6.35 4.41
N THR A 75 4.55 5.95 5.18
CA THR A 75 4.72 4.84 6.13
C THR A 75 3.39 4.14 6.43
N THR A 76 3.19 2.96 5.83
CA THR A 76 1.97 2.19 6.06
C THR A 76 1.97 1.63 7.47
N VAL A 77 0.92 1.94 8.23
CA VAL A 77 0.83 1.47 9.60
C VAL A 77 -0.27 0.42 9.79
N PHE A 78 0.14 -0.81 10.07
CA PHE A 78 -0.79 -1.90 10.30
C PHE A 78 -0.78 -2.30 11.77
N VAL A 79 -1.95 -2.46 12.36
CA VAL A 79 -2.07 -2.83 13.76
C VAL A 79 -3.02 -4.00 13.97
N LYS A 80 -2.75 -4.78 15.00
CA LYS A 80 -3.60 -5.92 15.33
C LYS A 80 -4.72 -5.48 16.27
N ASP A 81 -4.72 -4.20 16.62
CA ASP A 81 -5.72 -3.63 17.50
C ASP A 81 -5.56 -2.11 17.60
N LEU A 82 -6.59 -1.39 17.19
CA LEU A 82 -6.57 0.07 17.22
C LEU A 82 -6.42 0.58 18.66
N ASN A 83 -6.65 -0.30 19.63
CA ASN A 83 -6.54 0.08 21.03
C ASN A 83 -5.07 0.22 21.42
N ASP A 84 -4.20 -0.42 20.65
CA ASP A 84 -2.77 -0.37 20.91
C ASP A 84 -2.14 0.85 20.23
N PHE A 85 -2.84 1.40 19.25
CA PHE A 85 -2.35 2.57 18.52
C PHE A 85 -1.97 3.70 19.47
N ALA A 86 -2.67 3.78 20.60
CA ALA A 86 -2.41 4.81 21.59
C ALA A 86 -0.97 4.75 22.09
N ALA A 87 -0.44 3.55 22.19
CA ALA A 87 0.93 3.35 22.66
C ALA A 87 1.94 3.46 21.51
N VAL A 88 1.60 2.85 20.38
CA VAL A 88 2.47 2.87 19.21
C VAL A 88 2.54 4.27 18.60
N ASN A 89 1.39 4.91 18.46
CA ASN A 89 1.31 6.25 17.90
C ASN A 89 2.06 7.25 18.77
N ALA A 90 1.94 7.09 20.08
CA ALA A 90 2.60 7.98 21.02
C ALA A 90 4.11 7.80 21.01
N GLU A 91 4.54 6.56 20.82
CA GLU A 91 5.97 6.25 20.80
C GLU A 91 6.55 6.35 19.39
N TYR A 92 5.67 6.39 18.39
CA TYR A 92 6.10 6.49 16.99
C TYR A 92 6.45 7.94 16.62
N GLU A 93 5.66 8.87 17.14
CA GLU A 93 5.86 10.28 16.84
C GLU A 93 6.93 10.89 17.76
N ARG A 94 7.07 10.33 18.95
CA ARG A 94 8.05 10.83 19.92
C ARG A 94 9.47 10.42 19.54
N PHE A 95 9.61 9.33 18.80
CA PHE A 95 10.93 8.86 18.39
C PHE A 95 11.40 9.57 17.13
N PHE A 96 10.48 9.83 16.22
CA PHE A 96 10.80 10.53 14.97
C PHE A 96 11.46 11.86 15.29
N LYS A 97 10.77 12.66 16.09
CA LYS A 97 11.29 13.97 16.47
C LYS A 97 12.60 13.81 17.24
N GLU A 98 12.71 12.70 17.99
CA GLU A 98 13.91 12.42 18.76
C GLU A 98 15.00 11.85 17.84
N ASN A 99 14.63 11.59 16.59
CA ASN A 99 15.56 11.05 15.60
C ASN A 99 15.84 12.10 14.52
N ASN A 100 15.14 13.22 14.60
CA ASN A 100 15.27 14.32 13.64
C ASN A 100 14.38 14.05 12.44
N HIS A 101 13.26 13.39 12.70
CA HIS A 101 12.29 13.05 11.66
C HIS A 101 10.97 13.77 11.90
N PRO A 102 11.00 15.10 12.07
CA PRO A 102 9.79 15.89 12.31
C PRO A 102 8.89 15.99 11.08
N ASN A 103 9.48 15.78 9.91
CA ASN A 103 8.72 15.83 8.66
C ASN A 103 7.46 14.97 8.74
N PHE A 104 7.56 13.88 9.48
CA PHE A 104 6.44 12.97 9.66
C PHE A 104 6.05 12.30 8.33
N PRO A 105 5.90 10.97 8.33
CA PRO A 105 5.53 10.21 7.15
C PRO A 105 4.03 10.09 6.96
N ALA A 106 3.57 10.33 5.74
CA ALA A 106 2.15 10.25 5.44
C ALA A 106 1.80 8.90 4.80
N ARG A 107 0.80 8.24 5.35
CA ARG A 107 0.36 6.95 4.83
C ARG A 107 -1.04 6.61 5.33
N SER A 108 -1.40 5.34 5.19
CA SER A 108 -2.72 4.87 5.63
C SER A 108 -2.59 3.86 6.76
N CYS A 109 -3.08 4.24 7.94
CA CYS A 109 -3.03 3.37 9.10
C CYS A 109 -4.32 2.57 9.21
N VAL A 110 -4.20 1.28 9.54
CA VAL A 110 -5.37 0.42 9.67
C VAL A 110 -5.10 -0.78 10.56
N GLU A 111 -6.18 -1.36 11.10
CA GLU A 111 -6.06 -2.51 11.97
C GLU A 111 -6.33 -3.80 11.20
N VAL A 112 -5.28 -4.34 10.57
CA VAL A 112 -5.41 -5.57 9.79
C VAL A 112 -5.96 -6.71 10.65
N ALA A 113 -6.56 -7.70 10.00
CA ALA A 113 -7.12 -8.85 10.70
C ALA A 113 -6.02 -9.67 11.36
N ARG A 114 -4.87 -9.75 10.71
CA ARG A 114 -3.74 -10.50 11.24
C ARG A 114 -2.43 -10.03 10.64
N LEU A 115 -1.33 -10.67 11.02
CA LEU A 115 -0.02 -10.30 10.51
C LEU A 115 0.90 -11.51 10.44
N PRO A 116 1.88 -11.50 9.52
CA PRO A 116 2.83 -12.60 9.35
C PRO A 116 3.67 -12.83 10.60
N LYS A 117 3.85 -14.09 10.96
CA LYS A 117 4.64 -14.46 12.14
C LYS A 117 3.86 -14.20 13.42
N ASP A 118 2.56 -13.98 13.29
CA ASP A 118 1.71 -13.71 14.44
C ASP A 118 2.08 -12.40 15.11
N VAL A 119 2.88 -11.58 14.42
CA VAL A 119 3.30 -10.30 14.96
C VAL A 119 2.10 -9.42 15.28
N GLY A 120 2.30 -8.47 16.19
CA GLY A 120 1.21 -7.58 16.57
C GLY A 120 1.24 -6.25 15.84
N LEU A 121 2.09 -6.15 14.82
CA LEU A 121 2.21 -4.92 14.04
C LEU A 121 3.20 -5.07 12.90
N GLU A 122 2.93 -4.36 11.80
CA GLU A 122 3.79 -4.39 10.62
C GLU A 122 4.19 -2.97 10.24
N ILE A 123 5.37 -2.83 9.64
CA ILE A 123 5.85 -1.51 9.25
C ILE A 123 6.30 -1.47 7.78
N GLU A 124 5.68 -0.60 7.01
CA GLU A 124 6.01 -0.42 5.60
C GLU A 124 6.18 1.07 5.33
N ALA A 125 7.11 1.42 4.44
CA ALA A 125 7.34 2.83 4.15
C ALA A 125 8.23 3.05 2.94
N ILE A 126 8.25 4.30 2.48
CA ILE A 126 9.07 4.70 1.34
C ILE A 126 9.99 5.84 1.75
N ALA A 127 11.19 5.85 1.19
CA ALA A 127 12.15 6.90 1.52
C ALA A 127 12.64 7.65 0.27
N VAL A 128 12.94 8.92 0.45
CA VAL A 128 13.41 9.76 -0.65
C VAL A 128 14.85 10.22 -0.40
N ARG A 129 15.64 10.28 -1.46
CA ARG A 129 17.04 10.69 -1.36
C ARG A 129 17.32 11.89 -2.26
N LYS A 130 16.44 12.89 -2.19
CA LYS A 130 16.60 14.10 -2.99
C LYS A 130 16.14 15.34 -2.22
N MET B 1 16.45 20.63 -4.25
CA MET B 1 15.96 19.46 -3.49
C MET B 1 14.51 19.14 -3.85
N MET B 2 14.21 17.85 -3.97
CA MET B 2 12.87 17.41 -4.31
C MET B 2 12.07 17.06 -3.05
N THR B 3 10.90 16.46 -3.25
CA THR B 3 10.04 16.08 -2.13
C THR B 3 9.58 17.30 -1.34
N GLN B 4 8.32 17.66 -1.50
CA GLN B 4 7.77 18.82 -0.80
C GLN B 4 6.61 18.40 0.11
N ILE B 5 6.87 18.42 1.41
CA ILE B 5 5.86 18.04 2.40
C ILE B 5 4.57 18.85 2.21
N ILE B 6 3.45 18.14 2.07
CA ILE B 6 2.15 18.78 1.88
C ILE B 6 1.55 19.19 3.21
N HIS B 7 0.98 20.39 3.26
CA HIS B 7 0.36 20.91 4.47
C HIS B 7 -0.68 21.97 4.15
N THR B 8 -1.93 21.53 4.00
CA THR B 8 -3.03 22.45 3.69
C THR B 8 -4.04 22.50 4.83
N GLU B 9 -4.88 23.54 4.82
CA GLU B 9 -5.89 23.71 5.86
C GLU B 9 -7.25 23.18 5.38
N LYS B 10 -7.22 22.18 4.50
CA LYS B 10 -8.44 21.59 3.98
C LYS B 10 -8.58 20.14 4.44
N ALA B 11 -7.47 19.41 4.40
CA ALA B 11 -7.46 18.02 4.81
C ALA B 11 -7.60 17.88 6.32
N PRO B 12 -7.65 16.65 6.84
CA PRO B 12 -7.79 16.39 8.28
C PRO B 12 -6.68 17.03 9.11
N ALA B 13 -5.62 17.47 8.44
CA ALA B 13 -4.48 18.10 9.12
C ALA B 13 -3.59 17.06 9.79
N ALA B 14 -2.38 17.47 10.14
CA ALA B 14 -1.43 16.57 10.79
C ALA B 14 -1.07 17.06 12.18
N ILE B 15 -1.26 16.19 13.16
CA ILE B 15 -0.95 16.51 14.55
C ILE B 15 -0.42 15.30 15.30
N GLY B 16 0.03 14.31 14.54
CA GLY B 16 0.55 13.09 15.14
C GLY B 16 1.77 12.57 14.41
N PRO B 17 1.87 11.25 14.18
CA PRO B 17 3.00 10.63 13.51
C PRO B 17 2.84 10.57 11.98
N TYR B 18 2.16 11.56 11.41
CA TYR B 18 1.94 11.58 9.97
C TYR B 18 1.77 13.01 9.46
N VAL B 19 1.54 13.13 8.15
CA VAL B 19 1.35 14.44 7.53
C VAL B 19 0.19 14.43 6.55
N GLN B 20 -0.07 15.57 5.93
CA GLN B 20 -1.15 15.69 4.96
C GLN B 20 -0.84 14.90 3.69
N ALA B 21 0.35 15.10 3.15
CA ALA B 21 0.76 14.41 1.94
C ALA B 21 2.22 14.73 1.59
N VAL B 22 2.68 14.18 0.48
CA VAL B 22 4.05 14.41 0.04
C VAL B 22 4.12 14.65 -1.47
N ASP B 23 4.98 15.57 -1.88
CA ASP B 23 5.14 15.90 -3.29
C ASP B 23 6.55 15.58 -3.77
N LEU B 24 6.74 14.37 -4.27
CA LEU B 24 8.04 13.94 -4.77
C LEU B 24 8.44 14.73 -6.01
N GLY B 25 7.45 15.33 -6.68
CA GLY B 25 7.73 16.10 -7.87
C GLY B 25 6.77 15.76 -9.00
N ASN B 26 7.28 15.08 -10.02
CA ASN B 26 6.47 14.68 -11.15
C ASN B 26 5.30 13.81 -10.67
N LEU B 27 5.54 13.08 -9.59
CA LEU B 27 4.53 12.20 -9.02
C LEU B 27 4.29 12.54 -7.55
N VAL B 28 3.04 12.82 -7.20
CA VAL B 28 2.67 13.15 -5.83
C VAL B 28 1.96 12.00 -5.16
N LEU B 29 1.73 12.14 -3.85
CA LEU B 29 1.05 11.09 -3.08
C LEU B 29 0.18 11.72 -1.99
N THR B 30 -0.72 10.92 -1.43
CA THR B 30 -1.61 11.40 -0.38
C THR B 30 -1.76 10.35 0.73
N SER B 31 -1.86 10.82 1.96
CA SER B 31 -2.01 9.93 3.11
C SER B 31 -3.41 9.32 3.13
N GLY B 32 -3.66 8.47 4.14
CA GLY B 32 -4.96 7.83 4.26
C GLY B 32 -6.03 8.78 4.77
N GLN B 33 -6.77 9.37 3.84
CA GLN B 33 -7.84 10.31 4.21
C GLN B 33 -8.97 9.60 4.94
N ILE B 34 -9.83 10.37 5.57
CA ILE B 34 -10.95 9.82 6.32
C ILE B 34 -12.05 10.86 6.53
N PRO B 35 -13.30 10.40 6.77
CA PRO B 35 -14.45 11.29 6.99
C PRO B 35 -14.25 12.23 8.16
N VAL B 36 -13.26 11.94 9.01
CA VAL B 36 -12.99 12.77 10.18
C VAL B 36 -12.89 14.25 9.79
N ASN B 37 -14.04 14.93 9.82
CA ASN B 37 -14.09 16.36 9.47
C ASN B 37 -12.94 17.14 10.10
N PRO B 38 -12.07 17.73 9.27
CA PRO B 38 -10.93 18.51 9.75
C PRO B 38 -11.37 19.67 10.65
N ALA B 39 -12.66 19.98 10.61
CA ALA B 39 -13.21 21.08 11.41
C ALA B 39 -13.56 20.60 12.81
N THR B 40 -13.88 19.33 12.95
CA THR B 40 -14.24 18.79 14.27
C THR B 40 -14.05 17.28 14.33
N GLY B 41 -14.27 16.60 13.21
CA GLY B 41 -14.13 15.16 13.17
C GLY B 41 -15.45 14.48 13.43
N GLU B 42 -16.39 14.65 12.51
CA GLU B 42 -17.72 14.04 12.64
C GLU B 42 -17.69 12.56 12.31
N VAL B 43 -17.40 12.26 11.05
CA VAL B 43 -17.34 10.87 10.60
C VAL B 43 -18.74 10.25 10.57
N PRO B 44 -19.65 10.81 9.74
CA PRO B 44 -21.02 10.30 9.62
C PRO B 44 -21.06 8.81 9.30
N ALA B 45 -22.15 8.16 9.69
CA ALA B 45 -22.32 6.73 9.45
C ALA B 45 -22.68 6.48 7.98
N ASP B 46 -23.37 7.44 7.39
CA ASP B 46 -23.78 7.34 5.99
C ASP B 46 -22.58 7.08 5.09
N ILE B 47 -22.37 5.81 4.80
CA ILE B 47 -21.28 5.37 3.95
C ILE B 47 -21.06 6.30 2.75
N VAL B 48 -22.16 6.89 2.26
CA VAL B 48 -22.09 7.80 1.14
C VAL B 48 -21.63 9.19 1.60
N ALA B 49 -22.27 9.69 2.66
CA ALA B 49 -21.93 11.00 3.20
C ALA B 49 -20.48 11.03 3.67
N GLN B 50 -20.09 10.02 4.44
CA GLN B 50 -18.73 9.93 4.95
C GLN B 50 -17.74 9.73 3.81
N ALA B 51 -18.18 9.01 2.79
CA ALA B 51 -17.33 8.75 1.62
C ALA B 51 -17.16 10.01 0.78
N ARG B 52 -18.21 10.81 0.71
CA ARG B 52 -18.17 12.06 -0.06
C ARG B 52 -17.20 13.05 0.57
N GLN B 53 -17.29 13.19 1.89
CA GLN B 53 -16.41 14.10 2.62
C GLN B 53 -14.98 13.61 2.58
N SER B 54 -14.80 12.30 2.70
CA SER B 54 -13.46 11.71 2.67
C SER B 54 -12.85 11.80 1.28
N LEU B 55 -13.71 11.74 0.27
CA LEU B 55 -13.27 11.82 -1.12
C LEU B 55 -12.80 13.24 -1.46
N GLU B 56 -13.57 14.22 -1.03
CA GLU B 56 -13.24 15.63 -1.28
C GLU B 56 -11.92 15.99 -0.64
N ASN B 57 -11.70 15.51 0.59
CA ASN B 57 -10.47 15.78 1.32
C ASN B 57 -9.26 15.26 0.54
N VAL B 58 -9.42 14.11 -0.09
CA VAL B 58 -8.34 13.52 -0.88
C VAL B 58 -7.93 14.44 -2.02
N LYS B 59 -8.91 15.08 -2.63
CA LYS B 59 -8.66 15.99 -3.74
C LYS B 59 -8.19 17.36 -3.23
N ALA B 60 -8.67 17.73 -2.04
CA ALA B 60 -8.29 19.01 -1.44
C ALA B 60 -6.78 19.10 -1.26
N ILE B 61 -6.18 18.00 -0.82
CA ILE B 61 -4.74 17.95 -0.62
C ILE B 61 -4.00 17.96 -1.96
N ILE B 62 -4.52 17.20 -2.90
CA ILE B 62 -3.93 17.12 -4.23
C ILE B 62 -4.09 18.44 -4.97
N GLU B 63 -5.20 19.13 -4.71
CA GLU B 63 -5.47 20.40 -5.34
C GLU B 63 -4.54 21.48 -4.78
N LYS B 64 -4.36 21.46 -3.46
CA LYS B 64 -3.49 22.42 -2.80
C LYS B 64 -2.06 22.27 -3.31
N ALA B 65 -1.75 21.10 -3.87
CA ALA B 65 -0.42 20.84 -4.39
C ALA B 65 -0.33 21.26 -5.86
N GLY B 66 -1.46 21.20 -6.56
CA GLY B 66 -1.50 21.58 -7.96
C GLY B 66 -1.85 20.42 -8.86
N LEU B 67 -2.96 19.75 -8.57
CA LEU B 67 -3.41 18.62 -9.37
C LEU B 67 -4.89 18.33 -9.11
N THR B 68 -5.36 17.22 -9.68
CA THR B 68 -6.76 16.82 -9.51
C THR B 68 -6.88 15.32 -9.36
N ALA B 69 -8.03 14.86 -8.91
CA ALA B 69 -8.28 13.44 -8.72
C ALA B 69 -8.11 12.68 -10.04
N ALA B 70 -8.45 13.34 -11.14
CA ALA B 70 -8.34 12.73 -12.47
C ALA B 70 -6.91 12.27 -12.73
N ASP B 71 -5.95 12.91 -12.08
CA ASP B 71 -4.54 12.57 -12.25
C ASP B 71 -4.16 11.38 -11.38
N ILE B 72 -4.93 11.14 -10.31
CA ILE B 72 -4.66 10.04 -9.41
C ILE B 72 -4.56 8.71 -10.16
N VAL B 73 -3.36 8.16 -10.21
CA VAL B 73 -3.12 6.90 -10.90
C VAL B 73 -3.58 5.69 -10.07
N LYS B 74 -3.21 5.68 -8.79
CA LYS B 74 -3.57 4.58 -7.90
C LYS B 74 -4.43 5.07 -6.73
N THR B 75 -5.24 4.18 -6.16
CA THR B 75 -6.11 4.54 -5.03
C THR B 75 -6.44 3.33 -4.16
N THR B 76 -5.78 3.22 -3.01
CA THR B 76 -6.03 2.13 -2.08
C THR B 76 -7.41 2.28 -1.45
N VAL B 77 -8.25 1.26 -1.58
CA VAL B 77 -9.60 1.33 -1.03
C VAL B 77 -9.79 0.37 0.14
N PHE B 78 -9.96 0.95 1.33
CA PHE B 78 -10.19 0.16 2.54
C PHE B 78 -11.62 0.33 3.02
N VAL B 79 -12.27 -0.79 3.35
CA VAL B 79 -13.66 -0.75 3.80
C VAL B 79 -13.86 -1.54 5.09
N LYS B 80 -14.82 -1.11 5.88
CA LYS B 80 -15.13 -1.79 7.14
C LYS B 80 -16.16 -2.89 6.88
N ASP B 81 -16.58 -3.01 5.63
CA ASP B 81 -17.56 -4.02 5.25
C ASP B 81 -17.75 -4.03 3.73
N LEU B 82 -17.44 -5.17 3.11
CA LEU B 82 -17.57 -5.30 1.66
C LEU B 82 -19.01 -5.13 1.21
N ASN B 83 -19.94 -5.19 2.16
CA ASN B 83 -21.35 -5.02 1.85
C ASN B 83 -21.66 -3.55 1.56
N ASP B 84 -20.80 -2.66 2.04
CA ASP B 84 -20.97 -1.24 1.82
C ASP B 84 -20.34 -0.80 0.50
N PHE B 85 -19.43 -1.64 -0.02
CA PHE B 85 -18.74 -1.33 -1.27
C PHE B 85 -19.73 -1.03 -2.38
N ALA B 86 -20.91 -1.65 -2.30
CA ALA B 86 -21.95 -1.45 -3.32
C ALA B 86 -22.35 0.01 -3.41
N ALA B 87 -22.34 0.70 -2.27
CA ALA B 87 -22.72 2.10 -2.22
C ALA B 87 -21.51 3.00 -2.51
N VAL B 88 -20.37 2.67 -1.92
CA VAL B 88 -19.16 3.44 -2.12
C VAL B 88 -18.64 3.31 -3.54
N ASN B 89 -18.60 2.08 -4.04
CA ASN B 89 -18.12 1.80 -5.39
C ASN B 89 -19.00 2.49 -6.43
N ALA B 90 -20.31 2.48 -6.18
CA ALA B 90 -21.26 3.09 -7.10
C ALA B 90 -21.15 4.61 -7.10
N GLU B 91 -20.86 5.18 -5.94
CA GLU B 91 -20.72 6.62 -5.81
C GLU B 91 -19.29 7.09 -6.06
N TYR B 92 -18.35 6.14 -6.04
CA TYR B 92 -16.95 6.46 -6.26
C TYR B 92 -16.64 6.60 -7.75
N GLU B 93 -17.26 5.74 -8.56
CA GLU B 93 -17.04 5.77 -10.01
C GLU B 93 -17.92 6.81 -10.69
N ARG B 94 -19.06 7.11 -10.09
CA ARG B 94 -19.99 8.08 -10.65
C ARG B 94 -19.52 9.51 -10.44
N PHE B 95 -18.69 9.73 -9.41
CA PHE B 95 -18.18 11.06 -9.13
C PHE B 95 -16.94 11.36 -9.96
N PHE B 96 -16.10 10.34 -10.15
CA PHE B 96 -14.88 10.50 -10.94
C PHE B 96 -15.24 11.02 -12.33
N LYS B 97 -16.12 10.30 -13.00
CA LYS B 97 -16.56 10.68 -14.33
C LYS B 97 -17.23 12.05 -14.29
N GLU B 98 -17.90 12.34 -13.18
CA GLU B 98 -18.57 13.62 -13.00
C GLU B 98 -17.55 14.70 -12.62
N ASN B 99 -16.31 14.27 -12.39
CA ASN B 99 -15.24 15.20 -12.02
C ASN B 99 -14.21 15.28 -13.14
N ASN B 100 -14.41 14.45 -14.17
CA ASN B 100 -13.50 14.39 -15.32
C ASN B 100 -12.34 13.45 -15.01
N HIS B 101 -12.63 12.44 -14.20
CA HIS B 101 -11.64 11.45 -13.80
C HIS B 101 -12.01 10.07 -14.33
N PRO B 102 -12.25 9.96 -15.65
CA PRO B 102 -12.63 8.68 -16.29
C PRO B 102 -11.46 7.69 -16.33
N ASN B 103 -10.23 8.22 -16.26
CA ASN B 103 -9.04 7.38 -16.28
C ASN B 103 -9.15 6.24 -15.28
N PHE B 104 -9.82 6.51 -14.17
CA PHE B 104 -10.01 5.52 -13.11
C PHE B 104 -8.67 5.13 -12.47
N PRO B 105 -8.60 5.14 -11.14
CA PRO B 105 -7.38 4.79 -10.40
C PRO B 105 -7.30 3.29 -10.11
N ALA B 106 -6.12 2.72 -10.36
CA ALA B 106 -5.90 1.30 -10.12
C ALA B 106 -5.21 1.07 -8.78
N ARG B 107 -5.78 0.20 -7.97
CA ARG B 107 -5.20 -0.12 -6.67
C ARG B 107 -5.77 -1.43 -6.13
N SER B 108 -5.58 -1.65 -4.83
CA SER B 108 -6.06 -2.87 -4.19
C SER B 108 -7.13 -2.55 -3.14
N CYS B 109 -8.35 -2.99 -3.39
CA CYS B 109 -9.45 -2.76 -2.48
C CYS B 109 -9.60 -3.94 -1.51
N VAL B 110 -9.83 -3.64 -0.24
CA VAL B 110 -9.99 -4.69 0.76
C VAL B 110 -10.79 -4.21 1.96
N GLU B 111 -11.35 -5.17 2.69
CA GLU B 111 -12.14 -4.86 3.88
C GLU B 111 -11.31 -5.03 5.14
N VAL B 112 -10.58 -3.98 5.52
CA VAL B 112 -9.75 -4.02 6.71
C VAL B 112 -10.56 -4.37 7.94
N ALA B 113 -9.88 -4.89 8.97
CA ALA B 113 -10.54 -5.26 10.22
C ALA B 113 -11.09 -4.03 10.93
N ARG B 114 -10.36 -2.93 10.85
CA ARG B 114 -10.78 -1.68 11.49
C ARG B 114 -10.12 -0.48 10.81
N LEU B 115 -10.40 0.71 11.33
CA LEU B 115 -9.82 1.93 10.78
C LEU B 115 -9.62 2.98 11.87
N PRO B 116 -8.64 3.88 11.69
CA PRO B 116 -8.35 4.93 12.66
C PRO B 116 -9.53 5.88 12.84
N LYS B 117 -9.79 6.24 14.10
CA LYS B 117 -10.89 7.15 14.44
C LYS B 117 -12.24 6.43 14.34
N ASP B 118 -12.20 5.11 14.27
CA ASP B 118 -13.42 4.31 14.17
C ASP B 118 -14.14 4.58 12.85
N VAL B 119 -13.45 5.24 11.91
CA VAL B 119 -14.04 5.54 10.61
C VAL B 119 -14.50 4.27 9.90
N GLY B 120 -15.45 4.41 8.98
CA GLY B 120 -15.95 3.26 8.26
C GLY B 120 -15.30 3.08 6.90
N LEU B 121 -14.24 3.85 6.63
CA LEU B 121 -13.54 3.76 5.36
C LEU B 121 -12.32 4.67 5.33
N GLU B 122 -11.29 4.24 4.60
CA GLU B 122 -10.07 5.02 4.46
C GLU B 122 -9.74 5.22 2.99
N ILE B 123 -9.08 6.33 2.67
CA ILE B 123 -8.74 6.63 1.28
C ILE B 123 -7.26 6.96 1.11
N GLU B 124 -6.58 6.18 0.28
CA GLU B 124 -5.16 6.40 -0.02
C GLU B 124 -4.97 6.37 -1.52
N ALA B 125 -4.05 7.19 -2.04
CA ALA B 125 -3.84 7.22 -3.48
C ALA B 125 -2.59 8.00 -3.87
N ILE B 126 -2.21 7.84 -5.14
CA ILE B 126 -1.04 8.51 -5.69
C ILE B 126 -1.46 9.33 -6.91
N ALA B 127 -0.82 10.47 -7.11
CA ALA B 127 -1.15 11.33 -8.24
C ALA B 127 0.07 11.63 -9.10
N VAL B 128 -0.17 11.79 -10.40
CA VAL B 128 0.90 12.09 -11.35
C VAL B 128 0.72 13.48 -11.95
N ARG B 129 1.83 14.17 -12.17
CA ARG B 129 1.79 15.51 -12.74
C ARG B 129 2.63 15.59 -14.02
N LYS B 130 2.45 14.61 -14.90
CA LYS B 130 3.18 14.56 -16.15
C LYS B 130 2.30 14.02 -17.28
N MET C 1 3.99 13.52 -22.73
CA MET C 1 3.27 13.24 -21.47
C MET C 1 3.56 11.82 -20.99
N MET C 2 3.74 11.67 -19.68
CA MET C 2 4.02 10.36 -19.09
C MET C 2 2.74 9.71 -18.57
N THR C 3 2.90 8.61 -17.84
CA THR C 3 1.75 7.89 -17.29
C THR C 3 0.86 7.34 -18.40
N GLN C 4 0.91 6.04 -18.61
CA GLN C 4 0.11 5.40 -19.65
C GLN C 4 -0.85 4.37 -19.04
N ILE C 5 -2.13 4.72 -19.02
CA ILE C 5 -3.15 3.83 -18.46
C ILE C 5 -3.09 2.44 -19.11
N ILE C 6 -2.98 1.42 -18.28
CA ILE C 6 -2.92 0.05 -18.76
C ILE C 6 -4.32 -0.52 -19.02
N HIS C 7 -4.47 -1.22 -20.14
CA HIS C 7 -5.75 -1.81 -20.49
C HIS C 7 -5.55 -2.99 -21.43
N THR C 8 -5.46 -4.20 -20.86
CA THR C 8 -5.28 -5.41 -21.64
C THR C 8 -6.48 -6.33 -21.51
N GLU C 9 -6.59 -7.29 -22.42
CA GLU C 9 -7.70 -8.24 -22.40
C GLU C 9 -7.29 -9.54 -21.73
N LYS C 10 -6.35 -9.47 -20.80
CA LYS C 10 -5.87 -10.64 -20.09
C LYS C 10 -6.24 -10.57 -18.61
N ALA C 11 -6.09 -9.38 -18.03
CA ALA C 11 -6.41 -9.18 -16.62
C ALA C 11 -7.93 -9.19 -16.40
N PRO C 12 -8.37 -9.04 -15.14
CA PRO C 12 -9.79 -9.04 -14.79
C PRO C 12 -10.59 -7.96 -15.52
N ALA C 13 -9.87 -7.01 -16.13
CA ALA C 13 -10.51 -5.92 -16.87
C ALA C 13 -11.06 -4.86 -15.91
N ALA C 14 -11.35 -3.69 -16.45
CA ALA C 14 -11.87 -2.59 -15.65
C ALA C 14 -13.27 -2.19 -16.11
N ILE C 15 -14.21 -2.19 -15.17
CA ILE C 15 -15.58 -1.83 -15.45
C ILE C 15 -16.22 -1.09 -14.27
N GLY C 16 -15.37 -0.59 -13.38
CA GLY C 16 -15.85 0.13 -12.22
C GLY C 16 -15.01 1.35 -11.90
N PRO C 17 -14.71 1.59 -10.61
CA PRO C 17 -13.92 2.73 -10.18
C PRO C 17 -12.41 2.46 -10.18
N TYR C 18 -11.94 1.62 -11.10
CA TYR C 18 -10.52 1.30 -11.17
C TYR C 18 -10.11 0.92 -12.59
N VAL C 19 -8.84 0.58 -12.76
CA VAL C 19 -8.32 0.19 -14.06
C VAL C 19 -7.41 -1.03 -13.95
N GLN C 20 -6.88 -1.48 -15.09
CA GLN C 20 -6.00 -2.64 -15.12
C GLN C 20 -4.67 -2.33 -14.44
N ALA C 21 -4.06 -1.22 -14.82
CA ALA C 21 -2.78 -0.81 -14.25
C ALA C 21 -2.36 0.56 -14.76
N VAL C 22 -1.18 1.02 -14.35
CA VAL C 22 -0.68 2.32 -14.76
C VAL C 22 0.80 2.24 -15.10
N ASP C 23 1.21 2.97 -16.14
CA ASP C 23 2.61 2.98 -16.56
C ASP C 23 3.20 4.39 -16.45
N LEU C 24 3.79 4.68 -15.30
CA LEU C 24 4.40 5.99 -15.06
C LEU C 24 5.61 6.20 -15.97
N GLY C 25 6.17 5.11 -16.47
CA GLY C 25 7.32 5.20 -17.34
C GLY C 25 8.41 4.23 -16.94
N ASN C 26 9.50 4.75 -16.39
CA ASN C 26 10.60 3.89 -15.95
C ASN C 26 10.11 2.89 -14.93
N LEU C 27 9.09 3.28 -14.17
CA LEU C 27 8.51 2.42 -13.14
C LEU C 27 7.01 2.24 -13.37
N VAL C 28 6.58 0.99 -13.47
CA VAL C 28 5.17 0.70 -13.68
C VAL C 28 4.52 0.17 -12.41
N LEU C 29 3.19 0.02 -12.43
CA LEU C 29 2.45 -0.47 -11.28
C LEU C 29 1.28 -1.33 -11.73
N THR C 30 0.71 -2.09 -10.80
CA THR C 30 -0.43 -2.96 -11.10
C THR C 30 -1.46 -2.90 -9.98
N SER C 31 -2.73 -2.97 -10.37
CA SER C 31 -3.83 -2.93 -9.39
C SER C 31 -3.90 -4.24 -8.61
N GLY C 32 -4.86 -4.32 -7.69
CA GLY C 32 -5.02 -5.52 -6.89
C GLY C 32 -5.67 -6.65 -7.67
N GLN C 33 -4.84 -7.53 -8.23
CA GLN C 33 -5.33 -8.66 -9.00
C GLN C 33 -6.08 -9.64 -8.11
N ILE C 34 -6.84 -10.54 -8.74
CA ILE C 34 -7.62 -11.53 -8.01
C ILE C 34 -7.97 -12.72 -8.89
N PRO C 35 -8.26 -13.89 -8.28
CA PRO C 35 -8.61 -15.11 -9.00
C PRO C 35 -9.84 -14.95 -9.89
N VAL C 36 -10.60 -13.87 -9.67
CA VAL C 36 -11.80 -13.60 -10.46
C VAL C 36 -11.51 -13.71 -11.95
N ASN C 37 -11.66 -14.91 -12.50
CA ASN C 37 -11.41 -15.16 -13.91
C ASN C 37 -12.00 -14.07 -14.80
N PRO C 38 -11.17 -13.33 -15.54
CA PRO C 38 -11.63 -12.26 -16.42
C PRO C 38 -12.62 -12.76 -17.47
N ALA C 39 -12.70 -14.08 -17.62
CA ALA C 39 -13.60 -14.68 -18.59
C ALA C 39 -14.99 -14.89 -18.00
N THR C 40 -15.06 -15.03 -16.67
CA THR C 40 -16.36 -15.23 -16.03
C THR C 40 -16.31 -14.86 -14.54
N GLY C 41 -15.16 -15.09 -13.92
CA GLY C 41 -15.01 -14.79 -12.50
C GLY C 41 -15.31 -16.00 -11.66
N GLU C 42 -14.47 -17.01 -11.76
CA GLU C 42 -14.65 -18.24 -11.01
C GLU C 42 -14.22 -18.07 -9.56
N VAL C 43 -12.93 -17.84 -9.37
CA VAL C 43 -12.37 -17.66 -8.04
C VAL C 43 -12.38 -18.98 -7.25
N PRO C 44 -11.66 -20.00 -7.74
CA PRO C 44 -11.59 -21.31 -7.09
C PRO C 44 -11.17 -21.20 -5.63
N ALA C 45 -11.59 -22.18 -4.82
CA ALA C 45 -11.26 -22.20 -3.41
C ALA C 45 -9.81 -22.63 -3.20
N ASP C 46 -9.32 -23.47 -4.11
CA ASP C 46 -7.95 -23.97 -4.05
C ASP C 46 -6.97 -22.82 -3.98
N ILE C 47 -6.56 -22.49 -2.77
CA ILE C 47 -5.62 -21.41 -2.52
C ILE C 47 -4.49 -21.39 -3.55
N VAL C 48 -4.11 -22.57 -4.02
CA VAL C 48 -3.05 -22.69 -5.01
C VAL C 48 -3.57 -22.38 -6.41
N ALA C 49 -4.70 -22.98 -6.76
CA ALA C 49 -5.32 -22.76 -8.07
C ALA C 49 -5.69 -21.30 -8.24
N GLN C 50 -6.35 -20.74 -7.24
CA GLN C 50 -6.77 -19.34 -7.28
C GLN C 50 -5.55 -18.42 -7.27
N ALA C 51 -4.51 -18.85 -6.56
CA ALA C 51 -3.28 -18.07 -6.47
C ALA C 51 -2.51 -18.10 -7.79
N ARG C 52 -2.56 -19.24 -8.46
CA ARG C 52 -1.87 -19.39 -9.75
C ARG C 52 -2.50 -18.50 -10.81
N GLN C 53 -3.83 -18.51 -10.86
CA GLN C 53 -4.56 -17.70 -11.83
C GLN C 53 -4.39 -16.21 -11.52
N SER C 54 -4.41 -15.88 -10.23
CA SER C 54 -4.27 -14.50 -9.80
C SER C 54 -2.84 -14.01 -10.05
N LEU C 55 -1.88 -14.92 -9.95
CA LEU C 55 -0.47 -14.59 -10.16
C LEU C 55 -0.21 -14.31 -11.64
N GLU C 56 -0.74 -15.16 -12.50
CA GLU C 56 -0.56 -15.01 -13.94
C GLU C 56 -1.14 -13.69 -14.42
N ASN C 57 -2.31 -13.34 -13.90
CA ASN C 57 -2.97 -12.09 -14.28
C ASN C 57 -2.08 -10.89 -13.96
N VAL C 58 -1.38 -10.96 -12.83
CA VAL C 58 -0.50 -9.88 -12.41
C VAL C 58 0.61 -9.67 -13.42
N LYS C 59 1.11 -10.76 -13.99
CA LYS C 59 2.17 -10.70 -14.99
C LYS C 59 1.60 -10.34 -16.36
N ALA C 60 0.36 -10.77 -16.61
CA ALA C 60 -0.29 -10.51 -17.89
C ALA C 60 -0.38 -9.00 -18.14
N ILE C 61 -0.70 -8.25 -17.10
CA ILE C 61 -0.82 -6.80 -17.21
C ILE C 61 0.56 -6.18 -17.38
N ILE C 62 1.52 -6.67 -16.62
CA ILE C 62 2.89 -6.16 -16.69
C ILE C 62 3.53 -6.52 -18.02
N GLU C 63 3.15 -7.68 -18.55
CA GLU C 63 3.68 -8.15 -19.83
C GLU C 63 3.12 -7.31 -20.96
N LYS C 64 1.81 -7.04 -20.89
CA LYS C 64 1.15 -6.23 -21.91
C LYS C 64 1.75 -4.84 -21.97
N ALA C 65 2.41 -4.44 -20.87
CA ALA C 65 3.04 -3.13 -20.80
C ALA C 65 4.48 -3.19 -21.31
N GLY C 66 5.10 -4.35 -21.16
CA GLY C 66 6.47 -4.53 -21.61
C GLY C 66 7.42 -4.82 -20.48
N LEU C 67 7.09 -5.82 -19.66
CA LEU C 67 7.93 -6.18 -18.53
C LEU C 67 7.61 -7.59 -18.05
N THR C 68 8.21 -7.99 -16.94
CA THR C 68 8.00 -9.31 -16.36
C THR C 68 7.93 -9.24 -14.84
N ALA C 69 7.44 -10.31 -14.23
CA ALA C 69 7.33 -10.36 -12.78
C ALA C 69 8.70 -10.20 -12.12
N ALA C 70 9.73 -10.70 -12.80
CA ALA C 70 11.10 -10.62 -12.29
C ALA C 70 11.49 -9.16 -12.01
N ASP C 71 10.86 -8.24 -12.73
CA ASP C 71 11.14 -6.82 -12.56
C ASP C 71 10.37 -6.23 -11.38
N ILE C 72 9.28 -6.90 -11.00
CA ILE C 72 8.45 -6.43 -9.89
C ILE C 72 9.29 -6.24 -8.62
N VAL C 73 9.46 -4.99 -8.22
CA VAL C 73 10.24 -4.67 -7.04
C VAL C 73 9.45 -4.91 -5.74
N LYS C 74 8.21 -4.46 -5.71
CA LYS C 74 7.36 -4.63 -4.53
C LYS C 74 6.11 -5.44 -4.84
N THR C 75 5.55 -6.10 -3.82
CA THR C 75 4.35 -6.93 -4.01
C THR C 75 3.54 -7.06 -2.74
N THR C 76 2.44 -6.30 -2.65
CA THR C 76 1.57 -6.37 -1.47
C THR C 76 0.84 -7.70 -1.43
N VAL C 77 0.99 -8.42 -0.33
CA VAL C 77 0.35 -9.73 -0.20
C VAL C 77 -0.78 -9.72 0.83
N PHE C 78 -2.00 -9.89 0.35
CA PHE C 78 -3.18 -9.92 1.23
C PHE C 78 -3.75 -11.34 1.26
N VAL C 79 -4.05 -11.83 2.46
CA VAL C 79 -4.60 -13.16 2.61
C VAL C 79 -5.84 -13.18 3.49
N LYS C 80 -6.72 -14.13 3.23
CA LYS C 80 -7.95 -14.27 4.01
C LYS C 80 -7.69 -15.17 5.21
N ASP C 81 -6.47 -15.68 5.31
CA ASP C 81 -6.08 -16.55 6.40
C ASP C 81 -4.58 -16.84 6.35
N LEU C 82 -3.87 -16.45 7.40
CA LEU C 82 -2.43 -16.66 7.48
C LEU C 82 -2.08 -18.15 7.45
N ASN C 83 -3.09 -18.99 7.67
CA ASN C 83 -2.88 -20.44 7.66
C ASN C 83 -2.69 -20.94 6.23
N ASP C 84 -3.19 -20.15 5.27
CA ASP C 84 -3.06 -20.50 3.86
C ASP C 84 -1.74 -20.01 3.29
N PHE C 85 -1.11 -19.05 3.97
CA PHE C 85 0.16 -18.50 3.53
C PHE C 85 1.19 -19.60 3.28
N ALA C 86 1.09 -20.68 4.05
CA ALA C 86 2.01 -21.80 3.91
C ALA C 86 1.97 -22.37 2.50
N ALA C 87 0.80 -22.37 1.89
CA ALA C 87 0.64 -22.89 0.54
C ALA C 87 0.95 -21.84 -0.52
N VAL C 88 0.46 -20.62 -0.28
CA VAL C 88 0.68 -19.52 -1.21
C VAL C 88 2.15 -19.08 -1.22
N ASN C 89 2.72 -18.95 -0.03
CA ASN C 89 4.11 -18.53 0.11
C ASN C 89 5.05 -19.56 -0.52
N ALA C 90 4.71 -20.84 -0.35
CA ALA C 90 5.54 -21.92 -0.88
C ALA C 90 5.45 -21.98 -2.41
N GLU C 91 4.27 -21.67 -2.94
CA GLU C 91 4.06 -21.71 -4.39
C GLU C 91 4.37 -20.36 -5.03
N TYR C 92 4.47 -19.31 -4.21
CA TYR C 92 4.76 -17.97 -4.70
C TYR C 92 6.25 -17.79 -4.96
N GLU C 93 7.08 -18.36 -4.09
CA GLU C 93 8.53 -18.25 -4.21
C GLU C 93 9.08 -19.30 -5.18
N ARG C 94 8.40 -20.42 -5.29
CA ARG C 94 8.83 -21.49 -6.17
C ARG C 94 8.56 -21.17 -7.65
N PHE C 95 7.58 -20.31 -7.90
CA PHE C 95 7.24 -19.94 -9.27
C PHE C 95 8.13 -18.80 -9.76
N PHE C 96 8.44 -17.86 -8.86
CA PHE C 96 9.30 -16.74 -9.21
C PHE C 96 10.63 -17.24 -9.75
N LYS C 97 11.28 -18.08 -8.97
CA LYS C 97 12.56 -18.65 -9.37
C LYS C 97 12.39 -19.47 -10.64
N GLU C 98 11.22 -20.09 -10.79
CA GLU C 98 10.92 -20.88 -11.97
C GLU C 98 10.54 -19.98 -13.14
N ASN C 99 10.40 -18.69 -12.86
CA ASN C 99 10.05 -17.71 -13.88
C ASN C 99 11.23 -16.78 -14.15
N ASN C 100 12.30 -16.94 -13.37
CA ASN C 100 13.50 -16.12 -13.47
C ASN C 100 13.32 -14.84 -12.66
N HIS C 101 12.56 -14.95 -11.58
CA HIS C 101 12.30 -13.83 -10.70
C HIS C 101 12.89 -14.07 -9.31
N PRO C 102 14.19 -14.40 -9.24
CA PRO C 102 14.88 -14.65 -7.97
C PRO C 102 15.07 -13.39 -7.14
N ASN C 103 15.03 -12.24 -7.80
CA ASN C 103 15.19 -10.95 -7.11
C ASN C 103 14.25 -10.86 -5.92
N PHE C 104 13.08 -11.48 -6.05
CA PHE C 104 12.08 -11.47 -4.98
C PHE C 104 11.56 -10.07 -4.71
N PRO C 105 10.23 -9.90 -4.65
CA PRO C 105 9.61 -8.60 -4.41
C PRO C 105 9.41 -8.31 -2.93
N ALA C 106 9.77 -7.11 -2.52
CA ALA C 106 9.64 -6.71 -1.12
C ALA C 106 8.36 -5.90 -0.90
N ARG C 107 7.57 -6.31 0.08
CA ARG C 107 6.33 -5.61 0.40
C ARG C 107 5.84 -5.98 1.80
N SER C 108 4.58 -5.67 2.06
CA SER C 108 3.98 -5.96 3.36
C SER C 108 2.85 -6.98 3.23
N CYS C 109 3.05 -8.16 3.79
CA CYS C 109 2.05 -9.21 3.75
C CYS C 109 1.16 -9.14 4.99
N VAL C 110 -0.14 -9.34 4.79
CA VAL C 110 -1.09 -9.28 5.91
C VAL C 110 -2.36 -10.05 5.61
N GLU C 111 -3.07 -10.44 6.66
CA GLU C 111 -4.32 -11.18 6.50
C GLU C 111 -5.51 -10.26 6.65
N VAL C 112 -5.90 -9.63 5.54
CA VAL C 112 -7.03 -8.70 5.54
C VAL C 112 -8.30 -9.39 6.05
N ALA C 113 -9.24 -8.58 6.54
CA ALA C 113 -10.50 -9.10 7.05
C ALA C 113 -11.32 -9.74 5.94
N ARG C 114 -11.27 -9.15 4.75
CA ARG C 114 -12.00 -9.67 3.61
C ARG C 114 -11.37 -9.20 2.30
N LEU C 115 -11.98 -9.58 1.18
CA LEU C 115 -11.46 -9.19 -0.13
C LEU C 115 -12.60 -9.04 -1.13
N PRO C 116 -12.42 -8.19 -2.15
CA PRO C 116 -13.43 -7.95 -3.18
C PRO C 116 -13.76 -9.22 -3.97
N LYS C 117 -15.05 -9.44 -4.23
CA LYS C 117 -15.50 -10.61 -4.97
C LYS C 117 -15.44 -11.87 -4.11
N ASP C 118 -15.29 -11.68 -2.80
CA ASP C 118 -15.22 -12.80 -1.88
C ASP C 118 -13.97 -13.64 -2.12
N VAL C 119 -13.03 -13.11 -2.90
CA VAL C 119 -11.79 -13.81 -3.20
C VAL C 119 -11.04 -14.16 -1.93
N GLY C 120 -10.19 -15.18 -2.00
CA GLY C 120 -9.43 -15.60 -0.84
C GLY C 120 -8.02 -15.03 -0.81
N LEU C 121 -7.74 -14.08 -1.70
CA LEU C 121 -6.42 -13.46 -1.77
C LEU C 121 -6.37 -12.36 -2.83
N GLU C 122 -5.55 -11.35 -2.57
CA GLU C 122 -5.39 -10.24 -3.50
C GLU C 122 -3.91 -10.04 -3.82
N ILE C 123 -3.62 -9.54 -5.01
CA ILE C 123 -2.23 -9.33 -5.42
C ILE C 123 -1.99 -7.92 -5.95
N GLU C 124 -1.08 -7.21 -5.30
CA GLU C 124 -0.70 -5.86 -5.70
C GLU C 124 0.81 -5.77 -5.78
N ALA C 125 1.33 -4.99 -6.73
CA ALA C 125 2.77 -4.89 -6.87
C ALA C 125 3.20 -3.76 -7.81
N ILE C 126 4.49 -3.45 -7.77
CA ILE C 126 5.07 -2.42 -8.62
C ILE C 126 6.22 -3.01 -9.43
N ALA C 127 6.38 -2.53 -10.66
CA ALA C 127 7.43 -3.04 -11.53
C ALA C 127 8.35 -1.93 -12.02
N VAL C 128 9.62 -2.27 -12.22
CA VAL C 128 10.61 -1.31 -12.69
C VAL C 128 11.12 -1.70 -14.08
N ARG C 129 11.36 -0.70 -14.92
CA ARG C 129 11.85 -0.94 -16.27
C ARG C 129 13.16 -0.21 -16.52
N LYS C 130 14.09 -0.34 -15.57
CA LYS C 130 15.39 0.31 -15.69
C LYS C 130 16.49 -0.57 -15.10
N MET A 1 19.30 -3.85 -14.74
CA MET A 1 20.46 -3.44 -13.91
C MET A 1 20.06 -2.34 -12.92
N MET A 2 20.69 -2.35 -11.75
CA MET A 2 20.41 -1.36 -10.72
C MET A 2 18.93 -1.42 -10.30
N THR A 3 18.52 -0.46 -9.47
CA THR A 3 17.14 -0.40 -9.01
C THR A 3 16.78 -1.64 -8.20
N GLN A 4 15.88 -1.47 -7.24
CA GLN A 4 15.43 -2.57 -6.40
C GLN A 4 16.59 -3.20 -5.62
N ILE A 5 16.28 -4.30 -4.93
CA ILE A 5 17.24 -5.05 -4.14
C ILE A 5 17.91 -4.18 -3.05
N ILE A 6 17.74 -4.62 -1.81
CA ILE A 6 18.32 -3.94 -0.65
C ILE A 6 18.64 -4.95 0.45
N HIS A 7 19.83 -4.83 1.04
CA HIS A 7 20.25 -5.74 2.09
C HIS A 7 20.80 -4.97 3.28
N THR A 8 20.45 -5.42 4.49
CA THR A 8 20.92 -4.78 5.71
C THR A 8 21.27 -5.83 6.77
N GLU A 9 22.27 -5.50 7.60
CA GLU A 9 22.71 -6.41 8.65
C GLU A 9 22.06 -6.06 9.98
N LYS A 10 20.80 -5.67 9.92
CA LYS A 10 20.06 -5.31 11.13
C LYS A 10 18.63 -5.86 11.08
N ALA A 11 17.98 -5.69 9.95
CA ALA A 11 16.61 -6.16 9.77
C ALA A 11 16.56 -7.69 9.73
N PRO A 12 15.99 -8.33 10.76
CA PRO A 12 15.88 -9.79 10.82
C PRO A 12 14.99 -10.36 9.73
N ALA A 13 14.23 -9.49 9.08
CA ALA A 13 13.33 -9.89 8.01
C ALA A 13 14.10 -10.54 6.86
N ALA A 14 13.42 -10.71 5.73
CA ALA A 14 14.04 -11.31 4.55
C ALA A 14 14.50 -12.74 4.84
N ILE A 15 15.34 -13.27 3.95
CA ILE A 15 15.86 -14.62 4.08
C ILE A 15 14.83 -15.66 3.67
N GLY A 16 13.81 -15.22 2.95
CA GLY A 16 12.76 -16.11 2.50
C GLY A 16 12.40 -15.86 1.04
N PRO A 17 11.10 -15.82 0.70
CA PRO A 17 10.65 -15.59 -0.66
C PRO A 17 10.57 -14.10 -1.01
N TYR A 18 11.58 -13.35 -0.61
CA TYR A 18 11.64 -11.91 -0.88
C TYR A 18 12.93 -11.30 -0.37
N VAL A 19 13.05 -9.98 -0.50
CA VAL A 19 14.25 -9.28 -0.05
C VAL A 19 13.92 -8.32 1.10
N GLN A 20 14.95 -7.85 1.80
CA GLN A 20 14.77 -6.93 2.92
C GLN A 20 14.00 -5.70 2.47
N ALA A 21 14.44 -5.12 1.36
CA ALA A 21 13.80 -3.93 0.81
C ALA A 21 14.17 -3.75 -0.65
N VAL A 22 13.73 -2.66 -1.26
CA VAL A 22 14.02 -2.39 -2.65
C VAL A 22 14.52 -0.95 -2.85
N ASP A 23 15.63 -0.82 -3.57
CA ASP A 23 16.21 0.49 -3.83
C ASP A 23 15.96 0.93 -5.28
N LEU A 24 14.82 1.56 -5.51
CA LEU A 24 14.46 2.03 -6.85
C LEU A 24 15.49 3.03 -7.38
N GLY A 25 16.26 3.63 -6.46
CA GLY A 25 17.25 4.60 -6.84
C GLY A 25 17.14 5.87 -6.02
N ASN A 26 16.67 6.94 -6.66
CA ASN A 26 16.49 8.22 -5.98
C ASN A 26 15.54 8.03 -4.79
N LEU A 27 14.63 7.08 -4.92
CA LEU A 27 13.66 6.78 -3.88
C LEU A 27 13.73 5.31 -3.49
N VAL A 28 13.70 5.04 -2.19
CA VAL A 28 13.75 3.66 -1.69
C VAL A 28 12.39 3.18 -1.22
N LEU A 29 12.33 1.93 -0.80
CA LEU A 29 11.08 1.34 -0.32
C LEU A 29 11.35 0.15 0.60
N THR A 30 10.66 0.10 1.73
CA THR A 30 10.84 -0.99 2.68
C THR A 30 9.60 -1.89 2.72
N SER A 31 9.83 -3.19 2.79
CA SER A 31 8.75 -4.17 2.84
C SER A 31 8.16 -4.26 4.24
N GLY A 32 7.09 -5.04 4.38
CA GLY A 32 6.46 -5.20 5.69
C GLY A 32 7.39 -5.81 6.71
N GLN A 33 8.20 -4.98 7.34
CA GLN A 33 9.15 -5.45 8.35
C GLN A 33 8.43 -6.17 9.48
N ILE A 34 9.15 -7.09 10.12
CA ILE A 34 8.58 -7.87 11.22
C ILE A 34 9.52 -7.88 12.42
N PRO A 35 8.97 -7.81 13.64
CA PRO A 35 9.77 -7.81 14.87
C PRO A 35 10.22 -9.21 15.29
N VAL A 36 10.88 -9.91 14.38
CA VAL A 36 11.36 -11.25 14.66
C VAL A 36 12.40 -11.21 15.78
N ASN A 37 11.91 -11.25 17.01
CA ASN A 37 12.75 -11.20 18.20
C ASN A 37 14.06 -11.96 18.00
N PRO A 38 15.20 -11.34 18.37
CA PRO A 38 16.52 -11.97 18.23
C PRO A 38 16.71 -13.11 19.21
N ALA A 39 15.83 -13.18 20.21
CA ALA A 39 15.91 -14.21 21.24
C ALA A 39 14.70 -15.15 21.17
N THR A 40 13.61 -14.70 20.55
CA THR A 40 12.41 -15.51 20.42
C THR A 40 12.18 -15.91 18.98
N GLY A 41 12.62 -15.06 18.06
CA GLY A 41 12.46 -15.34 16.64
C GLY A 41 11.01 -15.25 16.20
N GLU A 42 10.35 -14.14 16.52
CA GLU A 42 8.95 -13.97 16.14
C GLU A 42 8.46 -12.54 16.41
N VAL A 43 8.12 -12.27 17.67
CA VAL A 43 7.64 -10.95 18.04
C VAL A 43 7.64 -10.78 19.56
N PRO A 44 8.49 -9.88 20.10
CA PRO A 44 8.59 -9.63 21.53
C PRO A 44 7.22 -9.35 22.15
N ALA A 45 6.98 -9.90 23.34
CA ALA A 45 5.72 -9.71 24.03
C ALA A 45 5.50 -8.24 24.37
N ASP A 46 6.59 -7.53 24.62
CA ASP A 46 6.55 -6.12 24.95
C ASP A 46 6.15 -5.30 23.73
N ILE A 47 4.85 -5.06 23.59
CA ILE A 47 4.31 -4.29 22.48
C ILE A 47 5.18 -3.06 22.21
N VAL A 48 5.74 -2.48 23.27
CA VAL A 48 6.59 -1.31 23.14
C VAL A 48 7.96 -1.70 22.61
N ALA A 49 8.51 -2.77 23.19
CA ALA A 49 9.82 -3.28 22.77
C ALA A 49 9.78 -3.74 21.33
N GLN A 50 8.73 -4.45 20.97
CA GLN A 50 8.55 -4.94 19.62
C GLN A 50 8.28 -3.78 18.67
N ALA A 51 7.62 -2.75 19.19
CA ALA A 51 7.29 -1.57 18.39
C ALA A 51 8.54 -0.76 18.09
N ARG A 52 9.44 -0.67 19.06
CA ARG A 52 10.69 0.07 18.90
C ARG A 52 11.62 -0.65 17.95
N GLN A 53 11.82 -1.95 18.17
CA GLN A 53 12.69 -2.75 17.33
C GLN A 53 12.19 -2.77 15.90
N SER A 54 10.88 -2.60 15.72
CA SER A 54 10.27 -2.60 14.40
C SER A 54 10.73 -1.37 13.61
N LEU A 55 10.70 -0.21 14.25
CA LEU A 55 11.11 1.03 13.61
C LEU A 55 12.61 1.04 13.32
N GLU A 56 13.35 0.22 14.07
CA GLU A 56 14.80 0.14 13.90
C GLU A 56 15.17 -0.59 12.61
N ASN A 57 14.65 -1.80 12.45
CA ASN A 57 14.94 -2.59 11.25
C ASN A 57 14.59 -1.83 9.98
N VAL A 58 13.58 -0.98 10.05
CA VAL A 58 13.16 -0.20 8.89
C VAL A 58 14.21 0.84 8.55
N LYS A 59 14.63 1.61 9.55
CA LYS A 59 15.63 2.65 9.34
C LYS A 59 16.98 2.03 9.01
N ALA A 60 17.26 0.87 9.58
CA ALA A 60 18.52 0.17 9.33
C ALA A 60 18.69 -0.13 7.84
N ILE A 61 17.59 -0.53 7.19
CA ILE A 61 17.63 -0.84 5.77
C ILE A 61 17.94 0.41 4.96
N ILE A 62 17.11 1.44 5.14
CA ILE A 62 17.29 2.69 4.42
C ILE A 62 18.61 3.36 4.84
N GLU A 63 19.07 3.07 6.05
CA GLU A 63 20.32 3.65 6.55
C GLU A 63 21.51 2.91 5.95
N LYS A 64 21.39 1.58 5.88
CA LYS A 64 22.46 0.76 5.32
C LYS A 64 22.59 1.00 3.81
N ALA A 65 21.57 1.61 3.22
CA ALA A 65 21.57 1.90 1.78
C ALA A 65 22.14 3.28 1.51
N GLY A 66 22.01 4.18 2.49
CA GLY A 66 22.51 5.53 2.32
C GLY A 66 21.41 6.57 2.42
N LEU A 67 20.53 6.40 3.40
CA LEU A 67 19.43 7.33 3.60
C LEU A 67 18.93 7.28 5.04
N THR A 68 18.62 8.45 5.59
CA THR A 68 18.12 8.54 6.96
C THR A 68 16.60 8.50 6.99
N ALA A 69 16.04 8.14 8.14
CA ALA A 69 14.59 8.07 8.30
C ALA A 69 13.95 9.42 7.96
N ALA A 70 14.64 10.51 8.30
CA ALA A 70 14.15 11.85 8.02
C ALA A 70 13.69 11.96 6.56
N ASP A 71 14.29 11.16 5.69
CA ASP A 71 13.95 11.17 4.27
C ASP A 71 12.65 10.41 4.01
N ILE A 72 12.36 9.43 4.87
CA ILE A 72 11.14 8.64 4.73
C ILE A 72 9.93 9.53 4.42
N VAL A 73 9.32 9.31 3.26
CA VAL A 73 8.17 10.10 2.84
C VAL A 73 6.86 9.57 3.43
N LYS A 74 6.65 8.26 3.38
CA LYS A 74 5.43 7.65 3.90
C LYS A 74 5.74 6.32 4.58
N THR A 75 4.97 6.00 5.63
CA THR A 75 5.17 4.76 6.37
C THR A 75 3.83 4.14 6.77
N THR A 76 3.54 2.94 6.26
CA THR A 76 2.31 2.24 6.58
C THR A 76 2.47 1.44 7.86
N VAL A 77 1.36 1.04 8.48
CA VAL A 77 1.42 0.27 9.71
C VAL A 77 0.22 -0.66 9.87
N PHE A 78 0.44 -1.94 9.62
CA PHE A 78 -0.62 -2.93 9.74
C PHE A 78 -0.59 -3.57 11.12
N VAL A 79 -1.42 -3.05 12.04
CA VAL A 79 -1.47 -3.56 13.40
C VAL A 79 -2.61 -4.55 13.58
N LYS A 80 -2.39 -5.52 14.47
CA LYS A 80 -3.41 -6.52 14.77
C LYS A 80 -4.45 -5.94 15.72
N ASP A 81 -4.20 -4.73 16.20
CA ASP A 81 -5.10 -4.05 17.11
C ASP A 81 -4.81 -2.56 17.15
N LEU A 82 -5.86 -1.75 17.26
CA LEU A 82 -5.71 -0.31 17.31
C LEU A 82 -5.44 0.18 18.74
N ASN A 83 -5.34 -0.78 19.68
CA ASN A 83 -5.08 -0.44 21.06
C ASN A 83 -3.57 -0.38 21.32
N ASP A 84 -2.79 -0.99 20.44
CA ASP A 84 -1.35 -1.00 20.58
C ASP A 84 -0.72 0.16 19.81
N PHE A 85 -1.39 0.58 18.73
CA PHE A 85 -0.90 1.68 17.91
C PHE A 85 -0.72 2.95 18.74
N ALA A 86 -1.49 3.06 19.82
CA ALA A 86 -1.42 4.22 20.69
C ALA A 86 0.00 4.44 21.22
N ALA A 87 0.70 3.34 21.48
CA ALA A 87 2.07 3.41 21.99
C ALA A 87 3.08 3.48 20.85
N VAL A 88 2.75 2.82 19.73
CA VAL A 88 3.63 2.82 18.58
C VAL A 88 3.63 4.17 17.87
N ASN A 89 2.44 4.76 17.74
CA ASN A 89 2.30 6.06 17.09
C ASN A 89 2.95 7.15 17.93
N ALA A 90 2.79 7.06 19.25
CA ALA A 90 3.36 8.05 20.16
C ALA A 90 4.89 7.95 20.18
N GLU A 91 5.41 6.75 19.96
CA GLU A 91 6.84 6.53 19.96
C GLU A 91 7.44 6.83 18.59
N TYR A 92 6.66 6.58 17.54
CA TYR A 92 7.11 6.83 16.17
C TYR A 92 7.49 8.29 15.98
N GLU A 93 6.61 9.18 16.43
CA GLU A 93 6.84 10.62 16.31
C GLU A 93 7.88 11.10 17.34
N ARG A 94 8.07 10.33 18.39
CA ARG A 94 9.02 10.68 19.45
C ARG A 94 10.46 10.40 19.01
N PHE A 95 10.64 9.37 18.19
CA PHE A 95 11.97 9.00 17.71
C PHE A 95 12.30 9.75 16.42
N PHE A 96 11.27 9.99 15.61
CA PHE A 96 11.45 10.67 14.34
C PHE A 96 12.07 12.05 14.56
N LYS A 97 11.44 12.84 15.42
CA LYS A 97 11.93 14.18 15.70
C LYS A 97 13.24 14.13 16.49
N GLU A 98 13.40 13.10 17.32
CA GLU A 98 14.62 12.96 18.12
C GLU A 98 15.78 12.52 17.22
N ASN A 99 15.46 12.11 16.00
CA ASN A 99 16.48 11.70 15.04
C ASN A 99 16.72 12.79 14.01
N ASN A 100 15.78 13.76 13.99
CA ASN A 100 15.83 14.89 13.06
C ASN A 100 14.94 14.62 11.86
N HIS A 101 13.77 14.05 12.13
CA HIS A 101 12.81 13.70 11.09
C HIS A 101 11.49 14.44 11.32
N PRO A 102 11.53 15.77 11.49
CA PRO A 102 10.33 16.58 11.74
C PRO A 102 9.48 16.77 10.49
N ASN A 103 9.97 16.26 9.35
CA ASN A 103 9.24 16.39 8.09
C ASN A 103 7.87 15.72 8.18
N PHE A 104 7.78 14.67 8.99
CA PHE A 104 6.54 13.93 9.16
C PHE A 104 6.14 13.23 7.85
N PRO A 105 6.17 11.89 7.84
CA PRO A 105 5.83 11.10 6.67
C PRO A 105 4.39 10.61 6.68
N ALA A 106 3.82 10.42 5.50
CA ALA A 106 2.46 9.93 5.39
C ALA A 106 2.35 8.56 6.05
N ARG A 107 1.13 8.13 6.35
CA ARG A 107 0.94 6.84 7.00
C ARG A 107 -0.47 6.30 6.81
N SER A 108 -0.57 5.01 6.54
CA SER A 108 -1.85 4.34 6.34
C SER A 108 -1.95 3.12 7.25
N CYS A 109 -2.36 3.35 8.49
CA CYS A 109 -2.48 2.27 9.45
C CYS A 109 -3.88 1.66 9.43
N VAL A 110 -3.95 0.35 9.66
CA VAL A 110 -5.21 -0.36 9.66
C VAL A 110 -5.15 -1.60 10.54
N GLU A 111 -6.16 -1.77 11.39
CA GLU A 111 -6.22 -2.92 12.29
C GLU A 111 -6.40 -4.21 11.51
N VAL A 112 -5.31 -4.76 10.98
CA VAL A 112 -5.36 -5.99 10.21
C VAL A 112 -5.74 -7.17 11.10
N ALA A 113 -6.18 -8.26 10.47
CA ALA A 113 -6.57 -9.46 11.20
C ALA A 113 -5.36 -10.27 11.61
N ARG A 114 -4.43 -10.44 10.68
CA ARG A 114 -3.21 -11.21 10.94
C ARG A 114 -2.04 -10.65 10.14
N LEU A 115 -0.83 -11.05 10.52
CA LEU A 115 0.37 -10.59 9.84
C LEU A 115 1.38 -11.73 9.70
N PRO A 116 2.33 -11.61 8.75
CA PRO A 116 3.35 -12.63 8.51
C PRO A 116 4.06 -13.06 9.80
N LYS A 117 4.22 -14.36 9.98
CA LYS A 117 4.86 -14.90 11.18
C LYS A 117 4.02 -14.68 12.42
N ASP A 118 2.74 -14.33 12.21
CA ASP A 118 1.83 -14.08 13.31
C ASP A 118 2.33 -12.92 14.18
N VAL A 119 3.23 -12.11 13.62
CA VAL A 119 3.77 -10.96 14.34
C VAL A 119 2.66 -10.06 14.87
N GLY A 120 3.01 -9.18 15.79
CA GLY A 120 2.04 -8.27 16.35
C GLY A 120 1.89 -7.00 15.56
N LEU A 121 2.93 -6.64 14.80
CA LEU A 121 2.90 -5.43 14.00
C LEU A 121 3.83 -5.55 12.79
N GLU A 122 3.43 -4.91 11.70
CA GLU A 122 4.22 -4.92 10.48
C GLU A 122 4.34 -3.49 9.93
N ILE A 123 5.53 -3.12 9.45
CA ILE A 123 5.74 -1.78 8.94
C ILE A 123 6.41 -1.78 7.56
N GLU A 124 5.91 -0.92 6.69
CA GLU A 124 6.45 -0.77 5.34
C GLU A 124 6.39 0.70 4.94
N ALA A 125 7.55 1.34 4.88
CA ALA A 125 7.61 2.75 4.54
C ALA A 125 8.47 3.03 3.32
N ILE A 126 8.27 4.20 2.73
CA ILE A 126 9.02 4.63 1.56
C ILE A 126 9.95 5.79 1.92
N ALA A 127 11.02 5.95 1.16
CA ALA A 127 11.97 7.03 1.43
C ALA A 127 12.49 7.63 0.13
N VAL A 128 12.84 8.92 0.18
CA VAL A 128 13.36 9.62 -0.98
C VAL A 128 14.82 10.01 -0.77
N ARG A 129 15.40 10.66 -1.78
CA ARG A 129 16.79 11.09 -1.70
C ARG A 129 17.09 12.16 -2.74
N LYS A 130 16.19 13.13 -2.87
CA LYS A 130 16.35 14.21 -3.82
C LYS A 130 17.09 15.40 -3.20
N MET B 1 16.11 18.58 0.71
CA MET B 1 15.33 19.74 0.20
C MET B 1 14.25 19.28 -0.78
N MET B 2 13.12 19.99 -0.78
CA MET B 2 12.02 19.65 -1.68
C MET B 2 11.53 18.23 -1.43
N THR B 3 10.62 17.77 -2.28
CA THR B 3 10.06 16.42 -2.14
C THR B 3 9.31 16.27 -0.82
N GLN B 4 8.29 15.42 -0.84
CA GLN B 4 7.50 15.16 0.36
C GLN B 4 6.82 16.43 0.88
N ILE B 5 6.19 16.30 2.04
CA ILE B 5 5.51 17.40 2.70
C ILE B 5 4.41 18.03 1.84
N ILE B 6 3.19 17.99 2.35
CA ILE B 6 2.03 18.57 1.67
C ILE B 6 1.02 19.08 2.69
N HIS B 7 0.49 20.28 2.45
CA HIS B 7 -0.48 20.87 3.37
C HIS B 7 -1.68 21.42 2.60
N THR B 8 -2.88 21.20 3.15
CA THR B 8 -4.11 21.66 2.53
C THR B 8 -5.07 22.22 3.58
N GLU B 9 -5.85 23.21 3.18
CA GLU B 9 -6.82 23.83 4.08
C GLU B 9 -8.21 23.23 3.90
N LYS B 10 -8.26 21.93 3.65
CA LYS B 10 -9.52 21.23 3.44
C LYS B 10 -9.53 19.89 4.16
N ALA B 11 -8.44 19.14 4.01
CA ALA B 11 -8.32 17.84 4.64
C ALA B 11 -8.18 17.97 6.16
N PRO B 12 -9.21 17.54 6.92
CA PRO B 12 -9.19 17.61 8.39
C PRO B 12 -8.11 16.72 9.00
N ALA B 13 -7.57 15.82 8.19
CA ALA B 13 -6.53 14.91 8.65
C ALA B 13 -5.30 15.67 9.13
N ALA B 14 -4.20 14.95 9.32
CA ALA B 14 -2.96 15.55 9.78
C ALA B 14 -3.13 16.20 11.15
N ILE B 15 -2.15 17.03 11.52
CA ILE B 15 -2.17 17.72 12.81
C ILE B 15 -1.76 16.78 13.94
N GLY B 16 -1.13 15.68 13.58
CA GLY B 16 -0.69 14.71 14.57
C GLY B 16 0.72 14.23 14.29
N PRO B 17 0.97 12.91 14.39
CA PRO B 17 2.30 12.34 14.14
C PRO B 17 2.55 12.07 12.67
N TYR B 18 2.17 13.02 11.82
CA TYR B 18 2.35 12.87 10.38
C TYR B 18 1.88 14.12 9.64
N VAL B 19 1.93 14.07 8.31
CA VAL B 19 1.51 15.20 7.49
C VAL B 19 0.29 14.85 6.64
N GLN B 20 -0.37 15.86 6.09
CA GLN B 20 -1.55 15.65 5.25
C GLN B 20 -1.23 14.71 4.10
N ALA B 21 -0.13 15.00 3.41
CA ALA B 21 0.30 14.20 2.29
C ALA B 21 1.77 14.44 1.99
N VAL B 22 2.27 13.84 0.92
CA VAL B 22 3.67 14.00 0.54
C VAL B 22 3.81 14.31 -0.95
N ASP B 23 4.58 15.34 -1.26
CA ASP B 23 4.80 15.76 -2.64
C ASP B 23 6.20 15.36 -3.11
N LEU B 24 6.33 14.14 -3.62
CA LEU B 24 7.61 13.64 -4.11
C LEU B 24 8.13 14.50 -5.26
N GLY B 25 7.23 15.25 -5.89
CA GLY B 25 7.62 16.10 -7.00
C GLY B 25 6.72 15.88 -8.20
N ASN B 26 7.26 15.26 -9.24
CA ASN B 26 6.48 14.97 -10.43
C ASN B 26 5.26 14.15 -10.08
N LEU B 27 5.39 13.33 -9.04
CA LEU B 27 4.31 12.48 -8.56
C LEU B 27 4.02 12.76 -7.09
N VAL B 28 2.73 12.84 -6.75
CA VAL B 28 2.32 13.09 -5.37
C VAL B 28 1.81 11.83 -4.70
N LEU B 29 1.45 11.94 -3.43
CA LEU B 29 0.95 10.80 -2.67
C LEU B 29 0.12 11.28 -1.47
N THR B 30 -1.05 10.67 -1.28
CA THR B 30 -1.93 11.04 -0.17
C THR B 30 -1.98 9.93 0.88
N SER B 31 -1.97 10.33 2.15
CA SER B 31 -2.02 9.37 3.25
C SER B 31 -3.45 8.89 3.48
N GLY B 32 -3.61 7.94 4.40
CA GLY B 32 -4.93 7.42 4.69
C GLY B 32 -5.87 8.48 5.24
N GLN B 33 -6.49 9.22 4.34
CA GLN B 33 -7.42 10.28 4.73
C GLN B 33 -8.55 9.73 5.60
N ILE B 34 -9.10 10.59 6.46
CA ILE B 34 -10.18 10.20 7.34
C ILE B 34 -11.33 11.21 7.30
N PRO B 35 -12.58 10.74 7.37
CA PRO B 35 -13.76 11.60 7.32
C PRO B 35 -14.07 12.25 8.66
N VAL B 36 -13.08 12.93 9.24
CA VAL B 36 -13.27 13.60 10.52
C VAL B 36 -14.32 14.68 10.39
N ASN B 37 -15.57 14.28 10.56
CA ASN B 37 -16.72 15.19 10.46
C ASN B 37 -16.40 16.56 11.04
N PRO B 38 -16.73 17.64 10.30
CA PRO B 38 -16.47 19.01 10.74
C PRO B 38 -17.39 19.41 11.90
N ALA B 39 -18.43 18.61 12.12
CA ALA B 39 -19.39 18.87 13.19
C ALA B 39 -19.34 17.79 14.27
N THR B 40 -18.80 16.62 13.93
CA THR B 40 -18.71 15.53 14.88
C THR B 40 -17.25 15.25 15.24
N GLY B 41 -16.36 15.53 14.30
CA GLY B 41 -14.94 15.31 14.51
C GLY B 41 -14.59 13.83 14.60
N GLU B 42 -15.00 13.06 13.60
CA GLU B 42 -14.71 11.64 13.58
C GLU B 42 -15.10 10.99 12.25
N VAL B 43 -16.38 10.71 12.09
CA VAL B 43 -16.86 10.07 10.86
C VAL B 43 -18.39 10.15 10.77
N PRO B 44 -18.92 10.92 9.80
CA PRO B 44 -20.36 11.07 9.61
C PRO B 44 -21.07 9.72 9.54
N ALA B 45 -22.24 9.63 10.17
CA ALA B 45 -23.01 8.40 10.18
C ALA B 45 -23.45 8.01 8.77
N ASP B 46 -23.67 9.03 7.95
CA ASP B 46 -24.09 8.82 6.57
C ASP B 46 -22.95 8.26 5.73
N ILE B 47 -22.89 6.93 5.67
CA ILE B 47 -21.86 6.23 4.90
C ILE B 47 -21.60 6.93 3.56
N VAL B 48 -22.66 7.46 2.97
CA VAL B 48 -22.55 8.16 1.70
C VAL B 48 -21.94 9.54 1.89
N ALA B 49 -22.42 10.25 2.91
CA ALA B 49 -21.91 11.58 3.22
C ALA B 49 -20.44 11.51 3.60
N GLN B 50 -20.10 10.53 4.43
CA GLN B 50 -18.72 10.34 4.87
C GLN B 50 -17.87 9.86 3.70
N ALA B 51 -18.48 9.12 2.79
CA ALA B 51 -17.78 8.61 1.62
C ALA B 51 -17.44 9.74 0.65
N ARG B 52 -18.36 10.69 0.50
CA ARG B 52 -18.16 11.82 -0.39
C ARG B 52 -17.12 12.77 0.17
N GLN B 53 -17.26 13.13 1.43
CA GLN B 53 -16.33 14.03 2.09
C GLN B 53 -14.92 13.44 2.09
N SER B 54 -14.84 12.11 2.09
CA SER B 54 -13.55 11.43 2.09
C SER B 54 -12.81 11.68 0.78
N LEU B 55 -13.52 11.56 -0.34
CA LEU B 55 -12.92 11.78 -1.65
C LEU B 55 -12.55 13.24 -1.85
N GLU B 56 -13.20 14.13 -1.09
CA GLU B 56 -12.94 15.55 -1.20
C GLU B 56 -11.59 15.93 -0.59
N ASN B 57 -11.39 15.55 0.67
CA ASN B 57 -10.14 15.85 1.36
C ASN B 57 -8.94 15.32 0.59
N VAL B 58 -9.13 14.22 -0.13
CA VAL B 58 -8.04 13.65 -0.91
C VAL B 58 -7.68 14.53 -2.09
N LYS B 59 -8.70 14.93 -2.85
CA LYS B 59 -8.49 15.79 -4.01
C LYS B 59 -8.04 17.18 -3.57
N ALA B 60 -8.53 17.63 -2.42
CA ALA B 60 -8.17 18.94 -1.89
C ALA B 60 -6.66 19.04 -1.70
N ILE B 61 -6.06 17.97 -1.20
CA ILE B 61 -4.62 17.95 -0.98
C ILE B 61 -3.87 18.05 -2.29
N ILE B 62 -4.15 17.13 -3.20
CA ILE B 62 -3.50 17.12 -4.50
C ILE B 62 -3.88 18.36 -5.30
N GLU B 63 -5.04 18.94 -5.01
CA GLU B 63 -5.49 20.12 -5.70
C GLU B 63 -4.79 21.36 -5.14
N LYS B 64 -4.63 21.40 -3.83
CA LYS B 64 -3.96 22.51 -3.16
C LYS B 64 -2.47 22.52 -3.49
N ALA B 65 -1.98 21.39 -4.01
CA ALA B 65 -0.57 21.28 -4.37
C ALA B 65 -0.34 21.66 -5.82
N GLY B 66 -1.37 21.48 -6.64
CA GLY B 66 -1.26 21.82 -8.05
C GLY B 66 -1.48 20.61 -8.94
N LEU B 67 -2.50 19.82 -8.62
CA LEU B 67 -2.82 18.64 -9.41
C LEU B 67 -4.28 18.24 -9.21
N THR B 68 -4.92 17.83 -10.31
CA THR B 68 -6.32 17.42 -10.26
C THR B 68 -6.43 15.91 -10.04
N ALA B 69 -7.60 15.48 -9.57
CA ALA B 69 -7.83 14.06 -9.32
C ALA B 69 -7.61 13.25 -10.59
N ALA B 70 -7.96 13.83 -11.74
CA ALA B 70 -7.79 13.16 -13.02
C ALA B 70 -6.38 12.60 -13.16
N ASP B 71 -5.44 13.23 -12.47
CA ASP B 71 -4.04 12.80 -12.51
C ASP B 71 -3.82 11.59 -11.62
N ILE B 72 -4.63 11.46 -10.57
CA ILE B 72 -4.51 10.34 -9.64
C ILE B 72 -4.33 9.02 -10.39
N VAL B 73 -3.20 8.36 -10.15
CA VAL B 73 -2.89 7.10 -10.81
C VAL B 73 -3.53 5.90 -10.10
N LYS B 74 -3.40 5.86 -8.79
CA LYS B 74 -3.97 4.75 -8.01
C LYS B 74 -4.55 5.26 -6.69
N THR B 75 -5.62 4.60 -6.22
CA THR B 75 -6.27 4.99 -4.97
C THR B 75 -6.72 3.77 -4.18
N THR B 76 -6.15 3.59 -2.99
CA THR B 76 -6.50 2.47 -2.12
C THR B 76 -7.73 2.82 -1.28
N VAL B 77 -8.38 1.80 -0.72
CA VAL B 77 -9.56 2.03 0.10
C VAL B 77 -9.73 0.96 1.17
N PHE B 78 -9.40 1.31 2.41
CA PHE B 78 -9.52 0.38 3.53
C PHE B 78 -10.86 0.59 4.23
N VAL B 79 -11.84 -0.22 3.86
CA VAL B 79 -13.19 -0.13 4.43
C VAL B 79 -13.37 -1.12 5.57
N LYS B 80 -14.19 -0.74 6.54
CA LYS B 80 -14.48 -1.61 7.68
C LYS B 80 -15.54 -2.65 7.29
N ASP B 81 -16.06 -2.51 6.07
CA ASP B 81 -17.07 -3.43 5.56
C ASP B 81 -17.18 -3.31 4.04
N LEU B 82 -17.40 -4.44 3.38
CA LEU B 82 -17.53 -4.47 1.93
C LEU B 82 -18.95 -4.16 1.49
N ASN B 83 -19.83 -3.89 2.46
CA ASN B 83 -21.21 -3.58 2.17
C ASN B 83 -21.39 -2.09 1.93
N ASP B 84 -20.43 -1.30 2.40
CA ASP B 84 -20.47 0.15 2.24
C ASP B 84 -19.74 0.57 0.97
N PHE B 85 -18.72 -0.19 0.59
CA PHE B 85 -17.94 0.10 -0.60
C PHE B 85 -18.83 0.17 -1.84
N ALA B 86 -19.96 -0.53 -1.80
CA ALA B 86 -20.89 -0.54 -2.92
C ALA B 86 -21.35 0.87 -3.28
N ALA B 87 -21.50 1.71 -2.27
CA ALA B 87 -21.93 3.09 -2.48
C ALA B 87 -20.74 4.00 -2.74
N VAL B 88 -19.62 3.69 -2.10
CA VAL B 88 -18.40 4.48 -2.27
C VAL B 88 -17.78 4.28 -3.64
N ASN B 89 -17.76 3.02 -4.08
CA ASN B 89 -17.19 2.69 -5.39
C ASN B 89 -18.05 3.25 -6.51
N ALA B 90 -19.36 3.19 -6.34
CA ALA B 90 -20.30 3.69 -7.33
C ALA B 90 -20.23 5.22 -7.42
N GLU B 91 -19.91 5.86 -6.31
CA GLU B 91 -19.81 7.32 -6.26
C GLU B 91 -18.43 7.78 -6.70
N TYR B 92 -17.41 6.97 -6.41
CA TYR B 92 -16.04 7.30 -6.79
C TYR B 92 -15.92 7.49 -8.29
N GLU B 93 -16.47 6.55 -9.05
CA GLU B 93 -16.42 6.61 -10.49
C GLU B 93 -17.40 7.63 -11.05
N ARG B 94 -18.40 7.99 -10.25
CA ARG B 94 -19.41 8.95 -10.66
C ARG B 94 -18.89 10.38 -10.58
N PHE B 95 -18.00 10.63 -9.62
CA PHE B 95 -17.42 11.96 -9.45
C PHE B 95 -16.15 12.12 -10.29
N PHE B 96 -15.42 11.03 -10.43
CA PHE B 96 -14.19 11.04 -11.21
C PHE B 96 -14.45 11.50 -12.63
N LYS B 97 -15.39 10.84 -13.29
CA LYS B 97 -15.72 11.19 -14.68
C LYS B 97 -16.43 12.54 -14.74
N GLU B 98 -17.20 12.87 -13.70
CA GLU B 98 -17.91 14.15 -13.66
C GLU B 98 -16.92 15.30 -13.42
N ASN B 99 -15.70 14.95 -13.03
CA ASN B 99 -14.66 15.95 -12.80
C ASN B 99 -13.69 15.98 -13.96
N ASN B 100 -13.76 14.95 -14.80
CA ASN B 100 -12.91 14.80 -15.98
C ASN B 100 -11.74 13.88 -15.66
N HIS B 101 -12.05 12.80 -14.94
CA HIS B 101 -11.06 11.82 -14.54
C HIS B 101 -11.40 10.45 -15.09
N PRO B 102 -11.65 10.34 -16.40
CA PRO B 102 -12.01 9.07 -17.05
C PRO B 102 -10.82 8.12 -17.20
N ASN B 103 -9.64 8.59 -16.82
CA ASN B 103 -8.42 7.78 -16.91
C ASN B 103 -8.55 6.50 -16.08
N PHE B 104 -9.30 6.59 -14.99
CA PHE B 104 -9.51 5.46 -14.09
C PHE B 104 -8.20 5.06 -13.42
N PRO B 105 -8.09 5.25 -12.09
CA PRO B 105 -6.91 4.93 -11.32
C PRO B 105 -6.97 3.57 -10.66
N ALA B 106 -5.82 2.94 -10.47
CA ALA B 106 -5.77 1.64 -9.82
C ALA B 106 -6.36 1.74 -8.42
N ARG B 107 -6.69 0.61 -7.82
CA ARG B 107 -7.27 0.61 -6.49
C ARG B 107 -7.14 -0.75 -5.79
N SER B 108 -6.79 -0.70 -4.51
CA SER B 108 -6.64 -1.90 -3.71
C SER B 108 -7.47 -1.80 -2.44
N CYS B 109 -8.75 -2.14 -2.55
CA CYS B 109 -9.66 -2.07 -1.42
C CYS B 109 -9.69 -3.39 -0.65
N VAL B 110 -9.83 -3.28 0.67
CA VAL B 110 -9.87 -4.47 1.53
C VAL B 110 -10.68 -4.20 2.80
N GLU B 111 -11.57 -5.12 3.14
CA GLU B 111 -12.39 -4.98 4.33
C GLU B 111 -11.56 -5.07 5.59
N VAL B 112 -10.94 -3.95 5.96
CA VAL B 112 -10.09 -3.91 7.16
C VAL B 112 -10.93 -4.09 8.42
N ALA B 113 -10.27 -4.44 9.52
CA ALA B 113 -10.95 -4.63 10.79
C ALA B 113 -11.23 -3.30 11.48
N ARG B 114 -10.25 -2.42 11.48
CA ARG B 114 -10.39 -1.11 12.10
C ARG B 114 -9.55 -0.07 11.37
N LEU B 115 -9.84 1.21 11.63
CA LEU B 115 -9.11 2.29 11.00
C LEU B 115 -8.83 3.41 12.00
N PRO B 116 -7.85 4.28 11.71
CA PRO B 116 -7.50 5.40 12.59
C PRO B 116 -8.71 6.23 12.99
N LYS B 117 -8.80 6.56 14.28
CA LYS B 117 -9.92 7.34 14.79
C LYS B 117 -11.22 6.56 14.73
N ASP B 118 -11.11 5.25 14.53
CA ASP B 118 -12.28 4.39 14.45
C ASP B 118 -13.18 4.79 13.29
N VAL B 119 -12.62 5.56 12.35
CA VAL B 119 -13.37 6.00 11.18
C VAL B 119 -14.01 4.83 10.45
N GLY B 120 -14.97 5.14 9.58
CA GLY B 120 -15.65 4.10 8.82
C GLY B 120 -14.93 3.74 7.55
N LEU B 121 -14.14 4.67 7.02
CA LEU B 121 -13.41 4.45 5.78
C LEU B 121 -12.14 5.31 5.73
N GLU B 122 -11.11 4.77 5.09
CA GLU B 122 -9.84 5.47 4.94
C GLU B 122 -9.38 5.38 3.48
N ILE B 123 -8.86 6.48 2.95
CA ILE B 123 -8.41 6.49 1.56
C ILE B 123 -7.01 7.07 1.41
N GLU B 124 -6.21 6.42 0.57
CA GLU B 124 -4.85 6.84 0.29
C GLU B 124 -4.53 6.59 -1.18
N ALA B 125 -4.44 7.66 -1.97
CA ALA B 125 -4.19 7.52 -3.40
C ALA B 125 -2.93 8.27 -3.83
N ILE B 126 -2.43 7.89 -5.00
CA ILE B 126 -1.24 8.50 -5.57
C ILE B 126 -1.62 9.31 -6.82
N ALA B 127 -0.81 10.30 -7.16
CA ALA B 127 -1.08 11.13 -8.33
C ALA B 127 0.20 11.49 -9.05
N VAL B 128 0.09 11.69 -10.36
CA VAL B 128 1.25 12.04 -11.19
C VAL B 128 1.09 13.45 -11.75
N ARG B 129 2.09 13.89 -12.50
CA ARG B 129 2.07 15.22 -13.11
C ARG B 129 3.07 15.32 -14.25
N LYS B 130 3.07 14.31 -15.11
CA LYS B 130 3.98 14.28 -16.25
C LYS B 130 3.33 14.90 -17.49
N MET C 1 -0.73 13.88 -20.26
CA MET C 1 -0.34 12.93 -21.33
C MET C 1 0.59 11.85 -20.82
N MET C 2 0.48 10.65 -21.38
CA MET C 2 1.31 9.52 -20.97
C MET C 2 1.11 9.21 -19.49
N THR C 3 1.93 8.30 -18.97
CA THR C 3 1.83 7.91 -17.57
C THR C 3 0.48 7.27 -17.26
N GLN C 4 0.48 6.35 -16.31
CA GLN C 4 -0.74 5.68 -15.90
C GLN C 4 -1.38 4.91 -17.05
N ILE C 5 -2.57 4.38 -16.79
CA ILE C 5 -3.35 3.63 -17.76
C ILE C 5 -2.60 2.42 -18.31
N ILE C 6 -3.18 1.24 -18.11
CA ILE C 6 -2.62 -0.02 -18.58
C ILE C 6 -3.73 -1.01 -18.92
N HIS C 7 -3.61 -1.67 -20.07
CA HIS C 7 -4.61 -2.64 -20.50
C HIS C 7 -3.96 -3.95 -20.94
N THR C 8 -4.58 -5.07 -20.56
CA THR C 8 -4.07 -6.38 -20.92
C THR C 8 -5.20 -7.32 -21.30
N GLU C 9 -4.92 -8.24 -22.22
CA GLU C 9 -5.92 -9.20 -22.67
C GLU C 9 -5.78 -10.52 -21.94
N LYS C 10 -5.46 -10.44 -20.64
CA LYS C 10 -5.30 -11.63 -19.82
C LYS C 10 -5.93 -11.45 -18.46
N ALA C 11 -5.67 -10.30 -17.84
CA ALA C 11 -6.20 -9.99 -16.51
C ALA C 11 -7.71 -9.77 -16.58
N PRO C 12 -8.51 -10.69 -16.01
CA PRO C 12 -9.98 -10.56 -16.01
C PRO C 12 -10.46 -9.35 -15.22
N ALA C 13 -9.56 -8.77 -14.42
CA ALA C 13 -9.89 -7.61 -13.61
C ALA C 13 -10.33 -6.45 -14.48
N ALA C 14 -10.42 -5.27 -13.87
CA ALA C 14 -10.83 -4.06 -14.59
C ALA C 14 -12.24 -4.20 -15.14
N ILE C 15 -12.59 -3.29 -16.06
CA ILE C 15 -13.92 -3.29 -16.67
C ILE C 15 -14.97 -2.71 -15.74
N GLY C 16 -14.50 -1.99 -14.72
CA GLY C 16 -15.39 -1.37 -13.76
C GLY C 16 -15.00 0.06 -13.45
N PRO C 17 -15.00 0.47 -12.17
CA PRO C 17 -14.63 1.82 -11.77
C PRO C 17 -13.12 1.99 -11.60
N TYR C 18 -12.37 1.44 -12.54
CA TYR C 18 -10.90 1.54 -12.50
C TYR C 18 -10.28 0.89 -13.73
N VAL C 19 -8.95 0.84 -13.75
CA VAL C 19 -8.22 0.24 -14.87
C VAL C 19 -7.45 -0.99 -14.42
N GLN C 20 -6.99 -1.79 -15.38
CA GLN C 20 -6.23 -3.00 -15.08
C GLN C 20 -5.01 -2.66 -14.24
N ALA C 21 -4.27 -1.65 -14.68
CA ALA C 21 -3.07 -1.20 -13.99
C ALA C 21 -2.69 0.21 -14.43
N VAL C 22 -1.56 0.70 -13.94
CA VAL C 22 -1.10 2.03 -14.29
C VAL C 22 0.37 2.02 -14.69
N ASP C 23 0.66 2.66 -15.83
CA ASP C 23 2.03 2.73 -16.33
C ASP C 23 2.61 4.13 -16.13
N LEU C 24 3.21 4.35 -14.96
CA LEU C 24 3.80 5.64 -14.65
C LEU C 24 4.93 5.98 -15.63
N GLY C 25 5.46 4.96 -16.29
CA GLY C 25 6.54 5.15 -17.24
C GLY C 25 7.69 4.21 -16.99
N ASN C 26 8.79 4.74 -16.48
CA ASN C 26 9.96 3.91 -16.17
C ASN C 26 9.57 2.83 -15.18
N LEU C 27 8.58 3.13 -14.34
CA LEU C 27 8.10 2.19 -13.34
C LEU C 27 6.59 1.97 -13.51
N VAL C 28 6.17 0.72 -13.42
CA VAL C 28 4.75 0.38 -13.55
C VAL C 28 4.12 0.05 -12.19
N LEU C 29 2.83 -0.21 -12.19
CA LEU C 29 2.10 -0.53 -10.97
C LEU C 29 0.83 -1.31 -11.28
N THR C 30 0.61 -2.40 -10.53
CA THR C 30 -0.58 -3.22 -10.73
C THR C 30 -1.55 -3.07 -9.56
N SER C 31 -2.84 -2.99 -9.88
CA SER C 31 -3.87 -2.84 -8.86
C SER C 31 -4.17 -4.18 -8.19
N GLY C 32 -5.03 -4.15 -7.17
CA GLY C 32 -5.37 -5.38 -6.47
C GLY C 32 -6.07 -6.38 -7.38
N GLN C 33 -5.29 -7.16 -8.12
CA GLN C 33 -5.84 -8.16 -9.03
C GLN C 33 -6.74 -9.14 -8.29
N ILE C 34 -7.70 -9.70 -9.02
CA ILE C 34 -8.63 -10.66 -8.44
C ILE C 34 -8.76 -11.90 -9.32
N PRO C 35 -8.88 -13.09 -8.70
CA PRO C 35 -9.00 -14.35 -9.42
C PRO C 35 -10.41 -14.61 -9.93
N VAL C 36 -10.95 -13.67 -10.68
CA VAL C 36 -12.29 -13.81 -11.23
C VAL C 36 -12.34 -14.98 -12.20
N ASN C 37 -12.57 -16.16 -11.64
CA ASN C 37 -12.64 -17.40 -12.41
C ASN C 37 -13.29 -17.19 -13.78
N PRO C 38 -12.67 -17.70 -14.85
CA PRO C 38 -13.21 -17.55 -16.21
C PRO C 38 -14.46 -18.41 -16.42
N ALA C 39 -14.70 -19.33 -15.49
CA ALA C 39 -15.85 -20.22 -15.57
C ALA C 39 -16.83 -19.96 -14.43
N THR C 40 -16.36 -19.33 -13.36
CA THR C 40 -17.21 -19.03 -12.20
C THR C 40 -17.43 -17.53 -12.08
N GLY C 41 -16.44 -16.76 -12.51
CA GLY C 41 -16.54 -15.32 -12.44
C GLY C 41 -16.48 -14.80 -11.01
N GLU C 42 -15.45 -15.22 -10.27
CA GLU C 42 -15.30 -14.78 -8.89
C GLU C 42 -13.95 -15.20 -8.31
N VAL C 43 -13.85 -16.45 -7.88
CA VAL C 43 -12.62 -16.96 -7.30
C VAL C 43 -12.64 -18.50 -7.23
N PRO C 44 -11.77 -19.18 -8.00
CA PRO C 44 -11.71 -20.64 -8.00
C PRO C 44 -11.58 -21.21 -6.59
N ALA C 45 -12.28 -22.30 -6.33
CA ALA C 45 -12.24 -22.95 -5.02
C ALA C 45 -10.84 -23.45 -4.69
N ASP C 46 -10.12 -23.84 -5.73
CA ASP C 46 -8.76 -24.34 -5.58
C ASP C 46 -7.81 -23.23 -5.21
N ILE C 47 -7.63 -23.04 -3.91
CA ILE C 47 -6.75 -21.99 -3.38
C ILE C 47 -5.45 -21.93 -4.19
N VAL C 48 -4.98 -23.09 -4.66
CA VAL C 48 -3.76 -23.15 -5.44
C VAL C 48 -4.02 -22.65 -6.86
N ALA C 49 -5.12 -23.13 -7.45
CA ALA C 49 -5.50 -22.73 -8.79
C ALA C 49 -5.77 -21.23 -8.86
N GLN C 50 -6.49 -20.73 -7.87
CA GLN C 50 -6.82 -19.32 -7.79
C GLN C 50 -5.56 -18.51 -7.50
N ALA C 51 -4.64 -19.11 -6.74
CA ALA C 51 -3.39 -18.44 -6.38
C ALA C 51 -2.47 -18.33 -7.59
N ARG C 52 -2.46 -19.36 -8.42
CA ARG C 52 -1.63 -19.37 -9.62
C ARG C 52 -2.15 -18.39 -10.66
N GLN C 53 -3.45 -18.47 -10.92
CA GLN C 53 -4.09 -17.59 -11.89
C GLN C 53 -3.95 -16.14 -11.48
N SER C 54 -3.84 -15.90 -10.18
CA SER C 54 -3.71 -14.56 -9.65
C SER C 54 -2.37 -13.95 -10.06
N LEU C 55 -1.30 -14.73 -9.92
CA LEU C 55 0.04 -14.28 -10.27
C LEU C 55 0.17 -14.09 -11.78
N GLU C 56 -0.69 -14.78 -12.53
CA GLU C 56 -0.65 -14.69 -13.99
C GLU C 56 -1.18 -13.35 -14.49
N ASN C 57 -2.39 -13.01 -14.06
CA ASN C 57 -3.01 -11.75 -14.48
C ASN C 57 -2.12 -10.55 -14.15
N VAL C 58 -1.34 -10.67 -13.07
CA VAL C 58 -0.44 -9.60 -12.66
C VAL C 58 0.70 -9.44 -13.66
N LYS C 59 1.35 -10.56 -13.96
CA LYS C 59 2.47 -10.55 -14.90
C LYS C 59 1.98 -10.22 -16.31
N ALA C 60 0.77 -10.66 -16.63
CA ALA C 60 0.20 -10.41 -17.94
C ALA C 60 0.10 -8.93 -18.23
N ILE C 61 -0.29 -8.16 -17.21
CA ILE C 61 -0.40 -6.71 -17.35
C ILE C 61 0.95 -6.08 -17.60
N ILE C 62 1.89 -6.33 -16.70
CA ILE C 62 3.23 -5.78 -16.83
C ILE C 62 3.93 -6.35 -18.05
N GLU C 63 3.52 -7.55 -18.47
CA GLU C 63 4.11 -8.20 -19.64
C GLU C 63 3.54 -7.60 -20.91
N LYS C 64 2.23 -7.35 -20.91
CA LYS C 64 1.56 -6.76 -22.06
C LYS C 64 1.99 -5.31 -22.26
N ALA C 65 2.60 -4.73 -21.23
CA ALA C 65 3.06 -3.34 -21.30
C ALA C 65 4.51 -3.27 -21.77
N GLY C 66 5.26 -4.34 -21.52
CA GLY C 66 6.65 -4.37 -21.93
C GLY C 66 7.59 -4.52 -20.75
N LEU C 67 7.25 -5.42 -19.82
CA LEU C 67 8.07 -5.65 -18.65
C LEU C 67 7.81 -7.04 -18.07
N THR C 68 8.86 -7.71 -17.64
CA THR C 68 8.75 -9.05 -17.06
C THR C 68 8.61 -8.97 -15.55
N ALA C 69 8.08 -10.04 -14.96
CA ALA C 69 7.89 -10.09 -13.51
C ALA C 69 9.22 -9.87 -12.80
N ALA C 70 10.30 -10.37 -13.39
CA ALA C 70 11.62 -10.23 -12.80
C ALA C 70 11.90 -8.77 -12.42
N ASP C 71 11.24 -7.85 -13.13
CA ASP C 71 11.41 -6.42 -12.87
C ASP C 71 10.62 -6.00 -11.65
N ILE C 72 9.52 -6.71 -11.37
CA ILE C 72 8.67 -6.39 -10.22
C ILE C 72 9.52 -6.13 -8.97
N VAL C 73 9.40 -4.91 -8.45
CA VAL C 73 10.16 -4.50 -7.27
C VAL C 73 9.49 -4.95 -5.97
N LYS C 74 8.18 -4.72 -5.86
CA LYS C 74 7.44 -5.10 -4.66
C LYS C 74 6.06 -5.63 -5.02
N THR C 75 5.56 -6.58 -4.21
CA THR C 75 4.25 -7.17 -4.45
C THR C 75 3.51 -7.42 -3.14
N THR C 76 2.37 -6.75 -2.97
CA THR C 76 1.56 -6.91 -1.78
C THR C 76 0.61 -8.10 -1.92
N VAL C 77 0.07 -8.58 -0.80
CA VAL C 77 -0.83 -9.72 -0.85
C VAL C 77 -1.85 -9.69 0.30
N PHE C 78 -3.07 -9.31 -0.02
CA PHE C 78 -4.14 -9.24 0.97
C PHE C 78 -4.94 -10.54 0.97
N VAL C 79 -4.59 -11.45 1.87
CA VAL C 79 -5.26 -12.73 1.98
C VAL C 79 -6.34 -12.73 3.05
N LYS C 80 -7.38 -13.51 2.82
CA LYS C 80 -8.48 -13.62 3.78
C LYS C 80 -8.09 -14.57 4.91
N ASP C 81 -6.92 -15.19 4.76
CA ASP C 81 -6.43 -16.13 5.76
C ASP C 81 -4.93 -16.36 5.57
N LEU C 82 -4.22 -16.50 6.68
CA LEU C 82 -2.77 -16.73 6.64
C LEU C 82 -2.46 -18.22 6.48
N ASN C 83 -3.50 -19.04 6.37
CA ASN C 83 -3.33 -20.47 6.21
C ASN C 83 -3.21 -20.83 4.73
N ASP C 84 -3.66 -19.94 3.87
CA ASP C 84 -3.60 -20.17 2.43
C ASP C 84 -2.32 -19.58 1.85
N PHE C 85 -1.82 -18.52 2.47
CA PHE C 85 -0.59 -17.87 2.01
C PHE C 85 0.57 -18.85 1.97
N ALA C 86 0.50 -19.88 2.80
CA ALA C 86 1.55 -20.89 2.86
C ALA C 86 1.79 -21.53 1.49
N ALA C 87 0.71 -21.71 0.74
CA ALA C 87 0.80 -22.31 -0.59
C ALA C 87 1.07 -21.25 -1.66
N VAL C 88 0.54 -20.06 -1.44
CA VAL C 88 0.73 -18.95 -2.38
C VAL C 88 2.16 -18.42 -2.33
N ASN C 89 2.68 -18.29 -1.11
CA ASN C 89 4.04 -17.79 -0.93
C ASN C 89 5.06 -18.79 -1.45
N ALA C 90 4.80 -20.07 -1.21
CA ALA C 90 5.70 -21.13 -1.67
C ALA C 90 5.69 -21.24 -3.20
N GLU C 91 4.56 -20.91 -3.81
CA GLU C 91 4.43 -20.97 -5.26
C GLU C 91 4.95 -19.68 -5.90
N TYR C 92 4.77 -18.57 -5.20
CA TYR C 92 5.21 -17.27 -5.70
C TYR C 92 6.71 -17.28 -5.99
N GLU C 93 7.49 -17.78 -5.03
CA GLU C 93 8.94 -17.85 -5.16
C GLU C 93 9.35 -18.98 -6.10
N ARG C 94 8.46 -19.95 -6.30
CA ARG C 94 8.75 -21.08 -7.16
C ARG C 94 8.61 -20.72 -8.63
N PHE C 95 7.71 -19.79 -8.93
CA PHE C 95 7.49 -19.36 -10.31
C PHE C 95 8.41 -18.19 -10.65
N PHE C 96 8.67 -17.35 -9.67
CA PHE C 96 9.53 -16.19 -9.86
C PHE C 96 10.90 -16.60 -10.36
N LYS C 97 11.54 -17.51 -9.64
CA LYS C 97 12.85 -17.98 -10.01
C LYS C 97 12.79 -18.84 -11.28
N GLU C 98 11.68 -19.55 -11.46
CA GLU C 98 11.52 -20.39 -12.64
C GLU C 98 11.28 -19.54 -13.88
N ASN C 99 10.99 -18.25 -13.66
CA ASN C 99 10.77 -17.32 -14.76
C ASN C 99 11.99 -16.45 -14.96
N ASN C 100 12.89 -16.48 -13.98
CA ASN C 100 14.13 -15.69 -13.99
C ASN C 100 13.95 -14.41 -13.19
N HIS C 101 13.28 -14.54 -12.06
CA HIS C 101 13.01 -13.41 -11.17
C HIS C 101 13.62 -13.64 -9.80
N PRO C 102 14.92 -13.98 -9.74
CA PRO C 102 15.62 -14.23 -8.47
C PRO C 102 15.91 -12.96 -7.69
N ASN C 103 15.58 -11.80 -8.26
CA ASN C 103 15.81 -10.52 -7.61
C ASN C 103 15.05 -10.44 -6.28
N PHE C 104 13.91 -11.12 -6.22
CA PHE C 104 13.08 -11.12 -5.02
C PHE C 104 12.52 -9.72 -4.75
N PRO C 105 11.19 -9.54 -4.88
CA PRO C 105 10.53 -8.27 -4.66
C PRO C 105 9.95 -8.14 -3.26
N ALA C 106 9.87 -6.90 -2.77
CA ALA C 106 9.32 -6.65 -1.45
C ALA C 106 7.88 -7.14 -1.40
N ARG C 107 7.33 -7.30 -0.19
CA ARG C 107 5.97 -7.78 -0.06
C ARG C 107 5.37 -7.43 1.30
N SER C 108 4.11 -7.00 1.29
CA SER C 108 3.41 -6.65 2.51
C SER C 108 2.08 -7.39 2.57
N CYS C 109 2.13 -8.63 3.06
CA CYS C 109 0.93 -9.45 3.17
C CYS C 109 0.25 -9.26 4.51
N VAL C 110 -1.09 -9.33 4.50
CA VAL C 110 -1.86 -9.17 5.73
C VAL C 110 -3.20 -9.90 5.62
N GLU C 111 -3.54 -10.66 6.65
CA GLU C 111 -4.78 -11.41 6.68
C GLU C 111 -5.98 -10.47 6.74
N VAL C 112 -6.38 -9.96 5.59
CA VAL C 112 -7.52 -9.05 5.51
C VAL C 112 -8.83 -9.77 5.85
N ALA C 113 -9.85 -8.99 6.18
CA ALA C 113 -11.15 -9.56 6.53
C ALA C 113 -11.94 -9.93 5.28
N ARG C 114 -11.93 -9.05 4.29
CA ARG C 114 -12.64 -9.30 3.04
C ARG C 114 -11.92 -8.63 1.88
N LEU C 115 -12.29 -9.04 0.66
CA LEU C 115 -11.68 -8.49 -0.54
C LEU C 115 -12.73 -8.27 -1.64
N PRO C 116 -12.44 -7.41 -2.63
CA PRO C 116 -13.35 -7.12 -3.72
C PRO C 116 -13.89 -8.39 -4.38
N LYS C 117 -15.19 -8.43 -4.61
CA LYS C 117 -15.83 -9.59 -5.25
C LYS C 117 -15.81 -10.79 -4.31
N ASP C 118 -15.52 -10.55 -3.04
CA ASP C 118 -15.46 -11.62 -2.05
C ASP C 118 -14.39 -12.64 -2.42
N VAL C 119 -13.46 -12.24 -3.29
CA VAL C 119 -12.38 -13.12 -3.71
C VAL C 119 -11.62 -13.67 -2.52
N GLY C 120 -10.83 -14.72 -2.76
CA GLY C 120 -10.06 -15.33 -1.69
C GLY C 120 -8.71 -14.67 -1.49
N LEU C 121 -8.20 -14.04 -2.55
CA LEU C 121 -6.90 -13.38 -2.49
C LEU C 121 -6.81 -12.23 -3.49
N GLU C 122 -6.07 -11.20 -3.12
CA GLU C 122 -5.87 -10.03 -3.96
C GLU C 122 -4.39 -9.67 -4.01
N ILE C 123 -3.89 -9.32 -5.20
CA ILE C 123 -2.48 -8.98 -5.34
C ILE C 123 -2.28 -7.67 -6.09
N GLU C 124 -1.34 -6.86 -5.58
CA GLU C 124 -0.99 -5.59 -6.18
C GLU C 124 0.50 -5.36 -6.04
N ALA C 125 1.23 -5.45 -7.16
CA ALA C 125 2.67 -5.29 -7.13
C ALA C 125 3.14 -4.16 -8.04
N ILE C 126 4.37 -3.71 -7.80
CA ILE C 126 4.98 -2.65 -8.58
C ILE C 126 6.14 -3.21 -9.40
N ALA C 127 6.47 -2.54 -10.50
CA ALA C 127 7.56 -3.00 -11.34
C ALA C 127 8.35 -1.82 -11.91
N VAL C 128 9.64 -2.04 -12.15
CA VAL C 128 10.51 -1.01 -12.68
C VAL C 128 10.97 -1.36 -14.10
N ARG C 129 11.77 -0.48 -14.69
CA ARG C 129 12.28 -0.70 -16.04
C ARG C 129 13.49 0.19 -16.32
N LYS C 130 14.41 0.25 -15.36
CA LYS C 130 15.61 1.07 -15.51
C LYS C 130 16.74 0.25 -16.12
N MET A 1 23.21 1.43 -15.13
CA MET A 1 22.42 0.45 -14.33
C MET A 1 21.74 1.13 -13.15
N MET A 2 20.54 0.66 -12.82
CA MET A 2 19.78 1.21 -11.70
C MET A 2 18.96 0.13 -11.01
N THR A 3 18.30 0.51 -9.91
CA THR A 3 17.49 -0.43 -9.15
C THR A 3 18.34 -1.56 -8.58
N GLN A 4 18.40 -1.65 -7.26
CA GLN A 4 19.18 -2.69 -6.59
C GLN A 4 18.56 -3.05 -5.24
N ILE A 5 18.21 -4.32 -5.09
CA ILE A 5 17.62 -4.81 -3.86
C ILE A 5 18.51 -4.52 -2.66
N ILE A 6 17.90 -4.16 -1.54
CA ILE A 6 18.65 -3.84 -0.32
C ILE A 6 18.80 -5.08 0.56
N HIS A 7 19.92 -5.16 1.26
CA HIS A 7 20.20 -6.30 2.14
C HIS A 7 21.11 -5.87 3.29
N THR A 8 20.59 -5.97 4.52
CA THR A 8 21.37 -5.59 5.69
C THR A 8 21.33 -6.69 6.75
N GLU A 9 22.28 -6.64 7.68
CA GLU A 9 22.36 -7.64 8.74
C GLU A 9 21.70 -7.11 10.02
N LYS A 10 20.77 -6.18 9.86
CA LYS A 10 20.07 -5.60 11.01
C LYS A 10 18.68 -6.22 11.14
N ALA A 11 17.92 -6.20 10.06
CA ALA A 11 16.57 -6.76 10.05
C ALA A 11 16.61 -8.27 9.85
N PRO A 12 16.21 -9.05 10.89
CA PRO A 12 16.21 -10.51 10.81
C PRO A 12 15.28 -11.04 9.71
N ALA A 13 14.41 -10.17 9.22
CA ALA A 13 13.47 -10.54 8.17
C ALA A 13 14.20 -11.07 6.94
N ALA A 14 13.47 -11.20 5.84
CA ALA A 14 14.04 -11.70 4.59
C ALA A 14 14.55 -13.13 4.74
N ILE A 15 15.32 -13.57 3.74
CA ILE A 15 15.87 -14.93 3.73
C ILE A 15 14.82 -15.95 3.32
N GLY A 16 13.74 -15.47 2.71
CA GLY A 16 12.68 -16.34 2.27
C GLY A 16 12.32 -16.11 0.81
N PRO A 17 11.02 -16.03 0.48
CA PRO A 17 10.56 -15.82 -0.89
C PRO A 17 10.49 -14.33 -1.26
N TYR A 18 11.26 -13.50 -0.56
CA TYR A 18 11.29 -12.07 -0.82
C TYR A 18 12.62 -11.46 -0.38
N VAL A 19 12.68 -10.14 -0.37
CA VAL A 19 13.89 -9.43 0.03
C VAL A 19 13.62 -8.45 1.17
N GLN A 20 14.69 -7.88 1.71
CA GLN A 20 14.56 -6.93 2.81
C GLN A 20 13.90 -5.64 2.35
N ALA A 21 14.45 -5.04 1.31
CA ALA A 21 13.91 -3.81 0.76
C ALA A 21 14.35 -3.60 -0.68
N VAL A 22 13.90 -2.52 -1.29
CA VAL A 22 14.24 -2.21 -2.67
C VAL A 22 14.78 -0.79 -2.80
N ASP A 23 15.88 -0.64 -3.53
CA ASP A 23 16.49 0.66 -3.73
C ASP A 23 16.49 1.05 -5.20
N LEU A 24 15.48 1.83 -5.60
CA LEU A 24 15.36 2.27 -6.99
C LEU A 24 16.36 3.40 -7.29
N GLY A 25 16.83 4.06 -6.24
CA GLY A 25 17.78 5.14 -6.41
C GLY A 25 17.33 6.39 -5.67
N ASN A 26 16.86 7.38 -6.43
CA ASN A 26 16.38 8.62 -5.83
C ASN A 26 15.24 8.34 -4.87
N LEU A 27 14.50 7.28 -5.15
CA LEU A 27 13.36 6.88 -4.32
C LEU A 27 13.52 5.45 -3.84
N VAL A 28 13.57 5.27 -2.51
CA VAL A 28 13.71 3.94 -1.92
C VAL A 28 12.43 3.53 -1.21
N LEU A 29 12.36 2.25 -0.86
CA LEU A 29 11.18 1.71 -0.16
C LEU A 29 11.57 0.53 0.73
N THR A 30 10.76 0.29 1.76
CA THR A 30 11.03 -0.81 2.68
C THR A 30 9.90 -1.84 2.64
N SER A 31 10.27 -3.12 2.62
CA SER A 31 9.30 -4.20 2.58
C SER A 31 8.53 -4.29 3.90
N GLY A 32 7.44 -5.05 3.90
CA GLY A 32 6.65 -5.21 5.10
C GLY A 32 7.42 -5.86 6.23
N GLN A 33 8.21 -5.05 6.93
CA GLN A 33 9.02 -5.55 8.04
C GLN A 33 8.16 -5.80 9.27
N ILE A 34 8.52 -6.82 10.05
CA ILE A 34 7.79 -7.17 11.26
C ILE A 34 8.75 -7.29 12.44
N PRO A 35 8.21 -7.20 13.67
CA PRO A 35 9.03 -7.32 14.89
C PRO A 35 10.04 -8.44 14.79
N VAL A 36 9.58 -9.61 14.36
CA VAL A 36 10.42 -10.78 14.19
C VAL A 36 11.33 -11.03 15.39
N ASN A 37 10.96 -10.49 16.54
CA ASN A 37 11.74 -10.66 17.76
C ASN A 37 13.17 -10.14 17.60
N PRO A 38 13.69 -9.45 18.63
CA PRO A 38 15.04 -8.89 18.59
C PRO A 38 16.10 -9.88 18.11
N ALA A 39 15.91 -11.16 18.44
CA ALA A 39 16.87 -12.18 18.04
C ALA A 39 16.28 -13.59 18.07
N THR A 40 14.96 -13.69 18.09
CA THR A 40 14.30 -14.99 18.11
C THR A 40 13.66 -15.28 16.75
N GLY A 41 13.48 -14.23 15.95
CA GLY A 41 12.89 -14.40 14.64
C GLY A 41 11.42 -14.75 14.70
N GLU A 42 10.67 -14.07 15.57
CA GLU A 42 9.24 -14.33 15.70
C GLU A 42 8.49 -13.03 15.97
N VAL A 43 8.45 -12.62 17.24
CA VAL A 43 7.77 -11.39 17.63
C VAL A 43 7.76 -11.23 19.16
N PRO A 44 8.20 -10.06 19.68
CA PRO A 44 8.23 -9.80 21.12
C PRO A 44 6.83 -9.65 21.71
N ALA A 45 6.65 -10.13 22.93
CA ALA A 45 5.36 -10.05 23.60
C ALA A 45 5.08 -8.62 24.07
N ASP A 46 6.15 -7.92 24.41
CA ASP A 46 6.05 -6.54 24.87
C ASP A 46 5.61 -5.63 23.74
N ILE A 47 4.30 -5.37 23.70
CA ILE A 47 3.72 -4.52 22.68
C ILE A 47 4.57 -3.27 22.42
N VAL A 48 5.25 -2.80 23.46
CA VAL A 48 6.11 -1.63 23.35
C VAL A 48 7.45 -2.00 22.72
N ALA A 49 8.09 -3.01 23.30
CA ALA A 49 9.38 -3.49 22.80
C ALA A 49 9.21 -4.04 21.38
N GLN A 50 8.03 -4.54 21.08
CA GLN A 50 7.72 -5.09 19.77
C GLN A 50 7.43 -3.97 18.78
N ALA A 51 6.91 -2.86 19.29
CA ALA A 51 6.59 -1.73 18.44
C ALA A 51 7.84 -0.96 18.05
N ARG A 52 8.81 -0.89 18.96
CA ARG A 52 10.06 -0.20 18.70
C ARG A 52 10.96 -1.00 17.76
N GLN A 53 11.01 -2.31 17.98
CA GLN A 53 11.83 -3.19 17.16
C GLN A 53 11.43 -3.09 15.68
N SER A 54 10.12 -3.09 15.44
CA SER A 54 9.60 -3.01 14.07
C SER A 54 10.08 -1.73 13.39
N LEU A 55 10.01 -0.62 14.12
CA LEU A 55 10.44 0.67 13.58
C LEU A 55 11.94 0.69 13.31
N GLU A 56 12.70 0.01 14.16
CA GLU A 56 14.15 -0.05 14.01
C GLU A 56 14.54 -0.84 12.77
N ASN A 57 13.80 -1.91 12.50
CA ASN A 57 14.07 -2.76 11.35
C ASN A 57 13.85 -1.99 10.05
N VAL A 58 12.85 -1.12 10.03
CA VAL A 58 12.53 -0.33 8.85
C VAL A 58 13.62 0.71 8.60
N LYS A 59 14.00 1.43 9.65
CA LYS A 59 15.02 2.46 9.54
C LYS A 59 16.40 1.83 9.36
N ALA A 60 16.59 0.64 9.93
CA ALA A 60 17.86 -0.06 9.83
C ALA A 60 18.20 -0.35 8.37
N ILE A 61 17.20 -0.74 7.61
CA ILE A 61 17.39 -1.05 6.19
C ILE A 61 17.78 0.20 5.42
N ILE A 62 16.94 1.23 5.50
CA ILE A 62 17.20 2.48 4.81
C ILE A 62 18.47 3.15 5.36
N GLU A 63 18.79 2.85 6.62
CA GLU A 63 19.98 3.40 7.25
C GLU A 63 21.23 2.72 6.72
N LYS A 64 21.15 1.40 6.54
CA LYS A 64 22.27 0.63 6.03
C LYS A 64 22.43 0.85 4.53
N ALA A 65 21.45 1.49 3.90
CA ALA A 65 21.49 1.76 2.47
C ALA A 65 22.17 3.10 2.19
N GLY A 66 22.03 4.03 3.14
CA GLY A 66 22.64 5.34 2.99
C GLY A 66 21.60 6.45 2.96
N LEU A 67 20.73 6.47 3.97
CA LEU A 67 19.69 7.48 4.06
C LEU A 67 19.38 7.81 5.51
N THR A 68 18.31 8.56 5.73
CA THR A 68 17.91 8.95 7.08
C THR A 68 16.39 8.96 7.21
N ALA A 69 15.91 8.90 8.45
CA ALA A 69 14.47 8.90 8.72
C ALA A 69 13.82 10.17 8.19
N ALA A 70 14.57 11.27 8.25
CA ALA A 70 14.06 12.56 7.78
C ALA A 70 13.76 12.53 6.29
N ASP A 71 14.30 11.54 5.58
CA ASP A 71 14.07 11.40 4.15
C ASP A 71 12.77 10.64 3.88
N ILE A 72 12.35 9.82 4.85
CA ILE A 72 11.12 9.04 4.72
C ILE A 72 9.93 9.94 4.37
N VAL A 73 9.34 9.69 3.22
CA VAL A 73 8.19 10.48 2.77
C VAL A 73 6.87 9.89 3.26
N LYS A 74 6.79 8.56 3.29
CA LYS A 74 5.57 7.89 3.73
C LYS A 74 5.92 6.65 4.57
N THR A 75 5.04 6.31 5.51
CA THR A 75 5.27 5.15 6.37
C THR A 75 3.94 4.47 6.71
N THR A 76 3.75 3.26 6.17
CA THR A 76 2.54 2.50 6.43
C THR A 76 2.78 1.50 7.55
N VAL A 77 1.72 1.06 8.20
CA VAL A 77 1.84 0.12 9.30
C VAL A 77 0.53 -0.64 9.56
N PHE A 78 0.65 -1.91 9.90
CA PHE A 78 -0.51 -2.74 10.18
C PHE A 78 -0.51 -3.17 11.65
N VAL A 79 -1.56 -2.77 12.36
CA VAL A 79 -1.67 -3.10 13.78
C VAL A 79 -2.73 -4.16 14.02
N LYS A 80 -2.55 -4.92 15.10
CA LYS A 80 -3.49 -5.95 15.48
C LYS A 80 -4.39 -5.45 16.60
N ASP A 81 -4.16 -4.20 17.01
CA ASP A 81 -4.94 -3.59 18.08
C ASP A 81 -4.76 -2.07 18.06
N LEU A 82 -5.79 -1.36 17.63
CA LEU A 82 -5.76 0.09 17.57
C LEU A 82 -5.66 0.71 18.96
N ASN A 83 -5.91 -0.10 19.98
CA ASN A 83 -5.84 0.37 21.36
C ASN A 83 -4.39 0.42 21.83
N ASP A 84 -3.56 -0.43 21.26
CA ASP A 84 -2.14 -0.48 21.60
C ASP A 84 -1.36 0.57 20.82
N PHE A 85 -1.99 1.15 19.80
CA PHE A 85 -1.35 2.16 18.97
C PHE A 85 -0.90 3.36 19.82
N ALA A 86 -1.55 3.55 20.96
CA ALA A 86 -1.22 4.65 21.86
C ALA A 86 0.28 4.70 22.16
N ALA A 87 0.80 3.59 22.67
CA ALA A 87 2.22 3.49 23.00
C ALA A 87 3.07 3.55 21.74
N VAL A 88 2.58 2.94 20.66
CA VAL A 88 3.30 2.93 19.40
C VAL A 88 3.41 4.34 18.83
N ASN A 89 2.33 5.09 18.92
CA ASN A 89 2.30 6.47 18.42
C ASN A 89 3.24 7.34 19.24
N ALA A 90 3.22 7.16 20.55
CA ALA A 90 4.07 7.93 21.46
C ALA A 90 5.54 7.71 21.12
N GLU A 91 5.87 6.49 20.72
CA GLU A 91 7.25 6.15 20.36
C GLU A 91 7.51 6.43 18.89
N TYR A 92 6.47 6.31 18.08
CA TYR A 92 6.56 6.54 16.65
C TYR A 92 7.08 7.95 16.35
N GLU A 93 6.46 8.94 16.99
CA GLU A 93 6.84 10.33 16.81
C GLU A 93 8.04 10.70 17.67
N ARG A 94 8.32 9.89 18.68
CA ARG A 94 9.45 10.14 19.58
C ARG A 94 10.78 9.81 18.91
N PHE A 95 10.75 8.87 17.98
CA PHE A 95 11.97 8.47 17.27
C PHE A 95 12.22 9.38 16.08
N PHE A 96 11.14 9.84 15.46
CA PHE A 96 11.24 10.73 14.31
C PHE A 96 12.05 11.96 14.67
N LYS A 97 11.61 12.66 15.70
CA LYS A 97 12.31 13.84 16.16
C LYS A 97 13.73 13.49 16.60
N GLU A 98 13.89 12.25 17.08
CA GLU A 98 15.20 11.77 17.52
C GLU A 98 16.01 11.29 16.32
N ASN A 99 15.38 11.27 15.15
CA ASN A 99 16.05 10.85 13.92
C ASN A 99 16.22 12.02 12.97
N ASN A 100 15.66 13.18 13.36
CA ASN A 100 15.73 14.41 12.56
C ASN A 100 14.62 14.45 11.53
N HIS A 101 13.48 13.88 11.88
CA HIS A 101 12.32 13.85 11.00
C HIS A 101 11.07 14.38 11.71
N PRO A 102 11.04 15.68 12.05
CA PRO A 102 9.91 16.29 12.76
C PRO A 102 8.72 16.52 11.84
N ASN A 103 8.96 16.55 10.53
CA ASN A 103 7.90 16.76 9.56
C ASN A 103 6.97 15.54 9.52
N PHE A 104 7.58 14.37 9.66
CA PHE A 104 6.83 13.11 9.65
C PHE A 104 6.38 12.74 8.24
N PRO A 105 6.41 11.43 7.90
CA PRO A 105 6.00 10.94 6.59
C PRO A 105 4.51 10.59 6.56
N ALA A 106 3.97 10.41 5.36
CA ALA A 106 2.57 10.05 5.21
C ALA A 106 2.22 8.87 6.11
N ARG A 107 0.96 8.76 6.50
CA ARG A 107 0.56 7.68 7.39
C ARG A 107 -0.50 6.78 6.75
N SER A 108 -0.37 5.48 6.99
CA SER A 108 -1.29 4.50 6.46
C SER A 108 -1.50 3.37 7.48
N CYS A 109 -1.71 3.77 8.73
CA CYS A 109 -1.90 2.80 9.81
C CYS A 109 -3.35 2.30 9.84
N VAL A 110 -3.50 0.98 9.99
CA VAL A 110 -4.82 0.37 10.04
C VAL A 110 -4.79 -0.93 10.84
N GLU A 111 -5.91 -1.25 11.48
CA GLU A 111 -6.01 -2.47 12.27
C GLU A 111 -6.39 -3.66 11.38
N VAL A 112 -5.38 -4.35 10.87
CA VAL A 112 -5.59 -5.49 10.00
C VAL A 112 -6.14 -6.68 10.79
N ALA A 113 -6.42 -7.77 10.09
CA ALA A 113 -6.94 -8.98 10.72
C ALA A 113 -5.82 -9.81 11.33
N ARG A 114 -4.74 -9.98 10.57
CA ARG A 114 -3.60 -10.75 11.05
C ARG A 114 -2.31 -10.28 10.37
N LEU A 115 -1.19 -10.91 10.72
CA LEU A 115 0.10 -10.54 10.16
C LEU A 115 1.02 -11.75 10.07
N PRO A 116 2.00 -11.72 9.15
CA PRO A 116 2.95 -12.83 8.98
C PRO A 116 3.60 -13.22 10.29
N LYS A 117 3.76 -14.53 10.50
CA LYS A 117 4.37 -15.06 11.72
C LYS A 117 3.50 -14.77 12.94
N ASP A 118 2.23 -14.46 12.70
CA ASP A 118 1.30 -14.17 13.77
C ASP A 118 1.74 -12.94 14.57
N VAL A 119 2.65 -12.16 13.99
CA VAL A 119 3.15 -10.95 14.65
C VAL A 119 2.00 -10.02 15.04
N GLY A 120 2.31 -9.03 15.87
CA GLY A 120 1.29 -8.09 16.31
C GLY A 120 1.42 -6.74 15.65
N LEU A 121 2.30 -6.63 14.65
CA LEU A 121 2.50 -5.37 13.94
C LEU A 121 3.41 -5.55 12.74
N GLU A 122 3.26 -4.67 11.76
CA GLU A 122 4.07 -4.70 10.55
C GLU A 122 4.37 -3.28 10.09
N ILE A 123 5.42 -3.12 9.28
CA ILE A 123 5.79 -1.80 8.80
C ILE A 123 6.32 -1.82 7.37
N GLU A 124 6.03 -0.75 6.63
CA GLU A 124 6.45 -0.61 5.25
C GLU A 124 6.42 0.86 4.87
N ALA A 125 7.58 1.51 4.86
CA ALA A 125 7.65 2.92 4.54
C ALA A 125 8.51 3.19 3.30
N ILE A 126 8.36 4.39 2.75
CA ILE A 126 9.12 4.80 1.58
C ILE A 126 10.05 5.95 1.94
N ALA A 127 11.17 6.06 1.22
CA ALA A 127 12.14 7.11 1.48
C ALA A 127 12.64 7.75 0.19
N VAL A 128 12.96 9.03 0.27
CA VAL A 128 13.45 9.77 -0.88
C VAL A 128 14.88 10.25 -0.67
N ARG A 129 15.63 10.39 -1.77
CA ARG A 129 17.02 10.83 -1.69
C ARG A 129 17.35 11.74 -2.87
N LYS A 130 16.80 12.95 -2.86
CA LYS A 130 17.04 13.91 -3.93
C LYS A 130 16.80 15.33 -3.44
N MET B 1 16.48 21.64 -5.16
CA MET B 1 15.69 21.03 -4.04
C MET B 1 14.43 20.36 -4.57
N MET B 2 14.04 19.27 -3.93
CA MET B 2 12.84 18.53 -4.32
C MET B 2 12.17 17.91 -3.11
N THR B 3 11.01 17.29 -3.35
CA THR B 3 10.24 16.65 -2.27
C THR B 3 9.82 17.68 -1.22
N GLN B 4 8.51 17.85 -1.07
CA GLN B 4 7.97 18.79 -0.09
C GLN B 4 6.61 18.33 0.42
N ILE B 5 6.52 18.15 1.73
CA ILE B 5 5.28 17.71 2.36
C ILE B 5 4.13 18.66 2.02
N ILE B 6 2.95 18.10 1.81
CA ILE B 6 1.77 18.90 1.48
C ILE B 6 0.98 19.26 2.73
N HIS B 7 0.38 20.44 2.73
CA HIS B 7 -0.41 20.90 3.86
C HIS B 7 -1.52 21.84 3.40
N THR B 8 -2.77 21.45 3.62
CA THR B 8 -3.91 22.26 3.23
C THR B 8 -4.89 22.44 4.39
N GLU B 9 -5.74 23.44 4.27
CA GLU B 9 -6.73 23.71 5.31
C GLU B 9 -8.09 23.11 4.95
N LYS B 10 -8.06 22.07 4.13
CA LYS B 10 -9.28 21.39 3.70
C LYS B 10 -9.48 20.10 4.49
N ALA B 11 -8.45 19.26 4.49
CA ALA B 11 -8.51 17.99 5.20
C ALA B 11 -8.21 18.18 6.69
N PRO B 12 -9.22 17.96 7.57
CA PRO B 12 -9.05 18.10 9.01
C PRO B 12 -7.99 17.18 9.58
N ALA B 13 -7.61 16.17 8.80
CA ALA B 13 -6.61 15.20 9.21
C ALA B 13 -5.30 15.89 9.58
N ALA B 14 -4.24 15.09 9.74
CA ALA B 14 -2.93 15.62 10.09
C ALA B 14 -2.94 16.30 11.45
N ILE B 15 -1.87 17.03 11.75
CA ILE B 15 -1.75 17.73 13.03
C ILE B 15 -1.33 16.78 14.14
N GLY B 16 -0.84 15.61 13.76
CA GLY B 16 -0.41 14.61 14.73
C GLY B 16 1.01 14.12 14.46
N PRO B 17 1.23 12.79 14.52
CA PRO B 17 2.55 12.21 14.28
C PRO B 17 2.82 11.95 12.79
N TYR B 18 2.12 12.67 11.92
CA TYR B 18 2.29 12.50 10.48
C TYR B 18 1.91 13.79 9.74
N VAL B 19 1.80 13.70 8.42
CA VAL B 19 1.45 14.85 7.60
C VAL B 19 0.23 14.56 6.74
N GLN B 20 -0.27 15.59 6.07
CA GLN B 20 -1.43 15.45 5.20
C GLN B 20 -1.11 14.60 3.98
N ALA B 21 -0.07 15.01 3.25
CA ALA B 21 0.36 14.29 2.06
C ALA B 21 1.81 14.61 1.73
N VAL B 22 2.32 13.99 0.67
CA VAL B 22 3.70 14.20 0.24
C VAL B 22 3.76 14.56 -1.23
N ASP B 23 4.54 15.58 -1.55
CA ASP B 23 4.70 16.02 -2.94
C ASP B 23 6.15 15.87 -3.40
N LEU B 24 6.43 14.77 -4.07
CA LEU B 24 7.77 14.49 -4.58
C LEU B 24 8.06 15.33 -5.83
N GLY B 25 7.01 15.79 -6.49
CA GLY B 25 7.16 16.59 -7.68
C GLY B 25 6.32 16.06 -8.83
N ASN B 26 6.97 15.43 -9.79
CA ASN B 26 6.26 14.85 -10.93
C ASN B 26 5.26 13.82 -10.46
N LEU B 27 5.56 13.18 -9.34
CA LEU B 27 4.69 12.17 -8.76
C LEU B 27 4.31 12.53 -7.33
N VAL B 28 3.01 12.67 -7.09
CA VAL B 28 2.51 13.02 -5.75
C VAL B 28 1.76 11.85 -5.15
N LEU B 29 1.48 11.94 -3.84
CA LEU B 29 0.75 10.89 -3.14
C LEU B 29 -0.04 11.47 -1.97
N THR B 30 -1.10 10.77 -1.56
CA THR B 30 -1.93 11.23 -0.45
C THR B 30 -1.89 10.22 0.69
N SER B 31 -1.75 10.74 1.92
CA SER B 31 -1.70 9.89 3.11
C SER B 31 -3.05 9.24 3.36
N GLY B 32 -3.07 8.24 4.25
CA GLY B 32 -4.31 7.56 4.58
C GLY B 32 -5.34 8.49 5.20
N GLN B 33 -6.05 9.23 4.35
CA GLN B 33 -7.07 10.17 4.82
C GLN B 33 -8.33 9.44 5.25
N ILE B 34 -9.00 9.96 6.27
CA ILE B 34 -10.23 9.36 6.77
C ILE B 34 -11.33 10.41 6.86
N PRO B 35 -12.60 9.97 6.92
CA PRO B 35 -13.75 10.87 7.00
C PRO B 35 -13.50 12.01 7.99
N VAL B 36 -13.03 11.63 9.17
CA VAL B 36 -12.72 12.59 10.23
C VAL B 36 -13.83 13.61 10.45
N ASN B 37 -15.04 13.27 10.03
CA ASN B 37 -16.20 14.14 10.18
C ASN B 37 -15.97 15.49 9.49
N PRO B 38 -17.01 16.01 8.80
CA PRO B 38 -16.93 17.29 8.10
C PRO B 38 -16.31 18.40 8.92
N ALA B 39 -16.56 18.39 10.24
CA ALA B 39 -16.02 19.43 11.11
C ALA B 39 -15.99 19.00 12.57
N THR B 40 -16.09 17.70 12.83
CA THR B 40 -16.06 17.19 14.20
C THR B 40 -14.73 16.49 14.47
N GLY B 41 -14.03 16.13 13.41
CA GLY B 41 -12.75 15.47 13.55
C GLY B 41 -12.88 14.06 14.08
N GLU B 42 -13.84 13.30 13.55
CA GLU B 42 -14.05 11.93 13.97
C GLU B 42 -14.47 11.06 12.79
N VAL B 43 -15.76 11.07 12.46
CA VAL B 43 -16.28 10.28 11.35
C VAL B 43 -17.80 10.37 11.29
N PRO B 44 -18.38 10.71 10.12
CA PRO B 44 -19.82 10.82 9.94
C PRO B 44 -20.52 9.45 9.99
N ALA B 45 -21.71 9.42 10.57
CA ALA B 45 -22.47 8.18 10.68
C ALA B 45 -23.05 7.79 9.32
N ASP B 46 -23.37 8.79 8.52
CA ASP B 46 -23.94 8.57 7.20
C ASP B 46 -22.91 7.94 6.28
N ILE B 47 -22.97 6.62 6.17
CA ILE B 47 -22.05 5.87 5.33
C ILE B 47 -21.83 6.56 3.98
N VAL B 48 -22.85 7.25 3.50
CA VAL B 48 -22.77 7.97 2.22
C VAL B 48 -22.02 9.29 2.41
N ALA B 49 -22.48 10.08 3.37
CA ALA B 49 -21.87 11.37 3.65
C ALA B 49 -20.43 11.17 4.13
N GLN B 50 -20.18 10.03 4.75
CA GLN B 50 -18.85 9.69 5.25
C GLN B 50 -17.96 9.20 4.12
N ALA B 51 -18.58 8.60 3.10
CA ALA B 51 -17.85 8.08 1.96
C ALA B 51 -17.42 9.22 1.03
N ARG B 52 -18.27 10.23 0.91
CA ARG B 52 -17.98 11.38 0.05
C ARG B 52 -16.93 12.29 0.68
N GLN B 53 -17.05 12.50 1.98
CA GLN B 53 -16.11 13.35 2.70
C GLN B 53 -14.68 12.83 2.57
N SER B 54 -14.52 11.53 2.71
CA SER B 54 -13.20 10.90 2.59
C SER B 54 -12.58 11.18 1.22
N LEU B 55 -13.39 11.05 0.17
CA LEU B 55 -12.92 11.28 -1.18
C LEU B 55 -12.55 12.74 -1.39
N GLU B 56 -13.30 13.63 -0.75
CA GLU B 56 -13.06 15.07 -0.88
C GLU B 56 -11.74 15.45 -0.22
N ASN B 57 -11.44 14.82 0.90
CA ASN B 57 -10.21 15.11 1.64
C ASN B 57 -8.98 14.70 0.83
N VAL B 58 -9.11 13.60 0.08
CA VAL B 58 -8.01 13.12 -0.74
C VAL B 58 -7.76 14.04 -1.92
N LYS B 59 -8.83 14.43 -2.60
CA LYS B 59 -8.74 15.32 -3.75
C LYS B 59 -8.41 16.75 -3.30
N ALA B 60 -8.89 17.11 -2.11
CA ALA B 60 -8.65 18.44 -1.58
C ALA B 60 -7.16 18.71 -1.42
N ILE B 61 -6.43 17.70 -0.96
CA ILE B 61 -4.99 17.82 -0.77
C ILE B 61 -4.29 18.00 -2.10
N ILE B 62 -4.49 17.06 -3.01
CA ILE B 62 -3.88 17.13 -4.33
C ILE B 62 -4.39 18.34 -5.10
N GLU B 63 -5.60 18.78 -4.76
CA GLU B 63 -6.18 19.94 -5.42
C GLU B 63 -5.54 21.23 -4.94
N LYS B 64 -5.27 21.28 -3.63
CA LYS B 64 -4.64 22.45 -3.03
C LYS B 64 -3.14 22.49 -3.36
N ALA B 65 -2.63 21.39 -3.91
CA ALA B 65 -1.22 21.30 -4.27
C ALA B 65 -1.00 21.79 -5.70
N GLY B 66 -2.01 21.62 -6.55
CA GLY B 66 -1.90 22.04 -7.93
C GLY B 66 -2.02 20.88 -8.90
N LEU B 67 -3.07 20.09 -8.75
CA LEU B 67 -3.30 18.95 -9.62
C LEU B 67 -4.79 18.71 -9.82
N THR B 68 -5.13 17.58 -10.43
CA THR B 68 -6.52 17.23 -10.68
C THR B 68 -6.75 15.73 -10.50
N ALA B 69 -8.01 15.35 -10.30
CA ALA B 69 -8.36 13.95 -10.12
C ALA B 69 -7.97 13.12 -11.33
N ALA B 70 -8.06 13.73 -12.51
CA ALA B 70 -7.71 13.05 -13.75
C ALA B 70 -6.24 12.64 -13.77
N ASP B 71 -5.44 13.24 -12.89
CA ASP B 71 -4.02 12.93 -12.82
C ASP B 71 -3.79 11.71 -11.92
N ILE B 72 -4.72 11.47 -11.01
CA ILE B 72 -4.61 10.33 -10.09
C ILE B 72 -4.40 9.02 -10.86
N VAL B 73 -3.28 8.37 -10.61
CA VAL B 73 -2.95 7.12 -11.28
C VAL B 73 -3.49 5.91 -10.51
N LYS B 74 -3.43 5.99 -9.18
CA LYS B 74 -3.91 4.89 -8.33
C LYS B 74 -4.63 5.44 -7.10
N THR B 75 -5.61 4.68 -6.61
CA THR B 75 -6.38 5.09 -5.44
C THR B 75 -6.76 3.89 -4.57
N THR B 76 -6.14 3.80 -3.40
CA THR B 76 -6.42 2.70 -2.47
C THR B 76 -7.47 3.14 -1.45
N VAL B 77 -8.15 2.17 -0.84
CA VAL B 77 -9.18 2.48 0.14
C VAL B 77 -9.47 1.30 1.05
N PHE B 78 -9.71 1.59 2.32
CA PHE B 78 -10.01 0.56 3.31
C PHE B 78 -11.44 0.70 3.81
N VAL B 79 -12.25 -0.33 3.59
CA VAL B 79 -13.64 -0.30 4.01
C VAL B 79 -13.88 -1.22 5.20
N LYS B 80 -14.90 -0.87 5.99
CA LYS B 80 -15.27 -1.66 7.15
C LYS B 80 -16.47 -2.52 6.83
N ASP B 81 -16.95 -2.40 5.59
CA ASP B 81 -18.11 -3.17 5.13
C ASP B 81 -18.17 -3.17 3.61
N LEU B 82 -17.86 -4.31 3.01
CA LEU B 82 -17.89 -4.46 1.56
C LEU B 82 -19.31 -4.33 1.01
N ASN B 83 -20.29 -4.40 1.91
CA ASN B 83 -21.70 -4.29 1.52
C ASN B 83 -22.07 -2.83 1.31
N ASP B 84 -21.39 -1.94 2.02
CA ASP B 84 -21.64 -0.51 1.92
C ASP B 84 -20.88 0.09 0.74
N PHE B 85 -19.94 -0.69 0.17
CA PHE B 85 -19.15 -0.23 -0.96
C PHE B 85 -20.04 0.13 -2.14
N ALA B 86 -21.24 -0.45 -2.18
CA ALA B 86 -22.18 -0.19 -3.26
C ALA B 86 -22.38 1.31 -3.47
N ALA B 87 -22.79 2.00 -2.41
CA ALA B 87 -23.01 3.44 -2.48
C ALA B 87 -21.70 4.18 -2.72
N VAL B 88 -20.62 3.69 -2.11
CA VAL B 88 -19.31 4.31 -2.26
C VAL B 88 -18.83 4.21 -3.70
N ASN B 89 -19.05 3.05 -4.31
CA ASN B 89 -18.64 2.84 -5.69
C ASN B 89 -19.46 3.72 -6.64
N ALA B 90 -20.76 3.81 -6.37
CA ALA B 90 -21.65 4.63 -7.18
C ALA B 90 -21.22 6.09 -7.17
N GLU B 91 -20.72 6.54 -6.01
CA GLU B 91 -20.26 7.92 -5.87
C GLU B 91 -18.79 8.05 -6.26
N TYR B 92 -18.04 6.96 -6.06
CA TYR B 92 -16.62 6.93 -6.39
C TYR B 92 -16.39 7.25 -7.86
N GLU B 93 -17.13 6.57 -8.72
CA GLU B 93 -17.01 6.77 -10.16
C GLU B 93 -17.82 7.98 -10.63
N ARG B 94 -18.76 8.42 -9.80
CA ARG B 94 -19.60 9.56 -10.14
C ARG B 94 -18.83 10.88 -10.01
N PHE B 95 -17.84 10.90 -9.12
CA PHE B 95 -17.04 12.10 -8.91
C PHE B 95 -15.89 12.16 -9.91
N PHE B 96 -15.37 10.99 -10.27
CA PHE B 96 -14.27 10.90 -11.23
C PHE B 96 -14.65 11.59 -12.53
N LYS B 97 -15.76 11.15 -13.10
CA LYS B 97 -16.24 11.73 -14.35
C LYS B 97 -16.58 13.21 -14.13
N GLU B 98 -16.97 13.54 -12.90
CA GLU B 98 -17.28 14.92 -12.56
C GLU B 98 -16.01 15.70 -12.25
N ASN B 99 -14.88 15.00 -12.22
CA ASN B 99 -13.59 15.62 -11.95
C ASN B 99 -12.71 15.59 -13.19
N ASN B 100 -13.21 14.93 -14.25
CA ASN B 100 -12.49 14.81 -15.52
C ASN B 100 -11.53 13.63 -15.48
N HIS B 101 -11.92 12.58 -14.76
CA HIS B 101 -11.10 11.37 -14.65
C HIS B 101 -11.93 10.13 -14.97
N PRO B 102 -12.35 9.97 -16.24
CA PRO B 102 -13.16 8.83 -16.66
C PRO B 102 -12.33 7.56 -16.80
N ASN B 103 -11.02 7.71 -16.93
CA ASN B 103 -10.13 6.56 -17.07
C ASN B 103 -10.07 5.79 -15.76
N PHE B 104 -10.10 6.53 -14.65
CA PHE B 104 -10.05 5.93 -13.31
C PHE B 104 -8.65 5.44 -12.97
N PRO B 105 -8.23 5.60 -11.71
CA PRO B 105 -6.92 5.16 -11.24
C PRO B 105 -6.95 3.72 -10.71
N ALA B 106 -5.78 3.12 -10.54
CA ALA B 106 -5.70 1.76 -10.03
C ALA B 106 -6.55 1.63 -8.76
N ARG B 107 -7.00 0.41 -8.48
CA ARG B 107 -7.84 0.19 -7.31
C ARG B 107 -7.21 -0.79 -6.32
N SER B 108 -7.36 -0.49 -5.04
CA SER B 108 -6.82 -1.33 -3.98
C SER B 108 -7.78 -1.34 -2.79
N CYS B 109 -9.07 -1.50 -3.08
CA CYS B 109 -10.09 -1.51 -2.05
C CYS B 109 -10.18 -2.88 -1.37
N VAL B 110 -10.26 -2.87 -0.04
CA VAL B 110 -10.36 -4.10 0.73
C VAL B 110 -11.06 -3.86 2.06
N GLU B 111 -11.76 -4.89 2.54
CA GLU B 111 -12.47 -4.79 3.82
C GLU B 111 -11.53 -5.09 4.98
N VAL B 112 -10.91 -4.05 5.51
CA VAL B 112 -9.98 -4.20 6.64
C VAL B 112 -10.73 -4.55 7.92
N ALA B 113 -9.98 -4.75 8.99
CA ALA B 113 -10.57 -5.09 10.28
C ALA B 113 -11.06 -3.83 11.01
N ARG B 114 -10.21 -2.80 11.02
CA ARG B 114 -10.55 -1.54 11.67
C ARG B 114 -9.83 -0.37 11.00
N LEU B 115 -10.05 0.83 11.51
CA LEU B 115 -9.43 2.03 10.96
C LEU B 115 -9.20 3.06 12.05
N PRO B 116 -8.23 3.96 11.86
CA PRO B 116 -7.92 5.02 12.83
C PRO B 116 -9.16 5.81 13.23
N LYS B 117 -9.27 6.13 14.52
CA LYS B 117 -10.41 6.89 15.03
C LYS B 117 -11.69 6.09 14.92
N ASP B 118 -11.56 4.78 14.75
CA ASP B 118 -12.72 3.90 14.62
C ASP B 118 -13.55 4.26 13.40
N VAL B 119 -12.96 5.01 12.48
CA VAL B 119 -13.66 5.43 11.27
C VAL B 119 -14.20 4.23 10.50
N GLY B 120 -15.06 4.48 9.53
CA GLY B 120 -15.63 3.40 8.74
C GLY B 120 -15.05 3.33 7.34
N LEU B 121 -14.01 4.11 7.08
CA LEU B 121 -13.38 4.12 5.76
C LEU B 121 -12.11 4.96 5.76
N GLU B 122 -11.21 4.63 4.85
CA GLU B 122 -9.95 5.35 4.72
C GLU B 122 -9.56 5.45 3.24
N ILE B 123 -8.71 6.42 2.90
CA ILE B 123 -8.29 6.60 1.52
C ILE B 123 -6.82 7.02 1.40
N GLU B 124 -6.19 6.55 0.34
CA GLU B 124 -4.79 6.86 0.06
C GLU B 124 -4.50 6.62 -1.43
N ALA B 125 -4.47 7.70 -2.19
CA ALA B 125 -4.24 7.60 -3.63
C ALA B 125 -2.98 8.32 -4.07
N ILE B 126 -2.52 7.99 -5.27
CA ILE B 126 -1.33 8.61 -5.84
C ILE B 126 -1.71 9.43 -7.07
N ALA B 127 -0.92 10.47 -7.35
CA ALA B 127 -1.19 11.33 -8.49
C ALA B 127 0.09 11.66 -9.27
N VAL B 128 -0.07 11.83 -10.57
CA VAL B 128 1.07 12.15 -11.43
C VAL B 128 0.91 13.54 -12.06
N ARG B 129 2.04 14.18 -12.35
CA ARG B 129 2.03 15.50 -12.96
C ARG B 129 3.16 15.65 -13.97
N LYS B 130 3.04 14.96 -15.09
CA LYS B 130 4.05 15.01 -16.14
C LYS B 130 3.45 14.65 -17.49
N MET C 1 4.81 13.48 -23.63
CA MET C 1 3.69 12.84 -22.88
C MET C 1 4.17 11.63 -22.09
N MET C 2 3.57 11.42 -20.92
CA MET C 2 3.93 10.30 -20.07
C MET C 2 2.72 9.78 -19.31
N THR C 3 2.91 8.68 -18.57
CA THR C 3 1.83 8.09 -17.80
C THR C 3 0.71 7.61 -18.71
N GLN C 4 0.46 6.31 -18.71
CA GLN C 4 -0.59 5.73 -19.54
C GLN C 4 -1.16 4.47 -18.89
N ILE C 5 -2.46 4.49 -18.63
CA ILE C 5 -3.15 3.35 -18.02
C ILE C 5 -2.93 2.08 -18.84
N ILE C 6 -2.76 0.96 -18.14
CA ILE C 6 -2.55 -0.32 -18.81
C ILE C 6 -3.87 -1.06 -19.01
N HIS C 7 -3.96 -1.80 -20.11
CA HIS C 7 -5.17 -2.56 -20.42
C HIS C 7 -4.83 -3.80 -21.24
N THR C 8 -5.11 -4.97 -20.69
CA THR C 8 -4.82 -6.23 -21.37
C THR C 8 -6.04 -7.13 -21.38
N GLU C 9 -6.05 -8.12 -22.27
CA GLU C 9 -7.16 -9.06 -22.37
C GLU C 9 -6.84 -10.35 -21.62
N LYS C 10 -5.96 -10.26 -20.63
CA LYS C 10 -5.58 -11.42 -19.83
C LYS C 10 -6.30 -11.41 -18.49
N ALA C 11 -6.20 -10.29 -17.78
CA ALA C 11 -6.84 -10.14 -16.48
C ALA C 11 -8.31 -9.77 -16.64
N PRO C 12 -9.23 -10.68 -16.24
CA PRO C 12 -10.67 -10.44 -16.34
C PRO C 12 -11.12 -9.23 -15.52
N ALA C 13 -10.26 -8.81 -14.60
CA ALA C 13 -10.56 -7.66 -13.75
C ALA C 13 -10.88 -6.42 -14.57
N ALA C 14 -10.93 -5.27 -13.90
CA ALA C 14 -11.23 -4.00 -14.58
C ALA C 14 -12.64 -4.01 -15.18
N ILE C 15 -12.91 -3.02 -16.01
CA ILE C 15 -14.21 -2.89 -16.67
C ILE C 15 -15.24 -2.29 -15.71
N GLY C 16 -14.76 -1.69 -14.64
CA GLY C 16 -15.64 -1.08 -13.66
C GLY C 16 -15.25 0.35 -13.35
N PRO C 17 -15.23 0.75 -12.06
CA PRO C 17 -14.87 2.10 -11.66
C PRO C 17 -13.36 2.31 -11.51
N TYR C 18 -12.58 1.47 -12.18
CA TYR C 18 -11.13 1.57 -12.11
C TYR C 18 -10.49 0.99 -13.37
N VAL C 19 -9.17 0.79 -13.33
CA VAL C 19 -8.45 0.26 -14.48
C VAL C 19 -7.64 -0.98 -14.08
N GLN C 20 -7.06 -1.64 -15.07
CA GLN C 20 -6.26 -2.84 -14.84
C GLN C 20 -4.97 -2.49 -14.10
N ALA C 21 -4.21 -1.57 -14.65
CA ALA C 21 -2.96 -1.14 -14.05
C ALA C 21 -2.55 0.25 -14.55
N VAL C 22 -1.43 0.74 -14.04
CA VAL C 22 -0.93 2.05 -14.43
C VAL C 22 0.53 1.98 -14.86
N ASP C 23 0.84 2.63 -15.99
CA ASP C 23 2.20 2.63 -16.51
C ASP C 23 2.76 4.04 -16.55
N LEU C 24 3.51 4.40 -15.52
CA LEU C 24 4.12 5.73 -15.43
C LEU C 24 5.33 5.84 -16.35
N GLY C 25 5.89 4.69 -16.73
CA GLY C 25 7.05 4.69 -17.60
C GLY C 25 8.16 3.83 -17.04
N ASN C 26 9.20 4.48 -16.53
CA ASN C 26 10.32 3.76 -15.94
C ASN C 26 9.86 2.91 -14.78
N LEU C 27 8.79 3.36 -14.12
CA LEU C 27 8.22 2.65 -12.99
C LEU C 27 6.75 2.33 -13.22
N VAL C 28 6.42 1.04 -13.21
CA VAL C 28 5.04 0.60 -13.42
C VAL C 28 4.45 0.02 -12.14
N LEU C 29 3.14 -0.17 -12.14
CA LEU C 29 2.44 -0.72 -10.98
C LEU C 29 1.20 -1.49 -11.40
N THR C 30 0.77 -2.44 -10.57
CA THR C 30 -0.42 -3.24 -10.87
C THR C 30 -1.50 -3.02 -9.82
N SER C 31 -2.74 -2.86 -10.29
CA SER C 31 -3.86 -2.64 -9.39
C SER C 31 -4.16 -3.88 -8.57
N GLY C 32 -4.98 -3.73 -7.54
CA GLY C 32 -5.34 -4.86 -6.70
C GLY C 32 -6.07 -5.95 -7.47
N GLN C 33 -5.30 -6.79 -8.16
CA GLN C 33 -5.88 -7.87 -8.94
C GLN C 33 -6.34 -9.02 -8.04
N ILE C 34 -7.42 -9.68 -8.44
CA ILE C 34 -7.97 -10.79 -7.68
C ILE C 34 -8.17 -12.01 -8.58
N PRO C 35 -8.27 -13.21 -7.99
CA PRO C 35 -8.47 -14.45 -8.75
C PRO C 35 -9.51 -14.27 -9.84
N VAL C 36 -10.64 -13.68 -9.47
CA VAL C 36 -11.73 -13.41 -10.41
C VAL C 36 -12.08 -14.63 -11.28
N ASN C 37 -11.70 -15.81 -10.81
CA ASN C 37 -11.97 -17.05 -11.54
C ASN C 37 -11.35 -17.03 -12.93
N PRO C 38 -10.76 -18.16 -13.36
CA PRO C 38 -10.11 -18.27 -14.68
C PRO C 38 -10.97 -17.74 -15.82
N ALA C 39 -12.29 -17.89 -15.71
CA ALA C 39 -13.18 -17.43 -16.75
C ALA C 39 -14.63 -17.26 -16.26
N THR C 40 -14.80 -17.20 -14.94
CA THR C 40 -16.14 -17.02 -14.38
C THR C 40 -16.31 -15.61 -13.83
N GLY C 41 -15.17 -14.93 -13.62
CA GLY C 41 -15.22 -13.57 -13.11
C GLY C 41 -15.67 -13.51 -11.66
N GLU C 42 -15.15 -14.41 -10.83
CA GLU C 42 -15.51 -14.43 -9.41
C GLU C 42 -14.31 -14.81 -8.56
N VAL C 43 -14.06 -16.11 -8.44
CA VAL C 43 -12.93 -16.61 -7.65
C VAL C 43 -12.96 -18.14 -7.54
N PRO C 44 -11.85 -18.82 -7.88
CA PRO C 44 -11.76 -20.28 -7.82
C PRO C 44 -11.78 -20.80 -6.38
N ALA C 45 -12.42 -21.95 -6.18
CA ALA C 45 -12.51 -22.55 -4.85
C ALA C 45 -11.17 -23.16 -4.46
N ASP C 46 -10.44 -23.65 -5.46
CA ASP C 46 -9.14 -24.27 -5.23
C ASP C 46 -8.13 -23.23 -4.78
N ILE C 47 -7.96 -23.14 -3.47
CA ILE C 47 -7.02 -22.20 -2.87
C ILE C 47 -5.70 -22.15 -3.65
N VAL C 48 -5.32 -23.28 -4.23
CA VAL C 48 -4.08 -23.35 -5.01
C VAL C 48 -4.30 -22.77 -6.40
N ALA C 49 -5.33 -23.25 -7.09
CA ALA C 49 -5.65 -22.77 -8.42
C ALA C 49 -6.03 -21.29 -8.39
N GLN C 50 -6.56 -20.87 -7.24
CA GLN C 50 -6.97 -19.49 -7.04
C GLN C 50 -5.76 -18.62 -6.72
N ALA C 51 -4.75 -19.23 -6.11
CA ALA C 51 -3.53 -18.52 -5.75
C ALA C 51 -2.65 -18.28 -6.97
N ARG C 52 -2.64 -19.25 -7.87
CA ARG C 52 -1.84 -19.16 -9.09
C ARG C 52 -2.46 -18.18 -10.08
N GLN C 53 -3.78 -18.23 -10.21
CA GLN C 53 -4.49 -17.35 -11.14
C GLN C 53 -4.24 -15.88 -10.79
N SER C 54 -4.29 -15.56 -9.50
CA SER C 54 -4.06 -14.19 -9.05
C SER C 54 -2.68 -13.70 -9.47
N LEU C 55 -1.68 -14.55 -9.29
CA LEU C 55 -0.31 -14.20 -9.65
C LEU C 55 -0.17 -14.02 -11.16
N GLU C 56 -0.89 -14.82 -11.92
CA GLU C 56 -0.84 -14.75 -13.38
C GLU C 56 -1.44 -13.44 -13.88
N ASN C 57 -2.52 -13.01 -13.23
CA ASN C 57 -3.20 -11.77 -13.62
C ASN C 57 -2.29 -10.56 -13.40
N VAL C 58 -1.49 -10.60 -12.34
CA VAL C 58 -0.57 -9.52 -12.04
C VAL C 58 0.56 -9.45 -13.05
N LYS C 59 1.15 -10.60 -13.34
CA LYS C 59 2.24 -10.68 -14.29
C LYS C 59 1.74 -10.50 -15.72
N ALA C 60 0.51 -10.93 -15.96
CA ALA C 60 -0.10 -10.81 -17.28
C ALA C 60 -0.18 -9.35 -17.71
N ILE C 61 -0.54 -8.49 -16.77
CA ILE C 61 -0.65 -7.06 -17.05
C ILE C 61 0.71 -6.47 -17.39
N ILE C 62 1.67 -6.63 -16.48
CA ILE C 62 3.01 -6.12 -16.69
C ILE C 62 3.67 -6.82 -17.88
N GLU C 63 3.24 -8.04 -18.16
CA GLU C 63 3.80 -8.81 -19.27
C GLU C 63 3.25 -8.28 -20.59
N LYS C 64 1.97 -7.93 -20.61
CA LYS C 64 1.35 -7.40 -21.81
C LYS C 64 1.76 -5.94 -22.04
N ALA C 65 2.42 -5.35 -21.03
CA ALA C 65 2.87 -3.96 -21.14
C ALA C 65 4.27 -3.89 -21.72
N GLY C 66 5.06 -4.93 -21.48
CA GLY C 66 6.41 -4.97 -21.99
C GLY C 66 7.45 -5.03 -20.88
N LEU C 67 7.29 -5.98 -19.97
CA LEU C 67 8.22 -6.13 -18.85
C LEU C 67 8.34 -7.60 -18.45
N THR C 68 8.98 -7.84 -17.32
CA THR C 68 9.17 -9.20 -16.83
C THR C 68 9.08 -9.24 -15.30
N ALA C 69 8.81 -10.44 -14.77
CA ALA C 69 8.70 -10.62 -13.33
C ALA C 69 9.99 -10.22 -12.62
N ALA C 70 11.11 -10.45 -13.28
CA ALA C 70 12.41 -10.11 -12.71
C ALA C 70 12.56 -8.62 -12.48
N ASP C 71 11.70 -7.83 -13.12
CA ASP C 71 11.73 -6.38 -12.97
C ASP C 71 10.92 -5.94 -11.75
N ILE C 72 9.97 -6.78 -11.34
CA ILE C 72 9.14 -6.48 -10.19
C ILE C 72 9.99 -6.18 -8.96
N VAL C 73 9.85 -4.97 -8.43
CA VAL C 73 10.61 -4.54 -7.26
C VAL C 73 9.88 -4.88 -5.96
N LYS C 74 8.55 -4.75 -5.97
CA LYS C 74 7.75 -5.04 -4.79
C LYS C 74 6.44 -5.73 -5.17
N THR C 75 5.95 -6.58 -4.28
CA THR C 75 4.70 -7.29 -4.54
C THR C 75 3.89 -7.48 -3.26
N THR C 76 2.77 -6.78 -3.18
CA THR C 76 1.89 -6.87 -2.01
C THR C 76 0.78 -7.89 -2.26
N VAL C 77 0.19 -8.42 -1.19
CA VAL C 77 -0.88 -9.39 -1.33
C VAL C 77 -1.73 -9.48 -0.07
N PHE C 78 -3.03 -9.66 -0.26
CA PHE C 78 -3.96 -9.78 0.84
C PHE C 78 -4.56 -11.18 0.90
N VAL C 79 -4.33 -11.88 2.00
CA VAL C 79 -4.83 -13.23 2.17
C VAL C 79 -5.98 -13.29 3.16
N LYS C 80 -6.86 -14.27 2.98
CA LYS C 80 -7.99 -14.47 3.87
C LYS C 80 -7.69 -15.59 4.85
N ASP C 81 -6.48 -16.16 4.73
CA ASP C 81 -6.06 -17.24 5.61
C ASP C 81 -4.55 -17.42 5.53
N LEU C 82 -3.87 -17.02 6.60
CA LEU C 82 -2.41 -17.13 6.66
C LEU C 82 -1.97 -18.59 6.68
N ASN C 83 -2.92 -19.49 6.92
CA ASN C 83 -2.61 -20.92 6.96
C ASN C 83 -2.52 -21.48 5.54
N ASP C 84 -3.24 -20.85 4.62
CA ASP C 84 -3.23 -21.27 3.23
C ASP C 84 -2.04 -20.67 2.48
N PHE C 85 -1.38 -19.69 3.11
CA PHE C 85 -0.24 -19.04 2.50
C PHE C 85 0.87 -20.04 2.19
N ALA C 86 0.87 -21.16 2.90
CA ALA C 86 1.88 -22.21 2.70
C ALA C 86 1.98 -22.59 1.23
N ALA C 87 0.86 -23.00 0.65
CA ALA C 87 0.83 -23.40 -0.76
C ALA C 87 1.09 -22.21 -1.66
N VAL C 88 0.59 -21.04 -1.27
CA VAL C 88 0.78 -19.82 -2.04
C VAL C 88 2.25 -19.44 -2.09
N ASN C 89 2.91 -19.56 -0.94
CA ASN C 89 4.34 -19.23 -0.85
C ASN C 89 5.17 -20.20 -1.68
N ALA C 90 4.81 -21.48 -1.60
CA ALA C 90 5.53 -22.51 -2.35
C ALA C 90 5.45 -22.25 -3.84
N GLU C 91 4.31 -21.73 -4.28
CA GLU C 91 4.10 -21.42 -5.71
C GLU C 91 4.58 -20.00 -6.02
N TYR C 92 4.49 -19.12 -5.03
CA TYR C 92 4.90 -17.74 -5.18
C TYR C 92 6.37 -17.64 -5.60
N GLU C 93 7.22 -18.36 -4.88
CA GLU C 93 8.65 -18.36 -5.18
C GLU C 93 8.99 -19.34 -6.31
N ARG C 94 8.08 -20.26 -6.59
CA ARG C 94 8.29 -21.25 -7.64
C ARG C 94 8.13 -20.63 -9.04
N PHE C 95 7.31 -19.59 -9.12
CA PHE C 95 7.08 -18.92 -10.39
C PHE C 95 8.14 -17.85 -10.65
N PHE C 96 8.60 -17.23 -9.56
CA PHE C 96 9.63 -16.20 -9.66
C PHE C 96 10.86 -16.75 -10.37
N LYS C 97 11.39 -17.84 -9.83
CA LYS C 97 12.57 -18.46 -10.42
C LYS C 97 12.24 -18.95 -11.83
N GLU C 98 10.97 -19.29 -12.05
CA GLU C 98 10.53 -19.75 -13.37
C GLU C 98 10.25 -18.56 -14.28
N ASN C 99 10.33 -17.34 -13.71
CA ASN C 99 10.10 -16.12 -14.47
C ASN C 99 11.40 -15.33 -14.61
N ASN C 100 12.46 -15.82 -13.95
CA ASN C 100 13.77 -15.18 -13.97
C ASN C 100 13.87 -14.08 -12.92
N HIS C 101 13.19 -14.31 -11.79
CA HIS C 101 13.19 -13.34 -10.69
C HIS C 101 13.54 -14.05 -9.38
N PRO C 102 14.78 -14.54 -9.25
CA PRO C 102 15.23 -15.23 -8.04
C PRO C 102 15.50 -14.28 -6.87
N ASN C 103 15.71 -13.01 -7.19
CA ASN C 103 15.96 -12.00 -6.16
C ASN C 103 14.70 -11.76 -5.33
N PHE C 104 13.55 -11.80 -6.00
CA PHE C 104 12.27 -11.59 -5.36
C PHE C 104 12.04 -10.13 -5.00
N PRO C 105 10.80 -9.64 -5.14
CA PRO C 105 10.45 -8.25 -4.84
C PRO C 105 10.01 -8.09 -3.39
N ALA C 106 9.94 -6.85 -2.92
CA ALA C 106 9.52 -6.57 -1.56
C ALA C 106 8.21 -7.30 -1.26
N ARG C 107 7.98 -7.61 0.02
CA ARG C 107 6.77 -8.33 0.40
C ARG C 107 5.89 -7.52 1.34
N SER C 108 4.58 -7.61 1.13
CA SER C 108 3.61 -6.91 1.95
C SER C 108 2.36 -7.77 2.14
N CYS C 109 2.58 -9.05 2.43
CA CYS C 109 1.48 -9.99 2.63
C CYS C 109 0.88 -9.88 4.02
N VAL C 110 -0.44 -9.86 4.09
CA VAL C 110 -1.14 -9.76 5.37
C VAL C 110 -2.53 -10.39 5.29
N GLU C 111 -2.99 -10.93 6.40
CA GLU C 111 -4.31 -11.55 6.46
C GLU C 111 -5.39 -10.51 6.71
N VAL C 112 -5.95 -9.97 5.62
CA VAL C 112 -6.99 -8.96 5.72
C VAL C 112 -8.30 -9.56 6.21
N ALA C 113 -9.31 -8.72 6.37
CA ALA C 113 -10.61 -9.17 6.85
C ALA C 113 -11.44 -9.74 5.69
N ARG C 114 -11.45 -9.03 4.57
CA ARG C 114 -12.20 -9.47 3.40
C ARG C 114 -11.56 -8.95 2.12
N LEU C 115 -12.15 -9.28 0.98
CA LEU C 115 -11.64 -8.84 -0.31
C LEU C 115 -12.77 -8.66 -1.32
N PRO C 116 -12.56 -7.82 -2.34
CA PRO C 116 -13.56 -7.57 -3.37
C PRO C 116 -14.08 -8.86 -3.99
N LYS C 117 -15.39 -8.92 -4.22
CA LYS C 117 -16.02 -10.10 -4.80
C LYS C 117 -15.96 -11.28 -3.85
N ASP C 118 -15.69 -11.01 -2.58
CA ASP C 118 -15.60 -12.06 -1.56
C ASP C 118 -14.46 -13.02 -1.88
N VAL C 119 -13.55 -12.59 -2.76
CA VAL C 119 -12.42 -13.43 -3.14
C VAL C 119 -11.62 -13.86 -1.92
N GLY C 120 -10.73 -14.82 -2.11
CA GLY C 120 -9.91 -15.31 -1.01
C GLY C 120 -8.47 -14.83 -1.08
N LEU C 121 -8.19 -13.91 -2.00
CA LEU C 121 -6.85 -13.37 -2.15
C LEU C 121 -6.82 -12.21 -3.13
N GLU C 122 -5.83 -11.34 -2.96
CA GLU C 122 -5.66 -10.18 -3.82
C GLU C 122 -4.18 -9.91 -4.05
N ILE C 123 -3.85 -9.18 -5.12
CA ILE C 123 -2.46 -8.89 -5.43
C ILE C 123 -2.28 -7.50 -6.02
N GLU C 124 -1.15 -6.88 -5.69
CA GLU C 124 -0.81 -5.55 -6.18
C GLU C 124 0.70 -5.35 -6.05
N ALA C 125 1.41 -5.48 -7.17
CA ALA C 125 2.86 -5.34 -7.16
C ALA C 125 3.33 -4.19 -8.06
N ILE C 126 4.57 -3.79 -7.85
CA ILE C 126 5.18 -2.72 -8.64
C ILE C 126 6.32 -3.27 -9.48
N ALA C 127 6.59 -2.63 -10.61
CA ALA C 127 7.66 -3.07 -11.49
C ALA C 127 8.49 -1.90 -12.00
N VAL C 128 9.76 -2.15 -12.23
CA VAL C 128 10.67 -1.12 -12.73
C VAL C 128 11.20 -1.48 -14.11
N ARG C 129 11.52 -0.44 -14.89
CA ARG C 129 12.04 -0.65 -16.25
C ARG C 129 13.11 0.39 -16.57
N LYS C 130 14.27 0.27 -15.94
CA LYS C 130 15.37 1.19 -16.17
C LYS C 130 16.71 0.55 -15.81
N MET A 1 23.84 3.01 -9.17
CA MET A 1 23.03 1.94 -8.54
C MET A 1 21.54 2.15 -8.79
N MET A 2 21.07 1.71 -9.96
CA MET A 2 19.67 1.85 -10.33
C MET A 2 18.91 0.57 -10.04
N THR A 3 18.01 0.61 -9.07
CA THR A 3 17.22 -0.55 -8.71
C THR A 3 18.11 -1.69 -8.23
N GLN A 4 17.98 -2.04 -6.95
CA GLN A 4 18.78 -3.11 -6.36
C GLN A 4 18.29 -3.45 -4.96
N ILE A 5 17.98 -4.72 -4.74
CA ILE A 5 17.50 -5.18 -3.44
C ILE A 5 18.50 -4.84 -2.34
N ILE A 6 17.98 -4.44 -1.17
CA ILE A 6 18.82 -4.09 -0.04
C ILE A 6 18.96 -5.25 0.93
N HIS A 7 20.09 -5.31 1.62
CA HIS A 7 20.34 -6.38 2.58
C HIS A 7 21.23 -5.89 3.72
N THR A 8 20.96 -6.36 4.93
CA THR A 8 21.73 -5.97 6.10
C THR A 8 21.66 -7.04 7.19
N GLU A 9 22.46 -6.87 8.23
CA GLU A 9 22.49 -7.82 9.33
C GLU A 9 21.83 -7.24 10.58
N LYS A 10 20.89 -6.33 10.37
CA LYS A 10 20.18 -5.69 11.47
C LYS A 10 18.68 -5.96 11.39
N ALA A 11 18.13 -5.81 10.19
CA ALA A 11 16.72 -6.05 9.96
C ALA A 11 16.37 -7.52 10.16
N PRO A 12 15.06 -7.85 10.15
CA PRO A 12 14.61 -9.23 10.34
C PRO A 12 15.07 -10.15 9.21
N ALA A 13 15.57 -9.56 8.13
CA ALA A 13 16.05 -10.33 6.99
C ALA A 13 14.92 -10.99 6.24
N ALA A 14 15.07 -11.13 4.93
CA ALA A 14 14.07 -11.76 4.09
C ALA A 14 14.68 -12.88 3.26
N ILE A 15 14.15 -14.09 3.44
CA ILE A 15 14.64 -15.26 2.72
C ILE A 15 13.49 -16.09 2.18
N GLY A 16 12.30 -15.49 2.13
CA GLY A 16 11.13 -16.18 1.64
C GLY A 16 10.55 -15.54 0.40
N PRO A 17 9.29 -15.07 0.46
CA PRO A 17 8.63 -14.44 -0.68
C PRO A 17 8.85 -12.93 -0.74
N TYR A 18 9.82 -12.42 0.02
CA TYR A 18 10.08 -10.98 0.01
C TYR A 18 11.57 -10.69 0.22
N VAL A 19 11.90 -9.42 0.36
CA VAL A 19 13.28 -8.99 0.57
C VAL A 19 13.34 -7.88 1.61
N GLN A 20 14.56 -7.56 2.05
CA GLN A 20 14.76 -6.51 3.05
C GLN A 20 14.21 -5.18 2.54
N ALA A 21 14.60 -4.83 1.32
CA ALA A 21 14.15 -3.58 0.71
C ALA A 21 14.68 -3.45 -0.72
N VAL A 22 14.38 -2.33 -1.36
CA VAL A 22 14.83 -2.09 -2.73
C VAL A 22 15.21 -0.63 -2.92
N ASP A 23 16.36 -0.42 -3.55
CA ASP A 23 16.85 0.94 -3.80
C ASP A 23 16.80 1.27 -5.29
N LEU A 24 15.97 2.24 -5.65
CA LEU A 24 15.84 2.64 -7.05
C LEU A 24 16.81 3.77 -7.39
N GLY A 25 17.36 4.41 -6.36
CA GLY A 25 18.29 5.51 -6.58
C GLY A 25 17.77 6.80 -6.02
N ASN A 26 17.21 7.64 -6.89
CA ASN A 26 16.64 8.91 -6.47
C ASN A 26 15.58 8.69 -5.39
N LEU A 27 14.94 7.53 -5.46
CA LEU A 27 13.89 7.16 -4.50
C LEU A 27 14.06 5.71 -4.04
N VAL A 28 13.94 5.50 -2.74
CA VAL A 28 14.08 4.16 -2.17
C VAL A 28 12.73 3.63 -1.69
N LEU A 29 12.65 2.33 -1.45
CA LEU A 29 11.41 1.71 -0.98
C LEU A 29 11.71 0.61 0.02
N THR A 30 11.01 0.63 1.16
CA THR A 30 11.20 -0.37 2.21
C THR A 30 10.05 -1.37 2.21
N SER A 31 10.37 -2.63 2.52
CA SER A 31 9.36 -3.69 2.56
C SER A 31 8.63 -3.68 3.90
N GLY A 32 7.67 -4.59 4.05
CA GLY A 32 6.92 -4.69 5.28
C GLY A 32 7.73 -5.34 6.39
N GLN A 33 8.44 -4.53 7.15
CA GLN A 33 9.26 -5.03 8.25
C GLN A 33 8.43 -5.84 9.23
N ILE A 34 9.03 -6.88 9.78
CA ILE A 34 8.35 -7.74 10.75
C ILE A 34 9.17 -7.85 12.05
N PRO A 35 8.51 -7.69 13.21
CA PRO A 35 9.19 -7.76 14.52
C PRO A 35 9.74 -9.16 14.80
N VAL A 36 10.72 -9.58 14.01
CA VAL A 36 11.34 -10.88 14.20
C VAL A 36 12.44 -10.81 15.23
N ASN A 37 12.06 -10.99 16.49
CA ASN A 37 12.99 -10.95 17.62
C ASN A 37 14.37 -11.48 17.24
N PRO A 38 15.44 -10.77 17.63
CA PRO A 38 16.81 -11.19 17.33
C PRO A 38 17.26 -12.38 18.18
N ALA A 39 16.57 -12.59 19.29
CA ALA A 39 16.89 -13.70 20.18
C ALA A 39 15.78 -14.75 20.20
N THR A 40 14.69 -14.47 19.49
CA THR A 40 13.58 -15.40 19.43
C THR A 40 13.20 -15.73 17.99
N GLY A 41 13.44 -14.78 17.10
CA GLY A 41 13.13 -14.98 15.70
C GLY A 41 11.65 -15.12 15.46
N GLU A 42 10.87 -14.15 15.93
CA GLU A 42 9.41 -14.19 15.75
C GLU A 42 8.78 -12.84 16.05
N VAL A 43 8.53 -12.56 17.32
CA VAL A 43 7.92 -11.31 17.75
C VAL A 43 7.65 -11.30 19.25
N PRO A 44 8.17 -10.28 19.97
CA PRO A 44 7.97 -10.18 21.42
C PRO A 44 6.56 -9.71 21.77
N ALA A 45 5.99 -10.32 22.80
CA ALA A 45 4.64 -9.96 23.25
C ALA A 45 4.58 -8.51 23.70
N ASP A 46 5.70 -8.02 24.23
CA ASP A 46 5.79 -6.64 24.70
C ASP A 46 5.50 -5.67 23.56
N ILE A 47 4.25 -5.25 23.50
CA ILE A 47 3.80 -4.29 22.49
C ILE A 47 4.81 -3.15 22.34
N VAL A 48 5.49 -2.81 23.43
CA VAL A 48 6.48 -1.76 23.42
C VAL A 48 7.79 -2.26 22.84
N ALA A 49 8.14 -3.49 23.18
CA ALA A 49 9.37 -4.11 22.69
C ALA A 49 9.32 -4.27 21.17
N GLN A 50 8.27 -4.91 20.70
CA GLN A 50 8.09 -5.12 19.26
C GLN A 50 7.95 -3.78 18.55
N ALA A 51 7.47 -2.78 19.28
CA ALA A 51 7.29 -1.44 18.73
C ALA A 51 8.62 -0.77 18.46
N ARG A 52 9.56 -0.94 19.40
CA ARG A 52 10.88 -0.34 19.27
C ARG A 52 11.75 -1.14 18.30
N GLN A 53 11.77 -2.46 18.48
CA GLN A 53 12.55 -3.33 17.62
C GLN A 53 12.09 -3.21 16.17
N SER A 54 10.78 -3.24 15.96
CA SER A 54 10.21 -3.14 14.62
C SER A 54 10.60 -1.81 13.98
N LEU A 55 10.65 -0.75 14.78
CA LEU A 55 11.00 0.57 14.28
C LEU A 55 12.51 0.68 14.05
N GLU A 56 13.27 -0.16 14.75
CA GLU A 56 14.72 -0.14 14.63
C GLU A 56 15.17 -0.78 13.32
N ASN A 57 14.68 -1.99 13.05
CA ASN A 57 15.04 -2.70 11.82
C ASN A 57 14.66 -1.89 10.59
N VAL A 58 13.63 -1.07 10.71
CA VAL A 58 13.18 -0.23 9.61
C VAL A 58 14.25 0.80 9.26
N LYS A 59 14.79 1.45 10.27
CA LYS A 59 15.82 2.46 10.07
C LYS A 59 17.15 1.81 9.72
N ALA A 60 17.36 0.59 10.20
CA ALA A 60 18.59 -0.13 9.93
C ALA A 60 18.78 -0.36 8.44
N ILE A 61 17.69 -0.69 7.76
CA ILE A 61 17.74 -0.94 6.32
C ILE A 61 17.89 0.37 5.57
N ILE A 62 17.16 1.39 6.01
CA ILE A 62 17.22 2.71 5.38
C ILE A 62 18.57 3.36 5.65
N GLU A 63 19.14 3.05 6.81
CA GLU A 63 20.44 3.61 7.17
C GLU A 63 21.55 2.91 6.39
N LYS A 64 21.38 1.60 6.19
CA LYS A 64 22.36 0.82 5.45
C LYS A 64 22.43 1.30 4.00
N ALA A 65 21.36 1.96 3.54
CA ALA A 65 21.31 2.48 2.19
C ALA A 65 21.88 3.89 2.12
N GLY A 66 21.76 4.62 3.23
CA GLY A 66 22.28 5.97 3.29
C GLY A 66 21.18 7.01 3.37
N LEU A 67 20.25 6.82 4.30
CA LEU A 67 19.15 7.74 4.48
C LEU A 67 18.75 7.83 5.95
N THR A 68 17.70 8.59 6.22
CA THR A 68 17.20 8.77 7.59
C THR A 68 15.69 8.83 7.61
N ALA A 69 15.10 8.66 8.79
CA ALA A 69 13.65 8.70 8.95
C ALA A 69 13.07 9.94 8.30
N ALA A 70 13.82 11.05 8.36
CA ALA A 70 13.38 12.31 7.78
C ALA A 70 13.31 12.22 6.26
N ASP A 71 14.10 11.32 5.68
CA ASP A 71 14.12 11.14 4.23
C ASP A 71 12.94 10.28 3.77
N ILE A 72 12.19 9.74 4.73
CA ILE A 72 11.04 8.91 4.42
C ILE A 72 9.80 9.75 4.15
N VAL A 73 9.29 9.68 2.92
CA VAL A 73 8.11 10.44 2.53
C VAL A 73 6.82 9.83 3.08
N LYS A 74 6.68 8.52 2.92
CA LYS A 74 5.48 7.82 3.40
C LYS A 74 5.83 6.78 4.45
N THR A 75 4.82 6.05 4.93
CA THR A 75 5.05 5.02 5.95
C THR A 75 3.74 4.32 6.32
N THR A 76 3.53 3.12 5.78
CA THR A 76 2.33 2.35 6.07
C THR A 76 2.39 1.82 7.50
N VAL A 77 1.34 2.09 8.27
CA VAL A 77 1.29 1.66 9.65
C VAL A 77 0.18 0.62 9.90
N PHE A 78 0.55 -0.65 9.93
CA PHE A 78 -0.40 -1.72 10.18
C PHE A 78 -0.32 -2.14 11.64
N VAL A 79 -1.46 -2.56 12.20
CA VAL A 79 -1.51 -2.97 13.60
C VAL A 79 -2.47 -4.12 13.82
N LYS A 80 -2.20 -4.93 14.84
CA LYS A 80 -3.06 -6.05 15.18
C LYS A 80 -4.09 -5.61 16.21
N ASP A 81 -3.99 -4.35 16.64
CA ASP A 81 -4.90 -3.79 17.62
C ASP A 81 -4.72 -2.28 17.71
N LEU A 82 -5.73 -1.55 17.24
CA LEU A 82 -5.69 -0.09 17.25
C LEU A 82 -5.48 0.44 18.67
N ASN A 83 -5.74 -0.40 19.67
CA ASN A 83 -5.57 0.00 21.06
C ASN A 83 -4.09 0.01 21.43
N ASP A 84 -3.30 -0.76 20.69
CA ASP A 84 -1.86 -0.84 20.95
C ASP A 84 -1.14 0.39 20.39
N PHE A 85 -1.83 1.17 19.56
CA PHE A 85 -1.26 2.36 18.97
C PHE A 85 -0.75 3.32 20.03
N ALA A 86 -1.34 3.27 21.22
CA ALA A 86 -0.94 4.15 22.31
C ALA A 86 0.55 4.02 22.60
N ALA A 87 1.06 2.79 22.59
CA ALA A 87 2.47 2.55 22.85
C ALA A 87 3.29 2.64 21.57
N VAL A 88 2.66 2.31 20.44
CA VAL A 88 3.34 2.34 19.15
C VAL A 88 3.54 3.78 18.68
N ASN A 89 2.48 4.57 18.76
CA ASN A 89 2.55 5.98 18.35
C ASN A 89 3.51 6.76 19.23
N ALA A 90 3.47 6.46 20.53
CA ALA A 90 4.34 7.12 21.49
C ALA A 90 5.82 6.86 21.18
N GLU A 91 6.10 5.64 20.74
CA GLU A 91 7.47 5.26 20.40
C GLU A 91 7.79 5.62 18.95
N TYR A 92 6.78 5.54 18.10
CA TYR A 92 6.94 5.87 16.69
C TYR A 92 7.37 7.32 16.53
N GLU A 93 6.56 8.22 17.08
CA GLU A 93 6.86 9.65 17.01
C GLU A 93 8.06 10.02 17.89
N ARG A 94 8.44 9.11 18.78
CA ARG A 94 9.56 9.35 19.68
C ARG A 94 10.90 9.28 18.96
N PHE A 95 11.04 8.33 18.03
CA PHE A 95 12.30 8.18 17.31
C PHE A 95 12.34 9.11 16.09
N PHE A 96 11.21 9.26 15.41
CA PHE A 96 11.15 10.13 14.24
C PHE A 96 11.65 11.52 14.59
N LYS A 97 11.12 12.08 15.66
CA LYS A 97 11.53 13.40 16.11
C LYS A 97 12.99 13.37 16.53
N GLU A 98 13.42 12.23 17.07
CA GLU A 98 14.80 12.06 17.51
C GLU A 98 15.68 11.67 16.33
N ASN A 99 15.06 11.52 15.15
CA ASN A 99 15.79 11.15 13.94
C ASN A 99 15.83 12.33 12.96
N ASN A 100 15.06 13.39 13.28
CA ASN A 100 14.99 14.59 12.46
C ASN A 100 13.78 14.57 11.53
N HIS A 101 12.80 13.74 11.85
CA HIS A 101 11.58 13.66 11.02
C HIS A 101 10.36 14.05 11.84
N PRO A 102 10.32 15.28 12.36
CA PRO A 102 9.19 15.78 13.15
C PRO A 102 7.94 15.97 12.30
N ASN A 103 8.11 16.02 10.99
CA ASN A 103 6.99 16.19 10.07
C ASN A 103 6.22 14.89 9.94
N PHE A 104 6.93 13.77 9.99
CA PHE A 104 6.31 12.45 9.87
C PHE A 104 5.87 12.18 8.44
N PRO A 105 6.07 10.94 7.95
CA PRO A 105 5.69 10.55 6.59
C PRO A 105 4.17 10.45 6.42
N ALA A 106 3.73 10.36 5.17
CA ALA A 106 2.30 10.26 4.88
C ALA A 106 1.97 8.85 4.40
N ARG A 107 0.93 8.26 4.98
CA ARG A 107 0.51 6.91 4.59
C ARG A 107 -0.86 6.58 5.17
N SER A 108 -1.20 5.30 5.13
CA SER A 108 -2.47 4.83 5.64
C SER A 108 -2.28 3.89 6.82
N CYS A 109 -2.76 4.33 7.99
CA CYS A 109 -2.66 3.53 9.21
C CYS A 109 -3.95 2.74 9.43
N VAL A 110 -3.81 1.45 9.70
CA VAL A 110 -4.98 0.61 9.92
C VAL A 110 -4.61 -0.65 10.69
N GLU A 111 -5.63 -1.40 11.11
CA GLU A 111 -5.41 -2.64 11.85
C GLU A 111 -5.80 -3.85 11.01
N VAL A 112 -4.81 -4.45 10.36
CA VAL A 112 -5.04 -5.62 9.52
C VAL A 112 -5.62 -6.77 10.34
N ALA A 113 -6.30 -7.70 9.66
CA ALA A 113 -6.88 -8.84 10.33
C ALA A 113 -5.82 -9.69 11.01
N ARG A 114 -4.73 -9.95 10.29
CA ARG A 114 -3.63 -10.74 10.82
C ARG A 114 -2.31 -10.34 10.18
N LEU A 115 -1.21 -10.91 10.67
CA LEU A 115 0.11 -10.61 10.14
C LEU A 115 1.00 -11.85 10.14
N PRO A 116 2.02 -11.89 9.27
CA PRO A 116 2.94 -13.03 9.19
C PRO A 116 3.59 -13.33 10.53
N LYS A 117 3.67 -14.62 10.85
CA LYS A 117 4.27 -15.07 12.12
C LYS A 117 3.42 -14.67 13.30
N ASP A 118 2.16 -14.32 13.04
CA ASP A 118 1.24 -13.91 14.09
C ASP A 118 1.72 -12.64 14.78
N VAL A 119 2.65 -11.93 14.15
CA VAL A 119 3.19 -10.70 14.71
C VAL A 119 2.06 -9.74 15.09
N GLY A 120 2.40 -8.67 15.80
CA GLY A 120 1.41 -7.70 16.21
C GLY A 120 1.62 -6.32 15.61
N LEU A 121 2.44 -6.26 14.56
CA LEU A 121 2.72 -4.98 13.91
C LEU A 121 3.59 -5.17 12.66
N GLU A 122 3.45 -4.24 11.73
CA GLU A 122 4.21 -4.28 10.48
C GLU A 122 4.60 -2.86 10.08
N ILE A 123 5.82 -2.69 9.58
CA ILE A 123 6.30 -1.37 9.18
C ILE A 123 6.71 -1.33 7.71
N GLU A 124 6.14 -0.37 6.98
CA GLU A 124 6.44 -0.17 5.57
C GLU A 124 6.53 1.31 5.28
N ALA A 125 7.41 1.71 4.35
CA ALA A 125 7.56 3.12 4.04
C ALA A 125 8.42 3.34 2.80
N ILE A 126 8.50 4.60 2.37
CA ILE A 126 9.29 4.98 1.22
C ILE A 126 10.16 6.18 1.55
N ALA A 127 11.30 6.30 0.87
CA ALA A 127 12.21 7.41 1.11
C ALA A 127 12.68 8.05 -0.19
N VAL A 128 12.96 9.34 -0.12
CA VAL A 128 13.44 10.09 -1.28
C VAL A 128 14.91 10.47 -1.13
N ARG A 129 15.75 9.94 -2.00
CA ARG A 129 17.18 10.23 -1.96
C ARG A 129 17.66 10.83 -3.28
N LYS A 130 17.34 12.10 -3.50
CA LYS A 130 17.73 12.79 -4.73
C LYS A 130 19.24 12.95 -4.79
N MET B 1 10.43 22.49 -6.52
CA MET B 1 9.81 21.88 -5.32
C MET B 1 9.96 20.36 -5.34
N MET B 2 11.12 19.88 -4.92
CA MET B 2 11.39 18.44 -4.89
C MET B 2 11.14 17.87 -3.50
N THR B 3 10.10 17.04 -3.37
CA THR B 3 9.77 16.43 -2.10
C THR B 3 9.42 17.49 -1.06
N GLN B 4 8.16 17.51 -0.63
CA GLN B 4 7.71 18.47 0.36
C GLN B 4 6.30 18.13 0.84
N ILE B 5 6.14 18.00 2.16
CA ILE B 5 4.84 17.68 2.74
C ILE B 5 3.78 18.70 2.33
N ILE B 6 2.57 18.22 2.08
CA ILE B 6 1.48 19.09 1.69
C ILE B 6 0.59 19.43 2.88
N HIS B 7 -0.02 20.63 2.83
CA HIS B 7 -0.89 21.07 3.90
C HIS B 7 -2.00 21.97 3.36
N THR B 8 -3.19 21.85 3.94
CA THR B 8 -4.34 22.64 3.51
C THR B 8 -5.35 22.79 4.64
N GLU B 9 -6.34 23.64 4.43
CA GLU B 9 -7.38 23.87 5.44
C GLU B 9 -8.70 23.23 5.01
N LYS B 10 -8.61 22.17 4.22
CA LYS B 10 -9.81 21.46 3.75
C LYS B 10 -9.79 20.01 4.21
N ALA B 11 -8.63 19.37 4.07
CA ALA B 11 -8.48 17.98 4.47
C ALA B 11 -8.61 17.82 5.98
N PRO B 12 -8.67 16.57 6.48
CA PRO B 12 -8.79 16.30 7.91
C PRO B 12 -7.59 16.78 8.71
N ALA B 13 -6.51 17.13 8.00
CA ALA B 13 -5.29 17.61 8.64
C ALA B 13 -4.58 16.51 9.41
N ALA B 14 -3.26 16.60 9.44
CA ALA B 14 -2.44 15.61 10.14
C ALA B 14 -1.51 16.29 11.14
N ILE B 15 -1.66 15.93 12.41
CA ILE B 15 -0.83 16.50 13.47
C ILE B 15 -0.32 15.41 14.41
N GLY B 16 -0.39 14.17 13.96
CA GLY B 16 0.07 13.06 14.76
C GLY B 16 1.23 12.31 14.13
N PRO B 17 1.06 11.02 13.82
CA PRO B 17 2.11 10.20 13.22
C PRO B 17 2.09 10.23 11.70
N TYR B 18 1.37 11.19 11.11
CA TYR B 18 1.30 11.28 9.66
C TYR B 18 1.17 12.73 9.19
N VAL B 19 0.97 12.91 7.89
CA VAL B 19 0.83 14.24 7.32
C VAL B 19 -0.27 14.25 6.27
N GLN B 20 -0.65 15.44 5.81
CA GLN B 20 -1.69 15.58 4.80
C GLN B 20 -1.31 14.85 3.52
N ALA B 21 -0.09 15.11 3.06
CA ALA B 21 0.41 14.47 1.84
C ALA B 21 1.86 14.88 1.57
N VAL B 22 2.41 14.39 0.47
CA VAL B 22 3.78 14.71 0.09
C VAL B 22 3.91 14.92 -1.41
N ASP B 23 4.58 15.99 -1.80
CA ASP B 23 4.78 16.29 -3.22
C ASP B 23 6.24 16.11 -3.61
N LEU B 24 6.48 15.15 -4.50
CA LEU B 24 7.84 14.87 -4.96
C LEU B 24 8.18 15.68 -6.21
N GLY B 25 7.15 16.22 -6.86
CA GLY B 25 7.35 17.00 -8.07
C GLY B 25 6.67 16.37 -9.25
N ASN B 26 7.45 15.65 -10.06
CA ASN B 26 6.92 14.97 -11.24
C ASN B 26 5.79 14.02 -10.83
N LEU B 27 5.89 13.52 -9.60
CA LEU B 27 4.90 12.60 -9.06
C LEU B 27 4.55 12.97 -7.63
N VAL B 28 3.25 12.96 -7.32
CA VAL B 28 2.78 13.28 -5.97
C VAL B 28 2.25 12.04 -5.27
N LEU B 29 2.09 12.14 -3.95
CA LEU B 29 1.59 11.02 -3.16
C LEU B 29 0.67 11.51 -2.04
N THR B 30 -0.50 10.88 -1.92
CA THR B 30 -1.46 11.27 -0.90
C THR B 30 -1.49 10.25 0.23
N SER B 31 -1.69 10.73 1.45
CA SER B 31 -1.73 9.87 2.63
C SER B 31 -3.12 9.25 2.81
N GLY B 32 -3.26 8.42 3.83
CA GLY B 32 -4.53 7.78 4.10
C GLY B 32 -5.54 8.74 4.70
N GLN B 33 -6.30 9.41 3.84
CA GLN B 33 -7.31 10.37 4.30
C GLN B 33 -8.30 9.71 5.26
N ILE B 34 -8.74 10.48 6.25
CA ILE B 34 -9.68 10.00 7.24
C ILE B 34 -10.91 10.91 7.32
N PRO B 35 -12.13 10.34 7.31
CA PRO B 35 -13.38 11.12 7.37
C PRO B 35 -13.53 11.86 8.69
N VAL B 36 -12.65 12.82 8.93
CA VAL B 36 -12.71 13.60 10.16
C VAL B 36 -13.67 14.78 9.99
N ASN B 37 -14.93 14.51 10.30
CA ASN B 37 -15.99 15.50 10.20
C ASN B 37 -15.49 16.91 10.53
N PRO B 38 -15.85 17.91 9.72
CA PRO B 38 -15.43 19.30 9.93
C PRO B 38 -16.16 19.95 11.10
N ALA B 39 -17.31 19.38 11.46
CA ALA B 39 -18.11 19.91 12.56
C ALA B 39 -18.13 18.94 13.74
N THR B 40 -17.52 17.77 13.58
CA THR B 40 -17.48 16.78 14.64
C THR B 40 -16.04 16.35 14.93
N GLY B 41 -15.20 16.39 13.91
CA GLY B 41 -13.81 16.00 14.07
C GLY B 41 -13.67 14.54 14.39
N GLU B 42 -14.25 13.68 13.55
CA GLU B 42 -14.17 12.24 13.77
C GLU B 42 -14.59 11.46 12.53
N VAL B 43 -15.90 11.27 12.38
CA VAL B 43 -16.44 10.55 11.24
C VAL B 43 -17.96 10.40 11.35
N PRO B 44 -18.71 10.82 10.32
CA PRO B 44 -20.17 10.72 10.32
C PRO B 44 -20.65 9.30 10.06
N ALA B 45 -21.68 8.88 10.79
CA ALA B 45 -22.24 7.54 10.64
C ALA B 45 -22.77 7.33 9.23
N ASP B 46 -23.26 8.42 8.64
CA ASP B 46 -23.80 8.37 7.29
C ASP B 46 -22.78 7.87 6.30
N ILE B 47 -22.82 6.57 6.04
CA ILE B 47 -21.90 5.94 5.10
C ILE B 47 -21.76 6.77 3.83
N VAL B 48 -22.82 7.48 3.47
CA VAL B 48 -22.82 8.33 2.28
C VAL B 48 -22.12 9.66 2.58
N ALA B 49 -22.35 10.18 3.78
CA ALA B 49 -21.74 11.44 4.19
C ALA B 49 -20.22 11.28 4.27
N GLN B 50 -19.78 10.29 5.03
CA GLN B 50 -18.35 10.03 5.17
C GLN B 50 -17.73 9.67 3.83
N ALA B 51 -18.56 9.12 2.93
CA ALA B 51 -18.10 8.73 1.61
C ALA B 51 -17.80 9.95 0.75
N ARG B 52 -18.66 10.96 0.85
CA ARG B 52 -18.49 12.19 0.09
C ARG B 52 -17.41 13.08 0.71
N GLN B 53 -17.51 13.27 2.02
CA GLN B 53 -16.54 14.09 2.74
C GLN B 53 -15.14 13.52 2.60
N SER B 54 -15.01 12.21 2.79
CA SER B 54 -13.73 11.54 2.68
C SER B 54 -13.14 11.72 1.28
N LEU B 55 -14.01 11.69 0.27
CA LEU B 55 -13.57 11.83 -1.11
C LEU B 55 -13.25 13.29 -1.42
N GLU B 56 -13.85 14.21 -0.66
CA GLU B 56 -13.63 15.64 -0.87
C GLU B 56 -12.25 16.06 -0.37
N ASN B 57 -11.95 15.71 0.88
CA ASN B 57 -10.66 16.06 1.47
C ASN B 57 -9.50 15.50 0.64
N VAL B 58 -9.75 14.38 -0.03
CA VAL B 58 -8.73 13.75 -0.85
C VAL B 58 -8.37 14.66 -2.04
N LYS B 59 -9.40 15.18 -2.69
CA LYS B 59 -9.19 16.07 -3.83
C LYS B 59 -8.71 17.45 -3.39
N ALA B 60 -9.10 17.83 -2.17
CA ALA B 60 -8.72 19.12 -1.63
C ALA B 60 -7.19 19.23 -1.50
N ILE B 61 -6.57 18.14 -1.07
CA ILE B 61 -5.12 18.12 -0.92
C ILE B 61 -4.43 18.06 -2.28
N ILE B 62 -4.99 17.24 -3.17
CA ILE B 62 -4.45 17.10 -4.51
C ILE B 62 -4.67 18.38 -5.32
N GLU B 63 -5.76 19.08 -5.02
CA GLU B 63 -6.08 20.32 -5.71
C GLU B 63 -5.19 21.44 -5.19
N LYS B 64 -4.92 21.42 -3.90
CA LYS B 64 -4.06 22.42 -3.29
C LYS B 64 -2.65 22.34 -3.85
N ALA B 65 -2.31 21.16 -4.40
CA ALA B 65 -0.99 20.95 -4.98
C ALA B 65 -0.98 21.35 -6.46
N GLY B 66 -2.14 21.22 -7.10
CA GLY B 66 -2.25 21.57 -8.50
C GLY B 66 -2.47 20.36 -9.38
N LEU B 67 -3.45 19.54 -9.02
CA LEU B 67 -3.76 18.34 -9.79
C LEU B 67 -5.26 18.04 -9.75
N THR B 68 -5.64 16.93 -10.36
CA THR B 68 -7.04 16.52 -10.39
C THR B 68 -7.16 15.01 -10.27
N ALA B 69 -8.37 14.54 -9.95
CA ALA B 69 -8.63 13.12 -9.81
C ALA B 69 -8.10 12.34 -11.01
N ALA B 70 -8.18 12.95 -12.19
CA ALA B 70 -7.71 12.32 -13.42
C ALA B 70 -6.19 12.16 -13.41
N ASP B 71 -5.51 13.01 -12.65
CA ASP B 71 -4.06 12.96 -12.55
C ASP B 71 -3.62 11.86 -11.59
N ILE B 72 -4.57 11.25 -10.90
CA ILE B 72 -4.29 10.19 -9.94
C ILE B 72 -4.15 8.84 -10.64
N VAL B 73 -2.95 8.26 -10.58
CA VAL B 73 -2.68 6.97 -11.21
C VAL B 73 -3.27 5.81 -10.40
N LYS B 74 -3.04 5.81 -9.10
CA LYS B 74 -3.54 4.74 -8.23
C LYS B 74 -4.50 5.29 -7.18
N THR B 75 -4.99 4.41 -6.31
CA THR B 75 -5.93 4.82 -5.26
C THR B 75 -6.34 3.64 -4.38
N THR B 76 -5.74 3.54 -3.21
CA THR B 76 -6.05 2.46 -2.27
C THR B 76 -7.44 2.67 -1.68
N VAL B 77 -8.29 1.64 -1.78
CA VAL B 77 -9.64 1.75 -1.25
C VAL B 77 -9.89 0.80 -0.10
N PHE B 78 -9.82 1.33 1.12
CA PHE B 78 -10.06 0.53 2.32
C PHE B 78 -11.49 0.75 2.80
N VAL B 79 -12.09 -0.28 3.38
CA VAL B 79 -13.46 -0.19 3.87
C VAL B 79 -13.67 -1.00 5.14
N LYS B 80 -14.62 -0.56 5.97
CA LYS B 80 -14.93 -1.25 7.21
C LYS B 80 -16.05 -2.26 6.96
N ASP B 81 -16.56 -2.27 5.73
CA ASP B 81 -17.63 -3.17 5.33
C ASP B 81 -17.79 -3.18 3.82
N LEU B 82 -17.43 -4.29 3.19
CA LEU B 82 -17.54 -4.42 1.74
C LEU B 82 -18.97 -4.17 1.26
N ASN B 83 -19.92 -4.27 2.19
CA ASN B 83 -21.32 -4.05 1.85
C ASN B 83 -21.61 -2.56 1.68
N ASP B 84 -20.77 -1.74 2.30
CA ASP B 84 -20.93 -0.29 2.22
C ASP B 84 -20.42 0.25 0.88
N PHE B 85 -19.68 -0.60 0.14
CA PHE B 85 -19.13 -0.21 -1.14
C PHE B 85 -20.22 0.25 -2.10
N ALA B 86 -21.44 -0.25 -1.90
CA ALA B 86 -22.56 0.12 -2.75
C ALA B 86 -22.75 1.64 -2.81
N ALA B 87 -22.62 2.29 -1.65
CA ALA B 87 -22.78 3.74 -1.57
C ALA B 87 -21.46 4.45 -1.83
N VAL B 88 -20.35 3.78 -1.48
CA VAL B 88 -19.03 4.36 -1.67
C VAL B 88 -18.64 4.36 -3.15
N ASN B 89 -18.83 3.22 -3.80
CA ASN B 89 -18.51 3.09 -5.22
C ASN B 89 -19.38 4.01 -6.06
N ALA B 90 -20.65 4.10 -5.69
CA ALA B 90 -21.60 4.95 -6.41
C ALA B 90 -21.18 6.41 -6.34
N GLU B 91 -20.64 6.82 -5.19
CA GLU B 91 -20.21 8.20 -5.00
C GLU B 91 -18.76 8.37 -5.48
N TYR B 92 -17.97 7.32 -5.33
CA TYR B 92 -16.58 7.35 -5.75
C TYR B 92 -16.49 7.58 -7.25
N GLU B 93 -17.14 6.72 -8.01
CA GLU B 93 -17.14 6.82 -9.47
C GLU B 93 -17.96 8.03 -9.93
N ARG B 94 -18.78 8.57 -9.04
CA ARG B 94 -19.61 9.72 -9.36
C ARG B 94 -18.81 11.00 -9.50
N PHE B 95 -17.82 11.20 -8.62
CA PHE B 95 -17.01 12.40 -8.66
C PHE B 95 -15.85 12.26 -9.67
N PHE B 96 -15.25 11.08 -9.72
CA PHE B 96 -14.14 10.82 -10.64
C PHE B 96 -14.55 11.17 -12.05
N LYS B 97 -15.69 10.65 -12.48
CA LYS B 97 -16.19 10.93 -13.81
C LYS B 97 -16.52 12.40 -13.95
N GLU B 98 -16.96 13.01 -12.85
CA GLU B 98 -17.30 14.42 -12.82
C GLU B 98 -16.04 15.27 -12.61
N ASN B 99 -14.90 14.59 -12.45
CA ASN B 99 -13.63 15.27 -12.25
C ASN B 99 -12.73 15.10 -13.47
N ASN B 100 -13.16 14.24 -14.39
CA ASN B 100 -12.41 13.97 -15.63
C ASN B 100 -11.56 12.71 -15.51
N HIS B 101 -11.88 11.85 -14.55
CA HIS B 101 -11.14 10.61 -14.36
C HIS B 101 -12.04 9.40 -14.54
N PRO B 102 -12.64 9.25 -15.74
CA PRO B 102 -13.53 8.13 -16.04
C PRO B 102 -12.78 6.81 -16.12
N ASN B 103 -11.46 6.89 -16.27
CA ASN B 103 -10.62 5.70 -16.36
C ASN B 103 -10.44 5.07 -14.98
N PHE B 104 -10.39 5.91 -13.95
CA PHE B 104 -10.23 5.46 -12.58
C PHE B 104 -8.81 4.96 -12.32
N PRO B 105 -8.23 5.27 -11.15
CA PRO B 105 -6.87 4.84 -10.79
C PRO B 105 -6.79 3.35 -10.50
N ALA B 106 -5.57 2.83 -10.44
CA ALA B 106 -5.36 1.42 -10.17
C ALA B 106 -4.81 1.22 -8.77
N ARG B 107 -5.41 0.29 -8.02
CA ARG B 107 -4.97 0.02 -6.65
C ARG B 107 -5.60 -1.26 -6.12
N SER B 108 -5.50 -1.44 -4.81
CA SER B 108 -6.06 -2.63 -4.16
C SER B 108 -7.18 -2.24 -3.19
N CYS B 109 -8.39 -2.68 -3.50
CA CYS B 109 -9.55 -2.40 -2.65
C CYS B 109 -9.80 -3.58 -1.71
N VAL B 110 -9.98 -3.27 -0.43
CA VAL B 110 -10.22 -4.31 0.57
C VAL B 110 -10.89 -3.74 1.81
N GLU B 111 -11.33 -4.63 2.69
CA GLU B 111 -11.99 -4.22 3.92
C GLU B 111 -11.11 -4.52 5.13
N VAL B 112 -10.35 -3.53 5.57
CA VAL B 112 -9.45 -3.68 6.71
C VAL B 112 -10.23 -4.05 7.96
N ALA B 113 -9.55 -4.66 8.92
CA ALA B 113 -10.17 -5.07 10.17
C ALA B 113 -10.74 -3.86 10.92
N ARG B 114 -9.93 -2.80 11.01
CA ARG B 114 -10.34 -1.59 11.68
C ARG B 114 -9.63 -0.37 11.10
N LEU B 115 -10.02 0.82 11.55
CA LEU B 115 -9.41 2.05 11.07
C LEU B 115 -9.28 3.07 12.20
N PRO B 116 -8.35 4.03 12.06
CA PRO B 116 -8.14 5.07 13.08
C PRO B 116 -9.41 5.84 13.38
N LYS B 117 -9.64 6.10 14.66
CA LYS B 117 -10.83 6.83 15.10
C LYS B 117 -12.09 6.02 14.88
N ASP B 118 -11.93 4.72 14.66
CA ASP B 118 -13.07 3.84 14.43
C ASP B 118 -13.81 4.21 13.15
N VAL B 119 -13.17 5.01 12.30
CA VAL B 119 -13.77 5.43 11.04
C VAL B 119 -14.27 4.24 10.24
N GLY B 120 -15.03 4.51 9.19
CA GLY B 120 -15.56 3.43 8.37
C GLY B 120 -15.03 3.46 6.94
N LEU B 121 -13.95 4.17 6.72
CA LEU B 121 -13.36 4.26 5.38
C LEU B 121 -12.06 5.05 5.40
N GLU B 122 -11.19 4.74 4.44
CA GLU B 122 -9.91 5.41 4.30
C GLU B 122 -9.57 5.60 2.83
N ILE B 123 -9.01 6.76 2.49
CA ILE B 123 -8.66 7.04 1.10
C ILE B 123 -7.18 7.34 0.93
N GLU B 124 -6.56 6.62 0.00
CA GLU B 124 -5.14 6.79 -0.30
C GLU B 124 -4.94 6.69 -1.81
N ALA B 125 -3.99 7.44 -2.35
CA ALA B 125 -3.75 7.40 -3.79
C ALA B 125 -2.47 8.14 -4.18
N ILE B 126 -2.14 8.04 -5.47
CA ILE B 126 -0.95 8.70 -6.01
C ILE B 126 -1.30 9.44 -7.29
N ALA B 127 -0.57 10.51 -7.58
CA ALA B 127 -0.83 11.29 -8.77
C ALA B 127 0.46 11.59 -9.54
N VAL B 128 0.32 11.73 -10.85
CA VAL B 128 1.46 12.03 -11.72
C VAL B 128 1.38 13.45 -12.27
N ARG B 129 2.35 14.28 -11.90
CA ARG B 129 2.37 15.66 -12.36
C ARG B 129 3.68 15.97 -13.08
N LYS B 130 3.80 15.49 -14.31
CA LYS B 130 4.99 15.71 -15.11
C LYS B 130 5.14 17.19 -15.47
N MET C 1 5.68 7.28 -23.89
CA MET C 1 4.48 6.83 -23.13
C MET C 1 4.61 7.15 -21.65
N MET C 2 4.29 8.38 -21.29
CA MET C 2 4.37 8.81 -19.89
C MET C 2 3.01 8.73 -19.22
N THR C 3 2.87 7.81 -18.27
CA THR C 3 1.62 7.63 -17.56
C THR C 3 0.50 7.23 -18.51
N GLN C 4 -0.01 6.01 -18.35
CA GLN C 4 -1.08 5.51 -19.19
C GLN C 4 -1.62 4.18 -18.66
N ILE C 5 -2.93 4.13 -18.44
CA ILE C 5 -3.58 2.93 -17.94
C ILE C 5 -3.30 1.73 -18.84
N ILE C 6 -3.09 0.57 -18.23
CA ILE C 6 -2.81 -0.64 -18.99
C ILE C 6 -4.07 -1.48 -19.16
N HIS C 7 -4.14 -2.22 -20.27
CA HIS C 7 -5.29 -3.07 -20.55
C HIS C 7 -4.87 -4.31 -21.33
N THR C 8 -5.51 -5.44 -21.03
CA THR C 8 -5.21 -6.69 -21.71
C THR C 8 -6.40 -7.63 -21.66
N GLU C 9 -6.31 -8.74 -22.41
CA GLU C 9 -7.38 -9.73 -22.45
C GLU C 9 -7.00 -10.99 -21.69
N LYS C 10 -6.14 -10.83 -20.69
CA LYS C 10 -5.69 -11.96 -19.87
C LYS C 10 -6.06 -11.75 -18.40
N ALA C 11 -5.81 -10.54 -17.92
CA ALA C 11 -6.11 -10.19 -16.54
C ALA C 11 -7.62 -10.20 -16.28
N PRO C 12 -8.03 -10.09 -15.01
CA PRO C 12 -9.45 -10.07 -14.64
C PRO C 12 -10.19 -8.87 -15.22
N ALA C 13 -9.44 -7.91 -15.73
CA ALA C 13 -10.03 -6.71 -16.33
C ALA C 13 -10.68 -5.82 -15.28
N ALA C 14 -10.64 -4.51 -15.51
CA ALA C 14 -11.23 -3.54 -14.60
C ALA C 14 -12.20 -2.63 -15.32
N ILE C 15 -13.45 -2.64 -14.87
CA ILE C 15 -14.49 -1.82 -15.48
C ILE C 15 -15.33 -1.13 -14.41
N GLY C 16 -14.80 -1.07 -13.20
CA GLY C 16 -15.51 -0.43 -12.11
C GLY C 16 -14.76 0.76 -11.54
N PRO C 17 -14.38 0.72 -10.25
CA PRO C 17 -13.66 1.81 -9.60
C PRO C 17 -12.14 1.69 -9.71
N TYR C 18 -11.66 0.82 -10.61
CA TYR C 18 -10.22 0.63 -10.78
C TYR C 18 -9.87 0.30 -12.22
N VAL C 19 -8.60 0.00 -12.45
CA VAL C 19 -8.11 -0.33 -13.78
C VAL C 19 -7.13 -1.50 -13.72
N GLN C 20 -6.79 -2.05 -14.89
CA GLN C 20 -5.86 -3.18 -14.96
C GLN C 20 -4.51 -2.80 -14.34
N ALA C 21 -3.99 -1.64 -14.77
CA ALA C 21 -2.71 -1.15 -14.26
C ALA C 21 -2.38 0.22 -14.86
N VAL C 22 -1.21 0.74 -14.51
CA VAL C 22 -0.78 2.03 -15.00
C VAL C 22 0.71 2.04 -15.31
N ASP C 23 1.08 2.56 -16.47
CA ASP C 23 2.47 2.62 -16.88
C ASP C 23 2.97 4.07 -16.89
N LEU C 24 3.93 4.36 -16.02
CA LEU C 24 4.50 5.71 -15.93
C LEU C 24 5.71 5.86 -16.84
N GLY C 25 6.26 4.73 -17.28
CA GLY C 25 7.42 4.76 -18.15
C GLY C 25 8.61 4.08 -17.51
N ASN C 26 9.50 4.88 -16.94
CA ASN C 26 10.68 4.34 -16.27
C ASN C 26 10.27 3.37 -15.17
N LEU C 27 9.08 3.62 -14.61
CA LEU C 27 8.54 2.78 -13.55
C LEU C 27 7.07 2.48 -13.79
N VAL C 28 6.69 1.21 -13.61
CA VAL C 28 5.30 0.81 -13.81
C VAL C 28 4.63 0.47 -12.47
N LEU C 29 3.32 0.39 -12.48
CA LEU C 29 2.57 0.07 -11.26
C LEU C 29 1.37 -0.82 -11.58
N THR C 30 1.22 -1.90 -10.82
CA THR C 30 0.11 -2.83 -11.02
C THR C 30 -0.96 -2.64 -9.94
N SER C 31 -2.22 -2.82 -10.33
CA SER C 31 -3.33 -2.68 -9.40
C SER C 31 -3.55 -3.97 -8.61
N GLY C 32 -4.53 -3.94 -7.71
CA GLY C 32 -4.83 -5.11 -6.91
C GLY C 32 -5.56 -6.17 -7.71
N GLN C 33 -4.80 -7.07 -8.34
CA GLN C 33 -5.38 -8.14 -9.14
C GLN C 33 -6.36 -8.98 -8.33
N ILE C 34 -7.43 -9.43 -8.97
CA ILE C 34 -8.44 -10.24 -8.31
C ILE C 34 -8.65 -11.55 -9.08
N PRO C 35 -8.68 -12.69 -8.36
CA PRO C 35 -8.88 -14.01 -8.98
C PRO C 35 -10.26 -14.15 -9.63
N VAL C 36 -10.51 -13.37 -10.66
CA VAL C 36 -11.79 -13.43 -11.36
C VAL C 36 -11.77 -14.52 -12.41
N ASN C 37 -12.14 -15.72 -11.98
CA ASN C 37 -12.18 -16.90 -12.85
C ASN C 37 -12.57 -16.53 -14.29
N PRO C 38 -11.85 -17.08 -15.28
CA PRO C 38 -12.13 -16.79 -16.70
C PRO C 38 -13.39 -17.51 -17.18
N ALA C 39 -13.79 -18.55 -16.47
CA ALA C 39 -14.97 -19.32 -16.83
C ALA C 39 -16.08 -19.14 -15.79
N THR C 40 -15.79 -18.42 -14.72
CA THR C 40 -16.78 -18.19 -13.67
C THR C 40 -16.95 -16.70 -13.39
N GLY C 41 -15.87 -15.94 -13.60
CA GLY C 41 -15.91 -14.51 -13.37
C GLY C 41 -16.13 -14.17 -11.91
N GLU C 42 -15.28 -14.72 -11.04
CA GLU C 42 -15.39 -14.47 -9.61
C GLU C 42 -14.13 -14.89 -8.86
N VAL C 43 -14.03 -16.17 -8.54
CA VAL C 43 -12.88 -16.70 -7.82
C VAL C 43 -13.08 -18.18 -7.49
N PRO C 44 -12.13 -19.05 -7.89
CA PRO C 44 -12.22 -20.49 -7.62
C PRO C 44 -11.89 -20.82 -6.16
N ALA C 45 -12.66 -21.73 -5.59
CA ALA C 45 -12.45 -22.15 -4.21
C ALA C 45 -11.06 -22.76 -4.02
N ASP C 46 -10.57 -23.40 -5.08
CA ASP C 46 -9.26 -24.03 -5.05
C ASP C 46 -8.18 -23.02 -4.74
N ILE C 47 -7.83 -22.94 -3.46
CA ILE C 47 -6.80 -22.03 -2.99
C ILE C 47 -5.58 -22.07 -3.92
N VAL C 48 -5.34 -23.23 -4.52
CA VAL C 48 -4.22 -23.40 -5.44
C VAL C 48 -4.56 -22.83 -6.81
N ALA C 49 -5.80 -23.04 -7.23
CA ALA C 49 -6.27 -22.54 -8.52
C ALA C 49 -6.24 -21.03 -8.55
N GLN C 50 -6.89 -20.42 -7.57
CA GLN C 50 -6.93 -18.96 -7.47
C GLN C 50 -5.53 -18.40 -7.26
N ALA C 51 -4.66 -19.23 -6.67
CA ALA C 51 -3.28 -18.82 -6.41
C ALA C 51 -2.49 -18.72 -7.71
N ARG C 52 -2.70 -19.68 -8.60
CA ARG C 52 -2.01 -19.70 -9.88
C ARG C 52 -2.61 -18.69 -10.85
N GLN C 53 -3.94 -18.71 -10.96
CA GLN C 53 -4.64 -17.79 -11.85
C GLN C 53 -4.37 -16.35 -11.45
N SER C 54 -4.48 -16.06 -10.16
CA SER C 54 -4.23 -14.72 -9.64
C SER C 54 -2.81 -14.26 -9.96
N LEU C 55 -1.87 -15.19 -9.89
CA LEU C 55 -0.47 -14.87 -10.17
C LEU C 55 -0.23 -14.75 -11.67
N GLU C 56 -1.09 -15.38 -12.46
CA GLU C 56 -0.96 -15.34 -13.91
C GLU C 56 -1.39 -13.98 -14.46
N ASN C 57 -2.59 -13.55 -14.09
CA ASN C 57 -3.12 -12.27 -14.55
C ASN C 57 -2.18 -11.13 -14.17
N VAL C 58 -1.46 -11.29 -13.07
CA VAL C 58 -0.53 -10.27 -12.62
C VAL C 58 0.61 -10.10 -13.61
N LYS C 59 1.17 -11.22 -14.06
CA LYS C 59 2.26 -11.19 -15.02
C LYS C 59 1.75 -10.84 -16.42
N ALA C 60 0.50 -11.19 -16.69
CA ALA C 60 -0.11 -10.91 -17.99
C ALA C 60 -0.13 -9.41 -18.26
N ILE C 61 -0.46 -8.63 -17.23
CA ILE C 61 -0.51 -7.18 -17.37
C ILE C 61 0.90 -6.60 -17.46
N ILE C 62 1.80 -7.12 -16.64
CA ILE C 62 3.18 -6.66 -16.64
C ILE C 62 3.88 -7.09 -17.93
N GLU C 63 3.48 -8.23 -18.47
CA GLU C 63 4.05 -8.73 -19.71
C GLU C 63 3.53 -7.93 -20.90
N LYS C 64 2.26 -7.56 -20.83
CA LYS C 64 1.64 -6.78 -21.89
C LYS C 64 2.30 -5.41 -22.00
N ALA C 65 2.94 -4.99 -20.91
CA ALA C 65 3.62 -3.70 -20.88
C ALA C 65 5.06 -3.84 -21.35
N GLY C 66 5.64 -5.02 -21.14
CA GLY C 66 7.00 -5.27 -21.55
C GLY C 66 7.95 -5.42 -20.37
N LEU C 67 7.58 -6.27 -19.43
CA LEU C 67 8.40 -6.49 -18.25
C LEU C 67 8.28 -7.95 -17.78
N THR C 68 8.93 -8.25 -16.67
CA THR C 68 8.90 -9.60 -16.10
C THR C 68 8.87 -9.54 -14.57
N ALA C 69 8.50 -10.66 -13.95
CA ALA C 69 8.44 -10.74 -12.50
C ALA C 69 9.72 -10.21 -11.86
N ALA C 70 10.85 -10.45 -12.53
CA ALA C 70 12.14 -10.00 -12.02
C ALA C 70 12.24 -8.48 -12.04
N ASP C 71 11.47 -7.84 -12.92
CA ASP C 71 11.47 -6.39 -13.03
C ASP C 71 10.60 -5.76 -11.94
N ILE C 72 9.90 -6.61 -11.18
CA ILE C 72 9.03 -6.12 -10.11
C ILE C 72 9.82 -5.88 -8.83
N VAL C 73 9.86 -4.63 -8.40
CA VAL C 73 10.59 -4.26 -7.18
C VAL C 73 9.83 -4.65 -5.92
N LYS C 74 8.54 -4.33 -5.87
CA LYS C 74 7.71 -4.64 -4.71
C LYS C 74 6.58 -5.59 -5.08
N THR C 75 5.73 -5.91 -4.10
CA THR C 75 4.60 -6.81 -4.35
C THR C 75 3.77 -7.03 -3.07
N THR C 76 2.64 -6.33 -2.98
CA THR C 76 1.77 -6.45 -1.83
C THR C 76 1.07 -7.81 -1.83
N VAL C 77 1.18 -8.54 -0.73
CA VAL C 77 0.57 -9.87 -0.64
C VAL C 77 -0.55 -9.92 0.40
N PHE C 78 -1.79 -9.81 -0.07
CA PHE C 78 -2.95 -9.88 0.82
C PHE C 78 -3.53 -11.30 0.79
N VAL C 79 -4.09 -11.73 1.92
CA VAL C 79 -4.67 -13.06 2.01
C VAL C 79 -5.90 -13.09 2.91
N LYS C 80 -6.80 -14.02 2.63
CA LYS C 80 -8.01 -14.16 3.43
C LYS C 80 -7.77 -15.18 4.54
N ASP C 81 -6.57 -15.77 4.54
CA ASP C 81 -6.19 -16.76 5.54
C ASP C 81 -4.69 -17.02 5.48
N LEU C 82 -3.97 -16.59 6.51
CA LEU C 82 -2.53 -16.78 6.56
C LEU C 82 -2.16 -18.25 6.47
N ASN C 83 -3.13 -19.13 6.72
CA ASN C 83 -2.90 -20.56 6.65
C ASN C 83 -2.85 -21.02 5.20
N ASP C 84 -3.47 -20.25 4.32
CA ASP C 84 -3.48 -20.59 2.89
C ASP C 84 -2.15 -20.21 2.23
N PHE C 85 -1.33 -19.45 2.94
CA PHE C 85 -0.03 -19.03 2.42
C PHE C 85 0.83 -20.23 2.03
N ALA C 86 0.59 -21.37 2.69
CA ALA C 86 1.34 -22.58 2.40
C ALA C 86 1.29 -22.94 0.92
N ALA C 87 0.11 -22.82 0.32
CA ALA C 87 -0.07 -23.13 -1.08
C ALA C 87 0.22 -21.91 -1.96
N VAL C 88 -0.02 -20.73 -1.42
CA VAL C 88 0.22 -19.49 -2.15
C VAL C 88 1.71 -19.20 -2.28
N ASN C 89 2.42 -19.32 -1.16
CA ASN C 89 3.86 -19.07 -1.15
C ASN C 89 4.59 -20.11 -2.00
N ALA C 90 4.14 -21.36 -1.93
CA ALA C 90 4.74 -22.43 -2.70
C ALA C 90 4.61 -22.17 -4.20
N GLU C 91 3.47 -21.61 -4.60
CA GLU C 91 3.23 -21.32 -6.01
C GLU C 91 3.78 -19.95 -6.38
N TYR C 92 3.74 -19.04 -5.41
CA TYR C 92 4.25 -17.69 -5.63
C TYR C 92 5.74 -17.73 -5.96
N GLU C 93 6.51 -18.33 -5.06
CA GLU C 93 7.95 -18.44 -5.25
C GLU C 93 8.28 -19.42 -6.37
N ARG C 94 7.30 -20.24 -6.77
CA ARG C 94 7.50 -21.22 -7.82
C ARG C 94 7.62 -20.57 -9.20
N PHE C 95 6.79 -19.55 -9.46
CA PHE C 95 6.81 -18.89 -10.75
C PHE C 95 7.89 -17.80 -10.80
N PHE C 96 8.05 -17.07 -9.70
CA PHE C 96 9.04 -16.01 -9.63
C PHE C 96 10.42 -16.55 -10.01
N LYS C 97 10.80 -17.64 -9.38
CA LYS C 97 12.08 -18.27 -9.68
C LYS C 97 12.10 -18.79 -11.11
N GLU C 98 10.93 -19.20 -11.59
CA GLU C 98 10.80 -19.69 -12.95
C GLU C 98 10.62 -18.53 -13.93
N ASN C 99 10.57 -17.31 -13.38
CA ASN C 99 10.41 -16.12 -14.20
C ASN C 99 11.69 -15.29 -14.19
N ASN C 100 12.64 -15.68 -13.34
CA ASN C 100 13.94 -15.01 -13.23
C ASN C 100 13.96 -14.01 -12.07
N HIS C 101 13.03 -14.16 -11.13
CA HIS C 101 12.97 -13.26 -9.98
C HIS C 101 13.17 -14.04 -8.68
N PRO C 102 14.33 -14.70 -8.53
CA PRO C 102 14.65 -15.48 -7.33
C PRO C 102 14.85 -14.58 -6.11
N ASN C 103 15.09 -13.30 -6.35
CA ASN C 103 15.29 -12.34 -5.28
C ASN C 103 13.97 -12.00 -4.59
N PHE C 104 12.90 -11.97 -5.39
CA PHE C 104 11.56 -11.66 -4.87
C PHE C 104 11.44 -10.18 -4.53
N PRO C 105 10.28 -9.56 -4.84
CA PRO C 105 10.04 -8.14 -4.56
C PRO C 105 9.86 -7.87 -3.07
N ALA C 106 9.91 -6.60 -2.70
CA ALA C 106 9.74 -6.21 -1.30
C ALA C 106 8.39 -5.54 -1.09
N ARG C 107 7.67 -5.99 -0.07
CA ARG C 107 6.35 -5.42 0.23
C ARG C 107 5.85 -5.86 1.61
N SER C 108 4.57 -5.65 1.84
CA SER C 108 3.96 -6.02 3.11
C SER C 108 2.90 -7.11 2.92
N CYS C 109 3.16 -8.28 3.49
CA CYS C 109 2.22 -9.39 3.39
C CYS C 109 1.34 -9.45 4.63
N VAL C 110 0.03 -9.57 4.42
CA VAL C 110 -0.91 -9.62 5.54
C VAL C 110 -2.22 -10.26 5.12
N GLU C 111 -3.08 -10.54 6.10
CA GLU C 111 -4.38 -11.14 5.84
C GLU C 111 -5.49 -10.14 6.10
N VAL C 112 -5.94 -9.47 5.04
CA VAL C 112 -7.01 -8.49 5.16
C VAL C 112 -8.30 -9.13 5.69
N ALA C 113 -9.17 -8.31 6.27
CA ALA C 113 -10.43 -8.80 6.81
C ALA C 113 -11.28 -9.43 5.72
N ARG C 114 -11.38 -8.75 4.58
CA ARG C 114 -12.16 -9.25 3.46
C ARG C 114 -11.61 -8.73 2.14
N LEU C 115 -12.16 -9.20 1.04
CA LEU C 115 -11.71 -8.79 -0.29
C LEU C 115 -12.89 -8.70 -1.25
N PRO C 116 -12.76 -7.89 -2.32
CA PRO C 116 -13.83 -7.72 -3.32
C PRO C 116 -14.26 -9.06 -3.92
N LYS C 117 -15.57 -9.23 -4.08
CA LYS C 117 -16.13 -10.46 -4.64
C LYS C 117 -15.93 -11.64 -3.69
N ASP C 118 -15.62 -11.34 -2.44
CA ASP C 118 -15.41 -12.38 -1.45
C ASP C 118 -14.20 -13.25 -1.80
N VAL C 119 -13.37 -12.76 -2.71
CA VAL C 119 -12.18 -13.50 -3.14
C VAL C 119 -11.35 -13.92 -1.93
N GLY C 120 -10.35 -14.77 -2.17
CA GLY C 120 -9.51 -15.24 -1.08
C GLY C 120 -8.06 -14.82 -1.24
N LEU C 121 -7.81 -13.83 -2.09
CA LEU C 121 -6.45 -13.36 -2.32
C LEU C 121 -6.42 -12.16 -3.25
N GLU C 122 -5.40 -11.33 -3.10
CA GLU C 122 -5.23 -10.14 -3.93
C GLU C 122 -3.75 -9.94 -4.24
N ILE C 123 -3.44 -9.53 -5.47
CA ILE C 123 -2.06 -9.32 -5.88
C ILE C 123 -1.81 -7.90 -6.35
N GLU C 124 -0.80 -7.26 -5.76
CA GLU C 124 -0.42 -5.90 -6.11
C GLU C 124 1.10 -5.80 -6.12
N ALA C 125 1.66 -4.98 -7.01
CA ALA C 125 3.10 -4.84 -7.08
C ALA C 125 3.53 -3.70 -7.98
N ILE C 126 4.83 -3.44 -8.00
CA ILE C 126 5.41 -2.37 -8.82
C ILE C 126 6.62 -2.89 -9.58
N ALA C 127 6.88 -2.31 -10.74
CA ALA C 127 8.01 -2.73 -11.57
C ALA C 127 8.83 -1.55 -12.05
N VAL C 128 10.12 -1.80 -12.25
CA VAL C 128 11.03 -0.76 -12.73
C VAL C 128 11.48 -1.05 -14.15
N ARG C 129 11.12 -0.15 -15.07
CA ARG C 129 11.50 -0.31 -16.47
C ARG C 129 12.28 0.89 -16.97
N LYS C 130 13.55 0.97 -16.58
CA LYS C 130 14.41 2.08 -16.99
C LYS C 130 14.68 2.03 -18.49
N MET A 1 24.00 2.95 -12.28
CA MET A 1 22.52 2.81 -12.11
C MET A 1 22.18 1.62 -11.21
N MET A 2 21.12 1.78 -10.42
CA MET A 2 20.69 0.72 -9.51
C MET A 2 19.18 0.53 -9.59
N THR A 3 18.69 -0.56 -8.99
CA THR A 3 17.26 -0.85 -8.97
C THR A 3 16.95 -1.92 -7.93
N GLN A 4 16.17 -1.54 -6.93
CA GLN A 4 15.77 -2.44 -5.86
C GLN A 4 16.96 -3.21 -5.30
N ILE A 5 16.66 -4.22 -4.47
CA ILE A 5 17.70 -5.04 -3.86
C ILE A 5 18.47 -4.27 -2.79
N ILE A 6 18.29 -4.67 -1.54
CA ILE A 6 18.97 -4.03 -0.42
C ILE A 6 19.37 -5.07 0.63
N HIS A 7 20.67 -5.37 0.69
CA HIS A 7 21.19 -6.35 1.64
C HIS A 7 21.60 -5.67 2.95
N THR A 8 21.50 -6.42 4.04
CA THR A 8 21.87 -5.90 5.36
C THR A 8 22.06 -7.04 6.36
N GLU A 9 22.66 -6.71 7.50
CA GLU A 9 22.89 -7.71 8.54
C GLU A 9 22.21 -7.31 9.85
N LYS A 10 20.99 -6.78 9.73
CA LYS A 10 20.22 -6.36 10.90
C LYS A 10 18.76 -6.72 10.75
N ALA A 11 18.20 -6.44 9.58
CA ALA A 11 16.81 -6.72 9.30
C ALA A 11 16.51 -8.22 9.46
N PRO A 12 15.23 -8.61 9.28
CA PRO A 12 14.81 -10.01 9.41
C PRO A 12 15.47 -10.92 8.38
N ALA A 13 16.12 -10.32 7.38
CA ALA A 13 16.79 -11.08 6.33
C ALA A 13 15.80 -11.66 5.34
N ALA A 14 16.24 -11.88 4.11
CA ALA A 14 15.41 -12.44 3.06
C ALA A 14 15.90 -13.81 2.63
N ILE A 15 15.01 -14.79 2.70
CA ILE A 15 15.34 -16.16 2.30
C ILE A 15 14.18 -16.80 1.55
N GLY A 16 13.26 -15.98 1.08
CA GLY A 16 12.11 -16.48 0.35
C GLY A 16 11.91 -15.76 -0.98
N PRO A 17 10.68 -15.37 -1.32
CA PRO A 17 10.38 -14.70 -2.57
C PRO A 17 10.52 -13.18 -2.48
N TYR A 18 11.29 -12.70 -1.50
CA TYR A 18 11.47 -11.26 -1.34
C TYR A 18 12.83 -10.94 -0.71
N VAL A 19 13.31 -9.73 -0.96
CA VAL A 19 14.60 -9.29 -0.43
C VAL A 19 14.38 -8.40 0.80
N GLN A 20 15.43 -8.22 1.59
CA GLN A 20 15.35 -7.38 2.79
C GLN A 20 14.67 -6.04 2.48
N ALA A 21 15.04 -5.47 1.34
CA ALA A 21 14.47 -4.20 0.91
C ALA A 21 14.79 -3.95 -0.55
N VAL A 22 14.36 -2.81 -1.08
CA VAL A 22 14.62 -2.49 -2.48
C VAL A 22 15.05 -1.03 -2.66
N ASP A 23 16.18 -0.86 -3.34
CA ASP A 23 16.73 0.47 -3.60
C ASP A 23 16.60 0.83 -5.09
N LEU A 24 15.54 1.56 -5.42
CA LEU A 24 15.30 1.98 -6.80
C LEU A 24 16.27 3.07 -7.24
N GLY A 25 16.98 3.65 -6.28
CA GLY A 25 17.91 4.72 -6.59
C GLY A 25 17.30 6.08 -6.39
N ASN A 26 17.72 6.76 -5.32
CA ASN A 26 17.18 8.09 -4.98
C ASN A 26 15.88 7.93 -4.18
N LEU A 27 15.09 6.92 -4.54
CA LEU A 27 13.84 6.63 -3.88
C LEU A 27 13.84 5.19 -3.38
N VAL A 28 14.11 5.01 -2.09
CA VAL A 28 14.15 3.68 -1.50
C VAL A 28 12.79 3.25 -0.97
N LEU A 29 12.69 1.97 -0.66
CA LEU A 29 11.45 1.39 -0.13
C LEU A 29 11.76 0.20 0.76
N THR A 30 11.08 0.11 1.91
CA THR A 30 11.29 -0.99 2.84
C THR A 30 10.09 -1.94 2.85
N SER A 31 10.37 -3.23 2.85
CA SER A 31 9.33 -4.25 2.84
C SER A 31 8.61 -4.29 4.20
N GLY A 32 7.53 -5.05 4.26
CA GLY A 32 6.77 -5.15 5.50
C GLY A 32 7.58 -5.80 6.61
N GLN A 33 8.36 -5.00 7.32
CA GLN A 33 9.18 -5.49 8.41
C GLN A 33 8.31 -6.05 9.53
N ILE A 34 8.97 -6.68 10.52
CA ILE A 34 8.26 -7.26 11.65
C ILE A 34 9.17 -7.33 12.88
N PRO A 35 8.59 -7.18 14.09
CA PRO A 35 9.35 -7.22 15.34
C PRO A 35 9.96 -8.60 15.64
N VAL A 36 10.75 -9.10 14.72
CA VAL A 36 11.39 -10.40 14.90
C VAL A 36 12.32 -10.38 16.11
N ASN A 37 11.74 -10.61 17.28
CA ASN A 37 12.47 -10.62 18.54
C ASN A 37 13.89 -11.16 18.38
N PRO A 38 14.91 -10.44 18.87
CA PRO A 38 16.30 -10.88 18.79
C PRO A 38 16.59 -12.09 19.66
N ALA A 39 15.64 -12.43 20.53
CA ALA A 39 15.79 -13.56 21.43
C ALA A 39 14.74 -14.64 21.17
N THR A 40 13.63 -14.26 20.54
CA THR A 40 12.57 -15.21 20.24
C THR A 40 12.41 -15.40 18.73
N GLY A 41 12.81 -14.39 17.97
CA GLY A 41 12.71 -14.45 16.53
C GLY A 41 11.28 -14.55 16.06
N GLU A 42 10.46 -13.58 16.46
CA GLU A 42 9.05 -13.57 16.06
C GLU A 42 8.41 -12.22 16.30
N VAL A 43 8.00 -11.96 17.53
CA VAL A 43 7.36 -10.69 17.89
C VAL A 43 7.12 -10.60 19.39
N PRO A 44 7.89 -9.76 20.09
CA PRO A 44 7.76 -9.57 21.54
C PRO A 44 6.35 -9.15 21.93
N ALA A 45 5.86 -9.67 23.05
CA ALA A 45 4.53 -9.34 23.53
C ALA A 45 4.43 -7.86 23.88
N ASP A 46 5.54 -7.30 24.33
CA ASP A 46 5.60 -5.90 24.71
C ASP A 46 5.38 -5.01 23.50
N ILE A 47 4.13 -4.65 23.27
CA ILE A 47 3.74 -3.80 22.15
C ILE A 47 4.73 -2.66 21.95
N VAL A 48 5.31 -2.17 23.05
CA VAL A 48 6.28 -1.09 22.99
C VAL A 48 7.64 -1.61 22.56
N ALA A 49 8.04 -2.74 23.14
CA ALA A 49 9.33 -3.35 22.81
C ALA A 49 9.35 -3.82 21.36
N GLN A 50 8.30 -4.52 20.96
CA GLN A 50 8.19 -5.01 19.59
C GLN A 50 8.04 -3.86 18.61
N ALA A 51 7.39 -2.79 19.06
CA ALA A 51 7.17 -1.61 18.23
C ALA A 51 8.49 -0.86 18.01
N ARG A 52 9.38 -0.92 19.00
CA ARG A 52 10.66 -0.25 18.92
C ARG A 52 11.63 -1.05 18.04
N GLN A 53 11.63 -2.36 18.21
CA GLN A 53 12.50 -3.24 17.44
C GLN A 53 12.15 -3.17 15.95
N SER A 54 10.86 -3.14 15.66
CA SER A 54 10.40 -3.07 14.28
C SER A 54 10.91 -1.80 13.60
N LEU A 55 10.96 -0.71 14.37
CA LEU A 55 11.44 0.56 13.84
C LEU A 55 12.94 0.51 13.56
N GLU A 56 13.67 -0.21 14.40
CA GLU A 56 15.11 -0.35 14.23
C GLU A 56 15.44 -1.18 13.00
N ASN A 57 14.67 -2.24 12.78
CA ASN A 57 14.87 -3.11 11.63
C ASN A 57 14.64 -2.35 10.33
N VAL A 58 13.55 -1.60 10.28
CA VAL A 58 13.22 -0.82 9.10
C VAL A 58 14.27 0.24 8.83
N LYS A 59 14.82 0.80 9.90
CA LYS A 59 15.85 1.83 9.78
C LYS A 59 17.21 1.21 9.50
N ALA A 60 17.43 0.03 10.06
CA ALA A 60 18.71 -0.68 9.88
C ALA A 60 18.94 -0.97 8.40
N ILE A 61 17.88 -1.32 7.69
CA ILE A 61 17.98 -1.62 6.27
C ILE A 61 18.24 -0.35 5.48
N ILE A 62 17.48 0.70 5.78
CA ILE A 62 17.64 1.97 5.10
C ILE A 62 18.97 2.61 5.45
N GLU A 63 19.44 2.36 6.67
CA GLU A 63 20.71 2.90 7.13
C GLU A 63 21.87 2.18 6.44
N LYS A 64 21.75 0.87 6.31
CA LYS A 64 22.77 0.06 5.66
C LYS A 64 22.87 0.43 4.19
N ALA A 65 21.84 1.08 3.66
CA ALA A 65 21.82 1.50 2.26
C ALA A 65 22.47 2.86 2.10
N GLY A 66 22.31 3.70 3.12
CA GLY A 66 22.89 5.04 3.07
C GLY A 66 21.84 6.13 3.19
N LEU A 67 20.90 5.96 4.12
CA LEU A 67 19.86 6.93 4.33
C LEU A 67 19.44 6.98 5.80
N THR A 68 18.35 7.68 6.08
CA THR A 68 17.85 7.80 7.44
C THR A 68 16.33 7.89 7.45
N ALA A 69 15.73 7.63 8.61
CA ALA A 69 14.29 7.68 8.76
C ALA A 69 13.75 9.06 8.42
N ALA A 70 14.54 10.08 8.73
CA ALA A 70 14.15 11.46 8.46
C ALA A 70 13.81 11.66 6.98
N ASP A 71 14.48 10.91 6.12
CA ASP A 71 14.27 10.99 4.68
C ASP A 71 12.96 10.31 4.27
N ILE A 72 12.46 9.42 5.12
CA ILE A 72 11.23 8.71 4.85
C ILE A 72 10.14 9.65 4.33
N VAL A 73 9.68 9.39 3.11
CA VAL A 73 8.63 10.21 2.50
C VAL A 73 7.25 9.78 2.99
N LYS A 74 7.01 8.48 3.03
CA LYS A 74 5.73 7.94 3.48
C LYS A 74 5.96 6.71 4.35
N THR A 75 4.96 6.36 5.16
CA THR A 75 5.07 5.19 6.04
C THR A 75 3.73 4.49 6.22
N THR A 76 3.79 3.16 6.33
CA THR A 76 2.59 2.36 6.53
C THR A 76 2.84 1.33 7.63
N VAL A 77 1.86 1.15 8.51
CA VAL A 77 2.01 0.20 9.61
C VAL A 77 0.69 -0.47 9.97
N PHE A 78 0.68 -1.80 9.89
CA PHE A 78 -0.51 -2.58 10.21
C PHE A 78 -0.52 -2.93 11.69
N VAL A 79 -1.65 -2.72 12.35
CA VAL A 79 -1.78 -3.00 13.77
C VAL A 79 -2.82 -4.08 14.03
N LYS A 80 -2.61 -4.83 15.10
CA LYS A 80 -3.53 -5.89 15.50
C LYS A 80 -4.46 -5.38 16.60
N ASP A 81 -4.18 -4.16 17.07
CA ASP A 81 -4.98 -3.54 18.11
C ASP A 81 -4.86 -2.03 18.06
N LEU A 82 -5.83 -1.39 17.41
CA LEU A 82 -5.84 0.07 17.28
C LEU A 82 -5.80 0.75 18.64
N ASN A 83 -6.13 -0.01 19.69
CA ASN A 83 -6.12 0.54 21.05
C ASN A 83 -4.69 0.66 21.56
N ASP A 84 -3.79 -0.12 20.97
CA ASP A 84 -2.39 -0.09 21.37
C ASP A 84 -1.64 1.03 20.66
N PHE A 85 -2.20 1.50 19.54
CA PHE A 85 -1.58 2.57 18.76
C PHE A 85 -1.31 3.80 19.63
N ALA A 86 -2.06 3.93 20.73
CA ALA A 86 -1.88 5.05 21.64
C ALA A 86 -0.45 5.13 22.16
N ALA A 87 0.15 3.97 22.39
CA ALA A 87 1.52 3.90 22.89
C ALA A 87 2.52 3.92 21.75
N VAL A 88 2.17 3.29 20.64
CA VAL A 88 3.04 3.24 19.47
C VAL A 88 3.12 4.61 18.80
N ASN A 89 1.99 5.28 18.69
CA ASN A 89 1.94 6.60 18.08
C ASN A 89 2.68 7.63 18.91
N ALA A 90 2.56 7.50 20.23
CA ALA A 90 3.22 8.42 21.15
C ALA A 90 4.74 8.26 21.09
N GLU A 91 5.19 7.02 20.90
CA GLU A 91 6.62 6.74 20.82
C GLU A 91 7.12 6.85 19.39
N TYR A 92 6.22 6.64 18.43
CA TYR A 92 6.57 6.71 17.02
C TYR A 92 6.92 8.13 16.61
N GLU A 93 6.14 9.10 17.09
CA GLU A 93 6.37 10.51 16.77
C GLU A 93 7.46 11.09 17.65
N ARG A 94 7.57 10.59 18.87
CA ARG A 94 8.57 11.09 19.81
C ARG A 94 9.98 10.65 19.41
N PHE A 95 10.10 9.63 18.57
CA PHE A 95 11.40 9.15 18.14
C PHE A 95 11.85 9.86 16.87
N PHE A 96 10.90 10.14 15.98
CA PHE A 96 11.21 10.82 14.73
C PHE A 96 11.90 12.15 15.01
N LYS A 97 11.22 13.00 15.75
CA LYS A 97 11.77 14.30 16.10
C LYS A 97 13.02 14.12 16.95
N GLU A 98 13.07 13.03 17.71
CA GLU A 98 14.23 12.74 18.54
C GLU A 98 15.37 12.21 17.70
N ASN A 99 15.08 11.88 16.44
CA ASN A 99 16.10 11.38 15.52
C ASN A 99 16.37 12.40 14.42
N ASN A 100 15.60 13.48 14.43
CA ASN A 100 15.72 14.56 13.44
C ASN A 100 14.84 14.26 12.23
N HIS A 101 13.67 13.68 12.49
CA HIS A 101 12.73 13.34 11.44
C HIS A 101 11.42 14.13 11.59
N PRO A 102 11.51 15.46 11.69
CA PRO A 102 10.33 16.32 11.85
C PRO A 102 9.54 16.46 10.54
N ASN A 103 10.14 16.04 9.44
CA ASN A 103 9.48 16.12 8.14
C ASN A 103 8.10 15.47 8.17
N PHE A 104 7.96 14.44 9.00
CA PHE A 104 6.70 13.73 9.16
C PHE A 104 6.26 13.08 7.84
N PRO A 105 6.70 11.84 7.59
CA PRO A 105 6.35 11.11 6.37
C PRO A 105 4.87 10.72 6.37
N ALA A 106 4.32 10.52 5.17
CA ALA A 106 2.91 10.14 5.04
C ALA A 106 2.60 8.93 5.93
N ARG A 107 1.33 8.76 6.27
CA ARG A 107 0.92 7.65 7.11
C ARG A 107 -0.15 6.79 6.44
N SER A 108 -0.16 5.51 6.79
CA SER A 108 -1.13 4.57 6.24
C SER A 108 -1.24 3.34 7.13
N CYS A 109 -1.65 3.57 8.38
CA CYS A 109 -1.79 2.49 9.34
C CYS A 109 -3.25 2.09 9.50
N VAL A 110 -3.50 0.79 9.65
CA VAL A 110 -4.85 0.28 9.81
C VAL A 110 -4.86 -1.03 10.59
N GLU A 111 -6.01 -1.35 11.19
CA GLU A 111 -6.14 -2.57 11.97
C GLU A 111 -6.45 -3.76 11.07
N VAL A 112 -5.42 -4.53 10.75
CA VAL A 112 -5.58 -5.70 9.89
C VAL A 112 -6.03 -6.92 10.68
N ALA A 113 -6.61 -7.90 10.00
CA ALA A 113 -7.08 -9.11 10.64
C ALA A 113 -5.93 -9.88 11.27
N ARG A 114 -4.86 -10.07 10.49
CA ARG A 114 -3.69 -10.79 10.97
C ARG A 114 -2.43 -10.31 10.25
N LEU A 115 -1.28 -10.87 10.63
CA LEU A 115 -0.02 -10.49 10.02
C LEU A 115 0.92 -11.69 9.93
N PRO A 116 1.87 -11.66 8.99
CA PRO A 116 2.84 -12.75 8.80
C PRO A 116 3.64 -13.05 10.07
N LYS A 117 3.79 -14.32 10.39
CA LYS A 117 4.54 -14.73 11.58
C LYS A 117 3.75 -14.42 12.85
N ASP A 118 2.45 -14.19 12.69
CA ASP A 118 1.60 -13.88 13.83
C ASP A 118 2.04 -12.59 14.51
N VAL A 119 2.85 -11.79 13.82
CA VAL A 119 3.35 -10.54 14.36
C VAL A 119 2.19 -9.61 14.73
N GLY A 120 2.37 -8.86 15.82
CA GLY A 120 1.33 -7.94 16.25
C GLY A 120 1.43 -6.58 15.58
N LEU A 121 2.31 -6.47 14.59
CA LEU A 121 2.47 -5.21 13.87
C LEU A 121 3.45 -5.37 12.70
N GLU A 122 3.23 -4.59 11.66
CA GLU A 122 4.09 -4.61 10.47
C GLU A 122 4.49 -3.20 10.07
N ILE A 123 5.65 -3.06 9.45
CA ILE A 123 6.12 -1.75 9.03
C ILE A 123 6.60 -1.75 7.58
N GLU A 124 6.14 -0.76 6.83
CA GLU A 124 6.51 -0.62 5.42
C GLU A 124 6.44 0.85 5.02
N ALA A 125 7.60 1.49 4.89
CA ALA A 125 7.66 2.89 4.54
C ALA A 125 8.59 3.15 3.36
N ILE A 126 8.46 4.34 2.77
CA ILE A 126 9.30 4.73 1.64
C ILE A 126 10.26 5.84 2.05
N ALA A 127 11.37 5.96 1.36
CA ALA A 127 12.37 6.98 1.67
C ALA A 127 13.00 7.55 0.41
N VAL A 128 13.43 8.81 0.50
CA VAL A 128 14.05 9.48 -0.63
C VAL A 128 15.45 9.98 -0.26
N ARG A 129 16.18 10.49 -1.25
CA ARG A 129 17.52 11.00 -1.02
C ARG A 129 17.99 11.85 -2.19
N LYS A 130 17.13 12.76 -2.63
CA LYS A 130 17.45 13.66 -3.75
C LYS A 130 18.63 14.56 -3.40
N MET B 1 13.53 22.56 -6.50
CA MET B 1 13.29 21.14 -6.18
C MET B 1 12.44 21.00 -4.91
N MET B 2 11.59 19.98 -4.89
CA MET B 2 10.72 19.73 -3.75
C MET B 2 10.71 18.26 -3.37
N THR B 3 10.15 17.94 -2.21
CA THR B 3 10.07 16.57 -1.73
C THR B 3 9.08 16.45 -0.59
N GLN B 4 8.01 15.69 -0.82
CA GLN B 4 6.98 15.47 0.19
C GLN B 4 6.54 16.78 0.83
N ILE B 5 5.77 16.67 1.91
CA ILE B 5 5.27 17.83 2.63
C ILE B 5 4.20 18.58 1.84
N ILE B 6 2.97 18.52 2.33
CA ILE B 6 1.84 19.20 1.68
C ILE B 6 0.90 19.79 2.72
N HIS B 7 0.93 21.11 2.85
CA HIS B 7 0.07 21.80 3.81
C HIS B 7 -1.24 22.22 3.17
N THR B 8 -2.30 22.29 3.98
CA THR B 8 -3.61 22.67 3.49
C THR B 8 -4.53 23.08 4.65
N GLU B 9 -5.65 23.69 4.32
CA GLU B 9 -6.61 24.12 5.34
C GLU B 9 -7.98 23.48 5.10
N LYS B 10 -7.97 22.21 4.71
CA LYS B 10 -9.20 21.48 4.45
C LYS B 10 -9.13 20.05 4.98
N ALA B 11 -8.01 19.38 4.70
CA ALA B 11 -7.79 18.02 5.13
C ALA B 11 -7.88 17.91 6.66
N PRO B 12 -7.75 16.68 7.20
CA PRO B 12 -7.81 16.44 8.65
C PRO B 12 -6.69 17.14 9.42
N ALA B 13 -5.70 17.64 8.68
CA ALA B 13 -4.56 18.33 9.29
C ALA B 13 -3.59 17.35 9.93
N ALA B 14 -2.33 17.75 10.03
CA ALA B 14 -1.30 16.91 10.62
C ALA B 14 -0.75 17.54 11.89
N ILE B 15 -0.81 16.77 12.98
CA ILE B 15 -0.31 17.23 14.27
C ILE B 15 0.42 16.12 15.02
N GLY B 16 0.78 15.08 14.28
CA GLY B 16 1.47 13.95 14.88
C GLY B 16 2.74 13.59 14.12
N PRO B 17 2.98 12.30 13.88
CA PRO B 17 4.17 11.85 13.16
C PRO B 17 3.98 11.81 11.65
N TYR B 18 3.03 12.57 11.13
CA TYR B 18 2.78 12.60 9.70
C TYR B 18 2.22 13.94 9.24
N VAL B 19 2.42 14.26 7.97
CA VAL B 19 1.93 15.50 7.40
C VAL B 19 0.65 15.27 6.62
N GLN B 20 -0.10 16.33 6.35
CA GLN B 20 -1.35 16.23 5.60
C GLN B 20 -1.17 15.38 4.35
N ALA B 21 -0.05 15.59 3.66
CA ALA B 21 0.27 14.86 2.45
C ALA B 21 1.73 15.05 2.08
N VAL B 22 2.16 14.45 0.98
CA VAL B 22 3.54 14.57 0.55
C VAL B 22 3.66 14.82 -0.95
N ASP B 23 4.39 15.87 -1.29
CA ASP B 23 4.61 16.24 -2.69
C ASP B 23 6.06 15.97 -3.11
N LEU B 24 6.28 14.81 -3.73
CA LEU B 24 7.62 14.43 -4.19
C LEU B 24 8.04 15.23 -5.41
N GLY B 25 7.10 15.93 -6.03
CA GLY B 25 7.40 16.72 -7.21
C GLY B 25 7.07 15.96 -8.48
N ASN B 26 5.99 16.36 -9.15
CA ASN B 26 5.54 15.71 -10.37
C ASN B 26 4.68 14.49 -10.02
N LEU B 27 5.06 13.81 -8.94
CA LEU B 27 4.32 12.63 -8.47
C LEU B 27 3.92 12.84 -7.01
N VAL B 28 2.66 13.21 -6.80
CA VAL B 28 2.16 13.46 -5.45
C VAL B 28 1.57 12.20 -4.83
N LEU B 29 1.33 12.26 -3.52
CA LEU B 29 0.76 11.14 -2.78
C LEU B 29 -0.02 11.64 -1.58
N THR B 30 -1.19 11.06 -1.36
CA THR B 30 -2.05 11.46 -0.25
C THR B 30 -2.07 10.39 0.84
N SER B 31 -1.98 10.83 2.10
CA SER B 31 -1.98 9.91 3.23
C SER B 31 -3.37 9.30 3.44
N GLY B 32 -3.45 8.32 4.33
CA GLY B 32 -4.72 7.68 4.61
C GLY B 32 -5.74 8.64 5.21
N GLN B 33 -6.45 9.36 4.34
CA GLN B 33 -7.45 10.32 4.80
C GLN B 33 -8.59 9.60 5.53
N ILE B 34 -9.49 10.39 6.12
CA ILE B 34 -10.62 9.85 6.84
C ILE B 34 -11.79 10.85 6.86
N PRO B 35 -13.03 10.34 6.86
CA PRO B 35 -14.23 11.19 6.87
C PRO B 35 -14.41 11.97 8.17
N VAL B 36 -13.40 12.77 8.53
CA VAL B 36 -13.47 13.56 9.74
C VAL B 36 -14.61 14.57 9.66
N ASN B 37 -15.79 14.11 10.03
CA ASN B 37 -17.00 14.92 10.01
C ASN B 37 -16.72 16.39 10.37
N PRO B 38 -17.20 17.34 9.55
CA PRO B 38 -16.99 18.76 9.80
C PRO B 38 -17.77 19.26 11.02
N ALA B 39 -18.67 18.41 11.52
CA ALA B 39 -19.49 18.77 12.67
C ALA B 39 -19.22 17.84 13.85
N THR B 40 -18.68 16.66 13.58
CA THR B 40 -18.39 15.70 14.64
C THR B 40 -16.89 15.46 14.77
N GLY B 41 -16.17 15.68 13.67
CA GLY B 41 -14.74 15.49 13.66
C GLY B 41 -14.35 14.05 13.91
N GLU B 42 -14.87 13.14 13.08
CA GLU B 42 -14.55 11.72 13.24
C GLU B 42 -14.92 10.93 11.99
N VAL B 43 -16.20 10.58 11.86
CA VAL B 43 -16.67 9.81 10.71
C VAL B 43 -18.19 9.67 10.73
N PRO B 44 -18.90 10.39 9.84
CA PRO B 44 -20.36 10.32 9.77
C PRO B 44 -20.86 8.90 9.54
N ALA B 45 -21.97 8.56 10.20
CA ALA B 45 -22.55 7.23 10.07
C ALA B 45 -23.01 6.98 8.64
N ASP B 46 -23.43 8.04 7.97
CA ASP B 46 -23.90 7.94 6.59
C ASP B 46 -22.76 7.54 5.66
N ILE B 47 -22.64 6.24 5.47
CA ILE B 47 -21.60 5.67 4.60
C ILE B 47 -21.42 6.50 3.33
N VAL B 48 -22.51 7.08 2.84
CA VAL B 48 -22.46 7.90 1.64
C VAL B 48 -21.92 9.29 1.95
N ALA B 49 -22.39 9.87 3.06
CA ALA B 49 -21.95 11.19 3.48
C ALA B 49 -20.47 11.18 3.85
N GLN B 50 -20.09 10.19 4.66
CA GLN B 50 -18.69 10.05 5.08
C GLN B 50 -17.81 9.69 3.89
N ALA B 51 -18.37 8.96 2.94
CA ALA B 51 -17.63 8.55 1.76
C ALA B 51 -17.38 9.75 0.84
N ARG B 52 -18.31 10.70 0.85
CA ARG B 52 -18.18 11.89 0.03
C ARG B 52 -17.20 12.88 0.64
N GLN B 53 -17.27 13.04 1.96
CA GLN B 53 -16.39 13.96 2.67
C GLN B 53 -14.94 13.49 2.56
N SER B 54 -14.73 12.19 2.67
CA SER B 54 -13.39 11.63 2.58
C SER B 54 -12.77 11.93 1.22
N LEU B 55 -13.60 11.91 0.18
CA LEU B 55 -13.13 12.20 -1.17
C LEU B 55 -12.73 13.67 -1.31
N GLU B 56 -13.48 14.54 -0.64
CA GLU B 56 -13.22 15.97 -0.69
C GLU B 56 -11.92 16.30 0.02
N ASN B 57 -11.68 15.65 1.15
CA ASN B 57 -10.47 15.87 1.93
C ASN B 57 -9.23 15.45 1.13
N VAL B 58 -9.31 14.28 0.51
CA VAL B 58 -8.19 13.77 -0.28
C VAL B 58 -7.92 14.68 -1.48
N LYS B 59 -9.00 15.24 -2.04
CA LYS B 59 -8.88 16.12 -3.20
C LYS B 59 -8.47 17.52 -2.75
N ALA B 60 -8.95 17.93 -1.58
CA ALA B 60 -8.63 19.25 -1.05
C ALA B 60 -7.12 19.42 -0.87
N ILE B 61 -6.46 18.36 -0.42
CA ILE B 61 -5.02 18.39 -0.22
C ILE B 61 -4.29 18.45 -1.55
N ILE B 62 -4.71 17.60 -2.48
CA ILE B 62 -4.10 17.56 -3.81
C ILE B 62 -4.40 18.84 -4.58
N GLU B 63 -5.58 19.41 -4.31
CA GLU B 63 -5.98 20.64 -4.98
C GLU B 63 -5.17 21.82 -4.43
N LYS B 64 -4.98 21.83 -3.12
CA LYS B 64 -4.21 22.90 -2.48
C LYS B 64 -2.76 22.86 -2.94
N ALA B 65 -2.35 21.72 -3.49
CA ALA B 65 -0.98 21.56 -3.97
C ALA B 65 -0.86 22.03 -5.42
N GLY B 66 -1.94 21.85 -6.18
CA GLY B 66 -1.93 22.27 -7.57
C GLY B 66 -2.18 21.12 -8.52
N LEU B 67 -3.16 20.28 -8.19
CA LEU B 67 -3.50 19.13 -9.03
C LEU B 67 -4.99 18.83 -8.94
N THR B 68 -5.38 17.69 -9.50
CA THR B 68 -6.78 17.26 -9.48
C THR B 68 -6.89 15.75 -9.38
N ALA B 69 -8.07 15.27 -9.01
CA ALA B 69 -8.30 13.85 -8.87
C ALA B 69 -8.09 13.13 -10.20
N ALA B 70 -8.41 13.81 -11.29
CA ALA B 70 -8.25 13.25 -12.62
C ALA B 70 -6.82 12.78 -12.85
N ASP B 71 -5.86 13.49 -12.23
CA ASP B 71 -4.45 13.16 -12.38
C ASP B 71 -4.08 11.92 -11.56
N ILE B 72 -4.91 11.59 -10.58
CA ILE B 72 -4.65 10.43 -9.72
C ILE B 72 -4.28 9.20 -10.55
N VAL B 73 -3.08 8.68 -10.31
CA VAL B 73 -2.57 7.51 -11.02
C VAL B 73 -3.13 6.23 -10.40
N LYS B 74 -3.10 6.15 -9.08
CA LYS B 74 -3.59 4.98 -8.36
C LYS B 74 -4.38 5.42 -7.12
N THR B 75 -5.22 4.52 -6.61
CA THR B 75 -6.02 4.83 -5.43
C THR B 75 -6.24 3.60 -4.56
N THR B 76 -6.27 3.81 -3.25
CA THR B 76 -6.49 2.74 -2.29
C THR B 76 -7.51 3.18 -1.24
N VAL B 77 -8.44 2.30 -0.90
CA VAL B 77 -9.46 2.64 0.08
C VAL B 77 -9.86 1.44 0.94
N PHE B 78 -9.70 1.57 2.24
CA PHE B 78 -10.06 0.50 3.17
C PHE B 78 -11.51 0.64 3.61
N VAL B 79 -12.24 -0.46 3.56
CA VAL B 79 -13.65 -0.46 3.94
C VAL B 79 -13.92 -1.34 5.15
N LYS B 80 -14.92 -0.96 5.93
CA LYS B 80 -15.30 -1.73 7.10
C LYS B 80 -16.49 -2.63 6.78
N ASP B 81 -17.01 -2.47 5.56
CA ASP B 81 -18.14 -3.26 5.09
C ASP B 81 -18.17 -3.33 3.57
N LEU B 82 -17.62 -4.41 3.02
CA LEU B 82 -17.59 -4.60 1.58
C LEU B 82 -18.99 -4.53 0.97
N ASN B 83 -20.01 -4.71 1.81
CA ASN B 83 -21.38 -4.67 1.35
C ASN B 83 -21.81 -3.23 1.08
N ASP B 84 -21.12 -2.29 1.70
CA ASP B 84 -21.43 -0.87 1.53
C ASP B 84 -20.75 -0.31 0.30
N PHE B 85 -19.69 -1.00 -0.17
CA PHE B 85 -18.95 -0.57 -1.34
C PHE B 85 -19.87 -0.38 -2.54
N ALA B 86 -21.02 -1.05 -2.53
CA ALA B 86 -21.98 -0.95 -3.62
C ALA B 86 -22.42 0.49 -3.84
N ALA B 87 -22.53 1.24 -2.74
CA ALA B 87 -22.94 2.64 -2.81
C ALA B 87 -21.74 3.56 -3.01
N VAL B 88 -20.62 3.19 -2.41
CA VAL B 88 -19.40 3.98 -2.53
C VAL B 88 -18.81 3.87 -3.92
N ASN B 89 -18.82 2.65 -4.47
CA ASN B 89 -18.28 2.40 -5.79
C ASN B 89 -19.14 3.08 -6.86
N ALA B 90 -20.46 3.07 -6.65
CA ALA B 90 -21.38 3.68 -7.58
C ALA B 90 -21.21 5.19 -7.62
N GLU B 91 -20.92 5.77 -6.46
CA GLU B 91 -20.74 7.22 -6.36
C GLU B 91 -19.28 7.60 -6.60
N TYR B 92 -18.37 6.66 -6.34
CA TYR B 92 -16.94 6.90 -6.52
C TYR B 92 -16.61 7.06 -8.01
N GLU B 93 -17.19 6.21 -8.83
CA GLU B 93 -16.94 6.24 -10.27
C GLU B 93 -17.79 7.32 -10.95
N ARG B 94 -18.97 7.57 -10.39
CA ARG B 94 -19.87 8.57 -10.95
C ARG B 94 -19.37 10.00 -10.72
N PHE B 95 -18.46 10.16 -9.76
CA PHE B 95 -17.92 11.49 -9.46
C PHE B 95 -16.66 11.75 -10.30
N PHE B 96 -15.86 10.72 -10.50
CA PHE B 96 -14.63 10.86 -11.28
C PHE B 96 -14.94 11.41 -12.67
N LYS B 97 -15.78 10.68 -13.39
CA LYS B 97 -16.17 11.10 -14.72
C LYS B 97 -16.93 12.42 -14.66
N GLU B 98 -17.61 12.65 -13.54
CA GLU B 98 -18.36 13.88 -13.35
C GLU B 98 -17.42 15.03 -13.01
N ASN B 99 -16.16 14.69 -12.71
CA ASN B 99 -15.15 15.70 -12.39
C ASN B 99 -14.11 15.77 -13.50
N ASN B 100 -14.22 14.87 -14.47
CA ASN B 100 -13.30 14.80 -15.61
C ASN B 100 -12.13 13.88 -15.28
N HIS B 101 -12.43 12.81 -14.54
CA HIS B 101 -11.41 11.84 -14.14
C HIS B 101 -11.70 10.46 -14.75
N PRO B 102 -11.88 10.40 -16.08
CA PRO B 102 -12.15 9.14 -16.78
C PRO B 102 -10.92 8.26 -16.90
N ASN B 103 -9.75 8.82 -16.60
CA ASN B 103 -8.50 8.07 -16.68
C ASN B 103 -8.59 6.77 -15.87
N PHE B 104 -9.36 6.83 -14.79
CA PHE B 104 -9.55 5.67 -13.92
C PHE B 104 -8.23 5.22 -13.30
N PRO B 105 -7.88 5.78 -12.13
CA PRO B 105 -6.64 5.42 -11.42
C PRO B 105 -6.69 4.00 -10.86
N ALA B 106 -5.53 3.40 -10.66
CA ALA B 106 -5.47 2.04 -10.13
C ALA B 106 -6.30 1.93 -8.84
N ARG B 107 -6.70 0.72 -8.50
CA ARG B 107 -7.50 0.51 -7.30
C ARG B 107 -6.85 -0.49 -6.37
N SER B 108 -7.12 -0.34 -5.08
CA SER B 108 -6.57 -1.22 -4.05
C SER B 108 -7.39 -1.13 -2.77
N CYS B 109 -8.68 -1.46 -2.88
CA CYS B 109 -9.58 -1.41 -1.73
C CYS B 109 -9.80 -2.80 -1.15
N VAL B 110 -9.88 -2.88 0.17
CA VAL B 110 -10.10 -4.15 0.84
C VAL B 110 -10.80 -3.95 2.18
N GLU B 111 -11.45 -5.01 2.67
CA GLU B 111 -12.15 -4.94 3.94
C GLU B 111 -11.20 -5.18 5.11
N VAL B 112 -10.76 -4.09 5.74
CA VAL B 112 -9.84 -4.16 6.86
C VAL B 112 -10.59 -4.42 8.17
N ALA B 113 -9.88 -4.92 9.17
CA ALA B 113 -10.48 -5.20 10.47
C ALA B 113 -10.98 -3.93 11.14
N ARG B 114 -10.13 -2.90 11.15
CA ARG B 114 -10.49 -1.62 11.75
C ARG B 114 -9.72 -0.48 11.08
N LEU B 115 -10.00 0.75 11.51
CA LEU B 115 -9.34 1.92 10.95
C LEU B 115 -9.12 2.98 12.03
N PRO B 116 -8.12 3.86 11.83
CA PRO B 116 -7.81 4.93 12.78
C PRO B 116 -9.00 5.84 13.03
N LYS B 117 -9.24 6.17 14.30
CA LYS B 117 -10.35 7.03 14.68
C LYS B 117 -11.69 6.31 14.54
N ASP B 118 -11.62 4.99 14.46
CA ASP B 118 -12.83 4.17 14.31
C ASP B 118 -13.57 4.51 13.02
N VAL B 119 -12.86 5.18 12.10
CA VAL B 119 -13.45 5.55 10.82
C VAL B 119 -13.95 4.33 10.06
N GLY B 120 -15.07 4.48 9.36
CA GLY B 120 -15.62 3.38 8.60
C GLY B 120 -15.03 3.26 7.20
N LEU B 121 -13.99 4.05 6.93
CA LEU B 121 -13.34 4.02 5.62
C LEU B 121 -12.11 4.92 5.59
N GLU B 122 -11.13 4.54 4.79
CA GLU B 122 -9.90 5.31 4.66
C GLU B 122 -9.56 5.51 3.19
N ILE B 123 -8.88 6.60 2.87
CA ILE B 123 -8.50 6.89 1.49
C ILE B 123 -7.03 7.26 1.36
N GLU B 124 -6.37 6.64 0.39
CA GLU B 124 -4.96 6.89 0.12
C GLU B 124 -4.66 6.62 -1.34
N ALA B 125 -4.48 7.69 -2.12
CA ALA B 125 -4.22 7.56 -3.55
C ALA B 125 -3.00 8.36 -3.98
N ILE B 126 -2.50 8.05 -5.16
CA ILE B 126 -1.34 8.76 -5.72
C ILE B 126 -1.77 9.60 -6.91
N ALA B 127 -1.01 10.65 -7.20
CA ALA B 127 -1.32 11.54 -8.31
C ALA B 127 -0.07 12.01 -9.02
N VAL B 128 -0.21 12.29 -10.32
CA VAL B 128 0.91 12.76 -11.13
C VAL B 128 0.60 14.10 -11.77
N ARG B 129 1.60 14.69 -12.41
CA ARG B 129 1.43 15.98 -13.07
C ARG B 129 2.58 16.26 -14.04
N LYS B 130 2.91 15.27 -14.86
CA LYS B 130 3.98 15.41 -15.84
C LYS B 130 3.66 16.49 -16.85
N MET C 1 6.00 10.34 -24.31
CA MET C 1 5.74 10.28 -22.85
C MET C 1 4.44 9.54 -22.54
N MET C 2 4.41 8.82 -21.43
CA MET C 2 3.24 8.07 -21.03
C MET C 2 2.95 8.25 -19.54
N THR C 3 1.77 7.82 -19.11
CA THR C 3 1.38 7.92 -17.71
C THR C 3 0.18 7.04 -17.42
N GLN C 4 0.38 6.06 -16.56
CA GLN C 4 -0.68 5.13 -16.17
C GLN C 4 -1.43 4.58 -17.39
N ILE C 5 -2.54 3.90 -17.12
CA ILE C 5 -3.36 3.33 -18.18
C ILE C 5 -2.68 2.14 -18.83
N ILE C 6 -3.24 0.95 -18.61
CA ILE C 6 -2.71 -0.28 -19.18
C ILE C 6 -3.84 -1.21 -19.60
N HIS C 7 -4.05 -1.32 -20.91
CA HIS C 7 -5.10 -2.19 -21.44
C HIS C 7 -4.56 -3.58 -21.74
N THR C 8 -5.45 -4.58 -21.64
CA THR C 8 -5.07 -5.96 -21.90
C THR C 8 -6.30 -6.83 -22.12
N GLU C 9 -6.09 -8.04 -22.63
CA GLU C 9 -7.18 -8.97 -22.88
C GLU C 9 -7.00 -10.27 -22.10
N LYS C 10 -6.54 -10.14 -20.86
CA LYS C 10 -6.32 -11.30 -20.00
C LYS C 10 -6.75 -11.02 -18.57
N ALA C 11 -6.36 -9.86 -18.06
CA ALA C 11 -6.71 -9.46 -16.71
C ALA C 11 -8.22 -9.43 -16.50
N PRO C 12 -8.67 -9.12 -15.28
CA PRO C 12 -10.10 -9.05 -14.95
C PRO C 12 -10.83 -7.97 -15.72
N ALA C 13 -10.07 -7.09 -16.38
CA ALA C 13 -10.65 -6.00 -17.16
C ALA C 13 -11.17 -4.88 -16.27
N ALA C 14 -11.21 -3.68 -16.80
CA ALA C 14 -11.68 -2.51 -16.06
C ALA C 14 -12.96 -1.95 -16.67
N ILE C 15 -14.00 -1.85 -15.85
CA ILE C 15 -15.28 -1.32 -16.31
C ILE C 15 -15.90 -0.42 -15.23
N GLY C 16 -15.09 0.00 -14.28
CA GLY C 16 -15.57 0.86 -13.22
C GLY C 16 -14.72 2.10 -13.04
N PRO C 17 -14.37 2.47 -11.80
CA PRO C 17 -13.57 3.65 -11.52
C PRO C 17 -12.06 3.36 -11.55
N TYR C 18 -11.66 2.29 -12.23
CA TYR C 18 -10.24 1.95 -12.30
C TYR C 18 -9.91 1.21 -13.59
N VAL C 19 -8.65 1.29 -14.00
CA VAL C 19 -8.19 0.62 -15.21
C VAL C 19 -7.47 -0.67 -14.87
N GLN C 20 -7.33 -1.56 -15.85
CA GLN C 20 -6.65 -2.84 -15.65
C GLN C 20 -5.34 -2.65 -14.90
N ALA C 21 -4.60 -1.61 -15.27
CA ALA C 21 -3.32 -1.30 -14.64
C ALA C 21 -2.88 0.11 -15.03
N VAL C 22 -1.71 0.52 -14.54
CA VAL C 22 -1.20 1.85 -14.84
C VAL C 22 0.28 1.82 -15.18
N ASP C 23 0.62 2.41 -16.33
CA ASP C 23 1.99 2.48 -16.80
C ASP C 23 2.52 3.92 -16.72
N LEU C 24 3.23 4.22 -15.63
CA LEU C 24 3.78 5.56 -15.43
C LEU C 24 4.98 5.81 -16.35
N GLY C 25 5.49 4.74 -16.95
CA GLY C 25 6.64 4.86 -17.83
C GLY C 25 7.93 4.54 -17.10
N ASN C 26 8.51 3.37 -17.42
CA ASN C 26 9.74 2.91 -16.77
C ASN C 26 9.40 2.22 -15.45
N LEU C 27 8.39 2.76 -14.75
CA LEU C 27 7.95 2.19 -13.49
C LEU C 27 6.46 1.88 -13.56
N VAL C 28 6.15 0.61 -13.77
CA VAL C 28 4.75 0.17 -13.89
C VAL C 28 4.17 -0.22 -12.53
N LEU C 29 2.85 -0.36 -12.50
CA LEU C 29 2.14 -0.75 -11.29
C LEU C 29 0.87 -1.51 -11.63
N THR C 30 0.60 -2.59 -10.90
CA THR C 30 -0.59 -3.39 -11.14
C THR C 30 -1.61 -3.21 -10.02
N SER C 31 -2.88 -3.08 -10.39
CA SER C 31 -3.95 -2.89 -9.42
C SER C 31 -4.20 -4.18 -8.65
N GLY C 32 -5.04 -4.09 -7.61
CA GLY C 32 -5.34 -5.25 -6.80
C GLY C 32 -6.07 -6.32 -7.59
N GLN C 33 -5.31 -7.17 -8.27
CA GLN C 33 -5.90 -8.24 -9.07
C GLN C 33 -6.64 -9.24 -8.20
N ILE C 34 -7.35 -10.17 -8.83
CA ILE C 34 -8.11 -11.19 -8.12
C ILE C 34 -8.27 -12.45 -8.97
N PRO C 35 -8.32 -13.63 -8.32
CA PRO C 35 -8.46 -14.92 -9.02
C PRO C 35 -9.83 -15.07 -9.70
N VAL C 36 -10.16 -14.15 -10.58
CA VAL C 36 -11.43 -14.22 -11.29
C VAL C 36 -11.48 -15.47 -12.16
N ASN C 37 -11.91 -16.56 -11.54
CA ASN C 37 -12.03 -17.86 -12.20
C ASN C 37 -12.46 -17.71 -13.67
N PRO C 38 -11.73 -18.35 -14.60
CA PRO C 38 -12.07 -18.30 -16.02
C PRO C 38 -13.35 -19.04 -16.34
N ALA C 39 -13.87 -19.79 -15.38
CA ALA C 39 -15.08 -20.56 -15.57
C ALA C 39 -16.19 -20.10 -14.61
N THR C 40 -15.81 -19.45 -13.52
CA THR C 40 -16.77 -18.98 -12.53
C THR C 40 -16.78 -17.45 -12.47
N GLY C 41 -15.66 -16.85 -12.84
CA GLY C 41 -15.55 -15.40 -12.82
C GLY C 41 -15.68 -14.84 -11.42
N GLU C 42 -14.82 -15.31 -10.51
CA GLU C 42 -14.86 -14.83 -9.13
C GLU C 42 -13.59 -15.19 -8.37
N VAL C 43 -13.51 -16.42 -7.89
CA VAL C 43 -12.36 -16.88 -7.14
C VAL C 43 -12.46 -18.38 -6.81
N PRO C 44 -11.66 -19.22 -7.51
CA PRO C 44 -11.68 -20.67 -7.27
C PRO C 44 -11.40 -21.03 -5.81
N ALA C 45 -12.09 -22.04 -5.31
CA ALA C 45 -11.91 -22.47 -3.93
C ALA C 45 -10.50 -23.00 -3.71
N ASP C 46 -9.92 -23.58 -4.75
CA ASP C 46 -8.58 -24.13 -4.69
C ASP C 46 -7.56 -23.02 -4.48
N ILE C 47 -7.27 -22.77 -3.20
CA ILE C 47 -6.30 -21.74 -2.82
C ILE C 47 -5.08 -21.74 -3.74
N VAL C 48 -4.71 -22.92 -4.21
CA VAL C 48 -3.55 -23.05 -5.11
C VAL C 48 -3.93 -22.64 -6.52
N ALA C 49 -5.09 -23.10 -6.98
CA ALA C 49 -5.57 -22.78 -8.32
C ALA C 49 -5.85 -21.29 -8.45
N GLN C 50 -6.55 -20.74 -7.47
CA GLN C 50 -6.89 -19.32 -7.46
C GLN C 50 -5.63 -18.48 -7.29
N ALA C 51 -4.68 -19.02 -6.54
CA ALA C 51 -3.42 -18.33 -6.29
C ALA C 51 -2.56 -18.28 -7.55
N ARG C 52 -2.68 -19.30 -8.39
CA ARG C 52 -1.93 -19.38 -9.63
C ARG C 52 -2.54 -18.48 -10.69
N GLN C 53 -3.86 -18.48 -10.77
CA GLN C 53 -4.57 -17.67 -11.75
C GLN C 53 -4.34 -16.19 -11.48
N SER C 54 -4.35 -15.82 -10.21
CA SER C 54 -4.15 -14.42 -9.81
C SER C 54 -2.77 -13.95 -10.25
N LEU C 55 -1.78 -14.84 -10.19
CA LEU C 55 -0.42 -14.50 -10.60
C LEU C 55 -0.34 -14.30 -12.11
N GLU C 56 -1.12 -15.09 -12.84
CA GLU C 56 -1.13 -15.00 -14.30
C GLU C 56 -1.77 -13.70 -14.75
N ASN C 57 -2.84 -13.30 -14.08
CA ASN C 57 -3.55 -12.07 -14.41
C ASN C 57 -2.65 -10.86 -14.18
N VAL C 58 -1.98 -10.84 -13.05
CA VAL C 58 -1.08 -9.74 -12.71
C VAL C 58 0.08 -9.67 -13.70
N LYS C 59 0.54 -10.82 -14.15
CA LYS C 59 1.64 -10.89 -15.11
C LYS C 59 1.14 -10.63 -16.52
N ALA C 60 -0.09 -11.06 -16.81
CA ALA C 60 -0.67 -10.86 -18.13
C ALA C 60 -0.76 -9.37 -18.47
N ILE C 61 -1.09 -8.57 -17.47
CA ILE C 61 -1.20 -7.13 -17.67
C ILE C 61 0.17 -6.52 -17.88
N ILE C 62 1.12 -6.89 -17.03
CA ILE C 62 2.47 -6.38 -17.13
C ILE C 62 3.14 -6.88 -18.40
N GLU C 63 2.78 -8.09 -18.82
CA GLU C 63 3.33 -8.68 -20.03
C GLU C 63 2.78 -7.98 -21.26
N LYS C 64 1.49 -7.70 -21.24
CA LYS C 64 0.83 -7.02 -22.34
C LYS C 64 1.39 -5.61 -22.51
N ALA C 65 2.04 -5.10 -21.45
CA ALA C 65 2.61 -3.76 -21.48
C ALA C 65 4.04 -3.80 -22.03
N GLY C 66 4.73 -4.91 -21.77
CA GLY C 66 6.09 -5.05 -22.25
C GLY C 66 7.09 -5.23 -21.13
N LEU C 67 6.76 -6.08 -20.15
CA LEU C 67 7.63 -6.35 -19.03
C LEU C 67 7.46 -7.78 -18.54
N THR C 68 8.05 -8.08 -17.39
CA THR C 68 7.97 -9.41 -16.80
C THR C 68 7.95 -9.33 -15.28
N ALA C 69 7.52 -10.42 -14.65
CA ALA C 69 7.45 -10.48 -13.20
C ALA C 69 8.84 -10.28 -12.59
N ALA C 70 9.86 -10.76 -13.28
CA ALA C 70 11.23 -10.63 -12.81
C ALA C 70 11.59 -9.18 -12.53
N ASP C 71 11.00 -8.27 -13.31
CA ASP C 71 11.25 -6.84 -13.16
C ASP C 71 10.54 -6.27 -11.94
N ILE C 72 9.52 -6.97 -11.46
CA ILE C 72 8.76 -6.53 -10.29
C ILE C 72 9.68 -6.07 -9.16
N VAL C 73 9.56 -4.81 -8.79
CA VAL C 73 10.36 -4.23 -7.72
C VAL C 73 9.79 -4.59 -6.35
N LYS C 74 8.48 -4.44 -6.20
CA LYS C 74 7.80 -4.75 -4.95
C LYS C 74 6.49 -5.48 -5.22
N THR C 75 5.98 -6.18 -4.20
CA THR C 75 4.74 -6.91 -4.36
C THR C 75 3.93 -6.94 -3.06
N THR C 76 2.61 -6.88 -3.20
CA THR C 76 1.70 -6.90 -2.06
C THR C 76 0.57 -7.89 -2.32
N VAL C 77 0.22 -8.68 -1.32
CA VAL C 77 -0.86 -9.66 -1.48
C VAL C 77 -1.65 -9.85 -0.19
N PHE C 78 -2.96 -9.62 -0.28
CA PHE C 78 -3.84 -9.78 0.87
C PHE C 78 -4.38 -11.20 0.93
N VAL C 79 -4.31 -11.81 2.12
CA VAL C 79 -4.78 -13.17 2.30
C VAL C 79 -5.95 -13.24 3.27
N LYS C 80 -6.82 -14.22 3.05
CA LYS C 80 -7.98 -14.42 3.93
C LYS C 80 -7.66 -15.52 4.94
N ASP C 81 -6.50 -16.14 4.78
CA ASP C 81 -6.07 -17.22 5.68
C ASP C 81 -4.56 -17.35 5.66
N LEU C 82 -3.91 -16.72 6.64
CA LEU C 82 -2.45 -16.76 6.75
C LEU C 82 -1.94 -18.20 6.82
N ASN C 83 -2.84 -19.13 7.16
CA ASN C 83 -2.47 -20.54 7.26
C ASN C 83 -2.32 -21.15 5.87
N ASP C 84 -2.96 -20.53 4.89
CA ASP C 84 -2.89 -21.01 3.51
C ASP C 84 -1.65 -20.48 2.81
N PHE C 85 -1.07 -19.40 3.34
CA PHE C 85 0.12 -18.80 2.76
C PHE C 85 1.24 -19.82 2.62
N ALA C 86 1.19 -20.88 3.42
CA ALA C 86 2.20 -21.93 3.39
C ALA C 86 2.31 -22.54 2.00
N ALA C 87 1.16 -22.67 1.33
CA ALA C 87 1.12 -23.24 -0.01
C ALA C 87 1.34 -22.18 -1.08
N VAL C 88 0.84 -20.97 -0.82
CA VAL C 88 1.00 -19.86 -1.76
C VAL C 88 2.43 -19.36 -1.78
N ASN C 89 3.04 -19.28 -0.61
CA ASN C 89 4.42 -18.81 -0.49
C ASN C 89 5.38 -19.82 -1.12
N ALA C 90 5.08 -21.10 -0.94
CA ALA C 90 5.92 -22.17 -1.48
C ALA C 90 5.87 -22.17 -3.00
N GLU C 91 4.70 -21.87 -3.55
CA GLU C 91 4.52 -21.84 -5.00
C GLU C 91 4.84 -20.46 -5.57
N TYR C 92 4.70 -19.43 -4.73
CA TYR C 92 4.97 -18.06 -5.15
C TYR C 92 6.45 -17.86 -5.43
N GLU C 93 7.28 -18.40 -4.55
CA GLU C 93 8.74 -18.26 -4.69
C GLU C 93 9.28 -19.27 -5.69
N ARG C 94 8.64 -20.42 -5.78
CA ARG C 94 9.07 -21.48 -6.69
C ARG C 94 8.80 -21.13 -8.15
N PHE C 95 7.90 -20.18 -8.37
CA PHE C 95 7.55 -19.77 -9.73
C PHE C 95 8.45 -18.63 -10.19
N PHE C 96 8.77 -17.72 -9.28
CA PHE C 96 9.62 -16.58 -9.60
C PHE C 96 10.94 -17.06 -10.17
N LYS C 97 11.65 -17.85 -9.39
CA LYS C 97 12.93 -18.39 -9.83
C LYS C 97 12.73 -19.29 -11.04
N GLU C 98 11.56 -19.91 -11.14
CA GLU C 98 11.25 -20.77 -12.26
C GLU C 98 10.90 -19.94 -13.49
N ASN C 99 10.71 -18.65 -13.30
CA ASN C 99 10.40 -17.74 -14.39
C ASN C 99 11.57 -16.79 -14.64
N ASN C 100 12.59 -16.88 -13.78
CA ASN C 100 13.78 -16.03 -13.88
C ASN C 100 13.58 -14.75 -13.10
N HIS C 101 12.90 -14.86 -11.97
CA HIS C 101 12.62 -13.72 -11.10
C HIS C 101 13.30 -13.88 -9.74
N PRO C 102 14.61 -14.15 -9.72
CA PRO C 102 15.37 -14.33 -8.48
C PRO C 102 15.62 -13.01 -7.75
N ASN C 103 15.38 -11.90 -8.43
CA ASN C 103 15.58 -10.57 -7.85
C ASN C 103 14.84 -10.46 -6.52
N PHE C 104 13.71 -11.15 -6.41
CA PHE C 104 12.92 -11.13 -5.19
C PHE C 104 12.41 -9.72 -4.88
N PRO C 105 11.23 -9.35 -5.41
CA PRO C 105 10.63 -8.04 -5.17
C PRO C 105 10.16 -7.89 -3.74
N ALA C 106 10.07 -6.65 -3.27
CA ALA C 106 9.62 -6.39 -1.90
C ALA C 106 8.29 -7.09 -1.63
N ARG C 107 8.00 -7.33 -0.36
CA ARG C 107 6.76 -8.02 0.02
C ARG C 107 5.94 -7.18 0.98
N SER C 108 4.62 -7.37 0.92
CA SER C 108 3.70 -6.65 1.78
C SER C 108 2.36 -7.38 1.86
N CYS C 109 2.40 -8.62 2.34
CA CYS C 109 1.20 -9.43 2.46
C CYS C 109 0.69 -9.45 3.90
N VAL C 110 -0.62 -9.43 4.06
CA VAL C 110 -1.24 -9.44 5.38
C VAL C 110 -2.64 -10.07 5.33
N GLU C 111 -3.10 -10.55 6.49
CA GLU C 111 -4.41 -11.17 6.58
C GLU C 111 -5.50 -10.12 6.75
N VAL C 112 -6.16 -9.77 5.65
CA VAL C 112 -7.23 -8.77 5.69
C VAL C 112 -8.55 -9.40 6.09
N ALA C 113 -9.48 -8.57 6.57
CA ALA C 113 -10.79 -9.04 6.99
C ALA C 113 -11.55 -9.63 5.81
N ARG C 114 -11.58 -8.91 4.70
CA ARG C 114 -12.28 -9.37 3.51
C ARG C 114 -11.64 -8.79 2.25
N LEU C 115 -12.16 -9.17 1.09
CA LEU C 115 -11.64 -8.70 -0.18
C LEU C 115 -12.76 -8.51 -1.21
N PRO C 116 -12.56 -7.65 -2.21
CA PRO C 116 -13.56 -7.39 -3.25
C PRO C 116 -13.94 -8.67 -4.00
N LYS C 117 -15.24 -8.85 -4.23
CA LYS C 117 -15.74 -10.02 -4.93
C LYS C 117 -15.64 -11.27 -4.06
N ASP C 118 -15.47 -11.06 -2.76
CA ASP C 118 -15.35 -12.17 -1.82
C ASP C 118 -14.12 -13.03 -2.15
N VAL C 119 -13.21 -12.48 -2.94
CA VAL C 119 -12.00 -13.19 -3.31
C VAL C 119 -11.19 -13.59 -2.07
N GLY C 120 -10.57 -14.77 -2.14
CA GLY C 120 -9.78 -15.24 -1.02
C GLY C 120 -8.35 -14.75 -1.05
N LEU C 121 -8.06 -13.83 -1.97
CA LEU C 121 -6.71 -13.28 -2.09
C LEU C 121 -6.66 -12.17 -3.13
N GLU C 122 -5.77 -11.20 -2.92
CA GLU C 122 -5.60 -10.09 -3.83
C GLU C 122 -4.13 -9.88 -4.15
N ILE C 123 -3.83 -9.36 -5.33
CA ILE C 123 -2.45 -9.12 -5.73
C ILE C 123 -2.24 -7.71 -6.28
N GLU C 124 -1.19 -7.06 -5.80
CA GLU C 124 -0.85 -5.71 -6.23
C GLU C 124 0.65 -5.48 -6.08
N ALA C 125 1.36 -5.50 -7.20
CA ALA C 125 2.81 -5.32 -7.18
C ALA C 125 3.27 -4.24 -8.15
N ILE C 126 4.51 -3.79 -7.97
CA ILE C 126 5.09 -2.77 -8.82
C ILE C 126 6.20 -3.37 -9.68
N ALA C 127 6.46 -2.76 -10.82
CA ALA C 127 7.49 -3.26 -11.71
C ALA C 127 8.27 -2.12 -12.38
N VAL C 128 9.53 -2.38 -12.70
CA VAL C 128 10.38 -1.38 -13.35
C VAL C 128 10.91 -1.89 -14.68
N ARG C 129 11.59 -1.03 -15.42
CA ARG C 129 12.15 -1.39 -16.71
C ARG C 129 13.17 -0.36 -17.18
N LYS C 130 14.07 0.02 -16.27
CA LYS C 130 15.11 1.00 -16.59
C LYS C 130 16.04 0.48 -17.68
#